data_5THO
#
_entry.id   5THO
#
_cell.length_a   120.163
_cell.length_b   198.189
_cell.length_c   166.237
_cell.angle_alpha   90.00
_cell.angle_beta   103.35
_cell.angle_gamma   90.00
#
_symmetry.space_group_name_H-M   'P 1 21 1'
#
loop_
_entity.id
_entity.type
_entity.pdbx_description
1 polymer 'Proteasome subunit alpha'
2 polymer 'Proteasome subunit beta'
3 non-polymer N,N-diethyl-N~2~-(3-phenylpropanoyl)-L-asparaginyl-O-methyl-N-[(naphthalen-1-yl)methyl]-L-serinamide
4 water water
#
loop_
_entity_poly.entity_id
_entity_poly.type
_entity_poly.pdbx_seq_one_letter_code
_entity_poly.pdbx_strand_id
1 'polypeptide(L)'
;MEQAMRERSELARKGIARAKSVVALAYAGGVLFVAENPSRSLQKISELYDRVGFAAAGKFNEFDNLRRGGIQFADTRGYA
YDRRDVTGRQLANVYAQTLGTIFTEQAKPYEVELCVAEVAHYGETKRPELYRITYDGSIADEPHFVVMGGTTEPIANALK
ESYAENASLTDALRIAVAALRAGSADTSGGDQPTLGVASLEVAVLDANRPRRAFRRITGSALQALLVDQESPQSDGESSG
;
A,B,C,D,E,F,G,O,P,Q,R,S,T,U
2 'polypeptide(L)'
;TTIVALKYPGGVVMAGDRRSTQGNMISGRDVRKVYITDDYTATGIAGTAAVAVEFARLYAVELEHYEKLEGVPLTFAGKI
NRLAIMVRGNLAAAMQGLLALPLLAGYDIHASDPQSAGRIVSFDAAGGWNIEEEGYQAVGSGSLFAKSSMKKLYSQVTDG
DSGLRVAVEALYDAADDDSATGGPDLVRGIFPTAVIIDADGAVDVPESRIAELARAIIESRSGADTFGSDGGEKHHHHHH
;
H,I,J,K,L,M,N,V,W,X,Y,Z,a,b
#
# COMPACT_ATOMS: atom_id res chain seq x y z
N MET A 1 -19.65 56.67 -41.78
CA MET A 1 -18.66 55.60 -41.75
C MET A 1 -18.17 55.21 -43.14
N GLU A 2 -19.03 55.36 -44.15
CA GLU A 2 -18.68 54.87 -45.49
C GLU A 2 -17.47 55.58 -46.08
N GLN A 3 -17.08 56.75 -45.55
CA GLN A 3 -15.83 57.35 -45.98
C GLN A 3 -14.62 56.69 -45.30
N ALA A 4 -14.81 56.05 -44.15
CA ALA A 4 -13.74 55.24 -43.57
C ALA A 4 -13.46 54.02 -44.42
N MET A 5 -14.52 53.34 -44.88
CA MET A 5 -14.33 52.15 -45.70
C MET A 5 -13.84 52.53 -47.09
N ARG A 6 -14.37 53.61 -47.66
CA ARG A 6 -13.81 54.09 -48.92
C ARG A 6 -12.35 54.48 -48.75
N GLU A 7 -11.98 54.98 -47.57
CA GLU A 7 -10.60 55.34 -47.28
C GLU A 7 -9.71 54.09 -47.25
N ARG A 8 -10.18 53.04 -46.58
CA ARG A 8 -9.43 51.79 -46.54
C ARG A 8 -9.29 51.18 -47.92
N SER A 9 -10.40 51.14 -48.67
CA SER A 9 -10.38 50.63 -50.03
C SER A 9 -9.39 51.41 -50.89
N GLU A 10 -9.33 52.72 -50.70
CA GLU A 10 -8.42 53.53 -51.50
C GLU A 10 -6.97 53.26 -51.15
N LEU A 11 -6.67 53.10 -49.84
CA LEU A 11 -5.30 52.77 -49.45
C LEU A 11 -4.88 51.42 -50.02
N ALA A 12 -5.74 50.42 -49.89
CA ALA A 12 -5.40 49.07 -50.37
C ALA A 12 -5.25 49.07 -51.89
N ARG A 13 -6.21 49.65 -52.60
CA ARG A 13 -6.14 49.65 -54.06
C ARG A 13 -4.91 50.41 -54.56
N LYS A 14 -4.63 51.59 -53.98
CA LYS A 14 -3.41 52.30 -54.39
C LYS A 14 -2.18 51.46 -54.12
N GLY A 15 -2.11 50.82 -52.95
CA GLY A 15 -0.96 50.00 -52.64
C GLY A 15 -0.77 48.86 -53.63
N ILE A 16 -1.86 48.21 -54.03
CA ILE A 16 -1.75 47.09 -54.96
C ILE A 16 -1.41 47.59 -56.36
N ALA A 17 -2.00 48.72 -56.77
CA ALA A 17 -1.76 49.26 -58.10
C ALA A 17 -0.32 49.74 -58.29
N ARG A 18 0.46 49.85 -57.20
CA ARG A 18 1.84 50.29 -57.30
C ARG A 18 2.84 49.14 -57.30
N ALA A 19 2.39 47.91 -57.05
CA ALA A 19 3.28 46.75 -57.06
C ALA A 19 3.30 46.12 -58.44
N LYS A 20 4.30 45.27 -58.66
CA LYS A 20 4.43 44.61 -59.95
C LYS A 20 3.29 43.61 -60.14
N SER A 21 3.10 43.18 -61.39
CA SER A 21 1.93 42.38 -61.75
C SER A 21 2.25 40.88 -61.80
N VAL A 22 1.18 40.09 -61.69
CA VAL A 22 1.21 38.63 -61.64
C VAL A 22 0.05 38.12 -62.48
N VAL A 23 0.32 37.08 -63.26
CA VAL A 23 -0.71 36.43 -64.06
C VAL A 23 -0.68 34.94 -63.76
N ALA A 24 -1.86 34.33 -63.71
CA ALA A 24 -1.98 32.88 -63.63
C ALA A 24 -3.02 32.44 -64.64
N LEU A 25 -2.66 31.50 -65.50
CA LEU A 25 -3.59 31.11 -66.55
C LEU A 25 -3.62 29.60 -66.68
N ALA A 26 -4.79 29.07 -67.01
CA ALA A 26 -4.97 27.65 -67.21
C ALA A 26 -4.47 27.25 -68.59
N TYR A 27 -3.65 26.18 -68.64
CA TYR A 27 -3.14 25.68 -69.90
C TYR A 27 -3.26 24.15 -69.92
N ALA A 28 -2.84 23.54 -71.03
CA ALA A 28 -3.11 22.13 -71.28
C ALA A 28 -2.55 21.23 -70.18
N GLY A 29 -1.44 21.63 -69.55
CA GLY A 29 -0.84 20.85 -68.50
C GLY A 29 -1.22 21.21 -67.09
N GLY A 30 -2.10 22.20 -66.90
CA GLY A 30 -2.46 22.60 -65.56
C GLY A 30 -2.58 24.11 -65.39
N VAL A 31 -1.81 24.69 -64.46
CA VAL A 31 -1.88 26.12 -64.19
C VAL A 31 -0.49 26.72 -64.30
N LEU A 32 -0.40 27.90 -64.91
CA LEU A 32 0.86 28.60 -65.08
C LEU A 32 0.84 29.90 -64.29
N PHE A 33 1.86 30.10 -63.48
CA PHE A 33 2.09 31.32 -62.71
C PHE A 33 3.31 32.04 -63.29
N VAL A 34 3.12 33.30 -63.68
CA VAL A 34 4.21 34.14 -64.15
C VAL A 34 4.09 35.49 -63.45
N ALA A 35 5.17 35.91 -62.80
CA ALA A 35 5.17 37.14 -62.01
C ALA A 35 6.39 37.98 -62.35
N GLU A 36 6.18 39.27 -62.47
CA GLU A 36 7.29 40.22 -62.60
C GLU A 36 8.02 40.26 -61.26
N ASN A 37 9.26 39.79 -61.24
CA ASN A 37 9.96 39.69 -59.96
C ASN A 37 11.48 39.69 -60.15
N PRO A 38 12.17 40.81 -59.85
CA PRO A 38 13.63 40.84 -60.01
C PRO A 38 14.38 40.06 -58.95
N SER A 39 13.75 39.77 -57.81
CA SER A 39 14.47 39.21 -56.68
C SER A 39 14.98 37.80 -56.95
N ARG A 40 16.17 37.52 -56.43
CA ARG A 40 16.75 36.20 -56.57
C ARG A 40 16.09 35.18 -55.63
N SER A 41 15.56 35.63 -54.49
CA SER A 41 15.13 34.70 -53.45
C SER A 41 13.79 35.02 -52.79
N LEU A 42 13.16 36.14 -53.10
CA LEU A 42 11.88 36.51 -52.51
C LEU A 42 10.76 36.16 -53.49
N GLN A 43 9.82 35.33 -53.07
CA GLN A 43 8.88 34.68 -53.99
C GLN A 43 7.46 35.16 -53.77
N LYS A 44 6.76 35.39 -54.90
CA LYS A 44 5.35 35.78 -54.93
C LYS A 44 4.44 34.62 -55.29
N ILE A 45 5.01 33.50 -55.75
CA ILE A 45 4.27 32.32 -56.14
C ILE A 45 4.74 31.18 -55.23
N SER A 46 3.81 30.39 -54.72
CA SER A 46 4.20 29.40 -53.74
C SER A 46 3.28 28.20 -53.79
N GLU A 47 3.80 27.07 -53.34
CA GLU A 47 2.97 25.88 -53.13
C GLU A 47 2.17 26.02 -51.84
N LEU A 48 0.88 25.69 -51.90
CA LEU A 48 0.03 25.61 -50.72
C LEU A 48 -0.19 24.17 -50.29
N TYR A 49 -0.65 23.32 -51.20
CA TYR A 49 -0.87 21.91 -50.89
C TYR A 49 -0.62 21.12 -52.18
N ASP A 50 -0.79 19.80 -52.07
CA ASP A 50 -0.46 18.86 -53.16
C ASP A 50 -0.81 19.40 -54.54
N ARG A 51 -2.07 19.79 -54.75
CA ARG A 51 -2.53 20.26 -56.04
C ARG A 51 -2.96 21.73 -55.98
N VAL A 52 -2.55 22.46 -54.95
CA VAL A 52 -3.01 23.83 -54.72
C VAL A 52 -1.82 24.76 -54.66
N GLY A 53 -1.89 25.83 -55.46
CA GLY A 53 -0.85 26.84 -55.52
C GLY A 53 -1.37 28.23 -55.18
N PHE A 54 -0.41 29.14 -54.93
CA PHE A 54 -0.67 30.46 -54.39
C PHE A 54 0.13 31.49 -55.17
N ALA A 55 -0.51 32.61 -55.50
CA ALA A 55 0.17 33.73 -56.14
C ALA A 55 -0.38 35.02 -55.58
N ALA A 56 0.47 36.04 -55.48
CA ALA A 56 0.04 37.25 -54.78
C ALA A 56 0.68 38.49 -55.37
N ALA A 57 0.00 39.62 -55.19
CA ALA A 57 0.53 40.93 -55.52
C ALA A 57 0.30 41.86 -54.33
N GLY A 58 1.23 42.79 -54.14
CA GLY A 58 1.09 43.82 -53.12
C GLY A 58 2.27 43.81 -52.16
N LYS A 59 1.98 44.13 -50.90
CA LYS A 59 3.05 44.27 -49.91
C LYS A 59 3.56 42.91 -49.52
N PHE A 60 4.88 42.71 -49.63
CA PHE A 60 5.43 41.37 -49.48
C PHE A 60 5.12 40.79 -48.12
N ASN A 61 5.47 41.51 -47.05
CA ASN A 61 5.29 40.95 -45.71
C ASN A 61 3.84 40.55 -45.45
N GLU A 62 2.89 41.28 -46.05
CA GLU A 62 1.49 40.98 -45.80
C GLU A 62 1.05 39.73 -46.57
N PHE A 63 1.32 39.66 -47.87
CA PHE A 63 0.88 38.46 -48.57
C PHE A 63 1.73 37.26 -48.20
N ASP A 64 2.89 37.47 -47.61
CA ASP A 64 3.65 36.37 -47.03
C ASP A 64 3.01 35.90 -45.74
N ASN A 65 2.51 36.82 -44.93
CA ASN A 65 1.68 36.41 -43.80
C ASN A 65 0.53 35.54 -44.27
N LEU A 66 -0.22 36.02 -45.28
CA LEU A 66 -1.35 35.26 -45.78
C LEU A 66 -0.91 33.92 -46.37
N ARG A 67 0.25 33.90 -47.02
CA ARG A 67 0.76 32.67 -47.59
C ARG A 67 1.03 31.64 -46.50
N ARG A 68 1.76 32.06 -45.45
CA ARG A 68 2.07 31.16 -44.34
C ARG A 68 0.80 30.69 -43.64
N GLY A 69 -0.14 31.60 -43.43
CA GLY A 69 -1.39 31.21 -42.80
C GLY A 69 -2.17 30.20 -43.61
N GLY A 70 -2.14 30.35 -44.94
CA GLY A 70 -2.80 29.38 -45.79
C GLY A 70 -2.13 28.02 -45.72
N ILE A 71 -0.79 27.99 -45.69
CA ILE A 71 -0.08 26.72 -45.54
C ILE A 71 -0.47 26.06 -44.22
N GLN A 72 -0.49 26.83 -43.14
CA GLN A 72 -0.92 26.31 -41.84
C GLN A 72 -2.33 25.73 -41.92
N PHE A 73 -3.26 26.43 -42.57
CA PHE A 73 -4.62 25.93 -42.71
C PHE A 73 -4.66 24.61 -43.46
N ALA A 74 -3.97 24.57 -44.61
CA ALA A 74 -4.01 23.37 -45.45
C ALA A 74 -3.43 22.17 -44.71
N ASP A 75 -2.22 22.33 -44.15
CA ASP A 75 -1.60 21.21 -43.46
C ASP A 75 -2.46 20.74 -42.30
N THR A 76 -3.05 21.69 -41.54
CA THR A 76 -3.89 21.30 -40.42
C THR A 76 -5.12 20.52 -40.88
N ARG A 77 -5.78 20.97 -41.95
CA ARG A 77 -6.96 20.24 -42.42
C ARG A 77 -6.61 18.86 -42.93
N GLY A 78 -5.54 18.76 -43.72
CA GLY A 78 -5.14 17.46 -44.21
C GLY A 78 -4.81 16.50 -43.09
N TYR A 79 -4.23 17.01 -41.99
CA TYR A 79 -3.95 16.15 -40.85
C TYR A 79 -5.23 15.76 -40.12
N ALA A 80 -6.15 16.71 -39.93
CA ALA A 80 -7.35 16.43 -39.16
C ALA A 80 -8.25 15.42 -39.87
N TYR A 81 -8.30 15.46 -41.20
CA TYR A 81 -9.09 14.50 -41.96
C TYR A 81 -8.23 13.70 -42.92
N ASP A 82 -8.08 14.19 -44.14
CA ASP A 82 -7.20 13.53 -45.09
C ASP A 82 -6.75 14.52 -46.14
N ARG A 83 -5.62 14.18 -46.77
CA ARG A 83 -5.02 15.06 -47.78
C ARG A 83 -5.99 15.31 -48.91
N ARG A 84 -6.80 14.30 -49.26
CA ARG A 84 -7.74 14.42 -50.36
C ARG A 84 -8.95 15.26 -50.02
N ASP A 85 -9.08 15.73 -48.77
CA ASP A 85 -10.17 16.62 -48.39
C ASP A 85 -9.80 18.08 -48.51
N VAL A 86 -8.51 18.39 -48.68
CA VAL A 86 -8.07 19.76 -48.87
C VAL A 86 -8.35 20.15 -50.32
N THR A 87 -9.08 21.24 -50.51
CA THR A 87 -9.47 21.68 -51.84
C THR A 87 -9.07 23.13 -52.03
N GLY A 88 -8.92 23.52 -53.29
CA GLY A 88 -8.68 24.92 -53.60
C GLY A 88 -9.84 25.81 -53.20
N ARG A 89 -11.08 25.32 -53.38
CA ARG A 89 -12.24 26.07 -52.95
C ARG A 89 -12.12 26.43 -51.47
N GLN A 90 -11.64 25.49 -50.65
CA GLN A 90 -11.52 25.71 -49.22
C GLN A 90 -10.55 26.85 -48.92
N LEU A 91 -9.36 26.79 -49.52
CA LEU A 91 -8.35 27.80 -49.28
C LEU A 91 -8.81 29.17 -49.77
N ALA A 92 -9.47 29.22 -50.92
CA ALA A 92 -10.02 30.49 -51.39
C ALA A 92 -11.03 31.04 -50.40
N ASN A 93 -11.88 30.18 -49.85
CA ASN A 93 -12.91 30.63 -48.92
C ASN A 93 -12.27 31.17 -47.64
N VAL A 94 -11.29 30.45 -47.11
CA VAL A 94 -10.63 30.87 -45.89
C VAL A 94 -9.88 32.19 -46.12
N TYR A 95 -9.32 32.38 -47.31
CA TYR A 95 -8.69 33.67 -47.62
C TYR A 95 -9.72 34.79 -47.70
N ALA A 96 -10.89 34.51 -48.28
CA ALA A 96 -11.94 35.53 -48.33
C ALA A 96 -12.34 35.94 -46.92
N GLN A 97 -12.59 34.96 -46.06
CA GLN A 97 -12.94 35.25 -44.68
C GLN A 97 -11.84 36.08 -44.00
N THR A 98 -10.58 35.67 -44.21
CA THR A 98 -9.46 36.33 -43.52
C THR A 98 -9.30 37.77 -43.98
N LEU A 99 -9.26 38.00 -45.29
CA LEU A 99 -9.06 39.34 -45.80
C LEU A 99 -10.26 40.24 -45.50
N GLY A 100 -11.45 39.66 -45.41
CA GLY A 100 -12.59 40.43 -44.92
C GLY A 100 -12.35 40.92 -43.51
N THR A 101 -11.95 39.99 -42.61
CA THR A 101 -11.70 40.37 -41.23
C THR A 101 -10.60 41.43 -41.13
N ILE A 102 -9.49 41.21 -41.85
CA ILE A 102 -8.39 42.16 -41.82
C ILE A 102 -8.86 43.52 -42.32
N PHE A 103 -9.56 43.53 -43.45
CA PHE A 103 -10.00 44.78 -44.06
C PHE A 103 -10.88 45.56 -43.10
N THR A 104 -11.77 44.87 -42.38
CA THR A 104 -12.73 45.61 -41.56
C THR A 104 -12.20 45.94 -40.18
N GLU A 105 -11.25 45.17 -39.64
CA GLU A 105 -10.91 45.24 -38.23
C GLU A 105 -9.46 45.55 -37.91
N GLN A 106 -8.52 45.29 -38.81
CA GLN A 106 -7.12 45.53 -38.50
C GLN A 106 -6.78 47.01 -38.62
N ALA A 107 -5.63 47.38 -38.05
CA ALA A 107 -5.19 48.78 -38.06
C ALA A 107 -5.08 49.31 -39.48
N LYS A 108 -4.48 48.53 -40.38
CA LYS A 108 -4.36 48.91 -41.77
C LYS A 108 -4.80 47.72 -42.63
N PRO A 109 -5.63 47.94 -43.64
CA PRO A 109 -6.00 46.83 -44.53
C PRO A 109 -4.76 46.32 -45.26
N TYR A 110 -4.79 45.06 -45.63
CA TYR A 110 -3.67 44.48 -46.33
C TYR A 110 -3.70 44.92 -47.78
N GLU A 111 -2.57 45.43 -48.27
CA GLU A 111 -2.46 45.83 -49.67
C GLU A 111 -2.02 44.63 -50.50
N VAL A 112 -2.95 43.68 -50.63
CA VAL A 112 -2.66 42.41 -51.31
C VAL A 112 -3.83 42.02 -52.20
N GLU A 113 -3.50 41.25 -53.23
CA GLU A 113 -4.47 40.57 -54.09
C GLU A 113 -3.95 39.15 -54.26
N LEU A 114 -4.84 38.17 -54.07
CA LEU A 114 -4.47 36.77 -53.98
C LEU A 114 -5.11 35.94 -55.09
N CYS A 115 -4.39 34.90 -55.49
CA CYS A 115 -4.90 33.88 -56.38
C CYS A 115 -4.59 32.51 -55.79
N VAL A 116 -5.62 31.69 -55.66
CA VAL A 116 -5.52 30.30 -55.23
C VAL A 116 -5.91 29.44 -56.44
N ALA A 117 -5.04 28.53 -56.83
CA ALA A 117 -5.26 27.72 -58.01
C ALA A 117 -5.23 26.25 -57.64
N GLU A 118 -6.08 25.46 -58.31
CA GLU A 118 -6.11 24.03 -58.08
C GLU A 118 -6.18 23.28 -59.40
N VAL A 119 -5.33 22.27 -59.55
CA VAL A 119 -5.39 21.36 -60.68
C VAL A 119 -5.91 20.02 -60.16
N ALA A 120 -6.25 19.15 -61.09
CA ALA A 120 -6.78 17.85 -60.73
C ALA A 120 -5.70 17.00 -60.09
N HIS A 121 -6.13 16.04 -59.27
CA HIS A 121 -5.23 15.04 -58.71
C HIS A 121 -4.80 14.07 -59.81
N TYR A 122 -3.66 13.41 -59.58
CA TYR A 122 -3.07 12.55 -60.60
C TYR A 122 -4.06 11.49 -61.06
N GLY A 123 -4.18 11.35 -62.38
CA GLY A 123 -5.03 10.36 -62.99
C GLY A 123 -6.49 10.72 -63.06
N GLU A 124 -6.92 11.76 -62.36
CA GLU A 124 -8.29 12.22 -62.41
C GLU A 124 -8.41 13.34 -63.44
N THR A 125 -9.64 13.60 -63.88
CA THR A 125 -9.89 14.59 -64.92
C THR A 125 -10.78 15.69 -64.34
N LYS A 126 -10.18 16.86 -64.12
CA LYS A 126 -10.90 18.03 -63.65
C LYS A 126 -10.17 19.26 -64.16
N ARG A 127 -10.88 20.15 -64.86
CA ARG A 127 -10.22 21.31 -65.41
C ARG A 127 -9.79 22.25 -64.28
N PRO A 128 -8.69 22.98 -64.46
CA PRO A 128 -8.15 23.80 -63.37
C PRO A 128 -9.16 24.83 -62.88
N GLU A 129 -8.99 25.23 -61.63
CA GLU A 129 -9.82 26.25 -61.02
C GLU A 129 -8.93 27.39 -60.57
N LEU A 130 -9.35 28.62 -60.87
CA LEU A 130 -8.62 29.80 -60.43
C LEU A 130 -9.53 30.61 -59.53
N TYR A 131 -9.01 31.07 -58.41
CA TYR A 131 -9.76 31.91 -57.50
C TYR A 131 -9.00 33.19 -57.24
N ARG A 132 -9.71 34.31 -57.31
CA ARG A 132 -9.14 35.62 -57.05
C ARG A 132 -9.81 36.16 -55.80
N ILE A 133 -9.01 36.51 -54.80
CA ILE A 133 -9.50 37.08 -53.56
C ILE A 133 -8.84 38.45 -53.42
N THR A 134 -9.66 39.49 -53.34
CA THR A 134 -9.18 40.86 -53.31
C THR A 134 -9.10 41.38 -51.87
N TYR A 135 -8.60 42.61 -51.73
CA TYR A 135 -8.19 43.11 -50.43
C TYR A 135 -9.32 43.17 -49.42
N ASP A 136 -10.58 43.20 -49.87
CA ASP A 136 -11.72 43.27 -48.96
C ASP A 136 -12.38 41.92 -48.74
N GLY A 137 -11.79 40.84 -49.26
CA GLY A 137 -12.38 39.52 -49.11
C GLY A 137 -13.33 39.10 -50.21
N SER A 138 -13.54 39.95 -51.21
CA SER A 138 -14.37 39.56 -52.33
C SER A 138 -13.69 38.41 -53.07
N ILE A 139 -14.48 37.46 -53.52
CA ILE A 139 -13.94 36.24 -54.12
C ILE A 139 -14.57 36.05 -55.49
N ALA A 140 -13.74 35.64 -56.45
CA ALA A 140 -14.15 35.48 -57.83
C ALA A 140 -13.63 34.16 -58.35
N ASP A 141 -14.52 33.46 -59.07
CA ASP A 141 -14.27 32.15 -59.65
C ASP A 141 -13.93 32.34 -61.13
N GLU A 142 -12.68 32.06 -61.50
CA GLU A 142 -12.23 32.30 -62.86
C GLU A 142 -11.72 31.04 -63.53
N PRO A 143 -12.09 30.83 -64.81
CA PRO A 143 -11.77 29.57 -65.52
C PRO A 143 -10.51 29.64 -66.37
N HIS A 144 -10.12 30.82 -66.86
CA HIS A 144 -9.02 30.89 -67.82
C HIS A 144 -7.80 31.61 -67.28
N PHE A 145 -7.94 32.82 -66.75
CA PHE A 145 -6.76 33.53 -66.27
C PHE A 145 -7.16 34.53 -65.20
N VAL A 146 -6.15 34.91 -64.41
CA VAL A 146 -6.25 35.87 -63.33
C VAL A 146 -5.08 36.84 -63.48
N VAL A 147 -5.36 38.12 -63.36
CA VAL A 147 -4.35 39.18 -63.42
C VAL A 147 -4.45 39.96 -62.12
N MET A 148 -3.30 40.23 -61.49
CA MET A 148 -3.27 40.92 -60.21
C MET A 148 -2.11 41.90 -60.14
N GLY A 149 -2.35 43.07 -59.56
CA GLY A 149 -1.25 43.97 -59.26
C GLY A 149 -0.88 44.89 -60.40
N GLY A 150 -0.42 46.09 -60.02
CA GLY A 150 -0.03 47.09 -60.98
C GLY A 150 -1.21 47.60 -61.77
N THR A 151 -0.93 48.04 -62.98
CA THR A 151 -1.98 48.49 -63.91
C THR A 151 -2.45 47.27 -64.68
N THR A 152 -3.58 46.71 -64.25
CA THR A 152 -3.98 45.39 -64.74
C THR A 152 -4.72 45.45 -66.07
N GLU A 153 -5.58 46.45 -66.27
CA GLU A 153 -6.42 46.52 -67.47
C GLU A 153 -5.68 46.25 -68.78
N PRO A 154 -4.51 46.83 -69.05
CA PRO A 154 -3.80 46.46 -70.29
C PRO A 154 -3.39 45.00 -70.35
N ILE A 155 -2.98 44.41 -69.21
CA ILE A 155 -2.59 43.00 -69.20
C ILE A 155 -3.80 42.11 -69.45
N ALA A 156 -4.90 42.40 -68.76
CA ALA A 156 -6.13 41.66 -68.96
C ALA A 156 -6.59 41.75 -70.40
N ASN A 157 -6.52 42.93 -71.01
CA ASN A 157 -6.93 43.07 -72.41
C ASN A 157 -6.00 42.29 -73.34
N ALA A 158 -4.69 42.33 -73.08
CA ALA A 158 -3.76 41.54 -73.89
C ALA A 158 -4.12 40.06 -73.85
N LEU A 159 -4.43 39.54 -72.66
CA LEU A 159 -4.82 38.14 -72.59
C LEU A 159 -6.15 37.89 -73.26
N LYS A 160 -7.12 38.80 -73.09
CA LYS A 160 -8.39 38.67 -73.79
C LYS A 160 -8.19 38.53 -75.28
N GLU A 161 -7.25 39.30 -75.84
CA GLU A 161 -7.00 39.21 -77.27
C GLU A 161 -6.17 37.98 -77.63
N SER A 162 -5.43 37.40 -76.70
CA SER A 162 -4.44 36.39 -77.05
C SER A 162 -4.53 35.05 -76.35
N TYR A 163 -5.56 34.81 -75.53
CA TYR A 163 -5.62 33.57 -74.76
C TYR A 163 -6.41 32.49 -75.49
N ALA A 164 -5.84 31.29 -75.56
CA ALA A 164 -6.51 30.11 -76.07
C ALA A 164 -6.49 29.00 -75.02
N GLU A 165 -7.65 28.35 -74.84
CA GLU A 165 -7.77 27.19 -73.96
C GLU A 165 -6.86 26.06 -74.39
N ASN A 166 -6.02 25.59 -73.46
CA ASN A 166 -5.22 24.37 -73.60
C ASN A 166 -3.93 24.62 -74.36
N ALA A 167 -3.41 25.85 -74.29
CA ALA A 167 -2.12 26.11 -74.90
C ALA A 167 -1.04 25.24 -74.25
N SER A 168 0.06 25.06 -74.97
CA SER A 168 1.18 24.35 -74.40
C SER A 168 1.88 25.24 -73.39
N LEU A 169 2.84 24.68 -72.67
CA LEU A 169 3.57 25.48 -71.70
C LEU A 169 4.31 26.62 -72.39
N THR A 170 4.95 26.35 -73.53
CA THR A 170 5.70 27.40 -74.24
C THR A 170 4.78 28.51 -74.73
N ASP A 171 3.67 28.14 -75.37
CA ASP A 171 2.73 29.15 -75.87
C ASP A 171 2.11 29.94 -74.73
N ALA A 172 1.68 29.25 -73.66
CA ALA A 172 1.08 29.94 -72.53
C ALA A 172 2.08 30.87 -71.86
N LEU A 173 3.34 30.43 -71.78
CA LEU A 173 4.39 31.28 -71.20
C LEU A 173 4.58 32.53 -72.02
N ARG A 174 4.79 32.39 -73.33
CA ARG A 174 4.95 33.56 -74.19
C ARG A 174 3.74 34.49 -74.10
N ILE A 175 2.53 33.92 -74.06
CA ILE A 175 1.32 34.74 -74.03
C ILE A 175 1.27 35.53 -72.72
N ALA A 176 1.72 34.91 -71.63
CA ALA A 176 1.71 35.56 -70.32
C ALA A 176 2.75 36.68 -70.25
N VAL A 177 3.97 36.41 -70.71
CA VAL A 177 5.01 37.45 -70.70
C VAL A 177 4.63 38.60 -71.62
N ALA A 178 3.99 38.31 -72.74
CA ALA A 178 3.48 39.37 -73.60
C ALA A 178 2.47 40.24 -72.86
N ALA A 179 1.49 39.59 -72.20
CA ALA A 179 0.48 40.35 -71.48
C ALA A 179 1.11 41.17 -70.36
N LEU A 180 2.12 40.63 -69.69
CA LEU A 180 2.80 41.36 -68.63
C LEU A 180 3.53 42.57 -69.19
N ARG A 181 4.28 42.38 -70.27
CA ARG A 181 4.94 43.49 -70.95
C ARG A 181 3.96 44.60 -71.30
N ALA A 182 2.74 44.25 -71.71
CA ALA A 182 1.75 45.32 -71.95
C ALA A 182 1.33 46.08 -70.67
N GLY A 183 2.00 45.94 -69.52
CA GLY A 183 1.62 46.68 -68.34
C GLY A 183 2.78 47.41 -67.67
N SER A 184 3.71 47.90 -68.49
CA SER A 184 4.89 48.61 -68.01
C SER A 184 5.18 49.84 -68.86
N THR A 194 12.41 42.25 -73.02
CA THR A 194 12.74 43.09 -71.87
C THR A 194 12.61 42.30 -70.58
N LEU A 195 11.85 41.20 -70.63
CA LEU A 195 11.56 40.38 -69.46
C LEU A 195 12.24 39.02 -69.61
N GLY A 196 13.44 38.89 -69.04
CA GLY A 196 14.19 37.66 -69.08
C GLY A 196 13.98 36.81 -67.84
N VAL A 197 14.96 35.94 -67.57
CA VAL A 197 14.82 35.06 -66.42
C VAL A 197 15.20 35.74 -65.11
N ALA A 198 15.91 36.85 -65.16
CA ALA A 198 16.29 37.58 -63.96
C ALA A 198 15.31 38.71 -63.64
N SER A 199 14.14 38.72 -64.26
CA SER A 199 13.05 39.62 -63.90
C SER A 199 11.71 38.90 -63.81
N LEU A 200 11.70 37.58 -64.01
CA LEU A 200 10.49 36.78 -63.95
C LEU A 200 10.62 35.72 -62.88
N GLU A 201 9.48 35.39 -62.27
CA GLU A 201 9.30 34.22 -61.43
C GLU A 201 8.23 33.37 -62.06
N VAL A 202 8.58 32.13 -62.41
CA VAL A 202 7.67 31.24 -63.12
C VAL A 202 7.53 29.93 -62.35
N ALA A 203 6.29 29.43 -62.28
CA ALA A 203 6.01 28.14 -61.69
C ALA A 203 4.73 27.60 -62.30
N VAL A 204 4.52 26.30 -62.13
CA VAL A 204 3.34 25.64 -62.68
C VAL A 204 2.76 24.69 -61.62
N LEU A 205 1.44 24.58 -61.63
CA LEU A 205 0.75 23.43 -61.05
C LEU A 205 0.63 22.42 -62.19
N ASP A 206 1.52 21.43 -62.18
CA ASP A 206 1.63 20.44 -63.23
C ASP A 206 0.73 19.26 -62.87
N ALA A 207 -0.41 19.16 -63.54
CA ALA A 207 -1.36 18.09 -63.23
C ALA A 207 -0.81 16.72 -63.52
N ASN A 208 0.37 16.63 -64.13
CA ASN A 208 0.93 15.35 -64.51
C ASN A 208 1.88 14.80 -63.45
N ARG A 209 2.18 15.56 -62.41
CA ARG A 209 3.02 15.05 -61.33
C ARG A 209 2.20 14.17 -60.39
N PRO A 210 2.83 13.16 -59.78
CA PRO A 210 2.06 12.18 -59.01
C PRO A 210 1.39 12.76 -57.77
N ARG A 211 2.10 13.55 -56.96
CA ARG A 211 1.42 14.16 -55.82
C ARG A 211 1.60 15.68 -55.81
N ARG A 212 2.79 16.16 -55.48
CA ARG A 212 3.02 17.60 -55.36
C ARG A 212 3.10 18.20 -56.75
N ALA A 213 2.10 18.99 -57.14
CA ALA A 213 2.01 19.51 -58.49
C ALA A 213 2.85 20.76 -58.73
N PHE A 214 3.25 21.46 -57.66
CA PHE A 214 3.95 22.74 -57.82
C PHE A 214 5.39 22.51 -58.24
N ARG A 215 5.76 23.04 -59.40
CA ARG A 215 7.12 23.03 -59.92
C ARG A 215 7.56 24.45 -60.25
N ARG A 216 8.80 24.78 -59.93
CA ARG A 216 9.37 26.04 -60.40
C ARG A 216 10.14 25.81 -61.70
N ILE A 217 10.17 26.86 -62.52
CA ILE A 217 10.91 26.85 -63.77
C ILE A 217 11.93 27.98 -63.70
N THR A 218 13.20 27.64 -63.56
CA THR A 218 14.23 28.62 -63.27
C THR A 218 15.42 28.41 -64.20
N GLY A 219 16.09 29.52 -64.52
CA GLY A 219 17.40 29.41 -65.14
C GLY A 219 17.36 28.84 -66.53
N SER A 220 18.19 27.83 -66.77
CA SER A 220 18.33 27.27 -68.11
C SER A 220 17.00 26.75 -68.65
N ALA A 221 16.19 26.11 -67.80
CA ALA A 221 14.87 25.65 -68.22
C ALA A 221 13.99 26.83 -68.66
N LEU A 222 13.93 27.87 -67.84
CA LEU A 222 13.09 29.02 -68.17
C LEU A 222 13.59 29.72 -69.41
N GLN A 223 14.91 29.83 -69.56
CA GLN A 223 15.49 30.42 -70.77
C GLN A 223 15.09 29.61 -72.00
N ALA A 224 15.28 28.29 -71.96
CA ALA A 224 14.89 27.41 -73.04
C ALA A 224 13.40 27.53 -73.37
N LEU A 225 12.58 27.85 -72.37
CA LEU A 225 11.15 28.01 -72.63
C LEU A 225 10.82 29.36 -73.26
N LEU A 226 11.56 30.42 -72.93
CA LEU A 226 11.22 31.72 -73.48
C LEU A 226 11.66 31.88 -74.93
N VAL A 227 12.73 31.19 -75.33
CA VAL A 227 13.24 31.27 -76.70
C VAL A 227 12.26 30.63 -77.68
N MET B 1 -24.86 59.44 -33.03
CA MET B 1 -25.20 58.08 -32.64
C MET B 1 -26.32 57.55 -33.54
N GLU B 2 -27.47 58.23 -33.55
CA GLU B 2 -28.52 57.89 -34.51
C GLU B 2 -28.04 58.11 -35.93
N GLN B 3 -27.14 59.07 -36.13
CA GLN B 3 -26.55 59.25 -37.44
C GLN B 3 -25.56 58.14 -37.77
N ALA B 4 -24.83 57.67 -36.76
CA ALA B 4 -23.95 56.51 -36.97
C ALA B 4 -24.75 55.30 -37.43
N MET B 5 -25.91 55.05 -36.82
CA MET B 5 -26.72 53.91 -37.20
C MET B 5 -27.39 54.11 -38.54
N ARG B 6 -27.80 55.35 -38.86
CA ARG B 6 -28.30 55.62 -40.21
C ARG B 6 -27.23 55.37 -41.26
N GLU B 7 -25.98 55.70 -40.93
CA GLU B 7 -24.88 55.48 -41.86
C GLU B 7 -24.63 53.99 -42.05
N ARG B 8 -24.64 53.22 -40.96
CA ARG B 8 -24.48 51.77 -41.06
C ARG B 8 -25.60 51.16 -41.90
N SER B 9 -26.85 51.58 -41.64
CA SER B 9 -27.99 51.10 -42.41
C SER B 9 -27.80 51.40 -43.90
N GLU B 10 -27.27 52.59 -44.22
CA GLU B 10 -27.08 52.94 -45.61
C GLU B 10 -25.98 52.11 -46.27
N LEU B 11 -24.88 51.87 -45.55
CA LEU B 11 -23.81 51.03 -46.10
C LEU B 11 -24.33 49.62 -46.39
N ALA B 12 -25.11 49.06 -45.47
CA ALA B 12 -25.67 47.73 -45.68
C ALA B 12 -26.65 47.74 -46.86
N ARG B 13 -27.55 48.72 -46.90
CA ARG B 13 -28.57 48.78 -47.96
C ARG B 13 -27.93 48.88 -49.34
N LYS B 14 -26.96 49.80 -49.50
CA LYS B 14 -26.25 49.90 -50.77
C LYS B 14 -25.51 48.61 -51.10
N GLY B 15 -24.84 48.01 -50.11
CA GLY B 15 -24.14 46.77 -50.35
C GLY B 15 -25.04 45.67 -50.87
N ILE B 16 -26.24 45.56 -50.30
CA ILE B 16 -27.18 44.54 -50.76
C ILE B 16 -27.74 44.90 -52.12
N ALA B 17 -27.97 46.20 -52.38
CA ALA B 17 -28.55 46.62 -53.65
C ALA B 17 -27.65 46.31 -54.83
N ARG B 18 -26.33 46.37 -54.65
CA ARG B 18 -25.39 46.09 -55.73
C ARG B 18 -25.10 44.60 -55.87
N ALA B 19 -25.87 43.74 -55.22
CA ALA B 19 -25.67 42.30 -55.29
C ALA B 19 -26.79 41.64 -56.10
N LYS B 20 -26.55 40.39 -56.48
CA LYS B 20 -27.51 39.65 -57.28
C LYS B 20 -28.75 39.29 -56.45
N SER B 21 -29.86 39.04 -57.14
CA SER B 21 -31.12 38.78 -56.48
C SER B 21 -31.37 37.29 -56.31
N VAL B 22 -32.24 36.96 -55.35
CA VAL B 22 -32.57 35.60 -54.95
C VAL B 22 -34.06 35.57 -54.63
N VAL B 23 -34.75 34.51 -55.05
CA VAL B 23 -36.17 34.35 -54.73
C VAL B 23 -36.42 32.97 -54.13
N ALA B 24 -37.35 32.93 -53.19
CA ALA B 24 -37.81 31.69 -52.55
C ALA B 24 -39.33 31.65 -52.57
N LEU B 25 -39.90 30.53 -53.02
CA LEU B 25 -41.33 30.42 -53.19
C LEU B 25 -41.84 29.12 -52.57
N ALA B 26 -43.01 29.19 -51.95
CA ALA B 26 -43.66 27.98 -51.48
C ALA B 26 -44.43 27.38 -52.65
N TYR B 27 -44.25 26.08 -52.89
CA TYR B 27 -45.01 25.41 -53.93
C TYR B 27 -45.51 24.06 -53.42
N ALA B 28 -46.24 23.36 -54.29
CA ALA B 28 -46.94 22.15 -53.88
C ALA B 28 -45.99 21.09 -53.31
N GLY B 29 -44.75 21.04 -53.79
CA GLY B 29 -43.80 20.07 -53.31
C GLY B 29 -42.90 20.52 -52.19
N GLY B 30 -43.04 21.76 -51.71
CA GLY B 30 -42.18 22.25 -50.65
C GLY B 30 -41.76 23.69 -50.84
N VAL B 31 -40.45 23.96 -50.87
CA VAL B 31 -39.93 25.32 -51.05
C VAL B 31 -38.90 25.32 -52.17
N LEU B 32 -38.94 26.35 -53.00
CA LEU B 32 -38.02 26.50 -54.12
C LEU B 32 -37.13 27.72 -53.90
N PHE B 33 -35.82 27.51 -54.02
CA PHE B 33 -34.83 28.58 -54.00
C PHE B 33 -34.20 28.70 -55.39
N VAL B 34 -34.28 29.89 -55.97
CA VAL B 34 -33.60 30.14 -57.24
C VAL B 34 -32.92 31.50 -57.15
N ALA B 35 -31.61 31.51 -57.44
CA ALA B 35 -30.76 32.66 -57.24
C ALA B 35 -29.91 32.92 -58.47
N GLU B 36 -29.78 34.19 -58.84
CA GLU B 36 -28.83 34.58 -59.87
C GLU B 36 -27.42 34.39 -59.36
N ASN B 37 -26.67 33.48 -59.97
CA ASN B 37 -25.33 33.13 -59.50
C ASN B 37 -24.52 32.59 -60.67
N PRO B 38 -23.61 33.39 -61.21
CA PRO B 38 -22.77 32.90 -62.31
C PRO B 38 -21.71 31.91 -61.87
N SER B 39 -21.36 31.88 -60.60
CA SER B 39 -20.21 31.11 -60.15
C SER B 39 -20.42 29.61 -60.32
N ARG B 40 -19.31 28.89 -60.47
CA ARG B 40 -19.33 27.45 -60.61
C ARG B 40 -19.25 26.72 -59.27
N SER B 41 -18.70 27.37 -58.24
CA SER B 41 -18.49 26.70 -56.96
C SER B 41 -18.83 27.53 -55.73
N LEU B 42 -19.20 28.80 -55.87
CA LEU B 42 -19.55 29.65 -54.74
C LEU B 42 -21.06 29.73 -54.63
N GLN B 43 -21.61 29.34 -53.47
CA GLN B 43 -23.04 29.06 -53.33
C GLN B 43 -23.72 30.06 -52.41
N LYS B 44 -24.92 30.50 -52.82
CA LYS B 44 -25.77 31.39 -52.05
C LYS B 44 -26.92 30.66 -51.37
N ILE B 45 -27.19 29.42 -51.76
CA ILE B 45 -28.28 28.61 -51.21
C ILE B 45 -27.67 27.37 -50.58
N SER B 46 -28.16 27.01 -49.39
CA SER B 46 -27.54 25.92 -48.67
C SER B 46 -28.55 25.24 -47.76
N GLU B 47 -28.25 23.98 -47.45
CA GLU B 47 -28.98 23.23 -46.45
C GLU B 47 -28.51 23.65 -45.05
N LEU B 48 -29.47 23.85 -44.15
CA LEU B 48 -29.17 24.03 -42.73
C LEU B 48 -29.43 22.78 -41.91
N TYR B 49 -30.63 22.21 -41.99
CA TYR B 49 -30.95 21.01 -41.24
C TYR B 49 -31.93 20.19 -42.06
N ASP B 50 -32.33 19.04 -41.51
CA ASP B 50 -33.15 18.06 -42.22
C ASP B 50 -34.22 18.69 -43.09
N ARG B 51 -35.05 19.57 -42.51
CA ARG B 51 -36.14 20.19 -43.24
C ARG B 51 -35.97 21.71 -43.35
N VAL B 52 -34.77 22.23 -43.11
CA VAL B 52 -34.55 23.67 -43.07
C VAL B 52 -33.46 24.06 -44.05
N GLY B 53 -33.76 25.04 -44.92
CA GLY B 53 -32.83 25.53 -45.90
C GLY B 53 -32.55 27.02 -45.73
N PHE B 54 -31.48 27.46 -46.41
CA PHE B 54 -30.86 28.76 -46.22
C PHE B 54 -30.59 29.39 -47.57
N ALA B 55 -30.89 30.69 -47.68
CA ALA B 55 -30.58 31.46 -48.89
C ALA B 55 -30.14 32.86 -48.49
N ALA B 56 -29.24 33.44 -49.25
CA ALA B 56 -28.65 34.71 -48.85
C ALA B 56 -28.32 35.58 -50.06
N ALA B 57 -28.33 36.89 -49.84
CA ALA B 57 -27.89 37.85 -50.84
C ALA B 57 -26.91 38.82 -50.20
N GLY B 58 -25.92 39.26 -50.97
CA GLY B 58 -24.98 40.26 -50.53
C GLY B 58 -23.53 39.76 -50.60
N LYS B 59 -22.73 40.19 -49.64
CA LYS B 59 -21.30 39.90 -49.66
C LYS B 59 -21.06 38.45 -49.28
N PHE B 60 -20.31 37.74 -50.13
CA PHE B 60 -20.20 36.29 -49.99
C PHE B 60 -19.61 35.87 -48.66
N ASN B 61 -18.41 36.36 -48.34
CA ASN B 61 -17.74 35.91 -47.12
C ASN B 61 -18.61 36.15 -45.88
N GLU B 62 -19.43 37.20 -45.90
CA GLU B 62 -20.23 37.51 -44.72
C GLU B 62 -21.42 36.57 -44.56
N PHE B 63 -22.21 36.37 -45.62
CA PHE B 63 -23.33 35.45 -45.46
C PHE B 63 -22.87 33.99 -45.45
N ASP B 64 -21.65 33.72 -45.90
CA ASP B 64 -21.09 32.38 -45.73
C ASP B 64 -20.66 32.14 -44.29
N ASN B 65 -20.07 33.16 -43.65
CA ASN B 65 -19.88 33.10 -42.20
C ASN B 65 -21.21 32.81 -41.51
N LEU B 66 -22.26 33.56 -41.87
CA LEU B 66 -23.56 33.34 -41.26
C LEU B 66 -24.10 31.94 -41.54
N ARG B 67 -23.84 31.42 -42.73
CA ARG B 67 -24.29 30.07 -43.07
C ARG B 67 -23.60 29.03 -42.20
N ARG B 68 -22.28 29.13 -42.07
CA ARG B 68 -21.54 28.19 -41.23
C ARG B 68 -22.00 28.28 -39.78
N GLY B 69 -22.20 29.50 -39.28
CA GLY B 69 -22.70 29.64 -37.93
C GLY B 69 -24.06 29.02 -37.74
N GLY B 70 -24.94 29.17 -38.75
CA GLY B 70 -26.26 28.56 -38.67
C GLY B 70 -26.20 27.05 -38.66
N ILE B 71 -25.36 26.47 -39.53
CA ILE B 71 -25.19 25.02 -39.53
C ILE B 71 -24.70 24.55 -38.16
N GLN B 72 -23.73 25.28 -37.59
CA GLN B 72 -23.21 24.94 -36.27
C GLN B 72 -24.31 24.97 -35.21
N PHE B 73 -25.09 26.05 -35.19
CA PHE B 73 -26.21 26.15 -34.24
C PHE B 73 -27.17 24.98 -34.40
N ALA B 74 -27.60 24.72 -35.63
CA ALA B 74 -28.59 23.67 -35.85
C ALA B 74 -28.07 22.31 -35.40
N ASP B 75 -26.87 21.94 -35.86
CA ASP B 75 -26.32 20.64 -35.49
C ASP B 75 -26.11 20.51 -33.98
N THR B 76 -25.66 21.60 -33.35
CA THR B 76 -25.48 21.57 -31.90
C THR B 76 -26.82 21.37 -31.19
N ARG B 77 -27.86 22.10 -31.61
CA ARG B 77 -29.17 21.95 -30.97
C ARG B 77 -29.72 20.54 -31.18
N GLY B 78 -29.61 20.01 -32.40
CA GLY B 78 -30.07 18.66 -32.66
C GLY B 78 -29.35 17.61 -31.84
N TYR B 79 -28.05 17.83 -31.58
CA TYR B 79 -27.30 16.89 -30.74
C TYR B 79 -27.69 17.01 -29.26
N ALA B 80 -27.84 18.25 -28.78
CA ALA B 80 -28.10 18.47 -27.36
C ALA B 80 -29.47 17.94 -26.93
N TYR B 81 -30.46 17.97 -27.82
CA TYR B 81 -31.78 17.44 -27.54
C TYR B 81 -32.19 16.37 -28.55
N ASP B 82 -32.82 16.78 -29.64
CA ASP B 82 -33.18 15.85 -30.70
C ASP B 82 -33.30 16.60 -32.01
N ARG B 83 -33.15 15.84 -33.10
CA ARG B 83 -33.22 16.44 -34.42
C ARG B 83 -34.59 17.08 -34.66
N ARG B 84 -35.65 16.49 -34.11
CA ARG B 84 -36.99 17.01 -34.36
C ARG B 84 -37.23 18.33 -33.64
N ASP B 85 -36.41 18.66 -32.64
CA ASP B 85 -36.55 19.94 -31.95
C ASP B 85 -36.00 21.11 -32.74
N VAL B 86 -35.24 20.86 -33.80
CA VAL B 86 -34.70 21.93 -34.65
C VAL B 86 -35.80 22.41 -35.59
N THR B 87 -36.09 23.71 -35.56
CA THR B 87 -37.14 24.30 -36.38
C THR B 87 -36.58 25.51 -37.10
N GLY B 88 -37.27 25.88 -38.20
CA GLY B 88 -36.91 27.08 -38.92
C GLY B 88 -37.10 28.34 -38.10
N ARG B 89 -38.23 28.45 -37.39
CA ARG B 89 -38.45 29.53 -36.43
C ARG B 89 -37.19 29.81 -35.60
N GLN B 90 -36.57 28.74 -35.09
CA GLN B 90 -35.39 28.87 -34.26
C GLN B 90 -34.22 29.49 -35.02
N LEU B 91 -33.92 28.95 -36.21
CA LEU B 91 -32.79 29.44 -36.96
C LEU B 91 -33.00 30.88 -37.39
N ALA B 92 -34.22 31.23 -37.79
CA ALA B 92 -34.52 32.62 -38.11
C ALA B 92 -34.32 33.52 -36.89
N ASN B 93 -34.72 33.04 -35.71
CA ASN B 93 -34.58 33.84 -34.49
C ASN B 93 -33.11 34.05 -34.12
N VAL B 94 -32.30 32.99 -34.15
CA VAL B 94 -30.89 33.13 -33.83
C VAL B 94 -30.18 33.98 -34.88
N TYR B 95 -30.60 33.90 -36.14
CA TYR B 95 -30.05 34.80 -37.16
C TYR B 95 -30.44 36.25 -36.87
N ALA B 96 -31.67 36.48 -36.42
CA ALA B 96 -32.07 37.85 -36.05
C ALA B 96 -31.20 38.38 -34.93
N GLN B 97 -30.99 37.57 -33.89
CA GLN B 97 -30.13 37.99 -32.78
C GLN B 97 -28.72 38.30 -33.29
N THR B 98 -28.18 37.41 -34.12
CA THR B 98 -26.80 37.54 -34.57
C THR B 98 -26.61 38.77 -35.43
N LEU B 99 -27.48 38.98 -36.42
CA LEU B 99 -27.36 40.15 -37.28
C LEU B 99 -27.63 41.43 -36.53
N GLY B 100 -28.47 41.40 -35.49
CA GLY B 100 -28.59 42.56 -34.63
C GLY B 100 -27.27 42.92 -33.95
N THR B 101 -26.64 41.93 -33.33
CA THR B 101 -25.36 42.17 -32.66
C THR B 101 -24.31 42.66 -33.65
N ILE B 102 -24.24 42.03 -34.83
CA ILE B 102 -23.29 42.44 -35.85
C ILE B 102 -23.56 43.88 -36.26
N PHE B 103 -24.83 44.20 -36.50
CA PHE B 103 -25.20 45.54 -36.96
C PHE B 103 -24.77 46.59 -35.96
N THR B 104 -24.92 46.32 -34.67
CA THR B 104 -24.65 47.37 -33.69
C THR B 104 -23.21 47.43 -33.23
N GLU B 105 -22.47 46.33 -33.27
CA GLU B 105 -21.20 46.26 -32.57
C GLU B 105 -20.00 45.95 -33.46
N GLN B 106 -20.21 45.40 -34.66
CA GLN B 106 -19.10 45.00 -35.50
C GLN B 106 -18.45 46.23 -36.13
N ALA B 107 -17.21 46.03 -36.60
CA ALA B 107 -16.48 47.13 -37.24
C ALA B 107 -17.23 47.66 -38.45
N LYS B 108 -17.74 46.77 -39.29
CA LYS B 108 -18.58 47.11 -40.43
C LYS B 108 -19.80 46.21 -40.39
N PRO B 109 -21.01 46.73 -40.58
CA PRO B 109 -22.20 45.87 -40.62
C PRO B 109 -22.12 44.88 -41.78
N TYR B 110 -22.84 43.77 -41.63
CA TYR B 110 -22.86 42.77 -42.68
C TYR B 110 -23.81 43.20 -43.78
N GLU B 111 -23.32 43.17 -45.02
CA GLU B 111 -24.13 43.51 -46.20
C GLU B 111 -24.80 42.24 -46.73
N VAL B 112 -25.79 41.76 -45.96
CA VAL B 112 -26.46 40.50 -46.24
C VAL B 112 -27.95 40.60 -46.00
N GLU B 113 -28.68 39.73 -46.66
CA GLU B 113 -30.09 39.45 -46.39
C GLU B 113 -30.28 37.95 -46.39
N LEU B 114 -31.01 37.45 -45.40
CA LEU B 114 -31.13 36.03 -45.17
C LEU B 114 -32.57 35.59 -45.35
N CYS B 115 -32.73 34.36 -45.83
CA CYS B 115 -34.01 33.67 -45.87
C CYS B 115 -33.82 32.28 -45.31
N VAL B 116 -34.62 31.94 -44.30
CA VAL B 116 -34.63 30.61 -43.72
C VAL B 116 -35.99 30.00 -44.03
N ALA B 117 -35.99 28.80 -44.62
CA ALA B 117 -37.23 28.15 -45.01
C ALA B 117 -37.31 26.78 -44.36
N GLU B 118 -38.54 26.37 -44.00
CA GLU B 118 -38.75 25.06 -43.41
C GLU B 118 -39.97 24.40 -44.04
N VAL B 119 -39.83 23.14 -44.42
CA VAL B 119 -40.96 22.35 -44.90
C VAL B 119 -41.33 21.32 -43.83
N ALA B 120 -42.50 20.71 -44.02
CA ALA B 120 -43.00 19.74 -43.07
C ALA B 120 -42.16 18.47 -43.10
N HIS B 121 -42.19 17.74 -41.99
CA HIS B 121 -41.52 16.45 -41.93
C HIS B 121 -42.27 15.42 -42.76
N TYR B 122 -41.55 14.36 -43.15
CA TYR B 122 -42.10 13.37 -44.05
C TYR B 122 -43.43 12.84 -43.53
N GLY B 123 -44.45 12.86 -44.38
CA GLY B 123 -45.76 12.35 -44.01
C GLY B 123 -46.62 13.31 -43.22
N GLU B 124 -46.08 14.44 -42.78
CA GLU B 124 -46.84 15.42 -42.02
C GLU B 124 -47.37 16.51 -42.96
N THR B 125 -48.43 17.18 -42.50
CA THR B 125 -49.11 18.22 -43.27
C THR B 125 -48.93 19.55 -42.55
N LYS B 126 -48.09 20.42 -43.11
CA LYS B 126 -47.92 21.76 -42.59
C LYS B 126 -47.51 22.67 -43.74
N ARG B 127 -48.05 23.88 -43.76
CA ARG B 127 -47.62 24.86 -44.75
C ARG B 127 -46.13 25.15 -44.55
N PRO B 128 -45.36 25.26 -45.63
CA PRO B 128 -43.97 25.74 -45.52
C PRO B 128 -43.92 27.09 -44.83
N GLU B 129 -42.76 27.37 -44.23
CA GLU B 129 -42.53 28.63 -43.54
C GLU B 129 -41.34 29.34 -44.17
N LEU B 130 -41.50 30.64 -44.42
CA LEU B 130 -40.45 31.48 -44.97
C LEU B 130 -40.17 32.62 -44.01
N TYR B 131 -38.90 32.85 -43.73
CA TYR B 131 -38.45 33.93 -42.86
C TYR B 131 -37.41 34.77 -43.57
N ARG B 132 -37.55 36.09 -43.44
CA ARG B 132 -36.61 37.06 -43.97
C ARG B 132 -35.94 37.74 -42.78
N ILE B 133 -34.61 37.70 -42.74
CA ILE B 133 -33.85 38.39 -41.70
C ILE B 133 -32.92 39.36 -42.40
N THR B 134 -33.10 40.65 -42.15
CA THR B 134 -32.34 41.66 -42.83
C THR B 134 -31.16 42.12 -41.98
N TYR B 135 -30.34 43.00 -42.56
CA TYR B 135 -29.02 43.32 -42.03
C TYR B 135 -29.04 43.90 -40.61
N ASP B 136 -30.17 44.44 -40.16
CA ASP B 136 -30.25 45.04 -38.84
C ASP B 136 -30.85 44.09 -37.81
N GLY B 137 -31.10 42.85 -38.20
CA GLY B 137 -31.72 41.88 -37.32
C GLY B 137 -33.23 41.86 -37.35
N SER B 138 -33.86 42.70 -38.16
CA SER B 138 -35.30 42.66 -38.31
C SER B 138 -35.71 41.36 -39.00
N ILE B 139 -36.81 40.80 -38.54
CA ILE B 139 -37.28 39.50 -39.01
C ILE B 139 -38.74 39.64 -39.42
N ALA B 140 -39.09 39.00 -40.53
CA ALA B 140 -40.42 39.06 -41.09
C ALA B 140 -40.83 37.65 -41.47
N ASP B 141 -42.06 37.32 -41.13
CA ASP B 141 -42.64 36.00 -41.35
C ASP B 141 -43.53 36.09 -42.60
N GLU B 142 -43.08 35.49 -43.70
CA GLU B 142 -43.88 35.72 -44.91
C GLU B 142 -44.41 34.40 -45.46
N PRO B 143 -45.63 34.40 -46.00
CA PRO B 143 -46.35 33.14 -46.25
C PRO B 143 -46.11 32.51 -47.61
N HIS B 144 -45.79 33.31 -48.63
CA HIS B 144 -45.74 32.79 -49.99
C HIS B 144 -44.36 32.88 -50.63
N PHE B 145 -43.68 34.02 -50.57
CA PHE B 145 -42.39 34.15 -51.23
C PHE B 145 -41.56 35.24 -50.57
N VAL B 146 -40.25 35.17 -50.82
CA VAL B 146 -39.28 36.15 -50.33
C VAL B 146 -38.35 36.52 -51.49
N VAL B 147 -38.05 37.81 -51.60
CA VAL B 147 -37.12 38.34 -52.61
C VAL B 147 -36.00 39.08 -51.88
N MET B 148 -34.76 38.83 -52.30
CA MET B 148 -33.61 39.37 -51.60
C MET B 148 -32.54 39.85 -52.57
N GLY B 149 -31.96 41.00 -52.28
CA GLY B 149 -30.81 41.49 -53.02
C GLY B 149 -31.19 42.28 -54.25
N GLY B 150 -30.37 43.29 -54.55
CA GLY B 150 -30.60 44.13 -55.71
C GLY B 150 -31.87 44.96 -55.60
N THR B 151 -32.43 45.27 -56.76
CA THR B 151 -33.69 46.02 -56.85
C THR B 151 -34.82 45.01 -56.77
N THR B 152 -35.45 44.94 -55.58
CA THR B 152 -36.40 43.87 -55.31
C THR B 152 -37.81 44.18 -55.82
N GLU B 153 -38.17 45.46 -55.97
CA GLU B 153 -39.55 45.81 -56.31
C GLU B 153 -40.03 45.21 -57.62
N PRO B 154 -39.27 45.23 -58.73
CA PRO B 154 -39.76 44.55 -59.95
C PRO B 154 -40.03 43.07 -59.75
N ILE B 155 -39.16 42.40 -59.01
CA ILE B 155 -39.33 40.97 -58.78
C ILE B 155 -40.51 40.72 -57.85
N ALA B 156 -40.60 41.50 -56.78
CA ALA B 156 -41.68 41.33 -55.80
C ALA B 156 -43.05 41.53 -56.45
N ASN B 157 -43.25 42.64 -57.18
CA ASN B 157 -44.55 42.84 -57.80
C ASN B 157 -44.79 41.83 -58.92
N ALA B 158 -43.74 41.49 -59.69
CA ALA B 158 -43.88 40.47 -60.73
C ALA B 158 -44.43 39.17 -60.15
N LEU B 159 -43.93 38.77 -58.98
CA LEU B 159 -44.46 37.59 -58.32
C LEU B 159 -45.86 37.84 -57.79
N LYS B 160 -46.04 38.95 -57.06
CA LYS B 160 -47.35 39.38 -56.56
C LYS B 160 -48.47 39.10 -57.55
N GLU B 161 -48.30 39.56 -58.79
CA GLU B 161 -49.32 39.27 -59.79
C GLU B 161 -49.20 37.84 -60.33
N SER B 162 -47.99 37.35 -60.50
CA SER B 162 -47.75 36.09 -61.19
C SER B 162 -47.70 34.87 -60.27
N TYR B 163 -47.99 35.02 -58.98
CA TYR B 163 -47.86 33.92 -58.03
C TYR B 163 -49.18 33.18 -57.85
N ALA B 164 -49.12 31.85 -57.94
CA ALA B 164 -50.26 30.99 -57.64
C ALA B 164 -49.91 30.01 -56.53
N GLU B 165 -50.77 29.93 -55.52
CA GLU B 165 -50.62 28.98 -54.42
C GLU B 165 -50.72 27.54 -54.92
N ASN B 166 -49.69 26.74 -54.61
CA ASN B 166 -49.64 25.30 -54.83
C ASN B 166 -49.19 24.99 -56.26
N ALA B 167 -48.40 25.88 -56.83
CA ALA B 167 -47.90 25.65 -58.17
C ALA B 167 -47.04 24.39 -58.22
N SER B 168 -46.89 23.84 -59.41
CA SER B 168 -46.02 22.69 -59.62
C SER B 168 -44.56 23.16 -59.58
N LEU B 169 -43.65 22.19 -59.61
CA LEU B 169 -42.24 22.53 -59.62
C LEU B 169 -41.89 23.31 -60.89
N THR B 170 -42.37 22.83 -62.03
CA THR B 170 -42.13 23.51 -63.29
C THR B 170 -42.76 24.90 -63.30
N ASP B 171 -44.01 24.98 -62.86
CA ASP B 171 -44.72 26.27 -62.87
C ASP B 171 -44.02 27.28 -61.98
N ALA B 172 -43.67 26.87 -60.77
CA ALA B 172 -43.00 27.78 -59.84
C ALA B 172 -41.63 28.19 -60.38
N LEU B 173 -40.92 27.27 -61.01
CA LEU B 173 -39.62 27.63 -61.56
C LEU B 173 -39.76 28.66 -62.69
N ARG B 174 -40.72 28.46 -63.59
CA ARG B 174 -40.99 29.46 -64.62
C ARG B 174 -41.30 30.81 -64.00
N ILE B 175 -42.26 30.86 -63.07
CA ILE B 175 -42.66 32.12 -62.45
C ILE B 175 -41.45 32.80 -61.79
N ALA B 176 -40.59 31.99 -61.18
CA ALA B 176 -39.45 32.54 -60.46
C ALA B 176 -38.41 33.15 -61.40
N VAL B 177 -38.03 32.41 -62.46
CA VAL B 177 -37.06 32.96 -63.41
C VAL B 177 -37.65 34.17 -64.15
N ALA B 178 -38.94 34.13 -64.45
CA ALA B 178 -39.60 35.29 -65.04
C ALA B 178 -39.47 36.50 -64.15
N ALA B 179 -39.78 36.35 -62.85
CA ALA B 179 -39.65 37.47 -61.92
C ALA B 179 -38.21 37.92 -61.82
N LEU B 180 -37.25 37.00 -61.87
CA LEU B 180 -35.85 37.37 -61.79
C LEU B 180 -35.40 38.18 -63.01
N ARG B 181 -36.01 37.93 -64.18
CA ARG B 181 -35.68 38.75 -65.35
C ARG B 181 -36.27 40.16 -65.26
N ALA B 182 -37.27 40.38 -64.43
CA ALA B 182 -37.86 41.71 -64.28
C ALA B 182 -37.06 42.57 -63.29
N LEU B 195 -31.14 33.91 -68.92
CA LEU B 195 -30.96 33.26 -67.62
C LEU B 195 -31.17 31.76 -67.73
N GLY B 196 -30.07 31.01 -67.78
CA GLY B 196 -30.11 29.57 -67.95
C GLY B 196 -29.31 28.82 -66.91
N VAL B 197 -28.87 27.60 -67.25
CA VAL B 197 -28.20 26.74 -66.27
C VAL B 197 -26.90 27.36 -65.81
N ALA B 198 -26.12 27.94 -66.72
CA ALA B 198 -24.83 28.49 -66.33
C ALA B 198 -24.92 29.90 -65.76
N SER B 199 -26.12 30.34 -65.36
CA SER B 199 -26.28 31.60 -64.65
C SER B 199 -27.21 31.48 -63.44
N LEU B 200 -27.72 30.30 -63.13
CA LEU B 200 -28.64 30.11 -62.03
C LEU B 200 -28.10 29.09 -61.03
N GLU B 201 -28.48 29.30 -59.77
CA GLU B 201 -28.32 28.31 -58.70
C GLU B 201 -29.72 27.98 -58.21
N VAL B 202 -30.11 26.70 -58.33
CA VAL B 202 -31.44 26.26 -58.00
C VAL B 202 -31.37 25.11 -57.00
N ALA B 203 -32.27 25.14 -56.00
CA ALA B 203 -32.37 24.08 -55.02
C ALA B 203 -33.78 24.07 -54.48
N VAL B 204 -34.14 22.97 -53.83
CA VAL B 204 -35.48 22.79 -53.31
C VAL B 204 -35.41 22.14 -51.92
N LEU B 205 -36.32 22.55 -51.05
CA LEU B 205 -36.70 21.78 -49.87
C LEU B 205 -37.88 20.92 -50.28
N ASP B 206 -37.59 19.65 -50.56
CA ASP B 206 -38.57 18.69 -51.09
C ASP B 206 -39.20 18.00 -49.89
N ALA B 207 -40.43 18.41 -49.54
CA ALA B 207 -41.10 17.84 -48.37
C ALA B 207 -41.41 16.37 -48.54
N ASN B 208 -41.18 15.81 -49.73
CA ASN B 208 -41.47 14.41 -49.97
C ASN B 208 -40.26 13.51 -49.77
N ARG B 209 -39.11 14.08 -49.43
CA ARG B 209 -37.96 13.26 -49.07
C ARG B 209 -38.12 12.73 -47.64
N PRO B 210 -37.58 11.54 -47.35
CA PRO B 210 -37.80 10.93 -46.04
C PRO B 210 -37.17 11.71 -44.88
N ARG B 211 -35.91 12.14 -45.01
CA ARG B 211 -35.32 12.97 -43.97
C ARG B 211 -34.77 14.29 -44.49
N ARG B 212 -33.66 14.24 -45.24
CA ARG B 212 -33.01 15.46 -45.70
C ARG B 212 -33.72 15.97 -46.95
N ALA B 213 -34.39 17.11 -46.83
CA ALA B 213 -35.22 17.63 -47.91
C ALA B 213 -34.43 18.40 -48.96
N PHE B 214 -33.23 18.87 -48.62
CA PHE B 214 -32.50 19.78 -49.51
C PHE B 214 -31.93 19.01 -50.70
N ARG B 215 -32.39 19.40 -51.90
CA ARG B 215 -31.96 18.80 -53.16
C ARG B 215 -31.52 19.92 -54.09
N ARG B 216 -30.28 19.89 -54.55
CA ARG B 216 -29.88 20.80 -55.62
C ARG B 216 -30.37 20.28 -56.96
N ILE B 217 -30.67 21.22 -57.86
CA ILE B 217 -31.07 20.91 -59.23
C ILE B 217 -30.07 21.55 -60.16
N THR B 218 -29.22 20.73 -60.79
CA THR B 218 -28.11 21.21 -61.59
C THR B 218 -28.09 20.51 -62.93
N GLY B 219 -27.62 21.23 -63.95
CA GLY B 219 -27.28 20.60 -65.22
C GLY B 219 -28.50 20.11 -65.98
N SER B 220 -28.45 18.85 -66.40
CA SER B 220 -29.48 18.30 -67.28
C SER B 220 -30.87 18.36 -66.67
N ALA B 221 -30.98 18.05 -65.37
CA ALA B 221 -32.28 18.13 -64.69
C ALA B 221 -32.83 19.55 -64.73
N LEU B 222 -32.00 20.53 -64.37
CA LEU B 222 -32.43 21.92 -64.37
C LEU B 222 -32.77 22.39 -65.78
N GLN B 223 -31.89 22.10 -66.74
CA GLN B 223 -32.14 22.46 -68.14
C GLN B 223 -33.48 21.92 -68.60
N ALA B 224 -33.70 20.61 -68.41
CA ALA B 224 -34.96 19.99 -68.82
C ALA B 224 -36.15 20.56 -68.07
N LEU B 225 -35.92 21.03 -66.85
CA LEU B 225 -37.00 21.60 -66.05
C LEU B 225 -37.33 23.03 -66.45
N LEU B 226 -36.43 23.73 -67.15
CA LEU B 226 -36.68 25.11 -67.54
C LEU B 226 -37.56 25.22 -68.78
N VAL B 227 -37.45 24.29 -69.72
CA VAL B 227 -38.18 24.34 -70.98
C VAL B 227 -39.67 24.13 -70.75
N MET C 1 -21.97 64.90 -23.70
CA MET C 1 -22.69 63.76 -23.13
C MET C 1 -24.18 63.87 -23.40
N GLU C 2 -24.69 65.10 -23.40
CA GLU C 2 -26.10 65.33 -23.69
C GLU C 2 -26.47 64.76 -25.05
N GLN C 3 -25.66 65.05 -26.07
CA GLN C 3 -25.94 64.55 -27.41
C GLN C 3 -25.97 63.03 -27.43
N ALA C 4 -25.09 62.38 -26.67
CA ALA C 4 -25.12 60.92 -26.59
C ALA C 4 -26.39 60.45 -25.90
N MET C 5 -26.72 61.06 -24.76
CA MET C 5 -27.88 60.63 -23.99
C MET C 5 -29.20 61.06 -24.64
N ARG C 6 -29.31 62.33 -25.06
CA ARG C 6 -30.52 62.75 -25.74
C ARG C 6 -30.70 61.99 -27.05
N GLU C 7 -29.60 61.71 -27.75
CA GLU C 7 -29.70 61.00 -29.02
C GLU C 7 -30.10 59.55 -28.82
N ARG C 8 -29.56 58.90 -27.79
CA ARG C 8 -29.96 57.53 -27.47
C ARG C 8 -31.43 57.48 -27.06
N SER C 9 -31.85 58.39 -26.17
CA SER C 9 -33.24 58.44 -25.75
C SER C 9 -34.17 58.67 -26.93
N GLU C 10 -33.75 59.51 -27.88
CA GLU C 10 -34.60 59.79 -29.02
C GLU C 10 -34.63 58.61 -29.98
N LEU C 11 -33.50 57.92 -30.16
CA LEU C 11 -33.48 56.72 -30.99
C LEU C 11 -34.44 55.68 -30.46
N ALA C 12 -34.40 55.46 -29.14
CA ALA C 12 -35.30 54.49 -28.56
C ALA C 12 -36.76 54.95 -28.68
N ARG C 13 -37.02 56.22 -28.38
CA ARG C 13 -38.40 56.70 -28.40
C ARG C 13 -39.01 56.58 -29.79
N LYS C 14 -38.29 57.05 -30.82
CA LYS C 14 -38.79 56.91 -32.19
C LYS C 14 -38.89 55.45 -32.60
N GLY C 15 -37.89 54.63 -32.25
CA GLY C 15 -37.96 53.22 -32.58
C GLY C 15 -39.19 52.55 -32.02
N ILE C 16 -39.55 52.88 -30.78
CA ILE C 16 -40.74 52.31 -30.16
C ILE C 16 -41.99 52.88 -30.82
N ALA C 17 -41.93 54.15 -31.21
CA ALA C 17 -43.08 54.79 -31.85
C ALA C 17 -43.37 54.17 -33.22
N ARG C 18 -42.35 53.64 -33.90
CA ARG C 18 -42.58 53.04 -35.21
C ARG C 18 -43.32 51.72 -35.09
N ALA C 19 -42.94 50.87 -34.14
CA ALA C 19 -43.48 49.52 -34.08
C ALA C 19 -44.92 49.51 -33.58
N LYS C 20 -45.54 48.34 -33.68
CA LYS C 20 -46.95 48.20 -33.35
C LYS C 20 -47.16 48.26 -31.84
N SER C 21 -48.41 48.46 -31.44
CA SER C 21 -48.76 48.73 -30.06
C SER C 21 -49.33 47.50 -29.37
N VAL C 22 -49.22 47.50 -28.04
CA VAL C 22 -49.67 46.41 -27.19
C VAL C 22 -50.23 46.98 -25.90
N VAL C 23 -51.30 46.37 -25.40
CA VAL C 23 -51.93 46.78 -24.15
C VAL C 23 -52.05 45.60 -23.22
N ALA C 24 -51.89 45.87 -21.92
CA ALA C 24 -52.13 44.87 -20.88
C ALA C 24 -53.00 45.50 -19.80
N LEU C 25 -54.11 44.85 -19.47
CA LEU C 25 -55.04 45.40 -18.51
C LEU C 25 -55.51 44.32 -17.55
N ALA C 26 -55.72 44.72 -16.30
CA ALA C 26 -56.20 43.80 -15.27
C ALA C 26 -57.72 43.65 -15.34
N TYR C 27 -58.19 42.40 -15.29
CA TYR C 27 -59.61 42.10 -15.27
C TYR C 27 -59.91 41.05 -14.19
N ALA C 28 -61.19 40.69 -14.07
CA ALA C 28 -61.65 39.86 -12.97
C ALA C 28 -60.95 38.51 -12.93
N GLY C 29 -60.53 37.99 -14.07
CA GLY C 29 -59.86 36.71 -14.10
C GLY C 29 -58.35 36.77 -14.07
N GLY C 30 -57.77 37.96 -13.99
CA GLY C 30 -56.33 38.06 -14.00
C GLY C 30 -55.81 39.22 -14.83
N VAL C 31 -54.95 38.91 -15.81
CA VAL C 31 -54.38 39.93 -16.68
C VAL C 31 -54.58 39.55 -18.13
N LEU C 32 -54.91 40.55 -18.95
CA LEU C 32 -55.12 40.37 -20.38
C LEU C 32 -54.04 41.11 -21.15
N PHE C 33 -53.41 40.39 -22.06
CA PHE C 33 -52.42 40.92 -23.01
C PHE C 33 -53.06 40.88 -24.39
N VAL C 34 -53.13 42.03 -25.05
CA VAL C 34 -53.64 42.10 -26.41
C VAL C 34 -52.67 42.95 -27.22
N ALA C 35 -52.16 42.39 -28.32
CA ALA C 35 -51.11 43.05 -29.10
C ALA C 35 -51.41 42.97 -30.59
N GLU C 36 -51.16 44.07 -31.29
CA GLU C 36 -51.18 44.07 -32.75
C GLU C 36 -50.03 43.23 -33.26
N ASN C 37 -50.34 42.11 -33.91
CA ASN C 37 -49.29 41.21 -34.36
C ASN C 37 -49.75 40.36 -35.53
N PRO C 38 -49.35 40.70 -36.76
CA PRO C 38 -49.75 39.89 -37.92
C PRO C 38 -49.02 38.57 -38.00
N SER C 39 -47.86 38.43 -37.37
CA SER C 39 -47.04 37.25 -37.59
C SER C 39 -47.70 36.01 -37.02
N ARG C 40 -47.60 34.91 -37.77
CA ARG C 40 -48.15 33.63 -37.33
C ARG C 40 -47.30 32.95 -36.25
N SER C 41 -46.00 33.26 -36.16
CA SER C 41 -45.12 32.54 -35.25
C SER C 41 -44.17 33.40 -34.43
N LEU C 42 -44.12 34.71 -34.66
CA LEU C 42 -43.25 35.60 -33.88
C LEU C 42 -44.10 36.28 -32.81
N GLN C 43 -43.69 36.11 -31.55
CA GLN C 43 -44.55 36.41 -30.41
C GLN C 43 -44.02 37.61 -29.65
N LYS C 44 -44.94 38.50 -29.26
CA LYS C 44 -44.63 39.66 -28.41
C LYS C 44 -45.07 39.46 -26.97
N ILE C 45 -45.89 38.45 -26.70
CA ILE C 45 -46.39 38.15 -25.37
C ILE C 45 -45.92 36.77 -25.00
N SER C 46 -45.45 36.62 -23.75
CA SER C 46 -44.83 35.37 -23.34
C SER C 46 -45.00 35.17 -21.85
N GLU C 47 -44.92 33.90 -21.45
CA GLU C 47 -44.81 33.52 -20.05
C GLU C 47 -43.39 33.72 -19.54
N LEU C 48 -43.29 34.29 -18.33
CA LEU C 48 -42.03 34.34 -17.60
C LEU C 48 -41.94 33.29 -16.51
N TYR C 49 -42.93 33.24 -15.63
CA TYR C 49 -42.94 32.27 -14.56
C TYR C 49 -44.39 31.94 -14.23
N ASP C 50 -44.58 31.05 -13.24
CA ASP C 50 -45.88 30.50 -12.91
C ASP C 50 -46.99 31.55 -12.98
N ARG C 51 -46.82 32.65 -12.25
CA ARG C 51 -47.84 33.70 -12.21
C ARG C 51 -47.35 35.01 -12.83
N VAL C 52 -46.29 34.96 -13.62
CA VAL C 52 -45.66 36.16 -14.16
C VAL C 52 -45.64 36.08 -15.69
N GLY C 53 -46.18 37.12 -16.33
CA GLY C 53 -46.20 37.22 -17.77
C GLY C 53 -45.47 38.45 -18.31
N PHE C 54 -45.17 38.42 -19.61
CA PHE C 54 -44.27 39.37 -20.24
C PHE C 54 -44.88 39.89 -21.52
N ALA C 55 -44.76 41.20 -21.74
CA ALA C 55 -45.20 41.81 -22.98
C ALA C 55 -44.21 42.90 -23.36
N ALA C 56 -44.01 43.09 -24.67
CA ALA C 56 -43.01 44.03 -25.11
C ALA C 56 -43.42 44.68 -26.42
N ALA C 57 -42.93 45.89 -26.63
CA ALA C 57 -43.09 46.62 -27.87
C ALA C 57 -41.73 47.12 -28.32
N GLY C 58 -41.52 47.16 -29.63
CA GLY C 58 -40.30 47.68 -30.20
C GLY C 58 -39.63 46.66 -31.10
N LYS C 59 -38.30 46.68 -31.09
CA LYS C 59 -37.54 45.83 -32.00
C LYS C 59 -37.53 44.39 -31.48
N PHE C 60 -37.91 43.45 -32.35
CA PHE C 60 -38.17 42.08 -31.91
C PHE C 60 -36.94 41.44 -31.30
N ASN C 61 -35.82 41.42 -32.03
CA ASN C 61 -34.64 40.71 -31.53
C ASN C 61 -34.18 41.24 -30.17
N GLU C 62 -34.38 42.54 -29.92
CA GLU C 62 -33.91 43.12 -28.67
C GLU C 62 -34.82 42.74 -27.50
N PHE C 63 -36.14 42.93 -27.63
CA PHE C 63 -36.98 42.55 -26.51
C PHE C 63 -37.11 41.04 -26.38
N ASP C 64 -36.74 40.29 -27.43
CA ASP C 64 -36.65 38.83 -27.30
C ASP C 64 -35.42 38.42 -26.51
N ASN C 65 -34.29 39.12 -26.73
CA ASN C 65 -33.16 38.95 -25.84
C ASN C 65 -33.56 39.20 -24.39
N LEU C 66 -34.24 40.33 -24.15
CA LEU C 66 -34.67 40.64 -22.79
C LEU C 66 -35.63 39.59 -22.24
N ARG C 67 -36.50 39.05 -23.08
CA ARG C 67 -37.44 38.03 -22.64
C ARG C 67 -36.71 36.77 -22.21
N ARG C 68 -35.77 36.29 -23.05
CA ARG C 68 -35.00 35.12 -22.68
C ARG C 68 -34.20 35.36 -21.42
N GLY C 69 -33.62 36.55 -21.28
CA GLY C 69 -32.89 36.89 -20.06
C GLY C 69 -33.77 36.87 -18.82
N GLY C 70 -35.01 37.34 -18.96
CA GLY C 70 -35.93 37.28 -17.83
C GLY C 70 -36.31 35.86 -17.48
N ILE C 71 -36.52 35.02 -18.49
CA ILE C 71 -36.81 33.60 -18.23
C ILE C 71 -35.64 32.94 -17.52
N GLN C 72 -34.41 33.22 -17.98
CA GLN C 72 -33.22 32.70 -17.30
C GLN C 72 -33.17 33.15 -15.84
N PHE C 73 -33.41 34.43 -15.59
CA PHE C 73 -33.42 34.93 -14.23
C PHE C 73 -34.44 34.19 -13.39
N ALA C 74 -35.67 34.10 -13.88
CA ALA C 74 -36.75 33.49 -13.11
C ALA C 74 -36.46 32.03 -12.80
N ASP C 75 -36.10 31.26 -13.82
CA ASP C 75 -35.84 29.84 -13.60
C ASP C 75 -34.66 29.65 -12.65
N THR C 76 -33.61 30.45 -12.82
CA THR C 76 -32.44 30.31 -11.94
C THR C 76 -32.78 30.64 -10.50
N ARG C 77 -33.54 31.72 -10.27
CA ARG C 77 -33.93 32.06 -8.91
C ARG C 77 -34.83 31.00 -8.31
N GLY C 78 -35.83 30.54 -9.06
CA GLY C 78 -36.73 29.53 -8.56
C GLY C 78 -36.01 28.24 -8.20
N TYR C 79 -34.98 27.88 -8.97
CA TYR C 79 -34.16 26.72 -8.62
C TYR C 79 -33.29 27.00 -7.41
N ALA C 80 -32.68 28.19 -7.34
CA ALA C 80 -31.73 28.50 -6.28
C ALA C 80 -32.42 28.59 -4.91
N TYR C 81 -33.66 29.07 -4.89
CA TYR C 81 -34.41 29.13 -3.64
C TYR C 81 -35.70 28.35 -3.76
N ASP C 82 -36.78 29.03 -4.17
CA ASP C 82 -38.05 28.36 -4.36
C ASP C 82 -38.87 29.15 -5.36
N ARG C 83 -39.81 28.45 -5.98
CA ARG C 83 -40.67 29.05 -7.01
C ARG C 83 -41.44 30.23 -6.45
N ARG C 84 -41.96 30.10 -5.23
CA ARG C 84 -42.75 31.19 -4.68
C ARG C 84 -41.90 32.38 -4.25
N ASP C 85 -40.58 32.30 -4.36
CA ASP C 85 -39.75 33.48 -4.14
C ASP C 85 -39.61 34.34 -5.39
N VAL C 86 -40.01 33.84 -6.56
CA VAL C 86 -39.98 34.61 -7.79
C VAL C 86 -41.21 35.51 -7.80
N THR C 87 -41.01 36.82 -7.90
CA THR C 87 -42.08 37.80 -7.80
C THR C 87 -42.06 38.73 -9.02
N GLY C 88 -43.21 39.34 -9.29
CA GLY C 88 -43.26 40.33 -10.37
C GLY C 88 -42.37 41.53 -10.11
N ARG C 89 -42.37 42.03 -8.87
CA ARG C 89 -41.48 43.13 -8.51
C ARG C 89 -40.03 42.77 -8.82
N GLN C 90 -39.66 41.51 -8.61
CA GLN C 90 -38.28 41.08 -8.85
C GLN C 90 -37.92 41.15 -10.32
N LEU C 91 -38.75 40.55 -11.19
CA LEU C 91 -38.43 40.59 -12.62
C LEU C 91 -38.46 42.02 -13.15
N ALA C 92 -39.43 42.82 -12.69
CA ALA C 92 -39.47 44.20 -13.11
C ALA C 92 -38.21 44.95 -12.68
N ASN C 93 -37.74 44.68 -11.46
CA ASN C 93 -36.56 45.37 -10.94
C ASN C 93 -35.32 44.99 -11.73
N VAL C 94 -35.14 43.69 -12.00
CA VAL C 94 -33.97 43.27 -12.76
C VAL C 94 -34.05 43.81 -14.18
N TYR C 95 -35.26 43.94 -14.74
CA TYR C 95 -35.38 44.55 -16.06
C TYR C 95 -34.99 46.02 -16.02
N ALA C 96 -35.36 46.74 -14.96
CA ALA C 96 -34.94 48.13 -14.85
C ALA C 96 -33.42 48.23 -14.81
N GLN C 97 -32.78 47.41 -13.97
CA GLN C 97 -31.32 47.42 -13.89
C GLN C 97 -30.69 47.10 -15.24
N THR C 98 -31.18 46.06 -15.90
CA THR C 98 -30.58 45.61 -17.16
C THR C 98 -30.75 46.64 -18.26
N LEU C 99 -31.96 47.18 -18.42
CA LEU C 99 -32.16 48.18 -19.46
C LEU C 99 -31.40 49.45 -19.15
N GLY C 100 -31.18 49.75 -17.87
CA GLY C 100 -30.29 50.85 -17.53
C GLY C 100 -28.88 50.61 -18.03
N THR C 101 -28.34 49.42 -17.75
CA THR C 101 -27.00 49.10 -18.22
C THR C 101 -26.92 49.12 -19.74
N ILE C 102 -27.93 48.58 -20.42
CA ILE C 102 -27.95 48.61 -21.89
C ILE C 102 -27.96 50.05 -22.38
N PHE C 103 -28.86 50.86 -21.85
CA PHE C 103 -29.00 52.25 -22.30
C PHE C 103 -27.71 53.02 -22.12
N THR C 104 -26.99 52.75 -21.02
CA THR C 104 -25.80 53.54 -20.72
C THR C 104 -24.54 53.00 -21.41
N GLU C 105 -24.46 51.69 -21.63
CA GLU C 105 -23.20 51.09 -22.03
C GLU C 105 -23.23 50.31 -23.34
N GLN C 106 -24.40 49.90 -23.83
CA GLN C 106 -24.38 49.13 -25.06
C GLN C 106 -24.12 50.03 -26.25
N ALA C 107 -23.71 49.40 -27.36
CA ALA C 107 -23.39 50.15 -28.56
C ALA C 107 -24.57 50.96 -29.05
N LYS C 108 -25.76 50.36 -29.04
CA LYS C 108 -27.00 51.04 -29.39
C LYS C 108 -28.04 50.73 -28.33
N PRO C 109 -28.79 51.73 -27.87
CA PRO C 109 -29.84 51.46 -26.88
C PRO C 109 -30.89 50.51 -27.45
N TYR C 110 -31.54 49.78 -26.56
CA TYR C 110 -32.59 48.86 -26.98
C TYR C 110 -33.86 49.64 -27.24
N GLU C 111 -34.45 49.43 -28.41
CA GLU C 111 -35.70 50.09 -28.80
C GLU C 111 -36.87 49.23 -28.32
N VAL C 112 -37.04 49.20 -26.99
CA VAL C 112 -38.03 48.33 -26.38
C VAL C 112 -38.76 49.05 -25.25
N GLU C 113 -39.98 48.58 -24.98
CA GLU C 113 -40.75 48.91 -23.79
C GLU C 113 -41.37 47.62 -23.28
N LEU C 114 -41.25 47.40 -21.98
CA LEU C 114 -41.57 46.13 -21.35
C LEU C 114 -42.71 46.30 -20.34
N CYS C 115 -43.51 45.25 -20.22
CA CYS C 115 -44.52 45.11 -19.17
C CYS C 115 -44.35 43.75 -18.52
N VAL C 116 -44.20 43.75 -17.20
CA VAL C 116 -44.15 42.53 -16.40
C VAL C 116 -45.41 42.50 -15.55
N ALA C 117 -46.17 41.42 -15.63
CA ALA C 117 -47.44 41.30 -14.94
C ALA C 117 -47.45 40.10 -14.02
N GLU C 118 -48.13 40.25 -12.87
CA GLU C 118 -48.26 39.15 -11.93
C GLU C 118 -49.68 39.08 -11.37
N VAL C 119 -50.25 37.89 -11.37
CA VAL C 119 -51.54 37.64 -10.74
C VAL C 119 -51.28 36.86 -9.47
N ALA C 120 -52.33 36.74 -8.65
CA ALA C 120 -52.21 36.04 -7.38
C ALA C 120 -51.99 34.55 -7.61
N HIS C 121 -51.36 33.91 -6.64
CA HIS C 121 -51.26 32.46 -6.71
C HIS C 121 -52.63 31.86 -6.48
N TYR C 122 -52.80 30.63 -6.94
CA TYR C 122 -54.10 29.97 -6.92
C TYR C 122 -54.69 29.98 -5.52
N GLY C 123 -55.96 30.39 -5.42
CA GLY C 123 -56.68 30.41 -4.18
C GLY C 123 -56.42 31.59 -3.27
N GLU C 124 -55.58 32.53 -3.68
CA GLU C 124 -55.26 33.68 -2.87
C GLU C 124 -55.87 34.95 -3.46
N THR C 125 -56.15 35.92 -2.61
CA THR C 125 -56.79 37.16 -3.02
C THR C 125 -55.80 38.31 -2.92
N LYS C 126 -55.30 38.76 -4.06
CA LYS C 126 -54.47 39.95 -4.15
C LYS C 126 -54.66 40.54 -5.54
N ARG C 127 -54.63 41.86 -5.63
CA ARG C 127 -54.94 42.47 -6.92
C ARG C 127 -53.75 42.37 -7.86
N PRO C 128 -54.00 42.12 -9.14
CA PRO C 128 -52.89 41.95 -10.10
C PRO C 128 -51.98 43.17 -10.12
N GLU C 129 -50.73 42.93 -10.51
CA GLU C 129 -49.71 43.98 -10.55
C GLU C 129 -49.19 44.14 -11.97
N LEU C 130 -49.07 45.38 -12.40
CA LEU C 130 -48.53 45.72 -13.71
C LEU C 130 -47.32 46.62 -13.55
N TYR C 131 -46.24 46.27 -14.24
CA TYR C 131 -45.01 47.04 -14.23
C TYR C 131 -44.63 47.40 -15.65
N ARG C 132 -44.25 48.66 -15.85
CA ARG C 132 -43.80 49.18 -17.13
C ARG C 132 -42.34 49.59 -16.98
N ILE C 133 -41.47 49.04 -17.82
CA ILE C 133 -40.05 49.34 -17.82
C ILE C 133 -39.69 49.91 -19.19
N THR C 134 -39.17 51.13 -19.21
CA THR C 134 -38.88 51.83 -20.44
C THR C 134 -37.41 51.71 -20.83
N TYR C 135 -37.09 52.24 -22.02
CA TYR C 135 -35.81 51.98 -22.67
C TYR C 135 -34.62 52.44 -21.85
N ASP C 136 -34.79 53.40 -20.95
CA ASP C 136 -33.67 53.92 -20.17
C ASP C 136 -33.60 53.29 -18.80
N GLY C 137 -34.42 52.27 -18.54
CA GLY C 137 -34.45 51.61 -17.26
C GLY C 137 -35.42 52.22 -16.26
N SER C 138 -36.13 53.27 -16.65
CA SER C 138 -37.14 53.82 -15.76
C SER C 138 -38.25 52.81 -15.58
N ILE C 139 -38.73 52.69 -14.35
CA ILE C 139 -39.70 51.67 -14.00
C ILE C 139 -40.87 52.36 -13.32
N ALA C 140 -42.08 51.96 -13.69
CA ALA C 140 -43.29 52.59 -13.24
C ALA C 140 -44.28 51.50 -12.84
N ASP C 141 -44.92 51.72 -11.71
CA ASP C 141 -45.88 50.80 -11.13
C ASP C 141 -47.27 51.28 -11.51
N GLU C 142 -47.99 50.50 -12.32
CA GLU C 142 -49.27 51.07 -12.73
C GLU C 142 -50.42 50.14 -12.35
N PRO C 143 -51.59 50.69 -11.98
CA PRO C 143 -52.58 49.86 -11.28
C PRO C 143 -53.58 49.17 -12.19
N HIS C 144 -53.88 49.73 -13.37
CA HIS C 144 -54.95 49.18 -14.20
C HIS C 144 -54.48 48.69 -15.56
N PHE C 145 -53.73 49.50 -16.31
CA PHE C 145 -53.34 49.05 -17.64
C PHE C 145 -52.06 49.75 -18.07
N VAL C 146 -51.38 49.16 -19.04
CA VAL C 146 -50.18 49.72 -19.63
C VAL C 146 -50.30 49.61 -21.14
N VAL C 147 -49.88 50.66 -21.83
CA VAL C 147 -49.87 50.75 -23.28
C VAL C 147 -48.44 51.01 -23.72
N MET C 148 -48.00 50.30 -24.76
CA MET C 148 -46.63 50.41 -25.22
C MET C 148 -46.59 50.40 -26.74
N GLY C 149 -45.75 51.25 -27.30
CA GLY C 149 -45.46 51.25 -28.73
C GLY C 149 -46.43 52.08 -29.53
N GLY C 150 -45.91 52.68 -30.61
CA GLY C 150 -46.76 53.46 -31.48
C GLY C 150 -47.28 54.74 -30.83
N THR C 151 -48.48 55.12 -31.25
CA THR C 151 -49.17 56.29 -30.71
C THR C 151 -49.91 55.85 -29.44
N THR C 152 -49.32 56.18 -28.28
CA THR C 152 -49.82 55.66 -27.02
C THR C 152 -50.99 56.44 -26.46
N GLU C 153 -50.97 57.77 -26.58
CA GLU C 153 -52.00 58.64 -26.01
C GLU C 153 -53.41 58.27 -26.43
N PRO C 154 -53.73 58.06 -27.72
CA PRO C 154 -55.10 57.66 -28.07
C PRO C 154 -55.54 56.37 -27.40
N ILE C 155 -54.65 55.40 -27.28
CA ILE C 155 -55.01 54.14 -26.66
C ILE C 155 -55.27 54.35 -25.17
N ALA C 156 -54.35 55.06 -24.52
CA ALA C 156 -54.44 55.29 -23.07
C ALA C 156 -55.70 56.06 -22.69
N ASN C 157 -55.96 57.21 -23.35
CA ASN C 157 -57.15 57.97 -22.98
C ASN C 157 -58.41 57.22 -23.37
N ALA C 158 -58.39 56.52 -24.52
CA ALA C 158 -59.54 55.69 -24.87
C ALA C 158 -59.87 54.71 -23.74
N LEU C 159 -58.84 54.10 -23.15
CA LEU C 159 -59.08 53.21 -22.02
C LEU C 159 -59.57 53.99 -20.80
N LYS C 160 -58.96 55.13 -20.51
CA LYS C 160 -59.38 55.96 -19.37
C LYS C 160 -60.87 56.21 -19.41
N GLU C 161 -61.38 56.68 -20.56
CA GLU C 161 -62.81 56.93 -20.68
C GLU C 161 -63.61 55.63 -20.75
N SER C 162 -62.97 54.50 -21.01
CA SER C 162 -63.71 53.27 -21.26
C SER C 162 -63.32 52.09 -20.36
N TYR C 163 -62.50 52.30 -19.34
CA TYR C 163 -62.02 51.21 -18.48
C TYR C 163 -62.91 51.01 -17.25
N ALA C 164 -63.30 49.77 -17.02
CA ALA C 164 -63.98 49.35 -15.81
C ALA C 164 -63.21 48.21 -15.14
N GLU C 165 -63.00 48.31 -13.82
CA GLU C 165 -62.40 47.23 -13.05
C GLU C 165 -63.25 45.97 -13.13
N ASN C 166 -62.60 44.83 -12.89
CA ASN C 166 -63.28 43.55 -12.74
C ASN C 166 -64.16 43.21 -13.94
N ALA C 167 -63.81 43.70 -15.12
CA ALA C 167 -64.54 43.32 -16.32
C ALA C 167 -64.39 41.82 -16.57
N SER C 168 -65.35 41.26 -17.30
CA SER C 168 -65.22 39.88 -17.71
C SER C 168 -64.20 39.75 -18.83
N LEU C 169 -63.89 38.50 -19.20
CA LEU C 169 -62.92 38.26 -20.26
C LEU C 169 -63.40 38.83 -21.58
N THR C 170 -64.67 38.57 -21.93
CA THR C 170 -65.21 39.10 -23.19
C THR C 170 -65.22 40.62 -23.18
N ASP C 171 -65.69 41.23 -22.08
CA ASP C 171 -65.70 42.68 -21.99
C ASP C 171 -64.28 43.24 -22.04
N ALA C 172 -63.35 42.63 -21.30
CA ALA C 172 -61.98 43.14 -21.30
C ALA C 172 -61.36 43.04 -22.69
N LEU C 173 -61.63 41.96 -23.41
CA LEU C 173 -61.13 41.84 -24.77
C LEU C 173 -61.75 42.88 -25.70
N ARG C 174 -63.09 43.01 -25.63
CA ARG C 174 -63.80 43.98 -26.47
C ARG C 174 -63.28 45.39 -26.24
N ILE C 175 -63.07 45.77 -24.98
CA ILE C 175 -62.53 47.09 -24.69
C ILE C 175 -61.08 47.18 -25.14
N ALA C 176 -60.34 46.07 -25.08
CA ALA C 176 -58.94 46.09 -25.48
C ALA C 176 -58.79 46.34 -26.98
N VAL C 177 -59.51 45.57 -27.80
CA VAL C 177 -59.43 45.76 -29.25
C VAL C 177 -60.04 47.10 -29.63
N ALA C 178 -61.10 47.53 -28.94
CA ALA C 178 -61.66 48.86 -29.18
C ALA C 178 -60.62 49.93 -28.93
N ALA C 179 -59.93 49.85 -27.79
CA ALA C 179 -58.92 50.83 -27.44
C ALA C 179 -57.76 50.81 -28.43
N LEU C 180 -57.38 49.61 -28.90
CA LEU C 180 -56.28 49.51 -29.86
C LEU C 180 -56.66 50.12 -31.20
N ARG C 181 -57.90 49.88 -31.66
CA ARG C 181 -58.43 50.53 -32.85
C ARG C 181 -58.28 52.05 -32.76
N ALA C 182 -58.59 52.63 -31.60
CA ALA C 182 -58.62 54.08 -31.41
C ALA C 182 -57.29 54.75 -31.72
N GLY C 183 -56.20 53.99 -31.84
CA GLY C 183 -54.93 54.54 -32.25
C GLY C 183 -54.54 54.18 -33.66
N LEU C 195 -59.30 44.48 -37.41
CA LEU C 195 -58.50 43.79 -36.39
C LEU C 195 -59.13 42.46 -36.03
N GLY C 196 -58.62 41.39 -36.63
CA GLY C 196 -59.22 40.08 -36.44
C GLY C 196 -58.26 39.04 -35.88
N VAL C 197 -58.59 37.76 -36.06
CA VAL C 197 -57.80 36.69 -35.47
C VAL C 197 -56.43 36.61 -36.11
N ALA C 198 -56.30 37.00 -37.38
CA ALA C 198 -55.02 36.90 -38.07
C ALA C 198 -54.23 38.20 -38.02
N SER C 199 -54.59 39.10 -37.12
CA SER C 199 -53.79 40.29 -36.87
C SER C 199 -53.56 40.56 -35.39
N LEU C 200 -54.05 39.71 -34.50
CA LEU C 200 -53.89 39.92 -33.06
C LEU C 200 -53.16 38.74 -32.42
N GLU C 201 -52.40 39.07 -31.37
CA GLU C 201 -51.86 38.09 -30.44
C GLU C 201 -52.41 38.41 -29.05
N VAL C 202 -53.16 37.48 -28.46
CA VAL C 202 -53.82 37.69 -27.19
C VAL C 202 -53.48 36.54 -26.25
N ALA C 203 -53.26 36.86 -24.97
CA ALA C 203 -53.00 35.85 -23.96
C ALA C 203 -53.40 36.41 -22.61
N VAL C 204 -53.54 35.53 -21.62
CA VAL C 204 -53.95 35.95 -20.29
C VAL C 204 -53.09 35.26 -19.23
N LEU C 205 -52.85 36.00 -18.15
CA LEU C 205 -52.44 35.41 -16.87
C LEU C 205 -53.73 35.09 -16.12
N ASP C 206 -54.12 33.81 -16.14
CA ASP C 206 -55.39 33.34 -15.59
C ASP C 206 -55.18 32.94 -14.14
N ALA C 207 -55.63 33.81 -13.23
CA ALA C 207 -55.44 33.55 -11.80
C ALA C 207 -56.17 32.32 -11.31
N ASN C 208 -57.01 31.69 -12.14
CA ASN C 208 -57.76 30.53 -11.70
C ASN C 208 -57.10 29.20 -12.09
N ARG C 209 -56.04 29.23 -12.89
CA ARG C 209 -55.32 28.00 -13.18
C ARG C 209 -54.54 27.54 -11.94
N PRO C 210 -54.34 26.23 -11.80
CA PRO C 210 -53.70 25.71 -10.58
C PRO C 210 -52.23 26.10 -10.41
N ARG C 211 -51.43 25.97 -11.46
CA ARG C 211 -50.03 26.36 -11.34
C ARG C 211 -49.65 27.44 -12.36
N ARG C 212 -49.48 27.05 -13.62
CA ARG C 212 -49.03 27.97 -14.65
C ARG C 212 -50.22 28.78 -15.15
N ALA C 213 -50.21 30.09 -14.85
CA ALA C 213 -51.34 30.94 -15.15
C ALA C 213 -51.39 31.40 -16.60
N PHE C 214 -50.27 31.36 -17.32
CA PHE C 214 -50.24 31.91 -18.68
C PHE C 214 -50.97 30.98 -19.63
N ARG C 215 -51.80 31.54 -20.50
CA ARG C 215 -52.46 30.76 -21.53
C ARG C 215 -52.82 31.67 -22.70
N ARG C 216 -52.59 31.18 -23.91
CA ARG C 216 -52.90 31.91 -25.12
C ARG C 216 -54.33 31.62 -25.55
N ILE C 217 -54.93 32.58 -26.23
CA ILE C 217 -56.27 32.45 -26.78
C ILE C 217 -56.10 32.59 -28.29
N THR C 218 -56.30 31.50 -29.03
CA THR C 218 -55.94 31.47 -30.44
C THR C 218 -57.09 30.96 -31.30
N GLY C 219 -57.15 31.51 -32.52
CA GLY C 219 -57.97 30.92 -33.58
C GLY C 219 -59.45 30.97 -33.31
N SER C 220 -60.11 29.82 -33.52
CA SER C 220 -61.56 29.75 -33.41
C SER C 220 -62.03 30.16 -32.02
N ALA C 221 -61.29 29.75 -30.99
CA ALA C 221 -61.60 30.19 -29.63
C ALA C 221 -61.53 31.70 -29.51
N LEU C 222 -60.48 32.31 -30.09
CA LEU C 222 -60.32 33.76 -29.99
C LEU C 222 -61.47 34.51 -30.67
N GLN C 223 -61.72 34.24 -31.96
CA GLN C 223 -62.78 34.99 -32.61
C GLN C 223 -64.13 34.70 -31.97
N ALA C 224 -64.35 33.44 -31.57
CA ALA C 224 -65.53 33.12 -30.79
C ALA C 224 -65.63 33.97 -29.53
N LEU C 225 -64.48 34.36 -28.98
CA LEU C 225 -64.48 35.24 -27.81
C LEU C 225 -64.69 36.70 -28.18
N LEU C 226 -64.35 37.08 -29.41
CA LEU C 226 -64.25 38.48 -29.78
C LEU C 226 -65.59 39.20 -29.78
N VAL C 227 -66.37 39.04 -30.85
CA VAL C 227 -67.62 39.76 -31.02
C VAL C 227 -68.82 38.90 -30.65
N ASP C 228 -68.77 37.61 -30.97
CA ASP C 228 -69.87 36.70 -30.67
C ASP C 228 -69.40 35.25 -30.65
N MET D 1 -12.09 65.57 -19.21
CA MET D 1 -11.03 66.56 -19.33
C MET D 1 -11.22 67.65 -18.31
N GLU D 2 -11.98 68.68 -18.68
CA GLU D 2 -12.37 69.74 -17.76
C GLU D 2 -13.82 70.13 -18.03
N GLN D 3 -14.15 70.28 -19.32
CA GLN D 3 -15.53 70.56 -19.69
C GLN D 3 -16.35 69.28 -19.72
N ALA D 4 -15.71 68.13 -19.97
CA ALA D 4 -16.36 66.85 -19.75
C ALA D 4 -16.89 66.74 -18.33
N MET D 5 -16.10 67.22 -17.35
CA MET D 5 -16.52 67.11 -15.96
C MET D 5 -17.68 68.04 -15.64
N ARG D 6 -17.75 69.20 -16.27
CA ARG D 6 -18.93 70.04 -16.02
C ARG D 6 -20.15 69.53 -16.78
N GLU D 7 -19.94 68.84 -17.91
CA GLU D 7 -21.05 68.17 -18.58
C GLU D 7 -21.61 67.04 -17.72
N ARG D 8 -20.74 66.21 -17.15
CA ARG D 8 -21.20 65.17 -16.24
C ARG D 8 -21.87 65.76 -15.01
N SER D 9 -21.25 66.76 -14.40
CA SER D 9 -21.85 67.37 -13.22
C SER D 9 -23.23 67.94 -13.53
N GLU D 10 -23.40 68.54 -14.70
CA GLU D 10 -24.71 69.10 -15.06
C GLU D 10 -25.72 68.00 -15.36
N LEU D 11 -25.29 66.91 -16.00
CA LEU D 11 -26.20 65.80 -16.24
C LEU D 11 -26.72 65.23 -14.92
N ALA D 12 -25.82 64.98 -13.97
CA ALA D 12 -26.23 64.43 -12.68
C ALA D 12 -27.08 65.42 -11.92
N ARG D 13 -26.67 66.68 -11.89
CA ARG D 13 -27.38 67.72 -11.15
C ARG D 13 -28.79 67.92 -11.69
N LYS D 14 -28.93 68.04 -13.01
CA LYS D 14 -30.27 68.14 -13.59
C LYS D 14 -31.08 66.90 -13.31
N GLY D 15 -30.47 65.72 -13.46
CA GLY D 15 -31.18 64.49 -13.16
C GLY D 15 -31.72 64.45 -11.75
N ILE D 16 -30.93 64.91 -10.78
CA ILE D 16 -31.38 64.91 -9.40
C ILE D 16 -32.47 65.95 -9.19
N ALA D 17 -32.35 67.11 -9.86
CA ALA D 17 -33.35 68.16 -9.69
C ALA D 17 -34.71 67.73 -10.21
N ARG D 18 -34.75 66.90 -11.25
CA ARG D 18 -36.01 66.43 -11.84
C ARG D 18 -36.69 65.34 -11.03
N ALA D 19 -36.11 64.92 -9.92
CA ALA D 19 -36.64 63.81 -9.15
C ALA D 19 -37.30 64.31 -7.87
N LYS D 20 -38.11 63.44 -7.27
CA LYS D 20 -38.85 63.84 -6.08
C LYS D 20 -37.94 63.91 -4.87
N SER D 21 -38.38 64.66 -3.86
CA SER D 21 -37.55 65.00 -2.71
C SER D 21 -37.69 63.98 -1.59
N VAL D 22 -36.67 63.97 -0.73
CA VAL D 22 -36.58 63.05 0.40
C VAL D 22 -35.98 63.81 1.56
N VAL D 23 -36.51 63.58 2.76
CA VAL D 23 -36.01 64.22 3.97
C VAL D 23 -35.71 63.15 5.02
N ALA D 24 -34.62 63.37 5.77
CA ALA D 24 -34.29 62.53 6.91
C ALA D 24 -33.90 63.43 8.06
N LEU D 25 -34.54 63.27 9.22
CA LEU D 25 -34.22 64.14 10.35
C LEU D 25 -34.14 63.33 11.63
N ALA D 26 -33.24 63.76 12.52
CA ALA D 26 -33.09 63.13 13.82
C ALA D 26 -34.16 63.64 14.76
N TYR D 27 -34.83 62.72 15.46
CA TYR D 27 -35.84 63.06 16.47
C TYR D 27 -35.61 62.21 17.71
N ALA D 28 -36.45 62.43 18.73
CA ALA D 28 -36.21 61.84 20.04
C ALA D 28 -36.14 60.31 19.99
N GLY D 29 -36.88 59.69 19.06
CA GLY D 29 -36.87 58.25 18.97
C GLY D 29 -35.87 57.66 18.01
N GLY D 30 -35.06 58.47 17.34
CA GLY D 30 -34.11 57.96 16.36
C GLY D 30 -33.99 58.81 15.11
N VAL D 31 -34.22 58.21 13.94
CA VAL D 31 -34.14 58.91 12.67
C VAL D 31 -35.41 58.66 11.88
N LEU D 32 -35.91 59.70 11.21
CA LEU D 32 -37.12 59.63 10.39
C LEU D 32 -36.76 59.86 8.92
N PHE D 33 -37.21 58.94 8.07
CA PHE D 33 -37.11 59.04 6.61
C PHE D 33 -38.51 59.25 6.04
N VAL D 34 -38.68 60.33 5.28
CA VAL D 34 -39.95 60.64 4.64
C VAL D 34 -39.65 61.01 3.19
N ALA D 35 -40.28 60.31 2.25
CA ALA D 35 -39.96 60.45 0.84
C ALA D 35 -41.22 60.61 0.00
N GLU D 36 -41.16 61.53 -0.96
CA GLU D 36 -42.20 61.65 -1.98
C GLU D 36 -42.15 60.41 -2.87
N ASN D 37 -43.22 59.63 -2.89
CA ASN D 37 -43.20 58.36 -3.61
C ASN D 37 -44.58 57.92 -4.05
N PRO D 38 -44.91 58.03 -5.34
CA PRO D 38 -46.24 57.61 -5.79
C PRO D 38 -46.41 56.11 -5.79
N SER D 39 -45.31 55.35 -5.86
CA SER D 39 -45.39 53.92 -6.04
C SER D 39 -45.95 53.24 -4.80
N ARG D 40 -46.16 51.93 -4.93
CA ARG D 40 -46.60 51.10 -3.81
C ARG D 40 -45.74 49.86 -3.63
N SER D 41 -44.61 49.75 -4.33
CA SER D 41 -43.72 48.61 -4.12
C SER D 41 -42.28 48.96 -4.47
N LEU D 42 -42.06 50.12 -5.06
CA LEU D 42 -40.71 50.57 -5.42
C LEU D 42 -40.27 51.55 -4.35
N GLN D 43 -39.14 51.26 -3.71
CA GLN D 43 -38.76 51.92 -2.46
C GLN D 43 -37.51 52.78 -2.61
N LYS D 44 -37.57 53.97 -2.00
CA LYS D 44 -36.44 54.91 -1.93
C LYS D 44 -35.77 54.90 -0.56
N ILE D 45 -36.38 54.27 0.44
CA ILE D 45 -35.83 54.18 1.79
C ILE D 45 -35.64 52.70 2.10
N SER D 46 -34.50 52.36 2.71
CA SER D 46 -34.17 50.95 2.92
C SER D 46 -33.29 50.77 4.15
N GLU D 47 -33.36 49.57 4.71
CA GLU D 47 -32.43 49.15 5.74
C GLU D 47 -31.10 48.71 5.13
N LEU D 48 -30.00 49.15 5.73
CA LEU D 48 -28.67 48.67 5.39
C LEU D 48 -28.16 47.64 6.39
N TYR D 49 -28.20 47.98 7.67
CA TYR D 49 -27.75 47.07 8.72
C TYR D 49 -28.54 47.36 9.98
N ASP D 50 -28.23 46.62 11.05
CA ASP D 50 -28.98 46.64 12.31
C ASP D 50 -29.45 48.05 12.69
N ARG D 51 -28.51 48.98 12.78
CA ARG D 51 -28.82 50.35 13.19
C ARG D 51 -28.54 51.35 12.08
N VAL D 52 -28.41 50.90 10.84
CA VAL D 52 -28.02 51.78 9.74
C VAL D 52 -29.08 51.72 8.67
N GLY D 53 -29.58 52.89 8.26
CA GLY D 53 -30.59 53.02 7.24
C GLY D 53 -30.10 53.86 6.07
N PHE D 54 -30.86 53.77 4.97
CA PHE D 54 -30.47 54.29 3.67
C PHE D 54 -31.66 55.03 3.05
N ALA D 55 -31.37 56.18 2.43
CA ALA D 55 -32.38 56.94 1.70
C ALA D 55 -31.74 57.52 0.45
N ALA D 56 -32.52 57.64 -0.63
CA ALA D 56 -31.94 58.04 -1.89
C ALA D 56 -32.93 58.85 -2.71
N ALA D 57 -32.39 59.72 -3.56
CA ALA D 57 -33.19 60.46 -4.52
C ALA D 57 -32.54 60.36 -5.89
N GLY D 58 -33.38 60.33 -6.94
CA GLY D 58 -32.90 60.35 -8.31
C GLY D 58 -33.41 59.14 -9.10
N LYS D 59 -32.55 58.64 -9.98
CA LYS D 59 -32.90 57.54 -10.86
C LYS D 59 -32.95 56.23 -10.06
N PHE D 60 -34.07 55.53 -10.16
CA PHE D 60 -34.33 54.40 -9.26
C PHE D 60 -33.27 53.30 -9.44
N ASN D 61 -33.10 52.80 -10.66
CA ASN D 61 -32.21 51.65 -10.87
C ASN D 61 -30.80 51.94 -10.38
N GLU D 62 -30.37 53.19 -10.45
CA GLU D 62 -29.01 53.53 -10.03
C GLU D 62 -28.88 53.57 -8.51
N PHE D 63 -29.78 54.26 -7.80
CA PHE D 63 -29.63 54.24 -6.36
C PHE D 63 -30.03 52.89 -5.77
N ASP D 64 -30.76 52.05 -6.51
CA ASP D 64 -31.01 50.69 -6.05
C ASP D 64 -29.77 49.81 -6.24
N ASN D 65 -29.05 49.97 -7.36
CA ASN D 65 -27.74 49.32 -7.47
C ASN D 65 -26.85 49.72 -6.30
N LEU D 66 -26.74 51.02 -6.02
CA LEU D 66 -25.91 51.48 -4.91
C LEU D 66 -26.42 50.93 -3.59
N ARG D 67 -27.74 50.83 -3.45
CA ARG D 67 -28.33 50.30 -2.22
C ARG D 67 -27.94 48.84 -2.01
N ARG D 68 -28.07 48.02 -3.05
CA ARG D 68 -27.67 46.62 -2.97
C ARG D 68 -26.18 46.50 -2.68
N GLY D 69 -25.36 47.33 -3.31
CA GLY D 69 -23.93 47.29 -3.02
C GLY D 69 -23.63 47.61 -1.57
N GLY D 70 -24.37 48.56 -1.00
CA GLY D 70 -24.20 48.87 0.41
C GLY D 70 -24.62 47.72 1.31
N ILE D 71 -25.74 47.06 0.98
CA ILE D 71 -26.17 45.90 1.76
C ILE D 71 -25.13 44.80 1.69
N GLN D 72 -24.59 44.55 0.50
CA GLN D 72 -23.51 43.57 0.35
C GLN D 72 -22.30 43.95 1.20
N PHE D 73 -21.90 45.22 1.16
CA PHE D 73 -20.75 45.67 1.96
C PHE D 73 -21.01 45.44 3.44
N ALA D 74 -22.17 45.87 3.93
CA ALA D 74 -22.47 45.77 5.35
C ALA D 74 -22.49 44.31 5.79
N ASP D 75 -23.20 43.45 5.04
CA ASP D 75 -23.27 42.05 5.41
C ASP D 75 -21.90 41.39 5.38
N THR D 76 -21.09 41.71 4.37
CA THR D 76 -19.76 41.11 4.27
C THR D 76 -18.87 41.55 5.43
N ARG D 77 -18.87 42.85 5.77
CA ARG D 77 -18.04 43.32 6.86
C ARG D 77 -18.49 42.74 8.20
N GLY D 78 -19.81 42.71 8.44
CA GLY D 78 -20.29 42.10 9.66
C GLY D 78 -19.92 40.65 9.78
N TYR D 79 -19.89 39.93 8.65
CA TYR D 79 -19.45 38.55 8.67
C TYR D 79 -17.94 38.45 8.91
N ALA D 80 -17.15 39.29 8.24
CA ALA D 80 -15.70 39.19 8.33
C ALA D 80 -15.20 39.53 9.72
N TYR D 81 -15.87 40.44 10.42
CA TYR D 81 -15.50 40.74 11.80
C TYR D 81 -16.64 40.50 12.77
N ASP D 82 -17.46 41.51 13.02
CA ASP D 82 -18.60 41.33 13.88
C ASP D 82 -19.65 42.36 13.51
N ARG D 83 -20.90 42.07 13.85
CA ARG D 83 -21.98 42.97 13.49
C ARG D 83 -21.78 44.35 14.11
N ARG D 84 -21.18 44.42 15.30
CA ARG D 84 -20.97 45.70 15.97
C ARG D 84 -19.95 46.56 15.25
N ASP D 85 -19.05 45.95 14.48
CA ASP D 85 -18.03 46.69 13.76
C ASP D 85 -18.56 47.44 12.55
N VAL D 86 -19.80 47.14 12.11
CA VAL D 86 -20.41 47.85 10.99
C VAL D 86 -20.95 49.18 11.50
N THR D 87 -20.52 50.27 10.89
CA THR D 87 -20.91 51.61 11.31
C THR D 87 -21.45 52.38 10.11
N GLY D 88 -22.28 53.39 10.42
CA GLY D 88 -22.78 54.26 9.37
C GLY D 88 -21.67 55.02 8.68
N ARG D 89 -20.67 55.46 9.46
CA ARG D 89 -19.53 56.14 8.87
C ARG D 89 -18.85 55.26 7.82
N GLN D 90 -18.76 53.95 8.09
CA GLN D 90 -18.13 53.05 7.12
C GLN D 90 -18.90 53.07 5.79
N LEU D 91 -20.22 52.88 5.86
CA LEU D 91 -21.01 52.83 4.63
C LEU D 91 -21.03 54.17 3.91
N ALA D 92 -21.11 55.28 4.65
CA ALA D 92 -21.04 56.58 4.00
C ALA D 92 -19.70 56.75 3.29
N ASN D 93 -18.62 56.25 3.91
CA ASN D 93 -17.28 56.36 3.32
C ASN D 93 -17.18 55.53 2.04
N VAL D 94 -17.63 54.28 2.08
CA VAL D 94 -17.57 53.42 0.90
C VAL D 94 -18.48 53.97 -0.20
N TYR D 95 -19.58 54.61 0.17
CA TYR D 95 -20.42 55.29 -0.81
C TYR D 95 -19.72 56.49 -1.42
N ALA D 96 -18.94 57.24 -0.62
CA ALA D 96 -18.16 58.34 -1.17
C ALA D 96 -17.15 57.81 -2.19
N GLN D 97 -16.43 56.77 -1.82
CA GLN D 97 -15.47 56.15 -2.74
C GLN D 97 -16.14 55.68 -4.01
N THR D 98 -17.27 54.98 -3.85
CA THR D 98 -17.94 54.36 -4.99
C THR D 98 -18.49 55.41 -5.94
N LEU D 99 -19.19 56.41 -5.41
CA LEU D 99 -19.75 57.46 -6.25
C LEU D 99 -18.67 58.30 -6.89
N GLY D 100 -17.51 58.44 -6.23
CA GLY D 100 -16.38 59.07 -6.89
C GLY D 100 -15.95 58.28 -8.12
N THR D 101 -15.74 56.96 -7.95
CA THR D 101 -15.33 56.14 -9.09
C THR D 101 -16.37 56.16 -10.19
N ILE D 102 -17.65 56.06 -9.84
CA ILE D 102 -18.71 56.13 -10.85
C ILE D 102 -18.64 57.45 -11.60
N PHE D 103 -18.53 58.55 -10.86
CA PHE D 103 -18.54 59.88 -11.47
C PHE D 103 -17.39 60.04 -12.46
N THR D 104 -16.21 59.52 -12.11
CA THR D 104 -15.06 59.77 -12.98
C THR D 104 -14.88 58.71 -14.08
N GLU D 105 -15.35 57.48 -13.85
CA GLU D 105 -14.94 56.38 -14.69
C GLU D 105 -16.08 55.66 -15.43
N GLN D 106 -17.31 55.78 -14.95
CA GLN D 106 -18.39 55.09 -15.64
C GLN D 106 -18.82 55.88 -16.88
N ALA D 107 -19.54 55.19 -17.77
CA ALA D 107 -19.98 55.81 -19.02
C ALA D 107 -20.86 57.04 -18.74
N LYS D 108 -21.80 56.90 -17.80
CA LYS D 108 -22.65 58.01 -17.39
C LYS D 108 -22.65 58.07 -15.87
N PRO D 109 -22.50 59.25 -15.29
CA PRO D 109 -22.57 59.38 -13.83
C PRO D 109 -23.96 59.01 -13.32
N TYR D 110 -23.99 58.62 -12.05
CA TYR D 110 -25.25 58.25 -11.44
C TYR D 110 -26.02 59.50 -11.06
N GLU D 111 -27.28 59.56 -11.47
CA GLU D 111 -28.17 60.67 -11.11
C GLU D 111 -28.83 60.36 -9.77
N VAL D 112 -28.01 60.36 -8.72
CA VAL D 112 -28.47 59.95 -7.39
C VAL D 112 -27.89 60.86 -6.33
N GLU D 113 -28.61 60.93 -5.21
CA GLU D 113 -28.12 61.56 -3.98
C GLU D 113 -28.49 60.64 -2.82
N LEU D 114 -27.52 60.39 -1.94
CA LEU D 114 -27.64 59.37 -0.91
C LEU D 114 -27.56 59.95 0.49
N CYS D 115 -28.30 59.31 1.41
CA CYS D 115 -28.22 59.59 2.83
C CYS D 115 -28.09 58.27 3.58
N VAL D 116 -27.06 58.18 4.42
CA VAL D 116 -26.87 57.04 5.31
C VAL D 116 -27.03 57.54 6.73
N ALA D 117 -27.90 56.89 7.49
CA ALA D 117 -28.20 57.32 8.84
C ALA D 117 -27.93 56.19 9.83
N GLU D 118 -27.48 56.56 11.02
CA GLU D 118 -27.21 55.57 12.07
C GLU D 118 -27.76 56.08 13.39
N VAL D 119 -28.47 55.20 14.10
CA VAL D 119 -28.91 55.48 15.46
C VAL D 119 -28.07 54.64 16.41
N ALA D 120 -28.17 54.95 17.70
CA ALA D 120 -27.41 54.22 18.70
C ALA D 120 -27.94 52.79 18.84
N HIS D 121 -27.07 51.92 19.34
CA HIS D 121 -27.48 50.57 19.67
C HIS D 121 -28.39 50.59 20.90
N TYR D 122 -29.19 49.53 21.04
CA TYR D 122 -30.17 49.50 22.12
C TYR D 122 -29.53 49.74 23.48
N GLY D 123 -30.12 50.66 24.23
CA GLY D 123 -29.66 50.97 25.57
C GLY D 123 -28.48 51.90 25.66
N GLU D 124 -27.98 52.42 24.54
CA GLU D 124 -26.85 53.33 24.54
C GLU D 124 -27.31 54.76 24.30
N THR D 125 -26.55 55.71 24.84
CA THR D 125 -26.81 57.13 24.63
C THR D 125 -25.80 57.63 23.62
N LYS D 126 -26.28 57.85 22.38
CA LYS D 126 -25.44 58.42 21.33
C LYS D 126 -26.36 59.14 20.35
N ARG D 127 -26.02 60.39 20.03
CA ARG D 127 -26.82 61.14 19.09
C ARG D 127 -26.78 60.49 17.71
N PRO D 128 -27.90 60.44 16.99
CA PRO D 128 -27.90 59.90 15.64
C PRO D 128 -26.92 60.63 14.72
N GLU D 129 -26.49 59.93 13.67
CA GLU D 129 -25.56 60.46 12.68
C GLU D 129 -26.24 60.44 11.32
N LEU D 130 -26.11 61.54 10.59
CA LEU D 130 -26.64 61.65 9.24
C LEU D 130 -25.51 62.00 8.29
N TYR D 131 -25.43 61.27 7.18
CA TYR D 131 -24.41 61.50 6.17
C TYR D 131 -25.07 61.69 4.82
N ARG D 132 -24.57 62.67 4.08
CA ARG D 132 -25.01 62.98 2.73
C ARG D 132 -23.86 62.67 1.78
N ILE D 133 -24.11 61.84 0.78
CA ILE D 133 -23.13 61.54 -0.26
C ILE D 133 -23.75 61.94 -1.59
N THR D 134 -23.14 62.89 -2.29
CA THR D 134 -23.69 63.38 -3.54
C THR D 134 -23.01 62.72 -4.73
N TYR D 135 -23.50 63.04 -5.93
CA TYR D 135 -23.20 62.27 -7.14
C TYR D 135 -21.71 62.22 -7.49
N ASP D 136 -20.90 63.15 -7.00
CA ASP D 136 -19.48 63.16 -7.34
C ASP D 136 -18.62 62.54 -6.26
N GLY D 137 -19.25 61.96 -5.23
CA GLY D 137 -18.56 61.39 -4.11
C GLY D 137 -18.30 62.34 -2.95
N SER D 138 -18.73 63.59 -3.05
CA SER D 138 -18.60 64.50 -1.93
C SER D 138 -19.48 64.05 -0.79
N ILE D 139 -18.95 64.13 0.43
CA ILE D 139 -19.60 63.59 1.61
C ILE D 139 -19.67 64.68 2.67
N ALA D 140 -20.81 64.78 3.35
CA ALA D 140 -21.10 65.82 4.30
C ALA D 140 -21.72 65.20 5.55
N ASP D 141 -21.25 65.65 6.69
CA ASP D 141 -21.71 65.17 7.99
C ASP D 141 -22.71 66.18 8.53
N GLU D 142 -23.98 65.78 8.65
CA GLU D 142 -24.94 66.82 9.00
C GLU D 142 -25.66 66.46 10.30
N PRO D 143 -25.99 67.46 11.14
CA PRO D 143 -26.32 67.16 12.55
C PRO D 143 -27.80 67.00 12.83
N HIS D 144 -28.66 67.64 12.05
CA HIS D 144 -30.08 67.68 12.34
C HIS D 144 -30.92 67.02 11.26
N PHE D 145 -30.71 67.37 9.99
CA PHE D 145 -31.53 66.85 8.92
C PHE D 145 -30.77 66.88 7.60
N VAL D 146 -31.28 66.09 6.65
CA VAL D 146 -30.76 66.01 5.29
C VAL D 146 -31.96 66.07 4.33
N VAL D 147 -31.82 66.88 3.29
CA VAL D 147 -32.83 67.00 2.24
C VAL D 147 -32.15 66.71 0.91
N MET D 148 -32.79 65.87 0.08
CA MET D 148 -32.18 65.43 -1.16
C MET D 148 -33.20 65.39 -2.29
N GLY D 149 -32.77 65.80 -3.47
CA GLY D 149 -33.55 65.66 -4.68
C GLY D 149 -34.48 66.82 -4.94
N GLY D 150 -34.69 67.12 -6.22
CA GLY D 150 -35.58 68.19 -6.63
C GLY D 150 -35.04 69.55 -6.23
N THR D 151 -35.97 70.48 -6.01
CA THR D 151 -35.65 71.83 -5.56
C THR D 151 -35.59 71.79 -4.03
N THR D 152 -34.38 71.72 -3.49
CA THR D 152 -34.18 71.50 -2.07
C THR D 152 -34.23 72.78 -1.24
N GLU D 153 -34.20 73.96 -1.88
CA GLU D 153 -34.08 75.20 -1.12
C GLU D 153 -35.29 75.48 -0.25
N PRO D 154 -36.53 75.48 -0.77
CA PRO D 154 -37.69 75.69 0.12
C PRO D 154 -37.76 74.69 1.25
N ILE D 155 -37.41 73.43 0.97
CA ILE D 155 -37.48 72.39 2.01
C ILE D 155 -36.44 72.65 3.08
N ALA D 156 -35.21 72.97 2.66
CA ALA D 156 -34.15 73.27 3.62
C ALA D 156 -34.53 74.45 4.48
N ASN D 157 -35.04 75.52 3.87
CA ASN D 157 -35.41 76.70 4.65
C ASN D 157 -36.56 76.39 5.60
N ALA D 158 -37.56 75.62 5.13
CA ALA D 158 -38.66 75.23 6.00
C ALA D 158 -38.16 74.45 7.22
N LEU D 159 -37.21 73.53 7.03
CA LEU D 159 -36.71 72.76 8.16
C LEU D 159 -35.86 73.64 9.09
N LYS D 160 -35.00 74.50 8.53
CA LYS D 160 -34.29 75.46 9.38
C LYS D 160 -35.27 76.30 10.19
N GLU D 161 -36.45 76.58 9.62
CA GLU D 161 -37.44 77.41 10.30
C GLU D 161 -38.19 76.66 11.38
N SER D 162 -38.43 75.36 11.20
CA SER D 162 -39.39 74.63 12.02
C SER D 162 -38.81 73.43 12.76
N TYR D 163 -37.48 73.22 12.73
CA TYR D 163 -36.90 72.04 13.35
C TYR D 163 -36.48 72.32 14.79
N ALA D 164 -36.90 71.46 15.69
CA ALA D 164 -36.46 71.44 17.08
C ALA D 164 -35.84 70.09 17.41
N GLU D 165 -34.70 70.11 18.09
CA GLU D 165 -34.06 68.86 18.51
C GLU D 165 -34.99 68.04 19.39
N ASN D 166 -34.77 66.72 19.40
CA ASN D 166 -35.47 65.80 20.31
C ASN D 166 -37.00 65.93 20.19
N ALA D 167 -37.47 66.34 19.02
CA ALA D 167 -38.90 66.38 18.78
C ALA D 167 -39.51 64.98 18.84
N SER D 168 -40.82 64.93 19.07
CA SER D 168 -41.51 63.65 19.04
C SER D 168 -41.67 63.17 17.61
N LEU D 169 -42.14 61.93 17.48
CA LEU D 169 -42.34 61.33 16.16
C LEU D 169 -43.39 62.09 15.36
N THR D 170 -44.53 62.39 15.98
CA THR D 170 -45.60 63.11 15.29
C THR D 170 -45.15 64.50 14.87
N ASP D 171 -44.47 65.22 15.76
CA ASP D 171 -43.99 66.56 15.45
C ASP D 171 -43.02 66.51 14.27
N ALA D 172 -42.08 65.56 14.30
CA ALA D 172 -41.11 65.46 13.22
C ALA D 172 -41.77 65.09 11.90
N LEU D 173 -42.79 64.23 11.93
CA LEU D 173 -43.50 63.88 10.70
C LEU D 173 -44.22 65.09 10.12
N ARG D 174 -44.95 65.83 10.95
CA ARG D 174 -45.66 67.00 10.44
C ARG D 174 -44.69 68.06 9.92
N ILE D 175 -43.60 68.31 10.67
CA ILE D 175 -42.59 69.28 10.23
C ILE D 175 -41.99 68.85 8.90
N ALA D 176 -41.76 67.55 8.74
CA ALA D 176 -41.15 67.03 7.52
C ALA D 176 -42.08 67.19 6.33
N VAL D 177 -43.35 66.79 6.48
CA VAL D 177 -44.29 66.91 5.37
C VAL D 177 -44.51 68.38 5.02
N ALA D 178 -44.50 69.25 6.04
CA ALA D 178 -44.56 70.68 5.76
C ALA D 178 -43.39 71.11 4.88
N ALA D 179 -42.18 70.68 5.26
CA ALA D 179 -41.00 71.02 4.48
C ALA D 179 -41.09 70.47 3.07
N LEU D 180 -41.65 69.27 2.90
CA LEU D 180 -41.79 68.68 1.57
C LEU D 180 -42.76 69.47 0.72
N ARG D 181 -43.86 69.83 1.35
CA ARG D 181 -44.89 70.59 0.71
C ARG D 181 -44.29 71.88 0.19
N ALA D 182 -43.48 72.52 1.00
CA ALA D 182 -42.91 73.81 0.64
C ALA D 182 -42.12 73.76 -0.66
N GLY D 183 -41.82 72.57 -1.19
CA GLY D 183 -40.93 72.43 -2.33
C GLY D 183 -41.53 71.99 -3.64
N SER D 184 -42.86 72.03 -3.78
CA SER D 184 -43.51 71.73 -5.06
C SER D 184 -44.96 72.21 -5.09
N LEU D 195 -49.75 66.66 1.70
CA LEU D 195 -49.31 65.43 1.07
C LEU D 195 -49.98 64.23 1.70
N GLY D 196 -49.94 63.10 1.02
CA GLY D 196 -50.62 61.92 1.47
C GLY D 196 -49.92 60.58 1.54
N VAL D 197 -50.58 59.69 2.26
CA VAL D 197 -50.16 58.33 2.51
C VAL D 197 -50.02 57.52 1.25
N ALA D 198 -50.90 57.75 0.30
CA ALA D 198 -50.70 57.19 -1.01
C ALA D 198 -49.43 57.69 -1.69
N SER D 199 -49.05 58.93 -1.49
CA SER D 199 -47.85 59.45 -2.12
C SER D 199 -46.62 59.63 -1.23
N LEU D 200 -46.59 59.00 -0.07
CA LEU D 200 -45.46 59.07 0.83
C LEU D 200 -44.92 57.69 1.14
N GLU D 201 -43.61 57.62 1.34
CA GLU D 201 -42.93 56.47 1.90
C GLU D 201 -42.26 56.92 3.19
N VAL D 202 -42.64 56.29 4.30
CA VAL D 202 -42.13 56.68 5.62
C VAL D 202 -41.52 55.47 6.31
N ALA D 203 -40.38 55.70 6.95
CA ALA D 203 -39.72 54.67 7.75
C ALA D 203 -38.88 55.35 8.79
N VAL D 204 -38.49 54.60 9.80
CA VAL D 204 -37.67 55.14 10.89
C VAL D 204 -36.58 54.15 11.26
N LEU D 205 -35.45 54.72 11.68
CA LEU D 205 -34.47 54.01 12.48
C LEU D 205 -34.91 54.25 13.92
N ASP D 206 -35.55 53.24 14.50
CA ASP D 206 -36.13 53.33 15.84
C ASP D 206 -35.07 52.90 16.84
N ALA D 207 -34.44 53.87 17.49
CA ALA D 207 -33.35 53.56 18.42
C ALA D 207 -33.81 52.77 19.63
N ASN D 208 -35.11 52.57 19.79
CA ASN D 208 -35.64 51.84 20.93
C ASN D 208 -35.88 50.37 20.61
N ARG D 209 -35.75 49.97 19.36
CA ARG D 209 -35.95 48.56 19.06
C ARG D 209 -34.71 47.76 19.46
N PRO D 210 -34.89 46.49 19.84
CA PRO D 210 -33.78 45.70 20.40
C PRO D 210 -32.63 45.47 19.44
N ARG D 211 -32.91 44.90 18.27
CA ARG D 211 -31.84 44.60 17.31
C ARG D 211 -31.98 45.46 16.05
N ARG D 212 -32.92 45.15 15.16
CA ARG D 212 -33.05 45.80 13.87
C ARG D 212 -33.92 47.04 14.05
N ALA D 213 -33.32 48.23 13.88
CA ALA D 213 -34.00 49.49 14.15
C ALA D 213 -34.89 49.94 13.00
N PHE D 214 -34.66 49.44 11.79
CA PHE D 214 -35.42 49.92 10.63
C PHE D 214 -36.84 49.36 10.68
N ARG D 215 -37.83 50.24 10.66
CA ARG D 215 -39.21 49.80 10.52
C ARG D 215 -39.97 50.80 9.68
N ARG D 216 -40.83 50.29 8.79
CA ARG D 216 -41.65 51.12 7.93
C ARG D 216 -42.92 51.53 8.65
N ILE D 217 -43.46 52.69 8.28
CA ILE D 217 -44.72 53.19 8.81
C ILE D 217 -45.68 53.28 7.64
N THR D 218 -46.70 52.42 7.64
CA THR D 218 -47.55 52.21 6.48
C THR D 218 -49.02 52.34 6.86
N GLY D 219 -49.80 52.87 5.92
CA GLY D 219 -51.25 52.76 5.96
C GLY D 219 -51.87 53.50 7.13
N SER D 220 -52.77 52.79 7.83
CA SER D 220 -53.54 53.38 8.92
C SER D 220 -52.63 53.93 10.01
N ALA D 221 -51.55 53.19 10.31
CA ALA D 221 -50.59 53.66 11.30
C ALA D 221 -50.02 55.02 10.91
N LEU D 222 -49.63 55.16 9.65
CA LEU D 222 -49.08 56.43 9.18
C LEU D 222 -50.14 57.53 9.20
N GLN D 223 -51.35 57.22 8.71
CA GLN D 223 -52.41 58.23 8.69
C GLN D 223 -52.74 58.73 10.08
N ALA D 224 -52.63 57.87 11.10
CA ALA D 224 -52.86 58.30 12.47
C ALA D 224 -51.90 59.43 12.87
N LEU D 225 -50.71 59.44 12.29
CA LEU D 225 -49.70 60.48 12.54
C LEU D 225 -49.93 61.75 11.71
N LEU D 226 -51.19 62.18 11.57
CA LEU D 226 -51.52 63.30 10.68
C LEU D 226 -50.86 64.61 11.11
N MET E 1 -2.23 67.21 -25.85
CA MET E 1 -1.29 66.62 -24.90
C MET E 1 -0.77 67.69 -23.93
N GLU E 2 -0.11 68.74 -24.45
CA GLU E 2 0.27 69.86 -23.60
C GLU E 2 -0.97 70.53 -23.00
N GLN E 3 -2.02 70.70 -23.80
CA GLN E 3 -3.25 71.28 -23.27
C GLN E 3 -3.98 70.30 -22.36
N ALA E 4 -3.90 68.99 -22.64
CA ALA E 4 -4.49 68.01 -21.73
C ALA E 4 -3.85 68.09 -20.36
N MET E 5 -2.52 68.19 -20.30
CA MET E 5 -1.83 68.27 -19.01
C MET E 5 -2.07 69.62 -18.35
N ARG E 6 -2.19 70.68 -19.14
CA ARG E 6 -2.56 71.97 -18.57
C ARG E 6 -3.94 71.91 -17.92
N GLU E 7 -4.88 71.21 -18.59
CA GLU E 7 -6.25 71.13 -18.08
C GLU E 7 -6.32 70.27 -16.82
N ARG E 8 -5.57 69.15 -16.81
CA ARG E 8 -5.50 68.35 -15.59
C ARG E 8 -4.90 69.14 -14.43
N SER E 9 -3.79 69.83 -14.70
CA SER E 9 -3.15 70.63 -13.66
C SER E 9 -4.11 71.70 -13.13
N GLU E 10 -4.87 72.34 -14.01
CA GLU E 10 -5.77 73.38 -13.54
C GLU E 10 -6.95 72.77 -12.80
N LEU E 11 -7.44 71.62 -13.25
CA LEU E 11 -8.54 70.96 -12.54
C LEU E 11 -8.12 70.64 -11.11
N ALA E 12 -6.92 70.07 -10.96
CA ALA E 12 -6.43 69.73 -9.62
C ALA E 12 -6.20 70.98 -8.78
N ARG E 13 -5.57 72.01 -9.37
CA ARG E 13 -5.28 73.23 -8.62
C ARG E 13 -6.55 73.91 -8.13
N LYS E 14 -7.54 74.09 -9.02
CA LYS E 14 -8.80 74.70 -8.59
C LYS E 14 -9.50 73.85 -7.55
N GLY E 15 -9.53 72.53 -7.75
CA GLY E 15 -10.15 71.67 -6.75
C GLY E 15 -9.53 71.83 -5.38
N ILE E 16 -8.19 71.91 -5.31
CA ILE E 16 -7.54 72.07 -4.02
C ILE E 16 -7.78 73.47 -3.46
N ALA E 17 -7.81 74.49 -4.33
CA ALA E 17 -8.04 75.85 -3.86
C ALA E 17 -9.44 76.02 -3.30
N ARG E 18 -10.40 75.20 -3.75
CA ARG E 18 -11.75 75.25 -3.20
C ARG E 18 -11.87 74.61 -1.82
N ALA E 19 -10.88 73.84 -1.38
CA ALA E 19 -10.97 73.07 -0.15
C ALA E 19 -10.40 73.85 1.02
N LYS E 20 -10.80 73.41 2.22
CA LYS E 20 -10.35 74.04 3.45
C LYS E 20 -8.87 73.73 3.71
N SER E 21 -8.23 74.59 4.50
CA SER E 21 -6.79 74.56 4.64
C SER E 21 -6.33 73.66 5.80
N VAL E 22 -5.07 73.23 5.73
CA VAL E 22 -4.46 72.34 6.71
C VAL E 22 -3.02 72.80 6.93
N VAL E 23 -2.59 72.79 8.19
CA VAL E 23 -1.23 73.17 8.56
C VAL E 23 -0.61 72.06 9.42
N ALA E 24 0.70 71.86 9.22
CA ALA E 24 1.52 70.94 10.01
C ALA E 24 2.76 71.68 10.45
N LEU E 25 3.08 71.61 11.75
CA LEU E 25 4.14 72.40 12.35
C LEU E 25 5.06 71.51 13.16
N ALA E 26 6.35 71.79 13.13
CA ALA E 26 7.29 71.13 14.02
C ALA E 26 7.28 71.90 15.34
N TYR E 27 7.13 71.18 16.47
CA TYR E 27 7.19 71.84 17.77
C TYR E 27 8.08 71.01 18.70
N ALA E 28 8.31 71.52 19.91
CA ALA E 28 9.32 70.94 20.79
C ALA E 28 9.05 69.48 21.12
N GLY E 29 7.78 69.09 21.18
CA GLY E 29 7.36 67.74 21.47
C GLY E 29 7.10 66.86 20.26
N GLY E 30 7.32 67.35 19.04
CA GLY E 30 7.07 66.54 17.85
C GLY E 30 6.47 67.29 16.67
N VAL E 31 5.32 66.83 16.17
CA VAL E 31 4.66 67.49 15.05
C VAL E 31 3.19 67.72 15.40
N LEU E 32 2.67 68.88 14.99
CA LEU E 32 1.28 69.27 15.24
C LEU E 32 0.54 69.38 13.92
N PHE E 33 -0.61 68.72 13.85
CA PHE E 33 -1.52 68.78 12.71
C PHE E 33 -2.77 69.54 13.13
N VAL E 34 -3.10 70.58 12.37
CA VAL E 34 -4.30 71.37 12.62
C VAL E 34 -5.02 71.57 11.28
N ALA E 35 -6.29 71.21 11.24
CA ALA E 35 -7.07 71.24 10.01
C ALA E 35 -8.42 71.90 10.26
N GLU E 36 -8.83 72.77 9.34
CA GLU E 36 -10.18 73.31 9.37
C GLU E 36 -11.15 72.18 9.02
N ASN E 37 -11.99 71.79 9.97
CA ASN E 37 -12.85 70.65 9.73
C ASN E 37 -14.09 70.69 10.60
N PRO E 38 -15.26 71.03 10.04
CA PRO E 38 -16.48 71.03 10.86
C PRO E 38 -16.98 69.64 11.18
N SER E 39 -16.57 68.63 10.41
CA SER E 39 -17.14 67.30 10.58
C SER E 39 -16.74 66.69 11.91
N ARG E 40 -17.59 65.80 12.41
CA ARG E 40 -17.39 65.16 13.70
C ARG E 40 -16.72 63.80 13.59
N SER E 41 -16.81 63.13 12.44
CA SER E 41 -16.26 61.78 12.30
C SER E 41 -15.49 61.56 11.01
N LEU E 42 -15.48 62.51 10.07
CA LEU E 42 -14.74 62.39 8.83
C LEU E 42 -13.43 63.16 8.98
N GLN E 43 -12.30 62.48 8.80
CA GLN E 43 -11.00 62.99 9.22
C GLN E 43 -10.07 63.30 8.06
N LYS E 44 -9.34 64.41 8.18
CA LYS E 44 -8.29 64.80 7.24
C LYS E 44 -6.90 64.45 7.74
N ILE E 45 -6.75 64.11 9.01
CA ILE E 45 -5.47 63.79 9.61
C ILE E 45 -5.53 62.37 10.12
N SER E 46 -4.45 61.61 9.91
CA SER E 46 -4.49 60.21 10.28
C SER E 46 -3.10 59.72 10.62
N GLU E 47 -3.07 58.65 11.41
CA GLU E 47 -1.84 57.93 11.68
C GLU E 47 -1.47 57.05 10.49
N LEU E 48 -0.19 57.07 10.11
CA LEU E 48 0.32 56.12 9.13
C LEU E 48 1.09 54.98 9.77
N TYR E 49 2.08 55.28 10.61
CA TYR E 49 2.85 54.24 11.27
C TYR E 49 3.32 54.78 12.62
N ASP E 50 4.08 53.95 13.35
CA ASP E 50 4.51 54.24 14.71
C ASP E 50 4.87 55.71 14.91
N ARG E 51 5.79 56.22 14.09
CA ARG E 51 6.24 57.60 14.21
C ARG E 51 5.90 58.46 13.00
N VAL E 52 4.95 58.01 12.16
CA VAL E 52 4.66 58.68 10.90
C VAL E 52 3.19 59.07 10.86
N GLY E 53 2.92 60.35 10.60
CA GLY E 53 1.58 60.88 10.51
C GLY E 53 1.28 61.46 9.14
N PHE E 54 -0.01 61.66 8.88
CA PHE E 54 -0.55 61.97 7.57
C PHE E 54 -1.57 63.09 7.67
N ALA E 55 -1.51 64.03 6.74
CA ALA E 55 -2.52 65.07 6.66
C ALA E 55 -2.78 65.38 5.20
N ALA E 56 -4.02 65.74 4.88
CA ALA E 56 -4.36 65.94 3.48
C ALA E 56 -5.42 67.02 3.34
N ALA E 57 -5.39 67.69 2.19
CA ALA E 57 -6.42 68.67 1.84
C ALA E 57 -6.95 68.37 0.44
N GLY E 58 -8.23 68.65 0.23
CA GLY E 58 -8.86 68.50 -1.06
C GLY E 58 -10.09 67.60 -0.98
N LYS E 59 -10.29 66.82 -2.04
CA LYS E 59 -11.47 65.97 -2.15
C LYS E 59 -11.34 64.75 -1.24
N PHE E 60 -12.34 64.54 -0.37
CA PHE E 60 -12.19 63.58 0.72
C PHE E 60 -11.93 62.16 0.20
N ASN E 61 -12.81 61.65 -0.65
CA ASN E 61 -12.68 60.27 -1.08
C ASN E 61 -11.32 60.01 -1.71
N GLU E 62 -10.73 61.01 -2.36
CA GLU E 62 -9.47 60.81 -3.04
C GLU E 62 -8.29 60.73 -2.07
N PHE E 63 -8.18 61.70 -1.15
CA PHE E 63 -7.08 61.60 -0.20
C PHE E 63 -7.33 60.52 0.84
N ASP E 64 -8.57 60.06 1.00
CA ASP E 64 -8.82 58.91 1.86
C ASP E 64 -8.39 57.62 1.18
N ASN E 65 -8.63 57.49 -0.13
CA ASN E 65 -8.03 56.40 -0.89
C ASN E 65 -6.52 56.38 -0.71
N LEU E 66 -5.87 57.54 -0.90
CA LEU E 66 -4.43 57.58 -0.75
C LEU E 66 -4.01 57.26 0.68
N ARG E 67 -4.80 57.69 1.66
CA ARG E 67 -4.47 57.42 3.05
C ARG E 67 -4.48 55.92 3.33
N ARG E 68 -5.56 55.24 2.92
CA ARG E 68 -5.64 53.80 3.12
C ARG E 68 -4.52 53.08 2.39
N GLY E 69 -4.23 53.50 1.16
CA GLY E 69 -3.13 52.88 0.44
C GLY E 69 -1.79 53.05 1.13
N GLY E 70 -1.56 54.24 1.69
CA GLY E 70 -0.32 54.47 2.41
C GLY E 70 -0.23 53.61 3.66
N ILE E 71 -1.34 53.47 4.38
CA ILE E 71 -1.37 52.59 5.56
C ILE E 71 -1.05 51.16 5.15
N GLN E 72 -1.67 50.67 4.09
CA GLN E 72 -1.36 49.33 3.60
C GLN E 72 0.12 49.20 3.27
N PHE E 73 0.69 50.23 2.64
CA PHE E 73 2.11 50.18 2.31
C PHE E 73 2.97 50.06 3.56
N ALA E 74 2.72 50.92 4.55
CA ALA E 74 3.54 50.90 5.76
C ALA E 74 3.42 49.58 6.50
N ASP E 75 2.18 49.13 6.76
CA ASP E 75 1.99 47.89 7.50
C ASP E 75 2.64 46.72 6.77
N THR E 76 2.48 46.66 5.45
CA THR E 76 3.11 45.58 4.68
C THR E 76 4.63 45.66 4.79
N ARG E 77 5.18 46.86 4.69
CA ARG E 77 6.64 47.03 4.75
C ARG E 77 7.18 46.59 6.11
N GLY E 78 6.52 47.02 7.18
CA GLY E 78 6.94 46.60 8.50
C GLY E 78 6.85 45.11 8.70
N TYR E 79 5.85 44.48 8.07
CA TYR E 79 5.74 43.03 8.17
C TYR E 79 6.85 42.33 7.39
N ALA E 80 7.16 42.82 6.18
CA ALA E 80 8.17 42.16 5.35
C ALA E 80 9.55 42.25 5.95
N TYR E 81 9.87 43.36 6.64
CA TYR E 81 11.17 43.49 7.28
C TYR E 81 11.03 43.73 8.77
N ASP E 82 10.96 44.99 9.17
CA ASP E 82 10.79 45.33 10.57
C ASP E 82 10.13 46.69 10.67
N ARG E 83 9.51 46.92 11.82
CA ARG E 83 8.81 48.17 12.05
C ARG E 83 9.75 49.37 12.01
N ARG E 84 10.99 49.21 12.48
CA ARG E 84 11.92 50.35 12.51
C ARG E 84 12.40 50.74 11.12
N ASP E 85 12.19 49.89 10.11
CA ASP E 85 12.63 50.18 8.76
C ASP E 85 11.67 51.08 8.00
N VAL E 86 10.45 51.27 8.50
CA VAL E 86 9.48 52.15 7.89
C VAL E 86 9.81 53.59 8.25
N THR E 87 9.99 54.43 7.25
CA THR E 87 10.36 55.81 7.47
C THR E 87 9.35 56.70 6.76
N GLY E 88 9.21 57.93 7.26
CA GLY E 88 8.33 58.87 6.60
C GLY E 88 8.79 59.22 5.20
N ARG E 89 10.10 59.20 4.97
CA ARG E 89 10.61 59.45 3.63
C ARG E 89 10.14 58.38 2.66
N GLN E 90 10.08 57.12 3.12
CA GLN E 90 9.55 56.06 2.24
C GLN E 90 8.12 56.35 1.83
N LEU E 91 7.25 56.65 2.79
CA LEU E 91 5.85 56.91 2.50
C LEU E 91 5.70 58.13 1.59
N ALA E 92 6.50 59.17 1.84
CA ALA E 92 6.48 60.33 0.95
C ALA E 92 6.87 59.93 -0.47
N ASN E 93 7.85 59.03 -0.59
CA ASN E 93 8.31 58.60 -1.90
C ASN E 93 7.20 57.82 -2.62
N VAL E 94 6.54 56.90 -1.91
CA VAL E 94 5.45 56.15 -2.53
C VAL E 94 4.30 57.06 -2.92
N TYR E 95 4.03 58.10 -2.11
CA TYR E 95 2.99 59.06 -2.48
C TYR E 95 3.38 59.87 -3.70
N ALA E 96 4.66 60.24 -3.82
CA ALA E 96 5.11 60.94 -5.02
C ALA E 96 4.90 60.07 -6.26
N GLN E 97 5.34 58.82 -6.19
CA GLN E 97 5.16 57.89 -7.31
C GLN E 97 3.68 57.71 -7.65
N THR E 98 2.87 57.48 -6.62
CA THR E 98 1.46 57.17 -6.81
C THR E 98 0.71 58.36 -7.38
N LEU E 99 0.93 59.55 -6.83
CA LEU E 99 0.25 60.72 -7.36
C LEU E 99 0.76 61.07 -8.75
N GLY E 100 2.01 60.74 -9.07
CA GLY E 100 2.46 60.87 -10.45
C GLY E 100 1.64 60.01 -11.40
N THR E 101 1.50 58.72 -11.05
CA THR E 101 0.70 57.83 -11.89
C THR E 101 -0.75 58.29 -11.98
N ILE E 102 -1.34 58.69 -10.84
CA ILE E 102 -2.72 59.16 -10.84
C ILE E 102 -2.87 60.38 -11.73
N PHE E 103 -1.97 61.35 -11.58
CA PHE E 103 -2.05 62.58 -12.36
C PHE E 103 -1.97 62.30 -13.85
N THR E 104 -1.14 61.34 -14.24
CA THR E 104 -0.90 61.11 -15.66
C THR E 104 -1.86 60.12 -16.30
N GLU E 105 -2.40 59.17 -15.54
CA GLU E 105 -3.06 58.01 -16.13
C GLU E 105 -4.51 57.81 -15.74
N GLN E 106 -4.96 58.38 -14.64
CA GLN E 106 -6.35 58.16 -14.25
C GLN E 106 -7.30 59.05 -15.05
N ALA E 107 -8.59 58.69 -14.98
CA ALA E 107 -9.61 59.43 -15.73
C ALA E 107 -9.62 60.90 -15.34
N LYS E 108 -9.54 61.19 -14.04
CA LYS E 108 -9.45 62.54 -13.52
C LYS E 108 -8.33 62.59 -12.49
N PRO E 109 -7.46 63.60 -12.54
CA PRO E 109 -6.43 63.71 -11.52
C PRO E 109 -7.04 63.93 -10.15
N TYR E 110 -6.31 63.52 -9.12
CA TYR E 110 -6.77 63.66 -7.74
C TYR E 110 -6.59 65.09 -7.28
N GLU E 111 -7.66 65.68 -6.75
CA GLU E 111 -7.63 67.04 -6.22
C GLU E 111 -7.21 66.98 -4.74
N VAL E 112 -5.94 66.64 -4.53
CA VAL E 112 -5.41 66.42 -3.19
C VAL E 112 -4.02 67.02 -3.04
N GLU E 113 -3.70 67.36 -1.80
CA GLU E 113 -2.35 67.70 -1.37
C GLU E 113 -2.07 66.98 -0.08
N LEU E 114 -0.90 66.33 0.00
CA LEU E 114 -0.58 65.46 1.11
C LEU E 114 0.65 65.97 1.86
N CYS E 115 0.66 65.69 3.15
CA CYS E 115 1.79 65.94 4.03
C CYS E 115 2.06 64.68 4.82
N VAL E 116 3.29 64.20 4.75
CA VAL E 116 3.74 63.07 5.55
C VAL E 116 4.77 63.61 6.54
N ALA E 117 4.58 63.30 7.82
CA ALA E 117 5.43 63.82 8.89
C ALA E 117 6.04 62.67 9.68
N GLU E 118 7.27 62.87 10.16
CA GLU E 118 7.91 61.85 10.99
C GLU E 118 8.63 62.49 12.16
N VAL E 119 8.40 61.94 13.36
CA VAL E 119 9.13 62.34 14.55
C VAL E 119 10.11 61.24 14.91
N ALA E 120 11.03 61.55 15.82
CA ALA E 120 12.05 60.61 16.23
C ALA E 120 11.43 59.47 17.05
N HIS E 121 12.13 58.35 17.08
CA HIS E 121 11.74 57.25 17.96
C HIS E 121 12.03 57.59 19.42
N TYR E 122 11.34 56.90 20.32
CA TYR E 122 11.40 57.24 21.75
C TYR E 122 12.84 57.28 22.25
N GLY E 123 13.16 58.36 22.96
CA GLY E 123 14.48 58.56 23.53
C GLY E 123 15.51 59.10 22.58
N GLU E 124 15.30 58.99 21.27
CA GLU E 124 16.25 59.46 20.28
C GLU E 124 16.06 60.95 20.01
N THR E 125 17.16 61.63 19.68
CA THR E 125 17.15 63.03 19.29
C THR E 125 17.33 63.10 17.78
N LYS E 126 16.25 63.44 17.07
CA LYS E 126 16.28 63.60 15.63
C LYS E 126 15.23 64.63 15.23
N ARG E 127 15.62 65.55 14.36
CA ARG E 127 14.73 66.64 13.99
C ARG E 127 13.50 66.08 13.27
N PRO E 128 12.30 66.57 13.59
CA PRO E 128 11.12 66.17 12.82
C PRO E 128 11.32 66.46 11.34
N GLU E 129 10.62 65.68 10.51
CA GLU E 129 10.71 65.83 9.07
C GLU E 129 9.30 66.08 8.52
N LEU E 130 9.18 67.06 7.62
CA LEU E 130 7.90 67.33 6.98
C LEU E 130 8.06 67.17 5.48
N TYR E 131 7.10 66.48 4.85
CA TYR E 131 7.11 66.28 3.40
C TYR E 131 5.78 66.71 2.82
N ARG E 132 5.87 67.43 1.69
CA ARG E 132 4.71 67.88 0.92
C ARG E 132 4.70 67.13 -0.41
N ILE E 133 3.59 66.48 -0.72
CA ILE E 133 3.40 65.79 -1.99
C ILE E 133 2.20 66.44 -2.66
N THR E 134 2.41 66.99 -3.85
CA THR E 134 1.40 67.73 -4.58
C THR E 134 0.72 66.83 -5.63
N TYR E 135 -0.31 67.37 -6.28
CA TYR E 135 -1.20 66.53 -7.10
C TYR E 135 -0.48 65.87 -8.27
N ASP E 136 0.65 66.39 -8.72
CA ASP E 136 1.37 65.82 -9.86
C ASP E 136 2.50 64.91 -9.42
N GLY E 137 2.63 64.64 -8.13
CA GLY E 137 3.70 63.82 -7.59
C GLY E 137 4.93 64.57 -7.17
N SER E 138 4.96 65.90 -7.30
CA SER E 138 6.10 66.67 -6.83
C SER E 138 6.22 66.56 -5.31
N ILE E 139 7.46 66.45 -4.83
CA ILE E 139 7.73 66.21 -3.42
C ILE E 139 8.70 67.26 -2.91
N ALA E 140 8.44 67.76 -1.70
CA ALA E 140 9.20 68.84 -1.11
C ALA E 140 9.54 68.47 0.33
N ASP E 141 10.79 68.69 0.70
CA ASP E 141 11.33 68.38 2.01
C ASP E 141 11.37 69.68 2.81
N GLU E 142 10.52 69.78 3.84
CA GLU E 142 10.35 71.05 4.53
C GLU E 142 10.58 70.89 6.04
N PRO E 143 11.21 71.91 6.66
CA PRO E 143 11.80 71.73 7.99
C PRO E 143 10.95 72.28 9.14
N HIS E 144 10.08 73.25 8.86
CA HIS E 144 9.34 73.94 9.91
C HIS E 144 7.83 73.70 9.82
N PHE E 145 7.22 73.93 8.67
CA PHE E 145 5.77 73.79 8.56
C PHE E 145 5.36 73.55 7.12
N VAL E 146 4.13 73.04 6.95
CA VAL E 146 3.52 72.77 5.65
C VAL E 146 2.10 73.32 5.69
N VAL E 147 1.71 74.02 4.62
CA VAL E 147 0.37 74.56 4.45
C VAL E 147 -0.20 74.00 3.16
N MET E 148 -1.44 73.52 3.21
CA MET E 148 -2.08 72.90 2.06
C MET E 148 -3.55 73.31 1.97
N GLY E 149 -4.01 73.54 0.75
CA GLY E 149 -5.43 73.73 0.50
C GLY E 149 -5.89 75.16 0.67
N GLY E 150 -6.86 75.55 -0.16
CA GLY E 150 -7.40 76.89 -0.09
C GLY E 150 -6.41 77.94 -0.50
N THR E 151 -6.56 79.14 0.08
CA THR E 151 -5.66 80.26 -0.15
C THR E 151 -4.48 80.10 0.81
N THR E 152 -3.36 79.58 0.31
CA THR E 152 -2.26 79.20 1.18
C THR E 152 -1.34 80.37 1.51
N GLU E 153 -1.29 81.40 0.65
CA GLU E 153 -0.34 82.49 0.85
C GLU E 153 -0.52 83.21 2.18
N PRO E 154 -1.72 83.64 2.57
CA PRO E 154 -1.84 84.34 3.87
C PRO E 154 -1.43 83.48 5.06
N ILE E 155 -1.75 82.19 5.03
CA ILE E 155 -1.42 81.29 6.13
C ILE E 155 0.08 81.07 6.20
N ALA E 156 0.71 80.83 5.04
CA ALA E 156 2.16 80.68 4.99
C ALA E 156 2.87 81.92 5.50
N ASN E 157 2.39 83.10 5.10
CA ASN E 157 3.00 84.34 5.59
C ASN E 157 2.80 84.51 7.08
N ALA E 158 1.58 84.21 7.58
CA ALA E 158 1.32 84.29 9.02
C ALA E 158 2.26 83.40 9.81
N LEU E 159 2.51 82.18 9.32
CA LEU E 159 3.44 81.29 10.02
C LEU E 159 4.88 81.81 9.89
N LYS E 160 5.27 82.21 8.68
CA LYS E 160 6.58 82.81 8.46
C LYS E 160 6.82 84.02 9.35
N GLU E 161 5.76 84.67 9.84
CA GLU E 161 5.90 85.79 10.75
C GLU E 161 5.85 85.40 12.22
N SER E 162 5.09 84.37 12.58
CA SER E 162 4.85 84.05 13.99
C SER E 162 5.42 82.71 14.43
N TYR E 163 6.18 82.01 13.59
CA TYR E 163 6.70 80.69 13.94
C TYR E 163 8.10 80.77 14.53
N ALA E 164 8.27 80.11 15.68
CA ALA E 164 9.58 79.91 16.30
C ALA E 164 9.82 78.42 16.53
N GLU E 165 11.03 77.96 16.21
CA GLU E 165 11.41 76.59 16.48
C GLU E 165 11.37 76.27 17.98
N ASN E 166 10.72 75.16 18.31
CA ASN E 166 10.74 74.57 19.64
C ASN E 166 9.68 75.23 20.51
N ALA E 167 8.63 75.73 19.86
CA ALA E 167 7.50 76.29 20.59
C ALA E 167 6.84 75.20 21.43
N SER E 168 6.07 75.64 22.42
CA SER E 168 5.31 74.71 23.21
C SER E 168 4.11 74.21 22.41
N LEU E 169 3.41 73.23 22.98
CA LEU E 169 2.23 72.69 22.31
C LEU E 169 1.16 73.77 22.18
N THR E 170 0.90 74.51 23.27
CA THR E 170 -0.09 75.57 23.23
C THR E 170 0.32 76.68 22.27
N ASP E 171 1.60 77.08 22.31
CA ASP E 171 2.08 78.14 21.43
C ASP E 171 1.91 77.73 19.97
N ALA E 172 2.30 76.50 19.63
CA ALA E 172 2.15 76.03 18.26
C ALA E 172 0.68 75.97 17.87
N LEU E 173 -0.19 75.59 18.80
CA LEU E 173 -1.61 75.50 18.50
C LEU E 173 -2.21 76.87 18.16
N ARG E 174 -1.99 77.88 19.02
CA ARG E 174 -2.58 79.18 18.68
C ARG E 174 -1.85 79.88 17.54
N ILE E 175 -0.56 79.61 17.34
CA ILE E 175 0.10 80.09 16.12
C ILE E 175 -0.59 79.49 14.89
N ALA E 176 -0.96 78.22 14.98
CA ALA E 176 -1.57 77.53 13.84
C ALA E 176 -2.99 78.04 13.58
N VAL E 177 -3.82 78.11 14.60
CA VAL E 177 -5.19 78.60 14.40
C VAL E 177 -5.18 80.06 13.98
N ALA E 178 -4.25 80.85 14.52
CA ALA E 178 -4.09 82.22 14.08
C ALA E 178 -3.76 82.27 12.58
N ALA E 179 -2.80 81.45 12.15
CA ALA E 179 -2.43 81.43 10.73
C ALA E 179 -3.58 80.98 9.86
N LEU E 180 -4.37 80.00 10.32
CA LEU E 180 -5.49 79.51 9.52
C LEU E 180 -6.58 80.57 9.37
N ARG E 181 -6.95 81.23 10.47
CA ARG E 181 -8.00 82.24 10.39
C ARG E 181 -7.67 83.35 9.39
N ALA E 182 -6.38 83.56 9.10
CA ALA E 182 -6.00 84.40 7.97
C ALA E 182 -6.33 83.75 6.61
N GLY E 183 -7.12 82.67 6.57
CA GLY E 183 -7.46 82.00 5.33
C GLY E 183 -8.78 82.47 4.76
N SER E 184 -9.87 82.14 5.43
CA SER E 184 -11.20 82.56 4.98
C SER E 184 -11.59 83.92 5.55
N THR E 194 -13.90 82.94 14.88
CA THR E 194 -14.85 81.98 14.33
C THR E 194 -14.37 80.54 14.51
N LEU E 195 -13.06 80.32 14.43
CA LEU E 195 -12.49 78.99 14.55
C LEU E 195 -12.42 78.56 16.01
N GLY E 196 -12.97 77.38 16.30
CA GLY E 196 -12.98 76.87 17.66
C GLY E 196 -12.91 75.36 17.70
N VAL E 197 -13.37 74.76 18.81
CA VAL E 197 -13.26 73.32 18.99
C VAL E 197 -14.09 72.57 17.96
N ALA E 198 -15.34 73.00 17.76
CA ALA E 198 -16.23 72.34 16.82
C ALA E 198 -15.99 72.74 15.37
N SER E 199 -14.82 73.32 15.07
CA SER E 199 -14.44 73.62 13.71
C SER E 199 -13.02 73.16 13.39
N LEU E 200 -12.34 72.52 14.33
CA LEU E 200 -10.96 72.09 14.12
C LEU E 200 -10.81 70.59 14.29
N GLU E 201 -9.83 70.05 13.57
CA GLU E 201 -9.31 68.71 13.81
C GLU E 201 -7.84 68.85 14.17
N VAL E 202 -7.47 68.38 15.36
CA VAL E 202 -6.12 68.55 15.88
C VAL E 202 -5.55 67.20 16.27
N ALA E 203 -4.28 66.99 15.95
CA ALA E 203 -3.57 65.77 16.34
C ALA E 203 -2.09 66.08 16.42
N VAL E 204 -1.34 65.21 17.08
CA VAL E 204 0.09 65.39 17.28
C VAL E 204 0.81 64.07 17.05
N LEU E 205 2.00 64.16 16.46
CA LEU E 205 3.01 63.12 16.54
C LEU E 205 3.88 63.47 17.74
N ASP E 206 3.62 62.78 18.86
CA ASP E 206 4.25 63.09 20.15
C ASP E 206 5.51 62.24 20.29
N ALA E 207 6.67 62.85 20.05
CA ALA E 207 7.95 62.17 20.11
C ALA E 207 8.31 61.69 21.51
N ASN E 208 7.52 62.03 22.52
CA ASN E 208 7.81 61.61 23.89
C ASN E 208 7.08 60.33 24.25
N ARG E 209 6.27 59.79 23.33
CA ARG E 209 5.47 58.61 23.52
C ARG E 209 6.26 57.34 23.23
N PRO E 210 5.93 56.24 23.93
CA PRO E 210 6.77 55.04 23.83
C PRO E 210 6.83 54.44 22.42
N ARG E 211 5.69 54.20 21.78
CA ARG E 211 5.72 53.59 20.46
C ARG E 211 4.86 54.31 19.43
N ARG E 212 3.55 54.35 19.61
CA ARG E 212 2.66 55.00 18.66
C ARG E 212 2.57 56.49 19.02
N ALA E 213 3.17 57.34 18.20
CA ALA E 213 3.28 58.77 18.52
C ALA E 213 2.02 59.55 18.19
N PHE E 214 1.14 59.01 17.35
CA PHE E 214 -0.03 59.73 16.90
C PHE E 214 -1.09 59.80 18.01
N ARG E 215 -1.56 61.01 18.30
CA ARG E 215 -2.57 61.28 19.31
C ARG E 215 -3.54 62.32 18.78
N ARG E 216 -4.82 62.19 19.09
CA ARG E 216 -5.77 63.25 18.79
C ARG E 216 -6.01 64.10 20.03
N ILE E 217 -6.33 65.36 19.80
CA ILE E 217 -6.65 66.31 20.85
C ILE E 217 -8.08 66.76 20.61
N THR E 218 -9.00 66.30 21.46
CA THR E 218 -10.43 66.43 21.24
C THR E 218 -11.11 67.00 22.48
N GLY E 219 -12.16 67.78 22.25
CA GLY E 219 -13.08 68.10 23.32
C GLY E 219 -12.44 68.93 24.41
N SER E 220 -12.61 68.50 25.66
CA SER E 220 -12.19 69.28 26.82
C SER E 220 -10.70 69.57 26.77
N ALA E 221 -9.89 68.59 26.37
CA ALA E 221 -8.45 68.80 26.25
C ALA E 221 -8.12 69.89 25.24
N LEU E 222 -8.73 69.81 24.05
CA LEU E 222 -8.45 70.80 23.02
C LEU E 222 -8.91 72.19 23.43
N GLN E 223 -10.14 72.30 23.93
CA GLN E 223 -10.65 73.57 24.44
C GLN E 223 -9.72 74.13 25.52
N ALA E 224 -9.17 73.25 26.36
CA ALA E 224 -8.22 73.68 27.38
C ALA E 224 -6.91 74.15 26.77
N LEU E 225 -6.52 73.60 25.62
CA LEU E 225 -5.31 74.06 24.95
C LEU E 225 -5.52 75.32 24.14
N LEU E 226 -6.76 75.67 23.82
CA LEU E 226 -6.99 76.92 23.09
C LEU E 226 -6.83 78.12 24.01
N VAL E 227 -7.55 78.13 25.14
CA VAL E 227 -7.45 79.20 26.11
C VAL E 227 -6.12 79.15 26.84
N MET F 1 0.97 62.76 -35.39
CA MET F 1 2.28 62.11 -35.37
C MET F 1 3.41 63.14 -35.38
N GLU F 2 3.51 63.89 -36.48
CA GLU F 2 4.40 65.05 -36.51
C GLU F 2 4.14 65.98 -35.34
N GLN F 3 2.86 66.17 -35.00
CA GLN F 3 2.48 67.01 -33.87
C GLN F 3 2.85 66.35 -32.55
N ALA F 4 2.36 65.12 -32.34
CA ALA F 4 2.46 64.47 -31.04
C ALA F 4 3.90 64.38 -30.55
N MET F 5 4.83 64.03 -31.44
CA MET F 5 6.21 63.80 -31.01
C MET F 5 6.94 65.10 -30.66
N ARG F 6 6.66 66.20 -31.37
CA ARG F 6 7.30 67.44 -30.97
C ARG F 6 6.61 68.07 -29.77
N GLU F 7 5.33 67.75 -29.55
CA GLU F 7 4.65 68.19 -28.34
C GLU F 7 5.21 67.48 -27.12
N ARG F 8 5.37 66.16 -27.22
CA ARG F 8 5.98 65.39 -26.14
C ARG F 8 7.42 65.81 -25.91
N SER F 9 8.18 65.95 -26.99
CA SER F 9 9.57 66.41 -26.88
C SER F 9 9.65 67.77 -26.20
N GLU F 10 8.70 68.66 -26.52
CA GLU F 10 8.73 69.98 -25.91
C GLU F 10 8.33 69.93 -24.43
N LEU F 11 7.35 69.10 -24.09
CA LEU F 11 6.99 68.97 -22.68
C LEU F 11 8.18 68.46 -21.87
N ALA F 12 8.86 67.42 -22.39
CA ALA F 12 10.01 66.87 -21.68
C ALA F 12 11.15 67.88 -21.59
N ARG F 13 11.46 68.54 -22.72
CA ARG F 13 12.55 69.52 -22.74
C ARG F 13 12.28 70.66 -21.77
N LYS F 14 11.05 71.19 -21.78
CA LYS F 14 10.70 72.25 -20.83
C LYS F 14 10.86 71.75 -19.40
N GLY F 15 10.40 70.53 -19.13
CA GLY F 15 10.54 69.98 -17.79
C GLY F 15 11.97 69.89 -17.33
N ILE F 16 12.88 69.46 -18.21
CA ILE F 16 14.27 69.33 -17.79
C ILE F 16 14.92 70.70 -17.66
N ALA F 17 14.60 71.64 -18.56
CA ALA F 17 15.20 72.97 -18.48
C ALA F 17 14.74 73.71 -17.23
N ARG F 18 13.52 73.43 -16.77
CA ARG F 18 12.97 74.00 -15.55
C ARG F 18 13.61 73.43 -14.29
N ALA F 19 14.36 72.34 -14.40
CA ALA F 19 14.92 71.64 -13.25
C ALA F 19 16.36 72.06 -13.00
N LYS F 20 16.87 71.64 -11.84
CA LYS F 20 18.21 72.02 -11.43
C LYS F 20 19.26 71.11 -12.07
N SER F 21 20.51 71.57 -12.05
CA SER F 21 21.57 71.03 -12.89
C SER F 21 22.40 69.97 -12.15
N VAL F 22 23.05 69.13 -12.95
CA VAL F 22 23.89 68.04 -12.47
C VAL F 22 25.09 67.92 -13.39
N VAL F 23 26.28 67.71 -12.80
CA VAL F 23 27.50 67.51 -13.56
C VAL F 23 28.17 66.23 -13.09
N ALA F 24 28.73 65.48 -14.05
CA ALA F 24 29.54 64.31 -13.74
C ALA F 24 30.80 64.37 -14.59
N LEU F 25 31.96 64.26 -13.96
CA LEU F 25 33.21 64.37 -14.69
C LEU F 25 34.19 63.31 -14.23
N ALA F 26 35.01 62.82 -15.16
CA ALA F 26 36.05 61.86 -14.84
C ALA F 26 37.28 62.56 -14.29
N TYR F 27 37.81 62.02 -13.19
CA TYR F 27 39.04 62.54 -12.59
C TYR F 27 39.97 61.39 -12.23
N ALA F 28 41.14 61.75 -11.70
CA ALA F 28 42.21 60.79 -11.47
C ALA F 28 41.79 59.64 -10.57
N GLY F 29 40.87 59.87 -9.63
CA GLY F 29 40.43 58.82 -8.75
C GLY F 29 39.19 58.08 -9.18
N GLY F 30 38.62 58.42 -10.34
CA GLY F 30 37.40 57.77 -10.77
C GLY F 30 36.41 58.75 -11.40
N VAL F 31 35.18 58.81 -10.87
CA VAL F 31 34.16 59.70 -11.41
C VAL F 31 33.56 60.54 -10.29
N LEU F 32 33.30 61.81 -10.57
CA LEU F 32 32.73 62.74 -9.61
C LEU F 32 31.35 63.19 -10.07
N PHE F 33 30.38 63.06 -9.17
CA PHE F 33 29.01 63.52 -9.36
C PHE F 33 28.79 64.72 -8.44
N VAL F 34 28.38 65.85 -9.03
CA VAL F 34 28.08 67.05 -8.27
C VAL F 34 26.75 67.60 -8.78
N ALA F 35 25.77 67.73 -7.89
CA ALA F 35 24.41 68.09 -8.28
C ALA F 35 23.85 69.20 -7.41
N GLU F 36 23.16 70.14 -8.03
CA GLU F 36 22.42 71.17 -7.30
C GLU F 36 21.26 70.51 -6.56
N ASN F 37 21.30 70.52 -5.24
CA ASN F 37 20.21 69.86 -4.52
C ASN F 37 20.08 70.42 -3.11
N PRO F 38 19.08 71.27 -2.84
CA PRO F 38 18.92 71.80 -1.48
C PRO F 38 18.40 70.78 -0.49
N SER F 39 17.78 69.70 -0.95
CA SER F 39 17.10 68.77 -0.06
C SER F 39 18.10 68.01 0.81
N ARG F 40 17.63 67.58 1.98
CA ARG F 40 18.47 66.76 2.84
C ARG F 40 18.38 65.29 2.46
N SER F 41 17.16 64.77 2.29
CA SER F 41 16.94 63.34 2.17
C SER F 41 16.51 62.87 0.80
N LEU F 42 16.23 63.78 -0.14
CA LEU F 42 15.84 63.40 -1.50
C LEU F 42 17.05 63.52 -2.42
N GLN F 43 17.41 62.43 -3.08
CA GLN F 43 18.70 62.28 -3.74
C GLN F 43 18.57 62.23 -5.26
N LYS F 44 19.50 62.89 -5.95
CA LYS F 44 19.62 62.86 -7.40
C LYS F 44 20.75 61.96 -7.88
N ILE F 45 21.64 61.54 -6.99
CA ILE F 45 22.78 60.70 -7.32
C ILE F 45 22.66 59.42 -6.50
N SER F 46 22.96 58.28 -7.13
CA SER F 46 22.73 57.00 -6.47
C SER F 46 23.71 55.97 -6.98
N GLU F 47 23.93 54.96 -6.14
CA GLU F 47 24.67 53.77 -6.54
C GLU F 47 23.78 52.84 -7.34
N LEU F 48 24.33 52.31 -8.44
CA LEU F 48 23.67 51.25 -9.20
C LEU F 48 24.29 49.88 -8.91
N TYR F 49 25.58 49.75 -9.09
CA TYR F 49 26.25 48.48 -8.85
C TYR F 49 27.67 48.77 -8.38
N ASP F 50 28.45 47.70 -8.14
CA ASP F 50 29.78 47.79 -7.57
C ASP F 50 30.56 48.99 -8.11
N ARG F 51 30.70 49.06 -9.44
CA ARG F 51 31.48 50.12 -10.07
C ARG F 51 30.62 51.02 -10.95
N VAL F 52 29.30 51.01 -10.75
CA VAL F 52 28.38 51.74 -11.62
C VAL F 52 27.56 52.71 -10.79
N GLY F 53 27.59 53.98 -11.18
CA GLY F 53 26.83 55.04 -10.53
C GLY F 53 25.83 55.74 -11.42
N PHE F 54 24.91 56.47 -10.79
CA PHE F 54 23.74 57.02 -11.44
C PHE F 54 23.55 58.48 -11.04
N ALA F 55 23.21 59.31 -12.00
CA ALA F 55 22.87 60.70 -11.73
C ALA F 55 21.73 61.11 -12.66
N ALA F 56 20.86 61.99 -12.18
CA ALA F 56 19.66 62.32 -12.94
C ALA F 56 19.26 63.77 -12.73
N ALA F 57 18.57 64.31 -13.73
CA ALA F 57 17.97 65.64 -13.66
C ALA F 57 16.53 65.55 -14.13
N GLY F 58 15.67 66.36 -13.52
CA GLY F 58 14.29 66.48 -13.95
C GLY F 58 13.30 66.17 -12.83
N LYS F 59 12.17 65.58 -13.22
CA LYS F 59 11.11 65.33 -12.26
C LYS F 59 11.47 64.15 -11.36
N PHE F 60 11.42 64.37 -10.04
CA PHE F 60 11.99 63.41 -9.10
C PHE F 60 11.33 62.04 -9.19
N ASN F 61 10.01 61.99 -9.06
CA ASN F 61 9.36 60.67 -9.01
C ASN F 61 9.70 59.84 -10.25
N GLU F 62 9.89 60.50 -11.38
CA GLU F 62 10.13 59.77 -12.62
C GLU F 62 11.55 59.23 -12.68
N PHE F 63 12.56 60.07 -12.45
CA PHE F 63 13.92 59.54 -12.51
C PHE F 63 14.24 58.66 -11.31
N ASP F 64 13.45 58.75 -10.24
CA ASP F 64 13.59 57.80 -9.15
C ASP F 64 13.01 56.45 -9.53
N ASN F 65 11.86 56.44 -10.23
CA ASN F 65 11.40 55.19 -10.82
C ASN F 65 12.49 54.58 -11.70
N LEU F 66 13.09 55.39 -12.57
CA LEU F 66 14.15 54.86 -13.42
C LEU F 66 15.33 54.36 -12.60
N ARG F 67 15.65 55.05 -11.51
CA ARG F 67 16.76 54.64 -10.66
C ARG F 67 16.50 53.28 -10.03
N ARG F 68 15.31 53.13 -9.44
CA ARG F 68 14.95 51.85 -8.82
C ARG F 68 14.93 50.74 -9.85
N GLY F 69 14.37 51.01 -11.04
CA GLY F 69 14.35 50.01 -12.09
C GLY F 69 15.75 49.59 -12.52
N GLY F 70 16.67 50.55 -12.59
CA GLY F 70 18.04 50.23 -12.93
C GLY F 70 18.74 49.39 -11.88
N ILE F 71 18.51 49.71 -10.60
CA ILE F 71 19.06 48.87 -9.53
C ILE F 71 18.51 47.46 -9.63
N GLN F 72 17.21 47.33 -9.93
CA GLN F 72 16.60 46.02 -10.14
C GLN F 72 17.27 45.26 -11.27
N PHE F 73 17.42 45.91 -12.43
CA PHE F 73 18.09 45.27 -13.56
C PHE F 73 19.49 44.78 -13.19
N ALA F 74 20.29 45.65 -12.56
CA ALA F 74 21.67 45.30 -12.23
C ALA F 74 21.73 44.14 -11.26
N ASP F 75 20.98 44.22 -10.15
CA ASP F 75 21.02 43.15 -9.17
C ASP F 75 20.53 41.83 -9.76
N THR F 76 19.47 41.89 -10.57
CA THR F 76 18.95 40.67 -11.18
C THR F 76 19.97 40.04 -12.11
N ARG F 77 20.62 40.87 -12.94
CA ARG F 77 21.62 40.33 -13.87
C ARG F 77 22.82 39.75 -13.11
N GLY F 78 23.31 40.47 -12.11
CA GLY F 78 24.44 39.97 -11.35
C GLY F 78 24.15 38.67 -10.65
N TYR F 79 22.92 38.50 -10.15
CA TYR F 79 22.54 37.22 -9.55
C TYR F 79 22.39 36.14 -10.63
N ALA F 80 21.81 36.48 -11.77
CA ALA F 80 21.56 35.50 -12.82
C ALA F 80 22.85 34.94 -13.40
N TYR F 81 23.90 35.75 -13.48
CA TYR F 81 25.20 35.29 -13.95
C TYR F 81 26.31 35.54 -12.91
N ASP F 82 26.95 36.70 -12.97
CA ASP F 82 27.95 37.05 -11.97
C ASP F 82 28.06 38.56 -11.92
N ARG F 83 28.58 39.05 -10.77
CA ARG F 83 28.66 40.50 -10.57
C ARG F 83 29.53 41.15 -11.62
N ARG F 84 30.56 40.45 -12.09
CA ARG F 84 31.46 41.01 -13.09
C ARG F 84 30.80 41.17 -14.45
N ASP F 85 29.65 40.54 -14.66
CA ASP F 85 28.95 40.67 -15.94
C ASP F 85 28.12 41.93 -16.04
N VAL F 86 27.86 42.61 -14.92
CA VAL F 86 27.11 43.86 -14.94
C VAL F 86 28.05 44.98 -15.36
N THR F 87 27.67 45.71 -16.41
CA THR F 87 28.50 46.79 -16.92
C THR F 87 27.67 48.07 -17.01
N GLY F 88 28.39 49.20 -17.01
CA GLY F 88 27.72 50.46 -17.21
C GLY F 88 27.05 50.54 -18.57
N ARG F 89 27.72 50.02 -19.60
CA ARG F 89 27.12 49.95 -20.93
C ARG F 89 25.77 49.24 -20.90
N GLN F 90 25.68 48.12 -20.20
CA GLN F 90 24.41 47.40 -20.08
C GLN F 90 23.32 48.30 -19.53
N LEU F 91 23.58 48.96 -18.40
CA LEU F 91 22.57 49.80 -17.77
C LEU F 91 22.21 51.00 -18.64
N ALA F 92 23.20 51.62 -19.28
CA ALA F 92 22.89 52.70 -20.21
C ALA F 92 21.99 52.20 -21.34
N ASN F 93 22.25 50.99 -21.82
CA ASN F 93 21.45 50.43 -22.91
C ASN F 93 20.02 50.17 -22.45
N VAL F 94 19.83 49.56 -21.28
CA VAL F 94 18.47 49.31 -20.79
C VAL F 94 17.76 50.62 -20.48
N TYR F 95 18.49 51.64 -20.02
CA TYR F 95 17.88 52.95 -19.81
C TYR F 95 17.46 53.58 -21.13
N ALA F 96 18.28 53.44 -22.17
CA ALA F 96 17.90 53.95 -23.48
C ALA F 96 16.63 53.27 -23.97
N GLN F 97 16.58 51.94 -23.87
CA GLN F 97 15.38 51.22 -24.30
C GLN F 97 14.16 51.66 -23.50
N THR F 98 14.30 51.74 -22.18
CA THR F 98 13.16 52.04 -21.32
C THR F 98 12.63 53.44 -21.59
N LEU F 99 13.53 54.42 -21.67
CA LEU F 99 13.07 55.78 -21.94
C LEU F 99 12.49 55.92 -23.34
N GLY F 100 12.98 55.12 -24.30
CA GLY F 100 12.32 55.10 -25.60
C GLY F 100 10.88 54.64 -25.50
N THR F 101 10.65 53.53 -24.78
CA THR F 101 9.29 53.03 -24.61
C THR F 101 8.41 54.06 -23.88
N ILE F 102 8.95 54.68 -22.82
CA ILE F 102 8.21 55.68 -22.08
C ILE F 102 7.87 56.86 -22.98
N PHE F 103 8.87 57.35 -23.72
CA PHE F 103 8.67 58.52 -24.58
C PHE F 103 7.59 58.26 -25.61
N THR F 104 7.54 57.04 -26.15
CA THR F 104 6.61 56.80 -27.25
C THR F 104 5.23 56.37 -26.78
N GLU F 105 5.10 55.68 -25.65
CA GLU F 105 3.86 54.99 -25.34
C GLU F 105 3.18 55.38 -24.04
N GLN F 106 3.88 56.03 -23.11
CA GLN F 106 3.22 56.39 -21.87
C GLN F 106 2.32 57.62 -22.07
N ALA F 107 1.41 57.83 -21.11
CA ALA F 107 0.46 58.94 -21.19
C ALA F 107 1.18 60.28 -21.27
N LYS F 108 2.24 60.45 -20.48
CA LYS F 108 3.10 61.62 -20.53
C LYS F 108 4.55 61.17 -20.55
N PRO F 109 5.39 61.73 -21.42
CA PRO F 109 6.81 61.37 -21.41
C PRO F 109 7.47 61.76 -20.10
N TYR F 110 8.57 61.07 -19.78
CA TYR F 110 9.33 61.35 -18.57
C TYR F 110 10.20 62.59 -18.77
N GLU F 111 10.10 63.52 -17.83
CA GLU F 111 10.95 64.72 -17.85
C GLU F 111 12.25 64.43 -17.10
N VAL F 112 13.10 63.62 -17.73
CA VAL F 112 14.33 63.16 -17.08
C VAL F 112 15.51 63.19 -18.04
N GLU F 113 16.71 63.29 -17.46
CA GLU F 113 17.98 63.10 -18.13
C GLU F 113 18.87 62.27 -17.22
N LEU F 114 19.50 61.23 -17.78
CA LEU F 114 20.22 60.24 -16.99
C LEU F 114 21.69 60.22 -17.36
N CYS F 115 22.52 59.91 -16.37
CA CYS F 115 23.94 59.67 -16.56
C CYS F 115 24.31 58.39 -15.83
N VAL F 116 24.93 57.47 -16.56
CA VAL F 116 25.44 56.22 -15.99
C VAL F 116 26.95 56.24 -16.12
N ALA F 117 27.64 56.02 -15.00
CA ALA F 117 29.09 56.06 -15.00
C ALA F 117 29.67 54.75 -14.50
N GLU F 118 30.82 54.35 -15.06
CA GLU F 118 31.50 53.14 -14.64
C GLU F 118 32.99 53.40 -14.52
N VAL F 119 33.58 53.00 -13.40
CA VAL F 119 35.01 53.07 -13.21
C VAL F 119 35.59 51.65 -13.26
N ALA F 120 36.90 51.57 -13.34
CA ALA F 120 37.57 50.28 -13.42
C ALA F 120 37.42 49.51 -12.10
N HIS F 121 37.53 48.19 -12.21
CA HIS F 121 37.56 47.36 -11.02
C HIS F 121 38.90 47.52 -10.30
N TYR F 122 38.90 47.18 -9.02
CA TYR F 122 40.07 47.42 -8.18
C TYR F 122 41.31 46.78 -8.79
N GLY F 123 42.37 47.57 -8.87
CA GLY F 123 43.64 47.11 -9.41
C GLY F 123 43.75 47.13 -10.91
N GLU F 124 42.64 47.28 -11.63
CA GLU F 124 42.68 47.29 -13.08
C GLU F 124 42.81 48.72 -13.60
N THR F 125 43.27 48.83 -14.83
CA THR F 125 43.55 50.13 -15.44
C THR F 125 42.71 50.27 -16.70
N LYS F 126 41.64 51.06 -16.59
CA LYS F 126 40.82 51.38 -17.75
C LYS F 126 40.12 52.71 -17.48
N ARG F 127 39.91 53.49 -18.55
CA ARG F 127 39.37 54.82 -18.41
C ARG F 127 37.91 54.78 -18.00
N PRO F 128 37.46 55.71 -17.14
CA PRO F 128 36.05 55.76 -16.78
C PRO F 128 35.16 55.92 -18.01
N GLU F 129 33.90 55.50 -17.86
CA GLU F 129 32.91 55.60 -18.92
C GLU F 129 31.73 56.42 -18.44
N LEU F 130 31.29 57.36 -19.27
CA LEU F 130 30.13 58.19 -18.99
C LEU F 130 29.11 58.03 -20.09
N TYR F 131 27.85 57.83 -19.72
CA TYR F 131 26.75 57.69 -20.65
C TYR F 131 25.66 58.68 -20.29
N ARG F 132 25.11 59.33 -21.32
CA ARG F 132 23.98 60.25 -21.18
C ARG F 132 22.78 59.62 -21.89
N ILE F 133 21.67 59.47 -21.18
CA ILE F 133 20.44 58.98 -21.77
C ILE F 133 19.38 60.06 -21.61
N THR F 134 18.86 60.54 -22.73
CA THR F 134 17.93 61.66 -22.73
C THR F 134 16.49 61.17 -22.78
N TYR F 135 15.55 62.12 -22.71
CA TYR F 135 14.15 61.80 -22.46
C TYR F 135 13.53 60.94 -23.54
N ASP F 136 14.09 60.91 -24.75
CA ASP F 136 13.53 60.14 -25.85
C ASP F 136 14.23 58.80 -26.06
N GLY F 137 15.14 58.43 -25.17
CA GLY F 137 15.90 57.21 -25.32
C GLY F 137 17.19 57.36 -26.07
N SER F 138 17.53 58.57 -26.51
CA SER F 138 18.82 58.79 -27.14
C SER F 138 19.94 58.57 -26.14
N ILE F 139 21.02 57.95 -26.60
CA ILE F 139 22.11 57.56 -25.74
C ILE F 139 23.41 58.09 -26.34
N ALA F 140 24.28 58.62 -25.47
CA ALA F 140 25.51 59.27 -25.89
C ALA F 140 26.66 58.81 -25.02
N ASP F 141 27.79 58.54 -25.67
CA ASP F 141 29.00 58.08 -25.03
C ASP F 141 29.94 59.27 -24.84
N GLU F 142 30.04 59.76 -23.59
CA GLU F 142 30.89 60.92 -23.39
C GLU F 142 32.26 60.50 -22.87
N PRO F 143 33.32 61.24 -23.21
CA PRO F 143 34.66 60.83 -22.74
C PRO F 143 35.13 61.55 -21.49
N HIS F 144 34.69 62.80 -21.29
CA HIS F 144 35.22 63.60 -20.19
C HIS F 144 34.17 64.05 -19.18
N PHE F 145 33.05 64.62 -19.64
CA PHE F 145 32.07 65.12 -18.68
C PHE F 145 30.68 65.09 -19.28
N VAL F 146 29.69 65.11 -18.40
CA VAL F 146 28.28 65.14 -18.75
C VAL F 146 27.60 66.21 -17.91
N VAL F 147 26.77 67.02 -18.56
CA VAL F 147 26.00 68.06 -17.90
C VAL F 147 24.54 67.81 -18.23
N MET F 148 23.68 67.88 -17.22
CA MET F 148 22.27 67.59 -17.43
C MET F 148 21.40 68.56 -16.64
N GLY F 149 20.31 68.98 -17.26
CA GLY F 149 19.30 69.76 -16.57
C GLY F 149 19.57 71.25 -16.63
N GLY F 150 18.47 72.00 -16.64
CA GLY F 150 18.56 73.45 -16.65
C GLY F 150 19.19 73.98 -17.92
N THR F 151 19.86 75.12 -17.77
CA THR F 151 20.58 75.74 -18.87
C THR F 151 21.97 75.10 -18.93
N THR F 152 22.14 74.17 -19.88
CA THR F 152 23.34 73.34 -19.91
C THR F 152 24.50 74.02 -20.61
N GLU F 153 24.24 74.90 -21.58
CA GLU F 153 25.32 75.48 -22.37
C GLU F 153 26.35 76.27 -21.56
N PRO F 154 25.97 77.11 -20.58
CA PRO F 154 27.01 77.79 -19.80
C PRO F 154 27.90 76.83 -19.02
N ILE F 155 27.33 75.79 -18.43
CA ILE F 155 28.11 74.82 -17.69
C ILE F 155 29.00 74.02 -18.62
N ALA F 156 28.44 73.61 -19.75
CA ALA F 156 29.20 72.88 -20.76
C ALA F 156 30.40 73.68 -21.25
N ASN F 157 30.21 74.97 -21.52
CA ASN F 157 31.34 75.79 -21.97
C ASN F 157 32.36 75.99 -20.86
N ALA F 158 31.89 76.27 -19.63
CA ALA F 158 32.80 76.44 -18.51
C ALA F 158 33.68 75.22 -18.32
N LEU F 159 33.09 74.02 -18.39
CA LEU F 159 33.88 72.80 -18.28
C LEU F 159 34.74 72.58 -19.52
N LYS F 160 34.20 72.89 -20.70
CA LYS F 160 34.93 72.71 -21.94
C LYS F 160 36.24 73.48 -21.92
N GLU F 161 36.28 74.61 -21.21
CA GLU F 161 37.56 75.31 -21.06
C GLU F 161 38.32 74.93 -19.80
N SER F 162 37.63 74.59 -18.71
CA SER F 162 38.25 74.45 -17.39
C SER F 162 38.54 73.00 -17.00
N TYR F 163 38.31 72.04 -17.89
CA TYR F 163 38.52 70.63 -17.57
C TYR F 163 39.91 70.17 -18.00
N ALA F 164 40.61 69.51 -17.10
CA ALA F 164 41.85 68.80 -17.41
C ALA F 164 41.68 67.34 -17.03
N GLU F 165 42.02 66.45 -17.97
CA GLU F 165 41.94 65.01 -17.72
C GLU F 165 42.89 64.60 -16.60
N ASN F 166 42.34 63.95 -15.58
CA ASN F 166 43.06 63.32 -14.47
C ASN F 166 43.37 64.33 -13.38
N ALA F 167 42.52 65.35 -13.26
CA ALA F 167 42.64 66.32 -12.18
C ALA F 167 42.46 65.64 -10.83
N SER F 168 42.91 66.31 -9.78
CA SER F 168 42.71 65.80 -8.44
C SER F 168 41.25 65.94 -8.02
N LEU F 169 40.90 65.32 -6.89
CA LEU F 169 39.53 65.38 -6.42
C LEU F 169 39.13 66.80 -6.07
N THR F 170 39.97 67.51 -5.31
CA THR F 170 39.66 68.88 -4.93
C THR F 170 39.61 69.79 -6.16
N ASP F 171 40.57 69.63 -7.07
CA ASP F 171 40.58 70.44 -8.28
C ASP F 171 39.34 70.16 -9.12
N ALA F 172 39.02 68.87 -9.32
CA ALA F 172 37.84 68.52 -10.10
C ALA F 172 36.55 69.00 -9.44
N LEU F 173 36.49 68.91 -8.11
CA LEU F 173 35.32 69.41 -7.39
C LEU F 173 35.16 70.91 -7.60
N ARG F 174 36.26 71.66 -7.47
CA ARG F 174 36.20 73.11 -7.66
C ARG F 174 35.78 73.45 -9.09
N ILE F 175 36.29 72.72 -10.08
CA ILE F 175 35.89 72.97 -11.47
C ILE F 175 34.39 72.71 -11.65
N ALA F 176 33.88 71.66 -10.99
CA ALA F 176 32.47 71.32 -11.14
C ALA F 176 31.58 72.37 -10.49
N VAL F 177 31.88 72.75 -9.25
CA VAL F 177 31.08 73.75 -8.55
C VAL F 177 31.15 75.09 -9.28
N ALA F 178 32.33 75.42 -9.81
CA ALA F 178 32.47 76.62 -10.63
C ALA F 178 31.57 76.57 -11.85
N ALA F 179 31.60 75.45 -12.57
CA ALA F 179 30.77 75.33 -13.77
C ALA F 179 29.28 75.38 -13.43
N LEU F 180 28.89 74.80 -12.30
CA LEU F 180 27.47 74.84 -11.91
C LEU F 180 27.02 76.25 -11.56
N ARG F 181 27.84 77.00 -10.81
CA ARG F 181 27.49 78.39 -10.53
C ARG F 181 27.39 79.22 -11.81
N ALA F 182 28.22 78.91 -12.81
CA ALA F 182 28.21 79.66 -14.06
C ALA F 182 26.94 79.43 -14.86
N GLY F 183 26.33 78.25 -14.74
CA GLY F 183 25.13 77.97 -15.50
C GLY F 183 23.90 78.68 -14.99
N SER F 184 23.80 78.86 -13.67
CA SER F 184 22.67 79.57 -13.08
C SER F 184 23.12 80.88 -12.44
N LEU F 195 26.64 78.47 -3.54
CA LEU F 195 26.95 77.10 -3.92
C LEU F 195 27.94 76.52 -2.95
N GLY F 196 27.47 75.64 -2.11
CA GLY F 196 28.32 75.03 -1.11
C GLY F 196 27.62 73.85 -0.48
N VAL F 197 28.09 73.45 0.68
CA VAL F 197 27.50 72.34 1.41
C VAL F 197 26.05 72.67 1.75
N ALA F 198 25.19 71.66 1.69
CA ALA F 198 23.74 71.75 1.90
C ALA F 198 23.03 72.58 0.85
N SER F 199 23.56 72.50 -0.35
CA SER F 199 22.99 73.15 -1.48
C SER F 199 23.56 72.30 -2.57
N LEU F 200 24.35 71.31 -2.16
CA LEU F 200 24.97 70.41 -3.12
C LEU F 200 24.81 68.98 -2.65
N GLU F 201 24.71 68.07 -3.61
CA GLU F 201 24.82 66.64 -3.35
C GLU F 201 26.01 66.14 -4.15
N VAL F 202 27.00 65.57 -3.46
CA VAL F 202 28.26 65.16 -4.06
C VAL F 202 28.52 63.70 -3.75
N ALA F 203 29.03 62.97 -4.75
CA ALA F 203 29.41 61.59 -4.55
C ALA F 203 30.47 61.23 -5.59
N VAL F 204 31.16 60.12 -5.36
CA VAL F 204 32.21 59.68 -6.27
C VAL F 204 32.11 58.18 -6.47
N LEU F 205 32.46 57.75 -7.69
CA LEU F 205 32.85 56.38 -7.97
C LEU F 205 34.35 56.34 -7.75
N ASP F 206 34.77 55.80 -6.61
CA ASP F 206 36.17 55.80 -6.17
C ASP F 206 36.81 54.51 -6.67
N ALA F 207 37.61 54.64 -7.73
CA ALA F 207 38.21 53.45 -8.31
C ALA F 207 39.16 52.72 -7.37
N ASN F 208 39.47 53.30 -6.21
CA ASN F 208 40.36 52.64 -5.26
C ASN F 208 39.62 51.89 -4.16
N ARG F 209 38.30 51.88 -4.20
CA ARG F 209 37.55 51.03 -3.28
C ARG F 209 37.59 49.58 -3.76
N PRO F 210 37.76 48.62 -2.85
CA PRO F 210 37.95 47.22 -3.29
C PRO F 210 36.74 46.63 -3.99
N ARG F 211 35.53 46.94 -3.53
CA ARG F 211 34.35 46.44 -4.23
C ARG F 211 33.41 47.58 -4.60
N ARG F 212 32.62 48.05 -3.64
CA ARG F 212 31.62 49.07 -3.92
C ARG F 212 32.31 50.42 -4.09
N ALA F 213 32.32 50.93 -5.31
CA ALA F 213 33.05 52.15 -5.62
C ALA F 213 32.29 53.42 -5.25
N PHE F 214 30.98 53.33 -5.09
CA PHE F 214 30.17 54.51 -4.84
C PHE F 214 30.29 54.96 -3.38
N ARG F 215 30.54 56.25 -3.17
CA ARG F 215 30.45 56.78 -1.82
C ARG F 215 30.22 58.29 -1.85
N ARG F 216 29.40 58.76 -0.92
CA ARG F 216 29.02 60.15 -0.84
C ARG F 216 30.07 60.95 -0.08
N ILE F 217 30.18 62.23 -0.42
CA ILE F 217 31.06 63.14 0.28
C ILE F 217 30.17 64.21 0.87
N THR F 218 30.02 64.19 2.19
CA THR F 218 29.01 64.99 2.86
C THR F 218 29.61 65.78 4.01
N GLY F 219 29.04 66.96 4.24
CA GLY F 219 29.29 67.68 5.47
C GLY F 219 30.72 68.16 5.62
N SER F 220 31.30 67.87 6.78
CA SER F 220 32.60 68.42 7.14
C SER F 220 33.70 68.01 6.16
N ALA F 221 33.69 66.74 5.72
CA ALA F 221 34.64 66.31 4.71
C ALA F 221 34.43 67.09 3.41
N LEU F 222 33.17 67.21 2.99
CA LEU F 222 32.86 67.93 1.76
C LEU F 222 33.28 69.39 1.86
N GLN F 223 33.09 70.00 3.03
CA GLN F 223 33.57 71.36 3.24
C GLN F 223 35.09 71.43 3.13
N ALA F 224 35.80 70.46 3.73
CA ALA F 224 37.24 70.41 3.60
C ALA F 224 37.67 70.36 2.14
N LEU F 225 36.86 69.74 1.28
CA LEU F 225 37.18 69.77 -0.15
C LEU F 225 36.73 71.09 -0.78
N LEU F 226 35.67 71.72 -0.26
CA LEU F 226 35.21 73.00 -0.79
C LEU F 226 36.20 74.12 -0.51
N VAL F 227 37.00 74.00 0.56
CA VAL F 227 37.93 75.05 1.00
C VAL F 227 37.17 76.34 1.26
N MET G 1 -6.79 57.49 -42.11
CA MET G 1 -6.12 56.35 -42.73
C MET G 1 -5.09 56.82 -43.75
N GLU G 2 -5.51 57.65 -44.72
CA GLU G 2 -4.56 58.20 -45.68
C GLU G 2 -3.51 59.06 -44.98
N GLN G 3 -3.96 60.11 -44.29
CA GLN G 3 -3.02 61.03 -43.66
C GLN G 3 -2.30 60.39 -42.49
N ALA G 4 -2.90 59.40 -41.83
CA ALA G 4 -2.22 58.74 -40.73
C ALA G 4 -1.01 57.95 -41.22
N MET G 5 -1.19 57.19 -42.30
CA MET G 5 -0.07 56.41 -42.82
C MET G 5 0.94 57.31 -43.51
N ARG G 6 0.48 58.32 -44.23
CA ARG G 6 1.40 59.28 -44.82
C ARG G 6 2.26 59.95 -43.75
N GLU G 7 1.65 60.30 -42.61
CA GLU G 7 2.40 60.94 -41.53
C GLU G 7 3.39 59.98 -40.89
N ARG G 8 2.99 58.73 -40.65
CA ARG G 8 3.93 57.76 -40.08
C ARG G 8 5.13 57.56 -41.01
N SER G 9 4.86 57.36 -42.30
CA SER G 9 5.95 57.21 -43.26
C SER G 9 6.85 58.43 -43.27
N GLU G 10 6.26 59.63 -43.16
CA GLU G 10 7.07 60.84 -43.21
C GLU G 10 7.94 60.96 -41.96
N LEU G 11 7.39 60.61 -40.81
CA LEU G 11 8.18 60.64 -39.58
C LEU G 11 9.36 59.66 -39.66
N ALA G 12 9.10 58.45 -40.15
CA ALA G 12 10.18 57.47 -40.25
C ALA G 12 11.25 57.93 -41.23
N ARG G 13 10.83 58.41 -42.41
CA ARG G 13 11.80 58.86 -43.41
C ARG G 13 12.64 60.02 -42.87
N LYS G 14 12.01 60.99 -42.22
CA LYS G 14 12.75 62.10 -41.65
C LYS G 14 13.74 61.61 -40.60
N GLY G 15 13.31 60.70 -39.74
CA GLY G 15 14.22 60.16 -38.73
C GLY G 15 15.44 59.46 -39.32
N ILE G 16 15.24 58.68 -40.38
CA ILE G 16 16.37 57.97 -40.98
C ILE G 16 17.28 58.92 -41.74
N ALA G 17 16.70 59.93 -42.40
CA ALA G 17 17.50 60.87 -43.17
C ALA G 17 18.41 61.70 -42.27
N ARG G 18 17.98 61.99 -41.05
CA ARG G 18 18.83 62.72 -40.11
C ARG G 18 19.85 61.82 -39.42
N ALA G 19 19.91 60.53 -39.76
CA ALA G 19 20.81 59.61 -39.09
C ALA G 19 22.13 59.53 -39.84
N LYS G 20 23.04 58.71 -39.33
CA LYS G 20 24.32 58.51 -40.00
C LYS G 20 24.24 57.31 -40.94
N SER G 21 25.00 57.38 -42.03
CA SER G 21 24.90 56.40 -43.10
C SER G 21 25.72 55.16 -42.79
N VAL G 22 25.32 54.06 -43.43
CA VAL G 22 25.94 52.75 -43.27
C VAL G 22 25.96 52.10 -44.64
N VAL G 23 27.06 51.41 -44.95
CA VAL G 23 27.24 50.73 -46.23
C VAL G 23 27.59 49.28 -45.96
N ALA G 24 27.02 48.38 -46.77
CA ALA G 24 27.38 46.97 -46.75
C ALA G 24 27.56 46.51 -48.18
N LEU G 25 28.72 45.94 -48.50
CA LEU G 25 28.99 45.57 -49.88
C LEU G 25 29.66 44.20 -49.93
N ALA G 26 29.33 43.44 -50.97
CA ALA G 26 29.91 42.12 -51.18
C ALA G 26 31.29 42.25 -51.84
N TYR G 27 32.27 41.52 -51.30
CA TYR G 27 33.61 41.49 -51.87
C TYR G 27 34.09 40.04 -51.93
N ALA G 28 35.30 39.87 -52.45
CA ALA G 28 35.85 38.55 -52.75
C ALA G 28 35.91 37.66 -51.51
N GLY G 29 36.09 38.24 -50.34
CA GLY G 29 36.17 37.50 -49.10
C GLY G 29 34.88 37.36 -48.32
N GLY G 30 33.78 37.91 -48.83
CA GLY G 30 32.51 37.82 -48.11
C GLY G 30 31.70 39.10 -48.17
N VAL G 31 31.34 39.64 -47.00
CA VAL G 31 30.55 40.87 -46.92
C VAL G 31 31.28 41.84 -46.00
N LEU G 32 31.28 43.12 -46.39
CA LEU G 32 31.93 44.18 -45.63
C LEU G 32 30.88 45.19 -45.15
N PHE G 33 30.93 45.49 -43.85
CA PHE G 33 30.11 46.50 -43.21
C PHE G 33 31.00 47.67 -42.79
N VAL G 34 30.63 48.87 -43.23
CA VAL G 34 31.31 50.10 -42.84
C VAL G 34 30.24 51.11 -42.44
N ALA G 35 30.33 51.65 -41.23
CA ALA G 35 29.31 52.52 -40.69
C ALA G 35 29.92 53.76 -40.08
N GLU G 36 29.29 54.90 -40.31
CA GLU G 36 29.66 56.14 -39.63
C GLU G 36 29.29 56.02 -38.16
N ASN G 37 30.29 56.01 -37.29
CA ASN G 37 29.96 55.81 -35.88
C ASN G 37 31.05 56.40 -34.99
N PRO G 38 30.79 57.56 -34.36
CA PRO G 38 31.81 58.15 -33.49
C PRO G 38 31.97 57.43 -32.16
N SER G 39 30.98 56.68 -31.73
CA SER G 39 31.00 56.11 -30.39
C SER G 39 32.07 55.04 -30.26
N ARG G 40 32.48 54.78 -29.02
CA ARG G 40 33.49 53.77 -28.74
C ARG G 40 32.87 52.41 -28.44
N SER G 41 31.69 52.37 -27.82
CA SER G 41 31.10 51.12 -27.38
C SER G 41 29.67 50.87 -27.87
N LEU G 42 29.02 51.82 -28.53
CA LEU G 42 27.66 51.63 -29.04
C LEU G 42 27.73 51.29 -30.53
N GLN G 43 27.18 50.15 -30.90
CA GLN G 43 27.44 49.53 -32.19
C GLN G 43 26.20 49.51 -33.08
N LYS G 44 26.42 49.78 -34.37
CA LYS G 44 25.41 49.72 -35.41
C LYS G 44 25.51 48.45 -36.26
N ILE G 45 26.61 47.71 -36.17
CA ILE G 45 26.85 46.49 -36.91
C ILE G 45 27.02 45.36 -35.92
N SER G 46 26.41 44.21 -36.20
CA SER G 46 26.44 43.11 -35.24
C SER G 46 26.32 41.77 -35.94
N GLU G 47 26.81 40.73 -35.25
CA GLU G 47 26.58 39.35 -35.67
C GLU G 47 25.18 38.91 -35.29
N LEU G 48 24.51 38.22 -36.22
CA LEU G 48 23.24 37.55 -35.93
C LEU G 48 23.40 36.05 -35.75
N TYR G 49 24.07 35.38 -36.68
CA TYR G 49 24.27 33.95 -36.58
C TYR G 49 25.59 33.60 -37.26
N ASP G 50 25.91 32.30 -37.27
CA ASP G 50 27.20 31.81 -37.77
C ASP G 50 27.68 32.55 -39.01
N ARG G 51 26.85 32.59 -40.05
CA ARG G 51 27.20 33.23 -41.31
C ARG G 51 26.29 34.43 -41.62
N VAL G 52 25.59 34.97 -40.62
CA VAL G 52 24.61 36.02 -40.86
C VAL G 52 24.95 37.25 -40.04
N GLY G 53 25.05 38.39 -40.70
CA GLY G 53 25.36 39.66 -40.06
C GLY G 53 24.26 40.70 -40.24
N PHE G 54 24.32 41.75 -39.42
CA PHE G 54 23.25 42.73 -39.25
C PHE G 54 23.86 44.13 -39.22
N ALA G 55 23.21 45.07 -39.90
CA ALA G 55 23.62 46.46 -39.84
C ALA G 55 22.38 47.32 -39.87
N ALA G 56 22.44 48.46 -39.20
CA ALA G 56 21.23 49.27 -39.08
C ALA G 56 21.59 50.76 -39.06
N ALA G 57 20.63 51.57 -39.50
CA ALA G 57 20.74 53.01 -39.41
C ALA G 57 19.47 53.57 -38.79
N GLY G 58 19.60 54.65 -38.03
CA GLY G 58 18.46 55.31 -37.45
C GLY G 58 18.57 55.41 -35.95
N LYS G 59 17.43 55.32 -35.28
CA LYS G 59 17.38 55.49 -33.82
C LYS G 59 17.93 54.25 -33.13
N PHE G 60 18.93 54.45 -32.26
CA PHE G 60 19.71 53.33 -31.74
C PHE G 60 18.83 52.36 -30.97
N ASN G 61 18.06 52.83 -29.99
CA ASN G 61 17.30 51.89 -29.17
C ASN G 61 16.37 51.04 -30.01
N GLU G 62 15.86 51.57 -31.12
CA GLU G 62 14.90 50.84 -31.94
C GLU G 62 15.57 49.74 -32.76
N PHE G 63 16.64 50.07 -33.49
CA PHE G 63 17.28 49.02 -34.27
C PHE G 63 18.07 48.06 -33.38
N ASP G 64 18.40 48.47 -32.15
CA ASP G 64 19.00 47.54 -31.20
C ASP G 64 17.96 46.58 -30.66
N ASN G 65 16.74 47.05 -30.40
CA ASN G 65 15.63 46.15 -30.12
C ASN G 65 15.48 45.12 -31.24
N LEU G 66 15.46 45.59 -32.49
CA LEU G 66 15.30 44.69 -33.62
C LEU G 66 16.48 43.71 -33.71
N ARG G 67 17.68 44.18 -33.38
CA ARG G 67 18.86 43.32 -33.43
C ARG G 67 18.77 42.20 -32.41
N ARG G 68 18.45 42.54 -31.17
CA ARG G 68 18.31 41.51 -30.14
C ARG G 68 17.22 40.53 -30.51
N GLY G 69 16.09 41.03 -31.02
CA GLY G 69 15.03 40.13 -31.44
C GLY G 69 15.48 39.20 -32.56
N GLY G 70 16.29 39.71 -33.48
CA GLY G 70 16.80 38.85 -34.54
C GLY G 70 17.71 37.76 -33.99
N ILE G 71 18.56 38.11 -33.02
CA ILE G 71 19.40 37.10 -32.38
C ILE G 71 18.55 36.04 -31.70
N GLN G 72 17.50 36.46 -30.99
CA GLN G 72 16.60 35.51 -30.35
C GLN G 72 15.99 34.57 -31.39
N PHE G 73 15.50 35.13 -32.50
CA PHE G 73 14.92 34.31 -33.55
C PHE G 73 15.91 33.29 -34.08
N ALA G 74 17.11 33.75 -34.42
CA ALA G 74 18.11 32.87 -35.02
C ALA G 74 18.49 31.75 -34.07
N ASP G 75 18.84 32.11 -32.83
CA ASP G 75 19.25 31.10 -31.86
C ASP G 75 18.13 30.11 -31.60
N THR G 76 16.90 30.60 -31.50
CA THR G 76 15.77 29.70 -31.28
C THR G 76 15.59 28.73 -32.43
N ARG G 77 15.69 29.22 -33.69
CA ARG G 77 15.53 28.32 -34.83
C ARG G 77 16.65 27.29 -34.90
N GLY G 78 17.89 27.74 -34.70
CA GLY G 78 19.00 26.80 -34.73
C GLY G 78 18.88 25.74 -33.65
N TYR G 79 18.32 26.11 -32.50
CA TYR G 79 18.06 25.10 -31.46
C TYR G 79 16.90 24.19 -31.85
N ALA G 80 15.83 24.74 -32.40
CA ALA G 80 14.65 23.94 -32.74
C ALA G 80 14.93 22.96 -33.87
N TYR G 81 15.79 23.33 -34.82
CA TYR G 81 16.14 22.43 -35.91
C TYR G 81 17.64 22.18 -35.98
N ASP G 82 18.36 22.99 -36.75
CA ASP G 82 19.81 22.87 -36.80
C ASP G 82 20.37 24.21 -37.21
N ARG G 83 21.64 24.43 -36.87
CA ARG G 83 22.25 25.71 -37.22
C ARG G 83 22.27 25.92 -38.72
N ARG G 84 22.51 24.84 -39.49
CA ARG G 84 22.52 24.93 -40.94
C ARG G 84 21.18 25.38 -41.52
N ASP G 85 20.09 25.28 -40.75
CA ASP G 85 18.79 25.69 -41.25
C ASP G 85 18.54 27.18 -41.11
N VAL G 86 19.36 27.90 -40.33
CA VAL G 86 19.20 29.34 -40.15
C VAL G 86 19.81 30.05 -41.36
N THR G 87 19.02 30.88 -42.03
CA THR G 87 19.46 31.54 -43.25
C THR G 87 19.27 33.05 -43.17
N GLY G 88 20.03 33.76 -43.99
CA GLY G 88 19.88 35.21 -44.05
C GLY G 88 18.51 35.62 -44.56
N ARG G 89 18.01 34.91 -45.59
CA ARG G 89 16.68 35.19 -46.11
C ARG G 89 15.64 35.11 -44.99
N GLN G 90 15.80 34.13 -44.10
CA GLN G 90 14.86 33.95 -42.99
C GLN G 90 14.83 35.18 -42.09
N LEU G 91 16.01 35.64 -41.65
CA LEU G 91 16.04 36.81 -40.79
C LEU G 91 15.51 38.05 -41.49
N ALA G 92 15.84 38.21 -42.78
CA ALA G 92 15.30 39.34 -43.53
C ALA G 92 13.78 39.30 -43.59
N ASN G 93 13.21 38.10 -43.77
CA ASN G 93 11.77 37.95 -43.82
C ASN G 93 11.14 38.28 -42.47
N VAL G 94 11.73 37.80 -41.38
CA VAL G 94 11.18 38.07 -40.06
C VAL G 94 11.26 39.56 -39.76
N TYR G 95 12.33 40.22 -40.22
CA TYR G 95 12.44 41.66 -40.04
C TYR G 95 11.38 42.39 -40.85
N ALA G 96 11.08 41.92 -42.06
CA ALA G 96 10.01 42.53 -42.85
C ALA G 96 8.67 42.42 -42.14
N GLN G 97 8.34 41.22 -41.67
CA GLN G 97 7.08 41.01 -40.95
C GLN G 97 7.00 41.90 -39.71
N THR G 98 8.10 41.94 -38.94
CA THR G 98 8.12 42.67 -37.67
C THR G 98 7.98 44.17 -37.91
N LEU G 99 8.78 44.72 -38.83
CA LEU G 99 8.71 46.15 -39.10
C LEU G 99 7.38 46.53 -39.72
N GLY G 100 6.75 45.63 -40.47
CA GLY G 100 5.38 45.87 -40.89
C GLY G 100 4.43 46.02 -39.72
N THR G 101 4.50 45.06 -38.77
CA THR G 101 3.64 45.14 -37.59
C THR G 101 3.90 46.42 -36.80
N ILE G 102 5.17 46.77 -36.60
CA ILE G 102 5.52 47.99 -35.88
C ILE G 102 4.96 49.21 -36.60
N PHE G 103 5.20 49.28 -37.91
CA PHE G 103 4.79 50.44 -38.69
C PHE G 103 3.29 50.68 -38.60
N THR G 104 2.50 49.61 -38.65
CA THR G 104 1.05 49.75 -38.68
C THR G 104 0.41 49.80 -37.31
N GLU G 105 1.04 49.23 -36.28
CA GLU G 105 0.36 48.96 -35.02
C GLU G 105 0.96 49.66 -33.81
N GLN G 106 2.24 50.03 -33.84
CA GLN G 106 2.86 50.65 -32.69
C GLN G 106 2.50 52.13 -32.61
N ALA G 107 2.70 52.70 -31.42
CA ALA G 107 2.38 54.12 -31.20
C ALA G 107 3.17 55.02 -32.15
N LYS G 108 4.47 54.74 -32.32
CA LYS G 108 5.32 55.47 -33.25
C LYS G 108 6.10 54.47 -34.10
N PRO G 109 6.15 54.65 -35.41
CA PRO G 109 6.93 53.73 -36.24
C PRO G 109 8.40 53.78 -35.88
N TYR G 110 9.10 52.69 -36.16
CA TYR G 110 10.53 52.65 -35.90
C TYR G 110 11.25 53.45 -36.98
N GLU G 111 12.10 54.39 -36.57
CA GLU G 111 12.91 55.16 -37.51
C GLU G 111 14.24 54.42 -37.73
N VAL G 112 14.13 53.28 -38.43
CA VAL G 112 15.27 52.39 -38.64
C VAL G 112 15.27 51.89 -40.07
N GLU G 113 16.46 51.53 -40.56
CA GLU G 113 16.64 50.82 -41.81
C GLU G 113 17.63 49.70 -41.56
N LEU G 114 17.29 48.48 -42.02
CA LEU G 114 18.02 47.28 -41.67
C LEU G 114 18.66 46.62 -42.90
N CYS G 115 19.81 45.99 -42.66
CA CYS G 115 20.49 45.18 -43.65
C CYS G 115 20.86 43.84 -43.00
N VAL G 116 20.44 42.76 -43.63
CA VAL G 116 20.78 41.39 -43.24
C VAL G 116 21.64 40.79 -44.34
N ALA G 117 22.83 40.31 -43.98
CA ALA G 117 23.79 39.78 -44.96
C ALA G 117 24.16 38.35 -44.62
N GLU G 118 24.36 37.52 -45.65
CA GLU G 118 24.77 36.14 -45.45
C GLU G 118 25.86 35.77 -46.44
N VAL G 119 26.92 35.14 -45.96
CA VAL G 119 27.96 34.58 -46.82
C VAL G 119 27.86 33.06 -46.80
N ALA G 120 28.59 32.44 -47.71
CA ALA G 120 28.57 30.99 -47.82
C ALA G 120 29.23 30.35 -46.60
N HIS G 121 28.86 29.10 -46.36
CA HIS G 121 29.53 28.33 -45.32
C HIS G 121 30.94 27.93 -45.77
N TYR G 122 31.79 27.67 -44.78
CA TYR G 122 33.20 27.39 -45.04
C TYR G 122 33.33 26.24 -46.03
N GLY G 123 34.18 26.45 -47.03
CA GLY G 123 34.47 25.43 -48.01
C GLY G 123 33.45 25.30 -49.11
N GLU G 124 32.36 26.06 -49.05
CA GLU G 124 31.35 26.05 -50.10
C GLU G 124 31.47 27.31 -50.94
N THR G 125 30.87 27.26 -52.12
CA THR G 125 30.87 28.39 -53.06
C THR G 125 29.42 28.82 -53.27
N LYS G 126 29.05 29.96 -52.68
CA LYS G 126 27.73 30.54 -52.85
C LYS G 126 27.83 32.05 -52.69
N ARG G 127 27.26 32.79 -53.64
CA ARG G 127 27.41 34.24 -53.65
C ARG G 127 26.80 34.85 -52.39
N PRO G 128 27.44 35.88 -51.83
CA PRO G 128 26.84 36.58 -50.69
C PRO G 128 25.48 37.16 -51.04
N GLU G 129 24.63 37.30 -50.02
CA GLU G 129 23.29 37.86 -50.17
C GLU G 129 23.14 39.04 -49.25
N LEU G 130 22.59 40.13 -49.77
CA LEU G 130 22.33 41.35 -49.02
C LEU G 130 20.84 41.66 -49.08
N TYR G 131 20.26 41.97 -47.94
CA TYR G 131 18.85 42.31 -47.84
C TYR G 131 18.67 43.64 -47.11
N ARG G 132 17.77 44.46 -47.64
CA ARG G 132 17.37 45.74 -47.06
C ARG G 132 15.91 45.62 -46.63
N ILE G 133 15.65 45.95 -45.37
CA ILE G 133 14.30 46.02 -44.84
C ILE G 133 14.10 47.45 -44.36
N THR G 134 13.09 48.13 -44.91
CA THR G 134 12.84 49.54 -44.61
C THR G 134 11.78 49.66 -43.53
N TYR G 135 11.50 50.91 -43.13
CA TYR G 135 10.73 51.16 -41.91
C TYR G 135 9.31 50.60 -41.97
N ASP G 136 8.75 50.39 -43.16
CA ASP G 136 7.39 49.88 -43.29
C ASP G 136 7.37 48.38 -43.54
N GLY G 137 8.53 47.73 -43.46
CA GLY G 137 8.62 46.31 -43.72
C GLY G 137 8.91 45.94 -45.16
N SER G 138 9.11 46.93 -46.03
CA SER G 138 9.45 46.61 -47.40
C SER G 138 10.83 45.95 -47.41
N ILE G 139 10.96 44.90 -48.22
CA ILE G 139 12.18 44.10 -48.26
C ILE G 139 12.64 43.95 -49.70
N ALA G 140 13.93 44.15 -49.94
CA ALA G 140 14.52 44.02 -51.26
C ALA G 140 15.91 43.43 -51.10
N ASP G 141 16.29 42.49 -51.96
CA ASP G 141 17.63 41.93 -51.92
C ASP G 141 18.47 42.57 -53.02
N GLU G 142 19.67 43.02 -52.67
CA GLU G 142 20.50 43.60 -53.71
C GLU G 142 21.79 42.79 -53.82
N PRO G 143 22.28 42.54 -55.05
CA PRO G 143 23.43 41.63 -55.20
C PRO G 143 24.78 42.24 -54.86
N HIS G 144 24.94 43.56 -54.90
CA HIS G 144 26.26 44.17 -54.78
C HIS G 144 26.43 45.01 -53.52
N PHE G 145 25.51 45.93 -53.21
CA PHE G 145 25.72 46.77 -52.04
C PHE G 145 24.39 47.31 -51.55
N VAL G 146 24.39 47.74 -50.29
CA VAL G 146 23.26 48.37 -49.62
C VAL G 146 23.76 49.61 -48.91
N VAL G 147 23.01 50.70 -49.04
CA VAL G 147 23.31 51.95 -48.37
C VAL G 147 22.09 52.34 -47.56
N MET G 148 22.28 52.74 -46.30
CA MET G 148 21.15 53.05 -45.44
C MET G 148 21.44 54.27 -44.58
N GLY G 149 20.45 55.13 -44.43
CA GLY G 149 20.53 56.23 -43.49
C GLY G 149 21.14 57.48 -44.10
N GLY G 150 20.70 58.63 -43.59
CA GLY G 150 21.23 59.89 -44.07
C GLY G 150 20.87 60.15 -45.52
N THR G 151 21.72 60.89 -46.21
CA THR G 151 21.54 61.19 -47.62
C THR G 151 22.17 60.05 -48.42
N THR G 152 21.32 59.13 -48.90
CA THR G 152 21.82 57.91 -49.51
C THR G 152 22.16 58.10 -50.99
N GLU G 153 21.52 59.04 -51.67
CA GLU G 153 21.69 59.13 -53.13
C GLU G 153 23.14 59.37 -53.54
N PRO G 154 23.88 60.33 -52.99
CA PRO G 154 25.28 60.48 -53.40
C PRO G 154 26.13 59.25 -53.13
N ILE G 155 25.89 58.56 -52.01
CA ILE G 155 26.67 57.37 -51.68
C ILE G 155 26.37 56.24 -52.66
N ALA G 156 25.08 56.02 -52.93
CA ALA G 156 24.69 54.99 -53.89
C ALA G 156 25.26 55.28 -55.27
N ASN G 157 25.21 56.54 -55.71
CA ASN G 157 25.73 56.88 -57.02
C ASN G 157 27.24 56.65 -57.07
N ALA G 158 27.95 57.04 -56.00
CA ALA G 158 29.39 56.81 -55.91
C ALA G 158 29.73 55.33 -56.01
N LEU G 159 28.98 54.48 -55.33
CA LEU G 159 29.24 53.04 -55.41
C LEU G 159 28.86 52.50 -56.78
N LYS G 160 27.79 53.02 -57.38
CA LYS G 160 27.42 52.60 -58.73
C LYS G 160 28.54 52.87 -59.71
N GLU G 161 29.22 54.01 -59.55
CA GLU G 161 30.37 54.32 -60.40
C GLU G 161 31.64 53.59 -59.98
N SER G 162 31.73 53.13 -58.73
CA SER G 162 33.01 52.67 -58.20
C SER G 162 33.04 51.24 -57.71
N TYR G 163 31.97 50.46 -57.87
CA TYR G 163 31.93 49.11 -57.34
C TYR G 163 32.39 48.10 -58.40
N ALA G 164 33.31 47.23 -58.01
CA ALA G 164 33.70 46.09 -58.82
C ALA G 164 33.50 44.80 -58.02
N GLU G 165 32.86 43.81 -58.65
CA GLU G 165 32.69 42.50 -58.03
C GLU G 165 34.02 41.85 -57.72
N ASN G 166 34.15 41.36 -56.48
CA ASN G 166 35.26 40.51 -56.08
C ASN G 166 36.49 41.33 -55.76
N ALA G 167 36.24 42.57 -55.33
CA ALA G 167 37.32 43.44 -54.90
C ALA G 167 38.05 42.82 -53.71
N SER G 168 39.28 43.27 -53.51
CA SER G 168 40.01 42.85 -52.33
C SER G 168 39.41 43.55 -51.11
N LEU G 169 39.88 43.14 -49.94
CA LEU G 169 39.37 43.76 -48.71
C LEU G 169 39.74 45.24 -48.67
N THR G 170 40.98 45.57 -49.02
CA THR G 170 41.42 46.97 -49.02
C THR G 170 40.64 47.80 -50.03
N ASP G 171 40.46 47.26 -51.24
CA ASP G 171 39.73 47.99 -52.28
C ASP G 171 38.28 48.23 -51.84
N ALA G 172 37.62 47.20 -51.33
CA ALA G 172 36.25 47.34 -50.89
C ALA G 172 36.14 48.33 -49.74
N LEU G 173 37.00 48.21 -48.77
CA LEU G 173 36.92 49.11 -47.65
C LEU G 173 37.21 50.51 -48.06
N ARG G 174 38.17 50.64 -48.94
CA ARG G 174 38.56 51.94 -49.43
C ARG G 174 37.45 52.58 -50.21
N ILE G 175 36.80 51.77 -51.02
CA ILE G 175 35.68 52.19 -51.83
C ILE G 175 34.49 52.61 -51.03
N ALA G 176 34.24 51.90 -49.94
CA ALA G 176 33.14 52.16 -49.03
C ALA G 176 33.33 53.48 -48.29
N VAL G 177 34.53 53.71 -47.76
CA VAL G 177 34.77 54.96 -47.04
C VAL G 177 34.70 56.15 -47.98
N ALA G 178 35.16 55.99 -49.21
CA ALA G 178 35.00 57.06 -50.20
C ALA G 178 33.53 57.38 -50.42
N ALA G 179 32.70 56.36 -50.64
CA ALA G 179 31.28 56.59 -50.86
C ALA G 179 30.63 57.23 -49.64
N LEU G 180 31.04 56.83 -48.44
CA LEU G 180 30.47 57.43 -47.23
C LEU G 180 30.87 58.89 -47.09
N ARG G 181 32.15 59.21 -47.31
CA ARG G 181 32.60 60.59 -47.20
C ARG G 181 31.97 61.47 -48.26
N ALA G 182 31.53 60.90 -49.38
CA ALA G 182 30.75 61.68 -50.35
C ALA G 182 29.33 61.96 -49.88
N GLY G 183 29.04 61.84 -48.58
CA GLY G 183 27.66 62.01 -48.14
C GLY G 183 27.47 62.72 -46.82
N SER G 184 28.35 63.66 -46.50
CA SER G 184 28.25 64.45 -45.28
C SER G 184 28.20 65.95 -45.57
N THR G 194 37.54 65.48 -40.26
CA THR G 194 36.83 64.73 -41.27
C THR G 194 36.27 63.43 -40.69
N LEU G 195 36.80 62.29 -41.16
CA LEU G 195 36.45 60.98 -40.62
C LEU G 195 37.64 60.06 -40.81
N GLY G 196 37.55 58.89 -40.20
CA GLY G 196 38.63 57.92 -40.23
C GLY G 196 38.49 56.96 -39.07
N VAL G 197 39.63 56.39 -38.67
CA VAL G 197 39.64 55.51 -37.51
C VAL G 197 39.14 56.28 -36.29
N ALA G 198 38.39 55.58 -35.42
CA ALA G 198 37.64 56.12 -34.29
C ALA G 198 36.49 57.03 -34.72
N SER G 199 36.12 57.00 -36.00
CA SER G 199 34.90 57.63 -36.50
C SER G 199 34.15 56.64 -37.40
N LEU G 200 34.70 55.45 -37.58
CA LEU G 200 34.10 54.39 -38.37
C LEU G 200 33.94 53.17 -37.50
N GLU G 201 32.92 52.38 -37.79
CA GLU G 201 32.76 51.03 -37.26
C GLU G 201 32.81 50.09 -38.44
N VAL G 202 33.76 49.15 -38.43
CA VAL G 202 33.98 48.26 -39.56
C VAL G 202 33.91 46.83 -39.06
N ALA G 203 33.26 45.97 -39.85
CA ALA G 203 33.21 44.55 -39.55
C ALA G 203 32.99 43.80 -40.86
N VAL G 204 33.26 42.50 -40.84
CA VAL G 204 33.12 41.67 -42.03
C VAL G 204 32.47 40.34 -41.68
N LEU G 205 31.70 39.83 -42.64
CA LEU G 205 31.36 38.41 -42.72
C LEU G 205 32.44 37.75 -43.59
N ASP G 206 33.38 37.07 -42.93
CA ASP G 206 34.56 36.48 -43.57
C ASP G 206 34.23 35.05 -43.96
N ALA G 207 34.02 34.82 -45.27
CA ALA G 207 33.64 33.49 -45.74
C ALA G 207 34.71 32.44 -45.49
N ASN G 208 35.90 32.83 -45.04
CA ASN G 208 36.97 31.88 -44.76
C ASN G 208 37.07 31.50 -43.29
N ARG G 209 36.31 32.14 -42.42
CA ARG G 209 36.22 31.68 -41.04
C ARG G 209 35.52 30.31 -41.02
N PRO G 210 36.01 29.37 -40.20
CA PRO G 210 35.38 28.03 -40.14
C PRO G 210 33.93 28.01 -39.68
N ARG G 211 33.58 28.66 -38.56
CA ARG G 211 32.17 28.69 -38.19
C ARG G 211 31.61 30.10 -38.12
N ARG G 212 31.93 30.85 -37.05
CA ARG G 212 31.41 32.21 -36.88
C ARG G 212 32.18 33.15 -37.80
N ALA G 213 31.50 33.68 -38.82
CA ALA G 213 32.15 34.47 -39.85
C ALA G 213 32.35 35.93 -39.46
N PHE G 214 31.63 36.42 -38.46
CA PHE G 214 31.65 37.84 -38.16
C PHE G 214 32.97 38.21 -37.48
N ARG G 215 33.45 39.42 -37.77
CA ARG G 215 34.75 39.88 -37.29
C ARG G 215 34.79 41.40 -37.30
N ARG G 216 35.25 42.01 -36.20
CA ARG G 216 35.46 43.44 -36.21
C ARG G 216 36.89 43.76 -36.60
N ILE G 217 37.06 44.93 -37.21
CA ILE G 217 38.37 45.44 -37.59
C ILE G 217 38.55 46.77 -36.89
N THR G 218 39.43 46.82 -35.88
CA THR G 218 39.59 47.95 -34.99
C THR G 218 41.05 48.35 -34.87
N GLY G 219 41.28 49.64 -34.67
CA GLY G 219 42.58 50.10 -34.21
C GLY G 219 43.69 49.90 -35.23
N SER G 220 44.79 49.30 -34.76
CA SER G 220 45.98 49.17 -35.60
C SER G 220 45.69 48.40 -36.88
N ALA G 221 44.89 47.33 -36.80
CA ALA G 221 44.53 46.57 -37.99
C ALA G 221 43.75 47.44 -38.98
N LEU G 222 42.76 48.15 -38.48
CA LEU G 222 41.91 49.00 -39.30
C LEU G 222 42.63 50.13 -39.91
N GLN G 223 43.43 50.81 -39.12
CA GLN G 223 44.18 51.93 -39.62
C GLN G 223 45.13 51.49 -40.71
N ALA G 224 45.79 50.37 -40.52
CA ALA G 224 46.70 49.86 -41.52
C ALA G 224 45.98 49.50 -42.77
N LEU G 225 44.83 48.89 -42.61
CA LEU G 225 44.00 48.47 -43.71
C LEU G 225 43.50 49.62 -44.52
N LEU G 226 43.16 50.70 -43.86
CA LEU G 226 42.58 51.81 -44.56
C LEU G 226 43.49 52.35 -45.61
N VAL G 227 44.75 52.51 -45.28
CA VAL G 227 45.72 53.02 -46.23
C VAL G 227 46.14 51.94 -47.20
N THR H 1 7.27 -7.26 -33.79
CA THR H 1 7.70 -6.28 -34.78
C THR H 1 9.21 -6.41 -34.99
N THR H 2 9.66 -6.29 -36.23
CA THR H 2 11.07 -6.06 -36.51
C THR H 2 11.20 -5.13 -37.70
N ILE H 3 11.99 -4.08 -37.54
CA ILE H 3 12.34 -3.14 -38.60
C ILE H 3 13.86 -3.18 -38.75
N VAL H 4 14.33 -3.31 -39.99
CA VAL H 4 15.76 -3.29 -40.29
C VAL H 4 16.07 -2.13 -41.22
N ALA H 5 17.28 -1.62 -41.13
CA ALA H 5 17.79 -0.63 -42.06
C ALA H 5 19.29 -0.84 -42.19
N LEU H 6 19.80 -0.80 -43.42
CA LEU H 6 21.22 -0.96 -43.63
C LEU H 6 21.68 -0.07 -44.78
N LYS H 7 22.92 0.42 -44.65
CA LYS H 7 23.57 1.23 -45.67
C LYS H 7 24.24 0.32 -46.70
N TYR H 8 24.14 0.69 -47.95
CA TYR H 8 24.87 0.06 -49.04
C TYR H 8 25.55 1.16 -49.85
N PRO H 9 26.54 0.81 -50.69
CA PRO H 9 27.23 1.84 -51.48
C PRO H 9 26.25 2.67 -52.31
N GLY H 10 26.04 3.92 -51.90
CA GLY H 10 25.18 4.83 -52.60
C GLY H 10 23.77 4.97 -52.06
N GLY H 11 23.41 4.25 -51.01
CA GLY H 11 22.07 4.39 -50.49
C GLY H 11 21.85 3.65 -49.20
N VAL H 12 20.57 3.54 -48.83
CA VAL H 12 20.12 2.84 -47.64
C VAL H 12 18.83 2.10 -47.98
N VAL H 13 18.57 1.02 -47.25
CA VAL H 13 17.34 0.26 -47.40
C VAL H 13 16.74 0.02 -46.02
N MET H 14 15.41 0.05 -45.94
CA MET H 14 14.68 -0.21 -44.70
C MET H 14 13.53 -1.16 -45.00
N ALA H 15 13.37 -2.18 -44.17
CA ALA H 15 12.33 -3.18 -44.37
C ALA H 15 11.66 -3.50 -43.05
N GLY H 16 10.41 -3.90 -43.12
CA GLY H 16 9.64 -4.21 -41.92
C GLY H 16 8.67 -5.35 -42.17
N ASP H 17 8.38 -6.08 -41.09
CA ASP H 17 7.44 -7.20 -41.15
C ASP H 17 6.01 -6.67 -41.22
N ARG H 18 5.05 -7.58 -41.31
CA ARG H 18 3.67 -7.20 -41.58
C ARG H 18 2.71 -7.63 -40.47
N ARG H 19 3.21 -8.11 -39.34
CA ARG H 19 2.37 -8.73 -38.32
C ARG H 19 1.93 -7.74 -37.25
N SER H 20 0.64 -7.78 -36.93
CA SER H 20 0.07 -7.02 -35.83
C SER H 20 -0.54 -7.98 -34.82
N THR H 21 -0.20 -7.78 -33.55
CA THR H 21 -0.65 -8.67 -32.49
C THR H 21 -1.30 -7.87 -31.38
N GLN H 22 -2.15 -8.55 -30.63
CA GLN H 22 -2.66 -8.08 -29.34
C GLN H 22 -2.40 -9.21 -28.34
N GLY H 23 -1.29 -9.11 -27.63
CA GLY H 23 -0.86 -10.24 -26.83
C GLY H 23 -0.38 -11.34 -27.75
N ASN H 24 -0.90 -12.54 -27.55
CA ASN H 24 -0.56 -13.66 -28.42
C ASN H 24 -1.42 -13.72 -29.67
N MET H 25 -2.55 -13.03 -29.69
CA MET H 25 -3.48 -13.11 -30.81
C MET H 25 -2.99 -12.26 -31.97
N ILE H 26 -3.04 -12.83 -33.17
CA ILE H 26 -2.67 -12.11 -34.37
C ILE H 26 -3.87 -11.28 -34.81
N SER H 27 -3.72 -9.96 -34.82
CA SER H 27 -4.79 -9.05 -35.22
C SER H 27 -4.57 -8.44 -36.59
N GLY H 28 -3.43 -8.69 -37.22
CA GLY H 28 -3.19 -8.15 -38.55
C GLY H 28 -2.11 -8.91 -39.28
N ARG H 29 -2.30 -9.10 -40.60
CA ARG H 29 -1.34 -9.82 -41.41
C ARG H 29 -0.71 -8.96 -42.49
N ASP H 30 -1.28 -7.79 -42.78
CA ASP H 30 -0.94 -6.96 -43.93
C ASP H 30 -0.46 -5.58 -43.51
N VAL H 31 -0.12 -5.42 -42.24
CA VAL H 31 0.16 -4.11 -41.68
C VAL H 31 1.43 -3.52 -42.30
N ARG H 32 1.42 -2.20 -42.51
CA ARG H 32 2.58 -1.48 -43.02
C ARG H 32 3.21 -0.68 -41.88
N LYS H 33 4.51 -0.91 -41.65
CA LYS H 33 5.21 -0.27 -40.55
C LYS H 33 6.36 0.63 -41.00
N VAL H 34 6.68 0.65 -42.30
CA VAL H 34 7.73 1.49 -42.84
C VAL H 34 7.07 2.48 -43.78
N TYR H 35 7.28 3.78 -43.52
CA TYR H 35 6.62 4.86 -44.26
C TYR H 35 7.66 5.79 -44.87
N ILE H 36 7.47 6.14 -46.14
CA ILE H 36 8.27 7.17 -46.76
C ILE H 36 7.76 8.51 -46.24
N THR H 37 8.54 9.15 -45.38
CA THR H 37 8.10 10.39 -44.76
C THR H 37 8.56 11.63 -45.52
N ASP H 38 9.53 11.46 -46.42
CA ASP H 38 10.06 12.59 -47.16
C ASP H 38 10.81 12.02 -48.37
N ASP H 39 11.00 12.87 -49.38
CA ASP H 39 11.64 12.41 -50.62
C ASP H 39 12.95 11.67 -50.36
N TYR H 40 13.61 11.96 -49.22
CA TYR H 40 14.89 11.35 -48.91
C TYR H 40 14.92 10.71 -47.53
N THR H 41 13.77 10.51 -46.88
CA THR H 41 13.79 9.80 -45.59
C THR H 41 12.58 8.87 -45.49
N ALA H 42 12.83 7.70 -44.90
CA ALA H 42 11.81 6.74 -44.52
C ALA H 42 11.91 6.47 -43.02
N THR H 43 10.77 6.19 -42.41
CA THR H 43 10.68 5.93 -40.98
C THR H 43 9.97 4.60 -40.74
N GLY H 44 10.59 3.71 -39.99
CA GLY H 44 9.89 2.50 -39.59
C GLY H 44 9.71 2.52 -38.09
N ILE H 45 8.51 2.24 -37.57
CA ILE H 45 8.24 2.44 -36.15
C ILE H 45 7.71 1.16 -35.53
N ALA H 46 8.17 0.86 -34.31
CA ALA H 46 7.71 -0.30 -33.56
C ALA H 46 6.98 0.12 -32.29
N GLY H 47 6.01 -0.70 -31.87
CA GLY H 47 5.28 -0.44 -30.66
C GLY H 47 3.78 -0.35 -30.90
N THR H 48 3.11 0.45 -30.08
CA THR H 48 1.66 0.61 -30.21
C THR H 48 1.31 1.19 -31.57
N ALA H 49 0.41 0.49 -32.27
CA ALA H 49 0.10 0.85 -33.64
C ALA H 49 -0.38 2.30 -33.77
N ALA H 50 -1.32 2.70 -32.92
CA ALA H 50 -1.86 4.06 -32.99
C ALA H 50 -0.75 5.09 -32.86
N VAL H 51 0.13 4.90 -31.87
CA VAL H 51 1.21 5.84 -31.65
C VAL H 51 2.18 5.84 -32.82
N ALA H 52 2.49 4.65 -33.35
CA ALA H 52 3.44 4.56 -34.45
C ALA H 52 2.92 5.28 -35.68
N VAL H 53 1.68 4.99 -36.07
CA VAL H 53 1.12 5.62 -37.26
C VAL H 53 1.02 7.12 -37.09
N GLU H 54 0.60 7.58 -35.92
CA GLU H 54 0.54 9.03 -35.73
C GLU H 54 1.92 9.66 -35.81
N PHE H 55 2.95 8.97 -35.28
CA PHE H 55 4.32 9.44 -35.44
C PHE H 55 4.67 9.63 -36.91
N ALA H 56 4.49 8.59 -37.72
CA ALA H 56 4.85 8.70 -39.14
C ALA H 56 4.10 9.84 -39.83
N ARG H 57 2.78 9.91 -39.59
CA ARG H 57 1.94 10.91 -40.24
C ARG H 57 2.33 12.33 -39.84
N LEU H 58 2.38 12.57 -38.53
CA LEU H 58 2.72 13.90 -38.01
C LEU H 58 4.12 14.31 -38.42
N TYR H 59 5.06 13.37 -38.43
CA TYR H 59 6.43 13.68 -38.82
C TYR H 59 6.50 14.10 -40.28
N ALA H 60 5.88 13.33 -41.17
CA ALA H 60 5.86 13.72 -42.58
C ALA H 60 5.26 15.10 -42.76
N VAL H 61 4.13 15.34 -42.08
CA VAL H 61 3.49 16.66 -42.15
C VAL H 61 4.44 17.74 -41.67
N GLU H 62 5.20 17.48 -40.61
CA GLU H 62 6.12 18.51 -40.10
C GLU H 62 7.21 18.83 -41.11
N LEU H 63 7.81 17.80 -41.71
CA LEU H 63 8.86 18.03 -42.68
C LEU H 63 8.35 18.87 -43.86
N GLU H 64 7.29 18.41 -44.51
CA GLU H 64 6.82 19.18 -45.66
C GLU H 64 6.24 20.53 -45.28
N HIS H 65 5.75 20.67 -44.04
CA HIS H 65 5.32 21.98 -43.56
C HIS H 65 6.49 22.95 -43.54
N TYR H 66 7.61 22.53 -42.94
CA TYR H 66 8.80 23.39 -42.96
C TYR H 66 9.24 23.69 -44.38
N GLU H 67 9.23 22.68 -45.26
CA GLU H 67 9.73 22.89 -46.61
C GLU H 67 8.87 23.92 -47.36
N LYS H 68 7.55 23.85 -47.22
CA LYS H 68 6.69 24.80 -47.90
C LYS H 68 6.75 26.17 -47.25
N LEU H 69 6.91 26.25 -45.94
CA LEU H 69 6.99 27.54 -45.28
C LEU H 69 8.26 28.29 -45.63
N GLU H 70 9.40 27.60 -45.63
CA GLU H 70 10.71 28.24 -45.75
C GLU H 70 11.34 28.09 -47.13
N GLY H 71 10.69 27.40 -48.06
CA GLY H 71 11.19 27.26 -49.41
C GLY H 71 12.33 26.29 -49.59
N VAL H 72 12.83 25.69 -48.52
CA VAL H 72 13.95 24.75 -48.57
C VAL H 72 13.65 23.64 -47.56
N PRO H 73 13.99 22.38 -47.85
CA PRO H 73 13.76 21.33 -46.85
C PRO H 73 14.73 21.44 -45.69
N LEU H 74 14.38 20.77 -44.60
CA LEU H 74 15.26 20.73 -43.45
C LEU H 74 16.56 20.01 -43.78
N THR H 75 17.63 20.43 -43.11
CA THR H 75 18.84 19.63 -43.07
C THR H 75 18.53 18.31 -42.38
N PHE H 76 19.35 17.30 -42.69
CA PHE H 76 19.13 15.99 -42.08
C PHE H 76 19.23 16.10 -40.56
N ALA H 77 20.19 16.90 -40.08
CA ALA H 77 20.30 17.14 -38.66
C ALA H 77 18.99 17.67 -38.08
N GLY H 78 18.38 18.63 -38.76
CA GLY H 78 17.11 19.16 -38.30
C GLY H 78 16.02 18.09 -38.26
N LYS H 79 15.98 17.25 -39.28
CA LYS H 79 15.01 16.16 -39.29
C LYS H 79 15.18 15.25 -38.07
N ILE H 80 16.44 14.86 -37.79
CA ILE H 80 16.73 14.05 -36.60
C ILE H 80 16.22 14.76 -35.35
N ASN H 81 16.55 16.04 -35.20
CA ASN H 81 16.16 16.75 -34.00
C ASN H 81 14.64 16.82 -33.85
N ARG H 82 13.92 17.03 -34.95
CA ARG H 82 12.47 17.14 -34.83
C ARG H 82 11.84 15.80 -34.47
N LEU H 83 12.30 14.71 -35.10
CA LEU H 83 11.80 13.40 -34.71
C LEU H 83 12.08 13.11 -33.24
N ALA H 84 13.30 13.43 -32.78
CA ALA H 84 13.64 13.23 -31.38
C ALA H 84 12.71 14.01 -30.46
N ILE H 85 12.46 15.28 -30.80
CA ILE H 85 11.58 16.11 -29.99
C ILE H 85 10.19 15.50 -29.94
N MET H 86 9.75 14.89 -31.05
CA MET H 86 8.43 14.25 -31.07
C MET H 86 8.39 13.06 -30.10
N VAL H 87 9.40 12.19 -30.17
CA VAL H 87 9.44 11.03 -29.27
C VAL H 87 9.43 11.46 -27.81
N ARG H 88 10.37 12.36 -27.47
CA ARG H 88 10.45 12.87 -26.11
C ARG H 88 9.11 13.45 -25.68
N GLY H 89 8.42 14.11 -26.60
CA GLY H 89 7.08 14.58 -26.30
C GLY H 89 6.14 13.45 -25.94
N ASN H 90 6.31 12.29 -26.56
CA ASN H 90 5.42 11.20 -26.21
C ASN H 90 5.85 10.43 -24.97
N LEU H 91 6.99 10.78 -24.35
CA LEU H 91 7.50 9.99 -23.22
C LEU H 91 6.45 9.76 -22.13
N ALA H 92 5.66 10.79 -21.84
CA ALA H 92 4.66 10.67 -20.77
C ALA H 92 3.67 9.56 -21.07
N ALA H 93 3.07 9.58 -22.27
CA ALA H 93 2.16 8.53 -22.70
C ALA H 93 2.88 7.17 -22.81
N ALA H 94 4.15 7.19 -23.21
CA ALA H 94 4.90 5.93 -23.31
C ALA H 94 5.00 5.24 -21.97
N MET H 95 5.21 6.01 -20.90
CA MET H 95 5.23 5.41 -19.58
C MET H 95 3.91 4.78 -19.21
N GLN H 96 2.83 5.11 -19.92
CA GLN H 96 1.52 4.53 -19.62
C GLN H 96 1.15 3.38 -20.54
N GLY H 97 2.00 3.03 -21.49
CA GLY H 97 1.73 1.91 -22.38
C GLY H 97 1.58 2.28 -23.84
N LEU H 98 1.47 3.58 -24.16
CA LEU H 98 1.42 4.02 -25.55
C LEU H 98 2.82 4.34 -26.06
N LEU H 99 3.66 3.31 -26.06
CA LEU H 99 5.07 3.42 -26.40
C LEU H 99 5.30 3.06 -27.86
N ALA H 100 6.03 3.91 -28.57
CA ALA H 100 6.44 3.63 -29.94
C ALA H 100 7.79 4.27 -30.20
N LEU H 101 8.74 3.47 -30.71
CA LEU H 101 10.08 3.95 -31.05
C LEU H 101 10.28 3.90 -32.55
N PRO H 102 10.83 4.94 -33.13
CA PRO H 102 11.11 4.92 -34.56
C PRO H 102 12.56 4.58 -34.88
N LEU H 103 12.77 4.14 -36.11
CA LEU H 103 14.07 3.98 -36.74
C LEU H 103 14.05 4.80 -38.01
N LEU H 104 15.02 5.69 -38.16
CA LEU H 104 15.05 6.63 -39.27
C LEU H 104 16.15 6.21 -40.24
N ALA H 105 15.82 6.16 -41.53
CA ALA H 105 16.80 5.91 -42.57
C ALA H 105 16.66 6.99 -43.62
N GLY H 106 17.79 7.58 -44.03
CA GLY H 106 17.73 8.67 -44.97
C GLY H 106 18.95 8.71 -45.87
N TYR H 107 18.87 9.58 -46.87
CA TYR H 107 19.99 9.88 -47.75
C TYR H 107 20.23 11.39 -47.67
N ASP H 108 21.38 11.79 -47.14
CA ASP H 108 21.67 13.21 -46.98
C ASP H 108 22.22 13.77 -48.28
N ILE H 109 21.40 14.54 -49.00
CA ILE H 109 21.84 15.08 -50.29
C ILE H 109 22.98 16.08 -50.12
N HIS H 110 23.17 16.65 -48.92
CA HIS H 110 24.23 17.60 -48.65
C HIS H 110 25.51 16.93 -48.16
N ALA H 111 25.54 15.60 -48.13
CA ALA H 111 26.71 14.88 -47.65
C ALA H 111 27.86 15.00 -48.64
N SER H 112 29.08 14.88 -48.12
CA SER H 112 30.27 15.03 -48.95
C SER H 112 30.37 13.91 -49.97
N ASP H 113 30.38 12.66 -49.51
CA ASP H 113 30.55 11.51 -50.39
C ASP H 113 29.17 10.96 -50.74
N PRO H 114 28.72 11.05 -52.00
CA PRO H 114 27.37 10.57 -52.34
C PRO H 114 27.18 9.07 -52.22
N GLN H 115 28.23 8.29 -51.94
CA GLN H 115 28.08 6.85 -51.75
C GLN H 115 28.13 6.44 -50.29
N SER H 116 28.52 7.34 -49.39
CA SER H 116 28.34 7.14 -47.95
C SER H 116 27.38 8.16 -47.36
N ALA H 117 26.52 8.75 -48.21
CA ALA H 117 25.51 9.72 -47.79
C ALA H 117 24.33 9.07 -47.08
N GLY H 118 24.30 7.74 -47.01
CA GLY H 118 23.26 7.07 -46.26
C GLY H 118 23.39 7.32 -44.77
N ARG H 119 22.24 7.39 -44.11
CA ARG H 119 22.19 7.67 -42.68
C ARG H 119 21.16 6.76 -42.01
N ILE H 120 21.53 6.24 -40.85
CA ILE H 120 20.64 5.41 -40.04
C ILE H 120 20.70 5.92 -38.60
N VAL H 121 19.56 6.35 -38.09
CA VAL H 121 19.47 6.94 -36.76
C VAL H 121 18.46 6.16 -35.95
N SER H 122 18.87 5.73 -34.76
CA SER H 122 17.98 5.06 -33.81
C SER H 122 17.65 5.99 -32.65
N PHE H 123 16.53 5.72 -32.00
CA PHE H 123 16.00 6.58 -30.95
C PHE H 123 15.56 5.75 -29.75
N ASP H 124 15.66 6.33 -28.56
CA ASP H 124 15.09 5.75 -27.34
C ASP H 124 13.88 6.55 -26.89
N ALA H 125 13.23 6.06 -25.83
CA ALA H 125 11.94 6.60 -25.40
C ALA H 125 12.02 8.05 -24.93
N ALA H 126 13.21 8.54 -24.60
CA ALA H 126 13.41 9.92 -24.18
C ALA H 126 13.83 10.83 -25.33
N GLY H 127 13.88 10.32 -26.55
CA GLY H 127 14.32 11.11 -27.68
C GLY H 127 15.81 11.12 -27.93
N GLY H 128 16.60 10.47 -27.09
CA GLY H 128 18.02 10.34 -27.40
C GLY H 128 18.22 9.56 -28.68
N TRP H 129 19.15 10.01 -29.50
CA TRP H 129 19.35 9.43 -30.82
C TRP H 129 20.82 9.10 -31.04
N ASN H 130 21.04 8.11 -31.91
CA ASN H 130 22.38 7.73 -32.32
C ASN H 130 22.41 7.51 -33.81
N ILE H 131 23.36 8.15 -34.48
CA ILE H 131 23.61 7.89 -35.89
C ILE H 131 24.51 6.67 -36.01
N GLU H 132 24.01 5.64 -36.70
CA GLU H 132 24.67 4.34 -36.75
C GLU H 132 25.74 4.33 -37.82
N GLU H 133 27.00 4.27 -37.39
CA GLU H 133 28.11 4.28 -38.32
C GLU H 133 28.60 2.89 -38.68
N GLU H 134 28.05 1.85 -38.06
CA GLU H 134 28.44 0.49 -38.41
C GLU H 134 27.59 -0.14 -39.51
N GLY H 135 26.65 0.61 -40.08
CA GLY H 135 26.05 0.24 -41.34
C GLY H 135 24.65 -0.35 -41.27
N TYR H 136 24.23 -0.89 -40.13
CA TYR H 136 22.91 -1.51 -40.03
C TYR H 136 22.33 -1.27 -38.65
N GLN H 137 21.02 -1.47 -38.52
CA GLN H 137 20.32 -1.28 -37.26
C GLN H 137 18.92 -1.87 -37.40
N ALA H 138 18.34 -2.24 -36.26
CA ALA H 138 16.99 -2.76 -36.22
C ALA H 138 16.28 -2.28 -34.96
N VAL H 139 14.95 -2.34 -34.97
CA VAL H 139 14.13 -1.93 -33.84
C VAL H 139 12.93 -2.86 -33.76
N GLY H 140 12.47 -3.11 -32.55
CA GLY H 140 11.32 -3.96 -32.31
C GLY H 140 11.70 -5.20 -31.52
N SER H 141 10.70 -6.05 -31.28
CA SER H 141 10.86 -7.22 -30.43
C SER H 141 11.77 -8.28 -31.04
N GLY H 142 12.02 -8.23 -32.34
CA GLY H 142 12.98 -9.09 -32.99
C GLY H 142 14.27 -8.41 -33.39
N SER H 143 14.54 -7.21 -32.87
CA SER H 143 15.67 -6.43 -33.37
C SER H 143 16.99 -7.11 -33.04
N LEU H 144 17.11 -7.73 -31.86
CA LEU H 144 18.38 -8.38 -31.52
C LEU H 144 18.70 -9.48 -32.51
N PHE H 145 17.71 -10.31 -32.87
CA PHE H 145 17.95 -11.40 -33.82
C PHE H 145 18.32 -10.85 -35.19
N ALA H 146 17.60 -9.82 -35.65
CA ALA H 146 17.89 -9.25 -36.96
C ALA H 146 19.29 -8.64 -36.98
N LYS H 147 19.66 -7.92 -35.92
CA LYS H 147 20.98 -7.31 -35.83
C LYS H 147 22.08 -8.36 -35.82
N SER H 148 21.89 -9.45 -35.06
CA SER H 148 22.92 -10.48 -35.02
C SER H 148 23.03 -11.22 -36.35
N SER H 149 21.92 -11.37 -37.07
CA SER H 149 21.98 -11.92 -38.42
C SER H 149 22.77 -11.01 -39.36
N MET H 150 22.43 -9.73 -39.38
CA MET H 150 23.12 -8.77 -40.25
C MET H 150 24.58 -8.64 -39.88
N LYS H 151 24.93 -8.86 -38.61
CA LYS H 151 26.33 -8.82 -38.22
C LYS H 151 27.14 -9.83 -39.02
N LYS H 152 26.54 -10.99 -39.31
CA LYS H 152 27.20 -12.03 -40.09
C LYS H 152 27.02 -11.86 -41.58
N LEU H 153 25.91 -11.26 -42.02
CA LEU H 153 25.60 -11.17 -43.44
C LEU H 153 26.02 -9.87 -44.10
N TYR H 154 26.50 -8.89 -43.33
CA TYR H 154 26.67 -7.54 -43.89
C TYR H 154 27.83 -7.48 -44.87
N SER H 155 28.82 -8.36 -44.74
CA SER H 155 29.94 -8.37 -45.68
C SER H 155 29.47 -8.65 -47.12
N GLN H 156 28.28 -9.19 -47.28
CA GLN H 156 27.75 -9.52 -48.60
C GLN H 156 27.06 -8.34 -49.28
N VAL H 157 26.97 -7.19 -48.61
CA VAL H 157 26.26 -6.05 -49.16
C VAL H 157 27.23 -5.26 -50.02
N THR H 158 27.00 -5.29 -51.33
CA THR H 158 27.81 -4.57 -52.30
C THR H 158 26.99 -3.62 -53.17
N ASP H 159 25.68 -3.75 -53.20
CA ASP H 159 24.83 -2.87 -53.98
C ASP H 159 23.45 -2.84 -53.34
N GLY H 160 22.51 -2.18 -54.00
CA GLY H 160 21.18 -2.06 -53.43
C GLY H 160 20.46 -3.40 -53.35
N ASP H 161 20.66 -4.27 -54.35
CA ASP H 161 19.91 -5.52 -54.37
C ASP H 161 20.41 -6.46 -53.30
N SER H 162 21.74 -6.61 -53.16
CA SER H 162 22.27 -7.48 -52.12
C SER H 162 21.92 -6.95 -50.73
N GLY H 163 21.97 -5.63 -50.55
CA GLY H 163 21.54 -5.05 -49.28
C GLY H 163 20.09 -5.33 -48.99
N LEU H 164 19.25 -5.29 -50.02
CA LEU H 164 17.85 -5.64 -49.83
C LEU H 164 17.71 -7.10 -49.45
N ARG H 165 18.52 -7.98 -50.05
CA ARG H 165 18.49 -9.39 -49.69
C ARG H 165 18.85 -9.58 -48.22
N VAL H 166 19.97 -9.00 -47.79
CA VAL H 166 20.37 -9.10 -46.39
C VAL H 166 19.26 -8.55 -45.48
N ALA H 167 18.62 -7.47 -45.89
CA ALA H 167 17.52 -6.94 -45.09
C ALA H 167 16.42 -7.99 -44.92
N VAL H 168 15.95 -8.57 -46.02
CA VAL H 168 14.86 -9.53 -45.95
C VAL H 168 15.26 -10.75 -45.13
N GLU H 169 16.51 -11.19 -45.27
CA GLU H 169 16.95 -12.37 -44.52
C GLU H 169 17.06 -12.06 -43.03
N ALA H 170 17.46 -10.84 -42.67
CA ALA H 170 17.46 -10.46 -41.26
C ALA H 170 16.03 -10.44 -40.70
N LEU H 171 15.07 -9.89 -41.45
CA LEU H 171 13.70 -10.00 -41.01
C LEU H 171 13.25 -11.45 -40.92
N TYR H 172 13.77 -12.31 -41.79
CA TYR H 172 13.41 -13.72 -41.73
C TYR H 172 13.89 -14.35 -40.43
N ASP H 173 15.15 -14.10 -40.05
CA ASP H 173 15.67 -14.64 -38.79
C ASP H 173 14.92 -14.07 -37.59
N ALA H 174 14.59 -12.78 -37.64
CA ALA H 174 13.80 -12.17 -36.59
C ALA H 174 12.48 -12.91 -36.41
N ALA H 175 11.73 -13.09 -37.50
CA ALA H 175 10.48 -13.82 -37.37
C ALA H 175 10.71 -15.26 -36.95
N ASP H 176 11.88 -15.81 -37.26
CA ASP H 176 12.21 -17.18 -36.89
C ASP H 176 12.33 -17.35 -35.39
N ASP H 177 12.83 -16.34 -34.69
CA ASP H 177 12.99 -16.44 -33.25
C ASP H 177 12.01 -15.59 -32.44
N ASP H 178 11.22 -14.73 -33.07
CA ASP H 178 10.30 -13.85 -32.36
C ASP H 178 8.88 -14.03 -32.89
N SER H 179 7.96 -14.47 -32.02
CA SER H 179 6.61 -14.74 -32.48
C SER H 179 5.85 -13.46 -32.80
N ALA H 180 6.31 -12.31 -32.31
CA ALA H 180 5.66 -11.05 -32.63
C ALA H 180 6.04 -10.53 -34.01
N THR H 181 7.08 -11.09 -34.62
CA THR H 181 7.50 -10.73 -35.96
C THR H 181 7.01 -11.78 -36.94
N GLY H 182 6.32 -11.34 -37.99
CA GLY H 182 5.75 -12.24 -38.97
C GLY H 182 6.69 -12.51 -40.12
N GLY H 183 6.86 -13.79 -40.45
CA GLY H 183 7.66 -14.18 -41.59
C GLY H 183 6.88 -14.10 -42.87
N PRO H 184 7.54 -14.47 -43.97
CA PRO H 184 6.87 -14.46 -45.28
C PRO H 184 5.76 -15.50 -45.33
N ASP H 185 4.56 -15.06 -45.69
CA ASP H 185 3.38 -15.92 -45.82
C ASP H 185 3.24 -16.29 -47.29
N LEU H 186 3.69 -17.49 -47.66
CA LEU H 186 3.62 -17.88 -49.05
C LEU H 186 2.20 -18.27 -49.46
N VAL H 187 1.34 -18.62 -48.50
CA VAL H 187 -0.02 -18.99 -48.84
C VAL H 187 -0.84 -17.74 -49.19
N ARG H 188 -0.73 -16.71 -48.37
CA ARG H 188 -1.44 -15.45 -48.62
C ARG H 188 -0.67 -14.49 -49.50
N GLY H 189 0.62 -14.75 -49.73
CA GLY H 189 1.44 -13.87 -50.54
C GLY H 189 1.73 -12.53 -49.90
N ILE H 190 1.97 -12.51 -48.59
CA ILE H 190 2.28 -11.28 -47.86
C ILE H 190 3.74 -11.36 -47.44
N PHE H 191 4.51 -10.34 -47.81
CA PHE H 191 5.95 -10.29 -47.57
C PHE H 191 6.31 -8.96 -46.93
N PRO H 192 7.49 -8.85 -46.34
CA PRO H 192 7.89 -7.58 -45.72
C PRO H 192 7.85 -6.44 -46.71
N THR H 193 7.64 -5.22 -46.21
CA THR H 193 7.73 -4.05 -47.05
C THR H 193 9.14 -3.47 -46.97
N ALA H 194 9.59 -2.86 -48.07
CA ALA H 194 10.92 -2.29 -48.11
C ALA H 194 10.88 -0.97 -48.85
N VAL H 195 11.72 -0.05 -48.39
CA VAL H 195 11.96 1.24 -49.02
C VAL H 195 13.45 1.36 -49.26
N ILE H 196 13.83 1.84 -50.42
CA ILE H 196 15.23 2.09 -50.73
C ILE H 196 15.38 3.58 -51.03
N ILE H 197 16.50 4.16 -50.60
CA ILE H 197 16.77 5.58 -50.78
C ILE H 197 18.17 5.72 -51.34
N ASP H 198 18.29 6.38 -52.49
CA ASP H 198 19.60 6.73 -53.04
C ASP H 198 19.52 8.19 -53.52
N ALA H 199 20.45 8.58 -54.39
CA ALA H 199 20.51 9.97 -54.83
C ALA H 199 19.24 10.38 -55.58
N ASP H 200 18.56 9.43 -56.21
CA ASP H 200 17.33 9.71 -56.94
C ASP H 200 16.10 9.77 -56.04
N GLY H 201 16.26 9.60 -54.72
CA GLY H 201 15.15 9.70 -53.80
C GLY H 201 14.82 8.38 -53.13
N ALA H 202 13.63 8.36 -52.52
CA ALA H 202 13.12 7.20 -51.79
C ALA H 202 11.98 6.56 -52.57
N VAL H 203 12.10 5.26 -52.83
CA VAL H 203 11.09 4.51 -53.57
C VAL H 203 10.72 3.26 -52.79
N ASP H 204 9.44 2.89 -52.87
CA ASP H 204 8.97 1.63 -52.34
C ASP H 204 9.47 0.47 -53.18
N VAL H 205 10.04 -0.54 -52.54
CA VAL H 205 10.48 -1.74 -53.26
C VAL H 205 9.27 -2.57 -53.64
N PRO H 206 9.14 -2.97 -54.91
CA PRO H 206 7.98 -3.76 -55.33
C PRO H 206 7.92 -5.12 -54.63
N GLU H 207 6.68 -5.55 -54.35
CA GLU H 207 6.48 -6.80 -53.61
C GLU H 207 7.07 -8.00 -54.36
N SER H 208 7.06 -7.97 -55.69
CA SER H 208 7.55 -9.11 -56.46
C SER H 208 9.00 -9.43 -56.11
N ARG H 209 9.86 -8.40 -56.05
CA ARG H 209 11.26 -8.67 -55.79
C ARG H 209 11.47 -9.20 -54.38
N ILE H 210 10.76 -8.62 -53.41
CA ILE H 210 10.87 -9.12 -52.03
C ILE H 210 10.41 -10.57 -51.96
N ALA H 211 9.36 -10.92 -52.69
CA ALA H 211 8.90 -12.29 -52.74
C ALA H 211 9.96 -13.20 -53.33
N GLU H 212 10.61 -12.76 -54.41
CA GLU H 212 11.69 -13.54 -55.00
C GLU H 212 12.77 -13.82 -53.97
N LEU H 213 13.26 -12.78 -53.30
CA LEU H 213 14.30 -12.95 -52.28
C LEU H 213 13.82 -13.86 -51.15
N ALA H 214 12.56 -13.74 -50.75
CA ALA H 214 12.01 -14.59 -49.71
C ALA H 214 12.10 -16.05 -50.13
N ARG H 215 11.53 -16.38 -51.29
CA ARG H 215 11.56 -17.76 -51.76
C ARG H 215 13.00 -18.27 -51.89
N ALA H 216 13.92 -17.39 -52.31
CA ALA H 216 15.32 -17.79 -52.41
C ALA H 216 15.88 -18.17 -51.04
N ILE H 217 15.56 -17.39 -50.00
CA ILE H 217 16.04 -17.68 -48.65
C ILE H 217 15.45 -19.00 -48.15
N ILE H 218 14.13 -19.15 -48.31
CA ILE H 218 13.45 -20.35 -47.85
C ILE H 218 14.02 -21.59 -48.53
N GLU H 219 14.07 -21.58 -49.86
CA GLU H 219 14.66 -22.69 -50.60
C GLU H 219 16.12 -22.91 -50.22
N SER H 220 16.84 -21.85 -49.87
CA SER H 220 18.22 -22.00 -49.47
C SER H 220 18.37 -22.71 -48.13
N ARG H 221 17.38 -22.57 -47.25
CA ARG H 221 17.46 -23.24 -45.95
C ARG H 221 16.82 -24.62 -45.93
N SER H 222 16.09 -25.00 -46.96
CA SER H 222 15.48 -26.34 -47.01
C SER H 222 16.44 -27.35 -47.63
N THR I 1 -22.08 -9.29 -26.57
CA THR I 1 -22.23 -8.47 -27.77
C THR I 1 -21.41 -9.10 -28.88
N THR I 2 -21.97 -9.16 -30.07
CA THR I 2 -21.21 -9.49 -31.27
C THR I 2 -21.70 -8.64 -32.42
N ILE I 3 -20.75 -7.99 -33.11
CA ILE I 3 -20.99 -7.27 -34.35
C ILE I 3 -20.11 -7.90 -35.41
N VAL I 4 -20.71 -8.23 -36.55
CA VAL I 4 -19.99 -8.80 -37.68
C VAL I 4 -20.12 -7.87 -38.87
N ALA I 5 -19.12 -7.90 -39.74
CA ALA I 5 -19.18 -7.18 -41.01
C ALA I 5 -18.35 -7.96 -42.01
N LEU I 6 -18.87 -8.09 -43.23
CA LEU I 6 -18.15 -8.77 -44.30
C LEU I 6 -18.43 -8.12 -45.65
N LYS I 7 -17.41 -8.15 -46.51
CA LYS I 7 -17.51 -7.65 -47.87
C LYS I 7 -18.07 -8.73 -48.78
N TYR I 8 -18.92 -8.32 -49.70
CA TYR I 8 -19.39 -9.16 -50.79
C TYR I 8 -19.21 -8.39 -52.09
N PRO I 9 -19.24 -9.08 -53.25
CA PRO I 9 -19.04 -8.38 -54.52
C PRO I 9 -19.99 -7.22 -54.73
N GLY I 10 -19.47 -6.00 -54.64
CA GLY I 10 -20.28 -4.83 -54.86
C GLY I 10 -20.82 -4.18 -53.61
N GLY I 11 -20.53 -4.70 -52.43
CA GLY I 11 -21.02 -4.06 -51.24
C GLY I 11 -20.47 -4.66 -49.96
N VAL I 12 -21.05 -4.23 -48.85
CA VAL I 12 -20.64 -4.68 -47.52
C VAL I 12 -21.89 -4.85 -46.68
N VAL I 13 -21.82 -5.79 -45.72
CA VAL I 13 -22.93 -6.07 -44.82
C VAL I 13 -22.42 -6.06 -43.38
N MET I 14 -23.26 -5.54 -42.46
CA MET I 14 -22.96 -5.50 -41.03
C MET I 14 -24.17 -5.95 -40.23
N ALA I 15 -23.95 -6.82 -39.25
CA ALA I 15 -25.04 -7.34 -38.45
C ALA I 15 -24.62 -7.38 -37.00
N GLY I 16 -25.60 -7.26 -36.11
CA GLY I 16 -25.31 -7.24 -34.69
C GLY I 16 -26.45 -7.85 -33.92
N ASP I 17 -26.12 -8.42 -32.76
CA ASP I 17 -27.09 -9.03 -31.88
C ASP I 17 -27.90 -7.96 -31.14
N ARG I 18 -28.84 -8.41 -30.31
CA ARG I 18 -29.81 -7.52 -29.68
C ARG I 18 -29.78 -7.57 -28.16
N ARG I 19 -28.79 -8.24 -27.57
CA ARG I 19 -28.79 -8.51 -26.13
C ARG I 19 -28.01 -7.44 -25.36
N SER I 20 -28.60 -6.97 -24.27
CA SER I 20 -27.95 -6.05 -23.34
C SER I 20 -27.88 -6.69 -21.96
N THR I 21 -26.70 -6.65 -21.34
CA THR I 21 -26.47 -7.31 -20.07
C THR I 21 -25.86 -6.34 -19.06
N GLN I 22 -26.08 -6.65 -17.79
CA GLN I 22 -25.37 -6.06 -16.66
C GLN I 22 -24.84 -7.26 -15.88
N GLY I 23 -23.60 -7.63 -16.14
CA GLY I 23 -23.11 -8.88 -15.59
C GLY I 23 -23.79 -10.05 -16.26
N ASN I 24 -24.36 -10.95 -15.45
CA ASN I 24 -25.13 -12.08 -15.99
C ASN I 24 -26.58 -11.73 -16.28
N MET I 25 -27.08 -10.64 -15.71
CA MET I 25 -28.49 -10.30 -15.87
C MET I 25 -28.71 -9.69 -17.24
N ILE I 26 -29.76 -10.14 -17.91
CA ILE I 26 -30.16 -9.58 -19.19
C ILE I 26 -30.99 -8.33 -18.93
N SER I 27 -30.49 -7.18 -19.42
CA SER I 27 -31.18 -5.92 -19.23
C SER I 27 -31.82 -5.43 -20.52
N GLY I 28 -31.63 -6.13 -21.62
CA GLY I 28 -32.25 -5.74 -22.87
C GLY I 28 -32.32 -6.89 -23.85
N ARG I 29 -33.41 -6.99 -24.60
CA ARG I 29 -33.58 -8.01 -25.60
C ARG I 29 -33.74 -7.49 -27.02
N ASP I 30 -34.02 -6.20 -27.20
CA ASP I 30 -34.35 -5.62 -28.49
C ASP I 30 -33.37 -4.52 -28.87
N VAL I 31 -32.22 -4.48 -28.21
CA VAL I 31 -31.29 -3.37 -28.35
C VAL I 31 -30.75 -3.29 -29.78
N ARG I 32 -30.47 -2.06 -30.22
CA ARG I 32 -29.90 -1.78 -31.55
C ARG I 32 -28.45 -1.35 -31.38
N LYS I 33 -27.54 -2.11 -32.01
CA LYS I 33 -26.10 -1.88 -31.88
C LYS I 33 -25.41 -1.54 -33.20
N VAL I 34 -26.12 -1.58 -34.31
CA VAL I 34 -25.59 -1.21 -35.62
C VAL I 34 -26.34 0.01 -36.09
N TYR I 35 -25.62 1.09 -36.37
CA TYR I 35 -26.24 2.34 -36.75
C TYR I 35 -25.72 2.80 -38.10
N ILE I 36 -26.63 3.23 -38.96
CA ILE I 36 -26.26 3.88 -40.20
C ILE I 36 -25.84 5.30 -39.83
N THR I 37 -24.54 5.58 -39.94
CA THR I 37 -23.99 6.88 -39.59
C THR I 37 -23.89 7.81 -40.78
N ASP I 38 -24.01 7.27 -42.00
CA ASP I 38 -23.87 8.07 -43.22
C ASP I 38 -24.49 7.29 -44.37
N ASP I 39 -24.83 8.02 -45.44
CA ASP I 39 -25.44 7.39 -46.61
C ASP I 39 -24.64 6.20 -47.11
N TYR I 40 -23.33 6.18 -46.84
CA TYR I 40 -22.47 5.09 -47.30
C TYR I 40 -21.66 4.47 -46.17
N THR I 41 -21.99 4.73 -44.90
CA THR I 41 -21.28 4.06 -43.82
C THR I 41 -22.24 3.68 -42.69
N ALA I 42 -22.00 2.52 -42.12
CA ALA I 42 -22.65 2.06 -40.90
C ALA I 42 -21.59 1.72 -39.87
N THR I 43 -21.94 1.95 -38.60
CA THR I 43 -21.06 1.70 -37.48
C THR I 43 -21.75 0.82 -36.47
N GLY I 44 -21.11 -0.29 -36.11
CA GLY I 44 -21.60 -1.14 -35.04
C GLY I 44 -20.57 -1.16 -33.92
N ILE I 45 -21.05 -0.92 -32.70
CA ILE I 45 -20.16 -0.71 -31.57
C ILE I 45 -20.48 -1.71 -30.46
N ALA I 46 -19.43 -2.20 -29.82
CA ALA I 46 -19.53 -3.12 -28.69
C ALA I 46 -18.94 -2.46 -27.45
N GLY I 47 -19.50 -2.80 -26.30
CA GLY I 47 -19.02 -2.30 -25.02
C GLY I 47 -20.14 -1.64 -24.24
N THR I 48 -19.77 -0.68 -23.39
CA THR I 48 -20.74 0.02 -22.57
C THR I 48 -21.69 0.81 -23.45
N ALA I 49 -23.00 0.58 -23.26
CA ALA I 49 -24.03 1.12 -24.14
C ALA I 49 -23.97 2.63 -24.26
N ALA I 50 -23.86 3.34 -23.13
CA ALA I 50 -23.86 4.80 -23.16
C ALA I 50 -22.77 5.34 -24.09
N VAL I 51 -21.56 4.82 -23.94
CA VAL I 51 -20.46 5.27 -24.79
C VAL I 51 -20.69 4.86 -26.24
N ALA I 52 -21.19 3.64 -26.47
CA ALA I 52 -21.38 3.17 -27.84
C ALA I 52 -22.37 4.04 -28.59
N VAL I 53 -23.54 4.28 -27.99
CA VAL I 53 -24.54 5.13 -28.63
C VAL I 53 -24.01 6.55 -28.82
N GLU I 54 -23.31 7.08 -27.81
CA GLU I 54 -22.76 8.42 -27.99
C GLU I 54 -21.78 8.47 -29.15
N PHE I 55 -20.98 7.41 -29.31
CA PHE I 55 -20.11 7.29 -30.47
C PHE I 55 -20.90 7.38 -31.76
N ALA I 56 -21.93 6.54 -31.91
CA ALA I 56 -22.68 6.52 -33.16
C ALA I 56 -23.30 7.88 -33.45
N ARG I 57 -23.97 8.46 -32.45
CA ARG I 57 -24.68 9.73 -32.63
C ARG I 57 -23.71 10.86 -32.98
N LEU I 58 -22.68 11.01 -32.16
CA LEU I 58 -21.69 12.05 -32.36
C LEU I 58 -20.99 11.90 -33.71
N TYR I 59 -20.69 10.65 -34.10
CA TYR I 59 -19.98 10.41 -35.35
C TYR I 59 -20.82 10.83 -36.55
N ALA I 60 -22.09 10.38 -36.58
CA ALA I 60 -22.98 10.79 -37.67
C ALA I 60 -23.12 12.31 -37.72
N VAL I 61 -23.31 12.95 -36.56
CA VAL I 61 -23.40 14.42 -36.54
C VAL I 61 -22.14 15.04 -37.13
N GLU I 62 -20.96 14.49 -36.81
CA GLU I 62 -19.72 15.08 -37.30
C GLU I 62 -19.62 14.98 -38.81
N LEU I 63 -19.92 13.79 -39.35
CA LEU I 63 -19.85 13.60 -40.80
C LEU I 63 -20.80 14.54 -41.52
N GLU I 64 -22.09 14.50 -41.18
CA GLU I 64 -23.04 15.39 -41.84
C GLU I 64 -22.68 16.86 -41.65
N HIS I 65 -22.04 17.18 -40.52
CA HIS I 65 -21.62 18.56 -40.27
C HIS I 65 -20.57 19.00 -41.29
N TYR I 66 -19.51 18.21 -41.46
CA TYR I 66 -18.52 18.55 -42.48
C TYR I 66 -19.18 18.66 -43.84
N GLU I 67 -20.08 17.72 -44.15
CA GLU I 67 -20.70 17.69 -45.47
C GLU I 67 -21.51 18.96 -45.75
N LYS I 68 -22.24 19.46 -44.75
CA LYS I 68 -22.99 20.70 -44.95
C LYS I 68 -22.10 21.93 -44.95
N LEU I 69 -21.04 21.94 -44.14
CA LEU I 69 -20.18 23.12 -44.12
C LEU I 69 -19.43 23.28 -45.43
N GLU I 70 -18.91 22.18 -45.97
CA GLU I 70 -18.04 22.23 -47.14
C GLU I 70 -18.73 21.80 -48.43
N GLY I 71 -19.99 21.39 -48.37
CA GLY I 71 -20.73 21.03 -49.56
C GLY I 71 -20.39 19.68 -50.15
N VAL I 72 -19.43 18.96 -49.57
CA VAL I 72 -19.00 17.68 -50.10
C VAL I 72 -18.74 16.76 -48.91
N PRO I 73 -19.01 15.46 -49.04
CA PRO I 73 -18.70 14.53 -47.95
C PRO I 73 -17.20 14.29 -47.84
N LEU I 74 -16.82 13.78 -46.67
CA LEU I 74 -15.43 13.41 -46.43
C LEU I 74 -15.03 12.23 -47.31
N THR I 75 -13.76 12.18 -47.70
CA THR I 75 -13.20 10.95 -48.24
C THR I 75 -13.28 9.86 -47.19
N PHE I 76 -13.25 8.60 -47.64
CA PHE I 76 -13.37 7.52 -46.68
C PHE I 76 -12.23 7.55 -45.67
N ALA I 77 -11.01 7.91 -46.13
CA ALA I 77 -9.90 8.08 -45.21
C ALA I 77 -10.23 9.09 -44.11
N GLY I 78 -10.84 10.22 -44.48
CA GLY I 78 -11.21 11.21 -43.48
C GLY I 78 -12.19 10.67 -42.47
N LYS I 79 -13.17 9.89 -42.93
CA LYS I 79 -14.12 9.25 -42.01
C LYS I 79 -13.40 8.35 -41.02
N ILE I 80 -12.48 7.51 -41.54
CA ILE I 80 -11.69 6.65 -40.68
C ILE I 80 -10.96 7.49 -39.63
N ASN I 81 -10.24 8.52 -40.08
CA ASN I 81 -9.39 9.30 -39.18
C ASN I 81 -10.22 9.99 -38.10
N ARG I 82 -11.41 10.49 -38.44
CA ARG I 82 -12.22 11.17 -37.44
C ARG I 82 -12.75 10.18 -36.40
N LEU I 83 -13.20 9.00 -36.86
CA LEU I 83 -13.64 7.98 -35.89
C LEU I 83 -12.49 7.58 -34.96
N ALA I 84 -11.29 7.37 -35.53
CA ALA I 84 -10.12 7.01 -34.73
C ALA I 84 -9.82 8.07 -33.68
N ILE I 85 -9.86 9.34 -34.08
CA ILE I 85 -9.60 10.42 -33.14
C ILE I 85 -10.66 10.41 -32.04
N MET I 86 -11.91 10.06 -32.38
CA MET I 86 -12.96 10.00 -31.36
C MET I 86 -12.68 8.91 -30.32
N VAL I 87 -12.33 7.71 -30.79
CA VAL I 87 -12.02 6.60 -29.88
C VAL I 87 -10.84 6.98 -28.99
N ARG I 88 -9.74 7.43 -29.60
CA ARG I 88 -8.59 7.87 -28.82
C ARG I 88 -9.00 8.91 -27.79
N GLY I 89 -9.90 9.82 -28.17
CA GLY I 89 -10.41 10.81 -27.23
C GLY I 89 -11.06 10.17 -26.03
N ASN I 90 -11.74 9.04 -26.23
CA ASN I 90 -12.38 8.35 -25.11
C ASN I 90 -11.42 7.43 -24.35
N LEU I 91 -10.14 7.33 -24.76
CA LEU I 91 -9.24 6.36 -24.11
C LEU I 91 -9.20 6.47 -22.58
N ALA I 92 -9.13 7.70 -22.04
CA ALA I 92 -9.02 7.85 -20.59
C ALA I 92 -10.23 7.27 -19.86
N ALA I 93 -11.43 7.68 -20.28
CA ALA I 93 -12.64 7.11 -19.70
C ALA I 93 -12.71 5.61 -19.92
N ALA I 94 -12.22 5.13 -21.06
CA ALA I 94 -12.21 3.69 -21.28
C ALA I 94 -11.35 2.99 -20.24
N MET I 95 -10.20 3.57 -19.90
CA MET I 95 -9.37 3.03 -18.84
C MET I 95 -10.08 3.07 -17.50
N GLN I 96 -10.95 4.06 -17.28
CA GLN I 96 -11.76 4.04 -16.07
C GLN I 96 -12.94 3.07 -16.14
N GLY I 97 -13.13 2.38 -17.25
CA GLY I 97 -14.18 1.37 -17.38
C GLY I 97 -15.23 1.66 -18.42
N LEU I 98 -15.32 2.87 -18.98
CA LEU I 98 -16.33 3.18 -20.00
C LEU I 98 -15.76 2.90 -21.41
N LEU I 99 -15.52 1.62 -21.66
CA LEU I 99 -14.86 1.20 -22.89
C LEU I 99 -15.89 0.80 -23.94
N ALA I 100 -15.69 1.29 -25.16
CA ALA I 100 -16.50 0.89 -26.30
C ALA I 100 -15.63 0.94 -27.55
N LEU I 101 -15.63 -0.16 -28.31
CA LEU I 101 -14.90 -0.23 -29.56
C LEU I 101 -15.86 -0.31 -30.73
N PRO I 102 -15.62 0.48 -31.77
CA PRO I 102 -16.46 0.41 -32.97
C PRO I 102 -15.86 -0.43 -34.09
N LEU I 103 -16.74 -0.90 -34.95
CA LEU I 103 -16.42 -1.56 -36.20
C LEU I 103 -17.12 -0.77 -37.29
N LEU I 104 -16.35 -0.39 -38.30
CA LEU I 104 -16.82 0.49 -39.36
C LEU I 104 -16.98 -0.30 -40.65
N ALA I 105 -18.12 -0.13 -41.30
CA ALA I 105 -18.38 -0.71 -42.61
C ALA I 105 -18.81 0.41 -43.54
N GLY I 106 -18.23 0.45 -44.75
CA GLY I 106 -18.57 1.52 -45.65
C GLY I 106 -18.47 1.08 -47.10
N TYR I 107 -18.99 1.94 -47.97
CA TYR I 107 -18.86 1.79 -49.42
C TYR I 107 -18.19 3.04 -49.96
N ASP I 108 -16.99 2.89 -50.50
CA ASP I 108 -16.19 4.04 -50.96
C ASP I 108 -16.62 4.41 -52.37
N ILE I 109 -17.39 5.50 -52.51
CA ILE I 109 -17.85 5.90 -53.83
C ILE I 109 -16.71 6.33 -54.72
N HIS I 110 -15.57 6.71 -54.14
CA HIS I 110 -14.42 7.16 -54.90
C HIS I 110 -13.45 6.03 -55.24
N ALA I 111 -13.78 4.79 -54.88
CA ALA I 111 -12.89 3.68 -55.19
C ALA I 111 -12.91 3.39 -56.69
N SER I 112 -11.77 2.88 -57.18
CA SER I 112 -11.67 2.59 -58.60
C SER I 112 -12.57 1.42 -59.00
N ASP I 113 -12.43 0.27 -58.34
CA ASP I 113 -13.14 -0.93 -58.71
C ASP I 113 -14.43 -1.05 -57.90
N PRO I 114 -15.62 -0.90 -58.52
CA PRO I 114 -16.85 -0.98 -57.72
C PRO I 114 -17.10 -2.33 -57.11
N GLN I 115 -16.47 -3.40 -57.62
CA GLN I 115 -16.62 -4.71 -57.04
C GLN I 115 -15.98 -4.78 -55.65
N SER I 116 -14.89 -4.04 -55.45
CA SER I 116 -14.13 -4.01 -54.21
C SER I 116 -14.23 -2.66 -53.50
N ALA I 117 -15.29 -1.89 -53.78
CA ALA I 117 -15.45 -0.59 -53.12
C ALA I 117 -15.88 -0.72 -51.66
N GLY I 118 -16.20 -1.93 -51.20
CA GLY I 118 -16.51 -2.13 -49.80
C GLY I 118 -15.29 -1.98 -48.90
N ARG I 119 -15.52 -1.48 -47.69
CA ARG I 119 -14.47 -1.25 -46.72
C ARG I 119 -14.90 -1.72 -45.35
N ILE I 120 -13.99 -2.38 -44.63
CA ILE I 120 -14.20 -2.83 -43.26
C ILE I 120 -13.01 -2.41 -42.43
N VAL I 121 -13.26 -1.61 -41.39
CA VAL I 121 -12.20 -1.04 -40.56
C VAL I 121 -12.47 -1.42 -39.10
N SER I 122 -11.46 -1.98 -38.44
CA SER I 122 -11.54 -2.26 -37.02
C SER I 122 -10.64 -1.30 -36.25
N PHE I 123 -10.98 -1.11 -34.97
CA PHE I 123 -10.33 -0.12 -34.11
C PHE I 123 -9.97 -0.72 -32.77
N ASP I 124 -8.89 -0.21 -32.16
CA ASP I 124 -8.56 -0.54 -30.78
C ASP I 124 -8.78 0.67 -29.89
N ALA I 125 -8.62 0.45 -28.58
CA ALA I 125 -8.98 1.48 -27.60
C ALA I 125 -8.11 2.72 -27.71
N ALA I 126 -6.96 2.65 -28.37
CA ALA I 126 -6.10 3.81 -28.55
C ALA I 126 -6.36 4.53 -29.85
N GLY I 127 -7.40 4.14 -30.59
CA GLY I 127 -7.72 4.71 -31.88
C GLY I 127 -7.00 4.11 -33.06
N GLY I 128 -6.06 3.19 -32.82
CA GLY I 128 -5.44 2.49 -33.94
C GLY I 128 -6.46 1.70 -34.73
N TRP I 129 -6.35 1.75 -36.05
CA TRP I 129 -7.32 1.15 -36.95
C TRP I 129 -6.61 0.32 -38.00
N ASN I 130 -7.34 -0.65 -38.54
CA ASN I 130 -6.85 -1.46 -39.65
C ASN I 130 -7.98 -1.69 -40.65
N ILE I 131 -7.69 -1.43 -41.93
CA ILE I 131 -8.60 -1.76 -43.01
C ILE I 131 -8.43 -3.25 -43.33
N GLU I 132 -9.53 -4.01 -43.22
CA GLU I 132 -9.46 -5.46 -43.23
C GLU I 132 -9.47 -5.97 -44.67
N GLU I 133 -8.36 -6.57 -45.08
CA GLU I 133 -8.20 -6.99 -46.45
C GLU I 133 -8.63 -8.43 -46.70
N GLU I 134 -9.02 -9.17 -45.66
CA GLU I 134 -9.41 -10.55 -45.81
C GLU I 134 -10.92 -10.75 -45.81
N GLY I 135 -11.71 -9.68 -45.80
CA GLY I 135 -13.10 -9.74 -46.17
C GLY I 135 -14.09 -9.67 -45.02
N TYR I 136 -13.68 -10.00 -43.80
CA TYR I 136 -14.64 -9.99 -42.70
C TYR I 136 -13.93 -9.55 -41.43
N GLN I 137 -14.74 -9.22 -40.42
CA GLN I 137 -14.25 -8.79 -39.12
C GLN I 137 -15.42 -8.81 -38.15
N ALA I 138 -15.09 -8.95 -36.87
CA ALA I 138 -16.09 -8.93 -35.82
C ALA I 138 -15.53 -8.22 -34.61
N VAL I 139 -16.44 -7.78 -33.73
CA VAL I 139 -16.07 -7.08 -32.50
C VAL I 139 -17.08 -7.48 -31.43
N GLY I 140 -16.61 -7.52 -30.19
CA GLY I 140 -17.43 -7.88 -29.05
C GLY I 140 -16.96 -9.15 -28.37
N SER I 141 -17.68 -9.53 -27.32
CA SER I 141 -17.30 -10.67 -26.49
C SER I 141 -17.45 -12.00 -27.22
N GLY I 142 -18.24 -12.06 -28.28
CA GLY I 142 -18.32 -13.24 -29.12
C GLY I 142 -17.60 -13.10 -30.43
N SER I 143 -16.78 -12.07 -30.61
CA SER I 143 -16.21 -11.79 -31.92
C SER I 143 -15.23 -12.87 -32.36
N LEU I 144 -14.62 -13.58 -31.42
CA LEU I 144 -13.70 -14.63 -31.81
C LEU I 144 -14.47 -15.80 -32.44
N PHE I 145 -15.55 -16.22 -31.80
CA PHE I 145 -16.38 -17.29 -32.34
C PHE I 145 -16.92 -16.91 -33.73
N ALA I 146 -17.42 -15.68 -33.87
CA ALA I 146 -17.96 -15.24 -35.15
C ALA I 146 -16.88 -15.17 -36.23
N LYS I 147 -15.70 -14.64 -35.90
CA LYS I 147 -14.64 -14.56 -36.90
C LYS I 147 -14.21 -15.95 -37.35
N SER I 148 -14.07 -16.89 -36.41
CA SER I 148 -13.66 -18.24 -36.81
C SER I 148 -14.75 -18.95 -37.60
N SER I 149 -16.02 -18.64 -37.32
CA SER I 149 -17.11 -19.15 -38.16
C SER I 149 -17.03 -18.60 -39.57
N MET I 150 -16.86 -17.28 -39.70
CA MET I 150 -16.75 -16.68 -41.02
C MET I 150 -15.53 -17.19 -41.77
N LYS I 151 -14.48 -17.57 -41.06
CA LYS I 151 -13.31 -18.15 -41.72
C LYS I 151 -13.70 -19.39 -42.52
N LYS I 152 -14.64 -20.18 -42.00
CA LYS I 152 -15.08 -21.39 -42.69
C LYS I 152 -16.21 -21.13 -43.68
N LEU I 153 -17.05 -20.11 -43.45
CA LEU I 153 -18.20 -19.89 -44.30
C LEU I 153 -18.00 -18.83 -45.38
N TYR I 154 -16.87 -18.11 -45.38
CA TYR I 154 -16.75 -16.93 -46.24
C TYR I 154 -16.64 -17.31 -47.71
N SER I 155 -16.10 -18.49 -48.02
CA SER I 155 -15.99 -18.92 -49.41
C SER I 155 -17.34 -19.00 -50.10
N GLN I 156 -18.43 -19.09 -49.33
CA GLN I 156 -19.77 -19.18 -49.87
C GLN I 156 -20.39 -17.83 -50.17
N VAL I 157 -19.68 -16.73 -49.89
CA VAL I 157 -20.23 -15.40 -50.10
C VAL I 157 -19.96 -14.99 -51.54
N THR I 158 -21.04 -14.89 -52.34
CA THR I 158 -20.97 -14.43 -53.72
C THR I 158 -21.88 -13.26 -54.02
N ASP I 159 -22.82 -12.92 -53.13
CA ASP I 159 -23.72 -11.80 -53.35
C ASP I 159 -24.21 -11.30 -52.00
N GLY I 160 -25.15 -10.35 -52.03
CA GLY I 160 -25.66 -9.78 -50.80
C GLY I 160 -26.44 -10.75 -49.94
N ASP I 161 -27.21 -11.65 -50.58
CA ASP I 161 -28.02 -12.58 -49.80
C ASP I 161 -27.15 -13.64 -49.13
N SER I 162 -26.20 -14.21 -49.87
CA SER I 162 -25.33 -15.20 -49.25
C SER I 162 -24.48 -14.58 -48.15
N GLY I 163 -24.00 -13.35 -48.38
CA GLY I 163 -23.24 -12.66 -47.35
C GLY I 163 -24.05 -12.36 -46.10
N LEU I 164 -25.33 -11.98 -46.30
CA LEU I 164 -26.21 -11.77 -45.17
C LEU I 164 -26.46 -13.06 -44.40
N ARG I 165 -26.54 -14.19 -45.12
CA ARG I 165 -26.67 -15.47 -44.43
C ARG I 165 -25.41 -15.80 -43.65
N VAL I 166 -24.23 -15.57 -44.23
CA VAL I 166 -22.99 -15.87 -43.49
C VAL I 166 -22.89 -14.97 -42.26
N ALA I 167 -23.28 -13.70 -42.39
CA ALA I 167 -23.29 -12.82 -41.24
C ALA I 167 -24.22 -13.35 -40.15
N VAL I 168 -25.46 -13.68 -40.52
CA VAL I 168 -26.43 -14.15 -39.53
C VAL I 168 -25.96 -15.44 -38.89
N GLU I 169 -25.35 -16.33 -39.67
CA GLU I 169 -24.89 -17.59 -39.10
C GLU I 169 -23.70 -17.39 -38.18
N ALA I 170 -22.81 -16.45 -38.50
CA ALA I 170 -21.71 -16.13 -37.61
C ALA I 170 -22.21 -15.56 -36.28
N LEU I 171 -23.21 -14.68 -36.34
CA LEU I 171 -23.85 -14.23 -35.11
C LEU I 171 -24.50 -15.38 -34.37
N TYR I 172 -25.00 -16.38 -35.10
CA TYR I 172 -25.61 -17.54 -34.47
C TYR I 172 -24.58 -18.34 -33.68
N ASP I 173 -23.42 -18.60 -34.29
CA ASP I 173 -22.36 -19.32 -33.59
C ASP I 173 -21.84 -18.53 -32.40
N ALA I 174 -21.66 -17.21 -32.56
CA ALA I 174 -21.26 -16.37 -31.44
C ALA I 174 -22.24 -16.51 -30.29
N ALA I 175 -23.53 -16.34 -30.58
CA ALA I 175 -24.54 -16.48 -29.53
C ALA I 175 -24.55 -17.89 -28.96
N ASP I 176 -24.13 -18.86 -29.78
CA ASP I 176 -24.09 -20.25 -29.34
C ASP I 176 -23.01 -20.46 -28.28
N ASP I 177 -21.88 -19.76 -28.40
CA ASP I 177 -20.78 -19.95 -27.45
C ASP I 177 -20.60 -18.80 -26.45
N ASP I 178 -21.30 -17.69 -26.62
CA ASP I 178 -21.14 -16.53 -25.76
C ASP I 178 -22.50 -16.14 -25.21
N SER I 179 -22.64 -16.21 -23.88
CA SER I 179 -23.91 -15.89 -23.24
C SER I 179 -24.22 -14.41 -23.26
N ALA I 180 -23.22 -13.56 -23.49
CA ALA I 180 -23.49 -12.14 -23.60
C ALA I 180 -24.06 -11.75 -24.97
N THR I 181 -23.97 -12.65 -25.94
CA THR I 181 -24.50 -12.43 -27.28
C THR I 181 -25.83 -13.18 -27.41
N GLY I 182 -26.85 -12.46 -27.86
CA GLY I 182 -28.19 -13.01 -27.96
C GLY I 182 -28.43 -13.67 -29.29
N GLY I 183 -28.99 -14.88 -29.26
CA GLY I 183 -29.40 -15.56 -30.45
C GLY I 183 -30.79 -15.16 -30.88
N PRO I 184 -31.25 -15.75 -31.98
CA PRO I 184 -32.59 -15.43 -32.48
C PRO I 184 -33.64 -15.92 -31.50
N ASP I 185 -34.52 -15.01 -31.08
CA ASP I 185 -35.61 -15.34 -30.15
C ASP I 185 -36.85 -15.61 -31.00
N LEU I 186 -37.14 -16.89 -31.22
CA LEU I 186 -38.30 -17.25 -32.01
C LEU I 186 -39.60 -17.08 -31.23
N VAL I 187 -39.53 -17.06 -29.90
CA VAL I 187 -40.74 -16.85 -29.12
C VAL I 187 -41.18 -15.39 -29.18
N ARG I 188 -40.24 -14.47 -29.00
CA ARG I 188 -40.57 -13.06 -29.07
C ARG I 188 -40.45 -12.48 -30.46
N GLY I 189 -39.86 -13.19 -31.41
CA GLY I 189 -39.68 -12.65 -32.74
C GLY I 189 -38.66 -11.53 -32.82
N ILE I 190 -37.55 -11.66 -32.10
CA ILE I 190 -36.46 -10.68 -32.09
C ILE I 190 -35.25 -11.32 -32.74
N PHE I 191 -34.71 -10.66 -33.76
CA PHE I 191 -33.60 -11.18 -34.55
C PHE I 191 -32.51 -10.11 -34.67
N PRO I 192 -31.29 -10.50 -35.05
CA PRO I 192 -30.23 -9.51 -35.21
C PRO I 192 -30.63 -8.41 -36.17
N THR I 193 -30.04 -7.23 -35.98
CA THR I 193 -30.21 -6.15 -36.96
C THR I 193 -29.07 -6.17 -37.97
N ALA I 194 -29.39 -5.77 -39.19
CA ALA I 194 -28.40 -5.76 -40.25
C ALA I 194 -28.55 -4.51 -41.09
N VAL I 195 -27.43 -4.01 -41.57
CA VAL I 195 -27.35 -2.91 -42.51
C VAL I 195 -26.56 -3.41 -43.72
N ILE I 196 -27.06 -3.10 -44.90
CA ILE I 196 -26.39 -3.48 -46.14
C ILE I 196 -26.04 -2.19 -46.88
N ILE I 197 -24.87 -2.17 -47.51
CA ILE I 197 -24.39 -0.98 -48.21
C ILE I 197 -23.87 -1.39 -49.57
N ASP I 198 -24.39 -0.79 -50.63
CA ASP I 198 -23.83 -0.97 -51.97
C ASP I 198 -23.76 0.40 -52.62
N ALA I 199 -23.64 0.43 -53.95
CA ALA I 199 -23.51 1.70 -54.65
C ALA I 199 -24.74 2.59 -54.45
N ASP I 200 -25.91 1.99 -54.18
CA ASP I 200 -27.11 2.77 -53.93
C ASP I 200 -27.21 3.29 -52.49
N GLY I 201 -26.23 3.00 -51.65
CA GLY I 201 -26.20 3.52 -50.30
C GLY I 201 -26.35 2.43 -49.25
N ALA I 202 -26.61 2.88 -48.03
CA ALA I 202 -26.78 2.01 -46.86
C ALA I 202 -28.26 1.95 -46.50
N VAL I 203 -28.78 0.73 -46.43
CA VAL I 203 -30.18 0.48 -46.15
C VAL I 203 -30.27 -0.49 -44.99
N ASP I 204 -31.29 -0.31 -44.15
CA ASP I 204 -31.59 -1.29 -43.11
C ASP I 204 -32.19 -2.54 -43.74
N VAL I 205 -31.64 -3.69 -43.40
CA VAL I 205 -32.20 -4.95 -43.90
C VAL I 205 -33.51 -5.23 -43.19
N PRO I 206 -34.59 -5.53 -43.91
CA PRO I 206 -35.87 -5.78 -43.25
C PRO I 206 -35.81 -7.01 -42.35
N GLU I 207 -36.53 -6.92 -41.22
CA GLU I 207 -36.48 -7.99 -40.22
C GLU I 207 -36.95 -9.32 -40.80
N SER I 208 -37.88 -9.29 -41.75
CA SER I 208 -38.44 -10.51 -42.31
C SER I 208 -37.35 -11.39 -42.93
N ARG I 209 -36.42 -10.78 -43.66
CA ARG I 209 -35.37 -11.55 -44.31
C ARG I 209 -34.42 -12.17 -43.28
N ILE I 210 -34.06 -11.40 -42.25
CA ILE I 210 -33.18 -11.93 -41.21
C ILE I 210 -33.86 -13.05 -40.46
N ALA I 211 -35.17 -12.92 -40.21
CA ALA I 211 -35.93 -13.98 -39.57
C ALA I 211 -35.93 -15.25 -40.41
N GLU I 212 -36.17 -15.11 -41.72
CA GLU I 212 -36.12 -16.26 -42.63
C GLU I 212 -34.78 -16.97 -42.53
N LEU I 213 -33.68 -16.21 -42.67
CA LEU I 213 -32.36 -16.82 -42.59
C LEU I 213 -32.14 -17.50 -41.26
N ALA I 214 -32.59 -16.87 -40.17
CA ALA I 214 -32.42 -17.45 -38.84
C ALA I 214 -33.12 -18.80 -38.76
N ARG I 215 -34.38 -18.88 -39.22
CA ARG I 215 -35.08 -20.15 -39.20
C ARG I 215 -34.39 -21.18 -40.08
N ALA I 216 -33.88 -20.75 -41.24
CA ALA I 216 -33.14 -21.66 -42.11
C ALA I 216 -31.94 -22.26 -41.39
N ILE I 217 -31.19 -21.43 -40.68
CA ILE I 217 -30.04 -21.91 -39.93
C ILE I 217 -30.49 -22.86 -38.82
N ILE I 218 -31.53 -22.46 -38.08
CA ILE I 218 -32.00 -23.26 -36.96
C ILE I 218 -32.45 -24.64 -37.41
N GLU I 219 -33.10 -24.73 -38.57
CA GLU I 219 -33.53 -26.04 -39.05
C GLU I 219 -32.38 -26.83 -39.67
N SER I 220 -31.39 -26.16 -40.25
CA SER I 220 -30.22 -26.87 -40.75
C SER I 220 -29.41 -27.50 -39.61
N ARG I 221 -29.50 -26.95 -38.41
CA ARG I 221 -28.76 -27.45 -37.25
C ARG I 221 -29.48 -28.56 -36.50
N SER I 222 -30.76 -28.79 -36.80
CA SER I 222 -31.52 -29.88 -36.17
C SER I 222 -31.36 -31.16 -36.97
N THR J 1 -35.77 0.87 -1.79
CA THR J 1 -36.49 1.65 -2.78
C THR J 1 -36.91 0.79 -3.96
N THR J 2 -38.16 0.96 -4.40
CA THR J 2 -38.60 0.35 -5.65
C THR J 2 -39.51 1.34 -6.35
N ILE J 3 -39.22 1.59 -7.62
CA ILE J 3 -40.06 2.40 -8.49
C ILE J 3 -40.50 1.51 -9.64
N VAL J 4 -41.80 1.48 -9.91
CA VAL J 4 -42.35 0.68 -10.99
C VAL J 4 -43.05 1.59 -11.99
N ALA J 5 -43.07 1.16 -13.24
CA ALA J 5 -43.84 1.84 -14.29
C ALA J 5 -44.33 0.80 -15.29
N LEU J 6 -45.59 0.94 -15.72
CA LEU J 6 -46.14 0.04 -16.71
C LEU J 6 -47.07 0.79 -17.66
N LYS J 7 -47.11 0.32 -18.91
CA LYS J 7 -48.00 0.86 -19.92
C LYS J 7 -49.36 0.16 -19.85
N TYR J 8 -50.42 0.94 -20.02
CA TYR J 8 -51.76 0.39 -20.15
C TYR J 8 -52.40 1.00 -21.39
N PRO J 9 -53.49 0.40 -21.90
CA PRO J 9 -54.14 0.98 -23.08
C PRO J 9 -54.54 2.44 -22.87
N GLY J 10 -53.81 3.34 -23.53
CA GLY J 10 -54.09 4.75 -23.47
C GLY J 10 -53.23 5.56 -22.52
N GLY J 11 -52.31 4.94 -21.80
CA GLY J 11 -51.49 5.73 -20.90
C GLY J 11 -50.40 4.92 -20.23
N VAL J 12 -49.81 5.54 -19.22
CA VAL J 12 -48.73 4.92 -18.46
C VAL J 12 -48.96 5.24 -16.99
N VAL J 13 -48.49 4.34 -16.12
CA VAL J 13 -48.63 4.49 -14.68
C VAL J 13 -47.27 4.28 -14.03
N MET J 14 -46.96 5.07 -13.00
CA MET J 14 -45.72 4.94 -12.26
C MET J 14 -46.00 5.07 -10.77
N ALA J 15 -45.40 4.19 -9.97
CA ALA J 15 -45.61 4.22 -8.53
C ALA J 15 -44.29 3.96 -7.81
N GLY J 16 -44.19 4.48 -6.60
CA GLY J 16 -42.98 4.34 -5.82
C GLY J 16 -43.30 4.22 -4.35
N ASP J 17 -42.44 3.51 -3.62
CA ASP J 17 -42.57 3.32 -2.19
C ASP J 17 -42.14 4.59 -1.44
N ARG J 18 -42.27 4.56 -0.11
CA ARG J 18 -42.14 5.75 0.72
C ARG J 18 -41.03 5.63 1.75
N ARG J 19 -40.18 4.60 1.67
CA ARG J 19 -39.22 4.31 2.73
C ARG J 19 -37.86 4.94 2.43
N SER J 20 -37.30 5.62 3.43
CA SER J 20 -35.95 6.18 3.38
C SER J 20 -35.10 5.56 4.47
N THR J 21 -33.89 5.12 4.11
CA THR J 21 -33.01 4.42 5.03
C THR J 21 -31.63 5.05 5.07
N GLN J 22 -30.93 4.79 6.18
CA GLN J 22 -29.50 5.01 6.32
C GLN J 22 -28.96 3.67 6.81
N GLY J 23 -28.50 2.83 5.89
CA GLY J 23 -28.14 1.49 6.27
C GLY J 23 -29.40 0.72 6.65
N ASN J 24 -29.38 0.14 7.85
CA ASN J 24 -30.56 -0.56 8.36
C ASN J 24 -31.54 0.37 9.05
N MET J 25 -31.13 1.58 9.43
CA MET J 25 -32.00 2.48 10.16
C MET J 25 -32.99 3.13 9.21
N ILE J 26 -34.26 3.12 9.59
CA ILE J 26 -35.29 3.78 8.82
C ILE J 26 -35.28 5.25 9.19
N SER J 27 -34.96 6.11 8.22
CA SER J 27 -34.87 7.56 8.44
C SER J 27 -36.04 8.32 7.82
N GLY J 28 -36.93 7.63 7.12
CA GLY J 28 -38.08 8.31 6.57
C GLY J 28 -39.21 7.35 6.23
N ARG J 29 -40.45 7.75 6.49
CA ARG J 29 -41.60 6.91 6.19
C ARG J 29 -42.55 7.49 5.15
N ASP J 30 -42.44 8.78 4.85
CA ASP J 30 -43.41 9.47 4.01
C ASP J 30 -42.79 10.09 2.77
N VAL J 31 -41.57 9.71 2.40
CA VAL J 31 -40.85 10.38 1.33
C VAL J 31 -41.52 10.13 -0.01
N ARG J 32 -41.33 11.05 -0.95
CA ARG J 32 -41.86 10.93 -2.30
C ARG J 32 -40.71 10.70 -3.27
N LYS J 33 -40.82 9.65 -4.07
CA LYS J 33 -39.77 9.29 -5.01
C LYS J 33 -40.23 9.39 -6.46
N VAL J 34 -41.51 9.68 -6.69
CA VAL J 34 -42.07 9.84 -8.02
C VAL J 34 -42.55 11.29 -8.15
N TYR J 35 -42.05 11.99 -9.16
CA TYR J 35 -42.35 13.40 -9.36
C TYR J 35 -42.93 13.62 -10.75
N ILE J 36 -43.98 14.43 -10.82
CA ILE J 36 -44.48 14.91 -12.11
C ILE J 36 -43.50 15.98 -12.56
N THR J 37 -42.71 15.67 -13.60
CA THR J 37 -41.70 16.58 -14.10
C THR J 37 -42.20 17.42 -15.27
N ASP J 38 -43.29 17.02 -15.90
CA ASP J 38 -43.83 17.76 -17.03
C ASP J 38 -45.26 17.32 -17.22
N ASP J 39 -46.03 18.15 -17.95
CA ASP J 39 -47.44 17.89 -18.16
C ASP J 39 -47.69 16.47 -18.67
N TYR J 40 -46.69 15.88 -19.34
CA TYR J 40 -46.84 14.53 -19.88
C TYR J 40 -45.71 13.59 -19.49
N THR J 41 -44.90 13.93 -18.47
CA THR J 41 -43.88 12.98 -18.01
C THR J 41 -43.72 13.02 -16.49
N ALA J 42 -43.49 11.84 -15.92
CA ALA J 42 -43.13 11.65 -14.53
C ALA J 42 -41.80 10.91 -14.43
N THR J 43 -41.04 11.21 -13.37
CA THR J 43 -39.73 10.62 -13.11
C THR J 43 -39.70 10.04 -11.71
N GLY J 44 -39.34 8.77 -11.59
CA GLY J 44 -39.13 8.16 -10.30
C GLY J 44 -37.68 7.77 -10.12
N ILE J 45 -37.05 8.09 -8.99
CA ILE J 45 -35.61 7.93 -8.86
C ILE J 45 -35.28 7.09 -7.63
N ALA J 46 -34.26 6.23 -7.77
CA ALA J 46 -33.74 5.43 -6.67
C ALA J 46 -32.30 5.83 -6.38
N GLY J 47 -31.89 5.75 -5.11
CA GLY J 47 -30.52 6.03 -4.74
C GLY J 47 -30.40 7.13 -3.70
N THR J 48 -29.27 7.85 -3.76
CA THR J 48 -29.01 8.90 -2.78
C THR J 48 -30.05 9.99 -2.89
N ALA J 49 -30.72 10.26 -1.75
CA ALA J 49 -31.86 11.17 -1.74
C ALA J 49 -31.50 12.53 -2.30
N ALA J 50 -30.37 13.10 -1.85
CA ALA J 50 -29.95 14.42 -2.33
C ALA J 50 -29.86 14.43 -3.86
N VAL J 51 -29.21 13.42 -4.43
CA VAL J 51 -29.06 13.35 -5.87
C VAL J 51 -30.40 13.14 -6.55
N ALA J 52 -31.25 12.29 -5.99
CA ALA J 52 -32.54 12.01 -6.61
C ALA J 52 -33.39 13.26 -6.69
N VAL J 53 -33.56 13.95 -5.56
CA VAL J 53 -34.39 15.15 -5.54
C VAL J 53 -33.79 16.23 -6.45
N GLU J 54 -32.45 16.35 -6.45
CA GLU J 54 -31.84 17.32 -7.35
C GLU J 54 -32.14 16.97 -8.81
N PHE J 55 -32.10 15.68 -9.14
CA PHE J 55 -32.44 15.25 -10.50
C PHE J 55 -33.85 15.68 -10.88
N ALA J 56 -34.84 15.29 -10.08
CA ALA J 56 -36.22 15.61 -10.42
C ALA J 56 -36.44 17.12 -10.55
N ARG J 57 -35.95 17.88 -9.58
CA ARG J 57 -36.19 19.32 -9.56
C ARG J 57 -35.51 20.02 -10.74
N LEU J 58 -34.20 19.77 -10.91
CA LEU J 58 -33.46 20.37 -12.00
C LEU J 58 -34.02 19.96 -13.35
N TYR J 59 -34.43 18.70 -13.48
CA TYR J 59 -34.97 18.19 -14.74
C TYR J 59 -36.25 18.91 -15.10
N ALA J 60 -37.18 19.02 -14.15
CA ALA J 60 -38.41 19.76 -14.39
C ALA J 60 -38.09 21.19 -14.80
N VAL J 61 -37.17 21.83 -14.09
CA VAL J 61 -36.79 23.19 -14.42
C VAL J 61 -36.26 23.26 -15.85
N GLU J 62 -35.48 22.27 -16.26
CA GLU J 62 -34.87 22.28 -17.60
C GLU J 62 -35.93 22.16 -18.69
N LEU J 63 -36.88 21.24 -18.50
CA LEU J 63 -37.96 21.07 -19.48
C LEU J 63 -38.80 22.35 -19.60
N GLU J 64 -39.33 22.85 -18.49
CA GLU J 64 -40.16 24.05 -18.57
C GLU J 64 -39.35 25.24 -19.08
N HIS J 65 -38.05 25.28 -18.76
CA HIS J 65 -37.18 26.33 -19.28
C HIS J 65 -37.16 26.31 -20.81
N TYR J 66 -36.90 25.13 -21.40
CA TYR J 66 -36.94 25.04 -22.85
C TYR J 66 -38.30 25.45 -23.39
N GLU J 67 -39.37 25.02 -22.73
CA GLU J 67 -40.72 25.30 -23.24
C GLU J 67 -41.01 26.80 -23.27
N LYS J 68 -40.56 27.53 -22.24
CA LYS J 68 -40.79 28.97 -22.21
C LYS J 68 -39.87 29.71 -23.17
N LEU J 69 -38.63 29.24 -23.33
CA LEU J 69 -37.71 29.91 -24.24
C LEU J 69 -38.12 29.73 -25.71
N GLU J 70 -38.52 28.52 -26.08
CA GLU J 70 -38.77 28.18 -27.48
C GLU J 70 -40.24 28.10 -27.85
N GLY J 71 -41.15 28.33 -26.91
CA GLY J 71 -42.56 28.35 -27.23
C GLY J 71 -43.17 26.98 -27.47
N VAL J 72 -42.38 25.93 -27.46
CA VAL J 72 -42.89 24.58 -27.70
C VAL J 72 -42.10 23.64 -26.78
N PRO J 73 -42.73 22.61 -26.24
CA PRO J 73 -41.99 21.65 -25.40
C PRO J 73 -41.08 20.78 -26.24
N LEU J 74 -40.12 20.15 -25.56
CA LEU J 74 -39.22 19.22 -26.24
C LEU J 74 -39.96 17.98 -26.73
N THR J 75 -39.49 17.43 -27.83
CA THR J 75 -39.89 16.09 -28.22
C THR J 75 -39.45 15.10 -27.14
N PHE J 76 -40.14 13.96 -27.08
CA PHE J 76 -39.84 12.99 -26.04
C PHE J 76 -38.40 12.50 -26.14
N ALA J 77 -37.90 12.34 -27.36
CA ALA J 77 -36.49 11.99 -27.53
C ALA J 77 -35.60 13.01 -26.87
N GLY J 78 -35.92 14.30 -27.02
CA GLY J 78 -35.13 15.33 -26.37
C GLY J 78 -35.17 15.23 -24.86
N LYS J 79 -36.34 14.95 -24.30
CA LYS J 79 -36.46 14.76 -22.85
C LYS J 79 -35.58 13.61 -22.37
N ILE J 80 -35.67 12.46 -23.05
CA ILE J 80 -34.82 11.31 -22.72
C ILE J 80 -33.37 11.73 -22.75
N ASN J 81 -32.96 12.42 -23.82
CA ASN J 81 -31.56 12.76 -23.99
C ASN J 81 -31.07 13.70 -22.87
N ARG J 82 -31.91 14.64 -22.45
CA ARG J 82 -31.46 15.56 -21.41
C ARG J 82 -31.32 14.84 -20.06
N LEU J 83 -32.29 13.98 -19.73
CA LEU J 83 -32.17 13.21 -18.49
C LEU J 83 -30.91 12.34 -18.52
N ALA J 84 -30.64 11.70 -19.67
CA ALA J 84 -29.44 10.89 -19.81
C ALA J 84 -28.18 11.71 -19.60
N ILE J 85 -28.11 12.89 -20.21
CA ILE J 85 -26.92 13.73 -20.06
C ILE J 85 -26.76 14.16 -18.61
N MET J 86 -27.88 14.36 -17.92
CA MET J 86 -27.84 14.69 -16.49
C MET J 86 -27.20 13.56 -15.68
N VAL J 87 -27.65 12.32 -15.91
CA VAL J 87 -27.11 11.17 -15.20
C VAL J 87 -25.61 11.05 -15.46
N ARG J 88 -25.22 11.09 -16.75
CA ARG J 88 -23.80 11.03 -17.08
C ARG J 88 -23.03 12.13 -16.38
N GLY J 89 -23.67 13.30 -16.20
CA GLY J 89 -23.02 14.36 -15.46
C GLY J 89 -22.75 13.97 -14.03
N ASN J 90 -23.66 13.19 -13.43
CA ASN J 90 -23.44 12.79 -12.05
C ASN J 90 -22.54 11.56 -11.92
N LEU J 91 -22.06 11.00 -13.04
CA LEU J 91 -21.32 9.74 -12.98
C LEU J 91 -20.14 9.78 -12.00
N ALA J 92 -19.36 10.85 -11.99
CA ALA J 92 -18.19 10.88 -11.10
C ALA J 92 -18.60 10.81 -9.63
N ALA J 93 -19.53 11.68 -9.22
CA ALA J 93 -20.01 11.64 -7.84
C ALA J 93 -20.63 10.30 -7.51
N ALA J 94 -21.33 9.68 -8.48
CA ALA J 94 -21.91 8.37 -8.24
C ALA J 94 -20.84 7.34 -7.93
N MET J 95 -19.73 7.38 -8.69
CA MET J 95 -18.62 6.49 -8.38
C MET J 95 -18.04 6.77 -7.01
N GLN J 96 -18.16 8.01 -6.52
CA GLN J 96 -17.75 8.25 -5.15
C GLN J 96 -18.84 7.95 -4.12
N GLY J 97 -19.99 7.42 -4.54
CA GLY J 97 -21.01 6.99 -3.60
C GLY J 97 -22.34 7.71 -3.70
N LEU J 98 -22.46 8.82 -4.44
CA LEU J 98 -23.73 9.53 -4.62
C LEU J 98 -24.46 9.04 -5.87
N LEU J 99 -24.88 7.78 -5.83
CA LEU J 99 -25.50 7.13 -6.99
C LEU J 99 -27.02 7.27 -6.96
N ALA J 100 -27.60 7.67 -8.10
CA ALA J 100 -29.05 7.72 -8.26
C ALA J 100 -29.41 7.41 -9.70
N LEU J 101 -30.34 6.46 -9.89
CA LEU J 101 -30.82 6.12 -11.23
C LEU J 101 -32.26 6.52 -11.39
N PRO J 102 -32.61 7.15 -12.50
CA PRO J 102 -34.03 7.48 -12.73
C PRO J 102 -34.73 6.48 -13.62
N LEU J 103 -36.05 6.42 -13.48
CA LEU J 103 -36.93 5.71 -14.39
C LEU J 103 -37.95 6.73 -14.88
N LEU J 104 -38.09 6.83 -16.19
CA LEU J 104 -38.91 7.85 -16.82
C LEU J 104 -40.17 7.21 -17.41
N ALA J 105 -41.32 7.82 -17.15
CA ALA J 105 -42.58 7.39 -17.76
C ALA J 105 -43.22 8.61 -18.39
N GLY J 106 -43.71 8.47 -19.62
CA GLY J 106 -44.29 9.60 -20.29
C GLY J 106 -45.37 9.18 -21.26
N TYR J 107 -46.10 10.19 -21.76
CA TYR J 107 -47.07 10.00 -22.83
C TYR J 107 -46.68 10.93 -23.97
N ASP J 108 -46.32 10.34 -25.11
CA ASP J 108 -45.82 11.11 -26.25
C ASP J 108 -47.01 11.65 -27.02
N ILE J 109 -47.26 12.95 -26.86
CA ILE J 109 -48.39 13.56 -27.56
C ILE J 109 -48.18 13.59 -29.06
N HIS J 110 -46.94 13.45 -29.53
CA HIS J 110 -46.63 13.36 -30.96
C HIS J 110 -46.61 11.94 -31.48
N ALA J 111 -46.94 10.95 -30.65
CA ALA J 111 -46.90 9.57 -31.10
C ALA J 111 -48.00 9.29 -32.12
N SER J 112 -47.73 8.32 -33.00
CA SER J 112 -48.69 7.99 -34.04
C SER J 112 -49.96 7.36 -33.46
N ASP J 113 -49.80 6.27 -32.68
CA ASP J 113 -50.92 5.55 -32.12
C ASP J 113 -51.20 6.04 -30.71
N PRO J 114 -52.33 6.71 -30.46
CA PRO J 114 -52.60 7.24 -29.12
C PRO J 114 -52.79 6.17 -28.05
N GLN J 115 -53.10 4.93 -28.43
CA GLN J 115 -53.31 3.89 -27.42
C GLN J 115 -52.00 3.36 -26.86
N SER J 116 -50.95 3.29 -27.69
CA SER J 116 -49.64 2.81 -27.25
C SER J 116 -48.64 3.94 -27.10
N ALA J 117 -49.10 5.19 -26.93
CA ALA J 117 -48.24 6.35 -26.80
C ALA J 117 -47.51 6.40 -25.46
N GLY J 118 -47.76 5.43 -24.59
CA GLY J 118 -47.00 5.36 -23.35
C GLY J 118 -45.54 5.02 -23.60
N ARG J 119 -44.69 5.56 -22.74
CA ARG J 119 -43.25 5.38 -22.86
C ARG J 119 -42.68 5.11 -21.49
N ILE J 120 -41.78 4.13 -21.43
CA ILE J 120 -41.05 3.77 -20.21
C ILE J 120 -39.59 3.63 -20.58
N VAL J 121 -38.74 4.47 -19.97
CA VAL J 121 -37.32 4.55 -20.31
C VAL J 121 -36.53 4.32 -19.03
N SER J 122 -35.58 3.40 -19.07
CA SER J 122 -34.68 3.14 -17.94
C SER J 122 -33.28 3.64 -18.25
N PHE J 123 -32.52 3.89 -17.19
CA PHE J 123 -31.19 4.49 -17.31
C PHE J 123 -30.19 3.72 -16.44
N ASP J 124 -28.93 3.75 -16.86
CA ASP J 124 -27.83 3.25 -16.04
C ASP J 124 -26.98 4.43 -15.57
N ALA J 125 -25.99 4.15 -14.73
CA ALA J 125 -25.23 5.21 -14.09
C ALA J 125 -24.43 6.04 -15.07
N ALA J 126 -24.25 5.55 -16.30
CA ALA J 126 -23.53 6.29 -17.33
C ALA J 126 -24.46 7.09 -18.24
N GLY J 127 -25.76 7.10 -17.95
CA GLY J 127 -26.70 7.78 -18.80
C GLY J 127 -27.23 6.96 -19.95
N GLY J 128 -26.74 5.73 -20.12
CA GLY J 128 -27.33 4.86 -21.13
C GLY J 128 -28.79 4.60 -20.80
N TRP J 129 -29.62 4.58 -21.84
CA TRP J 129 -31.06 4.44 -21.64
C TRP J 129 -31.62 3.37 -22.55
N ASN J 130 -32.74 2.80 -22.14
CA ASN J 130 -33.46 1.82 -22.95
C ASN J 130 -34.95 2.13 -22.87
N ILE J 131 -35.59 2.28 -24.03
CA ILE J 131 -37.04 2.40 -24.09
C ILE J 131 -37.63 1.01 -24.02
N GLU J 132 -38.45 0.77 -22.99
CA GLU J 132 -38.91 -0.57 -22.65
C GLU J 132 -40.12 -0.91 -23.50
N GLU J 133 -39.95 -1.86 -24.42
CA GLU J 133 -41.03 -2.23 -25.32
C GLU J 133 -41.87 -3.36 -24.77
N GLU J 134 -41.50 -3.92 -23.62
CA GLU J 134 -42.23 -5.05 -23.06
C GLU J 134 -43.26 -4.65 -22.01
N GLY J 135 -43.46 -3.34 -21.81
CA GLY J 135 -44.64 -2.85 -21.13
C GLY J 135 -44.43 -2.41 -19.68
N TYR J 136 -43.42 -2.92 -18.99
CA TYR J 136 -43.19 -2.58 -17.60
C TYR J 136 -41.70 -2.52 -17.33
N GLN J 137 -41.35 -1.91 -16.21
CA GLN J 137 -39.95 -1.76 -15.80
C GLN J 137 -39.93 -1.26 -14.36
N ALA J 138 -38.81 -1.53 -13.68
CA ALA J 138 -38.63 -1.10 -12.30
C ALA J 138 -37.16 -0.73 -12.06
N VAL J 139 -36.94 0.03 -10.99
CA VAL J 139 -35.61 0.44 -10.60
C VAL J 139 -35.53 0.48 -9.07
N GLY J 140 -34.36 0.18 -8.54
CA GLY J 140 -34.15 0.20 -7.10
C GLY J 140 -33.81 -1.17 -6.55
N SER J 141 -33.65 -1.19 -5.22
CA SER J 141 -33.22 -2.41 -4.54
C SER J 141 -34.27 -3.52 -4.56
N GLY J 142 -35.53 -3.18 -4.79
CA GLY J 142 -36.57 -4.18 -4.97
C GLY J 142 -37.03 -4.35 -6.40
N SER J 143 -36.27 -3.82 -7.37
CA SER J 143 -36.75 -3.78 -8.75
C SER J 143 -36.86 -5.18 -9.36
N LEU J 144 -36.03 -6.13 -8.92
CA LEU J 144 -36.10 -7.45 -9.54
C LEU J 144 -37.35 -8.18 -9.11
N PHE J 145 -37.71 -8.06 -7.83
CA PHE J 145 -38.94 -8.70 -7.36
C PHE J 145 -40.16 -8.08 -8.03
N ALA J 146 -40.18 -6.76 -8.15
CA ALA J 146 -41.31 -6.09 -8.78
C ALA J 146 -41.42 -6.46 -10.25
N LYS J 147 -40.28 -6.49 -10.96
CA LYS J 147 -40.30 -6.86 -12.36
C LYS J 147 -40.80 -8.29 -12.55
N SER J 148 -40.32 -9.23 -11.72
CA SER J 148 -40.77 -10.59 -11.88
C SER J 148 -42.23 -10.77 -11.52
N SER J 149 -42.74 -9.99 -10.55
CA SER J 149 -44.16 -10.01 -10.26
C SER J 149 -44.97 -9.50 -11.45
N MET J 150 -44.55 -8.36 -12.01
CA MET J 150 -45.25 -7.80 -13.16
C MET J 150 -45.20 -8.72 -14.37
N LYS J 151 -44.13 -9.52 -14.49
CA LYS J 151 -44.06 -10.48 -15.59
C LYS J 151 -45.26 -11.42 -15.56
N LYS J 152 -45.72 -11.79 -14.36
CA LYS J 152 -46.86 -12.67 -14.23
C LYS J 152 -48.18 -11.91 -14.22
N LEU J 153 -48.19 -10.67 -13.74
CA LEU J 153 -49.45 -9.95 -13.58
C LEU J 153 -49.80 -9.03 -14.74
N TYR J 154 -48.93 -8.86 -15.74
CA TYR J 154 -49.17 -7.81 -16.73
C TYR J 154 -50.35 -8.13 -17.62
N SER J 155 -50.63 -9.41 -17.84
CA SER J 155 -51.77 -9.81 -18.66
C SER J 155 -53.10 -9.31 -18.10
N GLN J 156 -53.15 -8.93 -16.82
CA GLN J 156 -54.37 -8.43 -16.22
C GLN J 156 -54.60 -6.94 -16.47
N VAL J 157 -53.68 -6.28 -17.15
CA VAL J 157 -53.76 -4.85 -17.39
C VAL J 157 -54.60 -4.63 -18.64
N THR J 158 -55.80 -4.10 -18.45
CA THR J 158 -56.70 -3.78 -19.56
C THR J 158 -57.12 -2.32 -19.58
N ASP J 159 -56.91 -1.58 -18.49
CA ASP J 159 -57.25 -0.17 -18.43
C ASP J 159 -56.36 0.48 -17.38
N GLY J 160 -56.65 1.75 -17.07
CA GLY J 160 -55.82 2.46 -16.11
C GLY J 160 -55.93 1.91 -14.70
N ASP J 161 -57.13 1.46 -14.32
CA ASP J 161 -57.30 1.03 -12.94
C ASP J 161 -56.62 -0.32 -12.69
N SER J 162 -56.78 -1.27 -13.61
CA SER J 162 -56.10 -2.56 -13.44
C SER J 162 -54.58 -2.37 -13.49
N GLY J 163 -54.09 -1.48 -14.36
CA GLY J 163 -52.67 -1.21 -14.39
C GLY J 163 -52.19 -0.61 -13.07
N LEU J 164 -52.99 0.26 -12.48
CA LEU J 164 -52.62 0.81 -11.17
C LEU J 164 -52.57 -0.28 -10.12
N ARG J 165 -53.55 -1.20 -10.13
CA ARG J 165 -53.53 -2.31 -9.19
C ARG J 165 -52.27 -3.15 -9.37
N VAL J 166 -51.87 -3.43 -10.61
CA VAL J 166 -50.68 -4.23 -10.83
C VAL J 166 -49.46 -3.50 -10.33
N ALA J 167 -49.39 -2.19 -10.54
CA ALA J 167 -48.28 -1.40 -10.03
C ALA J 167 -48.18 -1.51 -8.52
N VAL J 168 -49.30 -1.30 -7.82
CA VAL J 168 -49.30 -1.34 -6.36
C VAL J 168 -48.94 -2.73 -5.86
N GLU J 169 -49.39 -3.78 -6.57
CA GLU J 169 -49.09 -5.14 -6.14
C GLU J 169 -47.63 -5.47 -6.37
N ALA J 170 -47.04 -4.98 -7.47
CA ALA J 170 -45.61 -5.17 -7.67
C ALA J 170 -44.81 -4.50 -6.58
N LEU J 171 -45.20 -3.28 -6.18
CA LEU J 171 -44.56 -2.67 -5.03
C LEU J 171 -44.77 -3.49 -3.77
N TYR J 172 -45.90 -4.17 -3.65
CA TYR J 172 -46.14 -5.01 -2.48
C TYR J 172 -45.15 -6.17 -2.44
N ASP J 173 -44.96 -6.86 -3.57
CA ASP J 173 -43.98 -7.95 -3.61
C ASP J 173 -42.57 -7.44 -3.36
N ALA J 174 -42.24 -6.27 -3.93
CA ALA J 174 -40.93 -5.67 -3.69
C ALA J 174 -40.66 -5.48 -2.20
N ALA J 175 -41.59 -4.79 -1.52
CA ALA J 175 -41.42 -4.60 -0.08
C ALA J 175 -41.46 -5.92 0.66
N ASP J 176 -42.12 -6.93 0.08
CA ASP J 176 -42.24 -8.23 0.70
C ASP J 176 -40.89 -8.94 0.76
N ASP J 177 -40.05 -8.76 -0.26
CA ASP J 177 -38.75 -9.43 -0.28
C ASP J 177 -37.57 -8.50 -0.03
N ASP J 178 -37.78 -7.18 -0.03
CA ASP J 178 -36.69 -6.22 0.11
C ASP J 178 -36.97 -5.29 1.28
N SER J 179 -36.13 -5.36 2.32
CA SER J 179 -36.34 -4.58 3.53
C SER J 179 -36.08 -3.10 3.33
N ALA J 180 -35.39 -2.73 2.25
CA ALA J 180 -35.17 -1.33 1.94
C ALA J 180 -36.38 -0.68 1.28
N THR J 181 -37.35 -1.47 0.83
CA THR J 181 -38.58 -0.97 0.22
C THR J 181 -39.71 -1.04 1.22
N GLY J 182 -40.45 0.07 1.36
CA GLY J 182 -41.51 0.15 2.34
C GLY J 182 -42.83 -0.36 1.79
N GLY J 183 -43.48 -1.23 2.58
CA GLY J 183 -44.80 -1.71 2.26
C GLY J 183 -45.87 -0.77 2.77
N PRO J 184 -47.13 -1.14 2.55
CA PRO J 184 -48.23 -0.30 3.06
C PRO J 184 -48.22 -0.30 4.58
N ASP J 185 -48.21 0.90 5.15
CA ASP J 185 -48.20 1.11 6.60
C ASP J 185 -49.66 1.35 7.00
N LEU J 186 -50.33 0.31 7.48
CA LEU J 186 -51.73 0.46 7.84
C LEU J 186 -51.92 1.17 9.18
N VAL J 187 -50.91 1.18 10.04
CA VAL J 187 -51.05 1.90 11.31
C VAL J 187 -50.97 3.41 11.08
N ARG J 188 -50.00 3.84 10.28
CA ARG J 188 -49.83 5.25 9.98
C ARG J 188 -50.63 5.71 8.77
N GLY J 189 -51.18 4.78 7.99
CA GLY J 189 -51.92 5.16 6.80
C GLY J 189 -51.06 5.75 5.71
N ILE J 190 -49.88 5.18 5.49
CA ILE J 190 -48.94 5.66 4.49
C ILE J 190 -48.86 4.63 3.38
N PHE J 191 -49.08 5.06 2.14
CA PHE J 191 -49.14 4.18 0.98
C PHE J 191 -48.26 4.70 -0.14
N PRO J 192 -47.92 3.84 -1.12
CA PRO J 192 -47.08 4.30 -2.23
C PRO J 192 -47.70 5.47 -2.95
N THR J 193 -46.85 6.30 -3.56
CA THR J 193 -47.36 7.37 -4.40
C THR J 193 -47.41 6.91 -5.85
N ALA J 194 -48.37 7.44 -6.59
CA ALA J 194 -48.53 7.04 -7.97
C ALA J 194 -48.90 8.24 -8.82
N VAL J 195 -48.42 8.22 -10.05
CA VAL J 195 -48.76 9.19 -11.08
C VAL J 195 -49.30 8.41 -12.27
N ILE J 196 -50.40 8.88 -12.83
CA ILE J 196 -50.97 8.28 -14.03
C ILE J 196 -50.94 9.34 -15.12
N ILE J 197 -50.63 8.92 -16.35
CA ILE J 197 -50.46 9.84 -17.47
C ILE J 197 -51.21 9.29 -18.67
N ASP J 198 -52.11 10.10 -19.23
CA ASP J 198 -52.75 9.75 -20.50
C ASP J 198 -52.76 11.01 -21.37
N ALA J 199 -53.64 11.02 -22.38
CA ALA J 199 -53.70 12.16 -23.30
C ALA J 199 -54.09 13.43 -22.58
N ASP J 200 -54.81 13.33 -21.48
CA ASP J 200 -55.19 14.52 -20.71
C ASP J 200 -54.08 15.01 -19.78
N GLY J 201 -52.93 14.35 -19.77
CA GLY J 201 -51.79 14.79 -18.98
C GLY J 201 -51.46 13.83 -17.86
N ALA J 202 -50.60 14.32 -16.97
CA ALA J 202 -50.10 13.56 -15.83
C ALA J 202 -50.73 14.09 -14.55
N VAL J 203 -51.34 13.21 -13.77
CA VAL J 203 -51.99 13.56 -12.51
C VAL J 203 -51.49 12.64 -11.41
N ASP J 204 -51.42 13.20 -10.20
CA ASP J 204 -51.15 12.41 -9.02
C ASP J 204 -52.37 11.57 -8.69
N VAL J 205 -52.16 10.27 -8.47
CA VAL J 205 -53.27 9.40 -8.05
C VAL J 205 -53.59 9.69 -6.58
N PRO J 206 -54.84 9.93 -6.24
CA PRO J 206 -55.20 10.24 -4.84
C PRO J 206 -54.87 9.07 -3.89
N GLU J 207 -54.51 9.45 -2.66
CA GLU J 207 -54.08 8.46 -1.67
C GLU J 207 -55.17 7.43 -1.40
N SER J 208 -56.44 7.85 -1.43
CA SER J 208 -57.53 6.95 -1.11
C SER J 208 -57.58 5.76 -2.06
N ARG J 209 -57.42 6.01 -3.35
CA ARG J 209 -57.53 4.92 -4.33
C ARG J 209 -56.43 3.90 -4.11
N ILE J 210 -55.20 4.38 -3.88
CA ILE J 210 -54.09 3.46 -3.67
C ILE J 210 -54.29 2.69 -2.38
N ALA J 211 -54.84 3.35 -1.35
CA ALA J 211 -55.13 2.63 -0.10
C ALA J 211 -56.14 1.51 -0.34
N GLU J 212 -57.18 1.77 -1.15
CA GLU J 212 -58.14 0.73 -1.47
C GLU J 212 -57.47 -0.45 -2.16
N LEU J 213 -56.65 -0.19 -3.19
CA LEU J 213 -56.02 -1.29 -3.89
C LEU J 213 -55.08 -2.07 -2.98
N ALA J 214 -54.32 -1.36 -2.13
CA ALA J 214 -53.42 -2.01 -1.20
C ALA J 214 -54.20 -2.94 -0.27
N ARG J 215 -55.28 -2.44 0.32
CA ARG J 215 -56.07 -3.28 1.23
C ARG J 215 -56.62 -4.49 0.51
N ALA J 216 -57.09 -4.31 -0.73
CA ALA J 216 -57.54 -5.46 -1.51
C ALA J 216 -56.43 -6.50 -1.66
N ILE J 217 -55.20 -6.04 -1.92
CA ILE J 217 -54.07 -6.95 -2.06
C ILE J 217 -53.80 -7.69 -0.75
N ILE J 218 -53.76 -6.94 0.36
CA ILE J 218 -53.47 -7.55 1.65
C ILE J 218 -54.50 -8.61 2.01
N GLU J 219 -55.79 -8.29 1.82
CA GLU J 219 -56.84 -9.28 2.09
C GLU J 219 -56.69 -10.48 1.16
N SER J 220 -56.40 -10.21 -0.13
CA SER J 220 -56.22 -11.31 -1.08
C SER J 220 -55.07 -12.24 -0.71
N ARG J 221 -54.06 -11.71 0.01
CA ARG J 221 -52.92 -12.55 0.40
C ARG J 221 -53.14 -13.27 1.72
N SER J 222 -54.18 -12.93 2.46
CA SER J 222 -54.49 -13.58 3.72
C SER J 222 -55.40 -14.80 3.53
N THR K 1 -23.00 15.10 21.35
CA THR K 1 -23.90 16.21 21.11
C THR K 1 -25.32 15.69 20.88
N THR K 2 -26.33 16.45 21.32
CA THR K 2 -27.70 16.12 20.98
C THR K 2 -28.49 17.42 20.81
N ILE K 3 -29.19 17.54 19.69
CA ILE K 3 -30.11 18.63 19.41
C ILE K 3 -31.49 18.01 19.21
N VAL K 4 -32.50 18.56 19.88
CA VAL K 4 -33.86 18.07 19.72
C VAL K 4 -34.73 19.20 19.18
N ALA K 5 -35.76 18.83 18.43
CA ALA K 5 -36.75 19.77 17.95
C ALA K 5 -38.08 19.05 17.86
N LEU K 6 -39.14 19.72 18.30
CA LEU K 6 -40.48 19.16 18.24
C LEU K 6 -41.50 20.25 17.95
N LYS K 7 -42.55 19.87 17.23
CA LYS K 7 -43.68 20.74 16.94
C LYS K 7 -44.67 20.67 18.08
N TYR K 8 -45.23 21.81 18.44
CA TYR K 8 -46.35 21.86 19.36
C TYR K 8 -47.44 22.72 18.73
N PRO K 9 -48.68 22.58 19.19
CA PRO K 9 -49.76 23.38 18.61
C PRO K 9 -49.47 24.88 18.70
N GLY K 10 -49.18 25.48 17.54
CA GLY K 10 -48.92 26.90 17.46
C GLY K 10 -47.47 27.30 17.39
N GLY K 11 -46.54 26.35 17.44
CA GLY K 11 -45.14 26.71 17.35
C GLY K 11 -44.23 25.50 17.28
N VAL K 12 -42.94 25.76 17.44
CA VAL K 12 -41.91 24.71 17.41
C VAL K 12 -40.89 25.04 18.49
N VAL K 13 -40.24 24.00 19.02
CA VAL K 13 -39.23 24.15 20.06
C VAL K 13 -37.97 23.42 19.65
N MET K 14 -36.81 24.02 19.92
CA MET K 14 -35.52 23.40 19.67
C MET K 14 -34.66 23.60 20.91
N ALA K 15 -33.99 22.55 21.36
CA ALA K 15 -33.12 22.64 22.54
C ALA K 15 -31.86 21.85 22.26
N GLY K 16 -30.77 22.28 22.89
CA GLY K 16 -29.49 21.62 22.69
C GLY K 16 -28.67 21.61 23.96
N ASP K 17 -27.84 20.57 24.09
CA ASP K 17 -26.98 20.42 25.27
C ASP K 17 -25.78 21.37 25.16
N ARG K 18 -24.92 21.37 26.18
CA ARG K 18 -23.88 22.37 26.32
C ARG K 18 -22.47 21.81 26.32
N ARG K 19 -22.30 20.53 25.99
CA ARG K 19 -21.02 19.85 26.18
C ARG K 19 -20.18 19.87 24.91
N SER K 20 -18.91 20.21 25.06
CA SER K 20 -17.93 20.14 23.99
C SER K 20 -16.82 19.18 24.39
N THR K 21 -16.49 18.26 23.49
CA THR K 21 -15.52 17.22 23.80
C THR K 21 -14.43 17.15 22.74
N GLN K 22 -13.27 16.65 23.16
CA GLN K 22 -12.19 16.24 22.27
C GLN K 22 -11.82 14.81 22.65
N GLY K 23 -12.36 13.86 21.91
CA GLY K 23 -12.22 12.47 22.33
C GLY K 23 -13.04 12.27 23.59
N ASN K 24 -12.41 11.70 24.61
CA ASN K 24 -13.09 11.54 25.89
C ASN K 24 -13.02 12.79 26.75
N MET K 25 -12.12 13.72 26.43
CA MET K 25 -11.90 14.89 27.27
C MET K 25 -12.99 15.92 27.07
N ILE K 26 -13.50 16.45 28.18
CA ILE K 26 -14.49 17.51 28.13
C ILE K 26 -13.76 18.84 27.96
N SER K 27 -13.99 19.50 26.83
CA SER K 27 -13.34 20.76 26.50
C SER K 27 -14.27 21.96 26.59
N GLY K 28 -15.54 21.75 26.89
CA GLY K 28 -16.46 22.86 27.08
C GLY K 28 -17.69 22.44 27.86
N ARG K 29 -18.16 23.32 28.75
CA ARG K 29 -19.37 23.09 29.52
C ARG K 29 -20.46 24.10 29.27
N ASP K 30 -20.17 25.21 28.60
CA ASP K 30 -21.08 26.33 28.44
C ASP K 30 -21.44 26.57 26.98
N VAL K 31 -21.12 25.60 26.12
CA VAL K 31 -21.21 25.81 24.68
C VAL K 31 -22.67 26.00 24.25
N ARG K 32 -22.85 26.79 23.19
CA ARG K 32 -24.16 27.08 22.61
C ARG K 32 -24.25 26.45 21.22
N LYS K 33 -25.23 25.56 21.03
CA LYS K 33 -25.35 24.83 19.77
C LYS K 33 -26.63 25.14 19.02
N VAL K 34 -27.53 25.95 19.59
CA VAL K 34 -28.78 26.34 18.94
C VAL K 34 -28.75 27.85 18.75
N TYR K 35 -28.94 28.29 17.51
CA TYR K 35 -28.87 29.70 17.16
C TYR K 35 -30.16 30.13 16.46
N ILE K 36 -30.66 31.30 16.85
CA ILE K 36 -31.76 31.91 16.12
C ILE K 36 -31.20 32.47 14.82
N THR K 37 -31.57 31.87 13.68
CA THR K 37 -30.97 32.28 12.42
C THR K 37 -31.78 33.35 11.69
N ASP K 38 -33.05 33.54 12.06
CA ASP K 38 -33.84 34.65 11.53
C ASP K 38 -35.08 34.76 12.40
N ASP K 39 -35.84 35.84 12.18
CA ASP K 39 -37.00 36.13 13.03
C ASP K 39 -37.90 34.92 13.27
N TYR K 40 -37.92 33.94 12.34
CA TYR K 40 -38.78 32.79 12.54
C TYR K 40 -38.09 31.44 12.39
N THR K 41 -36.76 31.38 12.39
CA THR K 41 -36.11 30.07 12.29
C THR K 41 -34.87 30.01 13.18
N ALA K 42 -34.69 28.83 13.79
CA ALA K 42 -33.52 28.47 14.57
C ALA K 42 -32.86 27.23 13.99
N THR K 43 -31.52 27.18 14.13
CA THR K 43 -30.69 26.10 13.63
C THR K 43 -29.81 25.55 14.74
N GLY K 44 -29.85 24.22 14.95
CA GLY K 44 -28.95 23.56 15.85
C GLY K 44 -28.08 22.58 15.08
N ILE K 45 -26.77 22.63 15.30
CA ILE K 45 -25.81 21.90 14.50
C ILE K 45 -24.96 21.00 15.38
N ALA K 46 -24.69 19.80 14.88
CA ALA K 46 -23.85 18.82 15.54
C ALA K 46 -22.61 18.58 14.68
N GLY K 47 -21.48 18.29 15.35
CA GLY K 47 -20.25 17.98 14.66
C GLY K 47 -19.11 18.88 15.09
N THR K 48 -18.17 19.09 14.16
CA THR K 48 -17.01 19.92 14.45
C THR K 48 -17.46 21.34 14.77
N ALA K 49 -17.00 21.84 15.92
CA ALA K 49 -17.48 23.13 16.43
C ALA K 49 -17.26 24.24 15.42
N ALA K 50 -16.05 24.31 14.84
CA ALA K 50 -15.76 25.36 13.87
C ALA K 50 -16.75 25.34 12.72
N VAL K 51 -17.00 24.15 12.16
CA VAL K 51 -17.90 24.02 11.03
C VAL K 51 -19.33 24.35 11.42
N ALA K 52 -19.76 23.92 12.61
CA ALA K 52 -21.12 24.19 13.05
C ALA K 52 -21.38 25.68 13.20
N VAL K 53 -20.51 26.37 13.94
CA VAL K 53 -20.70 27.81 14.13
C VAL K 53 -20.60 28.54 12.80
N GLU K 54 -19.69 28.09 11.93
CA GLU K 54 -19.58 28.71 10.60
C GLU K 54 -20.88 28.55 9.81
N PHE K 55 -21.50 27.37 9.87
CA PHE K 55 -22.81 27.17 9.25
C PHE K 55 -23.82 28.15 9.78
N ALA K 56 -23.97 28.21 11.11
CA ALA K 56 -25.00 29.07 11.70
C ALA K 56 -24.82 30.52 11.30
N ARG K 57 -23.59 31.03 11.41
CA ARG K 57 -23.33 32.45 11.12
C ARG K 57 -23.57 32.75 9.65
N LEU K 58 -22.97 31.95 8.77
CA LEU K 58 -23.09 32.18 7.33
C LEU K 58 -24.55 32.07 6.89
N TYR K 59 -25.29 31.09 7.43
CA TYR K 59 -26.68 30.89 7.07
C TYR K 59 -27.54 32.08 7.49
N ALA K 60 -27.42 32.51 8.75
CA ALA K 60 -28.17 33.68 9.20
C ALA K 60 -27.86 34.89 8.33
N VAL K 61 -26.58 35.10 8.03
CA VAL K 61 -26.21 36.21 7.15
C VAL K 61 -26.90 36.08 5.80
N GLU K 62 -26.96 34.87 5.24
CA GLU K 62 -27.55 34.69 3.92
C GLU K 62 -29.04 35.02 3.94
N LEU K 63 -29.74 34.55 4.96
CA LEU K 63 -31.17 34.83 5.07
C LEU K 63 -31.43 36.33 5.16
N GLU K 64 -30.79 37.02 6.12
CA GLU K 64 -31.09 38.45 6.23
C GLU K 64 -30.57 39.23 5.03
N HIS K 65 -29.53 38.74 4.37
CA HIS K 65 -29.07 39.35 3.13
C HIS K 65 -30.16 39.35 2.08
N TYR K 66 -30.75 38.16 1.83
CA TYR K 66 -31.86 38.12 0.89
C TYR K 66 -32.97 39.06 1.32
N GLU K 67 -33.30 39.05 2.62
CA GLU K 67 -34.45 39.84 3.07
C GLU K 67 -34.23 41.34 2.86
N LYS K 68 -33.02 41.83 3.14
CA LYS K 68 -32.76 43.25 2.95
C LYS K 68 -32.65 43.60 1.47
N LEU K 69 -32.11 42.69 0.64
CA LEU K 69 -32.00 42.98 -0.78
C LEU K 69 -33.35 43.03 -1.47
N GLU K 70 -34.26 42.12 -1.14
CA GLU K 70 -35.50 41.97 -1.86
C GLU K 70 -36.72 42.52 -1.13
N GLY K 71 -36.53 43.03 0.09
CA GLY K 71 -37.60 43.63 0.85
C GLY K 71 -38.57 42.64 1.44
N VAL K 72 -38.40 41.36 1.16
CA VAL K 72 -39.29 40.30 1.63
C VAL K 72 -38.41 39.11 1.99
N PRO K 73 -38.73 38.36 3.04
CA PRO K 73 -37.94 37.18 3.36
C PRO K 73 -38.21 36.03 2.41
N LEU K 74 -37.30 35.06 2.44
CA LEU K 74 -37.46 33.84 1.66
C LEU K 74 -38.64 33.03 2.19
N THR K 75 -39.28 32.31 1.27
CA THR K 75 -40.21 31.26 1.66
C THR K 75 -39.47 30.20 2.46
N PHE K 76 -40.23 29.44 3.26
CA PHE K 76 -39.56 28.44 4.09
C PHE K 76 -38.85 27.42 3.22
N ALA K 77 -39.48 27.03 2.10
CA ALA K 77 -38.82 26.14 1.15
C ALA K 77 -37.48 26.70 0.70
N GLY K 78 -37.42 28.00 0.41
CA GLY K 78 -36.17 28.61 0.02
C GLY K 78 -35.11 28.51 1.10
N LYS K 79 -35.50 28.76 2.36
CA LYS K 79 -34.57 28.61 3.47
C LYS K 79 -34.04 27.18 3.55
N ILE K 80 -34.93 26.20 3.47
CA ILE K 80 -34.53 24.79 3.47
C ILE K 80 -33.50 24.53 2.38
N ASN K 81 -33.81 24.97 1.16
CA ASN K 81 -32.93 24.69 0.05
C ASN K 81 -31.56 25.32 0.24
N ARG K 82 -31.52 26.54 0.79
CA ARG K 82 -30.21 27.18 0.96
C ARG K 82 -29.37 26.46 2.00
N LEU K 83 -30.00 26.06 3.12
CA LEU K 83 -29.25 25.28 4.10
C LEU K 83 -28.75 23.96 3.50
N ALA K 84 -29.60 23.28 2.73
CA ALA K 84 -29.19 22.04 2.08
C ALA K 84 -28.00 22.28 1.15
N ILE K 85 -28.06 23.36 0.36
CA ILE K 85 -26.97 23.69 -0.55
C ILE K 85 -25.69 23.94 0.24
N MET K 86 -25.81 24.55 1.42
CA MET K 86 -24.63 24.82 2.24
C MET K 86 -24.00 23.52 2.72
N VAL K 87 -24.82 22.61 3.24
CA VAL K 87 -24.29 21.32 3.70
C VAL K 87 -23.58 20.59 2.54
N ARG K 88 -24.28 20.48 1.41
CA ARG K 88 -23.67 19.85 0.24
C ARG K 88 -22.34 20.50 -0.10
N GLY K 89 -22.27 21.84 0.02
CA GLY K 89 -21.02 22.52 -0.24
C GLY K 89 -19.92 22.09 0.71
N ASN K 90 -20.28 21.78 1.95
CA ASN K 90 -19.27 21.31 2.89
C ASN K 90 -18.98 19.83 2.79
N LEU K 91 -19.67 19.09 1.90
CA LEU K 91 -19.49 17.62 1.87
C LEU K 91 -18.03 17.21 1.71
N ALA K 92 -17.28 17.88 0.84
CA ALA K 92 -15.89 17.48 0.60
C ALA K 92 -15.06 17.57 1.87
N ALA K 93 -15.09 18.73 2.55
CA ALA K 93 -14.38 18.88 3.81
C ALA K 93 -14.91 17.92 4.87
N ALA K 94 -16.22 17.64 4.85
CA ALA K 94 -16.80 16.71 5.81
C ALA K 94 -16.17 15.34 5.66
N MET K 95 -15.93 14.89 4.43
CA MET K 95 -15.26 13.61 4.23
C MET K 95 -13.86 13.60 4.82
N GLN K 96 -13.23 14.77 5.00
CA GLN K 96 -11.90 14.85 5.61
C GLN K 96 -11.96 15.05 7.12
N GLY K 97 -13.15 15.00 7.72
CA GLY K 97 -13.29 15.12 9.16
C GLY K 97 -13.97 16.38 9.64
N LEU K 98 -14.16 17.38 8.78
CA LEU K 98 -14.85 18.62 9.16
C LEU K 98 -16.34 18.48 8.88
N LEU K 99 -16.97 17.54 9.58
CA LEU K 99 -18.37 17.18 9.37
C LEU K 99 -19.29 17.91 10.34
N ALA K 100 -20.38 18.47 9.82
CA ALA K 100 -21.40 19.07 10.66
C ALA K 100 -22.75 18.91 10.00
N LEU K 101 -23.74 18.40 10.75
CA LEU K 101 -25.12 18.31 10.26
C LEU K 101 -26.01 19.26 11.03
N PRO K 102 -26.86 20.01 10.34
CA PRO K 102 -27.80 20.89 11.03
C PRO K 102 -29.18 20.26 11.11
N LEU K 103 -29.93 20.75 12.09
CA LEU K 103 -31.35 20.49 12.27
C LEU K 103 -32.03 21.86 12.29
N LEU K 104 -33.05 22.01 11.45
CA LEU K 104 -33.72 23.28 11.23
C LEU K 104 -35.12 23.25 11.86
N ALA K 105 -35.44 24.29 12.60
CA ALA K 105 -36.78 24.45 13.15
C ALA K 105 -37.28 25.84 12.78
N GLY K 106 -38.50 25.92 12.26
CA GLY K 106 -39.01 27.20 11.83
C GLY K 106 -40.51 27.27 11.99
N TYR K 107 -41.02 28.49 11.85
CA TYR K 107 -42.45 28.76 11.84
C TYR K 107 -42.78 29.43 10.53
N ASP K 108 -43.59 28.77 9.71
CA ASP K 108 -43.91 29.27 8.37
C ASP K 108 -45.04 30.29 8.47
N ILE K 109 -44.70 31.57 8.31
CA ILE K 109 -45.71 32.61 8.41
C ILE K 109 -46.74 32.48 7.29
N HIS K 110 -46.40 31.77 6.22
CA HIS K 110 -47.27 31.59 5.07
C HIS K 110 -48.15 30.34 5.16
N ALA K 111 -48.08 29.58 6.25
CA ALA K 111 -48.89 28.38 6.37
C ALA K 111 -50.36 28.74 6.56
N SER K 112 -51.24 27.84 6.11
CA SER K 112 -52.67 28.09 6.23
C SER K 112 -53.12 28.06 7.68
N ASP K 113 -52.83 26.97 8.38
CA ASP K 113 -53.26 26.75 9.76
C ASP K 113 -52.15 27.19 10.71
N PRO K 114 -52.34 28.25 11.50
CA PRO K 114 -51.23 28.72 12.37
C PRO K 114 -50.83 27.73 13.45
N GLN K 115 -51.65 26.72 13.74
CA GLN K 115 -51.29 25.73 14.75
C GLN K 115 -50.36 24.66 14.20
N SER K 116 -50.31 24.47 12.88
CA SER K 116 -49.42 23.50 12.26
C SER K 116 -48.36 24.15 11.41
N ALA K 117 -48.09 25.45 11.62
CA ALA K 117 -47.07 26.17 10.86
C ALA K 117 -45.66 25.83 11.30
N GLY K 118 -45.49 25.05 12.37
CA GLY K 118 -44.16 24.63 12.77
C GLY K 118 -43.58 23.65 11.76
N ARG K 119 -42.26 23.75 11.58
CA ARG K 119 -41.56 22.91 10.63
C ARG K 119 -40.26 22.43 11.25
N ILE K 120 -39.96 21.15 11.04
CA ILE K 120 -38.73 20.54 11.52
C ILE K 120 -38.11 19.80 10.34
N VAL K 121 -36.89 20.18 9.97
CA VAL K 121 -36.21 19.64 8.81
C VAL K 121 -34.87 19.06 9.24
N SER K 122 -34.62 17.81 8.86
CA SER K 122 -33.33 17.16 9.11
C SER K 122 -32.56 17.04 7.80
N PHE K 123 -31.23 16.96 7.93
CA PHE K 123 -30.33 16.97 6.79
C PHE K 123 -29.28 15.87 6.93
N ASP K 124 -28.80 15.37 5.79
CA ASP K 124 -27.63 14.49 5.78
C ASP K 124 -26.45 15.21 5.15
N ALA K 125 -25.29 14.55 5.19
CA ALA K 125 -24.04 15.19 4.79
C ALA K 125 -24.00 15.58 3.32
N ALA K 126 -24.89 15.01 2.50
CA ALA K 126 -24.99 15.33 1.09
C ALA K 126 -26.04 16.41 0.81
N GLY K 127 -26.62 16.99 1.83
CA GLY K 127 -27.63 18.03 1.67
C GLY K 127 -29.04 17.52 1.50
N GLY K 128 -29.26 16.22 1.43
CA GLY K 128 -30.62 15.72 1.41
C GLY K 128 -31.36 16.09 2.68
N TRP K 129 -32.62 16.48 2.53
CA TRP K 129 -33.39 16.97 3.65
C TRP K 129 -34.74 16.28 3.71
N ASN K 130 -35.32 16.28 4.91
CA ASN K 130 -36.65 15.72 5.16
C ASN K 130 -37.41 16.67 6.07
N ILE K 131 -38.62 17.04 5.66
CA ILE K 131 -39.54 17.77 6.53
C ILE K 131 -40.23 16.74 7.41
N GLU K 132 -40.04 16.87 8.73
CA GLU K 132 -40.45 15.85 9.70
C GLU K 132 -41.91 16.11 10.07
N GLU K 133 -42.83 15.41 9.42
CA GLU K 133 -44.23 15.56 9.75
C GLU K 133 -44.67 14.64 10.88
N GLU K 134 -43.75 13.88 11.47
CA GLU K 134 -44.04 13.07 12.65
C GLU K 134 -43.86 13.84 13.95
N GLY K 135 -43.48 15.12 13.88
CA GLY K 135 -43.59 16.04 14.99
C GLY K 135 -42.30 16.33 15.71
N TYR K 136 -41.33 15.42 15.67
CA TYR K 136 -40.08 15.62 16.39
C TYR K 136 -38.93 15.02 15.59
N GLN K 137 -37.72 15.42 15.96
CA GLN K 137 -36.50 14.98 15.31
C GLN K 137 -35.31 15.41 16.15
N ALA K 138 -34.21 14.69 16.02
CA ALA K 138 -32.99 15.00 16.75
C ALA K 138 -31.78 14.74 15.87
N VAL K 139 -30.65 15.33 16.26
CA VAL K 139 -29.39 15.16 15.53
C VAL K 139 -28.26 15.17 16.55
N GLY K 140 -27.21 14.40 16.26
CA GLY K 140 -26.04 14.31 17.12
C GLY K 140 -25.83 12.89 17.64
N SER K 141 -24.78 12.74 18.46
CA SER K 141 -24.39 11.41 18.91
C SER K 141 -25.40 10.80 19.88
N GLY K 142 -26.26 11.61 20.48
CA GLY K 142 -27.33 11.12 21.31
C GLY K 142 -28.70 11.17 20.66
N SER K 143 -28.76 11.40 19.34
CA SER K 143 -30.03 11.65 18.68
C SER K 143 -30.94 10.43 18.69
N LEU K 144 -30.40 9.22 18.63
CA LEU K 144 -31.29 8.06 18.61
C LEU K 144 -31.96 7.86 19.97
N PHE K 145 -31.22 8.07 21.05
CA PHE K 145 -31.81 8.00 22.37
C PHE K 145 -32.88 9.07 22.54
N ALA K 146 -32.58 10.30 22.11
CA ALA K 146 -33.53 11.39 22.24
C ALA K 146 -34.77 11.14 21.40
N LYS K 147 -34.58 10.65 20.18
CA LYS K 147 -35.72 10.35 19.32
C LYS K 147 -36.61 9.28 19.92
N SER K 148 -36.01 8.20 20.44
CA SER K 148 -36.83 7.14 21.02
C SER K 148 -37.51 7.59 22.30
N SER K 149 -36.88 8.49 23.06
CA SER K 149 -37.53 9.09 24.21
C SER K 149 -38.73 9.93 23.78
N MET K 150 -38.53 10.82 22.79
CA MET K 150 -39.64 11.65 22.29
C MET K 150 -40.74 10.80 21.67
N LYS K 151 -40.41 9.62 21.14
CA LYS K 151 -41.43 8.70 20.65
C LYS K 151 -42.42 8.34 21.75
N LYS K 152 -41.94 8.20 22.98
CA LYS K 152 -42.80 7.87 24.11
C LYS K 152 -43.41 9.09 24.76
N LEU K 153 -42.72 10.24 24.74
CA LEU K 153 -43.18 11.41 25.47
C LEU K 153 -43.95 12.41 24.62
N TYR K 154 -44.06 12.22 23.31
CA TYR K 154 -44.58 13.29 22.47
C TYR K 154 -46.07 13.52 22.69
N SER K 155 -46.81 12.49 23.10
CA SER K 155 -48.23 12.64 23.37
C SER K 155 -48.52 13.65 24.47
N GLN K 156 -47.51 13.99 25.29
CA GLN K 156 -47.67 14.97 26.36
C GLN K 156 -47.51 16.41 25.88
N VAL K 157 -47.25 16.62 24.60
CA VAL K 157 -47.01 17.95 24.06
C VAL K 157 -48.37 18.56 23.76
N THR K 158 -48.75 19.59 24.52
CA THR K 158 -50.01 20.29 24.30
C THR K 158 -49.84 21.78 24.08
N ASP K 159 -48.68 22.34 24.40
CA ASP K 159 -48.39 23.75 24.17
C ASP K 159 -46.88 23.92 24.11
N GLY K 160 -46.42 25.16 24.08
CA GLY K 160 -45.00 25.43 24.06
C GLY K 160 -44.32 25.00 25.34
N ASP K 161 -45.01 25.12 26.47
CA ASP K 161 -44.39 24.81 27.75
C ASP K 161 -44.18 23.30 27.91
N SER K 162 -45.23 22.51 27.62
CA SER K 162 -45.09 21.05 27.70
C SER K 162 -44.10 20.54 26.66
N GLY K 163 -44.13 21.12 25.46
CA GLY K 163 -43.15 20.74 24.46
C GLY K 163 -41.74 21.05 24.90
N LEU K 164 -41.55 22.18 25.60
CA LEU K 164 -40.24 22.50 26.13
C LEU K 164 -39.81 21.47 27.17
N ARG K 165 -40.74 21.03 28.02
CA ARG K 165 -40.38 20.03 29.03
C ARG K 165 -40.01 18.71 28.37
N VAL K 166 -40.74 18.31 27.32
CA VAL K 166 -40.41 17.08 26.61
C VAL K 166 -39.05 17.22 25.95
N ALA K 167 -38.76 18.40 25.40
CA ALA K 167 -37.45 18.64 24.80
C ALA K 167 -36.34 18.45 25.83
N VAL K 168 -36.47 19.11 26.98
CA VAL K 168 -35.43 19.03 28.01
C VAL K 168 -35.28 17.61 28.52
N GLU K 169 -36.38 16.88 28.65
CA GLU K 169 -36.29 15.50 29.12
C GLU K 169 -35.64 14.61 28.07
N ALA K 170 -35.90 14.87 26.79
CA ALA K 170 -35.24 14.12 25.73
C ALA K 170 -33.74 14.35 25.76
N LEU K 171 -33.32 15.60 25.93
CA LEU K 171 -31.90 15.86 26.12
C LEU K 171 -31.37 15.16 27.37
N TYR K 172 -32.20 15.03 28.40
CA TYR K 172 -31.78 14.33 29.60
C TYR K 172 -31.49 12.87 29.29
N ASP K 173 -32.40 12.20 28.57
CA ASP K 173 -32.18 10.80 28.21
C ASP K 173 -30.95 10.64 27.33
N ALA K 174 -30.78 11.56 26.37
CA ALA K 174 -29.59 11.51 25.53
C ALA K 174 -28.32 11.56 26.37
N ALA K 175 -28.23 12.54 27.28
CA ALA K 175 -27.05 12.64 28.15
C ALA K 175 -26.93 11.43 29.06
N ASP K 176 -28.06 10.79 29.37
CA ASP K 176 -28.03 9.60 30.20
C ASP K 176 -27.36 8.44 29.48
N ASP K 177 -27.54 8.34 28.16
CA ASP K 177 -26.98 7.22 27.41
C ASP K 177 -25.79 7.56 26.52
N ASP K 178 -25.46 8.85 26.33
CA ASP K 178 -24.36 9.25 25.45
C ASP K 178 -23.42 10.17 26.22
N SER K 179 -22.17 9.75 26.36
CA SER K 179 -21.22 10.54 27.15
C SER K 179 -20.80 11.82 26.45
N ALA K 180 -21.01 11.91 25.14
CA ALA K 180 -20.67 13.14 24.42
C ALA K 180 -21.73 14.23 24.59
N THR K 181 -22.90 13.89 25.11
CA THR K 181 -23.97 14.85 25.37
C THR K 181 -23.96 15.20 26.85
N GLY K 182 -23.97 16.49 27.15
CA GLY K 182 -23.89 16.96 28.53
C GLY K 182 -25.27 17.07 29.14
N GLY K 183 -25.40 16.53 30.35
CA GLY K 183 -26.63 16.68 31.09
C GLY K 183 -26.66 17.97 31.86
N PRO K 184 -27.76 18.18 32.59
CA PRO K 184 -27.87 19.40 33.41
C PRO K 184 -26.87 19.35 34.54
N ASP K 185 -26.05 20.39 34.64
CA ASP K 185 -25.04 20.51 35.69
C ASP K 185 -25.65 21.36 36.79
N LEU K 186 -26.14 20.71 37.83
CA LEU K 186 -26.76 21.46 38.91
C LEU K 186 -25.75 22.13 39.81
N VAL K 187 -24.50 21.67 39.81
CA VAL K 187 -23.48 22.29 40.64
C VAL K 187 -23.08 23.64 40.06
N ARG K 188 -22.86 23.69 38.74
CA ARG K 188 -22.49 24.91 38.06
C ARG K 188 -23.69 25.70 37.56
N GLY K 189 -24.89 25.12 37.59
CA GLY K 189 -26.08 25.80 37.11
C GLY K 189 -26.11 26.03 35.62
N ILE K 190 -25.65 25.04 34.85
CA ILE K 190 -25.63 25.10 33.39
C ILE K 190 -26.64 24.10 32.85
N PHE K 191 -27.54 24.56 32.00
CA PHE K 191 -28.63 23.76 31.47
C PHE K 191 -28.69 23.92 29.96
N PRO K 192 -29.39 23.02 29.26
CA PRO K 192 -29.51 23.15 27.81
C PRO K 192 -30.10 24.51 27.40
N THR K 193 -29.71 24.97 26.21
CA THR K 193 -30.30 26.19 25.67
C THR K 193 -31.50 25.81 24.82
N ALA K 194 -32.50 26.69 24.80
CA ALA K 194 -33.70 26.41 24.05
C ALA K 194 -34.21 27.66 23.35
N VAL K 195 -34.79 27.43 22.18
CA VAL K 195 -35.47 28.44 21.38
C VAL K 195 -36.88 27.97 21.14
N ILE K 196 -37.84 28.88 21.30
CA ILE K 196 -39.24 28.62 21.00
C ILE K 196 -39.65 29.60 19.90
N ILE K 197 -40.44 29.12 18.95
CA ILE K 197 -40.85 29.92 17.80
C ILE K 197 -42.34 29.78 17.58
N ASP K 198 -43.06 30.90 17.60
CA ASP K 198 -44.48 30.92 17.26
C ASP K 198 -44.72 32.11 16.35
N ALA K 199 -45.99 32.54 16.25
CA ALA K 199 -46.33 33.63 15.35
C ALA K 199 -45.63 34.92 15.73
N ASP K 200 -45.29 35.10 17.01
CA ASP K 200 -44.59 36.30 17.43
C ASP K 200 -43.10 36.24 17.17
N GLY K 201 -42.60 35.17 16.58
CA GLY K 201 -41.19 35.08 16.23
C GLY K 201 -40.47 33.99 17.00
N ALA K 202 -39.14 34.08 16.95
CA ALA K 202 -38.24 33.14 17.61
C ALA K 202 -37.63 33.82 18.82
N VAL K 203 -37.78 33.19 19.98
CA VAL K 203 -37.31 33.74 21.26
C VAL K 203 -36.44 32.72 21.97
N ASP K 204 -35.41 33.22 22.65
CA ASP K 204 -34.61 32.41 23.57
C ASP K 204 -35.41 32.09 24.83
N VAL K 205 -35.44 30.82 25.21
CA VAL K 205 -36.10 30.45 26.47
C VAL K 205 -35.17 30.82 27.62
N PRO K 206 -35.67 31.53 28.63
CA PRO K 206 -34.80 31.94 29.75
C PRO K 206 -34.25 30.75 30.53
N GLU K 207 -33.01 30.92 31.01
CA GLU K 207 -32.31 29.85 31.72
C GLU K 207 -33.10 29.36 32.92
N SER K 208 -33.81 30.26 33.60
CA SER K 208 -34.52 29.88 34.82
C SER K 208 -35.58 28.82 34.54
N ARG K 209 -36.33 28.95 33.46
CA ARG K 209 -37.42 28.00 33.24
C ARG K 209 -36.88 26.63 32.85
N ILE K 210 -35.81 26.61 32.06
CA ILE K 210 -35.17 25.33 31.74
C ILE K 210 -34.60 24.68 33.00
N ALA K 211 -34.02 25.50 33.88
CA ALA K 211 -33.51 24.96 35.14
C ALA K 211 -34.64 24.37 35.98
N GLU K 212 -35.79 25.07 36.05
CA GLU K 212 -36.94 24.53 36.76
C GLU K 212 -37.36 23.19 36.18
N LEU K 213 -37.55 23.14 34.86
CA LEU K 213 -37.95 21.89 34.22
C LEU K 213 -36.92 20.78 34.44
N ALA K 214 -35.64 21.11 34.35
CA ALA K 214 -34.59 20.12 34.58
C ALA K 214 -34.68 19.56 35.99
N ARG K 215 -34.70 20.43 37.01
CA ARG K 215 -34.77 19.96 38.39
C ARG K 215 -36.04 19.18 38.65
N ALA K 216 -37.14 19.54 37.99
CA ALA K 216 -38.37 18.76 38.09
C ALA K 216 -38.19 17.37 37.51
N ILE K 217 -37.51 17.27 36.36
CA ILE K 217 -37.27 15.97 35.74
C ILE K 217 -36.39 15.12 36.65
N ILE K 218 -35.31 15.73 37.17
CA ILE K 218 -34.37 15.01 38.03
C ILE K 218 -35.08 14.46 39.26
N GLU K 219 -35.82 15.33 39.95
CA GLU K 219 -36.57 14.89 41.13
C GLU K 219 -37.67 13.91 40.74
N SER K 220 -38.15 13.94 39.50
CA SER K 220 -39.11 12.94 39.06
C SER K 220 -38.47 11.58 38.86
N ARG K 221 -37.19 11.55 38.48
CA ARG K 221 -36.51 10.27 38.28
C ARG K 221 -35.91 9.71 39.55
N SER K 222 -35.67 10.54 40.55
CA SER K 222 -35.13 10.04 41.81
C SER K 222 -36.21 9.70 42.82
N GLY K 223 -37.42 10.24 42.68
CA GLY K 223 -38.47 10.01 43.65
C GLY K 223 -38.99 11.27 44.32
N THR L 1 5.46 23.00 26.29
CA THR L 1 4.93 24.36 26.35
C THR L 1 3.70 24.41 27.23
N THR L 2 3.55 25.47 28.02
CA THR L 2 2.31 25.74 28.73
C THR L 2 2.05 27.23 28.78
N ILE L 3 0.86 27.62 28.36
CA ILE L 3 0.40 28.99 28.43
C ILE L 3 -0.84 28.99 29.31
N VAL L 4 -0.88 29.88 30.29
CA VAL L 4 -2.04 29.98 31.16
C VAL L 4 -2.62 31.37 31.03
N ALA L 5 -3.93 31.46 31.27
CA ALA L 5 -4.62 32.73 31.37
C ALA L 5 -5.74 32.56 32.37
N LEU L 6 -5.92 33.55 33.25
CA LEU L 6 -6.99 33.49 34.24
C LEU L 6 -7.53 34.90 34.45
N LYS L 7 -8.81 34.97 34.80
CA LYS L 7 -9.47 36.23 35.14
C LYS L 7 -9.31 36.56 36.63
N TYR L 8 -9.07 37.83 36.91
CA TYR L 8 -9.12 38.35 38.27
C TYR L 8 -10.01 39.58 38.26
N PRO L 9 -10.51 40.00 39.44
CA PRO L 9 -11.38 41.18 39.48
C PRO L 9 -10.71 42.40 38.87
N GLY L 10 -11.18 42.80 37.70
CA GLY L 10 -10.68 43.96 37.00
C GLY L 10 -9.68 43.68 35.90
N GLY L 11 -9.34 42.43 35.63
CA GLY L 11 -8.39 42.15 34.57
C GLY L 11 -8.21 40.67 34.30
N VAL L 12 -7.15 40.39 33.53
CA VAL L 12 -6.76 39.04 33.14
C VAL L 12 -5.25 38.97 33.21
N VAL L 13 -4.76 37.75 33.43
CA VAL L 13 -3.34 37.46 33.51
C VAL L 13 -3.03 36.33 32.55
N MET L 14 -1.91 36.43 31.85
CA MET L 14 -1.46 35.38 30.97
C MET L 14 0.03 35.17 31.19
N ALA L 15 0.45 33.92 31.29
CA ALA L 15 1.86 33.63 31.52
C ALA L 15 2.27 32.43 30.67
N GLY L 16 3.53 32.38 30.33
CA GLY L 16 4.05 31.29 29.51
C GLY L 16 5.47 30.95 29.89
N ASP L 17 5.81 29.68 29.70
CA ASP L 17 7.15 29.19 30.02
C ASP L 17 8.13 29.63 28.92
N ARG L 18 9.40 29.26 29.11
CA ARG L 18 10.49 29.78 28.29
C ARG L 18 11.23 28.71 27.53
N ARG L 19 10.73 27.47 27.52
CA ARG L 19 11.50 26.34 26.99
C ARG L 19 11.16 26.10 25.53
N SER L 20 12.19 25.93 24.71
CA SER L 20 12.05 25.52 23.31
C SER L 20 12.76 24.19 23.13
N THR L 21 12.08 23.23 22.50
CA THR L 21 12.62 21.90 22.36
C THR L 21 12.59 21.47 20.90
N GLN L 22 13.48 20.53 20.58
CA GLN L 22 13.43 19.76 19.33
C GLN L 22 13.49 18.30 19.75
N GLY L 23 12.32 17.66 19.87
CA GLY L 23 12.29 16.33 20.46
C GLY L 23 12.59 16.43 21.94
N ASN L 24 13.55 15.63 22.40
CA ASN L 24 13.96 15.68 23.79
C ASN L 24 15.01 16.73 24.06
N MET L 25 15.68 17.23 23.03
CA MET L 25 16.76 18.19 23.19
C MET L 25 16.21 19.59 23.45
N ILE L 26 16.81 20.27 24.41
CA ILE L 26 16.46 21.65 24.71
C ILE L 26 17.19 22.56 23.73
N SER L 27 16.43 23.30 22.92
CA SER L 27 16.99 24.23 21.95
C SER L 27 16.78 25.69 22.35
N GLY L 28 16.10 25.95 23.46
CA GLY L 28 15.90 27.31 23.93
C GLY L 28 15.57 27.38 25.41
N ARG L 29 16.14 28.37 26.10
CA ARG L 29 15.90 28.54 27.52
C ARG L 29 15.20 29.84 27.85
N ASP L 30 15.19 30.80 26.93
CA ASP L 30 14.73 32.16 27.18
C ASP L 30 13.63 32.62 26.25
N VAL L 31 12.99 31.71 25.51
CA VAL L 31 12.08 32.14 24.45
C VAL L 31 10.86 32.84 25.04
N ARG L 32 10.16 33.58 24.18
CA ARG L 32 8.96 34.31 24.56
C ARG L 32 7.77 33.73 23.79
N LYS L 33 6.80 33.19 24.54
CA LYS L 33 5.60 32.61 23.96
C LYS L 33 4.34 33.41 24.21
N VAL L 34 4.41 34.49 24.98
CA VAL L 34 3.27 35.35 25.25
C VAL L 34 3.58 36.72 24.66
N TYR L 35 2.71 37.19 23.79
CA TYR L 35 2.93 38.45 23.10
C TYR L 35 1.74 39.38 23.32
N ILE L 36 2.03 40.64 23.62
CA ILE L 36 0.99 41.67 23.64
C ILE L 36 0.71 42.03 22.18
N THR L 37 -0.46 41.64 21.68
CA THR L 37 -0.86 41.86 20.30
C THR L 37 -1.69 43.11 20.12
N ASP L 38 -2.17 43.70 21.21
CA ASP L 38 -3.08 44.83 21.13
C ASP L 38 -3.10 45.54 22.48
N ASP L 39 -3.48 46.83 22.45
CA ASP L 39 -3.50 47.63 23.68
C ASP L 39 -4.28 46.94 24.78
N TYR L 40 -5.24 46.09 24.42
CA TYR L 40 -6.05 45.37 25.40
C TYR L 40 -6.06 43.87 25.18
N THR L 41 -5.17 43.31 24.37
CA THR L 41 -5.14 41.86 24.28
C THR L 41 -3.71 41.34 24.19
N ALA L 42 -3.50 40.20 24.81
CA ALA L 42 -2.28 39.41 24.69
C ALA L 42 -2.63 38.03 24.14
N THR L 43 -1.68 37.47 23.39
CA THR L 43 -1.83 36.16 22.78
C THR L 43 -0.65 35.29 23.17
N GLY L 44 -0.94 34.10 23.70
CA GLY L 44 0.11 33.14 23.98
C GLY L 44 -0.10 31.91 23.13
N ILE L 45 0.94 31.42 22.46
CA ILE L 45 0.77 30.39 21.44
C ILE L 45 1.66 29.18 21.72
N ALA L 46 1.13 28.00 21.50
CA ALA L 46 1.87 26.75 21.64
C ALA L 46 1.96 26.05 20.30
N GLY L 47 3.05 25.31 20.10
CA GLY L 47 3.26 24.54 18.89
C GLY L 47 4.57 24.90 18.20
N THR L 48 4.59 24.73 16.88
CA THR L 48 5.80 25.04 16.13
C THR L 48 6.15 26.51 16.27
N ALA L 49 7.40 26.78 16.64
CA ALA L 49 7.81 28.15 16.97
C ALA L 49 7.54 29.11 15.81
N ALA L 50 7.94 28.73 14.59
CA ALA L 50 7.78 29.61 13.43
C ALA L 50 6.33 30.02 13.21
N VAL L 51 5.41 29.06 13.26
CA VAL L 51 4.00 29.34 13.05
C VAL L 51 3.45 30.23 14.16
N ALA L 52 3.85 29.95 15.41
CA ALA L 52 3.36 30.73 16.54
C ALA L 52 3.78 32.19 16.43
N VAL L 53 5.07 32.42 16.18
CA VAL L 53 5.54 33.81 16.09
C VAL L 53 4.86 34.51 14.93
N GLU L 54 4.70 33.81 13.80
CA GLU L 54 4.00 34.45 12.69
C GLU L 54 2.56 34.77 13.05
N PHE L 55 1.90 33.88 13.80
CA PHE L 55 0.55 34.17 14.28
C PHE L 55 0.52 35.47 15.06
N ALA L 56 1.37 35.59 16.08
CA ALA L 56 1.36 36.79 16.93
C ALA L 56 1.65 38.04 16.11
N ARG L 57 2.69 38.00 15.27
CA ARG L 57 3.10 39.20 14.54
C ARG L 57 2.03 39.61 13.55
N LEU L 58 1.56 38.66 12.74
CA LEU L 58 0.52 38.93 11.76
C LEU L 58 -0.77 39.41 12.42
N TYR L 59 -1.14 38.81 13.56
CA TYR L 59 -2.36 39.20 14.26
C TYR L 59 -2.29 40.63 14.77
N ALA L 60 -1.18 40.98 15.44
CA ALA L 60 -1.01 42.35 15.92
C ALA L 60 -1.10 43.33 14.75
N VAL L 61 -0.41 43.00 13.65
CA VAL L 61 -0.47 43.86 12.46
C VAL L 61 -1.90 43.99 11.97
N GLU L 62 -2.67 42.91 12.00
CA GLU L 62 -4.04 42.98 11.49
C GLU L 62 -4.89 43.90 12.33
N LEU L 63 -4.80 43.75 13.66
CA LEU L 63 -5.60 44.59 14.55
C LEU L 63 -5.27 46.06 14.38
N GLU L 64 -3.98 46.42 14.39
CA GLU L 64 -3.66 47.84 14.22
C GLU L 64 -3.99 48.34 12.83
N HIS L 65 -3.89 47.47 11.83
CA HIS L 65 -4.29 47.83 10.48
C HIS L 65 -5.75 48.27 10.45
N TYR L 66 -6.64 47.42 10.99
CA TYR L 66 -8.05 47.81 11.05
C TYR L 66 -8.22 49.10 11.84
N GLU L 67 -7.51 49.24 12.97
CA GLU L 67 -7.71 50.40 13.82
C GLU L 67 -7.34 51.69 13.10
N LYS L 68 -6.25 51.67 12.33
CA LYS L 68 -5.83 52.86 11.61
C LYS L 68 -6.70 53.11 10.38
N LEU L 69 -7.15 52.04 9.71
CA LEU L 69 -7.97 52.22 8.53
C LEU L 69 -9.33 52.79 8.87
N GLU L 70 -9.95 52.30 9.93
CA GLU L 70 -11.31 52.67 10.27
C GLU L 70 -11.40 53.66 11.42
N GLY L 71 -10.27 54.06 12.00
CA GLY L 71 -10.28 55.05 13.06
C GLY L 71 -10.75 54.54 14.39
N VAL L 72 -11.17 53.30 14.50
CA VAL L 72 -11.67 52.72 15.75
C VAL L 72 -11.17 51.29 15.82
N PRO L 73 -10.82 50.78 17.01
CA PRO L 73 -10.40 49.37 17.09
C PRO L 73 -11.60 48.45 16.93
N LEU L 74 -11.30 47.18 16.61
CA LEU L 74 -12.34 46.18 16.48
C LEU L 74 -13.00 45.91 17.83
N THR L 75 -14.27 45.55 17.77
CA THR L 75 -14.89 44.95 18.94
C THR L 75 -14.16 43.66 19.28
N PHE L 76 -14.27 43.25 20.55
CA PHE L 76 -13.55 42.05 20.95
C PHE L 76 -14.00 40.83 20.16
N ALA L 77 -15.30 40.73 19.88
CA ALA L 77 -15.81 39.63 19.07
C ALA L 77 -15.10 39.58 17.72
N GLY L 78 -14.94 40.74 17.07
CA GLY L 78 -14.25 40.78 15.79
C GLY L 78 -12.81 40.30 15.87
N LYS L 79 -12.10 40.69 16.94
CA LYS L 79 -10.75 40.19 17.17
C LYS L 79 -10.76 38.67 17.27
N ILE L 80 -11.70 38.13 18.04
CA ILE L 80 -11.84 36.68 18.15
C ILE L 80 -11.97 36.07 16.76
N ASN L 81 -12.89 36.59 15.96
CA ASN L 81 -13.15 36.00 14.64
C ASN L 81 -11.91 36.06 13.76
N ARG L 82 -11.14 37.15 13.86
CA ARG L 82 -9.93 37.26 13.03
C ARG L 82 -8.90 36.22 13.43
N LEU L 83 -8.66 36.06 14.73
CA LEU L 83 -7.72 35.01 15.15
C LEU L 83 -8.22 33.65 14.71
N ALA L 84 -9.53 33.41 14.84
CA ALA L 84 -10.12 32.14 14.43
C ALA L 84 -9.89 31.87 12.95
N ILE L 85 -10.10 32.90 12.10
CA ILE L 85 -9.93 32.72 10.67
C ILE L 85 -8.46 32.53 10.29
N MET L 86 -7.55 33.14 11.05
CA MET L 86 -6.13 32.90 10.81
C MET L 86 -5.75 31.45 11.12
N VAL L 87 -6.19 30.97 12.30
CA VAL L 87 -5.91 29.60 12.70
C VAL L 87 -6.50 28.61 11.69
N ARG L 88 -7.76 28.83 11.31
CA ARG L 88 -8.41 27.99 10.31
C ARG L 88 -7.63 28.00 9.01
N GLY L 89 -7.17 29.18 8.59
CA GLY L 89 -6.35 29.30 7.40
C GLY L 89 -5.12 28.41 7.44
N ASN L 90 -4.56 28.21 8.63
CA ASN L 90 -3.36 27.36 8.71
C ASN L 90 -3.65 25.86 8.78
N LEU L 91 -4.91 25.43 8.72
CA LEU L 91 -5.23 24.03 8.96
C LEU L 91 -4.43 23.08 8.08
N ALA L 92 -4.25 23.44 6.81
CA ALA L 92 -3.54 22.55 5.89
C ALA L 92 -2.12 22.30 6.37
N ALA L 93 -1.37 23.37 6.64
CA ALA L 93 -0.01 23.23 7.16
C ALA L 93 0.00 22.52 8.51
N ALA L 94 -1.04 22.75 9.32
CA ALA L 94 -1.10 22.08 10.62
C ALA L 94 -1.17 20.57 10.47
N MET L 95 -1.94 20.10 9.49
CA MET L 95 -2.01 18.66 9.25
C MET L 95 -0.66 18.06 8.87
N GLN L 96 0.17 18.82 8.17
CA GLN L 96 1.49 18.33 7.78
C GLN L 96 2.56 18.62 8.82
N GLY L 97 2.19 19.10 10.01
CA GLY L 97 3.12 19.22 11.12
C GLY L 97 3.39 20.64 11.60
N LEU L 98 2.99 21.68 10.86
CA LEU L 98 3.19 23.05 11.31
C LEU L 98 2.00 23.54 12.13
N LEU L 99 1.77 22.86 13.25
CA LEU L 99 0.60 23.11 14.08
C LEU L 99 0.94 24.08 15.20
N ALA L 100 0.07 25.08 15.38
CA ALA L 100 0.17 26.04 16.48
C ALA L 100 -1.23 26.45 16.89
N LEU L 101 -1.52 26.36 18.19
CA LEU L 101 -2.79 26.80 18.75
C LEU L 101 -2.59 28.00 19.65
N PRO L 102 -3.41 29.04 19.51
CA PRO L 102 -3.28 30.21 20.37
C PRO L 102 -4.26 30.20 21.53
N LEU L 103 -3.92 30.97 22.55
CA LEU L 103 -4.77 31.30 23.68
C LEU L 103 -4.87 32.82 23.73
N LEU L 104 -6.10 33.33 23.75
CA LEU L 104 -6.37 34.75 23.67
C LEU L 104 -6.83 35.26 25.03
N ALA L 105 -6.22 36.35 25.49
CA ALA L 105 -6.65 37.01 26.72
C ALA L 105 -6.86 38.48 26.42
N GLY L 106 -7.99 39.03 26.87
CA GLY L 106 -8.27 40.41 26.57
C GLY L 106 -9.08 41.08 27.66
N TYR L 107 -9.17 42.40 27.55
CA TYR L 107 -10.03 43.21 28.40
C TYR L 107 -10.96 43.99 27.49
N ASP L 108 -12.25 43.69 27.57
CA ASP L 108 -13.24 44.30 26.67
C ASP L 108 -13.67 45.64 27.25
N ILE L 109 -13.19 46.73 26.66
CA ILE L 109 -13.54 48.06 27.15
C ILE L 109 -15.02 48.37 26.97
N HIS L 110 -15.71 47.66 26.07
CA HIS L 110 -17.11 47.92 25.80
C HIS L 110 -18.05 47.10 26.68
N ALA L 111 -17.52 46.32 27.62
CA ALA L 111 -18.37 45.54 28.48
C ALA L 111 -19.11 46.45 29.47
N SER L 112 -20.29 46.01 29.89
CA SER L 112 -21.07 46.79 30.83
C SER L 112 -20.39 46.84 32.20
N ASP L 113 -20.03 45.67 32.74
CA ASP L 113 -19.44 45.59 34.07
C ASP L 113 -17.92 45.62 33.97
N PRO L 114 -17.26 46.69 34.40
CA PRO L 114 -15.80 46.76 34.27
C PRO L 114 -15.05 45.77 35.14
N GLN L 115 -15.72 45.11 36.09
CA GLN L 115 -15.05 44.15 36.96
C GLN L 115 -14.88 42.80 36.28
N SER L 116 -15.86 42.41 35.45
CA SER L 116 -15.84 41.15 34.73
C SER L 116 -15.50 41.33 33.25
N ALA L 117 -14.82 42.41 32.90
CA ALA L 117 -14.49 42.67 31.50
C ALA L 117 -13.38 41.77 30.98
N GLY L 118 -12.76 40.94 31.82
CA GLY L 118 -11.75 40.03 31.35
C GLY L 118 -12.33 38.94 30.46
N ARG L 119 -11.54 38.54 29.46
CA ARG L 119 -11.95 37.53 28.49
C ARG L 119 -10.82 36.56 28.22
N ILE L 120 -11.16 35.28 28.16
CA ILE L 120 -10.21 34.22 27.83
C ILE L 120 -10.86 33.35 26.77
N VAL L 121 -10.23 33.24 25.61
CA VAL L 121 -10.76 32.51 24.46
C VAL L 121 -9.74 31.46 24.03
N SER L 122 -10.20 30.22 23.91
CA SER L 122 -9.37 29.12 23.43
C SER L 122 -9.78 28.73 22.01
N PHE L 123 -8.83 28.14 21.29
CA PHE L 123 -9.01 27.81 19.88
C PHE L 123 -8.51 26.39 19.62
N ASP L 124 -9.09 25.74 18.62
CA ASP L 124 -8.61 24.47 18.10
C ASP L 124 -8.05 24.64 16.70
N ALA L 125 -7.46 23.55 16.17
CA ALA L 125 -6.72 23.62 14.92
C ALA L 125 -7.58 23.99 13.73
N ALA L 126 -8.90 23.84 13.83
CA ALA L 126 -9.82 24.21 12.77
C ALA L 126 -10.38 25.61 12.97
N GLY L 127 -9.90 26.34 13.97
CA GLY L 127 -10.37 27.69 14.26
C GLY L 127 -11.59 27.79 15.17
N GLY L 128 -12.20 26.68 15.57
CA GLY L 128 -13.28 26.75 16.52
C GLY L 128 -12.80 27.35 17.84
N TRP L 129 -13.63 28.21 18.42
CA TRP L 129 -13.22 28.94 19.61
C TRP L 129 -14.29 28.86 20.69
N ASN L 130 -13.85 29.03 21.94
CA ASN L 130 -14.73 29.07 23.09
C ASN L 130 -14.27 30.17 24.04
N ILE L 131 -15.19 31.06 24.42
CA ILE L 131 -14.92 32.05 25.46
C ILE L 131 -15.09 31.37 26.81
N GLU L 132 -14.03 31.32 27.59
CA GLU L 132 -14.01 30.49 28.78
C GLU L 132 -14.64 31.25 29.93
N GLU L 133 -15.78 30.76 30.42
CA GLU L 133 -16.49 31.46 31.46
C GLU L 133 -16.10 31.01 32.87
N GLU L 134 -15.34 29.92 32.99
CA GLU L 134 -14.96 29.42 34.31
C GLU L 134 -13.73 30.09 34.88
N GLY L 135 -13.17 31.09 34.21
CA GLY L 135 -12.21 31.99 34.81
C GLY L 135 -10.76 31.74 34.45
N TYR L 136 -10.42 30.53 34.02
CA TYR L 136 -9.04 30.17 33.71
C TYR L 136 -9.03 29.22 32.52
N GLN L 137 -7.85 29.06 31.93
CA GLN L 137 -7.64 28.18 30.78
C GLN L 137 -6.13 28.08 30.53
N ALA L 138 -5.73 26.97 29.90
CA ALA L 138 -4.34 26.74 29.55
C ALA L 138 -4.26 26.03 28.20
N VAL L 139 -3.09 26.13 27.56
CA VAL L 139 -2.84 25.49 26.28
C VAL L 139 -1.38 25.01 26.25
N GLY L 140 -1.14 23.90 25.56
CA GLY L 140 0.19 23.33 25.44
C GLY L 140 0.27 21.95 26.06
N SER L 141 1.48 21.38 26.00
CA SER L 141 1.69 20.00 26.44
C SER L 141 1.54 19.83 27.95
N GLY L 142 1.64 20.90 28.72
CA GLY L 142 1.38 20.87 30.14
C GLY L 142 0.05 21.48 30.55
N SER L 143 -0.83 21.75 29.58
CA SER L 143 -2.04 22.51 29.86
C SER L 143 -3.00 21.77 30.77
N LEU L 144 -3.00 20.44 30.73
CA LEU L 144 -3.87 19.68 31.61
C LEU L 144 -3.46 19.87 33.07
N PHE L 145 -2.15 19.73 33.35
CA PHE L 145 -1.68 19.87 34.72
C PHE L 145 -1.93 21.28 35.24
N ALA L 146 -1.66 22.28 34.40
CA ALA L 146 -1.90 23.67 34.79
C ALA L 146 -3.38 23.89 35.04
N LYS L 147 -4.23 23.32 34.19
CA LYS L 147 -5.67 23.47 34.39
C LYS L 147 -6.12 22.84 35.70
N SER L 148 -5.63 21.65 36.04
CA SER L 148 -6.07 21.03 37.30
C SER L 148 -5.54 21.79 38.52
N SER L 149 -4.31 22.31 38.42
CA SER L 149 -3.78 23.13 39.49
C SER L 149 -4.64 24.38 39.69
N MET L 150 -4.96 25.08 38.59
CA MET L 150 -5.80 26.25 38.72
C MET L 150 -7.19 25.89 39.23
N LYS L 151 -7.67 24.69 38.90
CA LYS L 151 -8.94 24.23 39.45
C LYS L 151 -8.88 24.20 40.96
N LYS L 152 -7.72 23.84 41.53
CA LYS L 152 -7.66 23.84 42.98
C LYS L 152 -7.31 25.20 43.59
N LEU L 153 -6.57 26.04 42.88
CA LEU L 153 -6.09 27.30 43.46
C LEU L 153 -6.96 28.50 43.13
N TYR L 154 -7.96 28.35 42.26
CA TYR L 154 -8.59 29.55 41.71
C TYR L 154 -9.40 30.31 42.74
N SER L 155 -9.89 29.64 43.78
CA SER L 155 -10.64 30.33 44.82
C SER L 155 -9.82 31.40 45.51
N GLN L 156 -8.49 31.36 45.38
CA GLN L 156 -7.58 32.32 46.00
C GLN L 156 -7.34 33.57 45.17
N VAL L 157 -7.92 33.68 43.98
CA VAL L 157 -7.68 34.84 43.12
C VAL L 157 -8.68 35.93 43.52
N THR L 158 -8.16 37.01 44.10
CA THR L 158 -8.97 38.17 44.49
C THR L 158 -8.48 39.49 43.91
N ASP L 159 -7.26 39.55 43.39
CA ASP L 159 -6.71 40.76 42.79
C ASP L 159 -5.66 40.35 41.77
N GLY L 160 -4.95 41.33 41.23
CA GLY L 160 -3.94 41.03 40.24
C GLY L 160 -2.80 40.20 40.78
N ASP L 161 -2.41 40.45 42.05
CA ASP L 161 -1.25 39.78 42.62
C ASP L 161 -1.55 38.31 42.87
N SER L 162 -2.71 38.00 43.46
CA SER L 162 -3.07 36.61 43.70
C SER L 162 -3.28 35.85 42.39
N GLY L 163 -3.91 36.48 41.41
CA GLY L 163 -4.09 35.84 40.12
C GLY L 163 -2.78 35.56 39.42
N LEU L 164 -1.84 36.50 39.50
CA LEU L 164 -0.52 36.28 38.92
C LEU L 164 0.21 35.14 39.64
N ARG L 165 0.06 35.05 40.97
CA ARG L 165 0.70 33.96 41.69
C ARG L 165 0.12 32.61 41.30
N VAL L 166 -1.21 32.53 41.24
CA VAL L 166 -1.84 31.28 40.82
C VAL L 166 -1.38 30.91 39.41
N ALA L 167 -1.28 31.89 38.52
CA ALA L 167 -0.82 31.61 37.16
C ALA L 167 0.58 31.01 37.16
N VAL L 168 1.51 31.68 37.84
CA VAL L 168 2.88 31.18 37.85
C VAL L 168 2.96 29.81 38.51
N GLU L 169 2.13 29.56 39.53
CA GLU L 169 2.15 28.26 40.19
C GLU L 169 1.59 27.16 39.28
N ALA L 170 0.58 27.48 38.48
CA ALA L 170 0.08 26.53 37.50
C ALA L 170 1.16 26.21 36.47
N LEU L 171 1.90 27.22 36.02
CA LEU L 171 3.04 26.93 35.15
C LEU L 171 4.05 26.06 35.87
N TYR L 172 4.20 26.25 37.19
CA TYR L 172 5.13 25.44 37.97
C TYR L 172 4.72 23.98 37.98
N ASP L 173 3.45 23.71 38.25
CA ASP L 173 2.97 22.33 38.22
C ASP L 173 3.09 21.75 36.83
N ALA L 174 2.81 22.56 35.81
CA ALA L 174 2.97 22.12 34.43
C ALA L 174 4.39 21.63 34.17
N ALA L 175 5.39 22.46 34.50
CA ALA L 175 6.78 22.05 34.31
C ALA L 175 7.12 20.88 35.20
N ASP L 176 6.43 20.75 36.33
CA ASP L 176 6.69 19.65 37.24
C ASP L 176 6.33 18.31 36.61
N ASP L 177 5.26 18.27 35.82
CA ASP L 177 4.81 17.02 35.22
C ASP L 177 5.08 16.91 33.72
N ASP L 178 5.52 17.97 33.05
CA ASP L 178 5.75 17.93 31.61
C ASP L 178 7.17 18.41 31.29
N SER L 179 7.98 17.53 30.69
CA SER L 179 9.37 17.86 30.41
C SER L 179 9.51 18.86 29.27
N ALA L 180 8.46 19.04 28.47
CA ALA L 180 8.49 20.06 27.42
C ALA L 180 8.23 21.46 27.97
N THR L 181 7.77 21.57 29.21
CA THR L 181 7.53 22.85 29.86
C THR L 181 8.68 23.14 30.82
N GLY L 182 9.25 24.34 30.69
CA GLY L 182 10.39 24.72 31.51
C GLY L 182 9.93 25.37 32.81
N GLY L 183 10.51 24.90 33.92
CA GLY L 183 10.27 25.52 35.19
C GLY L 183 11.20 26.69 35.41
N PRO L 184 11.09 27.30 36.60
CA PRO L 184 11.96 28.42 36.93
C PRO L 184 13.42 27.98 37.01
N ASP L 185 14.27 28.66 36.25
CA ASP L 185 15.71 28.39 36.23
C ASP L 185 16.34 29.38 37.19
N LEU L 186 16.58 28.95 38.42
CA LEU L 186 17.15 29.86 39.40
C LEU L 186 18.64 30.07 39.20
N VAL L 187 19.32 29.15 38.50
CA VAL L 187 20.75 29.31 38.27
C VAL L 187 20.99 30.42 37.25
N ARG L 188 20.22 30.42 36.17
CA ARG L 188 20.33 31.44 35.13
C ARG L 188 19.42 32.62 35.37
N GLY L 189 18.46 32.52 36.28
CA GLY L 189 17.51 33.60 36.51
C GLY L 189 16.53 33.80 35.37
N ILE L 190 16.02 32.72 34.79
CA ILE L 190 15.06 32.78 33.69
C ILE L 190 13.72 32.29 34.22
N PHE L 191 12.68 33.10 34.08
CA PHE L 191 11.38 32.83 34.64
C PHE L 191 10.30 33.02 33.58
N PRO L 192 9.10 32.49 33.80
CA PRO L 192 8.02 32.67 32.82
C PRO L 192 7.75 34.13 32.53
N THR L 193 7.28 34.39 31.32
CA THR L 193 6.86 35.74 30.96
C THR L 193 5.36 35.87 31.24
N ALA L 194 4.95 37.06 31.64
CA ALA L 194 3.56 37.28 31.98
C ALA L 194 3.13 38.63 31.47
N VAL L 195 1.86 38.70 31.09
CA VAL L 195 1.20 39.94 30.70
C VAL L 195 -0.03 40.09 31.59
N ILE L 196 -0.23 41.29 32.12
CA ILE L 196 -1.42 41.59 32.91
C ILE L 196 -2.19 42.68 32.19
N ILE L 197 -3.51 42.57 32.19
CA ILE L 197 -4.36 43.48 31.45
C ILE L 197 -5.50 43.91 32.35
N ASP L 198 -5.66 45.23 32.52
CA ASP L 198 -6.82 45.78 33.21
C ASP L 198 -7.34 46.94 32.35
N ALA L 199 -8.17 47.80 32.96
CA ALA L 199 -8.76 48.90 32.19
C ALA L 199 -7.70 49.87 31.67
N ASP L 200 -6.57 49.96 32.35
CA ASP L 200 -5.49 50.84 31.91
C ASP L 200 -4.63 50.21 30.82
N GLY L 201 -4.96 49.01 30.36
CA GLY L 201 -4.26 48.39 29.25
C GLY L 201 -3.52 47.13 29.66
N ALA L 202 -2.68 46.68 28.73
CA ALA L 202 -1.89 45.46 28.86
C ALA L 202 -0.43 45.83 29.07
N VAL L 203 0.17 45.34 30.16
CA VAL L 203 1.56 45.64 30.46
C VAL L 203 2.31 44.34 30.72
N ASP L 204 3.57 44.34 30.32
CA ASP L 204 4.48 43.23 30.62
C ASP L 204 4.81 43.22 32.10
N VAL L 205 4.67 42.06 32.73
CA VAL L 205 5.07 41.91 34.13
C VAL L 205 6.58 41.84 34.22
N PRO L 206 7.22 42.64 35.07
CA PRO L 206 8.68 42.58 35.19
C PRO L 206 9.13 41.21 35.67
N GLU L 207 10.30 40.78 35.17
CA GLU L 207 10.78 39.45 35.53
C GLU L 207 11.03 39.34 37.03
N SER L 208 11.44 40.42 37.69
CA SER L 208 11.74 40.36 39.11
C SER L 208 10.53 39.92 39.93
N ARG L 209 9.34 40.38 39.55
CA ARG L 209 8.13 39.96 40.26
C ARG L 209 7.86 38.47 40.06
N ILE L 210 8.02 37.99 38.83
CA ILE L 210 7.85 36.57 38.58
C ILE L 210 8.87 35.78 39.38
N ALA L 211 10.09 36.30 39.50
CA ALA L 211 11.12 35.65 40.31
C ALA L 211 10.69 35.56 41.77
N GLU L 212 10.13 36.66 42.31
CA GLU L 212 9.66 36.64 43.69
C GLU L 212 8.57 35.59 43.89
N LEU L 213 7.65 35.47 42.92
CA LEU L 213 6.59 34.47 43.06
C LEU L 213 7.15 33.06 42.93
N ALA L 214 8.08 32.84 42.00
CA ALA L 214 8.70 31.53 41.83
C ALA L 214 9.38 31.09 43.11
N ARG L 215 10.25 31.96 43.66
CA ARG L 215 10.92 31.64 44.91
C ARG L 215 9.90 31.39 46.02
N ALA L 216 8.79 32.12 46.02
CA ALA L 216 7.77 31.90 47.04
C ALA L 216 7.14 30.50 46.93
N ILE L 217 6.81 30.10 45.71
CA ILE L 217 6.21 28.78 45.47
C ILE L 217 7.19 27.69 45.87
N ILE L 218 8.45 27.83 45.45
CA ILE L 218 9.47 26.85 45.76
C ILE L 218 9.61 26.71 47.27
N GLU L 219 9.68 27.83 47.99
CA GLU L 219 9.78 27.76 49.45
C GLU L 219 8.58 27.06 50.06
N SER L 220 7.37 27.35 49.55
CA SER L 220 6.18 26.72 50.11
C SER L 220 6.19 25.21 49.89
N ARG L 221 6.82 24.74 48.83
CA ARG L 221 6.89 23.31 48.58
C ARG L 221 8.11 22.63 49.20
N SER L 222 9.09 23.40 49.69
CA SER L 222 10.26 22.80 50.35
C SER L 222 10.06 22.57 51.84
N GLY L 223 9.14 23.27 52.48
CA GLY L 223 8.92 23.14 53.91
C GLY L 223 8.64 24.46 54.60
N THR M 1 29.58 18.68 8.76
CA THR M 1 29.57 20.14 8.76
C THR M 1 29.45 20.66 10.19
N THR M 2 30.22 21.69 10.53
CA THR M 2 30.03 22.38 11.79
C THR M 2 30.35 23.86 11.61
N ILE M 3 29.41 24.71 12.02
CA ILE M 3 29.58 26.16 12.05
C ILE M 3 29.43 26.62 13.48
N VAL M 4 30.40 27.41 13.96
CA VAL M 4 30.34 27.96 15.30
C VAL M 4 30.32 29.48 15.21
N ALA M 5 29.71 30.10 16.21
CA ALA M 5 29.72 31.55 16.37
C ALA M 5 29.68 31.87 17.85
N LEU M 6 30.49 32.83 18.27
CA LEU M 6 30.49 33.22 19.67
C LEU M 6 30.73 34.72 19.79
N LYS M 7 30.15 35.30 20.84
CA LYS M 7 30.33 36.71 21.16
C LYS M 7 31.57 36.90 22.01
N TYR M 8 32.32 37.96 21.73
CA TYR M 8 33.42 38.42 22.56
C TYR M 8 33.20 39.89 22.83
N PRO M 9 33.85 40.45 23.86
CA PRO M 9 33.65 41.87 24.16
C PRO M 9 33.90 42.76 22.95
N GLY M 10 32.82 43.30 22.38
CA GLY M 10 32.94 44.21 21.27
C GLY M 10 32.74 43.61 19.89
N GLY M 11 32.47 42.31 19.80
CA GLY M 11 32.27 41.72 18.48
C GLY M 11 31.84 40.28 18.56
N VAL M 12 31.86 39.63 17.39
CA VAL M 12 31.49 38.24 17.24
C VAL M 12 32.46 37.59 16.29
N VAL M 13 32.64 36.28 16.46
CA VAL M 13 33.49 35.50 15.56
C VAL M 13 32.69 34.28 15.12
N MET M 14 32.85 33.91 13.84
CA MET M 14 32.20 32.74 13.28
C MET M 14 33.23 31.95 12.49
N ALA M 15 33.24 30.63 12.68
CA ALA M 15 34.19 29.77 11.99
C ALA M 15 33.49 28.52 11.50
N GLY M 16 34.00 27.96 10.40
CA GLY M 16 33.38 26.79 9.81
C GLY M 16 34.43 25.90 9.19
N ASP M 17 34.14 24.60 9.19
CA ASP M 17 35.05 23.60 8.64
C ASP M 17 34.99 23.62 7.12
N ARG M 18 35.81 22.76 6.50
CA ARG M 18 36.05 22.79 5.06
C ARG M 18 35.66 21.50 4.36
N ARG M 19 34.97 20.58 5.03
CA ARG M 19 34.72 19.26 4.48
C ARG M 19 33.39 19.21 3.76
N SER M 20 33.39 18.63 2.56
CA SER M 20 32.18 18.35 1.79
C SER M 20 32.09 16.84 1.56
N THR M 21 30.92 16.27 1.80
CA THR M 21 30.71 14.83 1.70
C THR M 21 29.49 14.52 0.83
N GLN M 22 29.50 13.30 0.27
CA GLN M 22 28.33 12.68 -0.34
C GLN M 22 28.21 11.31 0.32
N GLY M 23 27.38 11.21 1.35
CA GLY M 23 27.38 10.00 2.15
C GLY M 23 28.66 9.92 2.94
N ASN M 24 29.35 8.79 2.83
CA ASN M 24 30.65 8.61 3.48
C ASN M 24 31.81 9.13 2.65
N MET M 25 31.62 9.34 1.35
CA MET M 25 32.70 9.76 0.48
C MET M 25 33.00 11.24 0.67
N ILE M 26 34.27 11.57 0.81
CA ILE M 26 34.68 12.97 0.90
C ILE M 26 34.73 13.51 -0.51
N SER M 27 33.89 14.52 -0.80
CA SER M 27 33.84 15.17 -2.10
C SER M 27 34.45 16.56 -2.09
N GLY M 28 34.90 17.05 -0.92
CA GLY M 28 35.53 18.35 -0.85
C GLY M 28 36.38 18.52 0.40
N ARG M 29 37.53 19.18 0.26
CA ARG M 29 38.43 19.43 1.38
C ARG M 29 38.67 20.91 1.64
N ASP M 30 38.32 21.79 0.71
CA ASP M 30 38.67 23.21 0.75
C ASP M 30 37.44 24.10 0.75
N VAL M 31 36.27 23.53 1.03
CA VAL M 31 35.00 24.24 0.88
C VAL M 31 34.90 25.39 1.88
N ARG M 32 34.16 26.43 1.50
CA ARG M 32 33.88 27.58 2.35
C ARG M 32 32.40 27.62 2.69
N LYS M 33 32.09 27.62 3.98
CA LYS M 33 30.71 27.59 4.47
C LYS M 33 30.32 28.83 5.23
N VAL M 34 31.26 29.76 5.46
CA VAL M 34 31.00 31.00 6.17
C VAL M 34 31.22 32.15 5.20
N TYR M 35 30.20 32.98 5.02
CA TYR M 35 30.21 34.06 4.05
C TYR M 35 29.93 35.40 4.73
N ILE M 36 30.72 36.41 4.37
CA ILE M 36 30.42 37.78 4.78
C ILE M 36 29.27 38.26 3.90
N THR M 37 28.09 38.43 4.50
CA THR M 37 26.92 38.79 3.71
C THR M 37 26.70 40.30 3.64
N ASP M 38 27.30 41.06 4.55
CA ASP M 38 27.24 42.53 4.48
C ASP M 38 28.29 43.05 5.45
N ASP M 39 28.56 44.35 5.35
CA ASP M 39 29.62 44.98 6.15
C ASP M 39 29.56 44.62 7.62
N TYR M 40 28.40 44.25 8.15
CA TYR M 40 28.32 43.92 9.56
C TYR M 40 27.65 42.58 9.84
N THR M 41 27.47 41.71 8.84
CA THR M 41 26.92 40.38 9.12
C THR M 41 27.61 39.33 8.26
N ALA M 42 27.84 38.16 8.87
CA ALA M 42 28.31 36.96 8.21
C ALA M 42 27.31 35.83 8.44
N THR M 43 27.22 34.94 7.45
CA THR M 43 26.31 33.80 7.50
C THR M 43 27.06 32.51 7.20
N GLY M 44 26.91 31.53 8.10
CA GLY M 44 27.45 30.19 7.88
C GLY M 44 26.30 29.20 7.76
N ILE M 45 26.37 28.32 6.76
CA ILE M 45 25.25 27.47 6.44
C ILE M 45 25.66 26.00 6.44
N ALA M 46 24.77 25.15 6.97
CA ALA M 46 24.96 23.71 6.99
C ALA M 46 23.86 23.05 6.17
N GLY M 47 24.20 21.93 5.52
CA GLY M 47 23.23 21.15 4.79
C GLY M 47 23.63 20.98 3.32
N THR M 48 22.61 20.87 2.47
CA THR M 48 22.86 20.69 1.04
C THR M 48 23.63 21.88 0.48
N ALA M 49 24.76 21.59 -0.16
CA ALA M 49 25.65 22.65 -0.63
C ALA M 49 24.91 23.61 -1.56
N ALA M 50 24.17 23.09 -2.53
CA ALA M 50 23.47 23.94 -3.48
C ALA M 50 22.57 24.95 -2.78
N VAL M 51 21.76 24.47 -1.83
CA VAL M 51 20.86 25.35 -1.10
C VAL M 51 21.63 26.30 -0.22
N ALA M 52 22.72 25.84 0.40
CA ALA M 52 23.49 26.73 1.27
C ALA M 52 24.06 27.90 0.48
N VAL M 53 24.73 27.61 -0.64
CA VAL M 53 25.32 28.68 -1.44
C VAL M 53 24.24 29.61 -1.98
N GLU M 54 23.11 29.05 -2.40
CA GLU M 54 22.00 29.89 -2.84
C GLU M 54 21.51 30.80 -1.73
N PHE M 55 21.40 30.27 -0.51
CA PHE M 55 21.04 31.08 0.64
C PHE M 55 21.99 32.26 0.80
N ALA M 56 23.30 31.96 0.90
CA ALA M 56 24.27 33.03 1.15
C ALA M 56 24.22 34.08 0.05
N ARG M 57 24.27 33.64 -1.20
CA ARG M 57 24.36 34.56 -2.33
C ARG M 57 23.11 35.41 -2.44
N LEU M 58 21.93 34.76 -2.45
CA LEU M 58 20.66 35.47 -2.54
C LEU M 58 20.47 36.42 -1.37
N TYR M 59 20.85 36.00 -0.18
CA TYR M 59 20.69 36.84 1.01
C TYR M 59 21.53 38.10 0.91
N ALA M 60 22.81 37.96 0.56
CA ALA M 60 23.66 39.14 0.38
C ALA M 60 23.08 40.06 -0.68
N VAL M 61 22.66 39.49 -1.81
CA VAL M 61 22.06 40.28 -2.88
C VAL M 61 20.84 41.04 -2.35
N GLU M 62 20.02 40.38 -1.53
CA GLU M 62 18.82 41.02 -1.03
C GLU M 62 19.16 42.19 -0.10
N LEU M 63 20.11 41.99 0.81
CA LEU M 63 20.49 43.05 1.74
C LEU M 63 21.00 44.28 1.00
N GLU M 64 21.99 44.08 0.12
CA GLU M 64 22.53 45.22 -0.61
C GLU M 64 21.46 45.84 -1.51
N HIS M 65 20.51 45.03 -1.98
CA HIS M 65 19.42 45.53 -2.80
C HIS M 65 18.57 46.52 -2.01
N TYR M 66 18.13 46.14 -0.81
CA TYR M 66 17.40 47.09 0.04
C TYR M 66 18.23 48.33 0.31
N GLU M 67 19.53 48.16 0.59
CA GLU M 67 20.35 49.31 0.95
C GLU M 67 20.44 50.31 -0.19
N LYS M 68 20.60 49.82 -1.42
CA LYS M 68 20.69 50.73 -2.56
C LYS M 68 19.33 51.34 -2.90
N LEU M 69 18.25 50.58 -2.74
CA LEU M 69 16.93 51.12 -3.05
C LEU M 69 16.53 52.22 -2.07
N GLU M 70 16.78 52.00 -0.78
CA GLU M 70 16.25 52.91 0.23
C GLU M 70 17.31 53.82 0.84
N GLY M 71 18.56 53.72 0.41
CA GLY M 71 19.59 54.63 0.90
C GLY M 71 20.08 54.35 2.30
N VAL M 72 19.51 53.36 2.97
CA VAL M 72 19.87 52.98 4.33
C VAL M 72 19.79 51.47 4.40
N PRO M 73 20.67 50.80 5.16
CA PRO M 73 20.56 49.35 5.30
C PRO M 73 19.40 48.95 6.20
N LEU M 74 19.04 47.67 6.14
CA LEU M 74 18.00 47.15 7.02
C LEU M 74 18.45 47.18 8.49
N THR M 75 17.48 47.37 9.38
CA THR M 75 17.73 47.09 10.78
C THR M 75 18.08 45.62 10.95
N PHE M 76 18.79 45.30 12.05
CA PHE M 76 19.20 43.91 12.25
C PHE M 76 17.98 42.99 12.34
N ALA M 77 16.93 43.46 13.01
CA ALA M 77 15.69 42.69 13.05
C ALA M 77 15.20 42.38 11.65
N GLY M 78 15.24 43.37 10.76
CA GLY M 78 14.80 43.14 9.39
C GLY M 78 15.62 42.10 8.68
N LYS M 79 16.95 42.14 8.84
CA LYS M 79 17.83 41.14 8.25
C LYS M 79 17.45 39.74 8.75
N ILE M 80 17.26 39.61 10.07
CA ILE M 80 16.81 38.32 10.62
C ILE M 80 15.54 37.87 9.90
N ASN M 81 14.56 38.77 9.79
CA ASN M 81 13.27 38.37 9.21
C ASN M 81 13.42 37.94 7.76
N ARG M 82 14.29 38.61 7.00
CA ARG M 82 14.41 38.20 5.60
C ARG M 82 15.07 36.84 5.48
N LEU M 83 16.13 36.58 6.26
CA LEU M 83 16.76 35.26 6.23
C LEU M 83 15.76 34.17 6.65
N ALA M 84 14.99 34.45 7.71
CA ALA M 84 13.97 33.50 8.16
C ALA M 84 12.95 33.21 7.08
N ILE M 85 12.47 34.27 6.41
CA ILE M 85 11.48 34.08 5.35
C ILE M 85 12.07 33.24 4.22
N MET M 86 13.36 33.43 3.92
CA MET M 86 14.02 32.63 2.89
C MET M 86 14.01 31.14 3.26
N VAL M 87 14.40 30.82 4.49
CA VAL M 87 14.41 29.42 4.93
C VAL M 87 13.01 28.82 4.81
N ARG M 88 12.02 29.51 5.40
CA ARG M 88 10.63 29.06 5.28
C ARG M 88 10.27 28.83 3.83
N GLY M 89 10.78 29.68 2.93
CA GLY M 89 10.52 29.50 1.51
C GLY M 89 11.07 28.19 0.99
N ASN M 90 12.22 27.76 1.51
CA ASN M 90 12.76 26.49 1.05
C ASN M 90 12.17 25.29 1.78
N LEU M 91 11.22 25.50 2.71
CA LEU M 91 10.72 24.38 3.53
C LEU M 91 10.27 23.16 2.71
N ALA M 92 9.55 23.37 1.61
CA ALA M 92 9.05 22.22 0.85
C ALA M 92 10.19 21.36 0.29
N ALA M 93 11.13 22.01 -0.42
CA ALA M 93 12.28 21.29 -0.94
C ALA M 93 13.09 20.66 0.18
N ALA M 94 13.15 21.31 1.34
CA ALA M 94 13.84 20.71 2.47
C ALA M 94 13.17 19.40 2.89
N MET M 95 11.83 19.38 2.89
CA MET M 95 11.13 18.13 3.15
C MET M 95 11.40 17.11 2.06
N GLN M 96 11.74 17.54 0.85
CA GLN M 96 12.19 16.60 -0.17
C GLN M 96 13.65 16.18 -0.02
N GLY M 97 14.40 16.74 0.95
CA GLY M 97 15.79 16.37 1.15
C GLY M 97 16.81 17.45 0.90
N LEU M 98 16.45 18.58 0.28
CA LEU M 98 17.39 19.68 0.05
C LEU M 98 17.35 20.65 1.24
N LEU M 99 17.79 20.15 2.39
CA LEU M 99 17.70 20.91 3.62
C LEU M 99 19.00 21.67 3.89
N ALA M 100 18.86 22.94 4.25
CA ALA M 100 20.00 23.75 4.65
C ALA M 100 19.53 24.76 5.70
N LEU M 101 20.25 24.81 6.83
CA LEU M 101 19.98 25.74 7.92
C LEU M 101 21.13 26.72 8.06
N PRO M 102 20.82 28.01 8.21
CA PRO M 102 21.88 28.99 8.42
C PRO M 102 22.06 29.36 9.89
N LEU M 103 23.24 29.89 10.19
CA LEU M 103 23.58 30.52 11.45
C LEU M 103 24.09 31.92 11.14
N LEU M 104 23.50 32.93 11.78
CA LEU M 104 23.76 34.33 11.49
C LEU M 104 24.56 34.99 12.61
N ALA M 105 25.62 35.72 12.23
CA ALA M 105 26.41 36.48 13.19
C ALA M 105 26.51 37.92 12.69
N GLY M 106 26.27 38.88 13.58
CA GLY M 106 26.28 40.25 13.14
C GLY M 106 26.72 41.16 14.27
N TYR M 107 26.96 42.42 13.90
CA TYR M 107 27.23 43.49 14.85
C TYR M 107 26.19 44.58 14.59
N ASP M 108 25.35 44.85 15.59
CA ASP M 108 24.26 45.81 15.42
C ASP M 108 24.79 47.22 15.65
N ILE M 109 24.97 47.98 14.56
CA ILE M 109 25.48 49.34 14.69
C ILE M 109 24.51 50.24 15.43
N HIS M 110 23.23 49.87 15.49
CA HIS M 110 22.23 50.65 16.19
C HIS M 110 22.04 50.22 17.63
N ALA M 111 22.87 49.29 18.12
CA ALA M 111 22.74 48.80 19.48
C ALA M 111 23.13 49.87 20.50
N SER M 112 22.52 49.79 21.68
CA SER M 112 22.79 50.77 22.73
C SER M 112 24.22 50.64 23.25
N ASP M 113 24.60 49.46 23.70
CA ASP M 113 25.92 49.23 24.29
C ASP M 113 26.86 48.68 23.24
N PRO M 114 27.86 49.43 22.77
CA PRO M 114 28.74 48.92 21.71
C PRO M 114 29.63 47.75 22.13
N GLN M 115 29.56 47.28 23.38
CA GLN M 115 30.34 46.12 23.75
C GLN M 115 29.55 44.82 23.61
N SER M 116 28.25 44.85 23.89
CA SER M 116 27.38 43.69 23.72
C SER M 116 26.57 43.75 22.43
N ALA M 117 27.04 44.52 21.45
CA ALA M 117 26.35 44.67 20.17
C ALA M 117 26.46 43.45 19.27
N GLY M 118 27.23 42.43 19.66
CA GLY M 118 27.28 41.22 18.88
C GLY M 118 25.97 40.47 18.92
N ARG M 119 25.64 39.82 17.80
CA ARG M 119 24.38 39.10 17.64
C ARG M 119 24.63 37.75 16.99
N ILE M 120 23.96 36.73 17.53
CA ILE M 120 24.03 35.36 17.02
C ILE M 120 22.61 34.82 16.93
N VAL M 121 22.17 34.45 15.73
CA VAL M 121 20.80 34.00 15.48
C VAL M 121 20.84 32.62 14.84
N SER M 122 20.08 31.68 15.42
CA SER M 122 19.96 30.34 14.86
C SER M 122 18.57 30.15 14.25
N PHE M 123 18.48 29.23 13.29
CA PHE M 123 17.25 29.02 12.53
C PHE M 123 16.93 27.54 12.40
N ASP M 124 15.64 27.23 12.31
CA ASP M 124 15.19 25.89 11.98
C ASP M 124 14.57 25.84 10.58
N ALA M 125 14.24 24.63 10.15
CA ALA M 125 13.81 24.40 8.78
C ALA M 125 12.51 25.12 8.42
N ALA M 126 11.76 25.59 9.41
CA ALA M 126 10.55 26.37 9.16
C ALA M 126 10.78 27.88 9.20
N GLY M 127 12.03 28.32 9.34
CA GLY M 127 12.32 29.73 9.44
C GLY M 127 12.23 30.31 10.84
N GLY M 128 11.83 29.51 11.83
CA GLY M 128 11.88 29.99 13.21
C GLY M 128 13.32 30.31 13.59
N TRP M 129 13.47 31.39 14.35
CA TRP M 129 14.80 31.88 14.70
C TRP M 129 14.85 32.14 16.20
N ASN M 130 16.07 32.12 16.74
CA ASN M 130 16.30 32.46 18.14
C ASN M 130 17.58 33.28 18.24
N ILE M 131 17.47 34.44 18.89
CA ILE M 131 18.66 35.22 19.25
C ILE M 131 19.27 34.65 20.52
N GLU M 132 20.53 34.24 20.42
CA GLU M 132 21.22 33.51 21.48
C GLU M 132 21.79 34.48 22.50
N GLU M 133 21.20 34.48 23.69
CA GLU M 133 21.69 35.33 24.75
C GLU M 133 22.82 34.70 25.54
N GLU M 134 23.16 33.44 25.27
CA GLU M 134 24.14 32.73 26.09
C GLU M 134 25.55 32.76 25.50
N GLY M 135 25.76 33.48 24.39
CA GLY M 135 27.08 33.88 23.95
C GLY M 135 27.67 33.08 22.80
N TYR M 136 27.24 31.84 22.59
CA TYR M 136 27.78 30.98 21.55
C TYR M 136 26.67 30.10 20.98
N GLN M 137 26.95 29.50 19.82
CA GLN M 137 25.99 28.66 19.12
C GLN M 137 26.69 27.95 17.98
N ALA M 138 26.13 26.81 17.57
CA ALA M 138 26.66 26.03 16.46
C ALA M 138 25.53 25.42 15.65
N VAL M 139 25.87 25.02 14.42
CA VAL M 139 24.92 24.36 13.52
C VAL M 139 25.65 23.31 12.70
N GLY M 140 24.96 22.23 12.38
CA GLY M 140 25.50 21.16 11.57
C GLY M 140 25.57 19.84 12.32
N SER M 141 26.09 18.83 11.62
CA SER M 141 26.12 17.47 12.15
C SER M 141 27.08 17.32 13.32
N GLY M 142 28.03 18.23 13.51
CA GLY M 142 28.86 18.25 14.69
C GLY M 142 28.53 19.34 15.68
N SER M 143 27.38 20.00 15.53
CA SER M 143 27.11 21.19 16.32
C SER M 143 26.94 20.89 17.80
N LEU M 144 26.51 19.67 18.15
CA LEU M 144 26.34 19.37 19.57
C LEU M 144 27.69 19.23 20.26
N PHE M 145 28.64 18.56 19.60
CA PHE M 145 29.98 18.48 20.16
C PHE M 145 30.59 19.86 20.32
N ALA M 146 30.44 20.71 19.31
CA ALA M 146 31.00 22.06 19.38
C ALA M 146 30.34 22.88 20.48
N LYS M 147 29.01 22.81 20.58
CA LYS M 147 28.31 23.55 21.63
C LYS M 147 28.75 23.07 23.01
N SER M 148 28.86 21.77 23.20
CA SER M 148 29.25 21.25 24.51
C SER M 148 30.69 21.61 24.84
N SER M 149 31.55 21.69 23.82
CA SER M 149 32.91 22.16 24.04
C SER M 149 32.94 23.62 24.47
N MET M 150 32.22 24.47 23.73
CA MET M 150 32.17 25.89 24.07
C MET M 150 31.54 26.14 25.42
N LYS M 151 30.62 25.27 25.85
CA LYS M 151 30.06 25.40 27.19
C LYS M 151 31.17 25.38 28.24
N LYS M 152 32.21 24.58 28.01
CA LYS M 152 33.31 24.46 28.94
C LYS M 152 34.41 25.48 28.69
N LEU M 153 34.59 25.93 27.44
CA LEU M 153 35.69 26.82 27.08
C LEU M 153 35.32 28.31 27.05
N TYR M 154 34.04 28.68 27.20
CA TYR M 154 33.63 30.04 26.90
C TYR M 154 34.18 31.06 27.89
N SER M 155 34.40 30.63 29.14
CA SER M 155 34.96 31.53 30.15
C SER M 155 36.36 32.02 29.77
N GLN M 156 37.02 31.36 28.82
CA GLN M 156 38.34 31.82 28.39
C GLN M 156 38.27 32.94 27.38
N VAL M 157 37.07 33.32 26.95
CA VAL M 157 36.91 34.36 25.93
C VAL M 157 36.90 35.70 26.64
N THR M 158 37.96 36.50 26.43
CA THR M 158 38.05 37.85 26.96
C THR M 158 38.30 38.89 25.88
N ASP M 159 38.69 38.47 24.67
CA ASP M 159 38.92 39.37 23.56
C ASP M 159 38.71 38.60 22.27
N GLY M 160 39.04 39.24 21.15
CA GLY M 160 38.85 38.60 19.86
C GLY M 160 39.76 37.41 19.63
N ASP M 161 41.00 37.49 20.12
CA ASP M 161 41.94 36.41 19.87
C ASP M 161 41.56 35.17 20.66
N SER M 162 41.21 35.33 21.93
CA SER M 162 40.78 34.19 22.73
C SER M 162 39.49 33.59 22.18
N GLY M 163 38.57 34.44 21.71
CA GLY M 163 37.36 33.94 21.10
C GLY M 163 37.60 33.15 19.83
N LEU M 164 38.54 33.61 18.99
CA LEU M 164 38.89 32.85 17.80
C LEU M 164 39.55 31.52 18.17
N ARG M 165 40.38 31.53 19.22
CA ARG M 165 40.96 30.28 19.73
C ARG M 165 39.87 29.29 20.15
N VAL M 166 38.96 29.73 21.02
CA VAL M 166 37.90 28.85 21.49
C VAL M 166 37.06 28.35 20.32
N ALA M 167 36.79 29.20 19.33
CA ALA M 167 36.04 28.79 18.15
C ALA M 167 36.76 27.65 17.42
N VAL M 168 38.06 27.83 17.16
CA VAL M 168 38.82 26.82 16.43
C VAL M 168 38.90 25.51 17.22
N GLU M 169 39.01 25.59 18.54
CA GLU M 169 39.06 24.38 19.35
C GLU M 169 37.71 23.66 19.34
N ALA M 170 36.61 24.42 19.35
CA ALA M 170 35.29 23.82 19.24
C ALA M 170 35.10 23.10 17.91
N LEU M 171 35.52 23.74 16.81
CA LEU M 171 35.50 23.03 15.53
C LEU M 171 36.40 21.79 15.59
N TYR M 172 37.49 21.86 16.36
CA TYR M 172 38.37 20.71 16.47
C TYR M 172 37.67 19.54 17.16
N ASP M 173 36.99 19.81 18.29
CA ASP M 173 36.25 18.77 19.00
C ASP M 173 35.12 18.24 18.13
N ALA M 174 34.43 19.13 17.42
CA ALA M 174 33.38 18.69 16.51
C ALA M 174 33.94 17.70 15.49
N ALA M 175 35.04 18.06 14.83
CA ALA M 175 35.63 17.14 13.88
C ALA M 175 36.12 15.86 14.55
N ASP M 176 36.46 15.95 15.83
CA ASP M 176 36.96 14.78 16.56
C ASP M 176 35.87 13.73 16.71
N ASP M 177 34.63 14.15 16.94
CA ASP M 177 33.56 13.17 17.16
C ASP M 177 32.61 13.01 15.98
N ASP M 178 32.73 13.84 14.94
CA ASP M 178 31.83 13.81 13.78
C ASP M 178 32.64 13.66 12.50
N SER M 179 32.42 12.54 11.79
CA SER M 179 33.19 12.26 10.59
C SER M 179 32.81 13.16 9.43
N ALA M 180 31.65 13.81 9.49
CA ALA M 180 31.23 14.74 8.46
C ALA M 180 31.89 16.12 8.59
N THR M 181 32.53 16.39 9.72
CA THR M 181 33.25 17.64 9.96
C THR M 181 34.75 17.39 9.80
N GLY M 182 35.40 18.23 8.99
CA GLY M 182 36.82 18.07 8.72
C GLY M 182 37.67 18.81 9.73
N GLY M 183 38.67 18.10 10.26
CA GLY M 183 39.64 18.69 11.16
C GLY M 183 40.77 19.37 10.41
N PRO M 184 41.72 19.96 11.14
CA PRO M 184 42.84 20.65 10.48
C PRO M 184 43.72 19.67 9.71
N ASP M 185 43.91 19.94 8.42
CA ASP M 185 44.70 19.10 7.54
C ASP M 185 46.09 19.70 7.47
N LEU M 186 47.02 19.15 8.25
CA LEU M 186 48.37 19.68 8.24
C LEU M 186 49.17 19.25 7.03
N VAL M 187 48.76 18.17 6.34
CA VAL M 187 49.46 17.74 5.14
C VAL M 187 49.17 18.69 3.99
N ARG M 188 47.90 19.03 3.79
CA ARG M 188 47.49 19.95 2.74
C ARG M 188 47.48 21.40 3.17
N GLY M 189 47.55 21.68 4.47
CA GLY M 189 47.49 23.04 4.93
C GLY M 189 46.14 23.68 4.74
N ILE M 190 45.06 22.93 4.99
CA ILE M 190 43.70 23.44 4.89
C ILE M 190 43.12 23.53 6.30
N PHE M 191 42.63 24.69 6.65
CA PHE M 191 42.14 24.97 7.99
C PHE M 191 40.76 25.61 7.92
N PRO M 192 40.01 25.61 9.03
CA PRO M 192 38.68 26.23 9.02
C PRO M 192 38.76 27.68 8.58
N THR M 193 37.68 28.17 7.98
CA THR M 193 37.58 29.59 7.66
C THR M 193 36.88 30.34 8.78
N ALA M 194 37.28 31.60 8.97
CA ALA M 194 36.69 32.40 10.03
C ALA M 194 36.48 33.83 9.56
N VAL M 195 35.41 34.42 10.07
CA VAL M 195 35.09 35.82 9.90
C VAL M 195 34.92 36.41 11.28
N ILE M 196 35.48 37.60 11.49
CA ILE M 196 35.33 38.33 12.73
C ILE M 196 34.62 39.65 12.42
N ILE M 197 33.76 40.08 13.33
CA ILE M 197 32.93 41.27 13.14
C ILE M 197 33.03 42.12 14.40
N ASP M 198 33.47 43.37 14.24
CA ASP M 198 33.43 44.34 15.34
C ASP M 198 32.90 45.65 14.77
N ALA M 199 33.12 46.75 15.51
CA ALA M 199 32.59 48.04 15.08
C ALA M 199 33.18 48.48 13.74
N ASP M 200 34.39 48.03 13.41
CA ASP M 200 34.99 48.41 12.14
C ASP M 200 34.45 47.58 10.98
N GLY M 201 33.54 46.65 11.23
CA GLY M 201 32.93 45.84 10.20
C GLY M 201 33.31 44.37 10.33
N ALA M 202 33.02 43.64 9.24
CA ALA M 202 33.26 42.20 9.15
C ALA M 202 34.44 41.94 8.21
N VAL M 203 35.45 41.22 8.71
CA VAL M 203 36.64 40.90 7.93
C VAL M 203 36.93 39.40 8.01
N ASP M 204 37.48 38.88 6.93
CA ASP M 204 37.98 37.50 6.91
C ASP M 204 39.22 37.38 7.78
N VAL M 205 39.24 36.36 8.63
CA VAL M 205 40.44 36.08 9.43
C VAL M 205 41.50 35.45 8.54
N PRO M 206 42.75 35.95 8.57
CA PRO M 206 43.79 35.35 7.72
C PRO M 206 44.06 33.91 8.10
N GLU M 207 44.33 33.08 7.09
CA GLU M 207 44.52 31.66 7.33
C GLU M 207 45.70 31.37 8.25
N SER M 208 46.73 32.24 8.22
CA SER M 208 47.92 32.01 9.01
C SER M 208 47.60 31.93 10.50
N ARG M 209 46.77 32.85 11.01
CA ARG M 209 46.47 32.86 12.44
C ARG M 209 45.65 31.63 12.83
N ILE M 210 44.73 31.21 11.95
CA ILE M 210 43.94 30.02 12.25
C ILE M 210 44.82 28.78 12.26
N ALA M 211 45.76 28.68 11.31
CA ALA M 211 46.69 27.56 11.31
C ALA M 211 47.53 27.55 12.57
N GLU M 212 47.94 28.74 13.03
CA GLU M 212 48.73 28.81 14.26
C GLU M 212 47.93 28.32 15.46
N LEU M 213 46.68 28.79 15.59
CA LEU M 213 45.82 28.31 16.67
C LEU M 213 45.58 26.82 16.59
N ALA M 214 45.39 26.29 15.37
CA ALA M 214 45.19 24.86 15.18
C ALA M 214 46.40 24.06 15.66
N ARG M 215 47.59 24.47 15.25
CA ARG M 215 48.78 23.74 15.69
C ARG M 215 48.95 23.84 17.20
N ALA M 216 48.62 24.99 17.79
CA ALA M 216 48.65 25.11 19.24
C ALA M 216 47.73 24.10 19.91
N ILE M 217 46.53 23.94 19.37
CA ILE M 217 45.58 22.98 19.94
C ILE M 217 46.11 21.56 19.79
N ILE M 218 46.59 21.23 18.59
CA ILE M 218 47.07 19.87 18.32
C ILE M 218 48.23 19.52 19.24
N GLU M 219 49.34 20.25 19.14
CA GLU M 219 50.48 20.00 20.02
C GLU M 219 50.09 20.15 21.49
N SER M 220 48.99 20.86 21.77
CA SER M 220 48.52 20.97 23.15
C SER M 220 47.89 19.69 23.64
N ARG M 221 47.28 18.90 22.76
CA ARG M 221 46.64 17.66 23.20
C ARG M 221 47.53 16.42 23.11
N SER M 222 48.70 16.51 22.49
CA SER M 222 49.61 15.36 22.46
C SER M 222 50.54 15.38 23.68
N GLY M 223 51.31 14.30 23.81
CA GLY M 223 52.25 14.17 24.91
C GLY M 223 53.62 14.76 24.62
N THR N 1 29.95 5.03 -18.01
CA THR N 1 30.48 6.31 -18.46
C THR N 1 31.53 6.80 -17.51
N THR N 2 32.64 7.32 -18.05
CA THR N 2 33.61 8.05 -17.24
C THR N 2 34.11 9.23 -18.05
N ILE N 3 34.05 10.42 -17.46
CA ILE N 3 34.62 11.64 -18.02
C ILE N 3 35.63 12.19 -17.03
N VAL N 4 36.82 12.49 -17.50
CA VAL N 4 37.91 13.01 -16.68
C VAL N 4 38.31 14.39 -17.17
N ALA N 5 38.81 15.20 -16.25
CA ALA N 5 39.37 16.51 -16.58
C ALA N 5 40.50 16.79 -15.61
N LEU N 6 41.62 17.31 -16.14
CA LEU N 6 42.75 17.64 -15.29
C LEU N 6 43.42 18.90 -15.82
N LYS N 7 43.99 19.66 -14.89
CA LYS N 7 44.76 20.85 -15.20
C LYS N 7 46.21 20.48 -15.45
N TYR N 8 46.82 21.15 -16.43
CA TYR N 8 48.25 21.09 -16.68
C TYR N 8 48.74 22.53 -16.78
N PRO N 9 50.05 22.76 -16.65
CA PRO N 9 50.54 24.14 -16.72
C PRO N 9 50.13 24.86 -17.99
N GLY N 10 49.20 25.81 -17.86
CA GLY N 10 48.73 26.59 -18.99
C GLY N 10 47.43 26.14 -19.62
N GLY N 11 46.80 25.08 -19.11
CA GLY N 11 45.55 24.65 -19.71
C GLY N 11 44.88 23.53 -18.94
N VAL N 12 43.88 22.94 -19.60
CA VAL N 12 43.09 21.84 -19.06
C VAL N 12 42.83 20.82 -20.16
N VAL N 13 42.60 19.58 -19.74
CA VAL N 13 42.30 18.47 -20.63
C VAL N 13 41.03 17.79 -20.14
N MET N 14 40.17 17.40 -21.08
CA MET N 14 38.97 16.65 -20.73
C MET N 14 38.79 15.51 -21.72
N ALA N 15 38.53 14.31 -21.21
CA ALA N 15 38.36 13.16 -22.08
C ALA N 15 37.20 12.32 -21.57
N GLY N 16 36.55 11.63 -22.49
CA GLY N 16 35.40 10.82 -22.16
C GLY N 16 35.35 9.57 -23.00
N ASP N 17 34.78 8.50 -22.43
CA ASP N 17 34.67 7.24 -23.12
C ASP N 17 33.56 7.32 -24.18
N ARG N 18 33.37 6.22 -24.90
CA ARG N 18 32.52 6.19 -26.09
C ARG N 18 31.36 5.21 -25.97
N ARG N 19 31.13 4.61 -24.81
CA ARG N 19 30.20 3.50 -24.70
C ARG N 19 28.81 3.98 -24.29
N SER N 20 27.79 3.48 -24.99
CA SER N 20 26.39 3.72 -24.65
C SER N 20 25.72 2.40 -24.33
N THR N 21 25.03 2.34 -23.19
CA THR N 21 24.44 1.09 -22.71
C THR N 21 22.97 1.27 -22.36
N GLN N 22 22.24 0.16 -22.41
CA GLN N 22 20.91 0.04 -21.84
C GLN N 22 20.91 -1.21 -20.97
N GLY N 23 21.12 -1.03 -19.67
CA GLY N 23 21.32 -2.19 -18.81
C GLY N 23 22.66 -2.84 -19.10
N ASN N 24 22.65 -4.14 -19.37
CA ASN N 24 23.88 -4.81 -19.75
C ASN N 24 24.17 -4.69 -21.24
N MET N 25 23.17 -4.31 -22.04
CA MET N 25 23.34 -4.28 -23.49
C MET N 25 24.11 -3.03 -23.91
N ILE N 26 25.08 -3.24 -24.79
CA ILE N 26 25.82 -2.14 -25.40
C ILE N 26 25.01 -1.64 -26.59
N SER N 27 24.59 -0.38 -26.54
CA SER N 27 23.80 0.21 -27.60
C SER N 27 24.57 1.23 -28.42
N GLY N 28 25.82 1.52 -28.05
CA GLY N 28 26.65 2.45 -28.78
C GLY N 28 28.12 2.25 -28.49
N ARG N 29 28.96 2.38 -29.52
CA ARG N 29 30.40 2.24 -29.37
C ARG N 29 31.19 3.49 -29.71
N ASP N 30 30.60 4.46 -30.42
CA ASP N 30 31.30 5.62 -30.94
C ASP N 30 30.74 6.92 -30.40
N VAL N 31 29.97 6.84 -29.32
CA VAL N 31 29.23 7.98 -28.79
C VAL N 31 30.18 9.04 -28.26
N ARG N 32 29.80 10.32 -28.42
CA ARG N 32 30.58 11.45 -27.93
C ARG N 32 29.91 12.06 -26.71
N LYS N 33 30.67 12.19 -25.62
CA LYS N 33 30.15 12.73 -24.37
C LYS N 33 30.85 13.99 -23.92
N VAL N 34 31.90 14.43 -24.60
CA VAL N 34 32.62 15.65 -24.26
C VAL N 34 32.48 16.61 -25.42
N TYR N 35 31.95 17.80 -25.13
CA TYR N 35 31.63 18.80 -26.13
C TYR N 35 32.33 20.12 -25.83
N ILE N 36 32.87 20.73 -26.87
CA ILE N 36 33.37 22.10 -26.78
C ILE N 36 32.16 23.01 -26.77
N THR N 37 31.90 23.67 -25.63
CA THR N 37 30.72 24.52 -25.53
C THR N 37 30.98 25.98 -25.88
N ASP N 38 32.23 26.42 -25.84
CA ASP N 38 32.57 27.78 -26.30
C ASP N 38 34.08 27.82 -26.48
N ASP N 39 34.55 28.89 -27.12
CA ASP N 39 35.95 29.02 -27.50
C ASP N 39 36.94 28.67 -26.38
N TYR N 40 36.53 28.78 -25.11
CA TYR N 40 37.44 28.48 -24.00
C TYR N 40 36.86 27.50 -22.97
N THR N 41 35.76 26.82 -23.25
CA THR N 41 35.25 25.84 -22.30
C THR N 41 34.68 24.64 -23.03
N ALA N 42 34.92 23.46 -22.43
CA ALA N 42 34.32 22.21 -22.86
C ALA N 42 33.54 21.59 -21.70
N THR N 43 32.47 20.89 -22.05
CA THR N 43 31.58 20.26 -21.09
C THR N 43 31.42 18.77 -21.43
N GLY N 44 31.68 17.91 -20.44
CA GLY N 44 31.42 16.50 -20.62
C GLY N 44 30.34 16.04 -19.67
N ILE N 45 29.38 15.27 -20.14
CA ILE N 45 28.20 14.95 -19.34
C ILE N 45 28.00 13.44 -19.26
N ALA N 46 27.60 12.96 -18.07
CA ALA N 46 27.29 11.55 -17.82
C ALA N 46 25.82 11.41 -17.46
N GLY N 47 25.23 10.26 -17.80
CA GLY N 47 23.85 9.97 -17.46
C GLY N 47 23.01 9.65 -18.69
N THR N 48 21.72 10.00 -18.61
CA THR N 48 20.80 9.75 -19.72
C THR N 48 21.24 10.51 -20.96
N ALA N 49 21.42 9.78 -22.05
CA ALA N 49 21.99 10.36 -23.27
C ALA N 49 21.18 11.55 -23.75
N ALA N 50 19.86 11.39 -23.82
CA ALA N 50 18.98 12.46 -24.29
C ALA N 50 19.19 13.73 -23.48
N VAL N 51 19.17 13.61 -22.16
CA VAL N 51 19.32 14.77 -21.28
C VAL N 51 20.73 15.35 -21.36
N ALA N 52 21.75 14.49 -21.47
CA ALA N 52 23.13 14.96 -21.53
C ALA N 52 23.34 15.79 -22.79
N VAL N 53 22.95 15.26 -23.94
CA VAL N 53 23.13 15.98 -25.20
C VAL N 53 22.31 17.26 -25.18
N GLU N 54 21.09 17.21 -24.65
CA GLU N 54 20.30 18.44 -24.57
C GLU N 54 20.99 19.48 -23.70
N PHE N 55 21.57 19.05 -22.57
CA PHE N 55 22.34 19.97 -21.73
C PHE N 55 23.44 20.64 -22.53
N ALA N 56 24.30 19.84 -23.18
CA ALA N 56 25.44 20.42 -23.89
C ALA N 56 24.98 21.40 -24.97
N ARG N 57 23.98 21.00 -25.76
CA ARG N 57 23.56 21.84 -26.87
C ARG N 57 22.94 23.14 -26.38
N LEU N 58 21.97 23.04 -25.47
CA LEU N 58 21.31 24.22 -24.92
C LEU N 58 22.31 25.14 -24.24
N TYR N 59 23.28 24.55 -23.53
CA TYR N 59 24.29 25.34 -22.82
C TYR N 59 25.14 26.14 -23.79
N ALA N 60 25.65 25.49 -24.85
CA ALA N 60 26.41 26.22 -25.85
C ALA N 60 25.60 27.35 -26.46
N VAL N 61 24.34 27.05 -26.82
CA VAL N 61 23.46 28.07 -27.38
C VAL N 61 23.30 29.24 -26.42
N GLU N 62 23.18 28.95 -25.12
CA GLU N 62 22.97 29.99 -24.12
C GLU N 62 24.19 30.90 -24.00
N LEU N 63 25.39 30.30 -23.94
CA LEU N 63 26.61 31.09 -23.85
C LEU N 63 26.76 32.00 -25.07
N GLU N 64 26.75 31.41 -26.27
CA GLU N 64 26.91 32.23 -27.48
C GLU N 64 25.82 33.28 -27.58
N HIS N 65 24.59 32.92 -27.17
CA HIS N 65 23.48 33.86 -27.14
C HIS N 65 23.81 35.10 -26.31
N TYR N 66 24.29 34.90 -25.07
CA TYR N 66 24.71 36.04 -24.27
C TYR N 66 25.79 36.84 -24.98
N GLU N 67 26.78 36.16 -25.56
CA GLU N 67 27.91 36.87 -26.16
C GLU N 67 27.46 37.76 -27.31
N LYS N 68 26.53 37.27 -28.14
CA LYS N 68 26.05 38.10 -29.24
C LYS N 68 25.11 39.20 -28.77
N LEU N 69 24.31 38.95 -27.73
CA LEU N 69 23.42 40.00 -27.25
C LEU N 69 24.19 41.15 -26.62
N GLU N 70 25.23 40.85 -25.83
CA GLU N 70 25.92 41.85 -25.04
C GLU N 70 27.30 42.24 -25.59
N GLY N 71 27.74 41.64 -26.69
CA GLY N 71 29.01 42.01 -27.29
C GLY N 71 30.24 41.51 -26.58
N VAL N 72 30.09 40.85 -25.43
CA VAL N 72 31.19 40.33 -24.64
C VAL N 72 30.76 38.98 -24.08
N PRO N 73 31.66 38.00 -23.97
CA PRO N 73 31.27 36.71 -23.40
C PRO N 73 31.07 36.81 -21.89
N LEU N 74 30.39 35.80 -21.36
CA LEU N 74 30.22 35.72 -19.91
C LEU N 74 31.54 35.48 -19.21
N THR N 75 31.63 36.01 -17.99
CA THR N 75 32.70 35.63 -17.09
C THR N 75 32.61 34.14 -16.81
N PHE N 76 33.75 33.55 -16.41
CA PHE N 76 33.74 32.12 -16.13
C PHE N 76 32.78 31.80 -14.99
N ALA N 77 32.75 32.66 -13.97
CA ALA N 77 31.79 32.48 -12.89
C ALA N 77 30.37 32.45 -13.44
N GLY N 78 30.05 33.36 -14.36
CA GLY N 78 28.71 33.36 -14.93
C GLY N 78 28.39 32.07 -15.65
N LYS N 79 29.37 31.53 -16.39
CA LYS N 79 29.19 30.24 -17.05
C LYS N 79 28.88 29.14 -16.04
N ILE N 80 29.66 29.09 -14.95
CA ILE N 80 29.38 28.11 -13.90
C ILE N 80 27.95 28.26 -13.41
N ASN N 81 27.53 29.49 -13.09
CA ASN N 81 26.20 29.71 -12.52
C ASN N 81 25.11 29.28 -13.49
N ARG N 82 25.32 29.51 -14.79
CA ARG N 82 24.32 29.08 -15.77
C ARG N 82 24.22 27.57 -15.85
N LEU N 83 25.36 26.86 -15.88
CA LEU N 83 25.29 25.40 -15.90
C LEU N 83 24.60 24.87 -14.64
N ALA N 84 24.95 25.44 -13.47
CA ALA N 84 24.33 25.05 -12.22
C ALA N 84 22.83 25.27 -12.24
N ILE N 85 22.40 26.42 -12.74
CA ILE N 85 20.97 26.73 -12.80
C ILE N 85 20.25 25.77 -13.73
N MET N 86 20.90 25.39 -14.83
CA MET N 86 20.29 24.42 -15.75
C MET N 86 20.09 23.07 -15.07
N VAL N 87 21.14 22.56 -14.41
CA VAL N 87 21.02 21.26 -13.73
C VAL N 87 19.93 21.29 -12.66
N ARG N 88 19.95 22.32 -11.81
CA ARG N 88 18.92 22.42 -10.78
C ARG N 88 17.53 22.43 -11.41
N GLY N 89 17.40 23.07 -12.57
CA GLY N 89 16.13 23.02 -13.28
C GLY N 89 15.75 21.61 -13.66
N ASN N 90 16.74 20.77 -13.99
CA ASN N 90 16.40 19.40 -14.35
C ASN N 90 16.22 18.47 -13.16
N LEU N 91 16.43 18.93 -11.92
CA LEU N 91 16.38 18.01 -10.78
C LEU N 91 15.09 17.19 -10.73
N ALA N 92 13.94 17.82 -11.00
CA ALA N 92 12.68 17.09 -10.91
C ALA N 92 12.66 15.89 -11.84
N ALA N 93 12.98 16.12 -13.12
CA ALA N 93 13.08 15.03 -14.08
C ALA N 93 14.17 14.03 -13.71
N ALA N 94 15.26 14.51 -13.11
CA ALA N 94 16.35 13.64 -12.69
C ALA N 94 15.88 12.63 -11.64
N MET N 95 15.03 13.07 -10.71
CA MET N 95 14.52 12.16 -9.70
C MET N 95 13.75 11.01 -10.34
N GLN N 96 13.06 11.25 -11.45
CA GLN N 96 12.30 10.19 -12.11
C GLN N 96 13.13 9.36 -13.08
N GLY N 97 14.43 9.59 -13.20
CA GLY N 97 15.29 8.78 -14.03
C GLY N 97 15.97 9.49 -15.17
N LEU N 98 15.59 10.72 -15.50
CA LEU N 98 16.26 11.48 -16.56
C LEU N 98 17.41 12.30 -15.96
N LEU N 99 18.40 11.57 -15.45
CA LEU N 99 19.50 12.16 -14.72
C LEU N 99 20.68 12.44 -15.65
N ALA N 100 21.25 13.64 -15.51
CA ALA N 100 22.48 13.98 -16.23
C ALA N 100 23.30 14.92 -15.37
N LEU N 101 24.59 14.56 -15.14
CA LEU N 101 25.55 15.40 -14.42
C LEU N 101 26.65 15.85 -15.34
N PRO N 102 26.97 17.15 -15.34
CA PRO N 102 28.09 17.63 -16.14
C PRO N 102 29.37 17.83 -15.36
N LEU N 103 30.46 17.84 -16.09
CA LEU N 103 31.79 18.24 -15.64
C LEU N 103 32.26 19.34 -16.59
N LEU N 104 32.67 20.46 -16.03
CA LEU N 104 33.06 21.64 -16.80
C LEU N 104 34.57 21.82 -16.74
N ALA N 105 35.19 22.06 -17.89
CA ALA N 105 36.61 22.40 -17.94
C ALA N 105 36.78 23.64 -18.79
N GLY N 106 37.57 24.61 -18.29
CA GLY N 106 37.70 25.86 -19.01
C GLY N 106 39.05 26.52 -18.81
N TYR N 107 39.29 27.56 -19.60
CA TYR N 107 40.45 28.42 -19.46
C TYR N 107 39.95 29.85 -19.26
N ASP N 108 40.21 30.42 -18.08
CA ASP N 108 39.72 31.74 -17.75
C ASP N 108 40.66 32.79 -18.31
N ILE N 109 40.22 33.45 -19.39
CA ILE N 109 41.05 34.45 -20.03
C ILE N 109 41.26 35.67 -19.14
N HIS N 110 40.38 35.91 -18.17
CA HIS N 110 40.51 37.07 -17.29
C HIS N 110 41.31 36.78 -16.03
N ALA N 111 41.87 35.58 -15.88
CA ALA N 111 42.67 35.27 -14.71
C ALA N 111 43.99 36.03 -14.78
N SER N 112 44.54 36.35 -13.61
CA SER N 112 45.81 37.10 -13.57
C SER N 112 46.95 36.25 -14.12
N ASP N 113 47.13 35.05 -13.58
CA ASP N 113 48.22 34.18 -13.98
C ASP N 113 47.74 33.24 -15.07
N PRO N 114 48.20 33.40 -16.33
CA PRO N 114 47.73 32.50 -17.39
C PRO N 114 48.19 31.05 -17.21
N GLN N 115 49.13 30.80 -16.29
CA GLN N 115 49.61 29.43 -16.11
C GLN N 115 48.65 28.61 -15.25
N SER N 116 47.99 29.25 -14.28
CA SER N 116 46.99 28.60 -13.45
C SER N 116 45.57 29.03 -13.81
N ALA N 117 45.36 29.52 -15.03
CA ALA N 117 44.06 29.96 -15.52
C ALA N 117 43.12 28.79 -15.83
N GLY N 118 43.60 27.57 -15.72
CA GLY N 118 42.73 26.42 -15.92
C GLY N 118 41.70 26.30 -14.81
N ARG N 119 40.53 25.79 -15.18
CA ARG N 119 39.41 25.63 -14.25
C ARG N 119 38.73 24.29 -14.47
N ILE N 120 38.40 23.60 -13.37
CA ILE N 120 37.67 22.35 -13.41
C ILE N 120 36.55 22.44 -12.37
N VAL N 121 35.31 22.32 -12.83
CA VAL N 121 34.14 22.51 -11.99
C VAL N 121 33.28 21.25 -12.06
N SER N 122 32.97 20.69 -10.90
CA SER N 122 32.11 19.52 -10.79
C SER N 122 30.76 19.92 -10.23
N PHE N 123 29.74 19.14 -10.56
CA PHE N 123 28.37 19.47 -10.19
C PHE N 123 27.66 18.24 -9.65
N ASP N 124 26.71 18.46 -8.75
CA ASP N 124 25.79 17.42 -8.31
C ASP N 124 24.39 17.69 -8.86
N ALA N 125 23.50 16.74 -8.63
CA ALA N 125 22.17 16.78 -9.25
C ALA N 125 21.34 17.97 -8.80
N ALA N 126 21.74 18.64 -7.72
CA ALA N 126 21.04 19.81 -7.23
C ALA N 126 21.64 21.13 -7.75
N GLY N 127 22.61 21.08 -8.64
CA GLY N 127 23.22 22.29 -9.14
C GLY N 127 24.35 22.84 -8.30
N GLY N 128 24.64 22.23 -7.15
CA GLY N 128 25.82 22.61 -6.40
C GLY N 128 27.08 22.35 -7.21
N TRP N 129 28.03 23.26 -7.09
CA TRP N 129 29.24 23.20 -7.91
C TRP N 129 30.47 23.35 -7.03
N ASN N 130 31.58 22.82 -7.52
CA ASN N 130 32.87 22.93 -6.88
C ASN N 130 33.94 23.22 -7.92
N ILE N 131 34.69 24.30 -7.71
CA ILE N 131 35.88 24.55 -8.51
C ILE N 131 37.02 23.76 -7.89
N GLU N 132 37.59 22.83 -8.65
CA GLU N 132 38.50 21.83 -8.09
C GLU N 132 39.90 22.42 -7.99
N GLU N 133 40.36 22.62 -6.77
CA GLU N 133 41.67 23.20 -6.53
C GLU N 133 42.77 22.15 -6.43
N GLU N 134 42.46 20.87 -6.59
CA GLU N 134 43.48 19.83 -6.50
C GLU N 134 43.85 19.25 -7.86
N GLY N 135 43.33 19.79 -8.95
CA GLY N 135 43.88 19.59 -10.27
C GLY N 135 43.15 18.63 -11.17
N TYR N 136 42.37 17.70 -10.63
CA TYR N 136 41.68 16.74 -11.49
C TYR N 136 40.32 16.41 -10.91
N GLN N 137 39.48 15.81 -11.75
CA GLN N 137 38.12 15.47 -11.37
C GLN N 137 37.53 14.56 -12.43
N ALA N 138 36.56 13.75 -12.03
CA ALA N 138 35.89 12.84 -12.95
C ALA N 138 34.43 12.73 -12.55
N VAL N 139 33.62 12.29 -13.50
CA VAL N 139 32.19 12.10 -13.29
C VAL N 139 31.73 10.88 -14.07
N GLY N 140 30.73 10.18 -13.55
CA GLY N 140 30.17 9.00 -14.17
C GLY N 140 30.35 7.76 -13.32
N SER N 141 29.89 6.63 -13.88
CA SER N 141 29.88 5.35 -13.16
C SER N 141 31.27 4.79 -12.93
N GLY N 142 32.28 5.25 -13.67
CA GLY N 142 33.66 4.89 -13.42
C GLY N 142 34.48 6.00 -12.80
N SER N 143 33.86 7.07 -12.30
CA SER N 143 34.60 8.25 -11.90
C SER N 143 35.51 7.99 -10.72
N LEU N 144 35.12 7.11 -9.79
CA LEU N 144 35.96 6.90 -8.63
C LEU N 144 37.23 6.15 -8.99
N PHE N 145 37.13 5.21 -9.93
CA PHE N 145 38.34 4.55 -10.43
C PHE N 145 39.28 5.54 -11.09
N ALA N 146 38.74 6.42 -11.94
CA ALA N 146 39.56 7.40 -12.63
C ALA N 146 40.19 8.39 -11.66
N LYS N 147 39.42 8.87 -10.68
CA LYS N 147 39.97 9.78 -9.69
C LYS N 147 41.07 9.14 -8.89
N SER N 148 40.88 7.89 -8.46
CA SER N 148 41.90 7.22 -7.67
C SER N 148 43.14 6.91 -8.50
N SER N 149 42.98 6.64 -9.80
CA SER N 149 44.13 6.49 -10.69
C SER N 149 44.88 7.80 -10.86
N MET N 150 44.16 8.89 -11.14
CA MET N 150 44.80 10.19 -11.30
C MET N 150 45.49 10.63 -10.02
N LYS N 151 44.99 10.20 -8.86
CA LYS N 151 45.66 10.53 -7.61
C LYS N 151 47.10 10.06 -7.62
N LYS N 152 47.35 8.90 -8.21
CA LYS N 152 48.68 8.32 -8.29
C LYS N 152 49.47 8.81 -9.51
N LEU N 153 48.79 9.16 -10.60
CA LEU N 153 49.50 9.52 -11.81
C LEU N 153 49.69 11.03 -11.99
N TYR N 154 49.10 11.85 -11.13
CA TYR N 154 49.02 13.28 -11.41
C TYR N 154 50.37 13.97 -11.28
N SER N 155 51.26 13.44 -10.44
CA SER N 155 52.58 14.04 -10.29
C SER N 155 53.36 14.03 -11.59
N GLN N 156 52.96 13.21 -12.56
CA GLN N 156 53.63 13.12 -13.84
C GLN N 156 53.15 14.17 -14.85
N VAL N 157 52.20 15.02 -14.49
CA VAL N 157 51.65 16.00 -15.43
C VAL N 157 52.54 17.23 -15.39
N THR N 158 53.28 17.46 -16.48
CA THR N 158 54.16 18.63 -16.59
C THR N 158 53.88 19.47 -17.83
N ASP N 159 53.14 18.96 -18.80
CA ASP N 159 52.76 19.73 -19.97
C ASP N 159 51.46 19.14 -20.53
N GLY N 160 51.04 19.64 -21.69
CA GLY N 160 49.80 19.18 -22.28
C GLY N 160 49.84 17.71 -22.67
N ASP N 161 51.01 17.24 -23.10
CA ASP N 161 51.10 15.87 -23.60
C ASP N 161 50.99 14.87 -22.44
N SER N 162 51.72 15.12 -21.36
CA SER N 162 51.64 14.21 -20.21
C SER N 162 50.26 14.25 -19.57
N GLY N 163 49.66 15.44 -19.47
CA GLY N 163 48.31 15.52 -18.93
C GLY N 163 47.30 14.77 -19.78
N LEU N 164 47.44 14.85 -21.10
CA LEU N 164 46.55 14.09 -21.96
C LEU N 164 46.73 12.59 -21.74
N ARG N 165 47.99 12.15 -21.58
CA ARG N 165 48.23 10.73 -21.35
C ARG N 165 47.65 10.27 -20.02
N VAL N 166 47.80 11.07 -18.97
CA VAL N 166 47.22 10.71 -17.67
C VAL N 166 45.70 10.64 -17.77
N ALA N 167 45.09 11.57 -18.51
CA ALA N 167 43.63 11.51 -18.71
C ALA N 167 43.22 10.20 -19.37
N VAL N 168 43.87 9.85 -20.48
CA VAL N 168 43.51 8.63 -21.20
C VAL N 168 43.74 7.40 -20.32
N GLU N 169 44.81 7.42 -19.51
CA GLU N 169 45.10 6.27 -18.65
C GLU N 169 44.08 6.15 -17.53
N ALA N 170 43.61 7.28 -17.02
CA ALA N 170 42.54 7.26 -16.02
C ALA N 170 41.25 6.68 -16.61
N LEU N 171 40.91 7.07 -17.85
CA LEU N 171 39.78 6.45 -18.52
C LEU N 171 40.02 4.96 -18.74
N TYR N 172 41.27 4.56 -18.95
CA TYR N 172 41.58 3.15 -19.13
C TYR N 172 41.30 2.37 -17.85
N ASP N 173 41.77 2.88 -16.70
CA ASP N 173 41.50 2.21 -15.43
C ASP N 173 39.99 2.17 -15.15
N ALA N 174 39.30 3.28 -15.44
CA ALA N 174 37.85 3.32 -15.26
C ALA N 174 37.18 2.20 -16.05
N ALA N 175 37.49 2.10 -17.35
CA ALA N 175 36.90 1.04 -18.17
C ALA N 175 37.35 -0.34 -17.71
N ASP N 176 38.52 -0.43 -17.08
CA ASP N 176 39.04 -1.69 -16.57
C ASP N 176 38.20 -2.22 -15.41
N ASP N 177 37.68 -1.32 -14.57
CA ASP N 177 36.89 -1.75 -13.42
C ASP N 177 35.40 -1.47 -13.57
N ASP N 178 34.97 -0.75 -14.61
CA ASP N 178 33.56 -0.39 -14.79
C ASP N 178 33.11 -0.84 -16.17
N SER N 179 32.16 -1.77 -16.20
CA SER N 179 31.70 -2.30 -17.48
C SER N 179 30.85 -1.30 -18.24
N ALA N 180 30.35 -0.26 -17.58
CA ALA N 180 29.59 0.75 -18.29
C ALA N 180 30.48 1.72 -19.04
N THR N 181 31.79 1.71 -18.75
CA THR N 181 32.76 2.55 -19.44
C THR N 181 33.52 1.72 -20.45
N GLY N 182 33.57 2.21 -21.70
CA GLY N 182 34.23 1.47 -22.77
C GLY N 182 35.69 1.83 -22.87
N GLY N 183 36.54 0.81 -22.93
CA GLY N 183 37.96 1.00 -23.13
C GLY N 183 38.28 1.17 -24.60
N PRO N 184 39.58 1.30 -24.88
CA PRO N 184 40.01 1.45 -26.28
C PRO N 184 39.71 0.20 -27.08
N ASP N 185 38.98 0.37 -28.18
CA ASP N 185 38.59 -0.71 -29.07
C ASP N 185 39.61 -0.76 -30.19
N LEU N 186 40.59 -1.65 -30.07
CA LEU N 186 41.64 -1.72 -31.07
C LEU N 186 41.21 -2.41 -32.37
N VAL N 187 40.15 -3.22 -32.34
CA VAL N 187 39.68 -3.85 -33.58
C VAL N 187 38.94 -2.84 -34.44
N ARG N 188 38.06 -2.04 -33.83
CA ARG N 188 37.31 -1.01 -34.53
C ARG N 188 37.99 0.35 -34.57
N GLY N 189 39.05 0.56 -33.80
CA GLY N 189 39.71 1.86 -33.79
C GLY N 189 38.91 2.96 -33.14
N ILE N 190 38.23 2.68 -32.04
CA ILE N 190 37.42 3.66 -31.33
C ILE N 190 38.11 3.93 -30.00
N PHE N 191 38.40 5.19 -29.74
CA PHE N 191 39.14 5.62 -28.56
C PHE N 191 38.40 6.77 -27.90
N PRO N 192 38.70 7.08 -26.64
CA PRO N 192 38.03 8.20 -25.97
C PRO N 192 38.18 9.49 -26.76
N THR N 193 37.22 10.39 -26.59
CA THR N 193 37.36 11.72 -27.18
C THR N 193 38.01 12.64 -26.16
N ALA N 194 38.80 13.59 -26.67
CA ALA N 194 39.50 14.50 -25.78
C ALA N 194 39.48 15.90 -26.37
N VAL N 195 39.38 16.88 -25.48
CA VAL N 195 39.48 18.29 -25.79
C VAL N 195 40.58 18.87 -24.90
N ILE N 196 41.41 19.71 -25.50
CA ILE N 196 42.44 20.43 -24.76
C ILE N 196 42.16 21.93 -24.91
N ILE N 197 42.39 22.67 -23.83
CA ILE N 197 42.10 24.11 -23.78
C ILE N 197 43.31 24.82 -23.18
N ASP N 198 43.86 25.78 -23.92
CA ASP N 198 44.90 26.65 -23.38
C ASP N 198 44.58 28.09 -23.82
N ALA N 199 45.59 28.95 -23.77
CA ALA N 199 45.38 30.36 -24.08
C ALA N 199 44.94 30.57 -25.53
N ASP N 200 45.31 29.66 -26.43
CA ASP N 200 44.90 29.75 -27.83
C ASP N 200 43.51 29.20 -28.08
N GLY N 201 42.82 28.74 -27.05
CA GLY N 201 41.44 28.27 -27.17
C GLY N 201 41.30 26.78 -26.88
N ALA N 202 40.13 26.27 -27.23
CA ALA N 202 39.76 24.87 -27.03
C ALA N 202 39.73 24.15 -28.37
N VAL N 203 40.50 23.07 -28.47
CA VAL N 203 40.58 22.30 -29.70
C VAL N 203 40.33 20.83 -29.38
N ASP N 204 39.70 20.14 -30.32
CA ASP N 204 39.57 18.69 -30.24
C ASP N 204 40.92 18.04 -30.47
N VAL N 205 41.29 17.11 -29.59
CA VAL N 205 42.53 16.35 -29.79
C VAL N 205 42.32 15.37 -30.94
N PRO N 206 43.23 15.31 -31.91
CA PRO N 206 43.04 14.40 -33.04
C PRO N 206 42.98 12.94 -32.58
N GLU N 207 42.15 12.17 -33.29
CA GLU N 207 41.92 10.78 -32.92
C GLU N 207 43.20 9.97 -32.90
N SER N 208 44.13 10.28 -33.81
CA SER N 208 45.37 9.53 -33.92
C SER N 208 46.20 9.60 -32.63
N ARG N 209 46.27 10.78 -32.01
CA ARG N 209 47.09 10.92 -30.82
C ARG N 209 46.50 10.13 -29.65
N ILE N 210 45.17 10.17 -29.52
CA ILE N 210 44.52 9.37 -28.47
C ILE N 210 44.77 7.89 -28.71
N ALA N 211 44.72 7.46 -29.97
CA ALA N 211 45.00 6.06 -30.29
C ALA N 211 46.43 5.68 -29.92
N GLU N 212 47.40 6.57 -30.18
CA GLU N 212 48.78 6.28 -29.81
C GLU N 212 48.92 6.13 -28.30
N LEU N 213 48.37 7.08 -27.54
CA LEU N 213 48.45 6.99 -26.09
C LEU N 213 47.76 5.73 -25.57
N ALA N 214 46.61 5.38 -26.15
CA ALA N 214 45.90 4.17 -25.74
C ALA N 214 46.77 2.94 -25.95
N ARG N 215 47.28 2.75 -27.17
CA ARG N 215 48.13 1.59 -27.43
C ARG N 215 49.37 1.60 -26.55
N ALA N 216 49.92 2.79 -26.25
CA ALA N 216 51.05 2.88 -25.34
C ALA N 216 50.71 2.37 -23.95
N ILE N 217 49.52 2.73 -23.44
CA ILE N 217 49.10 2.26 -22.13
C ILE N 217 48.91 0.74 -22.17
N ILE N 218 48.28 0.24 -23.23
CA ILE N 218 48.03 -1.20 -23.35
C ILE N 218 49.34 -1.98 -23.33
N GLU N 219 50.36 -1.50 -24.05
CA GLU N 219 51.65 -2.17 -24.00
C GLU N 219 52.28 -2.04 -22.62
N SER N 220 52.14 -0.86 -21.98
CA SER N 220 52.71 -0.66 -20.66
C SER N 220 52.16 -1.64 -19.65
N ARG N 221 50.93 -2.13 -19.88
CA ARG N 221 50.32 -3.07 -18.95
C ARG N 221 50.62 -4.53 -19.27
N SER N 222 51.12 -4.83 -20.46
CA SER N 222 51.48 -6.21 -20.79
C SER N 222 52.93 -6.52 -20.44
N MET O 1 0.27 -61.95 36.83
CA MET O 1 -0.66 -60.81 36.77
C MET O 1 -1.26 -60.52 38.14
N GLU O 2 -2.03 -61.48 38.67
CA GLU O 2 -2.61 -61.29 39.99
C GLU O 2 -1.54 -61.30 41.08
N GLN O 3 -0.41 -61.95 40.83
CA GLN O 3 0.69 -61.90 41.80
C GLN O 3 1.30 -60.50 41.85
N ALA O 4 1.40 -59.85 40.70
CA ALA O 4 1.85 -58.46 40.67
C ALA O 4 0.94 -57.57 41.51
N MET O 5 -0.38 -57.76 41.38
CA MET O 5 -1.32 -56.91 42.12
C MET O 5 -1.33 -57.25 43.60
N ARG O 6 -1.15 -58.53 43.95
CA ARG O 6 -1.01 -58.90 45.36
C ARG O 6 0.23 -58.27 45.96
N GLU O 7 1.33 -58.23 45.22
CA GLU O 7 2.56 -57.67 45.75
C GLU O 7 2.47 -56.14 45.85
N ARG O 8 1.94 -55.48 44.82
CA ARG O 8 1.75 -54.04 44.87
C ARG O 8 0.87 -53.65 46.05
N SER O 9 -0.26 -54.34 46.20
CA SER O 9 -1.16 -54.09 47.33
C SER O 9 -0.45 -54.31 48.65
N GLU O 10 0.41 -55.34 48.71
CA GLU O 10 1.09 -55.62 49.98
C GLU O 10 2.09 -54.53 50.32
N LEU O 11 2.82 -54.04 49.32
CA LEU O 11 3.78 -52.96 49.56
C LEU O 11 3.05 -51.71 50.05
N ALA O 12 1.95 -51.36 49.39
CA ALA O 12 1.20 -50.18 49.81
C ALA O 12 0.63 -50.34 51.22
N ARG O 13 0.01 -51.50 51.51
CA ARG O 13 -0.57 -51.71 52.82
C ARG O 13 0.48 -51.68 53.93
N LYS O 14 1.60 -52.37 53.74
CA LYS O 14 2.66 -52.33 54.75
C LYS O 14 3.19 -50.92 54.94
N GLY O 15 3.42 -50.20 53.85
CA GLY O 15 3.89 -48.83 53.97
C GLY O 15 2.94 -47.97 54.78
N ILE O 16 1.63 -48.11 54.55
CA ILE O 16 0.68 -47.28 55.29
C ILE O 16 0.62 -47.72 56.74
N ALA O 17 0.71 -49.03 57.00
CA ALA O 17 0.63 -49.53 58.36
C ALA O 17 1.83 -49.10 59.20
N ARG O 18 2.97 -48.86 58.57
CA ARG O 18 4.16 -48.42 59.29
C ARG O 18 4.18 -46.93 59.58
N ALA O 19 3.28 -46.16 58.96
CA ALA O 19 3.29 -44.71 59.08
C ALA O 19 2.38 -44.25 60.21
N LYS O 20 2.57 -43.00 60.62
CA LYS O 20 1.84 -42.44 61.75
C LYS O 20 0.37 -42.23 61.39
N SER O 21 -0.47 -42.18 62.41
CA SER O 21 -1.92 -42.21 62.23
C SER O 21 -2.50 -40.80 62.06
N VAL O 22 -3.68 -40.75 61.45
CA VAL O 22 -4.39 -39.51 61.16
C VAL O 22 -5.88 -39.76 61.40
N VAL O 23 -6.56 -38.78 62.01
CA VAL O 23 -8.00 -38.86 62.22
C VAL O 23 -8.63 -37.58 61.70
N ALA O 24 -9.82 -37.73 61.11
CA ALA O 24 -10.65 -36.61 60.69
C ALA O 24 -12.06 -36.90 61.17
N LEU O 25 -12.64 -35.96 61.93
CA LEU O 25 -13.98 -36.20 62.46
C LEU O 25 -14.83 -34.95 62.33
N ALA O 26 -16.11 -35.15 62.10
CA ALA O 26 -17.06 -34.06 61.98
C ALA O 26 -17.52 -33.58 63.35
N TYR O 27 -17.55 -32.26 63.54
CA TYR O 27 -18.08 -31.68 64.77
C TYR O 27 -19.02 -30.54 64.41
N ALA O 28 -19.62 -29.94 65.44
CA ALA O 28 -20.69 -28.98 65.25
C ALA O 28 -20.25 -27.78 64.41
N GLY O 29 -18.96 -27.42 64.48
CA GLY O 29 -18.44 -26.29 63.74
C GLY O 29 -17.84 -26.62 62.40
N GLY O 30 -17.87 -27.88 61.98
CA GLY O 30 -17.30 -28.27 60.71
C GLY O 30 -16.57 -29.60 60.74
N VAL O 31 -15.30 -29.60 60.36
CA VAL O 31 -14.50 -30.81 60.32
C VAL O 31 -13.19 -30.57 61.06
N LEU O 32 -12.75 -31.55 61.85
CA LEU O 32 -11.52 -31.46 62.62
C LEU O 32 -10.53 -32.49 62.08
N PHE O 33 -9.32 -32.03 61.79
CA PHE O 33 -8.20 -32.87 61.36
C PHE O 33 -7.16 -32.89 62.47
N VAL O 34 -6.83 -34.08 62.95
CA VAL O 34 -5.79 -34.26 63.97
C VAL O 34 -4.86 -35.37 63.51
N ALA O 35 -3.57 -35.07 63.43
CA ALA O 35 -2.59 -36.01 62.89
C ALA O 35 -1.38 -36.07 63.79
N GLU O 36 -0.86 -37.29 63.97
CA GLU O 36 0.42 -37.50 64.64
C GLU O 36 1.53 -36.97 63.74
N ASN O 37 2.23 -35.93 64.17
CA ASN O 37 3.22 -35.34 63.29
C ASN O 37 4.29 -34.59 64.08
N PRO O 38 5.49 -35.16 64.23
CA PRO O 38 6.54 -34.47 64.99
C PRO O 38 7.15 -33.29 64.28
N SER O 39 6.99 -33.20 62.95
CA SER O 39 7.73 -32.22 62.16
C SER O 39 7.31 -30.79 62.49
N ARG O 40 8.27 -29.88 62.28
CA ARG O 40 8.06 -28.45 62.51
C ARG O 40 7.49 -27.73 61.30
N SER O 41 7.74 -28.23 60.10
CA SER O 41 7.33 -27.52 58.88
C SER O 41 6.75 -28.42 57.79
N LEU O 42 6.76 -29.74 57.93
CA LEU O 42 6.23 -30.65 56.93
C LEU O 42 4.82 -31.07 57.33
N GLN O 43 3.86 -30.85 56.44
CA GLN O 43 2.44 -30.92 56.77
C GLN O 43 1.75 -32.11 56.11
N LYS O 44 0.88 -32.77 56.88
CA LYS O 44 0.05 -33.86 56.39
C LYS O 44 -1.40 -33.46 56.15
N ILE O 45 -1.81 -32.31 56.65
CA ILE O 45 -3.18 -31.80 56.50
C ILE O 45 -3.10 -30.48 55.74
N SER O 46 -4.02 -30.28 54.80
CA SER O 46 -3.91 -29.13 53.93
C SER O 46 -5.27 -28.68 53.45
N GLU O 47 -5.33 -27.41 53.08
CA GLU O 47 -6.46 -26.85 52.37
C GLU O 47 -6.39 -27.25 50.90
N LEU O 48 -7.53 -27.66 50.35
CA LEU O 48 -7.69 -27.88 48.92
C LEU O 48 -8.44 -26.74 48.24
N TYR O 49 -9.63 -26.40 48.75
CA TYR O 49 -10.40 -25.32 48.17
C TYR O 49 -11.20 -24.68 49.28
N ASP O 50 -11.98 -23.65 48.92
CA ASP O 50 -12.71 -22.82 49.87
C ASP O 50 -13.30 -23.60 51.04
N ARG O 51 -14.08 -24.64 50.74
CA ARG O 51 -14.71 -25.44 51.79
C ARG O 51 -14.22 -26.88 51.80
N VAL O 52 -13.09 -27.17 51.16
CA VAL O 52 -12.61 -28.54 50.99
C VAL O 52 -11.23 -28.66 51.59
N GLY O 53 -11.06 -29.64 52.48
CA GLY O 53 -9.80 -29.94 53.12
C GLY O 53 -9.29 -31.33 52.82
N PHE O 54 -8.02 -31.54 53.10
CA PHE O 54 -7.28 -32.73 52.69
C PHE O 54 -6.46 -33.24 53.87
N ALA O 55 -6.45 -34.56 54.05
CA ALA O 55 -5.60 -35.19 55.05
C ALA O 55 -5.05 -36.50 54.49
N ALA O 56 -3.82 -36.84 54.86
CA ALA O 56 -3.18 -37.99 54.23
C ALA O 56 -2.29 -38.71 55.23
N ALA O 57 -2.11 -40.02 55.00
CA ALA O 57 -1.19 -40.85 55.76
C ALA O 57 -0.32 -41.65 54.79
N GLY O 58 0.93 -41.88 55.19
CA GLY O 58 1.85 -42.69 54.42
C GLY O 58 3.12 -41.93 54.09
N LYS O 59 3.65 -42.20 52.90
CA LYS O 59 4.93 -41.63 52.49
C LYS O 59 4.74 -40.17 52.07
N PHE O 60 5.53 -39.27 52.66
CA PHE O 60 5.26 -37.84 52.52
C PHE O 60 5.33 -37.38 51.07
N ASN O 61 6.44 -37.66 50.37
CA ASN O 61 6.57 -37.13 49.02
C ASN O 61 5.43 -37.57 48.12
N GLU O 62 4.86 -38.75 48.37
CA GLU O 62 3.79 -39.26 47.52
C GLU O 62 2.46 -38.57 47.83
N PHE O 63 2.05 -38.48 49.09
CA PHE O 63 0.80 -37.79 49.35
C PHE O 63 0.94 -36.27 49.19
N ASP O 64 2.17 -35.75 49.18
CA ASP O 64 2.38 -34.35 48.84
C ASP O 64 2.23 -34.13 47.34
N ASN O 65 2.74 -35.05 46.51
CA ASN O 65 2.40 -35.01 45.09
C ASN O 65 0.89 -35.02 44.91
N LEU O 66 0.18 -35.94 45.58
CA LEU O 66 -1.26 -35.99 45.42
C LEU O 66 -1.94 -34.73 45.92
N ARG O 67 -1.41 -34.14 46.99
CA ARG O 67 -1.97 -32.90 47.52
C ARG O 67 -1.85 -31.78 46.50
N ARG O 68 -0.65 -31.61 45.93
CA ARG O 68 -0.45 -30.60 44.90
C ARG O 68 -1.33 -30.85 43.68
N GLY O 69 -1.46 -32.11 43.28
CA GLY O 69 -2.31 -32.42 42.13
C GLY O 69 -3.76 -32.05 42.39
N GLY O 70 -4.24 -32.32 43.60
CA GLY O 70 -5.61 -31.95 43.96
C GLY O 70 -5.80 -30.44 43.98
N ILE O 71 -4.81 -29.72 44.51
CA ILE O 71 -4.87 -28.25 44.49
C ILE O 71 -4.94 -27.73 43.06
N GLN O 72 -4.12 -28.29 42.17
CA GLN O 72 -4.18 -27.91 40.75
C GLN O 72 -5.56 -28.17 40.18
N PHE O 73 -6.11 -29.36 40.46
CA PHE O 73 -7.44 -29.68 39.93
C PHE O 73 -8.48 -28.68 40.42
N ALA O 74 -8.51 -28.42 41.72
CA ALA O 74 -9.53 -27.53 42.27
C ALA O 74 -9.41 -26.12 41.70
N ASP O 75 -8.21 -25.54 41.74
CA ASP O 75 -8.05 -24.18 41.24
C ASP O 75 -8.39 -24.08 39.76
N THR O 76 -7.97 -25.07 38.97
CA THR O 76 -8.27 -25.08 37.55
C THR O 76 -9.77 -25.15 37.30
N ARG O 77 -10.46 -26.02 38.03
CA ARG O 77 -11.89 -26.17 37.84
C ARG O 77 -12.63 -24.89 38.24
N GLY O 78 -12.27 -24.31 39.38
CA GLY O 78 -12.91 -23.07 39.80
C GLY O 78 -12.70 -21.94 38.84
N TYR O 79 -11.52 -21.88 38.21
CA TYR O 79 -11.28 -20.85 37.19
C TYR O 79 -12.08 -21.14 35.92
N ALA O 80 -12.13 -22.41 35.51
CA ALA O 80 -12.82 -22.77 34.27
C ALA O 80 -14.32 -22.52 34.36
N TYR O 81 -14.89 -22.68 35.55
CA TYR O 81 -16.30 -22.40 35.76
C TYR O 81 -16.53 -21.37 36.85
N ASP O 82 -16.69 -21.83 38.09
CA ASP O 82 -16.86 -20.93 39.22
C ASP O 82 -16.41 -21.64 40.47
N ARG O 83 -16.08 -20.84 41.49
CA ARG O 83 -15.60 -21.39 42.75
C ARG O 83 -16.64 -22.29 43.40
N ARG O 84 -17.92 -21.99 43.21
CA ARG O 84 -18.97 -22.78 43.81
C ARG O 84 -19.10 -24.16 43.18
N ASP O 85 -18.62 -24.35 41.96
CA ASP O 85 -18.75 -25.64 41.29
C ASP O 85 -17.74 -26.66 41.78
N VAL O 86 -16.74 -26.24 42.55
CA VAL O 86 -15.77 -27.17 43.13
C VAL O 86 -16.39 -27.79 44.37
N THR O 87 -16.47 -29.13 44.40
CA THR O 87 -17.08 -29.84 45.51
C THR O 87 -16.11 -30.90 46.04
N GLY O 88 -16.35 -31.32 47.28
CA GLY O 88 -15.55 -32.39 47.85
C GLY O 88 -15.69 -33.67 47.06
N ARG O 89 -16.91 -33.98 46.62
CA ARG O 89 -17.12 -35.19 45.83
C ARG O 89 -16.24 -35.20 44.57
N GLN O 90 -16.12 -34.05 43.90
CA GLN O 90 -15.27 -33.99 42.72
C GLN O 90 -13.84 -34.39 43.05
N LEU O 91 -13.27 -33.77 44.08
CA LEU O 91 -11.88 -34.06 44.45
C LEU O 91 -11.71 -35.51 44.91
N ALA O 92 -12.66 -36.04 45.66
CA ALA O 92 -12.59 -37.44 46.04
C ALA O 92 -12.60 -38.33 44.80
N ASN O 93 -13.43 -37.97 43.82
CA ASN O 93 -13.54 -38.76 42.60
C ASN O 93 -12.23 -38.71 41.80
N VAL O 94 -11.64 -37.51 41.68
CA VAL O 94 -10.39 -37.35 40.96
C VAL O 94 -9.27 -38.10 41.67
N TYR O 95 -9.31 -38.10 43.00
CA TYR O 95 -8.31 -38.86 43.75
C TYR O 95 -8.50 -40.36 43.54
N ALA O 96 -9.74 -40.83 43.47
CA ALA O 96 -9.99 -42.23 43.20
C ALA O 96 -9.44 -42.64 41.83
N GLN O 97 -9.76 -41.84 40.80
CA GLN O 97 -9.24 -42.11 39.46
C GLN O 97 -7.72 -42.12 39.45
N THR O 98 -7.13 -41.12 40.09
CA THR O 98 -5.67 -40.95 40.07
C THR O 98 -4.97 -42.10 40.78
N LEU O 99 -5.41 -42.42 42.00
CA LEU O 99 -4.75 -43.50 42.73
C LEU O 99 -5.01 -44.84 42.08
N GLY O 100 -6.14 -45.02 41.39
CA GLY O 100 -6.29 -46.22 40.59
C GLY O 100 -5.23 -46.31 39.50
N THR O 101 -5.06 -45.23 38.74
CA THR O 101 -4.05 -45.22 37.69
C THR O 101 -2.65 -45.43 38.26
N ILE O 102 -2.33 -44.77 39.36
CA ILE O 102 -1.02 -44.93 39.98
C ILE O 102 -0.83 -46.37 40.44
N PHE O 103 -1.85 -46.93 41.10
CA PHE O 103 -1.75 -48.28 41.62
C PHE O 103 -1.45 -49.27 40.50
N THR O 104 -2.10 -49.11 39.35
CA THR O 104 -1.99 -50.10 38.29
C THR O 104 -0.83 -49.85 37.34
N GLU O 105 -0.34 -48.61 37.22
CA GLU O 105 0.55 -48.26 36.13
C GLU O 105 1.91 -47.73 36.56
N GLN O 106 2.06 -47.21 37.77
CA GLN O 106 3.34 -46.64 38.14
C GLN O 106 4.35 -47.72 38.53
N ALA O 107 5.63 -47.32 38.52
CA ALA O 107 6.70 -48.26 38.84
C ALA O 107 6.48 -48.86 40.22
N LYS O 108 6.10 -48.04 41.18
CA LYS O 108 5.75 -48.48 42.52
C LYS O 108 4.44 -47.81 42.93
N PRO O 109 3.48 -48.55 43.49
CA PRO O 109 2.24 -47.92 43.95
C PRO O 109 2.51 -46.92 45.06
N TYR O 110 1.61 -45.95 45.19
CA TYR O 110 1.75 -44.95 46.24
C TYR O 110 1.31 -45.52 47.57
N GLU O 111 2.17 -45.37 48.58
CA GLU O 111 1.87 -45.84 49.93
C GLU O 111 1.15 -44.72 50.68
N VAL O 112 -0.09 -44.48 50.29
CA VAL O 112 -0.85 -43.35 50.80
C VAL O 112 -2.29 -43.76 51.10
N GLU O 113 -2.91 -43.02 52.02
CA GLU O 113 -4.34 -43.07 52.24
C GLU O 113 -4.83 -41.64 52.43
N LEU O 114 -5.89 -41.28 51.72
CA LEU O 114 -6.34 -39.90 51.60
C LEU O 114 -7.72 -39.72 52.21
N CYS O 115 -7.97 -38.51 52.72
CA CYS O 115 -9.29 -38.08 53.15
C CYS O 115 -9.57 -36.70 52.56
N VAL O 116 -10.71 -36.60 51.90
CA VAL O 116 -11.22 -35.34 51.36
C VAL O 116 -12.47 -34.98 52.15
N ALA O 117 -12.49 -33.79 52.74
CA ALA O 117 -13.60 -33.36 53.56
C ALA O 117 -14.17 -32.05 53.04
N GLU O 118 -15.49 -31.88 53.17
CA GLU O 118 -16.14 -30.65 52.75
C GLU O 118 -17.15 -30.23 53.79
N VAL O 119 -17.14 -28.95 54.15
CA VAL O 119 -18.14 -28.38 55.02
C VAL O 119 -19.05 -27.48 54.18
N ALA O 120 -20.14 -27.04 54.78
CA ALA O 120 -21.08 -26.19 54.08
C ALA O 120 -20.48 -24.81 53.81
N HIS O 121 -21.01 -24.14 52.80
CA HIS O 121 -20.65 -22.75 52.54
C HIS O 121 -21.26 -21.84 53.60
N TYR O 122 -20.67 -20.67 53.77
CA TYR O 122 -21.08 -19.76 54.84
C TYR O 122 -22.58 -19.47 54.75
N GLY O 123 -23.27 -19.63 55.87
CA GLY O 123 -24.69 -19.36 55.92
C GLY O 123 -25.58 -20.45 55.37
N GLU O 124 -25.03 -21.61 55.06
CA GLU O 124 -25.76 -22.71 54.44
C GLU O 124 -25.89 -23.87 55.41
N THR O 125 -27.04 -24.54 55.37
CA THR O 125 -27.31 -25.70 56.23
C THR O 125 -26.97 -26.97 55.45
N LYS O 126 -25.84 -27.59 55.79
CA LYS O 126 -25.40 -28.85 55.20
C LYS O 126 -24.49 -29.59 56.16
N ARG O 127 -24.71 -30.90 56.31
CA ARG O 127 -23.79 -31.69 57.11
C ARG O 127 -22.47 -31.88 56.37
N PRO O 128 -21.35 -31.95 57.09
CA PRO O 128 -20.06 -32.20 56.45
C PRO O 128 -20.04 -33.54 55.73
N GLU O 129 -19.15 -33.63 54.74
CA GLU O 129 -18.93 -34.87 53.97
C GLU O 129 -17.48 -35.30 54.13
N LEU O 130 -17.28 -36.58 54.42
CA LEU O 130 -15.95 -37.15 54.56
C LEU O 130 -15.78 -38.27 53.56
N TYR O 131 -14.66 -38.27 52.85
CA TYR O 131 -14.34 -39.28 51.85
C TYR O 131 -12.96 -39.86 52.16
N ARG O 132 -12.86 -41.18 52.06
CA ARG O 132 -11.59 -41.89 52.25
C ARG O 132 -11.24 -42.60 50.94
N ILE O 133 -10.06 -42.33 50.42
CA ILE O 133 -9.56 -42.94 49.18
C ILE O 133 -8.27 -43.69 49.51
N THR O 134 -8.27 -44.99 49.24
CA THR O 134 -7.13 -45.84 49.59
C THR O 134 -6.21 -46.02 48.39
N TYR O 135 -5.11 -46.74 48.63
CA TYR O 135 -3.99 -46.77 47.70
C TYR O 135 -4.36 -47.32 46.33
N ASP O 136 -5.45 -48.07 46.22
CA ASP O 136 -5.84 -48.68 44.95
C ASP O 136 -6.96 -47.92 44.24
N GLY O 137 -7.34 -46.76 44.74
CA GLY O 137 -8.42 -46.00 44.15
C GLY O 137 -9.79 -46.33 44.67
N SER O 138 -9.91 -47.25 45.62
CA SER O 138 -11.20 -47.48 46.25
C SER O 138 -11.59 -46.25 47.05
N ILE O 139 -12.87 -45.89 46.98
CA ILE O 139 -13.38 -44.67 47.59
C ILE O 139 -14.56 -45.03 48.47
N ALA O 140 -14.60 -44.42 49.65
CA ALA O 140 -15.59 -44.71 50.67
C ALA O 140 -16.14 -43.42 51.23
N ASP O 141 -17.46 -43.37 51.39
CA ASP O 141 -18.17 -42.21 51.90
C ASP O 141 -18.49 -42.46 53.37
N GLU O 142 -17.87 -41.68 54.29
CA GLU O 142 -18.06 -41.97 55.71
C GLU O 142 -18.80 -40.83 56.41
N PRO O 143 -19.69 -41.14 57.36
CA PRO O 143 -20.63 -40.12 57.86
C PRO O 143 -20.12 -39.34 59.07
N HIS O 144 -19.26 -39.95 59.89
CA HIS O 144 -18.85 -39.34 61.15
C HIS O 144 -17.36 -39.10 61.26
N PHE O 145 -16.53 -40.11 60.98
CA PHE O 145 -15.10 -39.94 61.13
C PHE O 145 -14.36 -40.90 60.21
N VAL O 146 -13.09 -40.57 59.96
CA VAL O 146 -12.17 -41.37 59.15
C VAL O 146 -10.86 -41.50 59.92
N VAL O 147 -10.31 -42.71 59.90
CA VAL O 147 -9.02 -43.01 60.52
C VAL O 147 -8.13 -43.61 59.44
N MET O 148 -6.88 -43.15 59.36
CA MET O 148 -5.95 -43.60 58.32
C MET O 148 -4.55 -43.79 58.87
N GLY O 149 -3.89 -44.86 58.43
CA GLY O 149 -2.47 -45.03 58.73
C GLY O 149 -2.21 -45.74 60.04
N GLY O 150 -1.10 -46.49 60.07
CA GLY O 150 -0.72 -47.20 61.28
C GLY O 150 -1.69 -48.30 61.60
N THR O 151 -1.83 -48.59 62.90
CA THR O 151 -2.80 -49.57 63.39
C THR O 151 -4.11 -48.84 63.57
N THR O 152 -5.01 -48.97 62.58
CA THR O 152 -6.23 -48.17 62.55
C THR O 152 -7.36 -48.75 63.38
N GLU O 153 -7.33 -50.04 63.68
CA GLU O 153 -8.43 -50.65 64.43
C GLU O 153 -8.57 -50.07 65.83
N PRO O 154 -7.51 -50.02 66.67
CA PRO O 154 -7.70 -49.45 68.02
C PRO O 154 -8.21 -48.03 68.02
N ILE O 155 -7.74 -47.20 67.09
CA ILE O 155 -8.19 -45.81 67.01
C ILE O 155 -9.64 -45.75 66.55
N ALA O 156 -9.99 -46.55 65.54
CA ALA O 156 -11.36 -46.56 65.03
C ALA O 156 -12.37 -46.98 66.09
N ASN O 157 -12.14 -48.11 66.78
CA ASN O 157 -13.11 -48.48 67.81
C ASN O 157 -13.08 -47.50 68.96
N ALA O 158 -11.89 -46.96 69.29
CA ALA O 158 -11.82 -45.92 70.32
C ALA O 158 -12.76 -44.79 69.99
N LEU O 159 -12.78 -44.34 68.73
CA LEU O 159 -13.73 -43.32 68.31
C LEU O 159 -15.16 -43.86 68.22
N LYS O 160 -15.33 -45.19 68.16
CA LYS O 160 -16.64 -45.76 67.86
C LYS O 160 -17.71 -45.27 68.83
N GLU O 161 -17.56 -45.58 70.12
CA GLU O 161 -18.50 -45.12 71.11
C GLU O 161 -18.04 -43.87 71.86
N SER O 162 -16.89 -43.31 71.50
CA SER O 162 -16.44 -42.05 72.06
C SER O 162 -16.80 -40.86 71.19
N TYR O 163 -17.51 -41.07 70.08
CA TYR O 163 -17.88 -40.00 69.17
C TYR O 163 -19.30 -39.54 69.49
N ALA O 164 -19.48 -38.22 69.61
CA ALA O 164 -20.80 -37.64 69.72
C ALA O 164 -20.98 -36.66 68.57
N GLU O 165 -22.07 -36.84 67.82
CA GLU O 165 -22.41 -35.93 66.73
C GLU O 165 -22.71 -34.54 67.29
N ASN O 166 -21.98 -33.53 66.81
CA ASN O 166 -22.17 -32.12 67.12
C ASN O 166 -21.42 -31.74 68.38
N ALA O 167 -20.35 -32.48 68.69
CA ALA O 167 -19.51 -32.10 69.82
C ALA O 167 -18.87 -30.73 69.58
N SER O 168 -18.45 -30.11 70.67
CA SER O 168 -17.74 -28.84 70.55
C SER O 168 -16.33 -29.09 70.02
N LEU O 169 -15.64 -27.99 69.68
CA LEU O 169 -14.28 -28.09 69.16
C LEU O 169 -13.35 -28.69 70.20
N THR O 170 -13.41 -28.20 71.44
CA THR O 170 -12.56 -28.72 72.49
C THR O 170 -12.89 -30.18 72.79
N ASP O 171 -14.18 -30.52 72.86
CA ASP O 171 -14.58 -31.89 73.13
C ASP O 171 -14.11 -32.82 72.03
N ALA O 172 -14.31 -32.42 70.77
CA ALA O 172 -13.90 -33.24 69.65
C ALA O 172 -12.38 -33.41 69.58
N LEU O 173 -11.63 -32.35 69.89
CA LEU O 173 -10.17 -32.47 69.91
C LEU O 173 -9.73 -33.44 71.00
N ARG O 174 -10.34 -33.36 72.17
CA ARG O 174 -9.99 -34.29 73.25
C ARG O 174 -10.29 -35.73 72.84
N ILE O 175 -11.47 -35.97 72.27
CA ILE O 175 -11.81 -37.30 71.77
C ILE O 175 -10.78 -37.76 70.75
N ALA O 176 -10.30 -36.84 69.92
CA ALA O 176 -9.37 -37.18 68.86
C ALA O 176 -8.01 -37.58 69.41
N VAL O 177 -7.44 -36.77 70.31
CA VAL O 177 -6.14 -37.11 70.89
C VAL O 177 -6.23 -38.37 71.72
N ALA O 178 -7.37 -38.59 72.39
CA ALA O 178 -7.57 -39.86 73.09
C ALA O 178 -7.51 -41.03 72.12
N ALA O 179 -8.24 -40.94 71.02
CA ALA O 179 -8.26 -42.03 70.06
C ALA O 179 -6.87 -42.27 69.45
N LEU O 180 -6.13 -41.21 69.19
CA LEU O 180 -4.78 -41.35 68.63
C LEU O 180 -3.83 -42.00 69.64
N ARG O 181 -3.82 -41.50 70.89
CA ARG O 181 -2.98 -42.11 71.91
C ARG O 181 -3.36 -43.57 72.16
N ALA O 182 -4.60 -43.96 71.85
CA ALA O 182 -4.99 -45.37 71.89
C ALA O 182 -4.51 -46.15 70.68
N GLY O 183 -3.27 -45.93 70.23
CA GLY O 183 -2.80 -46.59 69.02
C GLY O 183 -1.30 -46.81 68.96
N SER O 184 -0.58 -46.34 69.98
CA SER O 184 0.87 -46.54 70.05
C SER O 184 1.34 -46.79 71.49
N THR O 194 2.78 -40.45 75.44
CA THR O 194 1.86 -39.32 75.45
C THR O 194 2.15 -38.39 74.26
N LEU O 195 1.08 -37.88 73.65
CA LEU O 195 1.17 -36.95 72.53
C LEU O 195 0.68 -35.58 72.97
N GLY O 196 1.45 -34.54 72.65
CA GLY O 196 1.13 -33.19 73.04
C GLY O 196 1.21 -32.23 71.87
N VAL O 197 1.57 -30.98 72.18
CA VAL O 197 1.59 -29.94 71.16
C VAL O 197 2.71 -30.15 70.16
N ALA O 198 3.85 -30.70 70.61
CA ALA O 198 5.01 -30.86 69.75
C ALA O 198 5.07 -32.23 69.07
N SER O 199 3.94 -32.94 69.03
CA SER O 199 3.84 -34.16 68.24
C SER O 199 2.55 -34.21 67.44
N LEU O 200 1.72 -33.18 67.48
CA LEU O 200 0.45 -33.15 66.76
C LEU O 200 0.41 -32.00 65.77
N GLU O 201 -0.30 -32.25 64.67
CA GLU O 201 -0.70 -31.24 63.69
C GLU O 201 -2.21 -31.20 63.65
N VAL O 202 -2.77 -30.03 63.89
CA VAL O 202 -4.22 -29.87 64.00
C VAL O 202 -4.69 -28.78 63.03
N ALA O 203 -5.84 -29.01 62.43
CA ALA O 203 -6.47 -28.02 61.56
C ALA O 203 -7.97 -28.25 61.54
N VAL O 204 -8.71 -27.24 61.11
CA VAL O 204 -10.16 -27.30 61.12
C VAL O 204 -10.72 -26.72 59.81
N LEU O 205 -11.79 -27.34 59.32
CA LEU O 205 -12.69 -26.73 58.35
C LEU O 205 -13.82 -26.06 59.14
N ASP O 206 -13.71 -24.75 59.29
CA ASP O 206 -14.62 -23.96 60.11
C ASP O 206 -15.76 -23.46 59.22
N ALA O 207 -16.91 -24.12 59.31
CA ALA O 207 -18.05 -23.74 58.48
C ALA O 207 -18.57 -22.34 58.78
N ASN O 208 -18.01 -21.65 59.78
CA ASN O 208 -18.43 -20.31 60.14
C ASN O 208 -17.63 -19.25 59.42
N ARG O 209 -16.54 -19.64 58.77
CA ARG O 209 -15.73 -18.70 58.03
C ARG O 209 -16.47 -18.26 56.76
N PRO O 210 -16.39 -16.99 56.38
CA PRO O 210 -17.11 -16.54 55.18
C PRO O 210 -16.65 -17.20 53.90
N ARG O 211 -15.34 -17.34 53.68
CA ARG O 211 -14.89 -17.97 52.45
C ARG O 211 -13.99 -19.19 52.73
N ARG O 212 -12.71 -18.94 52.94
CA ARG O 212 -11.76 -20.04 53.17
C ARG O 212 -11.99 -20.63 54.55
N ALA O 213 -12.49 -21.86 54.59
CA ALA O 213 -12.87 -22.52 55.83
C ALA O 213 -11.69 -23.12 56.58
N PHE O 214 -10.56 -23.33 55.90
CA PHE O 214 -9.42 -24.00 56.52
C PHE O 214 -8.71 -23.08 57.48
N ARG O 215 -8.32 -23.64 58.64
CA ARG O 215 -7.75 -22.89 59.75
C ARG O 215 -6.79 -23.80 60.50
N ARG O 216 -5.51 -23.47 60.52
CA ARG O 216 -4.63 -24.23 61.38
C ARG O 216 -4.76 -23.79 62.83
N ILE O 217 -4.53 -24.73 63.73
CA ILE O 217 -4.51 -24.45 65.16
C ILE O 217 -3.11 -24.79 65.63
N THR O 218 -2.32 -23.76 65.91
CA THR O 218 -0.89 -23.91 66.12
C THR O 218 -0.47 -23.19 67.39
N GLY O 219 0.54 -23.74 68.07
CA GLY O 219 1.24 -23.00 69.10
C GLY O 219 0.37 -22.68 70.30
N SER O 220 0.36 -21.41 70.69
CA SER O 220 -0.32 -20.99 71.92
C SER O 220 -1.81 -21.32 71.86
N ALA O 221 -2.44 -21.11 70.70
CA ALA O 221 -3.84 -21.46 70.55
C ALA O 221 -4.06 -22.96 70.77
N LEU O 222 -3.22 -23.79 70.17
CA LEU O 222 -3.38 -25.24 70.30
C LEU O 222 -3.19 -25.68 71.75
N GLN O 223 -2.13 -25.20 72.40
CA GLN O 223 -1.87 -25.58 73.79
C GLN O 223 -3.01 -25.15 74.70
N ALA O 224 -3.45 -23.88 74.56
CA ALA O 224 -4.59 -23.41 75.33
C ALA O 224 -5.84 -24.23 75.02
N LEU O 225 -5.94 -24.78 73.81
CA LEU O 225 -7.09 -25.58 73.42
C LEU O 225 -7.04 -27.00 73.95
N LEU O 226 -5.85 -27.52 74.27
CA LEU O 226 -5.72 -28.92 74.65
C LEU O 226 -6.27 -29.20 76.05
N VAL O 227 -6.29 -28.18 76.92
CA VAL O 227 -6.72 -28.36 78.30
C VAL O 227 -8.15 -28.90 78.39
N MET P 1 1.26 -65.10 27.35
CA MET P 1 0.22 -64.59 26.45
C MET P 1 -1.11 -65.26 26.75
N GLU P 2 -1.21 -66.57 26.49
CA GLU P 2 -2.44 -67.30 26.79
C GLU P 2 -2.66 -67.41 28.30
N GLN P 3 -1.57 -67.43 29.08
CA GLN P 3 -1.70 -67.41 30.53
C GLN P 3 -2.08 -66.02 31.03
N ALA P 4 -1.47 -64.98 30.46
CA ALA P 4 -1.79 -63.61 30.85
C ALA P 4 -3.26 -63.31 30.67
N MET P 5 -3.87 -63.76 29.56
CA MET P 5 -5.26 -63.41 29.29
C MET P 5 -6.23 -64.11 30.24
N ARG P 6 -6.03 -65.41 30.50
CA ARG P 6 -6.94 -66.05 31.44
C ARG P 6 -6.73 -65.51 32.84
N GLU P 7 -5.50 -65.11 33.17
CA GLU P 7 -5.27 -64.48 34.47
C GLU P 7 -6.02 -63.16 34.56
N ARG P 8 -5.99 -62.36 33.49
CA ARG P 8 -6.77 -61.13 33.45
C ARG P 8 -8.26 -61.42 33.62
N SER P 9 -8.76 -62.41 32.90
CA SER P 9 -10.16 -62.78 33.04
C SER P 9 -10.47 -63.16 34.48
N GLU P 10 -9.55 -63.85 35.14
CA GLU P 10 -9.80 -64.28 36.50
C GLU P 10 -9.81 -63.10 37.47
N LEU P 11 -8.90 -62.14 37.28
CA LEU P 11 -8.89 -60.95 38.12
C LEU P 11 -10.18 -60.17 37.96
N ALA P 12 -10.62 -59.97 36.71
CA ALA P 12 -11.85 -59.21 36.48
C ALA P 12 -13.06 -59.93 37.05
N ARG P 13 -13.17 -61.24 36.78
CA ARG P 13 -14.33 -62.00 37.27
C ARG P 13 -14.38 -62.01 38.79
N LYS P 14 -13.25 -62.25 39.44
CA LYS P 14 -13.22 -62.22 40.90
C LYS P 14 -13.62 -60.84 41.41
N GLY P 15 -13.09 -59.78 40.78
CA GLY P 15 -13.45 -58.43 41.20
C GLY P 15 -14.94 -58.15 41.08
N ILE P 16 -15.56 -58.59 39.99
CA ILE P 16 -16.99 -58.37 39.83
C ILE P 16 -17.76 -59.22 40.83
N ALA P 17 -17.25 -60.41 41.13
CA ALA P 17 -17.95 -61.29 42.07
C ALA P 17 -18.02 -60.67 43.47
N ARG P 18 -16.96 -60.01 43.90
CA ARG P 18 -16.90 -59.38 45.23
C ARG P 18 -17.62 -58.04 45.28
N ALA P 19 -18.42 -57.70 44.27
CA ALA P 19 -19.05 -56.40 44.17
C ALA P 19 -20.56 -56.51 44.33
N LYS P 20 -21.17 -55.40 44.75
CA LYS P 20 -22.59 -55.38 45.00
C LYS P 20 -23.37 -55.47 43.69
N SER P 21 -24.63 -55.88 43.80
CA SER P 21 -25.45 -56.26 42.66
C SER P 21 -26.30 -55.10 42.15
N VAL P 22 -26.69 -55.21 40.89
CA VAL P 22 -27.50 -54.21 40.20
C VAL P 22 -28.46 -54.94 39.27
N VAL P 23 -29.71 -54.47 39.19
CA VAL P 23 -30.69 -55.03 38.28
C VAL P 23 -31.31 -53.90 37.46
N ALA P 24 -31.60 -54.19 36.20
CA ALA P 24 -32.35 -53.31 35.33
C ALA P 24 -33.40 -54.14 34.61
N LEU P 25 -34.66 -53.72 34.68
CA LEU P 25 -35.72 -54.51 34.06
C LEU P 25 -36.72 -53.58 33.38
N ALA P 26 -37.29 -54.07 32.28
CA ALA P 26 -38.29 -53.33 31.53
C ALA P 26 -39.65 -53.44 32.19
N TYR P 27 -40.32 -52.30 32.35
CA TYR P 27 -41.69 -52.28 32.87
C TYR P 27 -42.53 -51.36 32.00
N ALA P 28 -43.83 -51.28 32.35
CA ALA P 28 -44.80 -50.57 31.51
C ALA P 28 -44.42 -49.13 31.28
N GLY P 29 -43.75 -48.50 32.25
CA GLY P 29 -43.38 -47.11 32.14
C GLY P 29 -42.01 -46.86 31.58
N GLY P 30 -41.26 -47.91 31.21
CA GLY P 30 -39.92 -47.73 30.69
C GLY P 30 -38.94 -48.76 31.20
N VAL P 31 -37.86 -48.31 31.82
CA VAL P 31 -36.84 -49.19 32.38
C VAL P 31 -36.60 -48.78 33.83
N LEU P 32 -36.42 -49.78 34.70
CA LEU P 32 -36.16 -49.56 36.12
C LEU P 32 -34.76 -50.06 36.48
N PHE P 33 -34.00 -49.20 37.14
CA PHE P 33 -32.65 -49.48 37.66
C PHE P 33 -32.70 -49.51 39.19
N VAL P 34 -32.26 -50.62 39.78
CA VAL P 34 -32.18 -50.76 41.22
C VAL P 34 -30.80 -51.33 41.59
N ALA P 35 -30.09 -50.64 42.47
CA ALA P 35 -28.71 -50.98 42.79
C ALA P 35 -28.48 -50.99 44.29
N GLU P 36 -27.72 -52.00 44.77
CA GLU P 36 -27.23 -52.03 46.13
C GLU P 36 -26.20 -50.92 46.29
N ASN P 37 -26.50 -49.91 47.11
CA ASN P 37 -25.56 -48.80 47.21
C ASN P 37 -25.74 -48.04 48.53
N PRO P 38 -24.83 -48.21 49.49
CA PRO P 38 -24.94 -47.47 50.75
C PRO P 38 -24.59 -46.00 50.64
N SER P 39 -23.87 -45.58 49.61
CA SER P 39 -23.32 -44.24 49.58
C SER P 39 -24.41 -43.18 49.46
N ARG P 40 -24.11 -41.99 49.97
CA ARG P 40 -24.99 -40.84 49.89
C ARG P 40 -24.80 -40.05 48.60
N SER P 41 -23.61 -40.11 48.01
CA SER P 41 -23.31 -39.28 46.85
C SER P 41 -22.54 -39.97 45.74
N LEU P 42 -22.07 -41.20 45.91
CA LEU P 42 -21.36 -41.91 44.86
C LEU P 42 -22.34 -42.80 44.14
N GLN P 43 -22.44 -42.62 42.82
CA GLN P 43 -23.57 -43.11 42.04
C GLN P 43 -23.12 -44.26 41.15
N LYS P 44 -23.94 -45.32 41.09
CA LYS P 44 -23.71 -46.43 40.17
C LYS P 44 -24.64 -46.40 38.96
N ILE P 45 -25.68 -45.58 39.01
CA ILE P 45 -26.66 -45.45 37.93
C ILE P 45 -26.62 -43.99 37.46
N SER P 46 -26.64 -43.79 36.14
CA SER P 46 -26.49 -42.44 35.61
C SER P 46 -27.22 -42.33 34.29
N GLU P 47 -27.54 -41.08 33.94
CA GLU P 47 -28.06 -40.76 32.63
C GLU P 47 -26.91 -40.73 31.62
N LEU P 48 -27.14 -41.33 30.45
CA LEU P 48 -26.22 -41.19 29.31
C LEU P 48 -26.73 -40.19 28.29
N TYR P 49 -27.97 -40.36 27.83
CA TYR P 49 -28.55 -39.44 26.86
C TYR P 49 -30.06 -39.39 27.10
N ASP P 50 -30.74 -38.59 26.27
CA ASP P 50 -32.16 -38.30 26.43
C ASP P 50 -32.96 -39.52 26.86
N ARG P 51 -32.84 -40.62 26.11
CA ARG P 51 -33.58 -41.85 26.41
C ARG P 51 -32.67 -43.00 26.78
N VAL P 52 -31.40 -42.75 27.10
CA VAL P 52 -30.44 -43.82 27.32
C VAL P 52 -29.86 -43.69 28.71
N GLY P 53 -29.90 -44.80 29.48
CA GLY P 53 -29.38 -44.85 30.82
C GLY P 53 -28.31 -45.91 30.97
N PHE P 54 -27.57 -45.82 32.08
CA PHE P 54 -26.34 -46.56 32.32
C PHE P 54 -26.37 -47.11 33.73
N ALA P 55 -25.96 -48.37 33.87
CA ALA P 55 -25.83 -49.00 35.18
C ALA P 55 -24.58 -49.88 35.18
N ALA P 56 -23.92 -49.96 36.33
CA ALA P 56 -22.64 -50.65 36.37
C ALA P 56 -22.43 -51.32 37.72
N ALA P 57 -21.64 -52.39 37.71
CA ALA P 57 -21.22 -53.07 38.91
C ALA P 57 -19.71 -53.30 38.90
N GLY P 58 -19.09 -53.23 40.07
CA GLY P 58 -17.67 -53.52 40.22
C GLY P 58 -16.92 -52.34 40.83
N LYS P 59 -15.69 -52.13 40.38
CA LYS P 59 -14.82 -51.11 40.94
C LYS P 59 -15.28 -49.72 40.49
N PHE P 60 -15.49 -48.82 41.45
CA PHE P 60 -16.17 -47.55 41.17
C PHE P 60 -15.39 -46.69 40.19
N ASN P 61 -14.12 -46.40 40.49
CA ASN P 61 -13.38 -45.47 39.64
C ASN P 61 -13.35 -45.95 38.20
N GLU P 62 -13.37 -47.26 37.99
CA GLU P 62 -13.29 -47.83 36.65
C GLU P 62 -14.61 -47.67 35.90
N PHE P 63 -15.73 -48.07 36.49
CA PHE P 63 -16.98 -47.88 35.75
C PHE P 63 -17.41 -46.42 35.73
N ASP P 64 -16.85 -45.58 36.60
CA ASP P 64 -17.08 -44.15 36.47
C ASP P 64 -16.30 -43.58 35.31
N ASN P 65 -15.06 -44.04 35.11
CA ASN P 65 -14.35 -43.72 33.87
C ASN P 65 -15.17 -44.12 32.65
N LEU P 66 -15.68 -45.35 32.63
CA LEU P 66 -16.47 -45.80 31.48
C LEU P 66 -17.75 -44.96 31.34
N ARG P 67 -18.36 -44.58 32.45
CA ARG P 67 -19.57 -43.78 32.39
C ARG P 67 -19.29 -42.42 31.75
N ARG P 68 -18.22 -41.76 32.21
CA ARG P 68 -17.84 -40.47 31.65
C ARG P 68 -17.52 -40.59 30.16
N GLY P 69 -16.81 -41.65 29.77
CA GLY P 69 -16.52 -41.86 28.37
C GLY P 69 -17.78 -42.04 27.53
N GLY P 70 -18.77 -42.75 28.08
CA GLY P 70 -20.03 -42.91 27.38
C GLY P 70 -20.79 -41.61 27.21
N ILE P 71 -20.82 -40.78 28.25
CA ILE P 71 -21.43 -39.45 28.14
C ILE P 71 -20.70 -38.61 27.08
N GLN P 72 -19.37 -38.59 27.13
CA GLN P 72 -18.57 -37.90 26.13
C GLN P 72 -18.96 -38.37 24.72
N PHE P 73 -19.05 -39.68 24.53
CA PHE P 73 -19.40 -40.21 23.21
C PHE P 73 -20.79 -39.77 22.78
N ALA P 74 -21.78 -39.96 23.65
CA ALA P 74 -23.16 -39.65 23.29
C ALA P 74 -23.33 -38.18 22.95
N ASP P 75 -22.85 -37.29 23.83
CA ASP P 75 -22.98 -35.86 23.58
C ASP P 75 -22.27 -35.46 22.29
N THR P 76 -21.06 -36.00 22.06
CA THR P 76 -20.33 -35.66 20.85
C THR P 76 -21.09 -36.10 19.60
N ARG P 77 -21.66 -37.31 19.62
CA ARG P 77 -22.41 -37.79 18.47
C ARG P 77 -23.66 -36.97 18.23
N GLY P 78 -24.41 -36.67 19.28
CA GLY P 78 -25.59 -35.84 19.11
C GLY P 78 -25.27 -34.47 18.55
N TYR P 79 -24.11 -33.91 18.92
CA TYR P 79 -23.69 -32.64 18.33
C TYR P 79 -23.26 -32.83 16.88
N ALA P 80 -22.51 -33.89 16.59
CA ALA P 80 -21.99 -34.10 15.25
C ALA P 80 -23.10 -34.38 14.24
N TYR P 81 -24.18 -35.04 14.67
CA TYR P 81 -25.33 -35.31 13.81
C TYR P 81 -26.61 -34.73 14.42
N ASP P 82 -27.33 -35.53 15.19
CA ASP P 82 -28.52 -35.04 15.87
C ASP P 82 -28.77 -35.89 17.10
N ARG P 83 -29.53 -35.32 18.04
CA ARG P 83 -29.80 -36.03 19.27
C ARG P 83 -30.52 -37.35 19.00
N ARG P 84 -31.38 -37.39 17.99
CA ARG P 84 -32.14 -38.60 17.72
C ARG P 84 -31.32 -39.66 17.01
N ASP P 85 -30.12 -39.34 16.53
CA ASP P 85 -29.24 -40.34 15.97
C ASP P 85 -28.48 -41.13 17.03
N VAL P 86 -28.50 -40.67 18.28
CA VAL P 86 -27.87 -41.39 19.38
C VAL P 86 -28.82 -42.48 19.85
N THR P 87 -28.35 -43.73 19.83
CA THR P 87 -29.16 -44.88 20.21
C THR P 87 -28.41 -45.67 21.27
N GLY P 88 -29.18 -46.42 22.06
CA GLY P 88 -28.56 -47.29 23.03
C GLY P 88 -27.70 -48.37 22.42
N ARG P 89 -28.07 -48.85 21.22
CA ARG P 89 -27.23 -49.83 20.54
C ARG P 89 -25.85 -49.26 20.25
N GLN P 90 -25.77 -47.99 19.84
CA GLN P 90 -24.47 -47.36 19.63
C GLN P 90 -23.64 -47.36 20.90
N LEU P 91 -24.22 -46.92 22.02
CA LEU P 91 -23.46 -46.87 23.26
C LEU P 91 -23.01 -48.27 23.69
N ALA P 92 -23.90 -49.25 23.58
CA ALA P 92 -23.52 -50.62 23.92
C ALA P 92 -22.37 -51.11 23.04
N ASN P 93 -22.42 -50.77 21.75
CA ASN P 93 -21.38 -51.20 20.82
C ASN P 93 -20.04 -50.57 21.17
N VAL P 94 -20.03 -49.25 21.41
CA VAL P 94 -18.78 -48.59 21.74
C VAL P 94 -18.25 -49.09 23.08
N TYR P 95 -19.14 -49.42 24.02
CA TYR P 95 -18.70 -50.00 25.28
C TYR P 95 -18.07 -51.38 25.08
N ALA P 96 -18.63 -52.18 24.18
CA ALA P 96 -18.01 -53.47 23.87
C ALA P 96 -16.61 -53.26 23.31
N GLN P 97 -16.46 -52.34 22.36
CA GLN P 97 -15.16 -52.05 21.77
C GLN P 97 -14.17 -51.59 22.85
N THR P 98 -14.62 -50.66 23.69
CA THR P 98 -13.76 -50.06 24.69
C THR P 98 -13.29 -51.07 25.72
N LEU P 99 -14.22 -51.87 26.24
CA LEU P 99 -13.85 -52.87 27.23
C LEU P 99 -12.99 -53.95 26.63
N GLY P 100 -13.14 -54.22 25.32
CA GLY P 100 -12.19 -55.09 24.65
C GLY P 100 -10.77 -54.54 24.68
N THR P 101 -10.62 -53.28 24.27
CA THR P 101 -9.30 -52.67 24.29
C THR P 101 -8.73 -52.63 25.70
N ILE P 102 -9.54 -52.24 26.68
CA ILE P 102 -9.09 -52.20 28.08
C ILE P 102 -8.68 -53.58 28.53
N PHE P 103 -9.53 -54.59 28.24
CA PHE P 103 -9.25 -55.93 28.71
C PHE P 103 -7.91 -56.43 28.19
N THR P 104 -7.59 -56.14 26.93
CA THR P 104 -6.36 -56.71 26.38
C THR P 104 -5.13 -55.85 26.60
N GLU P 105 -5.28 -54.53 26.76
CA GLU P 105 -4.16 -53.60 26.65
C GLU P 105 -3.85 -52.78 27.89
N GLN P 106 -4.80 -52.58 28.79
CA GLN P 106 -4.48 -51.76 29.95
C GLN P 106 -3.65 -52.56 30.95
N ALA P 107 -2.99 -51.84 31.86
CA ALA P 107 -2.13 -52.49 32.83
C ALA P 107 -2.88 -53.54 33.63
N LYS P 108 -4.10 -53.21 34.05
CA LYS P 108 -5.01 -54.13 34.73
C LYS P 108 -6.39 -54.02 34.08
N PRO P 109 -7.05 -55.12 33.76
CA PRO P 109 -8.40 -55.04 33.19
C PRO P 109 -9.38 -54.41 34.16
N TYR P 110 -10.44 -53.85 33.60
CA TYR P 110 -11.48 -53.22 34.41
C TYR P 110 -12.38 -54.28 35.03
N GLU P 111 -12.53 -54.22 36.36
CA GLU P 111 -13.42 -55.12 37.08
C GLU P 111 -14.82 -54.52 37.10
N VAL P 112 -15.45 -54.51 35.92
CA VAL P 112 -16.72 -53.84 35.74
C VAL P 112 -17.67 -54.70 34.91
N GLU P 113 -18.97 -54.46 35.10
CA GLU P 113 -20.01 -54.99 34.24
C GLU P 113 -21.02 -53.89 33.96
N LEU P 114 -21.37 -53.71 32.69
CA LEU P 114 -22.13 -52.56 32.23
C LEU P 114 -23.48 -52.98 31.68
N CYS P 115 -24.47 -52.10 31.86
CA CYS P 115 -25.79 -52.19 31.27
C CYS P 115 -26.16 -50.86 30.64
N VAL P 116 -26.51 -50.89 29.36
CA VAL P 116 -27.01 -49.73 28.65
C VAL P 116 -28.47 -49.99 28.31
N ALA P 117 -29.36 -49.05 28.69
CA ALA P 117 -30.79 -49.21 28.48
C ALA P 117 -31.36 -48.06 27.68
N GLU P 118 -32.34 -48.35 26.83
CA GLU P 118 -32.98 -47.30 26.04
C GLU P 118 -34.48 -47.52 26.04
N VAL P 119 -35.22 -46.44 26.28
CA VAL P 119 -36.66 -46.43 26.17
C VAL P 119 -37.04 -45.63 24.93
N ALA P 120 -38.31 -45.71 24.55
CA ALA P 120 -38.77 -45.01 23.36
C ALA P 120 -38.76 -43.50 23.58
N HIS P 121 -38.66 -42.77 22.48
CA HIS P 121 -38.82 -41.32 22.55
C HIS P 121 -40.29 -41.00 22.83
N TYR P 122 -40.52 -39.80 23.39
CA TYR P 122 -41.85 -39.43 23.84
C TYR P 122 -42.87 -39.57 22.71
N GLY P 123 -43.98 -40.24 23.03
CA GLY P 123 -45.05 -40.42 22.07
C GLY P 123 -44.86 -41.54 21.07
N GLU P 124 -43.74 -42.24 21.11
CA GLU P 124 -43.53 -43.38 20.23
C GLU P 124 -43.73 -44.67 21.01
N THR P 125 -44.05 -45.73 20.27
CA THR P 125 -44.29 -47.06 20.83
C THR P 125 -43.19 -47.99 20.33
N LYS P 126 -42.25 -48.32 21.21
CA LYS P 126 -41.18 -49.27 20.93
C LYS P 126 -40.74 -49.90 22.25
N ARG P 127 -40.59 -51.21 22.25
CA ARG P 127 -40.23 -51.91 23.48
C ARG P 127 -38.81 -51.53 23.89
N PRO P 128 -38.57 -51.34 25.19
CA PRO P 128 -37.23 -50.97 25.66
C PRO P 128 -36.17 -51.96 25.22
N GLU P 129 -34.93 -51.49 25.17
CA GLU P 129 -33.80 -52.33 24.83
C GLU P 129 -32.82 -52.33 25.99
N LEU P 130 -32.34 -53.52 26.35
CA LEU P 130 -31.34 -53.68 27.40
C LEU P 130 -30.12 -54.38 26.83
N TYR P 131 -28.95 -53.84 27.15
CA TYR P 131 -27.68 -54.38 26.69
C TYR P 131 -26.76 -54.62 27.87
N ARG P 132 -26.09 -55.78 27.84
CA ARG P 132 -25.13 -56.18 28.85
C ARG P 132 -23.75 -56.28 28.22
N ILE P 133 -22.78 -55.56 28.78
CA ILE P 133 -21.39 -55.58 28.32
C ILE P 133 -20.51 -56.05 29.48
N THR P 134 -19.80 -57.15 29.29
CA THR P 134 -18.96 -57.71 30.33
C THR P 134 -17.52 -57.26 30.14
N TYR P 135 -16.66 -57.65 31.10
CA TYR P 135 -15.34 -57.05 31.22
C TYR P 135 -14.45 -57.27 30.01
N ASP P 136 -14.70 -58.30 29.20
CA ASP P 136 -13.83 -58.58 28.07
C ASP P 136 -14.39 -58.05 26.75
N GLY P 137 -15.45 -57.24 26.81
CA GLY P 137 -16.04 -56.74 25.60
C GLY P 137 -17.15 -57.60 25.05
N SER P 138 -17.50 -58.68 25.73
CA SER P 138 -18.65 -59.47 25.30
C SER P 138 -19.91 -58.62 25.43
N ILE P 139 -20.78 -58.73 24.44
CA ILE P 139 -21.99 -57.92 24.36
C ILE P 139 -23.18 -58.84 24.17
N ALA P 140 -24.24 -58.58 24.91
CA ALA P 140 -25.42 -59.43 24.92
C ALA P 140 -26.66 -58.58 24.89
N ASP P 141 -27.61 -59.00 24.07
CA ASP P 141 -28.88 -58.31 23.91
C ASP P 141 -29.93 -59.02 24.75
N GLU P 142 -30.49 -58.31 25.73
CA GLU P 142 -31.41 -58.97 26.64
C GLU P 142 -32.81 -58.35 26.53
N PRO P 143 -33.86 -59.17 26.58
CA PRO P 143 -35.21 -58.66 26.25
C PRO P 143 -36.01 -58.17 27.46
N HIS P 144 -35.76 -58.73 28.64
CA HIS P 144 -36.57 -58.42 29.81
C HIS P 144 -35.78 -57.80 30.95
N PHE P 145 -34.65 -58.38 31.34
CA PHE P 145 -33.93 -57.87 32.50
C PHE P 145 -32.45 -58.21 32.39
N VAL P 146 -31.65 -57.45 33.13
CA VAL P 146 -30.21 -57.64 33.22
C VAL P 146 -29.83 -57.56 34.68
N VAL P 147 -29.00 -58.51 35.12
CA VAL P 147 -28.48 -58.55 36.48
C VAL P 147 -26.97 -58.57 36.38
N MET P 148 -26.31 -57.75 37.20
CA MET P 148 -24.86 -57.60 37.13
C MET P 148 -24.28 -57.53 38.53
N GLY P 149 -23.12 -58.16 38.70
CA GLY P 149 -22.34 -58.04 39.91
C GLY P 149 -22.73 -59.06 40.97
N GLY P 150 -21.73 -59.47 41.76
CA GLY P 150 -21.97 -60.41 42.82
C GLY P 150 -22.36 -61.78 42.28
N THR P 151 -23.14 -62.49 43.09
CA THR P 151 -23.67 -63.80 42.71
C THR P 151 -24.99 -63.60 41.98
N THR P 152 -24.95 -63.72 40.65
CA THR P 152 -26.09 -63.29 39.84
C THR P 152 -27.18 -64.35 39.72
N GLU P 153 -26.83 -65.64 39.70
CA GLU P 153 -27.82 -66.69 39.41
C GLU P 153 -29.07 -66.64 40.28
N PRO P 154 -29.00 -66.44 41.60
CA PRO P 154 -30.25 -66.30 42.36
C PRO P 154 -31.09 -65.13 41.89
N ILE P 155 -30.46 -64.02 41.54
CA ILE P 155 -31.19 -62.83 41.12
C ILE P 155 -31.88 -63.09 39.79
N ALA P 156 -31.17 -63.69 38.84
CA ALA P 156 -31.74 -64.01 37.53
C ALA P 156 -32.95 -64.94 37.67
N ASN P 157 -32.82 -65.99 38.48
CA ASN P 157 -33.94 -66.92 38.64
C ASN P 157 -35.12 -66.25 39.34
N ALA P 158 -34.83 -65.48 40.39
CA ALA P 158 -35.89 -64.76 41.10
C ALA P 158 -36.64 -63.83 40.16
N LEU P 159 -35.92 -63.12 39.30
CA LEU P 159 -36.59 -62.26 38.33
C LEU P 159 -37.33 -63.08 37.28
N LYS P 160 -36.79 -64.24 36.93
CA LYS P 160 -37.42 -65.06 35.90
C LYS P 160 -38.82 -65.50 36.33
N GLU P 161 -38.98 -65.88 37.60
CA GLU P 161 -40.28 -66.32 38.09
C GLU P 161 -41.20 -65.18 38.48
N SER P 162 -40.67 -63.98 38.73
CA SER P 162 -41.48 -62.86 39.19
C SER P 162 -41.57 -61.72 38.19
N TYR P 163 -41.07 -61.88 36.97
CA TYR P 163 -41.12 -60.81 35.99
C TYR P 163 -42.36 -60.93 35.12
N ALA P 164 -43.10 -59.83 35.01
CA ALA P 164 -44.21 -59.72 34.09
C ALA P 164 -44.00 -58.53 33.17
N GLU P 165 -44.18 -58.74 31.87
CA GLU P 165 -44.14 -57.63 30.92
C GLU P 165 -45.25 -56.65 31.25
N ASN P 166 -44.87 -55.39 31.49
CA ASN P 166 -45.79 -54.26 31.64
C ASN P 166 -46.28 -54.15 33.07
N ALA P 167 -45.46 -54.59 34.03
CA ALA P 167 -45.80 -54.37 35.43
C ALA P 167 -45.81 -52.88 35.74
N SER P 168 -46.49 -52.51 36.82
CA SER P 168 -46.45 -51.12 37.25
C SER P 168 -45.10 -50.84 37.89
N LEU P 169 -44.86 -49.56 38.20
CA LEU P 169 -43.58 -49.20 38.80
C LEU P 169 -43.43 -49.87 40.16
N THR P 170 -44.49 -49.85 40.97
CA THR P 170 -44.43 -50.47 42.29
C THR P 170 -44.17 -51.96 42.21
N ASP P 171 -44.86 -52.66 41.32
CA ASP P 171 -44.66 -54.10 41.18
C ASP P 171 -43.22 -54.43 40.76
N ALA P 172 -42.72 -53.71 39.75
CA ALA P 172 -41.37 -53.96 39.26
C ALA P 172 -40.33 -53.67 40.33
N LEU P 173 -40.53 -52.58 41.09
CA LEU P 173 -39.61 -52.27 42.18
C LEU P 173 -39.65 -53.37 43.24
N ARG P 174 -40.85 -53.79 43.64
CA ARG P 174 -41.00 -54.87 44.60
C ARG P 174 -40.24 -56.12 44.16
N ILE P 175 -40.57 -56.63 42.96
CA ILE P 175 -39.95 -57.87 42.49
C ILE P 175 -38.44 -57.71 42.37
N ALA P 176 -37.97 -56.51 42.02
CA ALA P 176 -36.53 -56.30 41.89
C ALA P 176 -35.83 -56.38 43.24
N VAL P 177 -36.30 -55.63 44.23
CA VAL P 177 -35.66 -55.66 45.55
C VAL P 177 -35.80 -57.04 46.18
N ALA P 178 -36.91 -57.72 45.92
CA ALA P 178 -37.06 -59.10 46.37
C ALA P 178 -35.95 -59.97 45.78
N ALA P 179 -35.70 -59.85 44.47
CA ALA P 179 -34.66 -60.66 43.84
C ALA P 179 -33.28 -60.33 44.41
N LEU P 180 -32.97 -59.05 44.61
CA LEU P 180 -31.65 -58.69 45.14
C LEU P 180 -31.47 -59.21 46.55
N ARG P 181 -32.49 -59.04 47.39
CA ARG P 181 -32.48 -59.65 48.72
C ARG P 181 -32.25 -61.15 48.63
N ALA P 182 -32.88 -61.82 47.66
CA ALA P 182 -32.70 -63.25 47.48
C ALA P 182 -31.25 -63.60 47.14
N GLY P 183 -30.52 -62.66 46.53
CA GLY P 183 -29.09 -62.84 46.40
C GLY P 183 -28.35 -62.83 47.72
N THR P 194 -32.22 -57.51 54.26
CA THR P 194 -33.16 -56.40 54.45
C THR P 194 -32.60 -55.10 53.87
N LEU P 195 -33.21 -54.64 52.77
CA LEU P 195 -32.77 -53.45 52.05
C LEU P 195 -33.83 -52.37 52.11
N GLY P 196 -33.37 -51.13 52.16
CA GLY P 196 -34.26 -49.98 52.22
C GLY P 196 -33.65 -48.74 51.60
N VAL P 197 -34.18 -47.57 51.96
CA VAL P 197 -33.84 -46.33 51.26
C VAL P 197 -32.36 -46.01 51.43
N ALA P 198 -31.83 -46.13 52.64
CA ALA P 198 -30.44 -45.75 52.89
C ALA P 198 -29.45 -46.85 52.51
N SER P 199 -29.88 -47.83 51.72
CA SER P 199 -28.97 -48.81 51.16
C SER P 199 -29.22 -49.06 49.67
N LEU P 200 -30.15 -48.33 49.05
CA LEU P 200 -30.47 -48.50 47.65
C LEU P 200 -30.24 -47.22 46.87
N GLU P 201 -29.84 -47.39 45.61
CA GLU P 201 -29.83 -46.34 44.60
C GLU P 201 -30.78 -46.76 43.49
N VAL P 202 -31.82 -45.95 43.25
CA VAL P 202 -32.88 -46.29 42.31
C VAL P 202 -33.07 -45.16 41.31
N ALA P 203 -33.29 -45.52 40.05
CA ALA P 203 -33.60 -44.54 39.02
C ALA P 203 -34.38 -45.23 37.92
N VAL P 204 -35.02 -44.43 37.07
CA VAL P 204 -35.82 -44.98 35.97
C VAL P 204 -35.56 -44.18 34.69
N LEU P 205 -35.62 -44.89 33.57
CA LEU P 205 -35.84 -44.29 32.26
C LEU P 205 -37.35 -44.28 32.04
N ASP P 206 -37.95 -43.11 32.26
CA ASP P 206 -39.40 -42.93 32.21
C ASP P 206 -39.81 -42.50 30.80
N ALA P 207 -40.39 -43.43 30.04
CA ALA P 207 -40.76 -43.14 28.65
C ALA P 207 -41.81 -42.05 28.52
N ASN P 208 -42.37 -41.54 29.62
CA ASN P 208 -43.38 -40.50 29.54
C ASN P 208 -42.81 -39.10 29.70
N ARG P 209 -41.52 -38.98 29.97
CA ARG P 209 -40.89 -37.68 29.95
C ARG P 209 -40.67 -37.23 28.51
N PRO P 210 -40.98 -35.98 28.17
CA PRO P 210 -40.85 -35.55 26.77
C PRO P 210 -39.42 -35.45 26.30
N ARG P 211 -38.53 -34.85 27.11
CA ARG P 211 -37.15 -34.61 26.71
C ARG P 211 -36.19 -35.62 27.35
N ARG P 212 -35.89 -35.46 28.63
CA ARG P 212 -34.90 -36.29 29.32
C ARG P 212 -35.63 -37.35 30.15
N ALA P 213 -35.49 -38.62 29.75
CA ALA P 213 -36.24 -39.70 30.36
C ALA P 213 -35.67 -40.18 31.70
N PHE P 214 -34.40 -39.90 31.98
CA PHE P 214 -33.76 -40.38 33.21
C PHE P 214 -34.21 -39.53 34.40
N ARG P 215 -34.69 -40.19 35.46
CA ARG P 215 -34.96 -39.49 36.70
C ARG P 215 -34.74 -40.44 37.87
N ARG P 216 -34.30 -39.88 38.99
CA ARG P 216 -34.01 -40.65 40.19
C ARG P 216 -35.23 -40.66 41.12
N ILE P 217 -35.34 -41.72 41.91
CA ILE P 217 -36.39 -41.87 42.90
C ILE P 217 -35.70 -41.98 44.26
N THR P 218 -35.83 -40.93 45.08
CA THR P 218 -35.05 -40.83 46.31
C THR P 218 -35.94 -40.51 47.50
N GLY P 219 -35.53 -41.03 48.65
CA GLY P 219 -36.07 -40.57 49.92
C GLY P 219 -37.54 -40.91 50.09
N SER P 220 -38.32 -39.91 50.47
CA SER P 220 -39.72 -40.12 50.81
C SER P 220 -40.48 -40.73 49.65
N ALA P 221 -40.19 -40.30 48.42
CA ALA P 221 -40.84 -40.89 47.25
C ALA P 221 -40.55 -42.38 47.14
N LEU P 222 -39.28 -42.71 47.18
CA LEU P 222 -38.87 -44.09 47.05
C LEU P 222 -39.52 -44.90 48.11
N GLN P 223 -39.58 -44.34 49.31
CA GLN P 223 -40.15 -45.01 50.45
C GLN P 223 -41.60 -45.35 50.23
N ALA P 224 -42.34 -44.44 49.62
CA ALA P 224 -43.73 -44.69 49.35
C ALA P 224 -43.87 -45.84 48.40
N LEU P 225 -43.03 -45.87 47.38
CA LEU P 225 -43.05 -46.92 46.40
C LEU P 225 -42.69 -48.25 47.02
N LEU P 226 -41.72 -48.22 47.91
CA LEU P 226 -41.28 -49.43 48.55
C LEU P 226 -42.42 -50.06 49.32
N VAL P 227 -43.16 -49.25 50.07
CA VAL P 227 -44.28 -49.74 50.84
C VAL P 227 -45.33 -50.40 49.98
N MET Q 1 9.84 -67.73 20.72
CA MET Q 1 9.28 -67.40 19.42
C MET Q 1 8.26 -68.43 18.98
N GLU Q 2 8.68 -69.69 18.92
CA GLU Q 2 7.74 -70.77 18.61
C GLU Q 2 6.65 -70.86 19.67
N GLN Q 3 7.02 -70.60 20.93
CA GLN Q 3 6.04 -70.67 22.01
C GLN Q 3 4.96 -69.59 21.84
N ALA Q 4 5.38 -68.33 21.73
CA ALA Q 4 4.42 -67.24 21.64
C ALA Q 4 3.46 -67.43 20.48
N MET Q 5 3.97 -67.84 19.32
CA MET Q 5 3.10 -68.01 18.16
C MET Q 5 2.20 -69.24 18.31
N ARG Q 6 2.71 -70.31 18.92
CA ARG Q 6 1.84 -71.43 19.25
C ARG Q 6 0.69 -70.95 20.13
N GLU Q 7 0.99 -70.12 21.13
CA GLU Q 7 -0.04 -69.70 22.07
C GLU Q 7 -1.05 -68.78 21.41
N ARG Q 8 -0.59 -67.87 20.55
CA ARG Q 8 -1.50 -66.97 19.86
C ARG Q 8 -2.42 -67.75 18.94
N SER Q 9 -1.84 -68.64 18.13
CA SER Q 9 -2.65 -69.46 17.24
C SER Q 9 -3.65 -70.29 18.03
N GLU Q 10 -3.23 -70.80 19.19
CA GLU Q 10 -4.12 -71.65 19.98
C GLU Q 10 -5.25 -70.83 20.60
N LEU Q 11 -4.94 -69.63 21.11
CA LEU Q 11 -5.99 -68.78 21.68
C LEU Q 11 -7.02 -68.39 20.63
N ALA Q 12 -6.55 -67.96 19.46
CA ALA Q 12 -7.50 -67.58 18.41
C ALA Q 12 -8.32 -68.78 17.96
N ARG Q 13 -7.66 -69.92 17.73
CA ARG Q 13 -8.35 -71.11 17.25
C ARG Q 13 -9.43 -71.55 18.23
N LYS Q 14 -9.06 -71.63 19.52
CA LYS Q 14 -10.02 -72.02 20.55
C LYS Q 14 -11.18 -71.03 20.65
N GLY Q 15 -10.86 -69.73 20.60
CA GLY Q 15 -11.93 -68.73 20.64
C GLY Q 15 -12.91 -68.87 19.49
N ILE Q 16 -12.42 -69.11 18.28
CA ILE Q 16 -13.31 -69.26 17.14
C ILE Q 16 -14.08 -70.57 17.24
N ALA Q 17 -13.44 -71.61 17.76
CA ALA Q 17 -14.10 -72.90 17.87
C ALA Q 17 -15.30 -72.85 18.81
N ARG Q 18 -15.28 -71.95 19.79
CA ARG Q 18 -16.37 -71.83 20.75
C ARG Q 18 -17.48 -70.87 20.30
N ALA Q 19 -17.40 -70.34 19.08
CA ALA Q 19 -18.36 -69.36 18.59
C ALA Q 19 -19.42 -70.04 17.72
N LYS Q 20 -20.52 -69.33 17.50
CA LYS Q 20 -21.61 -69.86 16.68
C LYS Q 20 -21.27 -69.74 15.20
N SER Q 21 -21.85 -70.63 14.40
CA SER Q 21 -21.40 -70.86 13.04
C SER Q 21 -22.14 -69.97 12.02
N VAL Q 22 -21.49 -69.79 10.86
CA VAL Q 22 -21.99 -68.94 9.78
C VAL Q 22 -21.66 -69.61 8.46
N VAL Q 23 -22.60 -69.57 7.51
CA VAL Q 23 -22.39 -70.13 6.19
C VAL Q 23 -22.70 -69.07 5.15
N ALA Q 24 -21.94 -69.12 4.05
CA ALA Q 24 -22.15 -68.29 2.89
C ALA Q 24 -22.14 -69.20 1.68
N LEU Q 25 -23.15 -69.06 0.83
CA LEU Q 25 -23.34 -69.98 -0.28
C LEU Q 25 -23.57 -69.22 -1.57
N ALA Q 26 -23.03 -69.76 -2.65
CA ALA Q 26 -23.33 -69.22 -3.97
C ALA Q 26 -24.63 -69.86 -4.44
N TYR Q 27 -25.57 -69.03 -4.90
CA TYR Q 27 -26.79 -69.59 -5.48
C TYR Q 27 -27.14 -68.79 -6.73
N ALA Q 28 -28.22 -69.21 -7.39
CA ALA Q 28 -28.56 -68.67 -8.70
C ALA Q 28 -28.80 -67.17 -8.66
N GLY Q 29 -29.27 -66.66 -7.52
CA GLY Q 29 -29.53 -65.24 -7.40
C GLY Q 29 -28.41 -64.41 -6.82
N GLY Q 30 -27.27 -65.02 -6.50
CA GLY Q 30 -26.16 -64.29 -5.92
C GLY Q 30 -25.46 -65.03 -4.80
N VAL Q 31 -25.38 -64.41 -3.62
CA VAL Q 31 -24.74 -65.05 -2.47
C VAL Q 31 -25.70 -64.98 -1.29
N LEU Q 32 -25.80 -66.06 -0.53
CA LEU Q 32 -26.69 -66.13 0.61
C LEU Q 32 -25.85 -66.26 1.88
N PHE Q 33 -26.13 -65.40 2.86
CA PHE Q 33 -25.49 -65.43 4.16
C PHE Q 33 -26.53 -65.90 5.16
N VAL Q 34 -26.19 -66.96 5.91
CA VAL Q 34 -27.06 -67.49 6.95
C VAL Q 34 -26.20 -67.71 8.18
N ALA Q 35 -26.60 -67.11 9.30
CA ALA Q 35 -25.81 -67.15 10.52
C ALA Q 35 -26.68 -67.47 11.72
N GLU Q 36 -26.19 -68.36 12.57
CA GLU Q 36 -26.83 -68.59 13.86
C GLU Q 36 -26.63 -67.36 14.72
N ASN Q 37 -27.73 -66.67 15.06
CA ASN Q 37 -27.63 -65.39 15.76
C ASN Q 37 -28.91 -65.19 16.56
N PRO Q 38 -28.85 -65.38 17.88
CA PRO Q 38 -30.05 -65.16 18.70
C PRO Q 38 -30.40 -63.71 18.88
N SER Q 39 -29.46 -62.78 18.67
CA SER Q 39 -29.67 -61.40 19.02
C SER Q 39 -30.75 -60.75 18.14
N ARG Q 40 -31.24 -59.61 18.61
CA ARG Q 40 -32.24 -58.83 17.89
C ARG Q 40 -31.62 -57.69 17.08
N SER Q 41 -30.49 -57.12 17.54
CA SER Q 41 -29.92 -55.94 16.91
C SER Q 41 -28.42 -56.02 16.66
N LEU Q 42 -27.74 -57.06 17.12
CA LEU Q 42 -26.31 -57.20 16.92
C LEU Q 42 -26.08 -58.10 15.71
N GLN Q 43 -25.32 -57.61 14.74
CA GLN Q 43 -25.29 -58.22 13.42
C GLN Q 43 -23.91 -58.83 13.14
N LYS Q 44 -23.93 -60.03 12.54
CA LYS Q 44 -22.72 -60.72 12.09
C LYS Q 44 -22.55 -60.64 10.57
N ILE Q 45 -23.58 -60.21 9.85
CA ILE Q 45 -23.54 -60.10 8.41
C ILE Q 45 -23.84 -58.65 8.05
N SER Q 46 -23.07 -58.09 7.11
CA SER Q 46 -23.21 -56.67 6.83
C SER Q 46 -22.81 -56.38 5.38
N GLU Q 47 -23.32 -55.27 4.87
CA GLU Q 47 -22.89 -54.75 3.59
C GLU Q 47 -21.55 -54.05 3.74
N LEU Q 48 -20.64 -54.31 2.80
CA LEU Q 48 -19.40 -53.54 2.71
C LEU Q 48 -19.46 -52.50 1.61
N TYR Q 49 -19.83 -52.90 0.40
CA TYR Q 49 -19.92 -51.97 -0.70
C TYR Q 49 -21.03 -52.46 -1.62
N ASP Q 50 -21.25 -51.71 -2.70
CA ASP Q 50 -22.37 -51.95 -3.62
C ASP Q 50 -22.64 -53.44 -3.86
N ARG Q 51 -21.62 -54.17 -4.31
CA ARG Q 51 -21.77 -55.58 -4.64
C ARG Q 51 -20.93 -56.47 -3.73
N VAL Q 52 -20.48 -55.95 -2.59
CA VAL Q 52 -19.58 -56.70 -1.71
C VAL Q 52 -20.21 -56.79 -0.34
N GLY Q 53 -20.31 -58.02 0.18
CA GLY Q 53 -20.86 -58.29 1.48
C GLY Q 53 -19.86 -58.95 2.42
N PHE Q 54 -20.19 -58.94 3.70
CA PHE Q 54 -19.30 -59.30 4.79
C PHE Q 54 -20.03 -60.22 5.76
N ALA Q 55 -19.33 -61.26 6.21
CA ALA Q 55 -19.86 -62.15 7.24
C ALA Q 55 -18.72 -62.54 8.16
N ALA Q 56 -19.03 -62.74 9.44
CA ALA Q 56 -17.96 -62.98 10.40
C ALA Q 56 -18.42 -63.93 11.49
N ALA Q 57 -17.45 -64.64 12.07
CA ALA Q 57 -17.67 -65.48 13.24
C ALA Q 57 -16.61 -65.20 14.29
N GLY Q 58 -17.00 -65.30 15.57
CA GLY Q 58 -16.07 -65.18 16.68
C GLY Q 58 -16.46 -64.08 17.64
N LYS Q 59 -15.46 -63.40 18.20
CA LYS Q 59 -15.68 -62.37 19.20
C LYS Q 59 -16.25 -61.12 18.54
N PHE Q 60 -17.40 -60.64 19.04
CA PHE Q 60 -18.15 -59.60 18.34
C PHE Q 60 -17.36 -58.31 18.19
N ASN Q 61 -16.87 -57.74 19.30
CA ASN Q 61 -16.24 -56.43 19.20
C ASN Q 61 -15.08 -56.45 18.22
N GLU Q 62 -14.42 -57.60 18.08
CA GLU Q 62 -13.26 -57.70 17.20
C GLU Q 62 -13.68 -57.73 15.72
N PHE Q 63 -14.60 -58.63 15.36
CA PHE Q 63 -14.98 -58.64 13.94
C PHE Q 63 -15.84 -57.45 13.57
N ASP Q 64 -16.41 -56.75 14.56
CA ASP Q 64 -17.08 -55.49 14.29
C ASP Q 64 -16.07 -54.39 14.04
N ASN Q 65 -14.97 -54.37 14.79
CA ASN Q 65 -13.86 -53.48 14.43
C ASN Q 65 -13.43 -53.73 12.99
N LEU Q 66 -13.19 -55.01 12.64
CA LEU Q 66 -12.77 -55.31 11.29
C LEU Q 66 -13.83 -54.92 10.28
N ARG Q 67 -15.11 -55.08 10.63
CA ARG Q 67 -16.17 -54.72 9.73
C ARG Q 67 -16.16 -53.22 9.44
N ARG Q 68 -16.02 -52.41 10.49
CA ARG Q 68 -15.94 -50.96 10.32
C ARG Q 68 -14.70 -50.57 9.53
N GLY Q 69 -13.57 -51.21 9.80
CA GLY Q 69 -12.37 -50.92 9.04
C GLY Q 69 -12.55 -51.23 7.57
N GLY Q 70 -13.26 -52.33 7.27
CA GLY Q 70 -13.54 -52.66 5.88
C GLY Q 70 -14.45 -51.65 5.19
N ILE Q 71 -15.51 -51.21 5.89
CA ILE Q 71 -16.37 -50.19 5.29
C ILE Q 71 -15.58 -48.91 5.04
N GLN Q 72 -14.79 -48.49 6.02
CA GLN Q 72 -13.93 -47.31 5.85
C GLN Q 72 -13.02 -47.46 4.64
N PHE Q 73 -12.40 -48.64 4.49
CA PHE Q 73 -11.52 -48.88 3.36
C PHE Q 73 -12.27 -48.78 2.05
N ALA Q 74 -13.43 -49.44 1.96
CA ALA Q 74 -14.21 -49.47 0.72
C ALA Q 74 -14.67 -48.08 0.32
N ASP Q 75 -15.30 -47.35 1.25
CA ASP Q 75 -15.78 -46.01 0.92
C ASP Q 75 -14.63 -45.09 0.53
N THR Q 76 -13.50 -45.19 1.25
CA THR Q 76 -12.36 -44.33 0.95
C THR Q 76 -11.81 -44.61 -0.44
N ARG Q 77 -11.67 -45.89 -0.80
CA ARG Q 77 -11.15 -46.22 -2.13
C ARG Q 77 -12.11 -45.78 -3.23
N GLY Q 78 -13.41 -46.04 -3.06
CA GLY Q 78 -14.36 -45.61 -4.07
C GLY Q 78 -14.36 -44.10 -4.24
N TYR Q 79 -14.13 -43.35 -3.15
CA TYR Q 79 -14.03 -41.89 -3.29
C TYR Q 79 -12.71 -41.50 -3.97
N ALA Q 80 -11.61 -42.16 -3.60
CA ALA Q 80 -10.31 -41.77 -4.13
C ALA Q 80 -10.22 -42.04 -5.63
N TYR Q 81 -10.86 -43.12 -6.10
CA TYR Q 81 -10.89 -43.43 -7.52
C TYR Q 81 -12.33 -43.51 -8.01
N ASP Q 82 -12.93 -44.70 -7.97
CA ASP Q 82 -14.32 -44.85 -8.39
C ASP Q 82 -14.94 -46.04 -7.70
N ARG Q 83 -16.27 -46.00 -7.63
CA ARG Q 83 -17.04 -47.04 -6.97
C ARG Q 83 -16.82 -48.41 -7.62
N ARG Q 84 -16.55 -48.44 -8.93
CA ARG Q 84 -16.35 -49.72 -9.59
C ARG Q 84 -14.93 -50.25 -9.45
N ASP Q 85 -14.01 -49.44 -8.97
CA ASP Q 85 -12.68 -49.94 -8.69
C ASP Q 85 -12.62 -50.72 -7.38
N VAL Q 86 -13.67 -50.64 -6.56
CA VAL Q 86 -13.76 -51.40 -5.32
C VAL Q 86 -14.20 -52.82 -5.64
N THR Q 87 -13.42 -53.80 -5.22
CA THR Q 87 -13.71 -55.20 -5.50
C THR Q 87 -13.70 -56.03 -4.22
N GLY Q 88 -14.37 -57.18 -4.28
CA GLY Q 88 -14.31 -58.11 -3.16
C GLY Q 88 -12.91 -58.65 -2.93
N ARG Q 89 -12.15 -58.83 -4.02
CA ARG Q 89 -10.78 -59.32 -3.88
C ARG Q 89 -9.91 -58.29 -3.17
N GLN Q 90 -10.13 -57.00 -3.43
CA GLN Q 90 -9.41 -55.96 -2.68
C GLN Q 90 -9.70 -56.05 -1.18
N LEU Q 91 -10.98 -56.10 -0.80
CA LEU Q 91 -11.32 -56.14 0.61
C LEU Q 91 -10.79 -57.40 1.28
N ALA Q 92 -10.89 -58.54 0.60
CA ALA Q 92 -10.32 -59.76 1.16
C ALA Q 92 -8.82 -59.63 1.36
N ASN Q 93 -8.13 -59.00 0.39
CA ASN Q 93 -6.68 -58.84 0.49
C ASN Q 93 -6.32 -57.95 1.67
N VAL Q 94 -7.03 -56.83 1.84
CA VAL Q 94 -6.73 -55.93 2.95
C VAL Q 94 -7.04 -56.61 4.28
N TYR Q 95 -8.10 -57.42 4.32
CA TYR Q 95 -8.40 -58.17 5.53
C TYR Q 95 -7.28 -59.16 5.86
N ALA Q 96 -6.70 -59.78 4.82
CA ALA Q 96 -5.55 -60.64 5.05
C ALA Q 96 -4.39 -59.85 5.65
N GLN Q 97 -4.07 -58.70 5.06
CA GLN Q 97 -2.96 -57.90 5.60
C GLN Q 97 -3.22 -57.52 7.04
N THR Q 98 -4.43 -57.05 7.31
CA THR Q 98 -4.80 -56.54 8.62
C THR Q 98 -4.77 -57.64 9.67
N LEU Q 99 -5.39 -58.78 9.36
CA LEU Q 99 -5.40 -59.88 10.32
C LEU Q 99 -4.01 -60.45 10.52
N GLY Q 100 -3.14 -60.39 9.52
CA GLY Q 100 -1.75 -60.75 9.75
C GLY Q 100 -1.12 -59.84 10.79
N THR Q 101 -1.28 -58.52 10.60
CA THR Q 101 -0.72 -57.56 11.55
C THR Q 101 -1.30 -57.75 12.95
N ILE Q 102 -2.61 -57.93 13.05
CA ILE Q 102 -3.24 -58.15 14.35
C ILE Q 102 -2.68 -59.40 14.99
N PHE Q 103 -2.62 -60.49 14.22
CA PHE Q 103 -2.17 -61.77 14.75
C PHE Q 103 -0.76 -61.65 15.33
N THR Q 104 0.10 -60.90 14.66
CA THR Q 104 1.50 -60.89 15.10
C THR Q 104 1.78 -59.82 16.14
N GLU Q 105 1.05 -58.70 16.15
CA GLU Q 105 1.49 -57.53 16.89
C GLU Q 105 0.54 -57.03 17.96
N GLN Q 106 -0.75 -57.36 17.89
CA GLN Q 106 -1.67 -56.84 18.90
C GLN Q 106 -1.53 -57.61 20.21
N ALA Q 107 -2.06 -56.99 21.28
CA ALA Q 107 -1.95 -57.58 22.62
C ALA Q 107 -2.52 -58.99 22.67
N LYS Q 108 -3.67 -59.20 22.05
CA LYS Q 108 -4.28 -60.51 21.91
C LYS Q 108 -4.72 -60.65 20.46
N PRO Q 109 -4.44 -61.79 19.83
CA PRO Q 109 -4.92 -61.98 18.46
C PRO Q 109 -6.44 -61.96 18.41
N TYR Q 110 -6.98 -61.58 17.26
CA TYR Q 110 -8.42 -61.52 17.09
C TYR Q 110 -8.99 -62.91 16.90
N GLU Q 111 -10.01 -63.24 17.70
CA GLU Q 111 -10.71 -64.51 17.60
C GLU Q 111 -11.86 -64.36 16.61
N VAL Q 112 -11.49 -64.24 15.33
CA VAL Q 112 -12.45 -63.98 14.26
C VAL Q 112 -12.13 -64.82 13.03
N GLU Q 113 -13.16 -65.06 12.23
CA GLU Q 113 -13.01 -65.64 10.91
C GLU Q 113 -13.93 -64.86 9.97
N LEU Q 114 -13.41 -64.44 8.82
CA LEU Q 114 -14.09 -63.50 7.95
C LEU Q 114 -14.41 -64.11 6.60
N CYS Q 115 -15.52 -63.68 6.03
CA CYS Q 115 -15.91 -64.02 4.67
C CYS Q 115 -16.29 -62.74 3.93
N VAL Q 116 -15.66 -62.52 2.80
CA VAL Q 116 -15.99 -61.42 1.90
C VAL Q 116 -16.53 -62.02 0.62
N ALA Q 117 -17.72 -61.61 0.22
CA ALA Q 117 -18.37 -62.16 -0.96
C ALA Q 117 -18.67 -61.05 -1.96
N GLU Q 118 -18.57 -61.38 -3.24
CA GLU Q 118 -18.86 -60.39 -4.28
C GLU Q 118 -19.72 -61.02 -5.37
N VAL Q 119 -20.78 -60.33 -5.74
CA VAL Q 119 -21.64 -60.73 -6.86
C VAL Q 119 -21.41 -59.76 -8.02
N ALA Q 120 -21.95 -60.13 -9.17
CA ALA Q 120 -21.78 -59.32 -10.36
C ALA Q 120 -22.57 -58.01 -10.23
N HIS Q 121 -22.10 -56.99 -10.97
CA HIS Q 121 -22.87 -55.76 -11.06
C HIS Q 121 -24.11 -56.00 -11.91
N TYR Q 122 -25.13 -55.15 -11.70
CA TYR Q 122 -26.40 -55.34 -12.37
C TYR Q 122 -26.21 -55.44 -13.88
N GLY Q 123 -26.80 -56.47 -14.47
CA GLY Q 123 -26.72 -56.67 -15.91
C GLY Q 123 -25.47 -57.35 -16.41
N GLU Q 124 -24.57 -57.76 -15.53
CA GLU Q 124 -23.38 -58.49 -15.93
C GLU Q 124 -23.49 -59.96 -15.59
N THR Q 125 -22.69 -60.77 -16.28
CA THR Q 125 -22.61 -62.20 -16.04
C THR Q 125 -21.24 -62.49 -15.44
N LYS Q 126 -21.21 -62.78 -14.14
CA LYS Q 126 -19.97 -63.12 -13.46
C LYS Q 126 -20.29 -64.04 -12.31
N ARG Q 127 -19.52 -65.10 -12.16
CA ARG Q 127 -19.73 -66.03 -11.06
C ARG Q 127 -19.39 -65.35 -9.74
N PRO Q 128 -20.22 -65.50 -8.70
CA PRO Q 128 -19.89 -64.93 -7.39
C PRO Q 128 -18.56 -65.46 -6.88
N GLU Q 129 -17.93 -64.65 -6.04
CA GLU Q 129 -16.63 -64.97 -5.45
C GLU Q 129 -16.77 -65.01 -3.94
N LEU Q 130 -16.22 -66.04 -3.31
CA LEU Q 130 -16.24 -66.13 -1.86
C LEU Q 130 -14.81 -66.16 -1.35
N TYR Q 131 -14.53 -65.38 -0.32
CA TYR Q 131 -13.21 -65.29 0.27
C TYR Q 131 -13.29 -65.57 1.75
N ARG Q 132 -12.37 -66.40 2.23
CA ARG Q 132 -12.26 -66.76 3.63
C ARG Q 132 -10.93 -66.23 4.14
N ILE Q 133 -10.96 -65.43 5.22
CA ILE Q 133 -9.76 -64.92 5.86
C ILE Q 133 -9.78 -65.39 7.30
N THR Q 134 -8.73 -66.09 7.71
CA THR Q 134 -8.65 -66.69 9.03
C THR Q 134 -7.89 -65.78 9.98
N TYR Q 135 -7.83 -66.20 11.25
CA TYR Q 135 -7.35 -65.33 12.30
C TYR Q 135 -5.89 -64.89 12.10
N ASP Q 136 -5.11 -65.64 11.32
CA ASP Q 136 -3.70 -65.35 11.11
C ASP Q 136 -3.43 -64.63 9.80
N GLY Q 137 -4.47 -64.23 9.09
CA GLY Q 137 -4.30 -63.59 7.80
C GLY Q 137 -4.24 -64.53 6.63
N SER Q 138 -4.39 -65.83 6.85
CA SER Q 138 -4.47 -66.75 5.72
C SER Q 138 -5.76 -66.47 4.95
N ILE Q 139 -5.66 -66.50 3.63
CA ILE Q 139 -6.76 -66.13 2.75
C ILE Q 139 -6.99 -67.25 1.74
N ALA Q 140 -8.25 -67.55 1.48
CA ALA Q 140 -8.65 -68.66 0.63
C ALA Q 140 -9.75 -68.21 -0.32
N ASP Q 141 -9.60 -68.61 -1.58
CA ASP Q 141 -10.52 -68.27 -2.65
C ASP Q 141 -11.46 -69.46 -2.88
N GLU Q 142 -12.70 -69.30 -2.48
CA GLU Q 142 -13.73 -70.33 -2.50
C GLU Q 142 -14.80 -70.06 -3.56
N PRO Q 143 -15.24 -71.13 -4.26
CA PRO Q 143 -16.18 -71.01 -5.37
C PRO Q 143 -17.63 -71.32 -5.02
N HIS Q 144 -17.85 -72.16 -4.00
CA HIS Q 144 -19.19 -72.66 -3.73
C HIS Q 144 -19.74 -72.19 -2.39
N PHE Q 145 -19.00 -72.40 -1.30
CA PHE Q 145 -19.50 -72.02 0.02
C PHE Q 145 -18.33 -71.82 0.97
N VAL Q 146 -18.62 -71.10 2.05
CA VAL Q 146 -17.69 -70.85 3.14
C VAL Q 146 -18.40 -71.16 4.44
N VAL Q 147 -17.71 -71.86 5.33
CA VAL Q 147 -18.23 -72.21 6.63
C VAL Q 147 -17.26 -71.65 7.66
N MET Q 148 -17.78 -70.96 8.69
CA MET Q 148 -16.91 -70.35 9.67
C MET Q 148 -17.48 -70.47 11.07
N GLY Q 149 -16.61 -70.76 12.02
CA GLY Q 149 -16.99 -70.71 13.42
C GLY Q 149 -17.60 -72.00 13.92
N GLY Q 150 -17.36 -72.27 15.20
CA GLY Q 150 -17.89 -73.47 15.82
C GLY Q 150 -17.25 -74.74 15.26
N THR Q 151 -18.02 -75.81 15.27
CA THR Q 151 -17.58 -77.08 14.70
C THR Q 151 -17.88 -77.05 13.22
N THR Q 152 -16.86 -76.75 12.41
CA THR Q 152 -17.08 -76.50 10.99
C THR Q 152 -17.13 -77.76 10.16
N GLU Q 153 -16.56 -78.87 10.66
CA GLU Q 153 -16.50 -80.11 9.87
C GLU Q 153 -17.88 -80.69 9.57
N PRO Q 154 -18.81 -80.83 10.53
CA PRO Q 154 -20.14 -81.35 10.17
C PRO Q 154 -20.87 -80.49 9.15
N ILE Q 155 -20.75 -79.17 9.27
CA ILE Q 155 -21.44 -78.27 8.36
C ILE Q 155 -20.83 -78.36 6.97
N ALA Q 156 -19.51 -78.35 6.90
CA ALA Q 156 -18.82 -78.47 5.62
C ALA Q 156 -19.21 -79.76 4.93
N ASN Q 157 -19.22 -80.88 5.67
CA ASN Q 157 -19.58 -82.16 5.07
C ASN Q 157 -21.04 -82.16 4.61
N ALA Q 158 -21.93 -81.61 5.44
CA ALA Q 158 -23.33 -81.54 5.07
C ALA Q 158 -23.52 -80.77 3.76
N LEU Q 159 -22.82 -79.65 3.60
CA LEU Q 159 -22.96 -78.88 2.36
C LEU Q 159 -22.33 -79.61 1.18
N LYS Q 160 -21.18 -80.26 1.39
CA LYS Q 160 -20.56 -81.04 0.32
C LYS Q 160 -21.55 -82.02 -0.30
N GLU Q 161 -22.34 -82.71 0.54
CA GLU Q 161 -23.33 -83.64 0.02
C GLU Q 161 -24.57 -82.94 -0.50
N SER Q 162 -24.90 -81.77 0.04
CA SER Q 162 -26.19 -81.14 -0.24
C SER Q 162 -26.13 -79.89 -1.10
N TYR Q 163 -24.95 -79.49 -1.60
CA TYR Q 163 -24.85 -78.25 -2.36
C TYR Q 163 -24.94 -78.55 -3.86
N ALA Q 164 -25.84 -77.84 -4.53
CA ALA Q 164 -25.96 -77.81 -5.98
C ALA Q 164 -25.86 -76.37 -6.44
N GLU Q 165 -25.05 -76.13 -7.49
CA GLU Q 165 -24.93 -74.79 -8.05
C GLU Q 165 -26.28 -74.28 -8.52
N ASN Q 166 -26.41 -72.95 -8.54
CA ASN Q 166 -27.59 -72.28 -9.10
C ASN Q 166 -28.88 -72.74 -8.44
N ALA Q 167 -28.80 -73.16 -7.18
CA ALA Q 167 -30.00 -73.49 -6.44
C ALA Q 167 -30.89 -72.26 -6.33
N SER Q 168 -32.18 -72.48 -6.10
CA SER Q 168 -33.09 -71.37 -5.86
C SER Q 168 -32.85 -70.82 -4.46
N LEU Q 169 -33.47 -69.68 -4.16
CA LEU Q 169 -33.26 -69.06 -2.85
C LEU Q 169 -33.78 -69.96 -1.74
N THR Q 170 -34.99 -70.51 -1.90
CA THR Q 170 -35.56 -71.38 -0.88
C THR Q 170 -34.72 -72.64 -0.68
N ASP Q 171 -34.29 -73.27 -1.78
CA ASP Q 171 -33.48 -74.47 -1.66
C ASP Q 171 -32.16 -74.19 -0.95
N ALA Q 172 -31.45 -73.14 -1.38
CA ALA Q 172 -30.16 -72.83 -0.77
C ALA Q 172 -30.32 -72.48 0.71
N LEU Q 173 -31.40 -71.77 1.05
CA LEU Q 173 -31.67 -71.46 2.45
C LEU Q 173 -31.87 -72.73 3.25
N ARG Q 174 -32.73 -73.63 2.75
CA ARG Q 174 -33.03 -74.86 3.49
C ARG Q 174 -31.78 -75.74 3.66
N ILE Q 175 -30.99 -75.92 2.59
CA ILE Q 175 -29.76 -76.69 2.72
C ILE Q 175 -28.80 -76.01 3.70
N ALA Q 176 -28.82 -74.67 3.74
CA ALA Q 176 -27.93 -73.95 4.65
C ALA Q 176 -28.31 -74.20 6.11
N VAL Q 177 -29.59 -74.04 6.45
CA VAL Q 177 -30.01 -74.28 7.83
C VAL Q 177 -29.85 -75.76 8.20
N ALA Q 178 -30.07 -76.65 7.24
CA ALA Q 178 -29.79 -78.07 7.47
C ALA Q 178 -28.33 -78.28 7.83
N ALA Q 179 -27.42 -77.69 7.05
CA ALA Q 179 -25.99 -77.85 7.34
C ALA Q 179 -25.64 -77.27 8.71
N LEU Q 180 -26.28 -76.16 9.09
CA LEU Q 180 -26.00 -75.57 10.38
C LEU Q 180 -26.45 -76.47 11.52
N ARG Q 181 -27.65 -77.07 11.40
CA ARG Q 181 -28.14 -77.90 12.49
C ARG Q 181 -27.31 -79.16 12.70
N ALA Q 182 -26.43 -79.51 11.76
CA ALA Q 182 -25.51 -80.62 11.95
C ALA Q 182 -24.53 -80.33 13.09
N LEU Q 195 -34.10 -74.00 14.72
CA LEU Q 195 -33.49 -72.82 14.10
C LEU Q 195 -34.51 -71.99 13.32
N GLY Q 196 -35.33 -71.21 14.05
CA GLY Q 196 -36.34 -70.37 13.45
C GLY Q 196 -35.83 -69.00 13.06
N VAL Q 197 -36.75 -68.05 12.95
CA VAL Q 197 -36.39 -66.72 12.47
C VAL Q 197 -35.77 -65.88 13.58
N ALA Q 198 -36.22 -66.03 14.82
CA ALA Q 198 -35.64 -65.24 15.90
C ALA Q 198 -34.38 -65.87 16.47
N SER Q 199 -33.76 -66.79 15.74
CA SER Q 199 -32.44 -67.32 16.08
C SER Q 199 -31.51 -67.34 14.87
N LEU Q 200 -31.96 -66.84 13.72
CA LEU Q 200 -31.14 -66.74 12.52
C LEU Q 200 -31.03 -65.30 12.07
N GLU Q 201 -29.88 -64.96 11.49
CA GLU Q 201 -29.68 -63.73 10.75
C GLU Q 201 -29.38 -64.10 9.31
N VAL Q 202 -30.23 -63.64 8.40
CA VAL Q 202 -30.15 -64.01 7.00
C VAL Q 202 -30.09 -62.74 6.16
N ALA Q 203 -29.22 -62.75 5.16
CA ALA Q 203 -29.14 -61.64 4.23
C ALA Q 203 -28.60 -62.20 2.93
N VAL Q 204 -28.77 -61.44 1.87
CA VAL Q 204 -28.38 -61.90 0.56
C VAL Q 204 -27.68 -60.77 -0.19
N LEU Q 205 -26.67 -61.13 -0.98
CA LEU Q 205 -26.15 -60.29 -2.06
C LEU Q 205 -26.93 -60.67 -3.31
N ASP Q 206 -27.91 -59.84 -3.65
CA ASP Q 206 -28.86 -60.09 -4.72
C ASP Q 206 -28.34 -59.45 -6.00
N ALA Q 207 -27.81 -60.29 -6.91
CA ALA Q 207 -27.23 -59.78 -8.15
C ALA Q 207 -28.26 -59.10 -9.04
N ASN Q 208 -29.55 -59.14 -8.70
CA ASN Q 208 -30.58 -58.50 -9.49
C ASN Q 208 -30.94 -57.12 -8.97
N ARG Q 209 -30.24 -56.63 -7.96
CA ARG Q 209 -30.55 -55.26 -7.59
C ARG Q 209 -29.65 -54.29 -8.37
N PRO Q 210 -30.22 -53.19 -8.88
CA PRO Q 210 -29.45 -52.31 -9.78
C PRO Q 210 -28.19 -51.74 -9.15
N ARG Q 211 -28.23 -51.28 -7.91
CA ARG Q 211 -27.04 -50.72 -7.29
C ARG Q 211 -26.59 -51.52 -6.08
N ARG Q 212 -27.19 -51.27 -4.92
CA ARG Q 212 -26.78 -51.90 -3.67
C ARG Q 212 -27.35 -53.31 -3.63
N ALA Q 213 -26.48 -54.33 -3.74
CA ALA Q 213 -26.93 -55.71 -3.86
C ALA Q 213 -27.31 -56.33 -2.53
N PHE Q 214 -26.87 -55.75 -1.41
CA PHE Q 214 -27.12 -56.31 -0.09
C PHE Q 214 -28.56 -56.05 0.32
N ARG Q 215 -29.24 -57.08 0.84
CA ARG Q 215 -30.56 -56.89 1.42
C ARG Q 215 -30.82 -57.97 2.46
N ARG Q 216 -31.37 -57.57 3.60
CA ARG Q 216 -31.68 -58.51 4.65
C ARG Q 216 -33.03 -59.17 4.42
N ILE Q 217 -33.15 -60.39 4.92
CA ILE Q 217 -34.39 -61.16 4.88
C ILE Q 217 -34.78 -61.43 6.32
N THR Q 218 -35.82 -60.76 6.79
CA THR Q 218 -36.15 -60.77 8.22
C THR Q 218 -37.62 -61.07 8.44
N GLY Q 219 -37.89 -61.72 9.56
CA GLY Q 219 -39.25 -61.81 10.07
C GLY Q 219 -40.15 -62.64 9.18
N SER Q 220 -41.33 -62.08 8.87
CA SER Q 220 -42.35 -62.83 8.13
C SER Q 220 -41.84 -63.30 6.78
N ALA Q 221 -41.08 -62.47 6.08
CA ALA Q 221 -40.50 -62.88 4.79
C ALA Q 221 -39.58 -64.09 4.98
N LEU Q 222 -38.72 -64.03 5.99
CA LEU Q 222 -37.79 -65.12 6.23
C LEU Q 222 -38.53 -66.41 6.57
N GLN Q 223 -39.60 -66.31 7.37
CA GLN Q 223 -40.36 -67.51 7.70
C GLN Q 223 -41.10 -68.06 6.48
N ALA Q 224 -41.64 -67.19 5.64
CA ALA Q 224 -42.25 -67.63 4.40
C ALA Q 224 -41.24 -68.38 3.53
N LEU Q 225 -39.96 -68.01 3.63
CA LEU Q 225 -38.94 -68.76 2.88
C LEU Q 225 -38.57 -70.07 3.57
N LEU Q 226 -38.59 -70.10 4.90
CA LEU Q 226 -38.15 -71.29 5.63
C LEU Q 226 -39.16 -72.44 5.58
N VAL Q 227 -40.44 -72.14 5.37
CA VAL Q 227 -41.49 -73.16 5.42
C VAL Q 227 -41.61 -73.88 4.08
N ASP Q 228 -40.58 -73.79 3.25
CA ASP Q 228 -40.54 -74.49 1.97
C ASP Q 228 -39.13 -74.98 1.64
N MET R 1 19.78 -64.48 22.79
CA MET R 1 20.28 -64.09 21.48
C MET R 1 20.42 -65.28 20.54
N GLU R 2 21.28 -66.23 20.91
CA GLU R 2 21.41 -67.48 20.16
C GLU R 2 20.07 -68.17 20.04
N GLN R 3 19.39 -68.35 21.18
CA GLN R 3 18.07 -68.96 21.20
C GLN R 3 17.10 -68.26 20.26
N ALA R 4 16.96 -66.95 20.40
CA ALA R 4 15.93 -66.21 19.67
C ALA R 4 16.14 -66.34 18.16
N MET R 5 17.37 -66.20 17.69
CA MET R 5 17.61 -66.26 16.25
C MET R 5 17.48 -67.68 15.73
N ARG R 6 17.89 -68.68 16.52
CA ARG R 6 17.61 -70.07 16.16
C ARG R 6 16.11 -70.28 15.96
N GLU R 7 15.31 -69.84 16.93
CA GLU R 7 13.86 -70.07 16.87
C GLU R 7 13.22 -69.33 15.70
N ARG R 8 13.59 -68.06 15.49
CA ARG R 8 13.05 -67.32 14.36
C ARG R 8 13.41 -68.00 13.03
N SER R 9 14.67 -68.39 12.88
CA SER R 9 15.09 -69.07 11.67
C SER R 9 14.27 -70.33 11.44
N GLU R 10 13.99 -71.07 12.52
CA GLU R 10 13.25 -72.31 12.38
C GLU R 10 11.79 -72.05 12.06
N LEU R 11 11.19 -71.02 12.65
CA LEU R 11 9.80 -70.68 12.34
C LEU R 11 9.66 -70.32 10.87
N ALA R 12 10.57 -69.47 10.37
CA ALA R 12 10.48 -69.06 8.97
C ALA R 12 10.73 -70.25 8.03
N ARG R 13 11.78 -71.04 8.31
CA ARG R 13 12.12 -72.15 7.43
C ARG R 13 11.00 -73.19 7.40
N LYS R 14 10.47 -73.56 8.57
CA LYS R 14 9.32 -74.47 8.60
C LYS R 14 8.13 -73.88 7.87
N GLY R 15 7.85 -72.59 8.07
CA GLY R 15 6.74 -71.98 7.35
C GLY R 15 6.88 -72.08 5.85
N ILE R 16 8.09 -71.85 5.33
CA ILE R 16 8.31 -71.91 3.89
C ILE R 16 8.24 -73.36 3.41
N ALA R 17 8.75 -74.31 4.20
CA ALA R 17 8.75 -75.69 3.78
C ALA R 17 7.33 -76.25 3.66
N ARG R 18 6.38 -75.74 4.44
CA ARG R 18 5.01 -76.22 4.39
C ARG R 18 4.21 -75.61 3.24
N ALA R 19 4.83 -74.81 2.39
CA ALA R 19 4.10 -74.05 1.38
C ALA R 19 4.29 -74.65 -0.01
N LYS R 20 3.46 -74.19 -0.95
CA LYS R 20 3.55 -74.61 -2.34
C LYS R 20 4.84 -74.10 -2.97
N SER R 21 5.28 -74.80 -4.01
CA SER R 21 6.57 -74.54 -4.64
C SER R 21 6.42 -73.67 -5.88
N VAL R 22 7.51 -73.01 -6.25
CA VAL R 22 7.57 -72.09 -7.37
C VAL R 22 8.89 -72.32 -8.08
N VAL R 23 8.84 -72.28 -9.41
CA VAL R 23 10.03 -72.42 -10.25
C VAL R 23 10.09 -71.22 -11.19
N ALA R 24 11.29 -70.70 -11.37
CA ALA R 24 11.55 -69.66 -12.35
C ALA R 24 12.81 -70.04 -13.10
N LEU R 25 12.74 -70.11 -14.43
CA LEU R 25 13.91 -70.52 -15.19
C LEU R 25 14.03 -69.66 -16.43
N ALA R 26 15.27 -69.40 -16.82
CA ALA R 26 15.55 -68.61 -18.00
C ALA R 26 15.42 -69.46 -19.26
N TYR R 27 14.72 -68.94 -20.26
CA TYR R 27 14.58 -69.62 -21.54
C TYR R 27 14.81 -68.63 -22.67
N ALA R 28 14.74 -69.13 -23.90
CA ALA R 28 15.12 -68.35 -25.07
C ALA R 28 14.33 -67.07 -25.20
N GLY R 29 13.09 -67.06 -24.74
CA GLY R 29 12.26 -65.86 -24.84
C GLY R 29 12.28 -64.94 -23.63
N GLY R 30 13.06 -65.26 -22.60
CA GLY R 30 13.10 -64.44 -21.41
C GLY R 30 13.14 -65.28 -20.14
N VAL R 31 12.20 -65.06 -19.24
CA VAL R 31 12.14 -65.81 -17.99
C VAL R 31 10.74 -66.38 -17.84
N LEU R 32 10.65 -67.61 -17.35
CA LEU R 32 9.40 -68.31 -17.16
C LEU R 32 9.16 -68.52 -15.67
N PHE R 33 7.99 -68.10 -15.21
CA PHE R 33 7.53 -68.31 -13.84
C PHE R 33 6.37 -69.30 -13.88
N VAL R 34 6.51 -70.39 -13.13
CA VAL R 34 5.43 -71.37 -12.98
C VAL R 34 5.34 -71.74 -11.51
N ALA R 35 4.15 -71.59 -10.94
CA ALA R 35 3.94 -71.80 -9.52
C ALA R 35 2.72 -72.67 -9.30
N GLU R 36 2.82 -73.60 -8.36
CA GLU R 36 1.64 -74.35 -7.96
C GLU R 36 0.69 -73.40 -7.24
N ASN R 37 -0.48 -73.19 -7.82
CA ASN R 37 -1.43 -72.21 -7.30
C ASN R 37 -2.85 -72.57 -7.71
N PRO R 38 -3.65 -73.12 -6.80
CA PRO R 38 -5.04 -73.46 -7.14
C PRO R 38 -5.94 -72.25 -7.28
N SER R 39 -5.57 -71.10 -6.72
CA SER R 39 -6.48 -69.97 -6.66
C SER R 39 -6.76 -69.40 -8.05
N ARG R 40 -7.87 -68.69 -8.15
CA ARG R 40 -8.29 -68.03 -9.37
C ARG R 40 -7.92 -66.56 -9.42
N SER R 41 -7.79 -65.91 -8.26
CA SER R 41 -7.51 -64.47 -8.21
C SER R 41 -6.36 -64.11 -7.28
N LEU R 42 -5.82 -65.02 -6.52
CA LEU R 42 -4.74 -64.72 -5.60
C LEU R 42 -3.42 -65.10 -6.26
N GLN R 43 -2.51 -64.14 -6.39
CA GLN R 43 -1.35 -64.28 -7.26
C GLN R 43 -0.05 -64.36 -6.47
N LYS R 44 0.81 -65.28 -6.88
CA LYS R 44 2.16 -65.44 -6.38
C LYS R 44 3.20 -64.89 -7.34
N ILE R 45 2.80 -64.56 -8.56
CA ILE R 45 3.68 -64.07 -9.62
C ILE R 45 3.23 -62.67 -9.99
N SER R 46 4.18 -61.75 -10.14
CA SER R 46 3.81 -60.37 -10.35
C SER R 46 4.83 -59.62 -11.18
N GLU R 47 4.33 -58.58 -11.85
CA GLU R 47 5.20 -57.60 -12.48
C GLU R 47 5.71 -56.64 -11.42
N LEU R 48 7.01 -56.33 -11.48
CA LEU R 48 7.57 -55.24 -10.69
C LEU R 48 7.82 -53.99 -11.53
N TYR R 49 8.54 -54.12 -12.64
CA TYR R 49 8.83 -52.98 -13.50
C TYR R 49 8.95 -53.51 -14.91
N ASP R 50 9.26 -52.59 -15.85
CA ASP R 50 9.28 -52.86 -17.29
C ASP R 50 9.86 -54.22 -17.64
N ARG R 51 11.08 -54.51 -17.19
CA ARG R 51 11.75 -55.77 -17.49
C ARG R 51 12.01 -56.59 -16.23
N VAL R 52 11.33 -56.28 -15.13
CA VAL R 52 11.61 -56.93 -13.84
C VAL R 52 10.32 -57.56 -13.30
N GLY R 53 10.40 -58.86 -13.02
CA GLY R 53 9.28 -59.61 -12.50
C GLY R 53 9.56 -60.22 -11.15
N PHE R 54 8.49 -60.65 -10.46
CA PHE R 54 8.53 -61.03 -9.06
C PHE R 54 7.82 -62.36 -8.86
N ALA R 55 8.40 -63.23 -8.05
CA ALA R 55 7.79 -64.50 -7.69
C ALA R 55 8.07 -64.80 -6.23
N ALA R 56 7.12 -65.43 -5.56
CA ALA R 56 7.27 -65.61 -4.12
C ALA R 56 6.63 -66.91 -3.67
N ALA R 57 7.15 -67.46 -2.57
CA ALA R 57 6.58 -68.62 -1.91
C ALA R 57 6.47 -68.34 -0.43
N GLY R 58 5.42 -68.89 0.19
CA GLY R 58 5.22 -68.81 1.63
C GLY R 58 3.88 -68.20 1.97
N LYS R 59 3.85 -67.42 3.05
CA LYS R 59 2.61 -66.85 3.55
C LYS R 59 2.15 -65.70 2.64
N PHE R 60 0.91 -65.78 2.15
CA PHE R 60 0.46 -64.87 1.09
C PHE R 60 0.54 -63.41 1.51
N ASN R 61 -0.12 -63.06 2.61
CA ASN R 61 -0.19 -61.66 3.00
C ASN R 61 1.20 -61.07 3.17
N GLU R 62 2.18 -61.89 3.58
CA GLU R 62 3.52 -61.38 3.82
C GLU R 62 4.27 -61.13 2.51
N PHE R 63 4.28 -62.11 1.60
CA PHE R 63 5.00 -61.85 0.36
C PHE R 63 4.23 -60.88 -0.53
N ASP R 64 2.95 -60.70 -0.27
CA ASP R 64 2.19 -59.65 -0.95
C ASP R 64 2.57 -58.26 -0.40
N ASN R 65 2.76 -58.16 0.91
CA ASN R 65 3.35 -56.95 1.47
C ASN R 65 4.68 -56.63 0.80
N LEU R 66 5.57 -57.62 0.75
CA LEU R 66 6.88 -57.39 0.14
C LEU R 66 6.73 -57.03 -1.34
N ARG R 67 5.75 -57.61 -2.02
CA ARG R 67 5.53 -57.32 -3.43
C ARG R 67 5.13 -55.86 -3.64
N ARG R 68 4.15 -55.38 -2.85
CA ARG R 68 3.73 -53.99 -2.95
C ARG R 68 4.87 -53.04 -2.61
N GLY R 69 5.64 -53.37 -1.57
CA GLY R 69 6.78 -52.54 -1.24
C GLY R 69 7.79 -52.48 -2.37
N GLY R 70 8.00 -53.60 -3.05
CA GLY R 70 8.90 -53.60 -4.19
C GLY R 70 8.39 -52.75 -5.33
N ILE R 71 7.08 -52.83 -5.61
CA ILE R 71 6.48 -51.99 -6.64
C ILE R 71 6.64 -50.51 -6.29
N GLN R 72 6.44 -50.16 -5.02
CA GLN R 72 6.67 -48.78 -4.60
C GLN R 72 8.11 -48.37 -4.81
N PHE R 73 9.06 -49.23 -4.44
CA PHE R 73 10.47 -48.91 -4.63
C PHE R 73 10.78 -48.68 -6.10
N ALA R 74 10.33 -49.60 -6.97
CA ALA R 74 10.64 -49.49 -8.39
C ALA R 74 10.03 -48.24 -8.98
N ASP R 75 8.72 -48.04 -8.76
CA ASP R 75 8.04 -46.87 -9.33
C ASP R 75 8.65 -45.57 -8.84
N THR R 76 8.98 -45.51 -7.54
CA THR R 76 9.57 -44.31 -6.97
C THR R 76 10.93 -44.01 -7.58
N ARG R 77 11.81 -45.02 -7.68
CA ARG R 77 13.13 -44.77 -8.24
C ARG R 77 13.03 -44.40 -9.72
N GLY R 78 12.19 -45.09 -10.47
CA GLY R 78 11.99 -44.73 -11.87
C GLY R 78 11.47 -43.32 -12.04
N TYR R 79 10.63 -42.86 -11.10
CA TYR R 79 10.17 -41.47 -11.15
C TYR R 79 11.30 -40.52 -10.78
N ALA R 80 12.10 -40.88 -9.76
CA ALA R 80 13.13 -39.99 -9.24
C ALA R 80 14.24 -39.75 -10.26
N TYR R 81 14.56 -40.77 -11.07
CA TYR R 81 15.57 -40.61 -12.11
C TYR R 81 14.97 -40.92 -13.48
N ASP R 82 15.01 -42.19 -13.89
CA ASP R 82 14.38 -42.59 -15.13
C ASP R 82 14.03 -44.07 -15.05
N ARG R 83 13.12 -44.47 -15.94
CA ARG R 83 12.66 -45.85 -15.94
C ARG R 83 13.83 -46.80 -16.15
N ARG R 84 14.83 -46.38 -16.93
CA ARG R 84 15.93 -47.27 -17.31
C ARG R 84 16.92 -47.51 -16.19
N ASP R 85 16.89 -46.69 -15.13
CA ASP R 85 17.80 -46.86 -14.01
C ASP R 85 17.34 -47.96 -13.05
N VAL R 86 16.11 -48.42 -13.18
CA VAL R 86 15.57 -49.50 -12.35
C VAL R 86 16.09 -50.83 -12.88
N THR R 87 16.74 -51.60 -12.01
CA THR R 87 17.33 -52.88 -12.38
C THR R 87 16.85 -53.96 -11.42
N GLY R 88 16.90 -55.21 -11.89
CA GLY R 88 16.58 -56.35 -11.03
C GLY R 88 17.55 -56.49 -9.88
N ARG R 89 18.82 -56.11 -10.10
CA ARG R 89 19.77 -56.09 -9.01
C ARG R 89 19.31 -55.16 -7.89
N GLN R 90 18.80 -53.97 -8.24
CA GLN R 90 18.34 -53.04 -7.20
C GLN R 90 17.22 -53.63 -6.37
N LEU R 91 16.19 -54.18 -7.03
CA LEU R 91 15.07 -54.75 -6.30
C LEU R 91 15.52 -55.93 -5.44
N ALA R 92 16.40 -56.79 -5.97
CA ALA R 92 16.92 -57.88 -5.16
C ALA R 92 17.69 -57.36 -3.95
N ASN R 93 18.46 -56.30 -4.13
CA ASN R 93 19.27 -55.73 -3.06
C ASN R 93 18.38 -55.12 -1.96
N VAL R 94 17.37 -54.34 -2.36
CA VAL R 94 16.49 -53.74 -1.37
C VAL R 94 15.65 -54.82 -0.68
N TYR R 95 15.29 -55.89 -1.39
CA TYR R 95 14.61 -57.01 -0.75
C TYR R 95 15.51 -57.69 0.29
N ALA R 96 16.81 -57.80 -0.03
CA ALA R 96 17.74 -58.35 0.96
C ALA R 96 17.76 -57.50 2.22
N GLN R 97 17.90 -56.18 2.04
CA GLN R 97 17.91 -55.28 3.19
C GLN R 97 16.62 -55.40 3.99
N THR R 98 15.50 -55.41 3.28
CA THR R 98 14.20 -55.41 3.94
C THR R 98 13.98 -56.68 4.74
N LEU R 99 14.27 -57.84 4.13
CA LEU R 99 14.09 -59.10 4.83
C LEU R 99 15.09 -59.27 5.97
N GLY R 100 16.27 -58.65 5.88
CA GLY R 100 17.14 -58.61 7.04
C GLY R 100 16.48 -57.89 8.20
N THR R 101 15.95 -56.69 7.93
CA THR R 101 15.30 -55.93 9.00
C THR R 101 14.09 -56.69 9.56
N ILE R 102 13.26 -57.25 8.69
CA ILE R 102 12.09 -57.98 9.16
C ILE R 102 12.52 -59.17 10.01
N PHE R 103 13.50 -59.95 9.51
CA PHE R 103 13.94 -61.14 10.22
C PHE R 103 14.44 -60.81 11.62
N THR R 104 15.18 -59.72 11.76
CA THR R 104 15.80 -59.46 13.05
C THR R 104 14.92 -58.65 13.99
N GLU R 105 14.02 -57.83 13.44
CA GLU R 105 13.36 -56.79 14.23
C GLU R 105 11.85 -56.90 14.30
N GLN R 106 11.21 -57.63 13.39
CA GLN R 106 9.76 -57.72 13.37
C GLN R 106 9.25 -58.67 14.45
N ALA R 107 7.97 -58.54 14.78
CA ALA R 107 7.34 -59.38 15.80
C ALA R 107 7.46 -60.86 15.44
N LYS R 108 7.20 -61.20 14.20
CA LYS R 108 7.37 -62.54 13.69
C LYS R 108 8.11 -62.44 12.36
N PRO R 109 9.15 -63.25 12.13
CA PRO R 109 9.83 -63.20 10.84
C PRO R 109 8.90 -63.60 9.70
N TYR R 110 9.19 -63.11 8.51
CA TYR R 110 8.35 -63.41 7.36
C TYR R 110 8.66 -64.81 6.83
N GLU R 111 7.60 -65.60 6.65
CA GLU R 111 7.70 -66.95 6.11
C GLU R 111 7.58 -66.88 4.58
N VAL R 112 8.62 -66.30 3.96
CA VAL R 112 8.61 -66.02 2.53
C VAL R 112 9.96 -66.32 1.92
N GLU R 113 9.94 -66.61 0.62
CA GLU R 113 11.12 -66.67 -0.23
C GLU R 113 10.79 -65.97 -1.53
N LEU R 114 11.70 -65.11 -1.99
CA LEU R 114 11.45 -64.25 -3.14
C LEU R 114 12.43 -64.55 -4.26
N CYS R 115 11.96 -64.36 -5.48
CA CYS R 115 12.75 -64.42 -6.69
C CYS R 115 12.46 -63.16 -7.50
N VAL R 116 13.52 -62.44 -7.87
CA VAL R 116 13.41 -61.28 -8.72
C VAL R 116 14.11 -61.60 -10.04
N ALA R 117 13.43 -61.37 -11.15
CA ALA R 117 13.97 -61.71 -12.46
C ALA R 117 14.04 -60.48 -13.34
N GLU R 118 15.07 -60.41 -14.16
CA GLU R 118 15.22 -59.30 -15.11
C GLU R 118 15.63 -59.85 -16.46
N VAL R 119 14.93 -59.40 -17.51
CA VAL R 119 15.30 -59.70 -18.88
C VAL R 119 15.82 -58.41 -19.51
N ALA R 120 16.43 -58.57 -20.68
CA ALA R 120 17.00 -57.42 -21.36
C ALA R 120 15.90 -56.49 -21.88
N HIS R 121 16.28 -55.24 -22.08
CA HIS R 121 15.36 -54.32 -22.74
C HIS R 121 15.25 -54.69 -24.22
N TYR R 122 14.18 -54.23 -24.85
CA TYR R 122 13.87 -54.63 -26.23
C TYR R 122 15.04 -54.38 -27.17
N GLY R 123 15.40 -55.40 -27.94
CA GLY R 123 16.45 -55.29 -28.93
C GLY R 123 17.85 -55.42 -28.41
N GLU R 124 18.06 -55.47 -27.10
CA GLU R 124 19.40 -55.59 -26.54
C GLU R 124 19.69 -57.02 -26.12
N THR R 125 20.94 -57.41 -26.24
CA THR R 125 21.37 -58.77 -25.94
C THR R 125 22.00 -58.79 -24.56
N LYS R 126 21.29 -59.35 -23.59
CA LYS R 126 21.82 -59.50 -22.24
C LYS R 126 21.18 -60.72 -21.60
N ARG R 127 22.01 -61.59 -21.03
CA ARG R 127 21.50 -62.81 -20.41
C ARG R 127 20.53 -62.47 -19.29
N PRO R 128 19.45 -63.23 -19.11
CA PRO R 128 18.53 -62.96 -18.01
C PRO R 128 19.23 -63.10 -16.67
N GLU R 129 18.69 -62.42 -15.67
CA GLU R 129 19.22 -62.47 -14.31
C GLU R 129 18.13 -62.98 -13.37
N LEU R 130 18.50 -63.92 -12.51
CA LEU R 130 17.60 -64.45 -11.50
C LEU R 130 18.23 -64.26 -10.13
N TYR R 131 17.44 -63.76 -9.18
CA TYR R 131 17.89 -63.52 -7.82
C TYR R 131 16.96 -64.23 -6.86
N ARG R 132 17.55 -64.89 -5.87
CA ARG R 132 16.83 -65.59 -4.81
C ARG R 132 17.13 -64.87 -3.51
N ILE R 133 16.10 -64.42 -2.81
CA ILE R 133 16.23 -63.76 -1.51
C ILE R 133 15.44 -64.57 -0.49
N THR R 134 16.12 -65.05 0.55
CA THR R 134 15.53 -65.90 1.56
C THR R 134 15.07 -65.08 2.78
N TYR R 135 14.43 -65.77 3.74
CA TYR R 135 13.70 -65.09 4.81
C TYR R 135 14.58 -64.24 5.70
N ASP R 136 15.88 -64.51 5.77
CA ASP R 136 16.78 -63.77 6.64
C ASP R 136 17.56 -62.70 5.89
N GLY R 137 17.22 -62.44 4.64
CA GLY R 137 17.93 -61.48 3.84
C GLY R 137 19.08 -62.04 3.03
N SER R 138 19.31 -63.35 3.09
CA SER R 138 20.34 -63.95 2.26
C SER R 138 19.97 -63.80 0.79
N ILE R 139 20.96 -63.47 -0.03
CA ILE R 139 20.70 -63.19 -1.44
C ILE R 139 21.66 -64.01 -2.29
N ALA R 140 21.14 -64.57 -3.38
CA ALA R 140 21.90 -65.44 -4.26
C ALA R 140 21.63 -65.07 -5.70
N ASP R 141 22.70 -65.03 -6.49
CA ASP R 141 22.66 -64.72 -7.91
C ASP R 141 22.70 -66.05 -8.65
N GLU R 142 21.55 -66.46 -9.25
CA GLU R 142 21.50 -67.80 -9.82
C GLU R 142 21.38 -67.74 -11.34
N PRO R 143 22.08 -68.63 -12.08
CA PRO R 143 22.23 -68.39 -13.53
C PRO R 143 21.15 -69.03 -14.39
N HIS R 144 20.56 -70.14 -13.96
CA HIS R 144 19.64 -70.90 -14.81
C HIS R 144 18.23 -70.97 -14.26
N PHE R 145 18.06 -71.32 -12.98
CA PHE R 145 16.74 -71.51 -12.42
C PHE R 145 16.79 -71.28 -10.92
N VAL R 146 15.60 -70.99 -10.37
CA VAL R 146 15.40 -70.75 -8.95
C VAL R 146 14.17 -71.55 -8.53
N VAL R 147 14.27 -72.24 -7.39
CA VAL R 147 13.18 -73.02 -6.82
C VAL R 147 12.93 -72.48 -5.42
N MET R 148 11.66 -72.27 -5.08
CA MET R 148 11.33 -71.70 -3.78
C MET R 148 10.12 -72.42 -3.21
N GLY R 149 10.17 -72.71 -1.92
CA GLY R 149 8.99 -73.22 -1.22
C GLY R 149 8.85 -74.72 -1.31
N GLY R 150 8.27 -75.30 -0.26
CA GLY R 150 8.05 -76.72 -0.23
C GLY R 150 9.36 -77.49 -0.17
N THR R 151 9.33 -78.71 -0.72
CA THR R 151 10.52 -79.56 -0.78
C THR R 151 11.30 -79.20 -2.04
N THR R 152 12.36 -78.41 -1.87
CA THR R 152 13.03 -77.86 -3.03
C THR R 152 14.04 -78.83 -3.64
N GLU R 153 14.63 -79.72 -2.83
CA GLU R 153 15.69 -80.59 -3.34
C GLU R 153 15.25 -81.47 -4.51
N PRO R 154 14.08 -82.12 -4.49
CA PRO R 154 13.71 -82.94 -5.66
C PRO R 154 13.52 -82.12 -6.93
N ILE R 155 12.94 -80.93 -6.81
CA ILE R 155 12.71 -80.07 -7.97
C ILE R 155 14.04 -79.54 -8.51
N ALA R 156 14.91 -79.07 -7.60
CA ALA R 156 16.22 -78.60 -8.01
C ALA R 156 17.00 -79.69 -8.71
N ASN R 157 16.96 -80.91 -8.18
CA ASN R 157 17.67 -82.02 -8.82
C ASN R 157 17.07 -82.36 -10.18
N ALA R 158 15.74 -82.37 -10.27
CA ALA R 158 15.07 -82.62 -11.55
C ALA R 158 15.50 -81.60 -12.61
N LEU R 159 15.58 -80.32 -12.23
CA LEU R 159 16.01 -79.30 -13.17
C LEU R 159 17.49 -79.45 -13.48
N LYS R 160 18.31 -79.67 -12.46
CA LYS R 160 19.74 -79.93 -12.63
C LYS R 160 19.98 -81.04 -13.64
N GLU R 161 19.04 -81.98 -13.76
CA GLU R 161 19.17 -83.08 -14.71
C GLU R 161 18.50 -82.81 -16.06
N SER R 162 17.50 -81.93 -16.12
CA SER R 162 16.68 -81.79 -17.32
C SER R 162 16.70 -80.39 -17.95
N TYR R 163 17.53 -79.47 -17.46
CA TYR R 163 17.55 -78.11 -17.97
C TYR R 163 18.60 -77.91 -19.06
N ALA R 164 18.17 -77.32 -20.18
CA ALA R 164 19.07 -76.89 -21.25
C ALA R 164 18.89 -75.39 -21.50
N GLU R 165 20.00 -74.67 -21.61
CA GLU R 165 19.94 -73.25 -21.94
C GLU R 165 19.28 -73.01 -23.29
N ASN R 166 18.27 -72.12 -23.28
CA ASN R 166 17.66 -71.55 -24.48
C ASN R 166 16.57 -72.43 -25.08
N ALA R 167 15.90 -73.23 -24.24
CA ALA R 167 14.77 -74.01 -24.70
C ALA R 167 13.65 -73.08 -25.18
N SER R 168 12.76 -73.63 -26.00
CA SER R 168 11.59 -72.85 -26.40
C SER R 168 10.61 -72.77 -25.24
N LEU R 169 9.56 -71.96 -25.43
CA LEU R 169 8.60 -71.75 -24.35
C LEU R 169 7.92 -73.06 -23.94
N THR R 170 7.50 -73.87 -24.92
CA THR R 170 6.88 -75.15 -24.59
C THR R 170 7.86 -76.08 -23.87
N ASP R 171 9.09 -76.17 -24.35
CA ASP R 171 10.08 -77.05 -23.71
C ASP R 171 10.35 -76.60 -22.27
N ALA R 172 10.56 -75.29 -22.07
CA ALA R 172 10.83 -74.78 -20.72
C ALA R 172 9.63 -75.03 -19.80
N LEU R 173 8.41 -74.84 -20.31
CA LEU R 173 7.23 -75.09 -19.50
C LEU R 173 7.14 -76.56 -19.10
N ARG R 174 7.40 -77.46 -20.05
CA ARG R 174 7.38 -78.89 -19.75
C ARG R 174 8.40 -79.24 -18.68
N ILE R 175 9.66 -78.85 -18.88
CA ILE R 175 10.71 -79.12 -17.89
C ILE R 175 10.28 -78.58 -16.52
N ALA R 176 9.61 -77.43 -16.52
CA ALA R 176 9.22 -76.79 -15.26
C ALA R 176 8.12 -77.57 -14.54
N VAL R 177 7.03 -77.91 -15.23
CA VAL R 177 5.95 -78.66 -14.59
C VAL R 177 6.42 -80.04 -14.19
N ALA R 178 7.28 -80.67 -15.00
CA ALA R 178 7.87 -81.94 -14.62
C ALA R 178 8.65 -81.81 -13.32
N ALA R 179 9.51 -80.78 -13.23
CA ALA R 179 10.30 -80.59 -12.02
C ALA R 179 9.38 -80.33 -10.81
N LEU R 180 8.29 -79.60 -11.00
CA LEU R 180 7.35 -79.39 -9.90
C LEU R 180 6.69 -80.69 -9.48
N ARG R 181 6.28 -81.51 -10.45
CA ARG R 181 5.58 -82.75 -10.12
C ARG R 181 6.45 -83.71 -9.34
N ALA R 182 7.76 -83.68 -9.55
CA ALA R 182 8.67 -84.48 -8.73
C ALA R 182 8.74 -83.92 -7.32
N GLY R 183 7.57 -83.78 -6.68
CA GLY R 183 7.49 -83.23 -5.33
C GLY R 183 6.05 -82.97 -4.90
N SER R 184 5.59 -83.68 -3.90
CA SER R 184 4.16 -83.87 -3.82
C SER R 184 3.71 -84.32 -5.20
N LEU R 195 -1.05 -81.78 -12.44
CA LEU R 195 -0.75 -80.35 -12.52
C LEU R 195 -1.16 -79.75 -13.86
N GLY R 196 -2.43 -79.41 -13.98
CA GLY R 196 -2.99 -78.84 -15.18
C GLY R 196 -3.11 -77.33 -15.09
N VAL R 197 -4.11 -76.79 -15.78
CA VAL R 197 -4.25 -75.34 -15.85
C VAL R 197 -4.72 -74.77 -14.52
N ALA R 198 -5.82 -75.32 -13.98
CA ALA R 198 -6.46 -74.69 -12.83
C ALA R 198 -5.74 -75.03 -11.53
N SER R 199 -4.48 -75.46 -11.63
CA SER R 199 -3.64 -75.65 -10.47
C SER R 199 -2.27 -75.00 -10.65
N LEU R 200 -2.04 -74.32 -11.78
CA LEU R 200 -0.80 -73.62 -12.05
C LEU R 200 -1.08 -72.15 -12.28
N GLU R 201 -0.11 -71.32 -11.92
CA GLU R 201 -0.05 -69.92 -12.30
C GLU R 201 1.21 -69.74 -13.14
N VAL R 202 1.06 -69.28 -14.38
CA VAL R 202 2.17 -69.16 -15.31
C VAL R 202 2.25 -67.74 -15.85
N ALA R 203 3.47 -67.22 -15.93
CA ALA R 203 3.70 -65.92 -16.52
C ALA R 203 5.12 -65.88 -17.02
N VAL R 204 5.41 -64.92 -17.90
CA VAL R 204 6.73 -64.81 -18.50
C VAL R 204 7.15 -63.35 -18.52
N LEU R 205 8.45 -63.14 -18.32
CA LEU R 205 9.10 -61.90 -18.72
C LEU R 205 9.57 -62.15 -20.15
N ASP R 206 8.83 -61.62 -21.11
CA ASP R 206 9.06 -61.85 -22.53
C ASP R 206 10.01 -60.77 -23.04
N ALA R 207 11.28 -61.15 -23.24
CA ALA R 207 12.28 -60.18 -23.66
C ALA R 207 11.98 -59.57 -25.01
N ASN R 208 10.99 -60.09 -25.73
CA ASN R 208 10.59 -59.57 -27.03
C ASN R 208 9.44 -58.58 -26.93
N ARG R 209 8.94 -58.30 -25.75
CA ARG R 209 7.95 -57.24 -25.75
C ARG R 209 8.64 -55.88 -25.72
N PRO R 210 8.07 -54.89 -26.41
CA PRO R 210 8.77 -53.60 -26.56
C PRO R 210 8.98 -52.83 -25.26
N ARG R 211 7.93 -52.72 -24.44
CA ARG R 211 8.06 -51.98 -23.19
C ARG R 211 7.90 -52.90 -21.98
N ARG R 212 6.67 -53.26 -21.66
CA ARG R 212 6.37 -54.07 -20.47
C ARG R 212 6.48 -55.55 -20.83
N ALA R 213 7.51 -56.21 -20.29
CA ALA R 213 7.80 -57.59 -20.68
C ALA R 213 6.91 -58.61 -19.99
N PHE R 214 6.27 -58.25 -18.88
CA PHE R 214 5.48 -59.18 -18.09
C PHE R 214 4.15 -59.48 -18.76
N ARG R 215 3.91 -60.75 -19.11
CA ARG R 215 2.58 -61.18 -19.55
C ARG R 215 2.25 -62.52 -18.90
N ARG R 216 0.98 -62.69 -18.54
CA ARG R 216 0.51 -63.94 -17.96
C ARG R 216 0.05 -64.90 -19.06
N ILE R 217 0.17 -66.18 -18.79
CA ILE R 217 -0.30 -67.22 -19.69
C ILE R 217 -1.37 -67.99 -18.93
N THR R 218 -2.62 -67.77 -19.29
CA THR R 218 -3.76 -68.24 -18.52
C THR R 218 -4.76 -68.93 -19.43
N GLY R 219 -5.45 -69.91 -18.86
CA GLY R 219 -6.64 -70.45 -19.48
C GLY R 219 -6.35 -71.19 -20.77
N SER R 220 -7.11 -70.86 -21.82
CA SER R 220 -7.07 -71.62 -23.06
C SER R 220 -5.67 -71.63 -23.67
N ALA R 221 -4.99 -70.49 -23.67
CA ALA R 221 -3.62 -70.43 -24.20
C ALA R 221 -2.69 -71.36 -23.41
N LEU R 222 -2.76 -71.29 -22.08
CA LEU R 222 -1.90 -72.14 -21.26
C LEU R 222 -2.21 -73.61 -21.49
N GLN R 223 -3.50 -73.94 -21.57
CA GLN R 223 -3.92 -75.31 -21.89
C GLN R 223 -3.32 -75.76 -23.22
N ALA R 224 -3.25 -74.85 -24.20
CA ALA R 224 -2.67 -75.21 -25.48
C ALA R 224 -1.16 -75.39 -25.39
N LEU R 225 -0.50 -74.65 -24.50
CA LEU R 225 0.94 -74.82 -24.32
C LEU R 225 1.29 -76.02 -23.45
N LEU R 226 0.32 -76.60 -22.75
CA LEU R 226 0.58 -77.76 -21.91
C LEU R 226 0.44 -79.08 -22.64
N VAL R 227 -0.39 -79.13 -23.69
CA VAL R 227 -0.58 -80.35 -24.46
C VAL R 227 0.53 -80.50 -25.49
N MET S 1 24.02 -59.59 32.21
CA MET S 1 24.28 -59.22 30.82
C MET S 1 25.64 -59.75 30.33
N GLU S 2 26.26 -60.61 31.15
CA GLU S 2 27.47 -61.31 30.70
C GLU S 2 27.17 -62.17 29.48
N GLN S 3 26.09 -62.95 29.54
CA GLN S 3 25.80 -63.90 28.47
C GLN S 3 25.17 -63.25 27.25
N ALA S 4 24.55 -62.07 27.40
CA ALA S 4 24.08 -61.36 26.22
C ALA S 4 25.24 -60.96 25.33
N MET S 5 26.31 -60.40 25.92
CA MET S 5 27.46 -60.00 25.13
C MET S 5 28.25 -61.22 24.65
N ARG S 6 28.29 -62.27 25.47
CA ARG S 6 28.91 -63.52 25.05
C ARG S 6 28.23 -64.07 23.80
N GLU S 7 26.91 -64.12 23.82
CA GLU S 7 26.15 -64.70 22.71
C GLU S 7 26.20 -63.81 21.48
N ARG S 8 26.18 -62.49 21.66
CA ARG S 8 26.29 -61.60 20.51
C ARG S 8 27.65 -61.72 19.86
N SER S 9 28.72 -61.67 20.67
CA SER S 9 30.06 -61.82 20.11
C SER S 9 30.22 -63.16 19.41
N GLU S 10 29.65 -64.22 20.00
CA GLU S 10 29.80 -65.53 19.38
C GLU S 10 28.96 -65.66 18.10
N LEU S 11 27.76 -65.08 18.10
CA LEU S 11 26.93 -65.10 16.90
C LEU S 11 27.61 -64.38 15.74
N ALA S 12 28.15 -63.20 16.02
CA ALA S 12 28.83 -62.45 14.96
C ALA S 12 30.10 -63.17 14.50
N ARG S 13 30.91 -63.65 15.44
CA ARG S 13 32.16 -64.31 15.09
C ARG S 13 31.91 -65.56 14.26
N LYS S 14 30.96 -66.41 14.69
CA LYS S 14 30.61 -67.58 13.90
C LYS S 14 30.04 -67.18 12.54
N GLY S 15 29.20 -66.14 12.51
CA GLY S 15 28.65 -65.68 11.25
C GLY S 15 29.74 -65.30 10.25
N ILE S 16 30.79 -64.62 10.72
CA ILE S 16 31.87 -64.23 9.84
C ILE S 16 32.71 -65.45 9.43
N ALA S 17 32.90 -66.38 10.36
CA ALA S 17 33.71 -67.57 10.07
C ALA S 17 33.06 -68.46 9.00
N ARG S 18 31.72 -68.53 8.98
CA ARG S 18 31.05 -69.33 7.97
C ARG S 18 31.01 -68.65 6.61
N ALA S 19 31.47 -67.41 6.52
CA ALA S 19 31.44 -66.68 5.26
C ALA S 19 32.73 -66.93 4.47
N LYS S 20 32.70 -66.54 3.20
CA LYS S 20 33.87 -66.72 2.35
C LYS S 20 34.92 -65.65 2.66
N SER S 21 36.16 -65.92 2.25
CA SER S 21 37.28 -65.12 2.66
C SER S 21 37.54 -63.96 1.70
N VAL S 22 38.25 -62.96 2.19
CA VAL S 22 38.60 -61.74 1.45
C VAL S 22 40.02 -61.36 1.86
N VAL S 23 40.81 -60.91 0.89
CA VAL S 23 42.18 -60.46 1.13
C VAL S 23 42.34 -59.05 0.55
N ALA S 24 43.08 -58.20 1.25
CA ALA S 24 43.50 -56.92 0.73
C ALA S 24 44.98 -56.75 1.06
N LEU S 25 45.81 -56.48 0.05
CA LEU S 25 47.24 -56.37 0.28
C LEU S 25 47.82 -55.20 -0.50
N ALA S 26 48.82 -54.57 0.09
CA ALA S 26 49.53 -53.48 -0.56
C ALA S 26 50.57 -54.04 -1.53
N TYR S 27 50.61 -53.47 -2.73
CA TYR S 27 51.59 -53.83 -3.75
C TYR S 27 52.14 -52.55 -4.38
N ALA S 28 53.08 -52.74 -5.31
CA ALA S 28 53.84 -51.60 -5.85
C ALA S 28 52.93 -50.57 -6.50
N GLY S 29 51.79 -51.00 -7.05
CA GLY S 29 50.86 -50.10 -7.69
C GLY S 29 49.74 -49.57 -6.83
N GLY S 30 49.69 -49.95 -5.55
CA GLY S 30 48.63 -49.48 -4.69
C GLY S 30 48.10 -50.56 -3.76
N VAL S 31 46.79 -50.82 -3.82
CA VAL S 31 46.16 -51.82 -2.97
C VAL S 31 45.36 -52.77 -3.86
N LEU S 32 45.42 -54.06 -3.53
CA LEU S 32 44.72 -55.10 -4.26
C LEU S 32 43.68 -55.74 -3.36
N PHE S 33 42.44 -55.80 -3.84
CA PHE S 33 41.33 -56.46 -3.18
C PHE S 33 41.00 -57.71 -3.97
N VAL S 34 41.02 -58.87 -3.31
CA VAL S 34 40.65 -60.13 -3.95
C VAL S 34 39.71 -60.86 -3.00
N ALA S 35 38.51 -61.21 -3.48
CA ALA S 35 37.49 -61.83 -2.65
C ALA S 35 36.90 -63.04 -3.35
N GLU S 36 36.73 -64.12 -2.61
CA GLU S 36 36.00 -65.26 -3.14
C GLU S 36 34.53 -64.88 -3.26
N ASN S 37 34.01 -64.90 -4.49
CA ASN S 37 32.66 -64.40 -4.75
C ASN S 37 32.06 -65.07 -5.99
N PRO S 38 31.11 -65.99 -5.82
CA PRO S 38 30.53 -66.66 -7.00
C PRO S 38 29.63 -65.77 -7.82
N SER S 39 29.08 -64.71 -7.24
CA SER S 39 28.11 -63.87 -7.94
C SER S 39 28.80 -63.05 -9.01
N ARG S 40 28.04 -62.67 -10.03
CA ARG S 40 28.58 -61.77 -11.04
C ARG S 40 28.27 -60.31 -10.75
N SER S 41 27.14 -60.02 -10.08
CA SER S 41 26.70 -58.66 -9.84
C SER S 41 26.57 -58.29 -8.36
N LEU S 42 26.74 -59.21 -7.44
CA LEU S 42 26.66 -58.92 -6.01
C LEU S 42 28.08 -58.70 -5.50
N GLN S 43 28.34 -57.54 -4.92
CA GLN S 43 29.70 -57.07 -4.71
C GLN S 43 30.05 -57.04 -3.23
N LYS S 44 31.27 -57.48 -2.92
CA LYS S 44 31.88 -57.36 -1.60
C LYS S 44 32.92 -56.27 -1.53
N ILE S 45 33.37 -55.77 -2.68
CA ILE S 45 34.42 -54.74 -2.75
C ILE S 45 33.84 -53.52 -3.45
N SER S 46 34.15 -52.34 -2.93
CA SER S 46 33.52 -51.14 -3.44
C SER S 46 34.43 -49.93 -3.26
N GLU S 47 34.17 -48.91 -4.07
CA GLU S 47 34.76 -47.60 -3.88
C GLU S 47 34.06 -46.86 -2.75
N LEU S 48 34.83 -46.21 -1.89
CA LEU S 48 34.30 -45.28 -0.90
C LEU S 48 34.52 -43.83 -1.32
N TYR S 49 35.77 -43.46 -1.62
CA TYR S 49 36.07 -42.11 -2.04
C TYR S 49 37.27 -42.16 -2.97
N ASP S 50 37.69 -40.98 -3.44
CA ASP S 50 38.73 -40.85 -4.46
C ASP S 50 39.87 -41.86 -4.29
N ARG S 51 40.48 -41.89 -3.11
CA ARG S 51 41.59 -42.78 -2.85
C ARG S 51 41.29 -43.83 -1.78
N VAL S 52 40.01 -44.05 -1.47
CA VAL S 52 39.64 -44.92 -0.36
C VAL S 52 38.71 -46.01 -0.88
N GLY S 53 39.07 -47.28 -0.60
CA GLY S 53 38.30 -48.43 -1.00
C GLY S 53 37.85 -49.27 0.18
N PHE S 54 36.90 -50.14 -0.09
CA PHE S 54 36.14 -50.86 0.92
C PHE S 54 36.06 -52.33 0.56
N ALA S 55 36.23 -53.21 1.56
CA ALA S 55 36.04 -54.64 1.36
C ALA S 55 35.39 -55.23 2.59
N ALA S 56 34.56 -56.25 2.41
CA ALA S 56 33.78 -56.76 3.52
C ALA S 56 33.59 -58.26 3.42
N ALA S 57 33.45 -58.89 4.59
CA ALA S 57 33.13 -60.30 4.67
C ALA S 57 31.99 -60.49 5.65
N GLY S 58 31.14 -61.48 5.37
CA GLY S 58 30.04 -61.82 6.24
C GLY S 58 28.71 -61.74 5.52
N LYS S 59 27.69 -61.30 6.25
CA LYS S 59 26.32 -61.24 5.74
C LYS S 59 26.14 -60.06 4.78
N PHE S 60 25.66 -60.35 3.57
CA PHE S 60 25.70 -59.36 2.50
C PHE S 60 24.92 -58.10 2.84
N ASN S 61 23.63 -58.25 3.16
CA ASN S 61 22.80 -57.06 3.37
C ASN S 61 23.35 -56.18 4.48
N GLU S 62 24.03 -56.78 5.45
CA GLU S 62 24.56 -56.01 6.58
C GLU S 62 25.80 -55.23 6.17
N PHE S 63 26.79 -55.87 5.55
CA PHE S 63 27.96 -55.10 5.13
C PHE S 63 27.66 -54.22 3.93
N ASP S 64 26.55 -54.46 3.23
CA ASP S 64 26.10 -53.53 2.21
C ASP S 64 25.46 -52.30 2.83
N ASN S 65 24.69 -52.49 3.91
CA ASN S 65 24.25 -51.34 4.71
C ASN S 65 25.44 -50.51 5.16
N LEU S 66 26.46 -51.16 5.73
CA LEU S 66 27.63 -50.43 6.20
C LEU S 66 28.35 -49.75 5.04
N ARG S 67 28.39 -50.42 3.89
CA ARG S 67 29.05 -49.84 2.72
C ARG S 67 28.35 -48.56 2.28
N ARG S 68 27.02 -48.62 2.15
CA ARG S 68 26.25 -47.45 1.77
C ARG S 68 26.41 -46.33 2.79
N GLY S 69 26.41 -46.69 4.08
CA GLY S 69 26.62 -45.68 5.10
C GLY S 69 27.96 -45.01 4.98
N GLY S 70 29.00 -45.79 4.67
CA GLY S 70 30.33 -45.21 4.50
C GLY S 70 30.42 -44.29 3.30
N ILE S 71 29.83 -44.70 2.17
CA ILE S 71 29.79 -43.84 1.01
C ILE S 71 29.07 -42.53 1.34
N GLN S 72 27.95 -42.63 2.05
CA GLN S 72 27.24 -41.44 2.50
C GLN S 72 28.12 -40.53 3.34
N PHE S 73 28.75 -41.10 4.37
CA PHE S 73 29.64 -40.31 5.23
C PHE S 73 30.70 -39.60 4.41
N ALA S 74 31.37 -40.34 3.53
CA ALA S 74 32.46 -39.76 2.76
C ALA S 74 31.99 -38.62 1.90
N ASP S 75 30.92 -38.83 1.12
CA ASP S 75 30.42 -37.79 0.23
C ASP S 75 29.94 -36.56 1.00
N THR S 76 29.30 -36.78 2.15
CA THR S 76 28.84 -35.65 2.95
C THR S 76 30.01 -34.84 3.50
N ARG S 77 31.03 -35.51 4.02
CA ARG S 77 32.18 -34.77 4.54
C ARG S 77 32.91 -34.03 3.43
N GLY S 78 33.10 -34.69 2.28
CA GLY S 78 33.74 -34.02 1.16
C GLY S 78 32.96 -32.81 0.69
N TYR S 79 31.63 -32.88 0.76
CA TYR S 79 30.83 -31.70 0.41
C TYR S 79 30.96 -30.61 1.47
N ALA S 80 30.92 -31.00 2.75
CA ALA S 80 30.94 -30.04 3.84
C ALA S 80 32.25 -29.28 3.93
N TYR S 81 33.36 -29.92 3.58
CA TYR S 81 34.65 -29.25 3.58
C TYR S 81 35.31 -29.33 2.20
N ASP S 82 36.05 -30.39 1.95
CA ASP S 82 36.67 -30.60 0.65
C ASP S 82 36.93 -32.08 0.45
N ARG S 83 37.09 -32.47 -0.81
CA ARG S 83 37.38 -33.87 -1.11
C ARG S 83 38.69 -34.29 -0.46
N ARG S 84 39.64 -33.35 -0.36
CA ARG S 84 40.97 -33.65 0.18
C ARG S 84 40.93 -33.93 1.67
N ASP S 85 39.86 -33.50 2.36
CA ASP S 85 39.74 -33.73 3.80
C ASP S 85 39.19 -35.11 4.16
N VAL S 86 38.68 -35.86 3.19
CA VAL S 86 38.21 -37.22 3.43
C VAL S 86 39.41 -38.15 3.42
N THR S 87 39.61 -38.88 4.50
CA THR S 87 40.73 -39.79 4.65
C THR S 87 40.24 -41.17 5.05
N GLY S 88 41.08 -42.16 4.79
CA GLY S 88 40.76 -43.51 5.21
C GLY S 88 40.65 -43.65 6.72
N ARG S 89 41.53 -42.95 7.45
CA ARG S 89 41.44 -42.97 8.91
C ARG S 89 40.06 -42.51 9.36
N GLN S 90 39.55 -41.44 8.75
CA GLN S 90 38.23 -40.94 9.11
C GLN S 90 37.16 -42.02 8.93
N LEU S 91 37.13 -42.64 7.74
CA LEU S 91 36.11 -43.63 7.47
C LEU S 91 36.25 -44.84 8.39
N ALA S 92 37.47 -45.29 8.63
CA ALA S 92 37.64 -46.39 9.57
C ALA S 92 37.13 -46.01 10.95
N ASN S 93 37.38 -44.77 11.38
CA ASN S 93 36.95 -44.35 12.71
C ASN S 93 35.43 -44.37 12.80
N VAL S 94 34.77 -43.83 11.78
CA VAL S 94 33.31 -43.82 11.78
C VAL S 94 32.76 -45.24 11.73
N TYR S 95 33.44 -46.14 11.03
CA TYR S 95 33.02 -47.54 11.04
C TYR S 95 33.18 -48.15 12.42
N ALA S 96 34.26 -47.81 13.14
CA ALA S 96 34.41 -48.32 14.49
C ALA S 96 33.27 -47.86 15.39
N GLN S 97 32.95 -46.56 15.35
CA GLN S 97 31.85 -46.05 16.14
C GLN S 97 30.54 -46.74 15.78
N THR S 98 30.28 -46.86 14.48
CA THR S 98 29.01 -47.39 13.99
C THR S 98 28.84 -48.85 14.37
N LEU S 99 29.87 -49.67 14.11
CA LEU S 99 29.77 -51.08 14.47
C LEU S 99 29.74 -51.28 15.98
N GLY S 100 30.37 -50.39 16.75
CA GLY S 100 30.20 -50.46 18.19
C GLY S 100 28.75 -50.28 18.60
N THR S 101 28.11 -49.22 18.10
CA THR S 101 26.71 -49.00 18.42
C THR S 101 25.83 -50.15 17.96
N ILE S 102 26.07 -50.65 16.74
CA ILE S 102 25.28 -51.77 16.24
C ILE S 102 25.45 -52.98 17.15
N PHE S 103 26.70 -53.31 17.49
CA PHE S 103 26.99 -54.49 18.31
C PHE S 103 26.31 -54.42 19.65
N THR S 104 26.25 -53.24 20.26
CA THR S 104 25.69 -53.18 21.60
C THR S 104 24.18 -52.96 21.61
N GLU S 105 23.61 -52.35 20.57
CA GLU S 105 22.26 -51.84 20.63
C GLU S 105 21.29 -52.38 19.58
N GLN S 106 21.77 -52.94 18.47
CA GLN S 106 20.81 -53.45 17.51
C GLN S 106 20.24 -54.79 17.96
N ALA S 107 19.10 -55.16 17.36
CA ALA S 107 18.41 -56.39 17.74
C ALA S 107 19.31 -57.60 17.60
N LYS S 108 20.05 -57.67 16.49
CA LYS S 108 21.04 -58.71 16.26
C LYS S 108 22.31 -58.02 15.78
N PRO S 109 23.48 -58.38 16.29
CA PRO S 109 24.72 -57.76 15.81
C PRO S 109 24.97 -58.08 14.34
N TYR S 110 25.76 -57.22 13.72
CA TYR S 110 26.13 -57.42 12.32
C TYR S 110 27.24 -58.46 12.24
N GLU S 111 27.03 -59.48 11.41
CA GLU S 111 28.03 -60.52 11.18
C GLU S 111 28.94 -60.10 10.02
N VAL S 112 29.78 -59.09 10.28
CA VAL S 112 30.61 -58.49 9.23
C VAL S 112 32.01 -58.22 9.75
N GLU S 113 32.95 -58.18 8.81
CA GLU S 113 34.30 -57.68 9.03
C GLU S 113 34.65 -56.76 7.87
N LEU S 114 35.18 -55.59 8.18
CA LEU S 114 35.39 -54.53 7.21
C LEU S 114 36.88 -54.21 7.09
N CYS S 115 37.27 -53.81 5.88
CA CYS S 115 38.60 -53.28 5.60
C CYS S 115 38.44 -51.99 4.83
N VAL S 116 39.08 -50.93 5.33
CA VAL S 116 39.12 -49.64 4.67
C VAL S 116 40.57 -49.38 4.28
N ALA S 117 40.80 -49.11 2.99
CA ALA S 117 42.14 -48.92 2.45
C ALA S 117 42.27 -47.56 1.78
N GLU S 118 43.46 -46.98 1.89
CA GLU S 118 43.74 -45.70 1.24
C GLU S 118 45.12 -45.74 0.60
N VAL S 119 45.20 -45.29 -0.65
CA VAL S 119 46.47 -45.10 -1.34
C VAL S 119 46.75 -43.60 -1.43
N ALA S 120 47.97 -43.27 -1.83
CA ALA S 120 48.38 -41.88 -1.93
C ALA S 120 47.61 -41.17 -3.06
N HIS S 121 47.52 -39.85 -2.93
CA HIS S 121 46.98 -39.06 -4.03
C HIS S 121 47.99 -39.02 -5.16
N TYR S 122 47.51 -38.75 -6.37
CA TYR S 122 48.35 -38.81 -7.56
C TYR S 122 49.60 -37.95 -7.40
N GLY S 123 50.76 -38.55 -7.68
CA GLY S 123 52.03 -37.85 -7.60
C GLY S 123 52.61 -37.72 -6.21
N GLU S 124 51.86 -38.06 -5.18
CA GLU S 124 52.33 -38.03 -3.81
C GLU S 124 52.97 -39.38 -3.47
N THR S 125 53.94 -39.34 -2.55
CA THR S 125 54.63 -40.56 -2.12
C THR S 125 54.29 -40.80 -0.65
N LYS S 126 53.43 -41.79 -0.40
CA LYS S 126 53.12 -42.23 0.95
C LYS S 126 52.70 -43.69 0.89
N ARG S 127 52.96 -44.42 1.97
CA ARG S 127 52.66 -45.85 1.97
C ARG S 127 51.14 -46.07 2.05
N PRO S 128 50.61 -47.10 1.42
CA PRO S 128 49.19 -47.42 1.57
C PRO S 128 48.84 -47.67 3.04
N GLU S 129 47.57 -47.43 3.37
CA GLU S 129 47.06 -47.66 4.71
C GLU S 129 45.92 -48.66 4.64
N LEU S 130 45.94 -49.64 5.54
CA LEU S 130 44.89 -50.63 5.67
C LEU S 130 44.35 -50.62 7.09
N TYR S 131 43.02 -50.63 7.22
CA TYR S 131 42.33 -50.67 8.50
C TYR S 131 41.36 -51.82 8.53
N ARG S 132 41.34 -52.55 9.65
CA ARG S 132 40.42 -53.65 9.91
C ARG S 132 39.47 -53.24 11.01
N ILE S 133 38.17 -53.32 10.74
CA ILE S 133 37.13 -53.04 11.73
C ILE S 133 36.30 -54.31 11.89
N THR S 134 36.27 -54.85 13.10
CA THR S 134 35.60 -56.11 13.38
C THR S 134 34.20 -55.86 13.91
N TYR S 135 33.46 -56.95 14.15
CA TYR S 135 32.02 -56.86 14.38
C TYR S 135 31.66 -56.03 15.61
N ASP S 136 32.57 -55.89 16.58
CA ASP S 136 32.30 -55.18 17.81
C ASP S 136 32.86 -53.75 17.82
N GLY S 137 33.36 -53.26 16.69
CA GLY S 137 33.92 -51.94 16.62
C GLY S 137 35.41 -51.86 16.90
N SER S 138 36.07 -52.99 17.13
CA SER S 138 37.52 -52.98 17.30
C SER S 138 38.18 -52.54 16.00
N ILE S 139 39.20 -51.71 16.12
CA ILE S 139 39.85 -51.13 14.95
C ILE S 139 41.34 -51.39 15.03
N ALA S 140 41.92 -51.79 13.90
CA ALA S 140 43.31 -52.16 13.84
C ALA S 140 43.95 -51.57 12.60
N ASP S 141 45.15 -51.04 12.79
CA ASP S 141 45.95 -50.41 11.74
C ASP S 141 46.96 -51.45 11.27
N GLU S 142 46.75 -52.01 10.07
CA GLU S 142 47.62 -53.13 9.72
C GLU S 142 48.52 -52.79 8.53
N PRO S 143 49.76 -53.27 8.54
CA PRO S 143 50.79 -52.64 7.70
C PRO S 143 50.92 -53.23 6.30
N HIS S 144 50.64 -54.52 6.15
CA HIS S 144 50.90 -55.21 4.89
C HIS S 144 49.65 -55.74 4.23
N PHE S 145 48.80 -56.45 4.97
CA PHE S 145 47.63 -57.07 4.37
C PHE S 145 46.58 -57.27 5.44
N VAL S 146 45.34 -57.49 4.98
CA VAL S 146 44.21 -57.79 5.84
C VAL S 146 43.50 -58.98 5.24
N VAL S 147 43.14 -59.94 6.08
CA VAL S 147 42.39 -61.12 5.67
C VAL S 147 41.13 -61.15 6.52
N MET S 148 39.98 -61.38 5.90
CA MET S 148 38.71 -61.32 6.62
C MET S 148 37.82 -62.47 6.19
N GLY S 149 37.15 -63.06 7.17
CA GLY S 149 36.15 -64.08 6.85
C GLY S 149 36.75 -65.46 6.74
N GLY S 150 35.94 -66.44 7.11
CA GLY S 150 36.36 -67.83 7.03
C GLY S 150 37.48 -68.14 8.00
N THR S 151 38.29 -69.14 7.63
CA THR S 151 39.46 -69.55 8.41
C THR S 151 40.64 -68.70 7.97
N THR S 152 40.96 -67.68 8.77
CA THR S 152 41.94 -66.70 8.32
C THR S 152 43.38 -67.15 8.56
N GLU S 153 43.63 -68.06 9.51
CA GLU S 153 45.01 -68.42 9.85
C GLU S 153 45.80 -68.98 8.66
N PRO S 154 45.29 -69.94 7.88
CA PRO S 154 46.08 -70.43 6.73
C PRO S 154 46.41 -69.34 5.72
N ILE S 155 45.44 -68.47 5.45
CA ILE S 155 45.63 -67.41 4.46
C ILE S 155 46.65 -66.40 4.98
N ALA S 156 46.53 -66.03 6.26
CA ALA S 156 47.49 -65.10 6.85
C ALA S 156 48.91 -65.65 6.78
N ASN S 157 49.09 -66.94 7.09
CA ASN S 157 50.45 -67.50 7.03
C ASN S 157 50.96 -67.54 5.60
N ALA S 158 50.08 -67.95 4.66
CA ALA S 158 50.45 -67.98 3.25
C ALA S 158 50.91 -66.60 2.77
N LEU S 159 50.21 -65.55 3.18
CA LEU S 159 50.65 -64.22 2.82
C LEU S 159 51.92 -63.83 3.57
N LYS S 160 52.10 -64.39 4.76
CA LYS S 160 53.18 -63.93 5.64
C LYS S 160 54.54 -64.39 5.13
N GLU S 161 54.62 -65.60 4.55
CA GLU S 161 55.95 -66.06 4.16
C GLU S 161 56.35 -65.65 2.74
N SER S 162 55.42 -65.24 1.89
CA SER S 162 55.74 -64.88 0.52
C SER S 162 55.12 -63.53 0.15
N TYR S 163 55.24 -62.55 1.04
CA TYR S 163 54.67 -61.24 0.81
C TYR S 163 55.72 -60.33 0.22
N ALA S 164 55.38 -59.65 -0.87
CA ALA S 164 56.26 -58.62 -1.41
C ALA S 164 55.50 -57.30 -1.39
N GLU S 165 56.07 -56.32 -0.69
CA GLU S 165 55.52 -54.96 -0.67
C GLU S 165 55.55 -54.33 -2.05
N ASN S 166 56.50 -54.76 -2.88
CA ASN S 166 56.73 -54.17 -4.18
C ASN S 166 56.50 -55.15 -5.33
N ALA S 167 55.64 -56.14 -5.11
CA ALA S 167 55.27 -57.04 -6.19
C ALA S 167 54.50 -56.29 -7.27
N SER S 168 54.50 -56.86 -8.48
CA SER S 168 53.67 -56.32 -9.54
C SER S 168 52.21 -56.67 -9.28
N LEU S 169 51.31 -56.12 -10.08
CA LEU S 169 49.91 -56.40 -9.87
C LEU S 169 49.63 -57.88 -10.10
N THR S 170 50.19 -58.44 -11.17
CA THR S 170 50.01 -59.86 -11.45
C THR S 170 50.62 -60.72 -10.35
N ASP S 171 51.84 -60.36 -9.90
CA ASP S 171 52.48 -61.14 -8.83
C ASP S 171 51.66 -61.09 -7.56
N ALA S 172 51.22 -59.89 -7.16
CA ALA S 172 50.43 -59.74 -5.94
C ALA S 172 49.11 -60.51 -6.07
N LEU S 173 48.51 -60.49 -7.27
CA LEU S 173 47.29 -61.25 -7.50
C LEU S 173 47.54 -62.74 -7.33
N ARG S 174 48.62 -63.25 -7.92
CA ARG S 174 48.92 -64.67 -7.79
C ARG S 174 49.15 -65.05 -6.33
N ILE S 175 49.90 -64.22 -5.60
CA ILE S 175 50.12 -64.46 -4.17
C ILE S 175 48.79 -64.49 -3.43
N ALA S 176 47.87 -63.60 -3.80
CA ALA S 176 46.58 -63.51 -3.12
C ALA S 176 45.71 -64.73 -3.38
N VAL S 177 45.57 -65.13 -4.64
CA VAL S 177 44.76 -66.30 -4.97
C VAL S 177 45.37 -67.55 -4.37
N ALA S 178 46.71 -67.63 -4.35
CA ALA S 178 47.37 -68.73 -3.66
C ALA S 178 46.98 -68.76 -2.19
N ALA S 179 47.02 -67.60 -1.54
CA ALA S 179 46.65 -67.52 -0.12
C ALA S 179 45.19 -67.90 0.11
N LEU S 180 44.29 -67.51 -0.79
CA LEU S 180 42.89 -67.88 -0.64
C LEU S 180 42.69 -69.38 -0.81
N ARG S 181 43.35 -69.96 -1.81
CA ARG S 181 43.24 -71.40 -2.05
C ARG S 181 43.68 -72.21 -0.84
N ALA S 182 44.74 -71.76 -0.15
CA ALA S 182 45.24 -72.46 1.03
C ALA S 182 44.24 -72.46 2.17
N GLY S 183 43.25 -71.57 2.14
CA GLY S 183 42.27 -71.51 3.20
C GLY S 183 41.09 -72.43 3.01
N SER S 184 40.74 -72.74 1.76
CA SER S 184 39.62 -73.62 1.47
C SER S 184 40.12 -74.99 1.02
N GLN S 192 40.61 -75.82 -3.49
CA GLN S 192 41.86 -76.51 -3.19
C GLN S 192 42.91 -76.26 -4.26
N PRO S 193 42.52 -76.49 -5.51
CA PRO S 193 43.45 -76.32 -6.63
C PRO S 193 43.08 -75.25 -7.65
N THR S 194 41.82 -74.86 -7.78
CA THR S 194 41.51 -73.84 -8.79
C THR S 194 40.56 -72.72 -8.41
N LEU S 195 41.06 -71.49 -8.44
CA LEU S 195 40.21 -70.35 -8.16
C LEU S 195 40.23 -69.61 -9.46
N GLY S 196 39.21 -69.83 -10.25
CA GLY S 196 39.09 -69.22 -11.55
C GLY S 196 38.46 -67.87 -11.50
N VAL S 197 38.29 -67.24 -12.66
CA VAL S 197 37.67 -65.95 -12.68
C VAL S 197 36.26 -66.03 -12.16
N ALA S 198 35.53 -67.01 -12.61
CA ALA S 198 34.12 -67.12 -12.25
C ALA S 198 33.83 -67.33 -10.78
N SER S 199 34.84 -67.18 -9.95
CA SER S 199 34.68 -67.34 -8.51
C SER S 199 35.42 -66.24 -7.76
N LEU S 200 35.95 -65.25 -8.47
CA LEU S 200 36.69 -64.15 -7.86
C LEU S 200 36.04 -62.81 -8.17
N GLU S 201 36.16 -61.90 -7.20
CA GLU S 201 35.91 -60.48 -7.40
C GLU S 201 37.20 -59.75 -7.06
N VAL S 202 37.75 -59.03 -8.04
CA VAL S 202 39.03 -58.37 -7.90
C VAL S 202 38.87 -56.90 -8.23
N ALA S 203 39.53 -56.04 -7.45
CA ALA S 203 39.57 -54.63 -7.74
C ALA S 203 40.82 -54.07 -7.12
N VAL S 204 41.23 -52.88 -7.56
CA VAL S 204 42.45 -52.27 -7.07
C VAL S 204 42.22 -50.80 -6.78
N LEU S 205 42.92 -50.30 -5.75
CA LEU S 205 43.20 -48.88 -5.57
C LEU S 205 44.51 -48.62 -6.28
N ASP S 206 44.42 -48.05 -7.47
CA ASP S 206 45.57 -47.81 -8.34
C ASP S 206 46.11 -46.42 -8.03
N ALA S 207 47.22 -46.38 -7.30
CA ALA S 207 47.77 -45.08 -6.91
C ALA S 207 48.23 -44.24 -8.10
N ASN S 208 48.23 -44.81 -9.30
CA ASN S 208 48.65 -44.09 -10.49
C ASN S 208 47.50 -43.51 -11.28
N ARG S 209 46.26 -43.61 -10.77
CA ARG S 209 45.12 -42.95 -11.39
C ARG S 209 45.05 -41.50 -10.93
N PRO S 210 44.67 -40.57 -11.82
CA PRO S 210 44.72 -39.15 -11.44
C PRO S 210 43.77 -38.77 -10.32
N ARG S 211 42.52 -39.25 -10.34
CA ARG S 211 41.56 -38.90 -9.29
C ARG S 211 40.97 -40.14 -8.62
N ARG S 212 40.05 -40.85 -9.26
CA ARG S 212 39.39 -42.00 -8.63
C ARG S 212 40.27 -43.24 -8.79
N ALA S 213 40.82 -43.73 -7.67
CA ALA S 213 41.79 -44.82 -7.75
C ALA S 213 41.15 -46.19 -7.92
N PHE S 214 39.88 -46.32 -7.59
CA PHE S 214 39.21 -47.61 -7.59
C PHE S 214 38.89 -48.05 -9.02
N ARG S 215 39.40 -49.22 -9.41
CA ARG S 215 38.98 -49.82 -10.67
C ARG S 215 38.93 -51.34 -10.52
N ARG S 216 37.97 -51.95 -11.19
CA ARG S 216 37.78 -53.39 -11.13
C ARG S 216 38.56 -54.09 -12.24
N ILE S 217 38.93 -55.33 -11.97
CA ILE S 217 39.62 -56.18 -12.93
C ILE S 217 38.69 -57.36 -13.18
N THR S 218 38.11 -57.41 -14.39
CA THR S 218 37.03 -58.32 -14.71
C THR S 218 37.31 -59.09 -15.99
N GLY S 219 36.82 -60.32 -16.02
CA GLY S 219 36.70 -61.07 -17.26
C GLY S 219 38.02 -61.43 -17.91
N SER S 220 38.09 -61.18 -19.21
CA SER S 220 39.26 -61.58 -19.99
C SER S 220 40.53 -60.91 -19.44
N ALA S 221 40.43 -59.66 -19.01
CA ALA S 221 41.58 -59.00 -18.41
C ALA S 221 42.05 -59.76 -17.17
N LEU S 222 41.13 -60.08 -16.27
CA LEU S 222 41.50 -60.79 -15.06
C LEU S 222 42.07 -62.16 -15.39
N GLN S 223 41.51 -62.83 -16.41
CA GLN S 223 42.08 -64.09 -16.89
C GLN S 223 43.53 -63.89 -17.32
N ALA S 224 43.79 -62.85 -18.11
CA ALA S 224 45.17 -62.54 -18.50
C ALA S 224 46.06 -62.36 -17.28
N LEU S 225 45.50 -61.87 -16.18
CA LEU S 225 46.27 -61.74 -14.95
C LEU S 225 46.42 -63.06 -14.20
N LEU S 226 45.58 -64.06 -14.48
CA LEU S 226 45.66 -65.34 -13.79
C LEU S 226 46.49 -66.39 -14.53
N VAL S 227 46.60 -66.28 -15.85
CA VAL S 227 47.43 -67.20 -16.64
C VAL S 227 48.59 -66.43 -17.24
N ASP S 228 49.09 -66.88 -18.39
CA ASP S 228 50.14 -66.16 -19.10
C ASP S 228 49.87 -66.15 -20.60
N MET T 1 19.23 -56.69 40.11
CA MET T 1 19.66 -55.31 40.34
C MET T 1 21.12 -55.24 40.81
N GLU T 2 21.39 -55.77 42.00
CA GLU T 2 22.77 -55.73 42.51
C GLU T 2 23.70 -56.56 41.66
N GLN T 3 23.27 -57.76 41.25
CA GLN T 3 24.10 -58.60 40.41
C GLN T 3 24.25 -58.03 39.01
N ALA T 4 23.23 -57.35 38.50
CA ALA T 4 23.36 -56.69 37.20
C ALA T 4 24.47 -55.65 37.21
N MET T 5 24.53 -54.83 38.27
CA MET T 5 25.57 -53.81 38.36
C MET T 5 26.93 -54.44 38.64
N ARG T 6 26.94 -55.57 39.36
CA ARG T 6 28.18 -56.31 39.53
C ARG T 6 28.71 -56.82 38.20
N GLU T 7 27.80 -57.29 37.33
CA GLU T 7 28.23 -57.79 36.03
C GLU T 7 28.72 -56.67 35.13
N ARG T 8 28.01 -55.53 35.12
CA ARG T 8 28.49 -54.38 34.37
C ARG T 8 29.87 -53.94 34.84
N SER T 9 30.04 -53.83 36.16
CA SER T 9 31.35 -53.46 36.70
C SER T 9 32.42 -54.46 36.29
N GLU T 10 32.08 -55.75 36.27
CA GLU T 10 33.08 -56.76 35.95
C GLU T 10 33.43 -56.73 34.46
N LEU T 11 32.44 -56.53 33.60
CA LEU T 11 32.70 -56.41 32.16
C LEU T 11 33.60 -55.21 31.88
N ALA T 12 33.30 -54.07 32.49
CA ALA T 12 34.13 -52.90 32.29
C ALA T 12 35.54 -53.11 32.83
N ARG T 13 35.64 -53.66 34.06
CA ARG T 13 36.95 -53.86 34.66
C ARG T 13 37.79 -54.79 33.79
N LYS T 14 37.20 -55.90 33.33
CA LYS T 14 37.90 -56.84 32.46
C LYS T 14 38.32 -56.16 31.17
N GLY T 15 37.44 -55.36 30.58
CA GLY T 15 37.80 -54.65 29.36
C GLY T 15 39.01 -53.77 29.55
N ILE T 16 39.07 -53.05 30.67
CA ILE T 16 40.21 -52.16 30.92
C ILE T 16 41.47 -52.96 31.23
N ALA T 17 41.33 -54.08 31.95
CA ALA T 17 42.49 -54.87 32.33
C ALA T 17 43.18 -55.49 31.10
N ARG T 18 42.44 -55.72 30.03
CA ARG T 18 42.95 -56.35 28.82
C ARG T 18 43.49 -55.35 27.81
N ALA T 19 43.59 -54.09 28.18
CA ALA T 19 44.05 -53.05 27.27
C ALA T 19 45.46 -52.62 27.63
N LYS T 20 46.12 -51.98 26.67
CA LYS T 20 47.44 -51.41 26.90
C LYS T 20 47.37 -50.34 27.98
N SER T 21 48.51 -50.03 28.57
CA SER T 21 48.54 -49.13 29.71
C SER T 21 48.99 -47.73 29.33
N VAL T 22 48.61 -46.76 30.17
CA VAL T 22 48.86 -45.34 29.93
C VAL T 22 49.22 -44.68 31.25
N VAL T 23 50.22 -43.80 31.22
CA VAL T 23 50.62 -43.03 32.40
C VAL T 23 50.63 -41.55 32.04
N ALA T 24 50.23 -40.72 32.99
CA ALA T 24 50.36 -39.27 32.88
C ALA T 24 50.90 -38.76 34.20
N LEU T 25 52.01 -38.03 34.16
CA LEU T 25 52.62 -37.59 35.40
C LEU T 25 53.05 -36.13 35.28
N ALA T 26 52.99 -35.42 36.39
CA ALA T 26 53.38 -34.03 36.42
C ALA T 26 54.89 -33.89 36.46
N TYR T 27 55.44 -33.02 35.61
CA TYR T 27 56.88 -32.74 35.61
C TYR T 27 57.09 -31.23 35.58
N ALA T 28 58.36 -30.83 35.62
CA ALA T 28 58.71 -29.41 35.80
C ALA T 28 58.13 -28.53 34.70
N GLY T 29 57.97 -29.08 33.51
CA GLY T 29 57.45 -28.33 32.38
C GLY T 29 55.97 -28.46 32.15
N GLY T 30 55.26 -29.21 32.99
CA GLY T 30 53.84 -29.39 32.79
C GLY T 30 53.36 -30.80 33.07
N VAL T 31 52.72 -31.46 32.10
CA VAL T 31 52.22 -32.82 32.29
C VAL T 31 52.70 -33.68 31.13
N LEU T 32 53.06 -34.92 31.45
CA LEU T 32 53.55 -35.87 30.45
C LEU T 32 52.59 -37.04 30.30
N PHE T 33 52.25 -37.33 29.05
CA PHE T 33 51.44 -38.48 28.66
C PHE T 33 52.33 -39.47 27.91
N VAL T 34 52.36 -40.70 28.40
CA VAL T 34 53.09 -41.80 27.77
C VAL T 34 52.15 -42.99 27.71
N ALA T 35 51.96 -43.53 26.50
CA ALA T 35 51.00 -44.59 26.26
C ALA T 35 51.62 -45.70 25.43
N GLU T 36 51.35 -46.94 25.81
CA GLU T 36 51.69 -48.07 24.95
C GLU T 36 50.77 -48.05 23.73
N ASN T 37 51.34 -47.84 22.56
CA ASN T 37 50.51 -47.73 21.37
C ASN T 37 51.28 -48.08 20.12
N PRO T 38 51.08 -49.28 19.56
CA PRO T 38 51.81 -49.66 18.35
C PRO T 38 51.31 -48.95 17.12
N SER T 39 50.10 -48.38 17.16
CA SER T 39 49.46 -47.91 15.93
C SER T 39 50.20 -46.71 15.35
N ARG T 40 50.15 -46.64 14.02
CA ARG T 40 50.73 -45.53 13.28
C ARG T 40 49.86 -44.28 13.34
N SER T 41 48.54 -44.43 13.49
CA SER T 41 47.64 -43.30 13.31
C SER T 41 46.46 -43.24 14.27
N LEU T 42 46.22 -44.24 15.10
CA LEU T 42 45.11 -44.20 16.05
C LEU T 42 45.63 -43.77 17.41
N GLN T 43 45.05 -42.71 17.97
CA GLN T 43 45.63 -42.01 19.11
C GLN T 43 44.77 -42.18 20.37
N LYS T 44 45.44 -42.41 21.49
CA LYS T 44 44.83 -42.53 22.81
C LYS T 44 45.01 -41.29 23.67
N ILE T 45 45.85 -40.35 23.24
CA ILE T 45 46.12 -39.11 23.96
C ILE T 45 45.72 -37.96 23.04
N SER T 46 45.06 -36.95 23.60
CA SER T 46 44.52 -35.91 22.74
C SER T 46 44.47 -34.57 23.46
N GLU T 47 44.46 -33.51 22.66
CA GLU T 47 44.20 -32.17 23.15
C GLU T 47 42.71 -32.02 23.38
N LEU T 48 42.32 -31.45 24.53
CA LEU T 48 40.93 -31.06 24.74
C LEU T 48 40.72 -29.57 24.57
N TYR T 49 41.50 -28.76 25.28
CA TYR T 49 41.40 -27.32 25.18
C TYR T 49 42.79 -26.74 25.44
N ASP T 50 42.88 -25.40 25.41
CA ASP T 50 44.15 -24.69 25.45
C ASP T 50 45.17 -25.32 26.41
N ARG T 51 44.78 -25.49 27.67
CA ARG T 51 45.67 -26.05 28.69
C ARG T 51 45.14 -27.38 29.22
N VAL T 52 44.22 -28.04 28.52
CA VAL T 52 43.58 -29.25 29.02
C VAL T 52 43.81 -30.39 28.04
N GLY T 53 44.36 -31.49 28.54
CA GLY T 53 44.63 -32.67 27.74
C GLY T 53 43.92 -33.91 28.23
N PHE T 54 43.88 -34.93 27.38
CA PHE T 54 43.04 -36.10 27.55
C PHE T 54 43.84 -37.36 27.26
N ALA T 55 43.65 -38.38 28.10
CA ALA T 55 44.27 -39.67 27.85
C ALA T 55 43.30 -40.78 28.26
N ALA T 56 43.34 -41.90 27.56
CA ALA T 56 42.32 -42.90 27.79
C ALA T 56 42.89 -44.30 27.62
N ALA T 57 42.25 -45.26 28.30
CA ALA T 57 42.55 -46.67 28.15
C ALA T 57 41.25 -47.44 27.93
N GLY T 58 41.33 -48.49 27.11
CA GLY T 58 40.20 -49.38 26.90
C GLY T 58 39.81 -49.47 25.43
N LYS T 59 38.51 -49.57 25.20
CA LYS T 59 37.99 -49.74 23.85
C LYS T 59 38.10 -48.44 23.06
N PHE T 60 38.72 -48.51 21.87
CA PHE T 60 39.06 -47.28 21.17
C PHE T 60 37.81 -46.47 20.82
N ASN T 61 36.84 -47.10 20.16
CA ASN T 61 35.66 -46.35 19.74
C ASN T 61 34.94 -45.70 20.92
N GLU T 62 35.00 -46.32 22.10
CA GLU T 62 34.29 -45.76 23.23
C GLU T 62 35.01 -44.54 23.80
N PHE T 63 36.30 -44.66 24.10
CA PHE T 63 36.98 -43.49 24.63
C PHE T 63 37.19 -42.42 23.57
N ASP T 64 37.08 -42.78 22.29
CA ASP T 64 37.09 -41.76 21.24
C ASP T 64 35.77 -41.03 21.16
N ASN T 65 34.64 -41.74 21.35
CA ASN T 65 33.37 -41.05 21.56
C ASN T 65 33.47 -40.07 22.70
N LEU T 66 33.97 -40.52 23.86
CA LEU T 66 34.10 -39.63 25.00
C LEU T 66 35.05 -38.48 24.71
N ARG T 67 36.11 -38.73 23.94
CA ARG T 67 37.04 -37.67 23.60
C ARG T 67 36.35 -36.60 22.75
N ARG T 68 35.63 -37.02 21.72
CA ARG T 68 34.92 -36.07 20.86
C ARG T 68 33.89 -35.30 21.65
N GLY T 69 33.15 -35.98 22.53
CA GLY T 69 32.18 -35.29 23.36
C GLY T 69 32.83 -34.26 24.26
N GLY T 70 34.02 -34.59 24.79
CA GLY T 70 34.73 -33.64 25.61
C GLY T 70 35.17 -32.43 24.82
N ILE T 71 35.68 -32.64 23.60
CA ILE T 71 36.04 -31.51 22.76
C ILE T 71 34.82 -30.64 22.49
N GLN T 72 33.67 -31.26 22.20
CA GLN T 72 32.45 -30.50 22.00
C GLN T 72 32.12 -29.65 23.21
N PHE T 73 32.09 -30.28 24.38
CA PHE T 73 31.80 -29.56 25.62
C PHE T 73 32.72 -28.36 25.78
N ALA T 74 34.03 -28.59 25.62
CA ALA T 74 35.01 -27.53 25.84
C ALA T 74 34.82 -26.39 24.85
N ASP T 75 34.74 -26.70 23.55
CA ASP T 75 34.61 -25.65 22.55
C ASP T 75 33.34 -24.85 22.74
N THR T 76 32.23 -25.55 23.04
CA THR T 76 30.96 -24.86 23.25
C THR T 76 31.02 -23.94 24.46
N ARG T 77 31.58 -24.43 25.56
CA ARG T 77 31.63 -23.61 26.76
C ARG T 77 32.52 -22.40 26.56
N GLY T 78 33.68 -22.59 25.95
CA GLY T 78 34.54 -21.46 25.67
C GLY T 78 33.89 -20.43 24.75
N TYR T 79 33.06 -20.90 23.80
CA TYR T 79 32.35 -19.97 22.93
C TYR T 79 31.25 -19.23 23.66
N ALA T 80 30.50 -19.93 24.52
CA ALA T 80 29.37 -19.33 25.22
C ALA T 80 29.81 -18.27 26.20
N TYR T 81 31.01 -18.42 26.79
CA TYR T 81 31.55 -17.42 27.70
C TYR T 81 32.91 -16.91 27.23
N ASP T 82 33.99 -17.55 27.71
CA ASP T 82 35.32 -17.22 27.25
C ASP T 82 36.22 -18.43 27.44
N ARG T 83 37.31 -18.44 26.67
CA ARG T 83 38.22 -19.57 26.71
C ARG T 83 38.83 -19.77 28.08
N ARG T 84 39.09 -18.67 28.81
CA ARG T 84 39.66 -18.74 30.14
C ARG T 84 38.69 -19.32 31.17
N ASP T 85 37.41 -19.48 30.84
CA ASP T 85 36.45 -20.11 31.74
C ASP T 85 36.45 -21.63 31.64
N VAL T 86 37.06 -22.21 30.61
CA VAL T 86 37.13 -23.66 30.49
C VAL T 86 38.25 -24.17 31.38
N THR T 87 37.91 -25.10 32.28
CA THR T 87 38.85 -25.63 33.26
C THR T 87 38.88 -27.15 33.19
N GLY T 88 39.99 -27.71 33.69
CA GLY T 88 40.10 -29.17 33.77
C GLY T 88 39.06 -29.77 34.69
N ARG T 89 38.81 -29.13 35.83
CA ARG T 89 37.79 -29.65 36.73
C ARG T 89 36.45 -29.77 36.02
N GLN T 90 36.15 -28.84 35.12
CA GLN T 90 34.86 -28.88 34.43
C GLN T 90 34.75 -30.11 33.55
N LEU T 91 35.76 -30.34 32.72
CA LEU T 91 35.76 -31.48 31.82
C LEU T 91 35.78 -32.79 32.60
N ALA T 92 36.56 -32.85 33.68
CA ALA T 92 36.55 -34.04 34.51
C ALA T 92 35.17 -34.30 35.09
N ASN T 93 34.46 -33.23 35.48
CA ASN T 93 33.13 -33.39 36.05
C ASN T 93 32.14 -33.91 35.00
N VAL T 94 32.14 -33.34 33.79
CA VAL T 94 31.21 -33.85 32.78
C VAL T 94 31.57 -35.26 32.38
N TYR T 95 32.85 -35.62 32.42
CA TYR T 95 33.19 -37.02 32.17
C TYR T 95 32.64 -37.91 33.27
N ALA T 96 32.69 -37.45 34.52
CA ALA T 96 32.12 -38.22 35.62
C ALA T 96 30.63 -38.44 35.42
N GLN T 97 29.89 -37.36 35.15
CA GLN T 97 28.45 -37.48 34.91
C GLN T 97 28.16 -38.38 33.71
N THR T 98 28.90 -38.18 32.62
CA THR T 98 28.64 -38.90 31.38
C THR T 98 28.89 -40.38 31.53
N LEU T 99 30.04 -40.74 32.09
CA LEU T 99 30.35 -42.15 32.29
C LEU T 99 29.43 -42.77 33.31
N GLY T 100 28.93 -41.98 34.27
CA GLY T 100 27.91 -42.49 35.17
C GLY T 100 26.65 -42.88 34.42
N THR T 101 26.16 -41.98 33.57
CA THR T 101 24.96 -42.28 32.79
C THR T 101 25.17 -43.48 31.89
N ILE T 102 26.32 -43.55 31.22
CA ILE T 102 26.62 -44.70 30.36
C ILE T 102 26.61 -45.98 31.19
N PHE T 103 27.27 -45.95 32.35
CA PHE T 103 27.37 -47.14 33.19
C PHE T 103 25.99 -47.64 33.61
N THR T 104 25.07 -46.73 33.94
CA THR T 104 23.79 -47.16 34.48
C THR T 104 22.72 -47.39 33.43
N GLU T 105 22.79 -46.73 32.28
CA GLU T 105 21.67 -46.70 31.35
C GLU T 105 21.97 -47.18 29.94
N GLN T 106 23.23 -47.22 29.52
CA GLN T 106 23.57 -47.63 28.17
C GLN T 106 23.43 -49.14 28.03
N ALA T 107 23.32 -49.60 26.78
CA ALA T 107 23.14 -51.03 26.53
C ALA T 107 24.25 -51.86 27.17
N LYS T 108 25.50 -51.41 27.00
CA LYS T 108 26.68 -51.99 27.60
C LYS T 108 27.53 -50.87 28.19
N PRO T 109 28.07 -51.04 29.39
CA PRO T 109 28.95 -50.02 29.94
C PRO T 109 30.20 -49.82 29.09
N TYR T 110 30.76 -48.62 29.16
CA TYR T 110 31.97 -48.32 28.40
C TYR T 110 33.18 -48.92 29.10
N GLU T 111 33.99 -49.66 28.34
CA GLU T 111 35.22 -50.24 28.89
C GLU T 111 36.35 -49.23 28.70
N VAL T 112 36.27 -48.15 29.47
CA VAL T 112 37.22 -47.04 29.32
C VAL T 112 37.63 -46.55 30.69
N GLU T 113 38.81 -45.94 30.74
CA GLU T 113 39.28 -45.18 31.89
C GLU T 113 39.90 -43.90 31.34
N LEU T 114 39.55 -42.77 31.94
CA LEU T 114 39.88 -41.46 31.40
C LEU T 114 40.78 -40.70 32.37
N CYS T 115 41.63 -39.86 31.79
CA CYS T 115 42.46 -38.93 32.54
C CYS T 115 42.35 -37.55 31.90
N VAL T 116 42.01 -36.56 32.71
CA VAL T 116 41.95 -35.16 32.29
C VAL T 116 43.05 -34.42 33.03
N ALA T 117 43.89 -33.70 32.27
CA ALA T 117 45.02 -32.99 32.85
C ALA T 117 44.96 -31.52 32.49
N GLU T 118 45.40 -30.66 33.41
CA GLU T 118 45.45 -29.23 33.13
C GLU T 118 46.75 -28.65 33.69
N VAL T 119 47.44 -27.85 32.87
CA VAL T 119 48.61 -27.10 33.32
C VAL T 119 48.25 -25.62 33.41
N ALA T 120 49.15 -24.84 34.00
CA ALA T 120 48.90 -23.42 34.18
C ALA T 120 48.90 -22.69 32.85
N HIS T 121 48.22 -21.54 32.83
CA HIS T 121 48.27 -20.66 31.68
C HIS T 121 49.64 -19.98 31.59
N TYR T 122 49.99 -19.50 30.40
CA TYR T 122 51.32 -18.93 30.18
C TYR T 122 51.61 -17.83 31.19
N GLY T 123 52.77 -17.93 31.84
CA GLY T 123 53.23 -16.94 32.79
C GLY T 123 52.67 -17.08 34.19
N GLU T 124 51.73 -17.98 34.41
CA GLU T 124 51.14 -18.16 35.73
C GLU T 124 51.76 -19.36 36.43
N THR T 125 51.88 -19.24 37.75
CA THR T 125 52.42 -20.31 38.59
C THR T 125 51.25 -21.09 39.16
N LYS T 126 51.06 -22.31 38.67
CA LYS T 126 50.01 -23.20 39.15
C LYS T 126 50.47 -24.64 39.00
N ARG T 127 50.32 -25.42 40.07
CA ARG T 127 50.70 -26.82 40.01
C ARG T 127 49.73 -27.58 39.09
N PRO T 128 50.24 -28.46 38.23
CA PRO T 128 49.35 -29.19 37.32
C PRO T 128 48.31 -29.99 38.08
N GLU T 129 47.18 -30.25 37.41
CA GLU T 129 46.08 -31.01 37.99
C GLU T 129 45.80 -32.24 37.14
N LEU T 130 45.66 -33.39 37.80
CA LEU T 130 45.35 -34.65 37.13
C LEU T 130 44.09 -35.22 37.74
N TYR T 131 43.18 -35.67 36.88
CA TYR T 131 41.91 -36.29 37.26
C TYR T 131 41.76 -37.64 36.58
N ARG T 132 41.29 -38.62 37.35
CA ARG T 132 41.00 -39.96 36.85
C ARG T 132 39.49 -40.18 36.92
N ILE T 133 38.89 -40.54 35.80
CA ILE T 133 37.46 -40.87 35.75
C ILE T 133 37.35 -42.32 35.30
N THR T 134 36.73 -43.14 36.13
CA THR T 134 36.63 -44.56 35.86
C THR T 134 35.30 -44.88 35.18
N TYR T 135 35.12 -46.15 34.83
CA TYR T 135 34.03 -46.55 33.93
C TYR T 135 32.64 -46.28 34.51
N ASP T 136 32.51 -46.17 35.82
CA ASP T 136 31.22 -45.95 36.46
C ASP T 136 30.98 -44.49 36.85
N GLY T 137 31.87 -43.58 36.44
CA GLY T 137 31.75 -42.18 36.78
C GLY T 137 32.45 -41.76 38.05
N SER T 138 33.15 -42.68 38.73
CA SER T 138 33.93 -42.31 39.90
C SER T 138 35.07 -41.39 39.48
N ILE T 139 35.33 -40.38 40.29
CA ILE T 139 36.28 -39.34 39.93
C ILE T 139 37.31 -39.20 41.05
N ALA T 140 38.57 -39.04 40.65
CA ALA T 140 39.71 -39.01 41.56
C ALA T 140 40.62 -37.85 41.23
N ASP T 141 41.06 -37.17 42.28
CA ASP T 141 41.95 -36.02 42.20
C ASP T 141 43.36 -36.50 42.54
N GLU T 142 44.23 -36.63 41.53
CA GLU T 142 45.55 -37.14 41.90
C GLU T 142 46.63 -36.08 41.71
N PRO T 143 47.67 -36.09 42.56
CA PRO T 143 48.60 -34.95 42.60
C PRO T 143 49.86 -35.14 41.77
N HIS T 144 50.29 -36.38 41.59
CA HIS T 144 51.59 -36.62 40.97
C HIS T 144 51.49 -37.40 39.66
N PHE T 145 50.77 -38.51 39.64
CA PHE T 145 50.71 -39.34 38.44
C PHE T 145 49.41 -40.14 38.41
N VAL T 146 49.07 -40.60 37.20
CA VAL T 146 47.90 -41.42 36.94
C VAL T 146 48.32 -42.59 36.07
N VAL T 147 47.84 -43.77 36.43
CA VAL T 147 48.09 -45.01 35.70
C VAL T 147 46.74 -45.62 35.33
N MET T 148 46.59 -46.02 34.06
CA MET T 148 45.33 -46.52 33.56
C MET T 148 45.53 -47.70 32.63
N GLY T 149 44.69 -48.72 32.77
CA GLY T 149 44.71 -49.80 31.80
C GLY T 149 45.72 -50.87 32.12
N GLY T 150 45.38 -52.10 31.73
CA GLY T 150 46.26 -53.24 31.96
C GLY T 150 46.42 -53.56 33.43
N THR T 151 47.58 -54.13 33.76
CA THR T 151 47.93 -54.45 35.15
C THR T 151 48.58 -53.22 35.76
N THR T 152 47.80 -52.48 36.55
CA THR T 152 48.21 -51.16 37.01
C THR T 152 49.10 -51.20 38.25
N GLU T 153 48.96 -52.21 39.12
CA GLU T 153 49.71 -52.22 40.38
C GLU T 153 51.21 -52.16 40.18
N PRO T 154 51.84 -52.96 39.30
CA PRO T 154 53.30 -52.83 39.14
C PRO T 154 53.75 -51.46 38.65
N ILE T 155 53.02 -50.85 37.72
CA ILE T 155 53.39 -49.55 37.18
C ILE T 155 53.25 -48.47 38.25
N ALA T 156 52.14 -48.50 38.98
CA ALA T 156 51.94 -47.56 40.07
C ALA T 156 53.05 -47.70 41.12
N ASN T 157 53.43 -48.94 41.46
CA ASN T 157 54.47 -49.14 42.45
C ASN T 157 55.83 -48.65 41.95
N ALA T 158 56.17 -48.92 40.69
CA ALA T 158 57.42 -48.38 40.15
C ALA T 158 57.44 -46.86 40.23
N LEU T 159 56.32 -46.21 39.88
CA LEU T 159 56.29 -44.76 39.95
C LEU T 159 56.34 -44.26 41.38
N LYS T 160 55.70 -44.96 42.31
CA LYS T 160 55.82 -44.61 43.72
C LYS T 160 57.27 -44.72 44.19
N GLU T 161 58.00 -45.69 43.66
CA GLU T 161 59.41 -45.85 44.01
C GLU T 161 60.26 -44.71 43.48
N SER T 162 60.00 -44.26 42.26
CA SER T 162 60.98 -43.46 41.52
C SER T 162 60.51 -42.06 41.15
N TYR T 163 59.35 -41.60 41.60
CA TYR T 163 58.83 -40.32 41.15
C TYR T 163 59.34 -39.18 42.02
N ALA T 164 59.87 -38.15 41.38
CA ALA T 164 60.26 -36.91 42.03
C ALA T 164 59.55 -35.73 41.39
N GLU T 165 58.98 -34.86 42.22
CA GLU T 165 58.37 -33.62 41.76
C GLU T 165 59.38 -32.75 41.02
N ASN T 166 59.03 -32.36 39.79
CA ASN T 166 59.76 -31.36 39.01
C ASN T 166 60.91 -32.01 38.27
N ALA T 167 60.78 -33.30 37.95
CA ALA T 167 61.78 -33.94 37.11
C ALA T 167 61.81 -33.26 35.75
N SER T 168 62.94 -33.40 35.06
CA SER T 168 63.02 -32.84 33.72
C SER T 168 62.19 -33.70 32.77
N LEU T 169 62.05 -33.20 31.53
CA LEU T 169 61.27 -33.93 30.54
C LEU T 169 61.91 -35.27 30.21
N THR T 170 63.23 -35.28 30.01
CA THR T 170 63.92 -36.53 29.71
C THR T 170 63.81 -37.51 30.87
N ASP T 171 64.02 -37.02 32.09
CA ASP T 171 63.94 -37.88 33.27
C ASP T 171 62.53 -38.44 33.43
N ALA T 172 61.51 -37.58 33.33
CA ALA T 172 60.13 -38.03 33.49
C ALA T 172 59.74 -39.03 32.40
N LEU T 173 60.22 -38.81 31.18
CA LEU T 173 59.93 -39.76 30.11
C LEU T 173 60.54 -41.12 30.41
N ARG T 174 61.85 -41.16 30.69
CA ARG T 174 62.49 -42.45 30.89
C ARG T 174 61.95 -43.17 32.12
N ILE T 175 61.63 -42.43 33.18
CA ILE T 175 61.00 -43.07 34.34
C ILE T 175 59.61 -43.59 33.96
N ALA T 176 58.91 -42.89 33.07
CA ALA T 176 57.58 -43.32 32.67
C ALA T 176 57.65 -44.63 31.88
N VAL T 177 58.57 -44.70 30.92
CA VAL T 177 58.75 -45.94 30.16
C VAL T 177 59.24 -47.06 31.06
N ALA T 178 60.07 -46.73 32.06
CA ALA T 178 60.50 -47.73 33.04
C ALA T 178 59.30 -48.31 33.78
N ALA T 179 58.40 -47.45 34.28
CA ALA T 179 57.22 -47.93 34.99
C ALA T 179 56.30 -48.73 34.06
N LEU T 180 56.15 -48.29 32.81
CA LEU T 180 55.30 -49.00 31.87
C LEU T 180 55.86 -50.37 31.54
N ARG T 181 57.20 -50.49 31.51
CA ARG T 181 57.84 -51.78 31.29
C ARG T 181 57.33 -52.83 32.26
N ALA T 182 57.35 -52.52 33.57
CA ALA T 182 56.92 -53.39 34.65
C ALA T 182 55.46 -53.86 34.52
N GLY T 183 54.66 -53.60 33.48
CA GLY T 183 53.31 -54.12 33.40
C GLY T 183 53.03 -54.72 32.03
N THR T 194 63.45 -52.49 24.33
CA THR T 194 62.00 -52.63 24.38
C THR T 194 61.32 -51.28 24.63
N LEU T 195 60.05 -51.19 24.25
CA LEU T 195 59.25 -49.97 24.37
C LEU T 195 59.96 -48.79 23.69
N GLY T 196 60.00 -48.87 22.36
CA GLY T 196 60.68 -47.90 21.54
C GLY T 196 59.75 -46.86 20.96
N VAL T 197 60.24 -46.18 19.91
CA VAL T 197 59.46 -45.14 19.28
C VAL T 197 58.22 -45.71 18.60
N ALA T 198 58.35 -46.88 17.95
CA ALA T 198 57.25 -47.48 17.21
C ALA T 198 56.33 -48.32 18.09
N SER T 199 56.40 -48.14 19.41
CA SER T 199 55.43 -48.75 20.32
C SER T 199 54.89 -47.77 21.34
N LEU T 200 55.29 -46.50 21.28
CA LEU T 200 54.86 -45.48 22.23
C LEU T 200 54.13 -44.34 21.54
N GLU T 201 53.19 -43.76 22.27
CA GLU T 201 52.58 -42.47 21.95
C GLU T 201 52.87 -41.50 23.08
N VAL T 202 53.56 -40.40 22.78
CA VAL T 202 54.00 -39.46 23.81
C VAL T 202 53.53 -38.06 23.46
N ALA T 203 53.05 -37.34 24.48
CA ALA T 203 52.64 -35.95 24.32
C ALA T 203 52.79 -35.25 25.67
N VAL T 204 52.81 -33.92 25.63
CA VAL T 204 52.98 -33.12 26.83
C VAL T 204 52.02 -31.94 26.81
N LEU T 205 51.54 -31.57 27.99
CA LEU T 205 50.98 -30.24 28.21
C LEU T 205 52.12 -29.37 28.70
N ASP T 206 52.65 -28.56 27.78
CA ASP T 206 53.81 -27.71 28.04
C ASP T 206 53.29 -26.36 28.52
N ALA T 207 53.34 -26.14 29.84
CA ALA T 207 52.85 -24.91 30.45
C ALA T 207 53.66 -23.69 30.04
N ASN T 208 54.76 -23.87 29.33
CA ASN T 208 55.60 -22.76 28.91
C ASN T 208 55.29 -22.30 27.50
N ARG T 209 54.29 -22.93 26.82
CA ARG T 209 53.84 -22.41 25.54
C ARG T 209 52.72 -21.38 25.73
N PRO T 210 52.60 -20.41 24.82
CA PRO T 210 51.72 -19.28 25.12
C PRO T 210 50.24 -19.64 25.21
N ARG T 211 49.68 -20.32 24.21
CA ARG T 211 48.25 -20.64 24.26
C ARG T 211 47.98 -22.13 24.32
N ARG T 212 48.04 -22.81 23.17
CA ARG T 212 47.76 -24.23 23.11
C ARG T 212 48.96 -25.00 23.67
N ALA T 213 48.77 -25.65 24.82
CA ALA T 213 49.86 -26.32 25.52
C ALA T 213 50.17 -27.72 24.99
N PHE T 214 49.25 -28.33 24.25
CA PHE T 214 49.39 -29.72 23.85
C PHE T 214 50.40 -29.87 22.71
N ARG T 215 51.47 -30.62 22.98
CA ARG T 215 52.49 -30.99 22.01
C ARG T 215 52.57 -32.51 21.93
N ARG T 216 52.98 -33.01 20.78
CA ARG T 216 53.37 -34.41 20.64
C ARG T 216 54.88 -34.53 20.48
N ILE T 217 55.42 -35.65 20.94
CA ILE T 217 56.84 -35.96 20.82
C ILE T 217 56.94 -37.23 19.98
N THR T 218 57.41 -37.08 18.74
CA THR T 218 57.33 -38.15 17.76
C THR T 218 58.68 -38.35 17.09
N GLY T 219 58.95 -39.60 16.72
CA GLY T 219 60.02 -39.89 15.79
C GLY T 219 61.39 -39.57 16.33
N SER T 220 62.17 -38.83 15.53
CA SER T 220 63.56 -38.56 15.86
C SER T 220 63.68 -37.81 17.20
N ALA T 221 62.80 -36.85 17.45
CA ALA T 221 62.81 -36.14 18.72
C ALA T 221 62.59 -37.10 19.89
N LEU T 222 61.59 -37.96 19.79
CA LEU T 222 61.28 -38.89 20.86
C LEU T 222 62.45 -39.86 21.08
N GLN T 223 63.08 -40.29 19.99
CA GLN T 223 64.32 -41.06 20.10
C GLN T 223 65.37 -40.29 20.89
N ALA T 224 65.54 -39.01 20.56
CA ALA T 224 66.56 -38.19 21.22
C ALA T 224 66.29 -38.06 22.71
N LEU T 225 65.03 -38.06 23.12
CA LEU T 225 64.76 -38.01 24.56
C LEU T 225 64.89 -39.36 25.24
N LEU T 226 64.54 -40.45 24.55
CA LEU T 226 64.55 -41.76 25.21
C LEU T 226 65.96 -42.15 25.68
N VAL T 227 66.99 -41.69 24.97
CA VAL T 227 68.36 -41.96 25.38
C VAL T 227 68.74 -41.09 26.57
N MET U 1 8.09 -57.44 43.14
CA MET U 1 7.92 -56.04 43.49
C MET U 1 8.78 -55.67 44.70
N GLU U 2 8.43 -56.20 45.87
CA GLU U 2 9.19 -55.85 47.07
C GLU U 2 10.60 -56.44 47.05
N GLN U 3 10.84 -57.48 46.24
CA GLN U 3 12.20 -57.92 46.00
C GLN U 3 12.99 -56.84 45.25
N ALA U 4 12.38 -56.25 44.22
CA ALA U 4 13.05 -55.20 43.45
C ALA U 4 13.34 -53.97 44.30
N MET U 5 12.34 -53.53 45.09
CA MET U 5 12.54 -52.35 45.91
C MET U 5 13.49 -52.62 47.08
N ARG U 6 13.45 -53.82 47.63
CA ARG U 6 14.39 -54.17 48.69
C ARG U 6 15.81 -54.23 48.17
N GLU U 7 16.00 -54.72 46.93
CA GLU U 7 17.34 -54.75 46.36
C GLU U 7 17.82 -53.35 46.00
N ARG U 8 16.93 -52.49 45.50
CA ARG U 8 17.32 -51.10 45.25
C ARG U 8 17.74 -50.42 46.55
N SER U 9 16.92 -50.57 47.60
CA SER U 9 17.27 -50.00 48.88
C SER U 9 18.60 -50.54 49.36
N GLU U 10 18.88 -51.82 49.10
CA GLU U 10 20.14 -52.39 49.57
C GLU U 10 21.33 -51.84 48.78
N LEU U 11 21.19 -51.69 47.47
CA LEU U 11 22.27 -51.13 46.66
C LEU U 11 22.58 -49.70 47.09
N ALA U 12 21.53 -48.89 47.29
CA ALA U 12 21.73 -47.52 47.70
C ALA U 12 22.34 -47.44 49.10
N ARG U 13 21.80 -48.21 50.04
CA ARG U 13 22.27 -48.17 51.42
C ARG U 13 23.74 -48.58 51.50
N LYS U 14 24.09 -49.70 50.86
CA LYS U 14 25.48 -50.14 50.85
C LYS U 14 26.37 -49.11 50.16
N GLY U 15 25.88 -48.51 49.07
CA GLY U 15 26.65 -47.47 48.42
C GLY U 15 26.96 -46.30 49.35
N ILE U 16 25.98 -45.88 50.14
CA ILE U 16 26.20 -44.76 51.07
C ILE U 16 27.11 -45.18 52.21
N ALA U 17 26.96 -46.42 52.70
CA ALA U 17 27.76 -46.90 53.82
C ALA U 17 29.24 -46.98 53.49
N ARG U 18 29.57 -47.22 52.22
CA ARG U 18 30.96 -47.22 51.77
C ARG U 18 31.52 -45.81 51.62
N ALA U 19 30.67 -44.79 51.56
CA ALA U 19 31.11 -43.42 51.35
C ALA U 19 31.56 -42.76 52.65
N LYS U 20 32.30 -41.65 52.51
CA LYS U 20 32.81 -40.91 53.66
C LYS U 20 31.74 -40.01 54.24
N SER U 21 31.93 -39.60 55.50
CA SER U 21 30.86 -39.07 56.32
C SER U 21 30.79 -37.54 56.29
N VAL U 22 29.60 -37.03 56.61
CA VAL U 22 29.28 -35.61 56.57
C VAL U 22 28.41 -35.29 57.77
N VAL U 23 28.67 -34.14 58.39
CA VAL U 23 27.91 -33.67 59.55
C VAL U 23 27.45 -32.24 59.29
N ALA U 24 26.25 -31.91 59.76
CA ALA U 24 25.71 -30.55 59.75
C ALA U 24 25.13 -30.26 61.12
N LEU U 25 25.52 -29.12 61.71
CA LEU U 25 25.14 -28.77 63.08
C LEU U 25 24.63 -27.34 63.13
N ALA U 26 23.62 -27.11 63.96
CA ALA U 26 23.15 -25.75 64.17
C ALA U 26 23.98 -25.11 65.28
N TYR U 27 24.50 -23.92 65.05
CA TYR U 27 25.24 -23.26 66.10
C TYR U 27 24.81 -21.80 66.22
N ALA U 28 25.42 -21.11 67.19
CA ALA U 28 24.98 -19.76 67.54
C ALA U 28 24.99 -18.82 66.34
N GLY U 29 25.91 -19.04 65.39
CA GLY U 29 26.03 -18.21 64.22
C GLY U 29 25.31 -18.69 62.98
N GLY U 30 24.60 -19.82 63.04
CA GLY U 30 23.94 -20.34 61.86
C GLY U 30 24.03 -21.84 61.72
N VAL U 31 24.59 -22.33 60.61
CA VAL U 31 24.75 -23.76 60.37
C VAL U 31 26.19 -24.05 59.96
N LEU U 32 26.73 -25.15 60.48
CA LEU U 32 28.09 -25.59 60.22
C LEU U 32 28.05 -26.91 59.46
N PHE U 33 28.76 -26.97 58.34
CA PHE U 33 28.95 -28.18 57.55
C PHE U 33 30.40 -28.62 57.65
N VAL U 34 30.61 -29.86 58.08
CA VAL U 34 31.93 -30.44 58.20
C VAL U 34 31.89 -31.81 57.54
N ALA U 35 32.76 -32.03 56.56
CA ALA U 35 32.75 -33.25 55.78
C ALA U 35 34.16 -33.80 55.64
N GLU U 36 34.30 -35.12 55.82
CA GLU U 36 35.57 -35.76 55.50
C GLU U 36 35.76 -35.77 53.99
N ASN U 37 36.76 -35.04 53.49
CA ASN U 37 36.97 -34.91 52.06
C ASN U 37 38.44 -34.59 51.79
N PRO U 38 39.23 -35.57 51.32
CA PRO U 38 40.65 -35.31 51.06
C PRO U 38 40.92 -34.44 49.84
N SER U 39 39.97 -34.34 48.91
CA SER U 39 40.23 -33.73 47.62
C SER U 39 40.56 -32.24 47.75
N ARG U 40 41.11 -31.71 46.65
CA ARG U 40 41.44 -30.29 46.52
C ARG U 40 40.36 -29.49 45.83
N SER U 41 39.57 -30.12 44.93
CA SER U 41 38.65 -29.38 44.08
C SER U 41 37.29 -30.04 43.89
N LEU U 42 37.05 -31.25 44.40
CA LEU U 42 35.76 -31.91 44.28
C LEU U 42 34.99 -31.70 45.57
N GLN U 43 33.78 -31.14 45.46
CA GLN U 43 33.09 -30.49 46.57
C GLN U 43 31.91 -31.33 47.03
N LYS U 44 31.75 -31.50 48.34
CA LYS U 44 30.57 -32.16 48.89
C LYS U 44 29.59 -31.19 49.54
N ILE U 45 30.02 -29.96 49.83
CA ILE U 45 29.19 -28.96 50.46
C ILE U 45 29.10 -27.78 49.51
N SER U 46 27.92 -27.20 49.37
CA SER U 46 27.75 -26.16 48.37
C SER U 46 26.65 -25.19 48.79
N GLU U 47 26.74 -24.00 48.23
CA GLU U 47 25.67 -23.02 48.34
C GLU U 47 24.53 -23.37 47.39
N LEU U 48 23.29 -23.27 47.88
CA LEU U 48 22.12 -23.37 47.03
C LEU U 48 21.50 -22.03 46.73
N TYR U 49 21.18 -21.26 47.76
CA TYR U 49 20.58 -19.95 47.57
C TYR U 49 21.05 -19.06 48.71
N ASP U 50 20.57 -17.80 48.70
CA ASP U 50 21.03 -16.78 49.63
C ASP U 50 21.26 -17.32 51.03
N ARG U 51 20.25 -17.96 51.62
CA ARG U 51 20.36 -18.48 52.98
C ARG U 51 20.24 -20.01 53.03
N VAL U 52 20.42 -20.71 51.91
CA VAL U 52 20.22 -22.16 51.83
C VAL U 52 21.50 -22.83 51.36
N GLY U 53 21.95 -23.82 52.13
CA GLY U 53 23.14 -24.58 51.81
C GLY U 53 22.81 -26.06 51.67
N PHE U 54 23.78 -26.78 51.07
CA PHE U 54 23.61 -28.15 50.62
C PHE U 54 24.83 -28.97 51.04
N ALA U 55 24.58 -30.18 51.53
CA ALA U 55 25.65 -31.11 51.86
C ALA U 55 25.21 -32.51 51.48
N ALA U 56 26.15 -33.33 51.05
CA ALA U 56 25.77 -34.62 50.49
C ALA U 56 26.82 -35.67 50.81
N ALA U 57 26.38 -36.92 50.86
CA ALA U 57 27.25 -38.07 51.00
C ALA U 57 26.88 -39.11 49.97
N GLY U 58 27.87 -39.84 49.47
CA GLY U 58 27.64 -40.93 48.55
C GLY U 58 28.40 -40.75 47.25
N LYS U 59 27.78 -41.17 46.14
CA LYS U 59 28.44 -41.14 44.85
C LYS U 59 28.48 -39.71 44.33
N PHE U 60 29.69 -39.24 43.98
CA PHE U 60 29.87 -37.82 43.71
C PHE U 60 29.01 -37.35 42.54
N ASN U 61 29.14 -38.01 41.39
CA ASN U 61 28.44 -37.53 40.21
C ASN U 61 26.94 -37.45 40.45
N GLU U 62 26.40 -38.35 41.28
CA GLU U 62 24.96 -38.37 41.50
C GLU U 62 24.53 -37.20 42.37
N PHE U 63 25.19 -36.99 43.52
CA PHE U 63 24.76 -35.86 44.33
C PHE U 63 25.19 -34.53 43.73
N ASP U 64 26.13 -34.55 42.78
CA ASP U 64 26.45 -33.33 42.04
C ASP U 64 25.36 -33.01 41.03
N ASN U 65 24.82 -34.03 40.37
CA ASN U 65 23.59 -33.84 39.60
C ASN U 65 22.51 -33.22 40.47
N LEU U 66 22.29 -33.79 41.66
CA LEU U 66 21.27 -33.24 42.54
C LEU U 66 21.60 -31.82 42.97
N ARG U 67 22.86 -31.52 43.18
CA ARG U 67 23.25 -30.17 43.59
C ARG U 67 22.92 -29.17 42.49
N ARG U 68 23.33 -29.47 41.26
CA ARG U 68 23.03 -28.59 40.14
C ARG U 68 21.53 -28.43 39.93
N GLY U 69 20.78 -29.53 40.05
CA GLY U 69 19.33 -29.43 39.91
C GLY U 69 18.72 -28.53 40.96
N GLY U 70 19.24 -28.62 42.20
CA GLY U 70 18.74 -27.74 43.25
C GLY U 70 19.07 -26.28 42.98
N ILE U 71 20.28 -26.00 42.50
CA ILE U 71 20.63 -24.64 42.14
C ILE U 71 19.69 -24.12 41.05
N GLN U 72 19.48 -24.93 40.00
CA GLN U 72 18.57 -24.55 38.92
C GLN U 72 17.17 -24.26 39.46
N PHE U 73 16.67 -25.12 40.34
CA PHE U 73 15.34 -24.90 40.90
C PHE U 73 15.27 -23.59 41.68
N ALA U 74 16.22 -23.38 42.58
CA ALA U 74 16.18 -22.20 43.43
C ALA U 74 16.26 -20.94 42.59
N ASP U 75 17.24 -20.88 41.68
CA ASP U 75 17.39 -19.68 40.87
C ASP U 75 16.15 -19.42 40.02
N THR U 76 15.56 -20.47 39.44
CA THR U 76 14.36 -20.29 38.63
C THR U 76 13.20 -19.78 39.48
N ARG U 77 12.99 -20.33 40.67
CA ARG U 77 11.91 -19.85 41.53
C ARG U 77 12.14 -18.41 41.96
N GLY U 78 13.36 -18.08 42.37
CA GLY U 78 13.66 -16.73 42.76
C GLY U 78 13.47 -15.71 41.65
N TYR U 79 13.74 -16.11 40.41
CA TYR U 79 13.49 -15.23 39.28
C TYR U 79 12.00 -15.11 39.01
N ALA U 80 11.28 -16.23 39.05
CA ALA U 80 9.86 -16.24 38.69
C ALA U 80 9.01 -15.43 39.67
N TYR U 81 9.40 -15.40 40.95
CA TYR U 81 8.73 -14.61 41.97
C TYR U 81 9.68 -13.64 42.66
N ASP U 82 10.28 -14.06 43.76
CA ASP U 82 11.27 -13.22 44.41
C ASP U 82 12.23 -14.09 45.21
N ARG U 83 13.41 -13.53 45.45
CA ARG U 83 14.45 -14.25 46.18
C ARG U 83 13.99 -14.61 47.59
N ARG U 84 13.13 -13.78 48.19
CA ARG U 84 12.64 -14.04 49.54
C ARG U 84 11.63 -15.17 49.58
N ASP U 85 11.08 -15.57 48.44
CA ASP U 85 10.15 -16.69 48.40
C ASP U 85 10.86 -18.04 48.35
N VAL U 86 12.16 -18.05 48.08
CA VAL U 86 12.93 -19.28 48.07
C VAL U 86 13.28 -19.67 49.50
N THR U 87 12.85 -20.87 49.91
CA THR U 87 13.07 -21.34 51.27
C THR U 87 13.72 -22.72 51.24
N GLY U 88 14.38 -23.05 52.35
CA GLY U 88 14.95 -24.38 52.47
C GLY U 88 13.90 -25.48 52.44
N ARG U 89 12.72 -25.21 52.99
CA ARG U 89 11.66 -26.21 52.94
C ARG U 89 11.30 -26.54 51.50
N GLN U 90 11.36 -25.55 50.61
CA GLN U 90 11.07 -25.77 49.20
C GLN U 90 12.09 -26.70 48.56
N LEU U 91 13.38 -26.41 48.76
CA LEU U 91 14.41 -27.25 48.16
C LEU U 91 14.36 -28.66 48.73
N ALA U 92 14.15 -28.78 50.04
CA ALA U 92 14.05 -30.10 50.63
C ALA U 92 12.88 -30.87 50.04
N ASN U 93 11.75 -30.20 49.81
CA ASN U 93 10.58 -30.88 49.25
C ASN U 93 10.86 -31.34 47.82
N VAL U 94 11.48 -30.49 47.00
CA VAL U 94 11.76 -30.90 45.63
C VAL U 94 12.79 -32.02 45.60
N TYR U 95 13.74 -32.03 46.54
CA TYR U 95 14.70 -33.12 46.62
C TYR U 95 14.01 -34.42 47.03
N ALA U 96 13.08 -34.34 47.97
CA ALA U 96 12.32 -35.53 48.35
C ALA U 96 11.55 -36.09 47.16
N GLN U 97 10.85 -35.21 46.43
CA GLN U 97 10.12 -35.65 45.24
C GLN U 97 11.06 -36.26 44.21
N THR U 98 12.19 -35.60 43.98
CA THR U 98 13.11 -36.04 42.95
C THR U 98 13.71 -37.39 43.27
N LEU U 99 14.22 -37.55 44.49
CA LEU U 99 14.82 -38.82 44.88
C LEU U 99 13.79 -39.94 44.96
N GLY U 100 12.53 -39.61 45.25
CA GLY U 100 11.48 -40.61 45.10
C GLY U 100 11.36 -41.09 43.67
N THR U 101 11.27 -40.15 42.72
CA THR U 101 11.15 -40.52 41.32
C THR U 101 12.36 -41.34 40.86
N ILE U 102 13.57 -40.90 41.20
CA ILE U 102 14.78 -41.63 40.82
C ILE U 102 14.75 -43.02 41.41
N PHE U 103 14.42 -43.12 42.70
CA PHE U 103 14.43 -44.41 43.38
C PHE U 103 13.49 -45.39 42.71
N THR U 104 12.33 -44.91 42.27
CA THR U 104 11.31 -45.84 41.75
C THR U 104 11.43 -46.09 40.26
N GLU U 105 12.00 -45.16 39.49
CA GLU U 105 11.87 -45.20 38.05
C GLU U 105 13.19 -45.25 37.29
N GLN U 106 14.28 -44.81 37.88
CA GLN U 106 15.54 -44.78 37.14
C GLN U 106 16.18 -46.16 37.07
N ALA U 107 17.13 -46.31 36.15
CA ALA U 107 17.80 -47.59 35.95
C ALA U 107 18.45 -48.08 37.25
N LYS U 108 19.14 -47.19 37.95
CA LYS U 108 19.75 -47.49 39.24
C LYS U 108 19.43 -46.36 40.21
N PRO U 109 19.03 -46.68 41.44
CA PRO U 109 18.78 -45.64 42.43
C PRO U 109 20.05 -44.87 42.74
N TYR U 110 19.88 -43.62 43.17
CA TYR U 110 21.01 -42.78 43.51
C TYR U 110 21.56 -43.18 44.88
N GLU U 111 22.87 -43.42 44.93
CA GLU U 111 23.53 -43.74 46.20
C GLU U 111 23.98 -42.43 46.84
N VAL U 112 22.99 -41.65 47.30
CA VAL U 112 23.24 -40.33 47.85
C VAL U 112 22.36 -40.12 49.07
N GLU U 113 22.81 -39.25 49.96
CA GLU U 113 22.02 -38.74 51.06
C GLU U 113 22.28 -37.25 51.18
N LEU U 114 21.20 -36.48 51.31
CA LEU U 114 21.25 -35.02 51.19
C LEU U 114 20.87 -34.34 52.49
N CYS U 115 21.45 -33.15 52.68
CA CYS U 115 21.06 -32.25 53.75
C CYS U 115 20.92 -30.85 53.16
N VAL U 116 19.75 -30.25 53.36
CA VAL U 116 19.46 -28.88 52.99
C VAL U 116 19.28 -28.08 54.26
N ALA U 117 20.03 -26.99 54.41
CA ALA U 117 19.99 -26.19 55.63
C ALA U 117 19.63 -24.75 55.29
N GLU U 118 18.89 -24.12 56.19
CA GLU U 118 18.51 -22.72 56.00
C GLU U 118 18.72 -21.98 57.30
N VAL U 119 19.36 -20.81 57.22
CA VAL U 119 19.50 -19.91 58.34
C VAL U 119 18.59 -18.70 58.09
N ALA U 120 18.41 -17.90 59.13
CA ALA U 120 17.54 -16.74 59.04
C ALA U 120 18.13 -15.69 58.10
N HIS U 121 17.24 -14.86 57.57
CA HIS U 121 17.71 -13.73 56.78
C HIS U 121 18.33 -12.68 57.71
N TYR U 122 19.22 -11.86 57.15
CA TYR U 122 19.97 -10.91 57.95
C TYR U 122 19.06 -10.04 58.80
N GLY U 123 19.36 -9.97 60.09
CA GLY U 123 18.59 -9.16 61.02
C GLY U 123 17.31 -9.78 61.51
N GLU U 124 16.90 -10.91 60.95
CA GLU U 124 15.72 -11.64 61.41
C GLU U 124 16.15 -12.77 62.33
N THR U 125 15.27 -13.15 63.25
CA THR U 125 15.52 -14.25 64.17
C THR U 125 14.56 -15.39 63.90
N LYS U 126 15.09 -16.48 63.37
CA LYS U 126 14.38 -17.73 63.20
C LYS U 126 15.45 -18.81 63.29
N ARG U 127 15.13 -19.89 64.01
CA ARG U 127 16.15 -20.90 64.30
C ARG U 127 16.55 -21.61 63.01
N PRO U 128 17.81 -22.02 62.88
CA PRO U 128 18.23 -22.75 61.68
C PRO U 128 17.37 -23.99 61.48
N GLU U 129 17.23 -24.39 60.23
CA GLU U 129 16.46 -25.58 59.87
C GLU U 129 17.38 -26.56 59.15
N LEU U 130 17.32 -27.82 59.54
CA LEU U 130 18.11 -28.85 58.89
C LEU U 130 17.15 -29.87 58.29
N TYR U 131 17.39 -30.26 57.05
CA TYR U 131 16.57 -31.27 56.40
C TYR U 131 17.48 -32.36 55.86
N ARG U 132 17.09 -33.59 56.10
CA ARG U 132 17.79 -34.78 55.63
C ARG U 132 16.86 -35.50 54.66
N ILE U 133 17.35 -35.73 53.44
CA ILE U 133 16.59 -36.45 52.42
C ILE U 133 17.38 -37.69 52.06
N THR U 134 16.75 -38.85 52.22
CA THR U 134 17.44 -40.12 52.02
C THR U 134 17.20 -40.62 50.61
N TYR U 135 17.85 -41.75 50.27
CA TYR U 135 17.93 -42.18 48.88
C TYR U 135 16.56 -42.48 48.26
N ASP U 136 15.54 -42.77 49.08
CA ASP U 136 14.22 -43.11 48.58
C ASP U 136 13.25 -41.94 48.61
N GLY U 137 13.72 -40.74 48.92
CA GLY U 137 12.87 -39.59 49.01
C GLY U 137 12.27 -39.32 50.37
N SER U 138 12.59 -40.13 51.36
CA SER U 138 12.13 -39.83 52.71
C SER U 138 12.80 -38.55 53.19
N ILE U 139 12.03 -37.70 53.88
CA ILE U 139 12.49 -36.39 54.29
C ILE U 139 12.24 -36.21 55.78
N ALA U 140 13.24 -35.67 56.48
CA ALA U 140 13.17 -35.48 57.92
C ALA U 140 13.75 -34.12 58.28
N ASP U 141 13.07 -33.39 59.16
CA ASP U 141 13.55 -32.10 59.62
C ASP U 141 14.18 -32.25 61.00
N GLU U 142 15.42 -31.81 61.12
CA GLU U 142 16.20 -31.84 62.34
C GLU U 142 16.48 -30.44 62.86
N PRO U 143 16.43 -30.28 64.19
CA PRO U 143 16.71 -28.99 64.83
C PRO U 143 18.16 -28.84 65.24
N HIS U 144 18.86 -29.94 65.49
CA HIS U 144 20.20 -29.88 66.07
C HIS U 144 21.30 -30.36 65.13
N PHE U 145 21.19 -31.58 64.59
CA PHE U 145 22.28 -32.04 63.73
C PHE U 145 21.78 -33.13 62.79
N VAL U 146 22.54 -33.29 61.70
CA VAL U 146 22.32 -34.32 60.70
C VAL U 146 23.66 -34.99 60.41
N VAL U 147 23.65 -36.31 60.35
CA VAL U 147 24.83 -37.11 60.06
C VAL U 147 24.49 -37.99 58.85
N MET U 148 25.38 -38.01 57.86
CA MET U 148 25.10 -38.76 56.64
C MET U 148 26.36 -39.46 56.16
N GLY U 149 26.19 -40.70 55.69
CA GLY U 149 27.28 -41.39 55.00
C GLY U 149 28.21 -42.13 55.95
N GLY U 150 28.74 -43.25 55.45
CA GLY U 150 29.64 -44.06 56.22
C GLY U 150 28.95 -44.72 57.40
N THR U 151 29.73 -44.98 58.45
CA THR U 151 29.22 -45.57 59.68
C THR U 151 28.71 -44.42 60.55
N THR U 152 27.40 -44.24 60.55
CA THR U 152 26.82 -43.03 61.15
C THR U 152 26.65 -43.15 62.66
N GLU U 153 26.24 -44.32 63.16
CA GLU U 153 25.88 -44.47 64.58
C GLU U 153 26.96 -44.00 65.56
N PRO U 154 28.24 -44.33 65.40
CA PRO U 154 29.26 -43.70 66.28
C PRO U 154 29.23 -42.18 66.23
N ILE U 155 29.01 -41.61 65.05
CA ILE U 155 29.00 -40.16 64.90
C ILE U 155 27.78 -39.55 65.59
N ALA U 156 26.60 -40.14 65.39
CA ALA U 156 25.40 -39.65 66.05
C ALA U 156 25.53 -39.73 67.57
N ASN U 157 26.05 -40.87 68.06
CA ASN U 157 26.19 -41.03 69.51
C ASN U 157 27.18 -40.01 70.06
N ALA U 158 28.29 -39.81 69.35
CA ALA U 158 29.23 -38.76 69.76
C ALA U 158 28.55 -37.40 69.82
N LEU U 159 27.72 -37.09 68.82
CA LEU U 159 27.06 -35.78 68.77
C LEU U 159 25.95 -35.58 69.79
N LYS U 160 25.39 -36.62 70.41
CA LYS U 160 24.37 -36.31 71.42
C LYS U 160 24.90 -35.38 72.49
N GLU U 161 25.92 -35.83 73.24
CA GLU U 161 26.56 -34.99 74.24
C GLU U 161 27.32 -33.85 73.58
N SER U 162 28.07 -34.16 72.52
CA SER U 162 28.89 -33.15 71.86
C SER U 162 28.07 -31.92 71.49
N TYR U 163 26.81 -32.11 71.06
CA TYR U 163 26.03 -30.96 70.61
C TYR U 163 25.23 -30.42 71.79
N ALA U 164 25.41 -29.11 72.02
CA ALA U 164 24.61 -28.29 72.92
C ALA U 164 24.10 -27.13 72.09
N GLU U 165 22.82 -26.80 72.26
CA GLU U 165 22.24 -25.70 71.49
C GLU U 165 23.02 -24.40 71.68
N ASN U 166 23.46 -23.83 70.55
CA ASN U 166 24.01 -22.48 70.46
C ASN U 166 25.49 -22.43 70.79
N ALA U 167 26.20 -23.53 70.52
CA ALA U 167 27.64 -23.54 70.71
C ALA U 167 28.30 -22.49 69.83
N SER U 168 29.52 -22.10 70.21
CA SER U 168 30.26 -21.18 69.39
C SER U 168 30.79 -21.91 68.15
N LEU U 169 31.33 -21.13 67.21
CA LEU U 169 31.84 -21.73 65.98
C LEU U 169 32.99 -22.68 66.29
N THR U 170 33.93 -22.24 67.15
CA THR U 170 35.06 -23.10 67.52
C THR U 170 34.58 -24.35 68.24
N ASP U 171 33.67 -24.18 69.20
CA ASP U 171 33.14 -25.33 69.93
C ASP U 171 32.39 -26.28 69.00
N ALA U 172 31.54 -25.73 68.12
CA ALA U 172 30.78 -26.58 67.21
C ALA U 172 31.69 -27.33 66.24
N LEU U 173 32.73 -26.66 65.75
CA LEU U 173 33.69 -27.32 64.85
C LEU U 173 34.41 -28.46 65.56
N ARG U 174 35.04 -28.16 66.70
CA ARG U 174 35.75 -29.18 67.46
C ARG U 174 34.84 -30.36 67.79
N ILE U 175 33.61 -30.06 68.24
CA ILE U 175 32.60 -31.08 68.48
C ILE U 175 32.35 -31.94 67.25
N ALA U 176 32.33 -31.31 66.07
CA ALA U 176 32.05 -32.02 64.83
C ALA U 176 33.20 -32.95 64.45
N VAL U 177 34.44 -32.44 64.46
CA VAL U 177 35.58 -33.27 64.08
C VAL U 177 35.75 -34.40 65.07
N ALA U 178 35.47 -34.14 66.36
CA ALA U 178 35.47 -35.21 67.34
C ALA U 178 34.45 -36.29 66.97
N ALA U 179 33.23 -35.88 66.65
CA ALA U 179 32.20 -36.86 66.28
C ALA U 179 32.57 -37.64 65.03
N LEU U 180 33.20 -36.96 64.06
CA LEU U 180 33.61 -37.65 62.83
C LEU U 180 34.69 -38.68 63.12
N ARG U 181 35.72 -38.29 63.88
CA ARG U 181 36.80 -39.24 64.19
C ARG U 181 36.26 -40.48 64.90
N ALA U 182 35.16 -40.34 65.63
CA ALA U 182 34.51 -41.51 66.23
C ALA U 182 33.94 -42.47 65.20
N GLY U 183 33.84 -42.07 63.94
CA GLY U 183 33.32 -42.96 62.92
C GLY U 183 34.38 -43.85 62.31
N LEU U 195 40.89 -34.48 62.57
CA LEU U 195 41.63 -34.60 61.31
C LEU U 195 42.37 -33.31 61.00
N GLY U 196 42.83 -33.17 59.76
CA GLY U 196 43.61 -32.04 59.33
C GLY U 196 42.87 -31.19 58.32
N VAL U 197 43.47 -30.05 57.97
CA VAL U 197 42.82 -29.15 57.03
C VAL U 197 42.72 -29.80 55.65
N ALA U 198 43.70 -30.61 55.26
CA ALA U 198 43.70 -31.22 53.94
C ALA U 198 42.96 -32.56 53.91
N SER U 199 42.14 -32.83 54.91
CA SER U 199 41.24 -33.98 54.89
C SER U 199 39.83 -33.61 55.31
N LEU U 200 39.57 -32.31 55.53
CA LEU U 200 38.25 -31.81 55.87
C LEU U 200 37.82 -30.76 54.86
N GLU U 201 36.51 -30.70 54.63
CA GLU U 201 35.86 -29.63 53.92
C GLU U 201 34.88 -28.98 54.91
N VAL U 202 35.07 -27.69 55.17
CA VAL U 202 34.27 -26.99 56.16
C VAL U 202 33.66 -25.75 55.53
N ALA U 203 32.39 -25.49 55.85
CA ALA U 203 31.72 -24.28 55.41
C ALA U 203 30.58 -23.98 56.36
N VAL U 204 30.09 -22.75 56.32
CA VAL U 204 29.01 -22.32 57.20
C VAL U 204 27.98 -21.53 56.41
N LEU U 205 26.74 -21.69 56.83
CA LEU U 205 25.69 -20.72 56.54
C LEU U 205 25.72 -19.75 57.71
N ASP U 206 26.32 -18.58 57.47
CA ASP U 206 26.53 -17.56 58.49
C ASP U 206 25.33 -16.61 58.48
N ALA U 207 24.46 -16.73 59.48
CA ALA U 207 23.25 -15.93 59.60
C ALA U 207 23.56 -14.45 59.74
N ASN U 208 24.83 -14.12 59.89
CA ASN U 208 25.28 -12.74 60.06
C ASN U 208 25.67 -12.08 58.75
N ARG U 209 25.77 -12.82 57.65
CA ARG U 209 26.14 -12.21 56.37
C ARG U 209 24.93 -11.47 55.79
N PRO U 210 25.16 -10.29 55.20
CA PRO U 210 24.02 -9.46 54.76
C PRO U 210 23.14 -10.12 53.72
N ARG U 211 23.70 -10.78 52.70
CA ARG U 211 22.84 -11.52 51.79
C ARG U 211 23.23 -12.99 51.68
N ARG U 212 24.34 -13.29 51.01
CA ARG U 212 24.75 -14.68 50.79
C ARG U 212 25.43 -15.23 52.05
N ALA U 213 24.75 -16.16 52.70
CA ALA U 213 25.23 -16.69 53.97
C ALA U 213 26.30 -17.75 53.81
N PHE U 214 26.45 -18.34 52.63
CA PHE U 214 27.38 -19.45 52.48
C PHE U 214 28.81 -18.93 52.47
N ARG U 215 29.70 -19.70 53.10
CA ARG U 215 31.05 -19.22 53.37
C ARG U 215 31.98 -20.37 53.71
N ARG U 216 33.07 -20.55 52.98
CA ARG U 216 34.00 -21.63 53.29
C ARG U 216 35.05 -21.19 54.29
N ILE U 217 35.53 -22.15 55.08
CA ILE U 217 36.60 -21.93 56.03
C ILE U 217 37.74 -22.87 55.65
N THR U 218 38.81 -22.30 55.11
CA THR U 218 39.87 -23.08 54.48
C THR U 218 41.23 -22.64 54.99
N GLY U 219 42.15 -23.61 55.02
CA GLY U 219 43.57 -23.30 55.14
C GLY U 219 43.92 -22.70 56.48
N SER U 220 44.63 -21.57 56.44
CA SER U 220 45.16 -20.96 57.65
C SER U 220 44.04 -20.61 58.62
N ALA U 221 42.91 -20.08 58.12
CA ALA U 221 41.78 -19.79 58.99
C ALA U 221 41.25 -21.05 59.66
N LEU U 222 41.05 -22.11 58.88
CA LEU U 222 40.51 -23.35 59.41
C LEU U 222 41.44 -23.97 60.45
N GLN U 223 42.75 -24.01 60.14
CA GLN U 223 43.74 -24.45 61.11
C GLN U 223 43.69 -23.57 62.37
N ALA U 224 43.47 -22.27 62.18
CA ALA U 224 43.42 -21.35 63.32
C ALA U 224 42.21 -21.64 64.21
N LEU U 225 41.12 -22.18 63.66
CA LEU U 225 39.97 -22.51 64.48
C LEU U 225 40.18 -23.81 65.27
N LEU U 226 41.43 -24.09 65.66
CA LEU U 226 41.78 -25.17 66.59
C LEU U 226 42.96 -24.69 67.44
N VAL U 227 42.69 -23.71 68.30
CA VAL U 227 43.72 -23.02 69.09
C VAL U 227 44.40 -23.94 70.10
N THR V 1 -12.50 5.62 32.28
CA THR V 1 -12.20 4.89 33.50
C THR V 1 -11.14 5.63 34.30
N THR V 2 -11.28 5.61 35.63
CA THR V 2 -10.25 6.11 36.52
C THR V 2 -10.20 5.23 37.75
N ILE V 3 -8.99 4.75 38.08
CA ILE V 3 -8.73 4.03 39.32
C ILE V 3 -7.70 4.84 40.10
N VAL V 4 -7.99 5.11 41.36
CA VAL V 4 -7.06 5.85 42.20
C VAL V 4 -6.67 4.97 43.37
N ALA V 5 -5.47 5.19 43.88
CA ALA V 5 -5.01 4.54 45.10
C ALA V 5 -4.10 5.51 45.81
N LEU V 6 -4.24 5.59 47.13
CA LEU V 6 -3.38 6.46 47.92
C LEU V 6 -3.10 5.79 49.25
N LYS V 7 -1.92 6.08 49.80
CA LYS V 7 -1.50 5.59 51.12
C LYS V 7 -1.98 6.55 52.21
N TYR V 8 -2.42 5.98 53.32
CA TYR V 8 -2.72 6.72 54.53
C TYR V 8 -2.03 6.05 55.71
N PRO V 9 -1.89 6.75 56.86
CA PRO V 9 -1.21 6.14 58.00
C PRO V 9 -1.80 4.81 58.42
N GLY V 10 -1.08 3.73 58.16
CA GLY V 10 -1.50 2.41 58.55
C GLY V 10 -2.19 1.61 57.46
N GLY V 11 -2.35 2.16 56.27
CA GLY V 11 -3.01 1.39 55.25
C GLY V 11 -2.99 2.09 53.90
N VAL V 12 -3.79 1.53 52.98
CA VAL V 12 -3.91 2.04 51.64
C VAL V 12 -5.37 1.92 51.23
N VAL V 13 -5.79 2.81 50.33
CA VAL V 13 -7.16 2.81 49.82
C VAL V 13 -7.10 2.86 48.30
N MET V 14 -8.01 2.13 47.67
CA MET V 14 -8.13 2.12 46.21
C MET V 14 -9.61 2.25 45.85
N ALA V 15 -9.91 3.13 44.91
CA ALA V 15 -11.29 3.38 44.52
C ALA V 15 -11.37 3.50 43.00
N GLY V 16 -12.52 3.15 42.46
CA GLY V 16 -12.71 3.17 41.02
C GLY V 16 -14.13 3.55 40.67
N ASP V 17 -14.27 4.16 39.49
CA ASP V 17 -15.57 4.58 39.01
C ASP V 17 -16.35 3.38 38.48
N ARG V 18 -17.58 3.62 38.04
CA ARG V 18 -18.51 2.55 37.72
C ARG V 18 -18.95 2.54 36.26
N ARG V 19 -18.34 3.37 35.41
CA ARG V 19 -18.86 3.59 34.06
C ARG V 19 -18.20 2.66 33.05
N SER V 20 -19.01 2.03 32.22
CA SER V 20 -18.53 1.24 31.10
C SER V 20 -19.07 1.82 29.80
N THR V 21 -18.20 2.00 28.82
CA THR V 21 -18.57 2.63 27.57
C THR V 21 -18.16 1.77 26.39
N GLN V 22 -18.81 2.01 25.26
CA GLN V 22 -18.38 1.51 23.95
C GLN V 22 -18.32 2.75 23.06
N GLY V 23 -17.14 3.34 22.93
CA GLY V 23 -17.08 4.63 22.26
C GLY V 23 -17.73 5.69 23.12
N ASN V 24 -18.69 6.41 22.53
CA ASN V 24 -19.45 7.41 23.28
C ASN V 24 -20.64 6.79 24.01
N MET V 25 -21.06 5.59 23.64
CA MET V 25 -22.25 5.00 24.22
C MET V 25 -21.94 4.47 25.62
N ILE V 26 -22.80 4.81 26.57
CA ILE V 26 -22.67 4.26 27.91
C ILE V 26 -23.33 2.89 27.94
N SER V 27 -22.51 1.86 28.18
CA SER V 27 -22.96 0.47 28.21
C SER V 27 -22.98 -0.10 29.61
N GLY V 28 -22.58 0.67 30.62
CA GLY V 28 -22.65 0.23 31.99
C GLY V 28 -22.61 1.38 32.98
N ARG V 29 -23.41 1.27 34.04
CA ARG V 29 -23.44 2.27 35.10
C ARG V 29 -23.00 1.75 36.45
N ASP V 30 -22.90 0.44 36.62
CA ASP V 30 -22.67 -0.18 37.92
C ASP V 30 -21.43 -1.07 37.98
N VAL V 31 -20.54 -1.03 36.98
CA VAL V 31 -19.48 -2.03 36.90
C VAL V 31 -18.48 -1.86 38.03
N ARG V 32 -17.76 -2.94 38.34
CA ARG V 32 -16.75 -2.97 39.39
C ARG V 32 -15.37 -3.12 38.74
N LYS V 33 -14.51 -2.14 38.99
CA LYS V 33 -13.19 -2.14 38.40
C LYS V 33 -12.09 -2.38 39.42
N VAL V 34 -12.44 -2.43 40.72
CA VAL V 34 -11.50 -2.66 41.80
C VAL V 34 -11.85 -3.98 42.44
N TYR V 35 -10.89 -4.90 42.49
CA TYR V 35 -11.12 -6.26 42.97
C TYR V 35 -10.18 -6.57 44.11
N ILE V 36 -10.73 -7.17 45.17
CA ILE V 36 -9.89 -7.70 46.24
C ILE V 36 -9.32 -9.02 45.71
N THR V 37 -8.01 -9.02 45.45
CA THR V 37 -7.35 -10.19 44.90
C THR V 37 -6.71 -11.07 45.96
N ASP V 38 -6.53 -10.55 47.17
CA ASP V 38 -5.83 -11.27 48.22
C ASP V 38 -6.18 -10.62 49.55
N ASP V 39 -5.98 -11.36 50.64
CA ASP V 39 -6.31 -10.82 51.97
C ASP V 39 -5.68 -9.47 52.21
N TYR V 40 -4.56 -9.20 51.55
CA TYR V 40 -3.83 -7.94 51.74
C TYR V 40 -3.58 -7.24 50.42
N THR V 41 -4.29 -7.62 49.35
CA THR V 41 -4.06 -6.98 48.07
C THR V 41 -5.35 -6.73 47.32
N ALA V 42 -5.44 -5.55 46.70
CA ALA V 42 -6.49 -5.18 45.78
C ALA V 42 -5.89 -4.73 44.44
N THR V 43 -6.61 -5.02 43.36
CA THR V 43 -6.18 -4.66 42.01
C THR V 43 -7.29 -3.90 41.31
N GLY V 44 -6.99 -2.72 40.79
CA GLY V 44 -7.98 -2.02 39.97
C GLY V 44 -7.48 -1.91 38.56
N ILE V 45 -8.29 -2.22 37.55
CA ILE V 45 -7.76 -2.35 36.19
C ILE V 45 -8.55 -1.47 35.24
N ALA V 46 -7.85 -0.82 34.31
CA ALA V 46 -8.47 0.01 33.30
C ALA V 46 -8.22 -0.58 31.91
N GLY V 47 -9.18 -0.39 30.99
CA GLY V 47 -9.03 -0.87 29.63
C GLY V 47 -10.19 -1.77 29.22
N THR V 48 -9.91 -2.71 28.32
CA THR V 48 -10.95 -3.62 27.84
C THR V 48 -11.47 -4.49 28.98
N ALA V 49 -12.79 -4.47 29.17
CA ALA V 49 -13.40 -5.13 30.33
C ALA V 49 -13.02 -6.60 30.40
N ALA V 50 -13.12 -7.32 29.28
CA ALA V 50 -12.81 -8.75 29.28
C ALA V 50 -11.38 -9.01 29.78
N VAL V 51 -10.42 -8.25 29.27
CA VAL V 51 -9.03 -8.39 29.68
C VAL V 51 -8.86 -8.00 31.15
N ALA V 52 -9.53 -6.93 31.59
CA ALA V 52 -9.38 -6.47 32.96
C ALA V 52 -9.90 -7.51 33.94
N VAL V 53 -11.12 -8.00 33.73
CA VAL V 53 -11.71 -8.97 34.64
C VAL V 53 -10.91 -10.28 34.63
N GLU V 54 -10.47 -10.72 33.45
CA GLU V 54 -9.66 -11.95 33.42
C GLU V 54 -8.32 -11.75 34.14
N PHE V 55 -7.71 -10.56 34.00
CA PHE V 55 -6.53 -10.25 34.79
C PHE V 55 -6.80 -10.42 36.28
N ALA V 56 -7.83 -9.75 36.80
CA ALA V 56 -8.12 -9.80 38.22
C ALA V 56 -8.36 -11.23 38.68
N ARG V 57 -9.19 -11.96 37.94
CA ARG V 57 -9.58 -13.32 38.30
C ARG V 57 -8.37 -14.24 38.29
N LEU V 58 -7.64 -14.24 37.17
CA LEU V 58 -6.48 -15.10 37.02
C LEU V 58 -5.41 -14.78 38.06
N TYR V 59 -5.21 -13.49 38.35
CA TYR V 59 -4.21 -13.07 39.33
C TYR V 59 -4.57 -13.57 40.71
N ALA V 60 -5.83 -13.38 41.13
CA ALA V 60 -6.25 -13.88 42.44
C ALA V 60 -6.04 -15.38 42.54
N VAL V 61 -6.47 -16.12 41.51
CA VAL V 61 -6.26 -17.56 41.50
C VAL V 61 -4.79 -17.91 41.63
N GLU V 62 -3.91 -17.16 40.95
CA GLU V 62 -2.49 -17.47 40.99
C GLU V 62 -1.92 -17.28 42.40
N LEU V 63 -2.26 -16.15 43.05
CA LEU V 63 -1.78 -15.91 44.41
C LEU V 63 -2.24 -17.00 45.37
N GLU V 64 -3.55 -17.27 45.38
CA GLU V 64 -4.04 -18.30 46.29
C GLU V 64 -3.46 -19.68 45.95
N HIS V 65 -3.16 -19.90 44.67
CA HIS V 65 -2.56 -21.15 44.23
C HIS V 65 -1.18 -21.34 44.85
N TYR V 66 -0.32 -20.33 44.73
CA TYR V 66 0.98 -20.41 45.40
C TYR V 66 0.80 -20.60 46.90
N GLU V 67 -0.13 -19.86 47.51
CA GLU V 67 -0.27 -19.91 48.95
C GLU V 67 -0.65 -21.32 49.41
N LYS V 68 -1.55 -21.99 48.67
CA LYS V 68 -1.92 -23.34 49.08
C LYS V 68 -0.82 -24.35 48.75
N LEU V 69 -0.09 -24.16 47.64
CA LEU V 69 0.95 -25.11 47.28
C LEU V 69 2.12 -25.07 48.26
N GLU V 70 2.55 -23.87 48.65
CA GLU V 70 3.77 -23.74 49.44
C GLU V 70 3.51 -23.46 50.91
N GLY V 71 2.25 -23.35 51.33
CA GLY V 71 1.91 -23.11 52.72
C GLY V 71 2.14 -21.71 53.22
N VAL V 72 2.65 -20.82 52.39
CA VAL V 72 2.94 -19.44 52.77
C VAL V 72 2.59 -18.54 51.59
N PRO V 73 2.04 -17.36 51.81
CA PRO V 73 1.77 -16.45 50.69
C PRO V 73 3.05 -15.86 50.12
N LEU V 74 2.94 -15.35 48.90
CA LEU V 74 4.08 -14.71 48.27
C LEU V 74 4.49 -13.44 49.00
N THR V 75 5.78 -13.16 48.96
CA THR V 75 6.23 -11.83 49.34
C THR V 75 5.63 -10.80 48.39
N PHE V 76 5.53 -9.56 48.87
CA PHE V 76 4.90 -8.53 48.04
C PHE V 76 5.67 -8.34 46.74
N ALA V 77 7.01 -8.41 46.81
CA ALA V 77 7.80 -8.35 45.58
C ALA V 77 7.38 -9.44 44.61
N GLY V 78 7.15 -10.67 45.10
CA GLY V 78 6.71 -11.75 44.24
C GLY V 78 5.37 -11.48 43.59
N LYS V 79 4.42 -10.93 44.36
CA LYS V 79 3.12 -10.58 43.81
C LYS V 79 3.26 -9.55 42.69
N ILE V 80 4.07 -8.50 42.93
CA ILE V 80 4.35 -7.51 41.90
C ILE V 80 4.87 -8.18 40.64
N ASN V 81 5.87 -9.05 40.79
CA ASN V 81 6.51 -9.66 39.63
C ASN V 81 5.51 -10.52 38.86
N ARG V 82 4.62 -11.24 39.57
CA ARG V 82 3.67 -12.08 38.84
C ARG V 82 2.68 -11.22 38.06
N LEU V 83 2.20 -10.13 38.67
CA LEU V 83 1.31 -9.22 37.91
C LEU V 83 2.03 -8.66 36.68
N ALA V 84 3.28 -8.22 36.86
CA ALA V 84 4.04 -7.69 35.73
C ALA V 84 4.18 -8.72 34.62
N ILE V 85 4.47 -9.97 34.98
CA ILE V 85 4.65 -11.02 33.98
C ILE V 85 3.35 -11.26 33.23
N MET V 86 2.21 -11.23 33.95
CA MET V 86 0.91 -11.38 33.29
C MET V 86 0.68 -10.28 32.26
N VAL V 87 0.94 -9.02 32.65
CA VAL V 87 0.77 -7.90 31.73
C VAL V 87 1.65 -8.08 30.48
N ARG V 88 2.94 -8.32 30.72
CA ARG V 88 3.87 -8.50 29.59
C ARG V 88 3.39 -9.63 28.68
N GLY V 89 2.82 -10.68 29.26
CA GLY V 89 2.26 -11.75 28.45
C GLY V 89 1.12 -11.26 27.58
N ASN V 90 0.32 -10.31 28.08
CA ASN V 90 -0.79 -9.82 27.27
C ASN V 90 -0.38 -8.73 26.27
N LEU V 91 0.90 -8.34 26.22
CA LEU V 91 1.32 -7.21 25.38
C LEU V 91 0.86 -7.35 23.92
N ALA V 92 0.97 -8.54 23.34
CA ALA V 92 0.61 -8.70 21.93
C ALA V 92 -0.87 -8.39 21.69
N ALA V 93 -1.74 -9.02 22.47
CA ALA V 93 -3.17 -8.74 22.35
C ALA V 93 -3.47 -7.27 22.65
N ALA V 94 -2.72 -6.66 23.56
CA ALA V 94 -2.91 -5.23 23.82
C ALA V 94 -2.58 -4.41 22.59
N MET V 95 -1.50 -4.77 21.89
CA MET V 95 -1.16 -4.07 20.64
C MET V 95 -2.25 -4.26 19.60
N GLN V 96 -3.01 -5.36 19.68
CA GLN V 96 -4.14 -5.55 18.77
C GLN V 96 -5.45 -4.95 19.28
N GLY V 97 -5.45 -4.26 20.42
CA GLY V 97 -6.66 -3.63 20.95
C GLY V 97 -7.16 -4.18 22.28
N LEU V 98 -6.68 -5.33 22.75
CA LEU V 98 -7.12 -5.87 24.05
C LEU V 98 -6.21 -5.37 25.18
N LEU V 99 -6.25 -4.07 25.40
CA LEU V 99 -5.35 -3.40 26.33
C LEU V 99 -5.98 -3.28 27.71
N ALA V 100 -5.22 -3.63 28.75
CA ALA V 100 -5.64 -3.40 30.12
C ALA V 100 -4.42 -3.17 30.99
N LEU V 101 -4.43 -2.09 31.76
CA LEU V 101 -3.36 -1.82 32.70
C LEU V 101 -3.90 -1.94 34.12
N PRO V 102 -3.18 -2.64 35.01
CA PRO V 102 -3.62 -2.68 36.40
C PRO V 102 -2.90 -1.66 37.27
N LEU V 103 -3.53 -1.35 38.38
CA LEU V 103 -2.96 -0.58 39.47
C LEU V 103 -3.07 -1.44 40.72
N LEU V 104 -1.95 -1.64 41.40
CA LEU V 104 -1.89 -2.57 42.52
C LEU V 104 -1.81 -1.79 43.82
N ALA V 105 -2.63 -2.18 44.80
CA ALA V 105 -2.56 -1.60 46.14
C ALA V 105 -2.48 -2.73 47.14
N GLY V 106 -1.56 -2.63 48.10
CA GLY V 106 -1.38 -3.72 49.04
C GLY V 106 -0.93 -3.22 50.39
N TYR V 107 -0.95 -4.16 51.35
CA TYR V 107 -0.40 -3.94 52.69
C TYR V 107 0.66 -5.01 52.95
N ASP V 108 1.91 -4.59 53.10
CA ASP V 108 3.01 -5.53 53.26
C ASP V 108 3.12 -5.95 54.73
N ILE V 109 2.68 -7.17 55.03
CA ILE V 109 2.73 -7.62 56.42
C ILE V 109 4.17 -7.77 56.89
N HIS V 110 5.12 -7.90 55.97
CA HIS V 110 6.52 -8.04 56.31
C HIS V 110 7.24 -6.71 56.40
N ALA V 111 6.56 -5.59 56.24
CA ALA V 111 7.24 -4.31 56.32
C ALA V 111 7.63 -4.03 57.78
N SER V 112 8.73 -3.30 57.94
CA SER V 112 9.22 -2.97 59.27
C SER V 112 8.29 -1.97 59.96
N ASP V 113 8.00 -0.84 59.28
CA ASP V 113 7.20 0.22 59.86
C ASP V 113 5.73 0.04 59.47
N PRO V 114 4.85 -0.32 60.41
CA PRO V 114 3.44 -0.54 60.06
C PRO V 114 2.69 0.72 59.62
N GLN V 115 3.23 1.91 59.87
CA GLN V 115 2.57 3.12 59.39
C GLN V 115 2.65 3.23 57.89
N SER V 116 3.81 2.90 57.31
CA SER V 116 4.07 3.03 55.89
C SER V 116 4.08 1.69 55.18
N ALA V 117 3.43 0.67 55.74
CA ALA V 117 3.40 -0.64 55.11
C ALA V 117 2.51 -0.69 53.87
N GLY V 118 1.77 0.37 53.60
CA GLY V 118 0.99 0.42 52.37
C GLY V 118 1.88 0.50 51.15
N ARG V 119 1.40 -0.10 50.06
CA ARG V 119 2.15 -0.14 48.82
C ARG V 119 1.22 0.19 47.66
N ILE V 120 1.73 0.96 46.72
CA ILE V 120 1.02 1.33 45.49
C ILE V 120 1.97 1.13 44.33
N VAL V 121 1.60 0.24 43.40
CA VAL V 121 2.45 -0.12 42.27
C VAL V 121 1.70 0.13 40.98
N SER V 122 2.31 0.87 40.05
CA SER V 122 1.75 1.14 38.74
C SER V 122 2.48 0.36 37.67
N PHE V 123 1.79 0.12 36.56
CA PHE V 123 2.28 -0.73 35.46
C PHE V 123 2.05 -0.05 34.11
N ASP V 124 2.92 -0.36 33.15
CA ASP V 124 2.71 0.01 31.76
C ASP V 124 2.42 -1.23 30.92
N ALA V 125 2.11 -1.01 29.64
CA ALA V 125 1.66 -2.11 28.79
C ALA V 125 2.72 -3.18 28.57
N ALA V 126 3.99 -2.88 28.85
CA ALA V 126 5.07 -3.85 28.72
C ALA V 126 5.40 -4.54 30.05
N GLY V 127 4.63 -4.28 31.10
CA GLY V 127 4.89 -4.90 32.38
C GLY V 127 5.88 -4.16 33.26
N GLY V 128 6.48 -3.07 32.78
CA GLY V 128 7.30 -2.25 33.64
C GLY V 128 6.45 -1.69 34.78
N TRP V 129 7.03 -1.67 35.97
CA TRP V 129 6.30 -1.27 37.16
C TRP V 129 7.10 -0.25 37.97
N ASN V 130 6.39 0.56 38.74
CA ASN V 130 7.02 1.50 39.66
C ASN V 130 6.25 1.49 40.97
N ILE V 131 6.97 1.30 42.07
CA ILE V 131 6.39 1.47 43.40
C ILE V 131 6.43 2.94 43.75
N GLU V 132 5.25 3.52 44.00
CA GLU V 132 5.13 4.96 44.15
C GLU V 132 5.47 5.36 45.58
N GLU V 133 6.57 6.08 45.73
CA GLU V 133 6.99 6.60 47.03
C GLU V 133 6.35 7.94 47.35
N GLU V 134 5.52 8.48 46.47
CA GLU V 134 4.93 9.80 46.70
C GLU V 134 3.48 9.72 47.15
N GLY V 135 2.93 8.53 47.39
CA GLY V 135 1.73 8.39 48.18
C GLY V 135 0.45 8.12 47.43
N TYR V 136 0.37 8.51 46.15
CA TYR V 136 -0.87 8.35 45.40
C TYR V 136 -0.53 8.00 43.96
N GLN V 137 -1.53 7.49 43.25
CA GLN V 137 -1.36 7.09 41.86
C GLN V 137 -2.75 6.81 41.27
N ALA V 138 -2.87 6.96 39.96
CA ALA V 138 -4.12 6.68 39.26
C ALA V 138 -3.82 6.07 37.89
N VAL V 139 -4.83 5.42 37.32
CA VAL V 139 -4.71 4.83 36.00
C VAL V 139 -6.06 4.98 35.30
N GLY V 140 -6.02 5.08 33.98
CA GLY V 140 -7.22 5.22 33.17
C GLY V 140 -7.26 6.54 32.42
N SER V 141 -8.37 6.73 31.70
CA SER V 141 -8.49 7.90 30.83
C SER V 141 -8.60 9.20 31.62
N GLY V 142 -8.97 9.13 32.90
CA GLY V 142 -8.97 10.29 33.77
C GLY V 142 -7.85 10.33 34.77
N SER V 143 -6.81 9.51 34.59
CA SER V 143 -5.80 9.35 35.64
C SER V 143 -5.03 10.63 35.90
N LEU V 144 -4.82 11.44 34.87
CA LEU V 144 -4.03 12.65 35.08
C LEU V 144 -4.83 13.71 35.85
N PHE V 145 -6.13 13.82 35.58
CA PHE V 145 -6.96 14.70 36.38
C PHE V 145 -6.96 14.27 37.83
N ALA V 146 -7.13 12.96 38.08
CA ALA V 146 -7.17 12.47 39.45
C ALA V 146 -5.84 12.67 40.15
N LYS V 147 -4.74 12.40 39.45
CA LYS V 147 -3.41 12.59 40.04
C LYS V 147 -3.17 14.06 40.37
N SER V 148 -3.54 14.97 39.47
CA SER V 148 -3.32 16.40 39.75
C SER V 148 -4.21 16.89 40.88
N SER V 149 -5.42 16.33 41.01
CA SER V 149 -6.27 16.66 42.15
C SER V 149 -5.64 16.17 43.45
N MET V 150 -5.18 14.92 43.47
CA MET V 150 -4.55 14.38 44.66
C MET V 150 -3.27 15.13 45.00
N LYS V 151 -2.58 15.70 44.00
CA LYS V 151 -1.39 16.49 44.27
C LYS V 151 -1.71 17.63 45.23
N LYS V 152 -2.88 18.25 45.07
CA LYS V 152 -3.31 19.35 45.91
C LYS V 152 -4.01 18.90 47.18
N LEU V 153 -4.69 17.75 47.17
CA LEU V 153 -5.49 17.34 48.32
C LEU V 153 -4.79 16.35 49.25
N TYR V 154 -3.60 15.85 48.90
CA TYR V 154 -3.03 14.73 49.65
C TYR V 154 -2.58 15.15 51.05
N SER V 155 -2.21 16.42 51.23
CA SER V 155 -1.79 16.90 52.55
C SER V 155 -2.89 16.79 53.60
N GLN V 156 -4.14 16.64 53.19
CA GLN V 156 -5.27 16.52 54.12
C GLN V 156 -5.49 15.08 54.57
N VAL V 157 -4.72 14.13 54.07
CA VAL V 157 -4.90 12.72 54.39
C VAL V 157 -4.11 12.41 55.67
N THR V 158 -4.82 12.14 56.74
CA THR V 158 -4.24 11.76 58.02
C THR V 158 -4.74 10.42 58.54
N ASP V 159 -5.80 9.87 57.97
CA ASP V 159 -6.34 8.59 58.40
C ASP V 159 -7.06 7.94 57.23
N GLY V 160 -7.74 6.84 57.51
CA GLY V 160 -8.45 6.14 56.45
C GLY V 160 -9.61 6.93 55.90
N ASP V 161 -10.31 7.67 56.77
CA ASP V 161 -11.50 8.37 56.32
C ASP V 161 -11.14 9.57 55.45
N SER V 162 -10.14 10.35 55.88
CA SER V 162 -9.71 11.47 55.05
C SER V 162 -9.12 10.98 53.73
N GLY V 163 -8.37 9.88 53.77
CA GLY V 163 -7.83 9.32 52.55
C GLY V 163 -8.93 8.84 51.60
N LEU V 164 -9.98 8.25 52.17
CA LEU V 164 -11.11 7.82 51.36
C LEU V 164 -11.79 9.03 50.71
N ARG V 165 -11.99 10.10 51.49
CA ARG V 165 -12.65 11.28 50.92
C ARG V 165 -11.79 11.91 49.82
N VAL V 166 -10.47 11.92 50.00
CA VAL V 166 -9.60 12.48 48.96
C VAL V 166 -9.63 11.61 47.71
N ALA V 167 -9.68 10.29 47.89
CA ALA V 167 -9.81 9.39 46.75
C ALA V 167 -11.11 9.66 45.99
N VAL V 168 -12.23 9.74 46.72
CA VAL V 168 -13.52 9.99 46.08
C VAL V 168 -13.53 11.34 45.38
N GLU V 169 -12.88 12.35 45.99
CA GLU V 169 -12.87 13.67 45.37
C GLU V 169 -11.99 13.65 44.12
N ALA V 170 -10.92 12.87 44.14
CA ALA V 170 -10.10 12.72 42.94
C ALA V 170 -10.89 12.07 41.81
N LEU V 171 -11.65 11.01 42.13
CA LEU V 171 -12.53 10.45 41.11
C LEU V 171 -13.59 11.45 40.66
N TYR V 172 -14.04 12.33 41.55
CA TYR V 172 -15.00 13.35 41.17
C TYR V 172 -14.41 14.30 40.14
N ASP V 173 -13.18 14.75 40.36
CA ASP V 173 -12.51 15.61 39.39
C ASP V 173 -12.27 14.88 38.07
N ALA V 174 -11.83 13.62 38.15
CA ALA V 174 -11.63 12.83 36.94
C ALA V 174 -12.91 12.76 36.12
N ALA V 175 -14.01 12.35 36.76
CA ALA V 175 -15.28 12.27 36.06
C ALA V 175 -15.75 13.64 35.57
N ASP V 176 -15.31 14.71 36.25
CA ASP V 176 -15.66 16.06 35.82
C ASP V 176 -14.99 16.44 34.50
N ASP V 177 -13.75 15.99 34.28
CA ASP V 177 -13.04 16.36 33.07
C ASP V 177 -12.92 15.24 32.04
N ASP V 178 -13.31 14.01 32.40
CA ASP V 178 -13.20 12.85 31.52
C ASP V 178 -14.57 12.20 31.38
N SER V 179 -15.07 12.17 30.15
CA SER V 179 -16.40 11.62 29.89
C SER V 179 -16.42 10.09 29.99
N ALA V 180 -15.26 9.44 29.91
CA ALA V 180 -15.20 7.99 30.06
C ALA V 180 -15.24 7.54 31.50
N THR V 181 -15.06 8.46 32.45
CA THR V 181 -15.13 8.17 33.87
C THR V 181 -16.46 8.66 34.42
N GLY V 182 -17.18 7.78 35.10
CA GLY V 182 -18.49 8.12 35.62
C GLY V 182 -18.43 8.73 37.00
N GLY V 183 -19.14 9.84 37.18
CA GLY V 183 -19.26 10.44 38.49
C GLY V 183 -20.36 9.82 39.32
N PRO V 184 -20.53 10.33 40.53
CA PRO V 184 -21.56 9.80 41.43
C PRO V 184 -22.95 10.05 40.87
N ASP V 185 -23.74 8.99 40.73
CA ASP V 185 -25.09 9.07 40.20
C ASP V 185 -26.03 9.17 41.40
N LEU V 186 -26.46 10.39 41.72
CA LEU V 186 -27.32 10.58 42.87
C LEU V 186 -28.76 10.17 42.62
N VAL V 187 -29.19 10.11 41.35
CA VAL V 187 -30.54 9.65 41.05
C VAL V 187 -30.66 8.15 41.26
N ARG V 188 -29.70 7.39 40.75
CA ARG V 188 -29.71 5.94 40.89
C ARG V 188 -29.03 5.46 42.17
N GLY V 189 -28.30 6.33 42.86
CA GLY V 189 -27.60 5.87 44.04
C GLY V 189 -26.44 4.95 43.72
N ILE V 190 -25.68 5.28 42.67
CA ILE V 190 -24.51 4.51 42.28
C ILE V 190 -23.29 5.40 42.51
N PHE V 191 -22.34 4.88 43.27
CA PHE V 191 -21.15 5.62 43.68
C PHE V 191 -19.93 4.76 43.41
N PRO V 192 -18.74 5.36 43.38
CA PRO V 192 -17.52 4.58 43.14
C PRO V 192 -17.40 3.44 44.13
N THR V 193 -16.70 2.39 43.72
CA THR V 193 -16.36 1.30 44.62
C THR V 193 -15.01 1.58 45.27
N ALA V 194 -14.86 1.13 46.51
CA ALA V 194 -13.62 1.35 47.24
C ALA V 194 -13.26 0.13 48.06
N VAL V 195 -11.96 -0.11 48.17
CA VAL V 195 -11.38 -1.14 49.01
C VAL V 195 -10.36 -0.47 49.92
N ILE V 196 -10.40 -0.83 51.20
CA ILE V 196 -9.45 -0.33 52.18
C ILE V 196 -8.63 -1.52 52.68
N ILE V 197 -7.34 -1.32 52.88
CA ILE V 197 -6.44 -2.39 53.29
C ILE V 197 -5.55 -1.89 54.43
N ASP V 198 -5.62 -2.56 55.57
CA ASP V 198 -4.70 -2.27 56.66
C ASP V 198 -4.21 -3.60 57.25
N ALA V 199 -3.71 -3.56 58.49
CA ALA V 199 -3.16 -4.78 59.08
C ALA V 199 -4.23 -5.85 59.24
N ASP V 200 -5.49 -5.45 59.39
CA ASP V 200 -6.57 -6.42 59.53
C ASP V 200 -7.05 -6.97 58.20
N GLY V 201 -6.46 -6.55 57.08
CA GLY V 201 -6.79 -7.10 55.79
C GLY V 201 -7.46 -6.08 54.88
N ALA V 202 -8.02 -6.62 53.81
CA ALA V 202 -8.69 -5.84 52.76
C ALA V 202 -10.19 -6.01 52.91
N VAL V 203 -10.90 -4.90 53.00
CA VAL V 203 -12.35 -4.88 53.18
C VAL V 203 -12.96 -3.99 52.10
N ASP V 204 -14.14 -4.39 51.60
CA ASP V 204 -14.92 -3.51 50.75
C ASP V 204 -15.50 -2.38 51.59
N VAL V 205 -15.30 -1.15 51.14
CA VAL V 205 -15.88 -0.02 51.87
C VAL V 205 -17.39 0.01 51.63
N PRO V 206 -18.21 0.09 52.67
CA PRO V 206 -19.67 0.11 52.46
C PRO V 206 -20.10 1.33 51.64
N GLU V 207 -21.09 1.11 50.78
CA GLU V 207 -21.49 2.15 49.84
C GLU V 207 -22.02 3.40 50.55
N SER V 208 -22.61 3.24 51.73
CA SER V 208 -23.17 4.40 52.43
C SER V 208 -22.12 5.45 52.72
N ARG V 209 -20.93 5.02 53.16
CA ARG V 209 -19.87 5.96 53.48
C ARG V 209 -19.44 6.73 52.24
N ILE V 210 -19.26 6.01 51.13
CA ILE V 210 -18.88 6.66 49.89
C ILE V 210 -19.94 7.66 49.47
N ALA V 211 -21.21 7.30 49.67
CA ALA V 211 -22.30 8.21 49.35
C ALA V 211 -22.24 9.49 50.17
N GLU V 212 -22.05 9.35 51.49
CA GLU V 212 -21.94 10.52 52.35
C GLU V 212 -20.80 11.42 51.92
N LEU V 213 -19.63 10.83 51.59
CA LEU V 213 -18.51 11.65 51.15
C LEU V 213 -18.80 12.33 49.82
N ALA V 214 -19.45 11.62 48.90
CA ALA V 214 -19.80 12.22 47.61
C ALA V 214 -20.71 13.43 47.81
N ARG V 215 -21.75 13.28 48.63
CA ARG V 215 -22.64 14.40 48.88
C ARG V 215 -21.90 15.56 49.54
N ALA V 216 -21.01 15.26 50.49
CA ALA V 216 -20.21 16.30 51.11
C ALA V 216 -19.40 17.08 50.07
N ILE V 217 -18.79 16.37 49.13
CA ILE V 217 -18.02 17.04 48.09
C ILE V 217 -18.92 17.88 47.19
N ILE V 218 -20.04 17.30 46.75
CA ILE V 218 -20.94 17.99 45.83
C ILE V 218 -21.45 19.28 46.46
N GLU V 219 -21.99 19.20 47.68
CA GLU V 219 -22.47 20.39 48.36
C GLU V 219 -21.33 21.35 48.64
N SER V 220 -20.11 20.83 48.83
CA SER V 220 -18.96 21.70 49.01
C SER V 220 -18.66 22.49 47.74
N ARG V 221 -18.96 21.94 46.57
CA ARG V 221 -18.68 22.66 45.34
C ARG V 221 -19.84 23.50 44.82
N SER V 222 -21.06 23.27 45.31
CA SER V 222 -22.17 24.12 44.90
C SER V 222 -22.39 25.32 45.81
N GLY V 223 -21.80 25.31 47.01
CA GLY V 223 -21.97 26.40 47.96
C GLY V 223 -23.29 26.33 48.72
N THR W 1 -31.92 -7.61 13.44
CA THR W 1 -32.16 -8.52 14.55
C THR W 1 -32.29 -7.74 15.86
N THR W 2 -33.24 -8.14 16.71
CA THR W 2 -33.31 -7.59 18.05
C THR W 2 -33.75 -8.68 19.01
N ILE W 3 -32.99 -8.85 20.09
CA ILE W 3 -33.33 -9.73 21.20
C ILE W 3 -33.45 -8.86 22.44
N VAL W 4 -34.56 -9.02 23.17
CA VAL W 4 -34.78 -8.30 24.40
C VAL W 4 -34.92 -9.30 25.54
N ALA W 5 -34.54 -8.86 26.75
CA ALA W 5 -34.76 -9.63 27.95
C ALA W 5 -34.99 -8.67 29.11
N LEU W 6 -35.97 -8.97 29.97
CA LEU W 6 -36.20 -8.11 31.11
C LEU W 6 -36.61 -8.94 32.31
N LYS W 7 -36.22 -8.45 33.50
CA LYS W 7 -36.58 -9.07 34.78
C LYS W 7 -37.94 -8.56 35.24
N TYR W 8 -38.72 -9.47 35.80
CA TYR W 8 -39.95 -9.14 36.49
C TYR W 8 -39.97 -9.84 37.84
N PRO W 9 -40.82 -9.40 38.78
CA PRO W 9 -40.88 -10.06 40.08
C PRO W 9 -41.14 -11.55 39.95
N GLY W 10 -40.10 -12.34 40.22
CA GLY W 10 -40.19 -13.78 40.20
C GLY W 10 -39.66 -14.46 38.95
N GLY W 11 -39.18 -13.71 37.96
CA GLY W 11 -38.67 -14.37 36.77
C GLY W 11 -38.05 -13.40 35.78
N VAL W 12 -37.79 -13.94 34.59
CA VAL W 12 -37.20 -13.19 33.50
C VAL W 12 -37.87 -13.61 32.21
N VAL W 13 -37.90 -12.69 31.24
CA VAL W 13 -38.47 -12.95 29.92
C VAL W 13 -37.46 -12.57 28.85
N MET W 14 -37.42 -13.35 27.78
CA MET W 14 -36.57 -13.04 26.62
C MET W 14 -37.37 -13.25 25.35
N ALA W 15 -37.30 -12.30 24.42
CA ALA W 15 -38.05 -12.42 23.18
C ALA W 15 -37.17 -11.96 22.02
N GLY W 16 -37.46 -12.49 20.84
CA GLY W 16 -36.67 -12.17 19.67
C GLY W 16 -37.53 -12.14 18.42
N ASP W 17 -37.09 -11.34 17.45
CA ASP W 17 -37.79 -11.22 16.17
C ASP W 17 -37.50 -12.44 15.30
N ARG W 18 -38.10 -12.46 14.11
CA ARG W 18 -38.09 -13.62 13.25
C ARG W 18 -37.46 -13.38 11.88
N ARG W 19 -36.80 -12.24 11.67
CA ARG W 19 -36.35 -11.86 10.34
C ARG W 19 -34.89 -12.26 10.11
N SER W 20 -34.62 -12.86 8.96
CA SER W 20 -33.27 -13.17 8.50
C SER W 20 -33.01 -12.44 7.20
N THR W 21 -31.85 -11.79 7.11
CA THR W 21 -31.51 -10.96 5.96
C THR W 21 -30.15 -11.34 5.39
N GLN W 22 -29.97 -11.01 4.12
CA GLN W 22 -28.68 -10.97 3.45
C GLN W 22 -28.59 -9.58 2.82
N GLY W 23 -27.94 -8.66 3.53
CA GLY W 23 -28.00 -7.27 3.13
C GLY W 23 -29.40 -6.74 3.39
N ASN W 24 -29.99 -6.11 2.38
CA ASN W 24 -31.38 -5.68 2.48
C ASN W 24 -32.36 -6.77 2.06
N MET W 25 -31.88 -7.85 1.44
CA MET W 25 -32.77 -8.90 0.97
C MET W 25 -33.23 -9.75 2.15
N ILE W 26 -34.54 -10.00 2.23
CA ILE W 26 -35.09 -10.86 3.26
C ILE W 26 -34.93 -12.32 2.85
N SER W 27 -34.16 -13.08 3.62
CA SER W 27 -33.93 -14.50 3.37
C SER W 27 -34.63 -15.40 4.37
N GLY W 28 -35.29 -14.86 5.37
CA GLY W 28 -36.02 -15.68 6.31
C GLY W 28 -37.08 -14.90 7.05
N ARG W 29 -38.25 -15.52 7.26
CA ARG W 29 -39.34 -14.87 7.97
C ARG W 29 -39.75 -15.59 9.24
N ASP W 30 -39.35 -16.83 9.44
CA ASP W 30 -39.81 -17.66 10.55
C ASP W 30 -38.65 -18.12 11.42
N VAL W 31 -37.48 -17.50 11.29
CA VAL W 31 -36.29 -18.02 11.95
C VAL W 31 -36.42 -17.92 13.46
N ARG W 32 -35.61 -18.72 14.14
CA ARG W 32 -35.63 -18.81 15.60
C ARG W 32 -34.31 -18.26 16.13
N LYS W 33 -34.38 -17.19 16.91
CA LYS W 33 -33.17 -16.57 17.47
C LYS W 33 -33.06 -16.71 18.98
N VAL W 34 -34.09 -17.21 19.67
CA VAL W 34 -34.07 -17.41 21.11
C VAL W 34 -34.24 -18.90 21.38
N TYR W 35 -33.28 -19.47 22.11
CA TYR W 35 -33.24 -20.90 22.37
C TYR W 35 -33.20 -21.17 23.87
N ILE W 36 -34.00 -22.13 24.31
CA ILE W 36 -33.91 -22.62 25.68
C ILE W 36 -32.68 -23.52 25.77
N THR W 37 -31.65 -23.07 26.47
CA THR W 37 -30.39 -23.78 26.58
C THR W 37 -30.30 -24.65 27.82
N ASP W 38 -31.20 -24.46 28.78
CA ASP W 38 -31.09 -25.15 30.06
C ASP W 38 -32.44 -25.09 30.76
N ASP W 39 -32.63 -25.94 31.76
CA ASP W 39 -33.88 -25.95 32.52
C ASP W 39 -34.20 -24.56 33.04
N TYR W 40 -33.18 -23.72 33.26
CA TYR W 40 -33.39 -22.39 33.81
C TYR W 40 -32.70 -21.28 33.04
N THR W 41 -32.22 -21.51 31.82
CA THR W 41 -31.64 -20.40 31.06
C THR W 41 -31.99 -20.52 29.59
N ALA W 42 -32.21 -19.36 28.98
CA ALA W 42 -32.40 -19.20 27.55
C ALA W 42 -31.35 -18.23 27.01
N THR W 43 -30.95 -18.46 25.76
CA THR W 43 -29.94 -17.66 25.09
C THR W 43 -30.52 -17.13 23.78
N GLY W 44 -30.45 -15.83 23.60
CA GLY W 44 -30.82 -15.20 22.34
C GLY W 44 -29.58 -14.59 21.72
N ILE W 45 -29.38 -14.84 20.43
CA ILE W 45 -28.13 -14.48 19.80
C ILE W 45 -28.40 -13.65 18.56
N ALA W 46 -27.56 -12.62 18.36
CA ALA W 46 -27.63 -11.75 17.20
C ALA W 46 -26.35 -11.87 16.37
N GLY W 47 -26.47 -11.71 15.05
CA GLY W 47 -25.31 -11.75 14.19
C GLY W 47 -25.45 -12.80 13.11
N THR W 48 -24.31 -13.36 12.69
CA THR W 48 -24.28 -14.36 11.64
C THR W 48 -25.04 -15.60 12.08
N ALA W 49 -26.03 -16.01 11.27
CA ALA W 49 -26.95 -17.07 11.65
C ALA W 49 -26.20 -18.36 11.99
N ALA W 50 -25.27 -18.75 11.12
CA ALA W 50 -24.51 -19.98 11.35
C ALA W 50 -23.81 -19.94 12.71
N VAL W 51 -23.14 -18.83 13.01
CA VAL W 51 -22.42 -18.72 14.28
C VAL W 51 -23.39 -18.66 15.45
N ALA W 52 -24.51 -17.95 15.29
CA ALA W 52 -25.48 -17.83 16.38
C ALA W 52 -26.07 -19.18 16.76
N VAL W 53 -26.55 -19.92 15.75
CA VAL W 53 -27.13 -21.23 16.02
C VAL W 53 -26.08 -22.17 16.60
N GLU W 54 -24.85 -22.10 16.09
CA GLU W 54 -23.79 -22.94 16.64
C GLU W 54 -23.52 -22.60 18.11
N PHE W 55 -23.50 -21.31 18.45
CA PHE W 55 -23.37 -20.90 19.85
C PHE W 55 -24.47 -21.54 20.69
N ALA W 56 -25.73 -21.34 20.31
CA ALA W 56 -26.83 -21.86 21.11
C ALA W 56 -26.73 -23.37 21.30
N ARG W 57 -26.50 -24.09 20.20
CA ARG W 57 -26.49 -25.55 20.23
C ARG W 57 -25.32 -26.07 21.07
N LEU W 58 -24.11 -25.60 20.76
CA LEU W 58 -22.93 -26.04 21.48
C LEU W 58 -23.01 -25.68 22.95
N TYR W 59 -23.56 -24.50 23.27
CA TYR W 59 -23.67 -24.06 24.65
C TYR W 59 -24.61 -24.97 25.45
N ALA W 60 -25.80 -25.24 24.90
CA ALA W 60 -26.72 -26.16 25.57
C ALA W 60 -26.07 -27.52 25.77
N VAL W 61 -25.39 -28.03 24.73
CA VAL W 61 -24.70 -29.30 24.86
C VAL W 61 -23.66 -29.25 25.98
N GLU W 62 -22.93 -28.14 26.09
CA GLU W 62 -21.90 -28.03 27.12
C GLU W 62 -22.51 -28.06 28.52
N LEU W 63 -23.59 -27.29 28.73
CA LEU W 63 -24.23 -27.25 30.03
C LEU W 63 -24.75 -28.62 30.45
N GLU W 64 -25.48 -29.30 29.55
CA GLU W 64 -26.00 -30.61 29.91
C GLU W 64 -24.88 -31.64 30.04
N HIS W 65 -23.77 -31.47 29.32
CA HIS W 65 -22.61 -32.33 29.50
C HIS W 65 -22.05 -32.20 30.91
N TYR W 66 -21.84 -30.97 31.38
CA TYR W 66 -21.40 -30.79 32.76
C TYR W 66 -22.38 -31.44 33.74
N GLU W 67 -23.68 -31.21 33.53
CA GLU W 67 -24.64 -31.74 34.49
C GLU W 67 -24.63 -33.26 34.54
N LYS W 68 -24.54 -33.90 33.37
CA LYS W 68 -24.54 -35.37 33.35
C LYS W 68 -23.23 -35.93 33.88
N LEU W 69 -22.12 -35.24 33.64
CA LEU W 69 -20.86 -35.73 34.16
C LEU W 69 -20.80 -35.62 35.69
N GLU W 70 -21.27 -34.50 36.24
CA GLU W 70 -21.06 -34.22 37.66
C GLU W 70 -22.29 -34.39 38.52
N GLY W 71 -23.42 -34.79 37.94
CA GLY W 71 -24.60 -35.04 38.74
C GLY W 71 -25.30 -33.80 39.25
N VAL W 72 -24.75 -32.62 38.98
CA VAL W 72 -25.33 -31.34 39.41
C VAL W 72 -25.12 -30.33 38.29
N PRO W 73 -26.05 -29.43 38.05
CA PRO W 73 -25.83 -28.40 37.03
C PRO W 73 -24.83 -27.37 37.51
N LEU W 74 -24.30 -26.62 36.55
CA LEU W 74 -23.40 -25.54 36.89
C LEU W 74 -24.13 -24.44 37.66
N THR W 75 -23.39 -23.76 38.52
CA THR W 75 -23.87 -22.50 39.06
C THR W 75 -24.05 -21.49 37.93
N PHE W 76 -24.90 -20.49 38.16
CA PHE W 76 -25.14 -19.51 37.11
C PHE W 76 -23.86 -18.78 36.73
N ALA W 77 -23.02 -18.47 37.73
CA ALA W 77 -21.73 -17.84 37.43
C ALA W 77 -20.93 -18.70 36.46
N GLY W 78 -20.91 -20.01 36.68
CA GLY W 78 -20.21 -20.91 35.77
C GLY W 78 -20.79 -20.87 34.36
N LYS W 79 -22.11 -20.84 34.25
CA LYS W 79 -22.73 -20.71 32.94
C LYS W 79 -22.27 -19.45 32.24
N ILE W 80 -22.30 -18.32 32.96
CA ILE W 80 -21.79 -17.07 32.39
C ILE W 80 -20.38 -17.26 31.88
N ASN W 81 -19.52 -17.85 32.71
CA ASN W 81 -18.11 -17.97 32.33
C ASN W 81 -17.94 -18.83 31.09
N ARG W 82 -18.72 -19.91 30.96
CA ARG W 82 -18.54 -20.75 29.79
C ARG W 82 -19.02 -20.06 28.52
N LEU W 83 -20.15 -19.35 28.60
CA LEU W 83 -20.60 -18.59 27.44
C LEU W 83 -19.56 -17.54 27.04
N ALA W 84 -19.02 -16.83 28.03
CA ALA W 84 -18.01 -15.82 27.75
C ALA W 84 -16.79 -16.43 27.08
N ILE W 85 -16.31 -17.57 27.60
CA ILE W 85 -15.14 -18.21 27.03
C ILE W 85 -15.42 -18.63 25.58
N MET W 86 -16.65 -19.06 25.30
CA MET W 86 -17.02 -19.42 23.94
C MET W 86 -16.96 -18.22 22.99
N VAL W 87 -17.53 -17.09 23.41
CA VAL W 87 -17.50 -15.89 22.58
C VAL W 87 -16.06 -15.45 22.29
N ARG W 88 -15.25 -15.36 23.36
CA ARG W 88 -13.85 -15.01 23.19
C ARG W 88 -13.17 -15.97 22.23
N GLY W 89 -13.54 -17.25 22.31
CA GLY W 89 -13.01 -18.22 21.36
C GLY W 89 -13.37 -17.89 19.93
N ASN W 90 -14.55 -17.31 19.71
CA ASN W 90 -14.95 -16.94 18.36
C ASN W 90 -14.41 -15.58 17.93
N LEU W 91 -13.66 -14.86 18.78
CA LEU W 91 -13.23 -13.50 18.45
C LEU W 91 -12.51 -13.38 17.10
N ALA W 92 -11.61 -14.31 16.79
CA ALA W 92 -10.86 -14.21 15.54
C ALA W 92 -11.78 -14.28 14.32
N ALA W 93 -12.65 -15.29 14.28
CA ALA W 93 -13.63 -15.38 13.20
C ALA W 93 -14.54 -14.17 13.18
N ALA W 94 -14.86 -13.61 14.35
CA ALA W 94 -15.67 -12.40 14.39
C ALA W 94 -14.97 -11.25 13.70
N MET W 95 -13.65 -11.12 13.91
CA MET W 95 -12.89 -10.07 13.26
C MET W 95 -12.92 -10.18 11.74
N GLN W 96 -13.21 -11.36 11.21
CA GLN W 96 -13.35 -11.58 9.78
C GLN W 96 -14.80 -11.61 9.31
N GLY W 97 -15.74 -11.20 10.16
CA GLY W 97 -17.13 -11.04 9.75
C GLY W 97 -18.10 -12.04 10.32
N LEU W 98 -17.63 -13.13 10.93
CA LEU W 98 -18.52 -14.12 11.55
C LEU W 98 -18.80 -13.76 13.01
N LEU W 99 -19.43 -12.59 13.19
CA LEU W 99 -19.66 -12.04 14.52
C LEU W 99 -21.03 -12.44 15.01
N ALA W 100 -21.10 -12.91 16.24
CA ALA W 100 -22.37 -13.19 16.89
C ALA W 100 -22.24 -12.91 18.38
N LEU W 101 -23.15 -12.10 18.92
CA LEU W 101 -23.19 -11.79 20.34
C LEU W 101 -24.42 -12.40 20.98
N PRO W 102 -24.24 -13.04 22.14
CA PRO W 102 -25.39 -13.58 22.85
C PRO W 102 -25.87 -12.64 23.94
N LEU W 103 -27.13 -12.85 24.29
CA LEU W 103 -27.78 -12.26 25.44
C LEU W 103 -28.32 -13.44 26.24
N LEU W 104 -27.96 -13.49 27.52
CA LEU W 104 -28.27 -14.61 28.39
C LEU W 104 -29.36 -14.19 29.37
N ALA W 105 -30.39 -15.04 29.51
CA ALA W 105 -31.44 -14.81 30.50
C ALA W 105 -31.58 -16.08 31.31
N GLY W 106 -31.62 -15.94 32.64
CA GLY W 106 -31.71 -17.13 33.47
C GLY W 106 -32.44 -16.85 34.76
N TYR W 107 -32.75 -17.94 35.46
CA TYR W 107 -33.33 -17.89 36.79
C TYR W 107 -32.40 -18.68 37.73
N ASP W 108 -31.79 -17.99 38.69
CA ASP W 108 -30.82 -18.59 39.59
C ASP W 108 -31.57 -19.26 40.74
N ILE W 109 -31.64 -20.60 40.71
CA ILE W 109 -32.33 -21.31 41.77
C ILE W 109 -31.57 -21.23 43.09
N HIS W 110 -30.27 -20.95 43.06
CA HIS W 110 -29.47 -20.85 44.26
C HIS W 110 -29.45 -19.45 44.85
N ALA W 111 -30.18 -18.51 44.28
CA ALA W 111 -30.17 -17.15 44.81
C ALA W 111 -30.93 -17.10 46.14
N SER W 112 -30.52 -16.17 47.00
CA SER W 112 -31.15 -16.03 48.30
C SER W 112 -32.60 -15.55 48.16
N ASP W 113 -32.81 -14.44 47.46
CA ASP W 113 -34.14 -13.88 47.29
C ASP W 113 -34.74 -14.37 45.98
N PRO W 114 -35.75 -15.26 46.00
CA PRO W 114 -36.31 -15.75 44.74
C PRO W 114 -37.07 -14.69 43.95
N GLN W 115 -37.51 -13.60 44.59
CA GLN W 115 -38.20 -12.55 43.84
C GLN W 115 -37.27 -11.83 42.88
N SER W 116 -35.98 -11.79 43.19
CA SER W 116 -34.98 -11.12 42.36
C SER W 116 -33.98 -12.10 41.76
N ALA W 117 -34.35 -13.38 41.67
CA ALA W 117 -33.48 -14.41 41.12
C ALA W 117 -33.32 -14.31 39.61
N GLY W 118 -34.06 -13.42 38.95
CA GLY W 118 -33.89 -13.26 37.52
C GLY W 118 -32.52 -12.67 37.21
N ARG W 119 -31.95 -13.12 36.10
CA ARG W 119 -30.62 -12.70 35.70
C ARG W 119 -30.60 -12.40 34.21
N ILE W 120 -29.94 -11.30 33.86
CA ILE W 120 -29.76 -10.88 32.48
C ILE W 120 -28.29 -10.50 32.28
N VAL W 121 -27.61 -11.19 31.37
CA VAL W 121 -26.19 -11.03 31.14
C VAL W 121 -25.99 -10.64 29.68
N SER W 122 -25.26 -9.55 29.45
CA SER W 122 -24.89 -9.14 28.09
C SER W 122 -23.40 -9.39 27.87
N PHE W 123 -23.03 -9.56 26.61
CA PHE W 123 -21.68 -9.91 26.24
C PHE W 123 -21.19 -9.03 25.09
N ASP W 124 -19.88 -8.81 25.05
CA ASP W 124 -19.25 -8.20 23.89
C ASP W 124 -18.40 -9.23 23.16
N ALA W 125 -17.87 -8.83 21.99
CA ALA W 125 -17.19 -9.77 21.12
C ALA W 125 -15.91 -10.34 21.74
N ALA W 126 -15.39 -9.73 22.80
CA ALA W 126 -14.20 -10.21 23.49
C ALA W 126 -14.53 -11.12 24.65
N GLY W 127 -15.81 -11.44 24.85
CA GLY W 127 -16.25 -12.26 25.95
C GLY W 127 -16.50 -11.51 27.24
N GLY W 128 -16.21 -10.21 27.30
CA GLY W 128 -16.56 -9.44 28.47
C GLY W 128 -18.06 -9.43 28.66
N TRP W 129 -18.48 -9.54 29.93
CA TRP W 129 -19.90 -9.67 30.23
C TRP W 129 -20.29 -8.72 31.35
N ASN W 130 -21.57 -8.37 31.37
CA ASN W 130 -22.13 -7.55 32.44
C ASN W 130 -23.47 -8.12 32.85
N ILE W 131 -23.64 -8.33 34.15
CA ILE W 131 -24.93 -8.70 34.72
C ILE W 131 -25.73 -7.42 34.92
N GLU W 132 -26.89 -7.35 34.27
CA GLU W 132 -27.64 -6.10 34.18
C GLU W 132 -28.45 -5.90 35.45
N GLU W 133 -28.02 -4.97 36.30
CA GLU W 133 -28.72 -4.67 37.52
C GLU W 133 -29.88 -3.70 37.31
N GLU W 134 -30.15 -3.27 36.07
CA GLU W 134 -31.21 -2.32 35.81
C GLU W 134 -32.44 -2.95 35.16
N GLY W 135 -32.47 -4.26 34.98
CA GLY W 135 -33.70 -4.99 34.75
C GLY W 135 -33.98 -5.41 33.32
N TYR W 136 -33.39 -4.75 32.33
CA TYR W 136 -33.67 -5.09 30.93
C TYR W 136 -32.40 -4.91 30.12
N GLN W 137 -32.40 -5.49 28.92
CA GLN W 137 -31.25 -5.42 28.04
C GLN W 137 -31.66 -5.92 26.67
N ALA W 138 -30.94 -5.48 25.63
CA ALA W 138 -31.22 -5.91 24.27
C ALA W 138 -29.92 -6.04 23.51
N VAL W 139 -29.97 -6.80 22.40
CA VAL W 139 -28.82 -6.98 21.52
C VAL W 139 -29.31 -7.04 20.08
N GLY W 140 -28.49 -6.56 19.15
CA GLY W 140 -28.81 -6.57 17.74
C GLY W 140 -28.89 -5.17 17.17
N SER W 141 -29.23 -5.12 15.88
CA SER W 141 -29.26 -3.85 15.14
C SER W 141 -30.38 -2.93 15.59
N GLY W 142 -31.40 -3.45 16.25
CA GLY W 142 -32.43 -2.64 16.85
C GLY W 142 -32.32 -2.51 18.35
N SER W 143 -31.18 -2.90 18.93
CA SER W 143 -31.07 -2.99 20.38
C SER W 143 -31.20 -1.63 21.04
N LEU W 144 -30.71 -0.56 20.41
CA LEU W 144 -30.82 0.76 21.03
C LEU W 144 -32.26 1.25 21.04
N PHE W 145 -32.99 1.01 19.96
CA PHE W 145 -34.40 1.38 19.94
C PHE W 145 -35.18 0.62 21.00
N ALA W 146 -34.94 -0.69 21.08
CA ALA W 146 -35.66 -1.50 22.06
C ALA W 146 -35.32 -1.08 23.48
N LYS W 147 -34.03 -0.84 23.74
CA LYS W 147 -33.59 -0.42 25.07
C LYS W 147 -34.24 0.91 25.45
N SER W 148 -34.27 1.87 24.52
CA SER W 148 -34.86 3.16 24.85
C SER W 148 -36.37 3.05 25.06
N SER W 149 -37.03 2.15 24.34
CA SER W 149 -38.46 1.89 24.57
C SER W 149 -38.68 1.32 25.97
N MET W 150 -37.92 0.28 26.32
CA MET W 150 -38.07 -0.33 27.64
C MET W 150 -37.72 0.65 28.76
N LYS W 151 -36.84 1.61 28.50
CA LYS W 151 -36.55 2.61 29.52
C LYS W 151 -37.83 3.34 29.93
N LYS W 152 -38.72 3.60 28.98
CA LYS W 152 -39.97 4.29 29.26
C LYS W 152 -41.07 3.35 29.72
N LEU W 153 -41.05 2.08 29.30
CA LEU W 153 -42.14 1.17 29.64
C LEU W 153 -41.88 0.31 30.87
N TYR W 154 -40.66 0.34 31.42
CA TYR W 154 -40.29 -0.68 32.41
C TYR W 154 -41.03 -0.50 33.72
N SER W 155 -41.41 0.73 34.06
CA SER W 155 -42.15 0.98 35.30
C SER W 155 -43.48 0.24 35.32
N GLN W 156 -43.97 -0.20 34.16
CA GLN W 156 -45.22 -0.92 34.08
C GLN W 156 -45.08 -2.42 34.31
N VAL W 157 -43.86 -2.91 34.51
CA VAL W 157 -43.60 -4.34 34.67
C VAL W 157 -43.77 -4.70 36.14
N THR W 158 -44.83 -5.47 36.43
CA THR W 158 -45.11 -5.96 37.77
C THR W 158 -45.26 -7.47 37.86
N ASP W 159 -45.40 -8.16 36.73
CA ASP W 159 -45.53 -9.61 36.72
C ASP W 159 -45.08 -10.16 35.36
N GLY W 160 -45.30 -11.45 35.14
CA GLY W 160 -44.87 -12.05 33.88
C GLY W 160 -45.60 -11.50 32.68
N ASP W 161 -46.90 -11.20 32.82
CA ASP W 161 -47.68 -10.74 31.67
C ASP W 161 -47.27 -9.32 31.26
N SER W 162 -47.13 -8.42 32.23
CA SER W 162 -46.71 -7.07 31.89
C SER W 162 -45.30 -7.10 31.31
N GLY W 163 -44.43 -7.94 31.86
CA GLY W 163 -43.08 -8.05 31.32
C GLY W 163 -43.06 -8.57 29.90
N LEU W 164 -43.90 -9.56 29.61
CA LEU W 164 -43.98 -10.07 28.24
C LEU W 164 -44.52 -9.02 27.28
N ARG W 165 -45.54 -8.26 27.72
CA ARG W 165 -46.06 -7.19 26.87
C ARG W 165 -45.00 -6.13 26.60
N VAL W 166 -44.25 -5.75 27.63
CA VAL W 166 -43.20 -4.76 27.43
C VAL W 166 -42.14 -5.29 26.48
N ALA W 167 -41.79 -6.57 26.60
CA ALA W 167 -40.81 -7.17 25.69
C ALA W 167 -41.29 -7.09 24.25
N VAL W 168 -42.53 -7.55 24.00
CA VAL W 168 -43.04 -7.57 22.64
C VAL W 168 -43.16 -6.16 22.08
N GLU W 169 -43.55 -5.20 22.92
CA GLU W 169 -43.67 -3.82 22.44
C GLU W 169 -42.32 -3.21 22.14
N ALA W 170 -41.28 -3.56 22.92
CA ALA W 170 -39.93 -3.13 22.59
C ALA W 170 -39.47 -3.71 21.27
N LEU W 171 -39.76 -5.00 21.04
CA LEU W 171 -39.47 -5.58 19.72
C LEU W 171 -40.25 -4.86 18.62
N TYR W 172 -41.45 -4.39 18.94
CA TYR W 172 -42.24 -3.66 17.97
C TYR W 172 -41.56 -2.34 17.61
N ASP W 173 -41.09 -1.60 18.62
CA ASP W 173 -40.38 -0.36 18.34
C ASP W 173 -39.09 -0.60 17.57
N ALA W 174 -38.36 -1.67 17.94
CA ALA W 174 -37.16 -2.03 17.21
C ALA W 174 -37.46 -2.24 15.73
N ALA W 175 -38.46 -3.08 15.43
CA ALA W 175 -38.82 -3.30 14.02
C ALA W 175 -39.34 -2.02 13.38
N ASP W 176 -39.89 -1.11 14.18
CA ASP W 176 -40.41 0.14 13.65
C ASP W 176 -39.27 1.02 13.14
N ASP W 177 -38.12 0.99 13.80
CA ASP W 177 -37.01 1.85 13.39
C ASP W 177 -35.86 1.11 12.71
N ASP W 178 -35.83 -0.22 12.74
CA ASP W 178 -34.73 -1.02 12.19
C ASP W 178 -35.29 -2.00 11.16
N SER W 179 -34.89 -1.83 9.91
CA SER W 179 -35.44 -2.68 8.85
C SER W 179 -34.91 -4.10 8.91
N ALA W 180 -33.79 -4.32 9.60
CA ALA W 180 -33.26 -5.67 9.74
C ALA W 180 -34.00 -6.49 10.79
N THR W 181 -34.83 -5.84 11.61
CA THR W 181 -35.62 -6.50 12.64
C THR W 181 -37.05 -6.65 12.13
N GLY W 182 -37.59 -7.87 12.24
CA GLY W 182 -38.91 -8.16 11.73
C GLY W 182 -39.99 -7.87 12.75
N GLY W 183 -41.01 -7.14 12.31
CA GLY W 183 -42.18 -6.89 13.11
C GLY W 183 -43.21 -7.99 12.97
N PRO W 184 -44.34 -7.83 13.67
CA PRO W 184 -45.40 -8.85 13.59
C PRO W 184 -46.01 -8.91 12.20
N ASP W 185 -46.00 -10.11 11.62
CA ASP W 185 -46.56 -10.34 10.29
C ASP W 185 -47.97 -10.87 10.47
N LEU W 186 -48.96 -9.98 10.38
CA LEU W 186 -50.34 -10.41 10.56
C LEU W 186 -50.88 -11.14 9.35
N VAL W 187 -50.28 -10.94 8.18
CA VAL W 187 -50.74 -11.64 6.98
C VAL W 187 -50.32 -13.09 7.02
N ARG W 188 -49.07 -13.35 7.41
CA ARG W 188 -48.59 -14.72 7.51
C ARG W 188 -48.82 -15.31 8.89
N GLY W 189 -49.16 -14.49 9.88
CA GLY W 189 -49.33 -14.99 11.23
C GLY W 189 -48.03 -15.39 11.88
N ILE W 190 -46.97 -14.62 11.65
CA ILE W 190 -45.66 -14.86 12.22
C ILE W 190 -45.36 -13.76 13.22
N PHE W 191 -45.00 -14.15 14.44
CA PHE W 191 -44.79 -13.23 15.55
C PHE W 191 -43.47 -13.56 16.24
N PRO W 192 -42.94 -12.65 17.04
CA PRO W 192 -41.71 -12.93 17.80
C PRO W 192 -41.83 -14.17 18.67
N THR W 193 -40.69 -14.79 18.95
CA THR W 193 -40.65 -15.89 19.91
C THR W 193 -40.31 -15.36 21.30
N ALA W 194 -40.85 -16.01 22.32
CA ALA W 194 -40.60 -15.58 23.68
C ALA W 194 -40.42 -16.79 24.58
N VAL W 195 -39.55 -16.62 25.57
CA VAL W 195 -39.29 -17.59 26.62
C VAL W 195 -39.51 -16.90 27.96
N ILE W 196 -40.15 -17.62 28.87
CA ILE W 196 -40.35 -17.17 30.25
C ILE W 196 -39.59 -18.13 31.15
N ILE W 197 -38.92 -17.59 32.18
CA ILE W 197 -38.17 -18.42 33.11
C ILE W 197 -38.53 -17.96 34.52
N ASP W 198 -39.03 -18.87 35.33
CA ASP W 198 -39.24 -18.59 36.75
C ASP W 198 -38.78 -19.81 37.54
N ALA W 199 -39.24 -19.92 38.78
CA ALA W 199 -38.81 -21.01 39.65
C ALA W 199 -39.22 -22.37 39.09
N ASP W 200 -40.29 -22.43 38.32
CA ASP W 200 -40.69 -23.70 37.73
C ASP W 200 -39.93 -24.04 36.45
N GLY W 201 -38.99 -23.20 36.03
CA GLY W 201 -38.17 -23.49 34.87
C GLY W 201 -38.42 -22.53 33.72
N ALA W 202 -37.91 -22.92 32.55
CA ALA W 202 -38.00 -22.15 31.33
C ALA W 202 -39.01 -22.79 30.38
N VAL W 203 -39.98 -22.00 29.92
CA VAL W 203 -41.02 -22.46 29.02
C VAL W 203 -41.08 -21.53 27.82
N ASP W 204 -41.33 -22.10 26.64
CA ASP W 204 -41.61 -21.32 25.45
C ASP W 204 -43.02 -20.72 25.52
N VAL W 205 -43.12 -19.42 25.26
CA VAL W 205 -44.44 -18.79 25.24
C VAL W 205 -45.18 -19.20 23.98
N PRO W 206 -46.43 -19.66 24.07
CA PRO W 206 -47.16 -20.05 22.87
C PRO W 206 -47.39 -18.86 21.96
N GLU W 207 -47.30 -19.11 20.64
CA GLU W 207 -47.37 -18.01 19.68
C GLU W 207 -48.68 -17.25 19.78
N SER W 208 -49.77 -17.93 20.15
CA SER W 208 -51.07 -17.27 20.23
C SER W 208 -51.04 -16.12 21.23
N ARG W 209 -50.32 -16.28 22.35
CA ARG W 209 -50.24 -15.24 23.36
C ARG W 209 -49.50 -14.01 22.83
N ILE W 210 -48.37 -14.25 22.15
CA ILE W 210 -47.61 -13.16 21.56
C ILE W 210 -48.41 -12.47 20.47
N ALA W 211 -49.22 -13.24 19.72
CA ALA W 211 -50.10 -12.66 18.72
C ALA W 211 -51.11 -11.72 19.35
N GLU W 212 -51.75 -12.17 20.45
CA GLU W 212 -52.65 -11.29 21.21
C GLU W 212 -51.96 -9.97 21.55
N LEU W 213 -50.78 -10.06 22.18
CA LEU W 213 -50.11 -8.84 22.62
C LEU W 213 -49.76 -7.96 21.42
N ALA W 214 -49.30 -8.57 20.32
CA ALA W 214 -48.98 -7.78 19.14
C ALA W 214 -50.20 -7.04 18.63
N ARG W 215 -51.35 -7.71 18.55
CA ARG W 215 -52.55 -7.03 18.09
C ARG W 215 -52.91 -5.87 19.01
N ALA W 216 -52.85 -6.09 20.32
CA ALA W 216 -53.15 -5.01 21.27
C ALA W 216 -52.24 -3.80 21.05
N ILE W 217 -50.95 -4.06 20.84
CA ILE W 217 -50.00 -2.96 20.61
C ILE W 217 -50.34 -2.23 19.32
N ILE W 218 -50.61 -2.98 18.26
CA ILE W 218 -50.93 -2.38 16.96
C ILE W 218 -52.16 -1.48 17.07
N GLU W 219 -53.23 -1.99 17.70
CA GLU W 219 -54.43 -1.19 17.88
C GLU W 219 -54.15 0.04 18.73
N SER W 220 -53.34 -0.12 19.78
CA SER W 220 -52.98 1.03 20.60
C SER W 220 -52.24 2.08 19.80
N ARG W 221 -51.48 1.68 18.77
CA ARG W 221 -50.73 2.64 17.99
C ARG W 221 -51.52 3.22 16.83
N SER W 222 -52.62 2.59 16.42
CA SER W 222 -53.47 3.17 15.39
C SER W 222 -54.62 3.99 15.96
N GLY W 223 -54.79 4.01 17.27
CA GLY W 223 -55.84 4.80 17.91
C GLY W 223 -56.00 4.54 19.40
N THR X 1 -26.59 -20.41 -13.35
CA THR X 1 -27.07 -21.61 -12.66
C THR X 1 -28.35 -21.29 -11.90
N THR X 2 -29.31 -22.21 -11.91
CA THR X 2 -30.49 -22.10 -11.08
C THR X 2 -30.95 -23.50 -10.71
N ILE X 3 -31.16 -23.72 -9.42
CA ILE X 3 -31.75 -24.95 -8.89
C ILE X 3 -33.03 -24.56 -8.17
N VAL X 4 -34.11 -25.25 -8.48
CA VAL X 4 -35.39 -25.01 -7.84
C VAL X 4 -35.82 -26.28 -7.12
N ALA X 5 -36.56 -26.09 -6.03
CA ALA X 5 -37.17 -27.19 -5.30
C ALA X 5 -38.49 -26.70 -4.72
N LEU X 6 -39.52 -27.53 -4.82
CA LEU X 6 -40.83 -27.17 -4.29
C LEU X 6 -41.52 -28.40 -3.72
N LYS X 7 -42.33 -28.17 -2.69
CA LYS X 7 -43.11 -29.23 -2.07
C LYS X 7 -44.44 -29.37 -2.80
N TYR X 8 -44.86 -30.61 -2.99
CA TYR X 8 -46.20 -30.89 -3.49
C TYR X 8 -46.81 -31.91 -2.54
N PRO X 9 -48.16 -32.04 -2.54
CA PRO X 9 -48.79 -32.99 -1.61
C PRO X 9 -48.25 -34.41 -1.77
N GLY X 10 -47.48 -34.85 -0.77
CA GLY X 10 -46.90 -36.17 -0.73
C GLY X 10 -45.45 -36.27 -1.15
N GLY X 11 -44.81 -35.18 -1.53
CA GLY X 11 -43.43 -35.28 -1.95
C GLY X 11 -42.80 -33.94 -2.24
N VAL X 12 -41.62 -34.00 -2.86
CA VAL X 12 -40.85 -32.82 -3.20
C VAL X 12 -40.24 -33.01 -4.58
N VAL X 13 -39.98 -31.90 -5.27
CA VAL X 13 -39.36 -31.90 -6.59
C VAL X 13 -38.19 -30.94 -6.59
N MET X 14 -37.12 -31.33 -7.30
CA MET X 14 -35.96 -30.46 -7.49
C MET X 14 -35.53 -30.55 -8.95
N ALA X 15 -35.26 -29.40 -9.57
CA ALA X 15 -34.83 -29.37 -10.97
C ALA X 15 -33.72 -28.34 -11.14
N GLY X 16 -32.88 -28.57 -12.14
CA GLY X 16 -31.75 -27.69 -12.40
C GLY X 16 -31.42 -27.60 -13.88
N ASP X 17 -30.88 -26.44 -14.28
CA ASP X 17 -30.48 -26.21 -15.65
C ASP X 17 -29.17 -26.93 -15.97
N ARG X 18 -28.72 -26.81 -17.22
CA ARG X 18 -27.63 -27.63 -17.74
C ARG X 18 -26.41 -26.82 -18.19
N ARG X 19 -26.37 -25.52 -17.88
CA ARG X 19 -25.36 -24.64 -18.46
C ARG X 19 -24.15 -24.52 -17.54
N SER X 20 -22.96 -24.64 -18.12
CA SER X 20 -21.69 -24.38 -17.44
C SER X 20 -20.98 -23.26 -18.16
N THR X 21 -20.48 -22.27 -17.42
CA THR X 21 -19.85 -21.11 -18.02
C THR X 21 -18.48 -20.88 -17.39
N GLN X 22 -17.64 -20.17 -18.14
CA GLN X 22 -16.40 -19.57 -17.62
C GLN X 22 -16.49 -18.10 -18.00
N GLY X 23 -16.96 -17.28 -17.08
CA GLY X 23 -17.25 -15.90 -17.45
C GLY X 23 -18.44 -15.86 -18.37
N ASN X 24 -18.29 -15.17 -19.51
CA ASN X 24 -19.37 -15.11 -20.48
C ASN X 24 -19.39 -16.32 -21.40
N MET X 25 -18.28 -17.05 -21.47
CA MET X 25 -18.17 -18.17 -22.39
C MET X 25 -18.91 -19.38 -21.87
N ILE X 26 -19.64 -20.03 -22.77
CA ILE X 26 -20.33 -21.27 -22.45
C ILE X 26 -19.35 -22.43 -22.60
N SER X 27 -19.06 -23.11 -21.48
CA SER X 27 -18.16 -24.26 -21.46
C SER X 27 -18.89 -25.59 -21.26
N GLY X 28 -20.22 -25.57 -21.08
CA GLY X 28 -20.99 -26.79 -20.95
C GLY X 28 -22.46 -26.60 -21.23
N ARG X 29 -23.07 -27.58 -21.90
CA ARG X 29 -24.49 -27.52 -22.23
C ARG X 29 -25.31 -28.64 -21.63
N ASP X 30 -24.70 -29.72 -21.14
CA ASP X 30 -25.44 -30.88 -20.69
C ASP X 30 -25.13 -31.25 -19.25
N VAL X 31 -24.51 -30.34 -18.48
CA VAL X 31 -24.02 -30.72 -17.16
C VAL X 31 -25.19 -31.02 -16.22
N ARG X 32 -24.92 -31.83 -15.20
CA ARG X 32 -25.92 -32.24 -14.22
C ARG X 32 -25.66 -31.52 -12.91
N LYS X 33 -26.62 -30.74 -12.46
CA LYS X 33 -26.48 -30.03 -11.20
C LYS X 33 -27.36 -30.57 -10.09
N VAL X 34 -28.23 -31.54 -10.36
CA VAL X 34 -29.07 -32.16 -9.35
C VAL X 34 -28.67 -33.63 -9.22
N TYR X 35 -28.32 -34.04 -8.01
CA TYR X 35 -27.84 -35.39 -7.74
C TYR X 35 -28.69 -36.05 -6.67
N ILE X 36 -29.05 -37.31 -6.89
CA ILE X 36 -29.70 -38.12 -5.87
C ILE X 36 -28.63 -38.54 -4.88
N THR X 37 -28.69 -38.00 -3.66
CA THR X 37 -27.64 -38.30 -2.70
C THR X 37 -27.95 -39.48 -1.80
N ASP X 38 -29.23 -39.83 -1.65
CA ASP X 38 -29.58 -41.05 -0.91
C ASP X 38 -31.02 -41.35 -1.26
N ASP X 39 -31.48 -42.54 -0.84
CA ASP X 39 -32.81 -43.01 -1.20
C ASP X 39 -33.91 -41.97 -1.00
N TYR X 40 -33.71 -41.00 -0.09
CA TYR X 40 -34.75 -40.02 0.16
C TYR X 40 -34.25 -38.57 0.11
N THR X 41 -33.07 -38.30 -0.47
CA THR X 41 -32.62 -36.92 -0.62
C THR X 41 -31.90 -36.71 -1.94
N ALA X 42 -32.14 -35.53 -2.51
CA ALA X 42 -31.43 -34.99 -3.66
C ALA X 42 -30.80 -33.65 -3.31
N THR X 43 -29.65 -33.39 -3.92
CA THR X 43 -28.89 -32.16 -3.69
C THR X 43 -28.59 -31.48 -5.02
N GLY X 44 -28.97 -30.21 -5.14
CA GLY X 44 -28.60 -29.41 -6.31
C GLY X 44 -27.70 -28.27 -5.85
N ILE X 45 -26.59 -28.09 -6.56
CA ILE X 45 -25.54 -27.19 -6.11
C ILE X 45 -25.22 -26.17 -7.19
N ALA X 46 -24.98 -24.92 -6.76
CA ALA X 46 -24.58 -23.82 -7.62
C ALA X 46 -23.20 -23.33 -7.20
N GLY X 47 -22.43 -22.83 -8.16
CA GLY X 47 -21.12 -22.27 -7.88
C GLY X 47 -20.04 -22.95 -8.70
N THR X 48 -18.83 -22.97 -8.13
CA THR X 48 -17.70 -23.59 -8.82
C THR X 48 -17.96 -25.07 -9.03
N ALA X 49 -17.82 -25.50 -10.29
CA ALA X 49 -18.18 -26.86 -10.65
C ALA X 49 -17.43 -27.88 -9.81
N ALA X 50 -16.10 -27.72 -9.69
CA ALA X 50 -15.29 -28.68 -8.94
C ALA X 50 -15.79 -28.82 -7.51
N VAL X 51 -16.03 -27.69 -6.84
CA VAL X 51 -16.49 -27.73 -5.45
C VAL X 51 -17.89 -28.32 -5.36
N ALA X 52 -18.77 -28.00 -6.32
CA ALA X 52 -20.14 -28.49 -6.30
C ALA X 52 -20.18 -30.01 -6.43
N VAL X 53 -19.52 -30.54 -7.46
CA VAL X 53 -19.49 -31.98 -7.68
C VAL X 53 -18.82 -32.68 -6.50
N GLU X 54 -17.76 -32.08 -5.96
CA GLU X 54 -17.13 -32.67 -4.78
C GLU X 54 -18.10 -32.71 -3.61
N PHE X 55 -18.87 -31.64 -3.43
CA PHE X 55 -19.89 -31.63 -2.38
C PHE X 55 -20.85 -32.79 -2.56
N ALA X 56 -21.47 -32.90 -3.72
CA ALA X 56 -22.48 -33.94 -3.93
C ALA X 56 -21.90 -35.34 -3.71
N ARG X 57 -20.73 -35.60 -4.30
CA ARG X 57 -20.16 -36.95 -4.25
C ARG X 57 -19.75 -37.32 -2.81
N LEU X 58 -19.00 -36.43 -2.16
CA LEU X 58 -18.58 -36.67 -0.79
C LEU X 58 -19.77 -36.80 0.14
N TYR X 59 -20.80 -35.98 -0.08
CA TYR X 59 -21.99 -36.02 0.77
C TYR X 59 -22.70 -37.36 0.68
N ALA X 60 -22.98 -37.82 -0.54
CA ALA X 60 -23.63 -39.11 -0.71
C ALA X 60 -22.81 -40.22 -0.06
N VAL X 61 -21.48 -40.22 -0.30
CA VAL X 61 -20.63 -41.22 0.33
C VAL X 61 -20.75 -41.15 1.85
N GLU X 62 -20.83 -39.93 2.40
CA GLU X 62 -20.90 -39.78 3.85
C GLU X 62 -22.19 -40.36 4.42
N LEU X 63 -23.32 -40.05 3.79
CA LEU X 63 -24.60 -40.60 4.27
C LEU X 63 -24.59 -42.12 4.22
N GLU X 64 -24.21 -42.70 3.08
CA GLU X 64 -24.20 -44.15 3.01
C GLU X 64 -23.15 -44.75 3.97
N HIS X 65 -22.06 -44.03 4.20
CA HIS X 65 -21.05 -44.48 5.16
C HIS X 65 -21.67 -44.65 6.55
N TYR X 66 -22.34 -43.60 7.04
CA TYR X 66 -23.03 -43.72 8.33
C TYR X 66 -24.03 -44.87 8.31
N GLU X 67 -24.79 -45.00 7.22
CA GLU X 67 -25.83 -46.02 7.17
C GLU X 67 -25.25 -47.43 7.27
N LYS X 68 -24.15 -47.69 6.59
CA LYS X 68 -23.55 -49.02 6.65
C LYS X 68 -22.85 -49.25 7.99
N LEU X 69 -22.25 -48.19 8.56
CA LEU X 69 -21.57 -48.39 9.83
C LEU X 69 -22.57 -48.68 10.95
N GLU X 70 -23.68 -47.96 10.99
CA GLU X 70 -24.58 -48.06 12.13
C GLU X 70 -25.86 -48.83 11.81
N GLY X 71 -26.02 -49.34 10.60
CA GLY X 71 -27.18 -50.15 10.28
C GLY X 71 -28.48 -49.39 10.09
N VAL X 72 -28.47 -48.08 10.29
CA VAL X 72 -29.66 -47.24 10.16
C VAL X 72 -29.25 -45.91 9.53
N PRO X 73 -30.06 -45.31 8.66
CA PRO X 73 -29.69 -44.02 8.09
C PRO X 73 -29.80 -42.88 9.09
N LEU X 74 -29.15 -41.77 8.77
CA LEU X 74 -29.25 -40.59 9.61
C LEU X 74 -30.67 -40.04 9.60
N THR X 75 -31.08 -39.45 10.72
CA THR X 75 -32.27 -38.63 10.71
C THR X 75 -32.07 -37.45 9.77
N PHE X 76 -33.18 -36.88 9.30
CA PHE X 76 -33.06 -35.77 8.35
C PHE X 76 -32.30 -34.60 8.97
N ALA X 77 -32.57 -34.31 10.25
CA ALA X 77 -31.83 -33.26 10.95
C ALA X 77 -30.32 -33.52 10.90
N GLY X 78 -29.91 -34.77 11.12
CA GLY X 78 -28.49 -35.09 11.03
C GLY X 78 -27.92 -34.87 9.65
N LYS X 79 -28.68 -35.23 8.62
CA LYS X 79 -28.25 -34.98 7.24
C LYS X 79 -28.04 -33.49 7.00
N ILE X 80 -28.98 -32.67 7.46
CA ILE X 80 -28.83 -31.21 7.38
C ILE X 80 -27.52 -30.79 8.05
N ASN X 81 -27.29 -31.22 9.28
CA ASN X 81 -26.11 -30.76 10.01
C ASN X 81 -24.83 -31.18 9.30
N ARG X 82 -24.81 -32.39 8.72
CA ARG X 82 -23.62 -32.84 8.02
C ARG X 82 -23.35 -32.00 6.77
N LEU X 83 -24.40 -31.74 5.97
CA LEU X 83 -24.21 -30.90 4.79
C LEU X 83 -23.73 -29.50 5.18
N ALA X 84 -24.34 -28.94 6.23
CA ALA X 84 -23.94 -27.62 6.73
C ALA X 84 -22.48 -27.63 7.14
N ILE X 85 -22.07 -28.67 7.87
CA ILE X 85 -20.69 -28.78 8.32
C ILE X 85 -19.75 -28.82 7.13
N MET X 86 -20.18 -29.47 6.04
CA MET X 86 -19.35 -29.52 4.82
C MET X 86 -19.20 -28.13 4.18
N VAL X 87 -20.30 -27.39 4.04
CA VAL X 87 -20.23 -26.04 3.47
C VAL X 87 -19.30 -25.15 4.31
N ARG X 88 -19.57 -25.08 5.62
CA ARG X 88 -18.73 -24.30 6.51
C ARG X 88 -17.28 -24.75 6.42
N GLY X 89 -17.05 -26.04 6.14
CA GLY X 89 -15.70 -26.51 5.90
C GLY X 89 -15.09 -25.87 4.67
N ASN X 90 -15.89 -25.63 3.64
CA ASN X 90 -15.33 -25.00 2.44
C ASN X 90 -15.26 -23.47 2.52
N LEU X 91 -15.70 -22.86 3.63
CA LEU X 91 -15.77 -21.39 3.70
C LEU X 91 -14.46 -20.71 3.33
N ALA X 92 -13.32 -21.24 3.80
CA ALA X 92 -12.03 -20.59 3.55
C ALA X 92 -11.73 -20.51 2.06
N ALA X 93 -11.82 -21.64 1.35
CA ALA X 93 -11.64 -21.64 -0.10
C ALA X 93 -12.71 -20.81 -0.80
N ALA X 94 -13.92 -20.77 -0.25
CA ALA X 94 -14.98 -19.96 -0.84
C ALA X 94 -14.59 -18.49 -0.84
N MET X 95 -13.95 -18.01 0.23
CA MET X 95 -13.47 -16.63 0.25
C MET X 95 -12.47 -16.38 -0.86
N GLN X 96 -11.61 -17.37 -1.16
CA GLN X 96 -10.65 -17.28 -2.25
C GLN X 96 -11.31 -17.40 -3.62
N GLY X 97 -12.59 -17.76 -3.69
CA GLY X 97 -13.31 -17.81 -4.96
C GLY X 97 -13.91 -19.15 -5.32
N LEU X 98 -13.58 -20.23 -4.62
CA LEU X 98 -14.15 -21.55 -4.92
C LEU X 98 -15.44 -21.75 -4.12
N LEU X 99 -16.44 -20.93 -4.44
CA LEU X 99 -17.68 -20.90 -3.68
C LEU X 99 -18.71 -21.82 -4.32
N ALA X 100 -19.39 -22.61 -3.49
CA ALA X 100 -20.49 -23.45 -3.96
C ALA X 100 -21.51 -23.57 -2.84
N LEU X 101 -22.78 -23.29 -3.16
CA LEU X 101 -23.89 -23.43 -2.23
C LEU X 101 -24.82 -24.54 -2.66
N PRO X 102 -25.22 -25.42 -1.74
CA PRO X 102 -26.19 -26.46 -2.07
C PRO X 102 -27.60 -26.08 -1.63
N LEU X 103 -28.56 -26.71 -2.30
CA LEU X 103 -29.97 -26.71 -1.96
C LEU X 103 -30.38 -28.16 -1.80
N LEU X 104 -30.97 -28.48 -0.65
CA LEU X 104 -31.29 -29.85 -0.27
C LEU X 104 -32.78 -30.08 -0.35
N ALA X 105 -33.18 -31.19 -0.96
CA ALA X 105 -34.57 -31.59 -1.01
C ALA X 105 -34.68 -33.03 -0.54
N GLY X 106 -35.62 -33.31 0.36
CA GLY X 106 -35.73 -34.65 0.88
C GLY X 106 -37.15 -34.99 1.25
N TYR X 107 -37.37 -36.27 1.53
CA TYR X 107 -38.63 -36.79 2.05
C TYR X 107 -38.32 -37.49 3.36
N ASP X 108 -38.82 -36.95 4.47
CA ASP X 108 -38.51 -37.49 5.79
C ASP X 108 -39.44 -38.66 6.10
N ILE X 109 -38.91 -39.88 6.03
CA ILE X 109 -39.75 -41.03 6.30
C ILE X 109 -40.20 -41.08 7.75
N HIS X 110 -39.50 -40.38 8.65
CA HIS X 110 -39.86 -40.34 10.06
C HIS X 110 -40.79 -39.18 10.39
N ALA X 111 -41.23 -38.41 9.39
CA ALA X 111 -42.10 -37.28 9.65
C ALA X 111 -43.50 -37.75 10.04
N SER X 112 -44.18 -36.92 10.84
CA SER X 112 -45.51 -37.27 11.33
C SER X 112 -46.53 -37.31 10.19
N ASP X 113 -46.61 -36.22 9.41
CA ASP X 113 -47.60 -36.11 8.35
C ASP X 113 -46.98 -36.58 7.04
N PRO X 114 -47.40 -37.73 6.48
CA PRO X 114 -46.80 -38.22 5.23
C PRO X 114 -47.07 -37.33 4.04
N GLN X 115 -47.99 -36.37 4.14
CA GLN X 115 -48.20 -35.39 3.08
C GLN X 115 -47.29 -34.19 3.23
N SER X 116 -46.96 -33.81 4.46
CA SER X 116 -46.03 -32.71 4.72
C SER X 116 -44.63 -33.20 5.05
N ALA X 117 -44.30 -34.43 4.65
CA ALA X 117 -42.96 -34.98 4.90
C ALA X 117 -41.91 -34.38 3.97
N GLY X 118 -42.32 -33.55 3.00
CA GLY X 118 -41.35 -32.91 2.14
C GLY X 118 -40.52 -31.88 2.89
N ARG X 119 -39.25 -31.79 2.49
CA ARG X 119 -38.30 -30.89 3.13
C ARG X 119 -37.46 -30.20 2.07
N ILE X 120 -37.27 -28.89 2.27
CA ILE X 120 -36.40 -28.09 1.41
C ILE X 120 -35.54 -27.24 2.32
N VAL X 121 -34.23 -27.40 2.23
CA VAL X 121 -33.27 -26.71 3.09
C VAL X 121 -32.30 -25.92 2.24
N SER X 122 -32.15 -24.63 2.55
CA SER X 122 -31.22 -23.75 1.87
C SER X 122 -30.03 -23.45 2.79
N PHE X 123 -28.90 -23.12 2.18
CA PHE X 123 -27.64 -22.95 2.90
C PHE X 123 -26.94 -21.69 2.43
N ASP X 124 -26.17 -21.08 3.34
CA ASP X 124 -25.27 -19.97 2.99
C ASP X 124 -23.82 -20.42 3.10
N ALA X 125 -22.92 -19.51 2.69
CA ALA X 125 -21.51 -19.84 2.58
C ALA X 125 -20.87 -20.18 3.94
N ALA X 126 -21.52 -19.84 5.05
CA ALA X 126 -21.01 -20.18 6.37
C ALA X 126 -21.61 -21.46 6.92
N GLY X 127 -22.42 -22.16 6.11
CA GLY X 127 -23.07 -23.37 6.59
C GLY X 127 -24.39 -23.12 7.29
N GLY X 128 -24.78 -21.86 7.49
CA GLY X 128 -26.09 -21.59 8.03
C GLY X 128 -27.17 -22.09 7.09
N TRP X 129 -28.22 -22.67 7.68
CA TRP X 129 -29.27 -23.30 6.90
C TRP X 129 -30.63 -22.82 7.38
N ASN X 130 -31.59 -22.92 6.46
CA ASN X 130 -32.99 -22.60 6.75
C ASN X 130 -33.87 -23.66 6.11
N ILE X 131 -34.75 -24.26 6.91
CA ILE X 131 -35.78 -25.14 6.38
C ILE X 131 -36.93 -24.27 5.90
N GLU X 132 -37.24 -24.37 4.61
CA GLU X 132 -38.19 -23.46 3.97
C GLU X 132 -39.61 -23.95 4.19
N GLU X 133 -40.39 -23.16 4.93
CA GLU X 133 -41.76 -23.52 5.26
C GLU X 133 -42.79 -23.04 4.24
N GLU X 134 -42.41 -22.13 3.34
CA GLU X 134 -43.35 -21.61 2.36
C GLU X 134 -43.39 -22.43 1.07
N GLY X 135 -42.67 -23.54 1.01
CA GLY X 135 -42.92 -24.57 0.01
C GLY X 135 -41.95 -24.64 -1.15
N TYR X 136 -41.24 -23.56 -1.45
CA TYR X 136 -40.33 -23.56 -2.59
C TYR X 136 -39.08 -22.76 -2.25
N GLN X 137 -38.04 -22.97 -3.05
CA GLN X 137 -36.76 -22.30 -2.82
C GLN X 137 -35.91 -22.51 -4.07
N ALA X 138 -34.95 -21.60 -4.27
CA ALA X 138 -34.03 -21.70 -5.39
C ALA X 138 -32.67 -21.21 -4.96
N VAL X 139 -31.65 -21.61 -5.74
CA VAL X 139 -30.28 -21.21 -5.49
C VAL X 139 -29.59 -21.02 -6.84
N GLY X 140 -28.66 -20.07 -6.88
CA GLY X 140 -27.92 -19.78 -8.09
C GLY X 140 -28.17 -18.36 -8.60
N SER X 141 -27.52 -18.05 -9.72
CA SER X 141 -27.55 -16.69 -10.26
C SER X 141 -28.93 -16.30 -10.79
N GLY X 142 -29.80 -17.26 -11.07
CA GLY X 142 -31.16 -16.95 -11.44
C GLY X 142 -32.18 -17.23 -10.36
N SER X 143 -31.75 -17.48 -9.12
CA SER X 143 -32.65 -17.95 -8.09
C SER X 143 -33.70 -16.91 -7.72
N LEU X 144 -33.38 -15.62 -7.83
CA LEU X 144 -34.37 -14.60 -7.50
C LEU X 144 -35.51 -14.60 -8.52
N PHE X 145 -35.19 -14.75 -9.80
CA PHE X 145 -36.22 -14.86 -10.83
C PHE X 145 -37.06 -16.12 -10.64
N ALA X 146 -36.41 -17.26 -10.36
CA ALA X 146 -37.14 -18.49 -10.17
C ALA X 146 -38.06 -18.43 -8.95
N LYS X 147 -37.55 -17.89 -7.84
CA LYS X 147 -38.36 -17.74 -6.64
C LYS X 147 -39.56 -16.83 -6.87
N SER X 148 -39.35 -15.69 -7.53
CA SER X 148 -40.49 -14.80 -7.75
C SER X 148 -41.50 -15.39 -8.71
N SER X 149 -41.05 -16.20 -9.67
CA SER X 149 -41.99 -16.93 -10.52
C SER X 149 -42.80 -17.93 -9.72
N MET X 150 -42.12 -18.74 -8.90
CA MET X 150 -42.83 -19.73 -8.09
C MET X 150 -43.78 -19.06 -7.09
N LYS X 151 -43.46 -17.86 -6.66
CA LYS X 151 -44.38 -17.13 -5.77
C LYS X 151 -45.74 -16.97 -6.43
N LYS X 152 -45.75 -16.75 -7.75
CA LYS X 152 -46.97 -16.57 -8.51
C LYS X 152 -47.58 -17.89 -8.98
N LEU X 153 -46.76 -18.90 -9.25
CA LEU X 153 -47.22 -20.16 -9.82
C LEU X 153 -47.49 -21.25 -8.79
N TYR X 154 -47.20 -21.02 -7.52
CA TYR X 154 -47.22 -22.14 -6.57
C TYR X 154 -48.64 -22.61 -6.30
N SER X 155 -49.63 -21.73 -6.46
CA SER X 155 -51.03 -22.10 -6.27
C SER X 155 -51.50 -23.19 -7.23
N GLN X 156 -50.78 -23.41 -8.32
CA GLN X 156 -51.16 -24.43 -9.29
C GLN X 156 -50.63 -25.81 -8.92
N VAL X 157 -49.89 -25.93 -7.84
CA VAL X 157 -49.26 -27.20 -7.47
C VAL X 157 -50.28 -28.00 -6.65
N THR X 158 -50.79 -29.08 -7.24
CA THR X 158 -51.73 -29.96 -6.57
C THR X 158 -51.30 -31.42 -6.57
N ASP X 159 -50.31 -31.79 -7.36
CA ASP X 159 -49.82 -33.16 -7.41
C ASP X 159 -48.37 -33.12 -7.90
N GLY X 160 -47.81 -34.30 -8.16
CA GLY X 160 -46.42 -34.35 -8.61
C GLY X 160 -46.24 -33.73 -9.98
N ASP X 161 -47.21 -33.91 -10.88
CA ASP X 161 -47.03 -33.42 -12.24
C ASP X 161 -47.12 -31.90 -12.30
N SER X 162 -48.10 -31.31 -11.63
CA SER X 162 -48.19 -29.85 -11.62
C SER X 162 -46.97 -29.23 -10.96
N GLY X 163 -46.48 -29.84 -9.88
CA GLY X 163 -45.26 -29.35 -9.25
C GLY X 163 -44.07 -29.43 -10.18
N LEU X 164 -43.96 -30.51 -10.95
CA LEU X 164 -42.88 -30.61 -11.92
C LEU X 164 -42.99 -29.52 -12.98
N ARG X 165 -44.22 -29.23 -13.44
CA ARG X 165 -44.38 -28.17 -14.43
C ARG X 165 -43.99 -26.82 -13.85
N VAL X 166 -44.41 -26.54 -12.62
CA VAL X 166 -44.06 -25.26 -12.01
C VAL X 166 -42.54 -25.14 -11.85
N ALA X 167 -41.89 -26.25 -11.50
CA ALA X 167 -40.43 -26.24 -11.42
C ALA X 167 -39.81 -25.90 -12.77
N VAL X 168 -40.23 -26.60 -13.83
CA VAL X 168 -39.65 -26.37 -15.15
C VAL X 168 -39.91 -24.95 -15.63
N GLU X 169 -41.09 -24.42 -15.31
CA GLU X 169 -41.42 -23.05 -15.74
C GLU X 169 -40.60 -22.03 -14.98
N ALA X 170 -40.36 -22.26 -13.69
CA ALA X 170 -39.50 -21.36 -12.93
C ALA X 170 -38.07 -21.37 -13.47
N LEU X 171 -37.55 -22.55 -13.80
CA LEU X 171 -36.25 -22.60 -14.48
C LEU X 171 -36.28 -21.87 -15.81
N TYR X 172 -37.43 -21.90 -16.50
CA TYR X 172 -37.55 -21.19 -17.77
C TYR X 172 -37.45 -19.69 -17.58
N ASP X 173 -38.16 -19.15 -16.58
CA ASP X 173 -38.08 -17.71 -16.30
C ASP X 173 -36.67 -17.32 -15.85
N ALA X 174 -36.04 -18.14 -15.01
CA ALA X 174 -34.67 -17.88 -14.62
C ALA X 174 -33.76 -17.77 -15.84
N ALA X 175 -33.82 -18.75 -16.74
CA ALA X 175 -33.01 -18.68 -17.95
C ALA X 175 -33.40 -17.50 -18.82
N ASP X 176 -34.65 -17.05 -18.70
CA ASP X 176 -35.12 -15.91 -19.48
C ASP X 176 -34.45 -14.63 -19.05
N ASP X 177 -34.20 -14.45 -17.74
CA ASP X 177 -33.62 -13.21 -17.24
C ASP X 177 -32.16 -13.33 -16.80
N ASP X 178 -31.60 -14.54 -16.72
CA ASP X 178 -30.22 -14.72 -16.27
C ASP X 178 -29.46 -15.50 -17.34
N SER X 179 -28.44 -14.88 -17.91
CA SER X 179 -27.70 -15.50 -19.01
C SER X 179 -26.83 -16.66 -18.56
N ALA X 180 -26.55 -16.78 -17.26
CA ALA X 180 -25.80 -17.91 -16.74
C ALA X 180 -26.66 -19.16 -16.58
N THR X 181 -27.98 -19.03 -16.67
CA THR X 181 -28.90 -20.16 -16.57
C THR X 181 -29.34 -20.58 -17.96
N GLY X 182 -29.24 -21.88 -18.24
CA GLY X 182 -29.57 -22.41 -19.54
C GLY X 182 -31.05 -22.77 -19.62
N GLY X 183 -31.69 -22.30 -20.68
CA GLY X 183 -33.05 -22.65 -20.99
C GLY X 183 -33.15 -23.92 -21.81
N PRO X 184 -34.36 -24.31 -22.18
CA PRO X 184 -34.53 -25.51 -23.01
C PRO X 184 -33.93 -25.29 -24.39
N ASP X 185 -33.02 -26.18 -24.78
CA ASP X 185 -32.36 -26.14 -26.09
C ASP X 185 -33.12 -27.12 -26.98
N LEU X 186 -34.02 -26.59 -27.81
CA LEU X 186 -34.81 -27.46 -28.67
C LEU X 186 -34.04 -27.97 -29.88
N VAL X 187 -32.94 -27.28 -30.26
CA VAL X 187 -32.16 -27.74 -31.39
C VAL X 187 -31.36 -28.99 -31.01
N ARG X 188 -30.70 -28.96 -29.85
CA ARG X 188 -29.93 -30.09 -29.37
C ARG X 188 -30.73 -31.05 -28.52
N GLY X 189 -31.92 -30.68 -28.08
CA GLY X 189 -32.73 -31.54 -27.22
C GLY X 189 -32.19 -31.72 -25.82
N ILE X 190 -31.68 -30.64 -25.21
CA ILE X 190 -31.13 -30.67 -23.86
C ILE X 190 -32.08 -29.89 -22.96
N PHE X 191 -32.54 -30.52 -21.90
CA PHE X 191 -33.55 -29.95 -21.03
C PHE X 191 -33.10 -30.04 -19.59
N PRO X 192 -33.70 -29.27 -18.69
CA PRO X 192 -33.33 -29.36 -17.28
C PRO X 192 -33.47 -30.78 -16.75
N THR X 193 -32.66 -31.12 -15.76
CA THR X 193 -32.82 -32.40 -15.07
C THR X 193 -33.69 -32.22 -13.85
N ALA X 194 -34.45 -33.26 -13.51
CA ALA X 194 -35.35 -33.19 -12.36
C ALA X 194 -35.33 -34.50 -11.61
N VAL X 195 -35.46 -34.40 -10.28
CA VAL X 195 -35.61 -35.53 -9.38
C VAL X 195 -36.87 -35.29 -8.56
N ILE X 196 -37.68 -36.33 -8.41
CA ILE X 196 -38.88 -36.27 -7.58
C ILE X 196 -38.73 -37.29 -6.47
N ILE X 197 -39.20 -36.92 -5.28
CA ILE X 197 -39.05 -37.76 -4.09
C ILE X 197 -40.40 -37.84 -3.40
N ASP X 198 -40.90 -39.06 -3.19
CA ASP X 198 -42.11 -39.26 -2.40
C ASP X 198 -41.83 -40.42 -1.44
N ALA X 199 -42.90 -41.02 -0.92
CA ALA X 199 -42.73 -42.09 0.07
C ALA X 199 -41.98 -43.28 -0.50
N ASP X 200 -42.06 -43.50 -1.80
CA ASP X 200 -41.34 -44.61 -2.43
C ASP X 200 -39.89 -44.29 -2.73
N GLY X 201 -39.42 -43.09 -2.40
CA GLY X 201 -38.03 -42.75 -2.60
C GLY X 201 -37.83 -41.66 -3.63
N ALA X 202 -36.58 -41.51 -4.06
CA ALA X 202 -36.16 -40.50 -5.01
C ALA X 202 -35.89 -41.15 -6.36
N VAL X 203 -36.54 -40.64 -7.40
CA VAL X 203 -36.39 -41.16 -8.74
C VAL X 203 -36.07 -40.00 -9.67
N ASP X 204 -35.24 -40.29 -10.67
CA ASP X 204 -34.96 -39.35 -11.74
C ASP X 204 -36.17 -39.22 -12.65
N VAL X 205 -36.56 -37.98 -12.93
CA VAL X 205 -37.66 -37.75 -13.87
C VAL X 205 -37.17 -38.02 -15.28
N PRO X 206 -37.90 -38.80 -16.08
CA PRO X 206 -37.47 -39.08 -17.45
C PRO X 206 -37.41 -37.81 -18.29
N GLU X 207 -36.42 -37.74 -19.18
CA GLU X 207 -36.21 -36.55 -19.98
C GLU X 207 -37.42 -36.22 -20.85
N SER X 208 -38.14 -37.24 -21.31
CA SER X 208 -39.27 -37.01 -22.21
C SER X 208 -40.34 -36.13 -21.58
N ARG X 209 -40.67 -36.39 -20.31
CA ARG X 209 -41.74 -35.63 -19.65
C ARG X 209 -41.34 -34.17 -19.50
N ILE X 210 -40.08 -33.92 -19.10
CA ILE X 210 -39.60 -32.54 -19.01
C ILE X 210 -39.62 -31.87 -20.37
N ALA X 211 -39.25 -32.61 -21.42
CA ALA X 211 -39.31 -32.04 -22.76
C ALA X 211 -40.73 -31.63 -23.13
N GLU X 212 -41.71 -32.48 -22.82
CA GLU X 212 -43.09 -32.16 -23.11
C GLU X 212 -43.56 -30.91 -22.35
N LEU X 213 -43.23 -30.83 -21.05
CA LEU X 213 -43.62 -29.65 -20.28
C LEU X 213 -42.96 -28.38 -20.81
N ALA X 214 -41.68 -28.48 -21.18
CA ALA X 214 -40.98 -27.33 -21.73
C ALA X 214 -41.64 -26.86 -23.03
N ARG X 215 -41.93 -27.80 -23.94
CA ARG X 215 -42.58 -27.41 -25.18
C ARG X 215 -43.95 -26.81 -24.93
N ALA X 216 -44.67 -27.29 -23.91
CA ALA X 216 -45.95 -26.69 -23.59
C ALA X 216 -45.79 -25.25 -23.12
N ILE X 217 -44.78 -24.98 -22.28
CA ILE X 217 -44.55 -23.62 -21.80
C ILE X 217 -44.16 -22.71 -22.95
N ILE X 218 -43.23 -23.17 -23.78
CA ILE X 218 -42.78 -22.37 -24.92
C ILE X 218 -43.95 -22.05 -25.84
N GLU X 219 -44.77 -23.05 -26.13
CA GLU X 219 -45.93 -22.84 -26.98
C GLU X 219 -46.94 -21.89 -26.33
N SER X 220 -46.99 -21.87 -24.99
CA SER X 220 -47.91 -20.97 -24.30
C SER X 220 -47.43 -19.53 -24.33
N ARG X 221 -46.13 -19.30 -24.38
CA ARG X 221 -45.60 -17.94 -24.40
C ARG X 221 -45.44 -17.35 -25.80
N SER X 222 -45.67 -18.15 -26.83
CA SER X 222 -45.58 -17.68 -28.22
C SER X 222 -46.89 -17.09 -28.71
N THR Y 1 0.03 -22.40 -27.28
CA THR Y 1 -0.16 -23.84 -27.17
C THR Y 1 -1.58 -24.20 -27.54
N THR Y 2 -1.75 -25.25 -28.34
CA THR Y 2 -3.07 -25.80 -28.61
C THR Y 2 -3.02 -27.32 -28.63
N ILE Y 3 -3.90 -27.94 -27.87
CA ILE Y 3 -4.11 -29.38 -27.86
C ILE Y 3 -5.55 -29.62 -28.29
N VAL Y 4 -5.74 -30.50 -29.26
CA VAL Y 4 -7.08 -30.84 -29.70
C VAL Y 4 -7.30 -32.32 -29.47
N ALA Y 5 -8.56 -32.68 -29.23
CA ALA Y 5 -8.96 -34.07 -29.13
C ALA Y 5 -10.36 -34.19 -29.69
N LEU Y 6 -10.58 -35.25 -30.48
CA LEU Y 6 -11.89 -35.49 -31.06
C LEU Y 6 -12.16 -36.98 -31.11
N LYS Y 7 -13.45 -37.32 -30.99
CA LYS Y 7 -13.93 -38.69 -31.12
C LYS Y 7 -14.21 -39.02 -32.58
N TYR Y 8 -13.87 -40.24 -32.97
CA TYR Y 8 -14.29 -40.78 -34.25
C TYR Y 8 -14.91 -42.15 -34.00
N PRO Y 9 -15.67 -42.69 -34.97
CA PRO Y 9 -16.29 -44.02 -34.76
C PRO Y 9 -15.29 -45.09 -34.40
N GLY Y 10 -15.29 -45.53 -33.14
CA GLY Y 10 -14.40 -46.58 -32.71
C GLY Y 10 -13.14 -46.12 -32.00
N GLY Y 11 -12.93 -44.82 -31.84
CA GLY Y 11 -11.72 -44.39 -31.17
C GLY Y 11 -11.69 -42.89 -30.94
N VAL Y 12 -10.51 -42.42 -30.56
CA VAL Y 12 -10.30 -41.01 -30.26
C VAL Y 12 -8.92 -40.61 -30.79
N VAL Y 13 -8.78 -39.33 -31.15
CA VAL Y 13 -7.51 -38.80 -31.63
C VAL Y 13 -7.18 -37.52 -30.87
N MET Y 14 -5.90 -37.33 -30.55
CA MET Y 14 -5.41 -36.14 -29.87
C MET Y 14 -4.13 -35.65 -30.53
N ALA Y 15 -4.03 -34.34 -30.75
CA ALA Y 15 -2.84 -33.79 -31.37
C ALA Y 15 -2.47 -32.48 -30.68
N GLY Y 16 -1.18 -32.17 -30.73
CA GLY Y 16 -0.68 -30.96 -30.09
C GLY Y 16 0.45 -30.36 -30.90
N ASP Y 17 0.58 -29.04 -30.79
CA ASP Y 17 1.62 -28.30 -31.50
C ASP Y 17 2.98 -28.48 -30.83
N ARG Y 18 4.01 -27.88 -31.42
CA ARG Y 18 5.38 -28.15 -31.03
C ARG Y 18 6.14 -26.92 -30.54
N ARG Y 19 5.44 -25.80 -30.32
CA ARG Y 19 6.12 -24.55 -30.03
C ARG Y 19 6.23 -24.33 -28.54
N SER Y 20 7.43 -23.93 -28.10
CA SER Y 20 7.68 -23.53 -26.72
C SER Y 20 8.15 -22.08 -26.73
N THR Y 21 7.52 -21.25 -25.90
CA THR Y 21 7.79 -19.83 -25.88
C THR Y 21 8.09 -19.35 -24.47
N GLN Y 22 8.82 -18.23 -24.40
CA GLN Y 22 9.01 -17.43 -23.20
C GLN Y 22 8.64 -15.99 -23.55
N GLY Y 23 7.42 -15.59 -23.24
CA GLY Y 23 6.97 -14.29 -23.72
C GLY Y 23 6.76 -14.35 -25.21
N ASN Y 24 7.39 -13.42 -25.93
CA ASN Y 24 7.34 -13.44 -27.39
C ASN Y 24 8.41 -14.33 -28.01
N MET Y 25 9.45 -14.66 -27.25
CA MET Y 25 10.57 -15.39 -27.81
C MET Y 25 10.25 -16.87 -27.94
N ILE Y 26 10.59 -17.44 -29.10
CA ILE Y 26 10.43 -18.87 -29.33
C ILE Y 26 11.64 -19.59 -28.73
N SER Y 27 11.38 -20.43 -27.74
CA SER Y 27 12.44 -21.17 -27.05
C SER Y 27 12.45 -22.66 -27.38
N GLY Y 28 11.51 -23.14 -28.18
CA GLY Y 28 11.50 -24.54 -28.58
C GLY Y 28 10.69 -24.75 -29.84
N ARG Y 29 11.16 -25.61 -30.75
CA ARG Y 29 10.44 -25.86 -32.00
C ARG Y 29 9.95 -27.29 -32.15
N ASP Y 30 10.47 -28.24 -31.37
CA ASP Y 30 10.20 -29.66 -31.53
C ASP Y 30 9.54 -30.25 -30.29
N VAL Y 31 8.98 -29.38 -29.44
CA VAL Y 31 8.49 -29.79 -28.14
C VAL Y 31 7.33 -30.77 -28.27
N ARG Y 32 7.24 -31.69 -27.31
CA ARG Y 32 6.18 -32.70 -27.26
C ARG Y 32 5.22 -32.38 -26.11
N LYS Y 33 3.93 -32.24 -26.44
CA LYS Y 33 2.92 -31.88 -25.47
C LYS Y 33 1.83 -32.91 -25.27
N VAL Y 34 1.80 -33.97 -26.07
CA VAL Y 34 0.82 -35.04 -25.97
C VAL Y 34 1.56 -36.32 -25.62
N TYR Y 35 1.16 -36.96 -24.53
CA TYR Y 35 1.85 -38.13 -24.01
C TYR Y 35 0.87 -39.30 -23.90
N ILE Y 36 1.31 -40.49 -24.31
CA ILE Y 36 0.53 -41.70 -24.05
C ILE Y 36 0.73 -42.04 -22.59
N THR Y 37 -0.31 -41.87 -21.79
CA THR Y 37 -0.23 -42.13 -20.36
C THR Y 37 -0.69 -43.53 -20.01
N ASP Y 38 -1.34 -44.22 -20.94
CA ASP Y 38 -1.94 -45.51 -20.63
C ASP Y 38 -2.09 -46.33 -21.91
N ASP Y 39 -2.31 -47.63 -21.73
CA ASP Y 39 -2.58 -48.47 -22.89
C ASP Y 39 -3.74 -47.89 -23.71
N TYR Y 40 -4.66 -47.17 -23.04
CA TYR Y 40 -5.85 -46.67 -23.70
C TYR Y 40 -6.13 -45.19 -23.45
N THR Y 41 -5.16 -44.43 -22.96
CA THR Y 41 -5.37 -43.00 -22.74
C THR Y 41 -4.12 -42.21 -23.10
N ALA Y 42 -4.35 -41.05 -23.67
CA ALA Y 42 -3.34 -40.04 -23.93
C ALA Y 42 -3.76 -38.75 -23.24
N THR Y 43 -2.76 -37.99 -22.79
CA THR Y 43 -3.00 -36.72 -22.10
C THR Y 43 -2.18 -35.63 -22.78
N GLY Y 44 -2.82 -34.54 -23.13
CA GLY Y 44 -2.07 -33.40 -23.64
C GLY Y 44 -2.20 -32.22 -22.69
N ILE Y 45 -1.13 -31.50 -22.37
CA ILE Y 45 -1.20 -30.48 -21.33
C ILE Y 45 -0.75 -29.13 -21.89
N ALA Y 46 -1.43 -28.06 -21.48
CA ALA Y 46 -1.08 -26.70 -21.85
C ALA Y 46 -0.66 -25.91 -20.60
N GLY Y 47 0.27 -24.98 -20.77
CA GLY Y 47 0.71 -24.13 -19.69
C GLY Y 47 2.22 -24.21 -19.45
N THR Y 48 2.60 -24.02 -18.18
CA THR Y 48 4.02 -24.04 -17.82
C THR Y 48 4.62 -25.40 -18.12
N ALA Y 49 5.68 -25.41 -18.93
CA ALA Y 49 6.24 -26.65 -19.44
C ALA Y 49 6.62 -27.61 -18.31
N ALA Y 50 7.33 -27.11 -17.31
CA ALA Y 50 7.76 -27.95 -16.20
C ALA Y 50 6.57 -28.63 -15.52
N VAL Y 51 5.52 -27.86 -15.23
CA VAL Y 51 4.36 -28.41 -14.56
C VAL Y 51 3.63 -29.40 -15.48
N ALA Y 52 3.54 -29.09 -16.78
CA ALA Y 52 2.85 -29.98 -17.71
C ALA Y 52 3.53 -31.34 -17.80
N VAL Y 53 4.85 -31.34 -18.03
CA VAL Y 53 5.58 -32.59 -18.14
C VAL Y 53 5.52 -33.35 -16.82
N GLU Y 54 5.63 -32.65 -15.68
CA GLU Y 54 5.53 -33.35 -14.42
C GLU Y 54 4.15 -33.98 -14.25
N PHE Y 55 3.10 -33.29 -14.70
CA PHE Y 55 1.75 -33.87 -14.69
C PHE Y 55 1.72 -35.18 -15.49
N ALA Y 56 2.12 -35.14 -16.75
CA ALA Y 56 2.03 -36.34 -17.59
C ALA Y 56 2.83 -37.48 -16.99
N ARG Y 57 4.06 -37.20 -16.57
CA ARG Y 57 4.95 -38.25 -16.09
C ARG Y 57 4.41 -38.87 -14.80
N LEU Y 58 4.07 -38.01 -13.83
CA LEU Y 58 3.54 -38.47 -12.55
C LEU Y 58 2.24 -39.23 -12.75
N TYR Y 59 1.39 -38.77 -13.67
CA TYR Y 59 0.12 -39.42 -13.94
C TYR Y 59 0.32 -40.83 -14.50
N ALA Y 60 1.18 -40.96 -15.51
CA ALA Y 60 1.46 -42.29 -16.06
C ALA Y 60 1.97 -43.23 -14.97
N VAL Y 61 2.91 -42.74 -14.16
CA VAL Y 61 3.41 -43.57 -13.05
C VAL Y 61 2.27 -43.96 -12.12
N GLU Y 62 1.33 -43.06 -11.85
CA GLU Y 62 0.23 -43.36 -10.94
C GLU Y 62 -0.69 -44.45 -11.50
N LEU Y 63 -1.07 -44.32 -12.77
CA LEU Y 63 -1.95 -45.32 -13.39
C LEU Y 63 -1.29 -46.70 -13.40
N GLU Y 64 -0.05 -46.78 -13.90
CA GLU Y 64 0.61 -48.07 -13.93
C GLU Y 64 0.87 -48.60 -12.52
N HIS Y 65 1.05 -47.70 -11.56
CA HIS Y 65 1.23 -48.09 -10.17
C HIS Y 65 0.00 -48.80 -9.63
N TYR Y 66 -1.18 -48.18 -9.80
CA TYR Y 66 -2.40 -48.87 -9.39
C TYR Y 66 -2.53 -50.20 -10.12
N GLU Y 67 -2.24 -50.22 -11.42
CA GLU Y 67 -2.46 -51.43 -12.22
C GLU Y 67 -1.59 -52.59 -11.72
N LYS Y 68 -0.34 -52.31 -11.36
CA LYS Y 68 0.54 -53.36 -10.84
C LYS Y 68 0.17 -53.76 -9.42
N LEU Y 69 -0.29 -52.80 -8.61
CA LEU Y 69 -0.63 -53.12 -7.23
C LEU Y 69 -1.87 -54.00 -7.15
N GLU Y 70 -2.90 -53.69 -7.92
CA GLU Y 70 -4.19 -54.36 -7.80
C GLU Y 70 -4.46 -55.36 -8.92
N GLY Y 71 -3.54 -55.51 -9.88
CA GLY Y 71 -3.68 -56.47 -10.95
C GLY Y 71 -4.65 -56.09 -12.03
N VAL Y 72 -5.35 -54.96 -11.90
CA VAL Y 72 -6.35 -54.52 -12.86
C VAL Y 72 -6.18 -53.02 -13.02
N PRO Y 73 -6.38 -52.46 -14.21
CA PRO Y 73 -6.29 -51.01 -14.35
C PRO Y 73 -7.50 -50.32 -13.76
N LEU Y 74 -7.34 -49.02 -13.53
CA LEU Y 74 -8.45 -48.22 -13.05
C LEU Y 74 -9.56 -48.13 -14.09
N THR Y 75 -10.79 -48.06 -13.62
CA THR Y 75 -11.88 -47.67 -14.49
C THR Y 75 -11.61 -46.28 -15.03
N PHE Y 76 -12.19 -45.98 -16.20
CA PHE Y 76 -11.92 -44.68 -16.80
C PHE Y 76 -12.36 -43.55 -15.89
N ALA Y 77 -13.49 -43.74 -15.18
CA ALA Y 77 -13.90 -42.77 -14.17
C ALA Y 77 -12.82 -42.57 -13.12
N GLY Y 78 -12.19 -43.67 -12.66
CA GLY Y 78 -11.11 -43.54 -11.70
C GLY Y 78 -9.94 -42.74 -12.25
N LYS Y 79 -9.57 -42.99 -13.52
CA LYS Y 79 -8.50 -42.23 -14.16
C LYS Y 79 -8.84 -40.75 -14.18
N ILE Y 80 -10.06 -40.43 -14.60
CA ILE Y 80 -10.52 -39.04 -14.60
C ILE Y 80 -10.35 -38.43 -13.22
N ASN Y 81 -10.85 -39.12 -12.20
CA ASN Y 81 -10.84 -38.56 -10.85
C ASN Y 81 -9.42 -38.32 -10.35
N ARG Y 82 -8.49 -39.22 -10.68
CA ARG Y 82 -7.11 -39.04 -10.22
C ARG Y 82 -6.47 -37.84 -10.92
N LEU Y 83 -6.69 -37.69 -12.23
CA LEU Y 83 -6.15 -36.52 -12.92
C LEU Y 83 -6.71 -35.22 -12.31
N ALA Y 84 -8.03 -35.21 -12.04
CA ALA Y 84 -8.65 -34.05 -11.42
C ALA Y 84 -8.04 -33.74 -10.07
N ILE Y 85 -7.81 -34.77 -9.26
CA ILE Y 85 -7.19 -34.57 -7.95
C ILE Y 85 -5.81 -33.96 -8.12
N MET Y 86 -5.07 -34.39 -9.13
CA MET Y 86 -3.73 -33.87 -9.37
C MET Y 86 -3.77 -32.36 -9.68
N VAL Y 87 -4.67 -31.97 -10.58
CA VAL Y 87 -4.81 -30.55 -10.93
C VAL Y 87 -5.18 -29.73 -9.71
N ARG Y 88 -6.23 -30.13 -9.00
CA ARG Y 88 -6.62 -29.40 -7.79
C ARG Y 88 -5.44 -29.29 -6.83
N GLY Y 89 -4.63 -30.36 -6.74
CA GLY Y 89 -3.44 -30.29 -5.92
C GLY Y 89 -2.49 -29.19 -6.36
N ASN Y 90 -2.41 -28.94 -7.67
CA ASN Y 90 -1.53 -27.89 -8.14
C ASN Y 90 -2.17 -26.50 -8.12
N LEU Y 91 -3.41 -26.36 -7.65
CA LEU Y 91 -4.10 -25.07 -7.75
C LEU Y 91 -3.30 -23.91 -7.16
N ALA Y 92 -2.71 -24.09 -5.98
CA ALA Y 92 -2.00 -22.97 -5.33
C ALA Y 92 -0.83 -22.50 -6.18
N ALA Y 93 0.03 -23.42 -6.60
CA ALA Y 93 1.13 -23.06 -7.47
C ALA Y 93 0.63 -22.45 -8.78
N ALA Y 94 -0.53 -22.90 -9.28
CA ALA Y 94 -1.10 -22.30 -10.48
C ALA Y 94 -1.43 -20.84 -10.25
N MET Y 95 -1.98 -20.52 -9.06
CA MET Y 95 -2.19 -19.12 -8.72
C MET Y 95 -0.87 -18.36 -8.68
N GLN Y 96 0.22 -19.04 -8.31
CA GLN Y 96 1.52 -18.38 -8.34
C GLN Y 96 2.18 -18.35 -9.72
N GLY Y 97 1.52 -18.83 -10.78
CA GLY Y 97 2.06 -18.75 -12.13
C GLY Y 97 2.47 -20.08 -12.75
N LEU Y 98 2.57 -21.14 -11.96
CA LEU Y 98 2.89 -22.47 -12.50
C LEU Y 98 1.60 -23.21 -12.86
N LEU Y 99 0.92 -22.66 -13.87
CA LEU Y 99 -0.38 -23.14 -14.26
C LEU Y 99 -0.25 -24.15 -15.40
N ALA Y 100 -0.97 -25.28 -15.27
CA ALA Y 100 -1.04 -26.26 -16.34
C ALA Y 100 -2.39 -26.95 -16.32
N LEU Y 101 -3.07 -26.97 -17.46
CA LEU Y 101 -4.34 -27.68 -17.61
C LEU Y 101 -4.18 -28.87 -18.53
N PRO Y 102 -4.72 -30.01 -18.17
CA PRO Y 102 -4.66 -31.16 -19.06
C PRO Y 102 -5.93 -31.33 -19.88
N LEU Y 103 -5.80 -32.04 -20.98
CA LEU Y 103 -6.90 -32.54 -21.78
C LEU Y 103 -6.72 -34.04 -21.89
N LEU Y 104 -7.76 -34.80 -21.54
CA LEU Y 104 -7.67 -36.26 -21.49
C LEU Y 104 -8.46 -36.88 -22.63
N ALA Y 105 -7.84 -37.79 -23.35
CA ALA Y 105 -8.53 -38.55 -24.39
C ALA Y 105 -8.29 -40.02 -24.15
N GLY Y 106 -9.35 -40.82 -24.16
CA GLY Y 106 -9.19 -42.23 -23.85
C GLY Y 106 -10.19 -43.09 -24.59
N TYR Y 107 -9.96 -44.40 -24.50
CA TYR Y 107 -10.87 -45.41 -25.04
C TYR Y 107 -11.28 -46.34 -23.93
N ASP Y 108 -12.57 -46.32 -23.59
CA ASP Y 108 -13.09 -47.10 -22.46
C ASP Y 108 -13.38 -48.52 -22.92
N ILE Y 109 -12.52 -49.46 -22.53
CA ILE Y 109 -12.72 -50.86 -22.91
C ILE Y 109 -13.95 -51.45 -22.25
N HIS Y 110 -14.43 -50.86 -21.15
CA HIS Y 110 -15.60 -51.36 -20.45
C HIS Y 110 -16.90 -50.74 -20.94
N ALA Y 111 -16.86 -49.89 -21.95
CA ALA Y 111 -18.07 -49.25 -22.44
C ALA Y 111 -18.95 -50.26 -23.17
N SER Y 112 -20.25 -49.97 -23.17
CA SER Y 112 -21.22 -50.86 -23.82
C SER Y 112 -21.03 -50.89 -25.33
N ASP Y 113 -21.03 -49.72 -25.96
CA ASP Y 113 -20.92 -49.62 -27.42
C ASP Y 113 -19.47 -49.43 -27.81
N PRO Y 114 -18.83 -50.40 -28.47
CA PRO Y 114 -17.40 -50.24 -28.82
C PRO Y 114 -17.13 -49.13 -29.80
N GLN Y 115 -18.14 -48.57 -30.47
CA GLN Y 115 -17.92 -47.50 -31.44
C GLN Y 115 -17.96 -46.12 -30.80
N SER Y 116 -18.68 -45.98 -29.69
CA SER Y 116 -18.71 -44.73 -28.93
C SER Y 116 -17.93 -44.84 -27.61
N ALA Y 117 -16.99 -45.78 -27.54
CA ALA Y 117 -16.15 -45.94 -26.35
C ALA Y 117 -15.11 -44.85 -26.21
N GLY Y 118 -14.98 -43.97 -27.21
CA GLY Y 118 -14.06 -42.85 -27.07
C GLY Y 118 -14.56 -41.86 -26.03
N ARG Y 119 -13.61 -41.26 -25.31
CA ARG Y 119 -13.91 -40.33 -24.23
C ARG Y 119 -12.98 -39.13 -24.33
N ILE Y 120 -13.56 -37.95 -24.10
CA ILE Y 120 -12.82 -36.69 -24.11
C ILE Y 120 -13.21 -35.89 -22.88
N VAL Y 121 -12.24 -35.62 -22.02
CA VAL Y 121 -12.46 -34.98 -20.74
C VAL Y 121 -11.61 -33.72 -20.67
N SER Y 122 -12.24 -32.58 -20.35
CA SER Y 122 -11.53 -31.33 -20.16
C SER Y 122 -11.53 -30.96 -18.68
N PHE Y 123 -10.53 -30.14 -18.29
CA PHE Y 123 -10.31 -29.78 -16.90
C PHE Y 123 -10.05 -28.28 -16.78
N ASP Y 124 -10.42 -27.72 -15.63
CA ASP Y 124 -10.06 -26.35 -15.24
C ASP Y 124 -9.05 -26.38 -14.10
N ALA Y 125 -8.56 -25.19 -13.75
CA ALA Y 125 -7.45 -25.09 -12.79
C ALA Y 125 -7.82 -25.56 -11.40
N ALA Y 126 -9.11 -25.70 -11.11
CA ALA Y 126 -9.59 -26.20 -9.82
C ALA Y 126 -9.88 -27.69 -9.86
N GLY Y 127 -9.60 -28.37 -10.96
CA GLY Y 127 -9.85 -29.78 -11.09
C GLY Y 127 -11.24 -30.15 -11.55
N GLY Y 128 -12.14 -29.20 -11.73
CA GLY Y 128 -13.43 -29.52 -12.31
C GLY Y 128 -13.26 -30.08 -13.72
N TRP Y 129 -14.05 -31.11 -14.02
CA TRP Y 129 -13.88 -31.80 -15.29
C TRP Y 129 -15.23 -31.95 -15.98
N ASN Y 130 -15.20 -32.05 -17.31
CA ASN Y 130 -16.40 -32.31 -18.09
C ASN Y 130 -16.07 -33.32 -19.18
N ILE Y 131 -16.87 -34.38 -19.24
CA ILE Y 131 -16.79 -35.31 -20.35
C ILE Y 131 -17.60 -34.76 -21.51
N GLU Y 132 -16.92 -34.53 -22.63
CA GLU Y 132 -17.53 -33.85 -23.77
C GLU Y 132 -18.28 -34.85 -24.64
N GLU Y 133 -19.59 -34.67 -24.75
CA GLU Y 133 -20.40 -35.52 -25.62
C GLU Y 133 -20.67 -34.88 -26.97
N GLU Y 134 -20.02 -33.76 -27.29
CA GLU Y 134 -20.16 -33.17 -28.62
C GLU Y 134 -19.00 -33.52 -29.54
N GLY Y 135 -18.06 -34.35 -29.07
CA GLY Y 135 -17.13 -35.01 -29.95
C GLY Y 135 -15.74 -34.42 -30.00
N TYR Y 136 -15.57 -33.15 -29.62
CA TYR Y 136 -14.26 -32.53 -29.71
C TYR Y 136 -14.08 -31.57 -28.55
N GLN Y 137 -12.83 -31.17 -28.34
CA GLN Y 137 -12.44 -30.26 -27.28
C GLN Y 137 -11.00 -29.84 -27.53
N ALA Y 138 -10.64 -28.67 -27.02
CA ALA Y 138 -9.27 -28.17 -27.15
C ALA Y 138 -8.89 -27.43 -25.87
N VAL Y 139 -7.58 -27.27 -25.68
CA VAL Y 139 -7.02 -26.57 -24.53
C VAL Y 139 -5.77 -25.83 -24.97
N GLY Y 140 -5.51 -24.70 -24.35
CA GLY Y 140 -4.36 -23.88 -24.65
C GLY Y 140 -4.77 -22.51 -25.18
N SER Y 141 -3.75 -21.70 -25.51
CA SER Y 141 -4.00 -20.32 -25.91
C SER Y 141 -4.67 -20.21 -27.27
N GLY Y 142 -4.60 -21.25 -28.10
CA GLY Y 142 -5.30 -21.27 -29.37
C GLY Y 142 -6.51 -22.16 -29.37
N SER Y 143 -6.97 -22.54 -28.17
CA SER Y 143 -8.00 -23.58 -28.08
C SER Y 143 -9.32 -23.12 -28.67
N LEU Y 144 -9.64 -21.83 -28.61
CA LEU Y 144 -10.95 -21.40 -29.10
C LEU Y 144 -10.99 -21.37 -30.63
N PHE Y 145 -9.89 -20.96 -31.26
CA PHE Y 145 -9.80 -21.06 -32.72
C PHE Y 145 -9.93 -22.51 -33.17
N ALA Y 146 -9.22 -23.42 -32.50
CA ALA Y 146 -9.26 -24.83 -32.88
C ALA Y 146 -10.66 -25.41 -32.67
N LYS Y 147 -11.28 -25.10 -31.54
CA LYS Y 147 -12.63 -25.59 -31.26
C LYS Y 147 -13.63 -25.07 -32.29
N SER Y 148 -13.54 -23.79 -32.64
CA SER Y 148 -14.47 -23.24 -33.62
C SER Y 148 -14.23 -23.81 -35.01
N SER Y 149 -12.98 -24.11 -35.36
CA SER Y 149 -12.72 -24.79 -36.62
C SER Y 149 -13.33 -26.19 -36.61
N MET Y 150 -13.11 -26.95 -35.54
CA MET Y 150 -13.67 -28.28 -35.42
C MET Y 150 -15.19 -28.25 -35.42
N LYS Y 151 -15.80 -27.16 -34.95
CA LYS Y 151 -17.25 -27.05 -35.01
C LYS Y 151 -17.76 -27.15 -36.44
N LYS Y 152 -17.00 -26.60 -37.39
CA LYS Y 152 -17.41 -26.64 -38.79
C LYS Y 152 -16.92 -27.90 -39.48
N LEU Y 153 -15.79 -28.45 -39.05
CA LEU Y 153 -15.19 -29.60 -39.73
C LEU Y 153 -15.60 -30.94 -39.16
N TYR Y 154 -16.32 -30.97 -38.04
CA TYR Y 154 -16.52 -32.23 -37.34
C TYR Y 154 -17.44 -33.16 -38.12
N SER Y 155 -18.35 -32.60 -38.92
CA SER Y 155 -19.25 -33.43 -39.71
C SER Y 155 -18.50 -34.31 -40.71
N GLN Y 156 -17.25 -34.01 -41.03
CA GLN Y 156 -16.48 -34.82 -41.97
C GLN Y 156 -15.77 -35.99 -41.30
N VAL Y 157 -15.88 -36.15 -39.98
CA VAL Y 157 -15.15 -37.17 -39.25
C VAL Y 157 -15.94 -38.47 -39.28
N THR Y 158 -15.43 -39.46 -40.00
CA THR Y 158 -16.06 -40.77 -40.06
C THR Y 158 -15.13 -41.93 -39.69
N ASP Y 159 -13.83 -41.71 -39.64
CA ASP Y 159 -12.89 -42.76 -39.25
C ASP Y 159 -11.63 -42.10 -38.68
N GLY Y 160 -10.59 -42.91 -38.48
CA GLY Y 160 -9.36 -42.38 -37.93
C GLY Y 160 -8.68 -41.38 -38.84
N ASP Y 161 -8.73 -41.61 -40.15
CA ASP Y 161 -8.03 -40.72 -41.07
C ASP Y 161 -8.71 -39.37 -41.16
N SER Y 162 -10.04 -39.38 -41.29
CA SER Y 162 -10.77 -38.11 -41.37
C SER Y 162 -10.65 -37.32 -40.07
N GLY Y 163 -10.77 -38.01 -38.93
CA GLY Y 163 -10.61 -37.33 -37.66
C GLY Y 163 -9.21 -36.79 -37.45
N LEU Y 164 -8.21 -37.53 -37.89
CA LEU Y 164 -6.84 -37.05 -37.78
C LEU Y 164 -6.63 -35.82 -38.65
N ARG Y 165 -7.19 -35.80 -39.85
CA ARG Y 165 -7.04 -34.62 -40.70
C ARG Y 165 -7.76 -33.42 -40.10
N VAL Y 166 -8.98 -33.63 -39.59
CA VAL Y 166 -9.69 -32.52 -38.95
C VAL Y 166 -8.91 -32.00 -37.75
N ALA Y 167 -8.31 -32.90 -36.98
CA ALA Y 167 -7.50 -32.48 -35.84
C ALA Y 167 -6.32 -31.62 -36.30
N VAL Y 168 -5.57 -32.10 -37.29
CA VAL Y 168 -4.41 -31.35 -37.76
C VAL Y 168 -4.82 -30.01 -38.35
N GLU Y 169 -5.97 -29.96 -39.03
CA GLU Y 169 -6.42 -28.70 -39.60
C GLU Y 169 -6.86 -27.72 -38.52
N ALA Y 170 -7.48 -28.23 -37.45
CA ALA Y 170 -7.82 -27.36 -36.33
C ALA Y 170 -6.56 -26.79 -35.67
N LEU Y 171 -5.52 -27.62 -35.51
CA LEU Y 171 -4.24 -27.09 -35.05
C LEU Y 171 -3.69 -26.07 -36.01
N TYR Y 172 -3.94 -26.25 -37.31
CA TYR Y 172 -3.45 -25.29 -38.30
C TYR Y 172 -4.15 -23.95 -38.13
N ASP Y 173 -5.47 -23.96 -37.98
CA ASP Y 173 -6.21 -22.72 -37.75
C ASP Y 173 -5.77 -22.06 -36.45
N ALA Y 174 -5.58 -22.87 -35.41
CA ALA Y 174 -5.08 -22.33 -34.14
C ALA Y 174 -3.76 -21.60 -34.34
N ALA Y 175 -2.79 -22.26 -34.95
CA ALA Y 175 -1.50 -21.60 -35.18
C ALA Y 175 -1.65 -20.40 -36.10
N ASP Y 176 -2.67 -20.42 -36.96
CA ASP Y 176 -2.89 -19.32 -37.88
C ASP Y 176 -3.31 -18.06 -37.13
N ASP Y 177 -4.08 -18.21 -36.05
CA ASP Y 177 -4.55 -17.03 -35.34
C ASP Y 177 -3.87 -16.79 -33.99
N ASP Y 178 -3.05 -17.72 -33.51
CA ASP Y 178 -2.41 -17.59 -32.20
C ASP Y 178 -0.90 -17.76 -32.36
N SER Y 179 -0.14 -16.72 -32.04
CA SER Y 179 1.30 -16.79 -32.26
C SER Y 179 2.00 -17.71 -31.26
N ALA Y 180 1.35 -18.04 -30.16
CA ALA Y 180 1.92 -19.00 -29.22
C ALA Y 180 1.78 -20.44 -29.66
N THR Y 181 0.95 -20.71 -30.68
CA THR Y 181 0.79 -22.04 -31.24
C THR Y 181 1.58 -22.13 -32.53
N GLY Y 182 2.41 -23.16 -32.64
CA GLY Y 182 3.26 -23.33 -33.81
C GLY Y 182 2.59 -24.13 -34.89
N GLY Y 183 2.66 -23.61 -36.12
CA GLY Y 183 2.16 -24.30 -37.29
C GLY Y 183 3.18 -25.26 -37.88
N PRO Y 184 2.83 -25.90 -39.00
CA PRO Y 184 3.79 -26.81 -39.64
C PRO Y 184 5.00 -26.07 -40.19
N ASP Y 185 6.18 -26.52 -39.79
CA ASP Y 185 7.45 -25.97 -40.26
C ASP Y 185 7.91 -26.86 -41.41
N LEU Y 186 7.66 -26.43 -42.64
CA LEU Y 186 8.08 -27.25 -43.77
C LEU Y 186 9.58 -27.15 -44.02
N VAL Y 187 10.25 -26.11 -43.50
CA VAL Y 187 11.68 -25.97 -43.71
C VAL Y 187 12.44 -26.98 -42.85
N ARG Y 188 12.06 -27.10 -41.58
CA ARG Y 188 12.70 -28.03 -40.66
C ARG Y 188 12.06 -29.41 -40.63
N GLY Y 189 10.87 -29.58 -41.21
CA GLY Y 189 10.16 -30.84 -41.14
C GLY Y 189 9.62 -31.17 -39.77
N ILE Y 190 9.09 -30.17 -39.07
CA ILE Y 190 8.52 -30.34 -37.73
C ILE Y 190 7.02 -30.13 -37.81
N PHE Y 191 6.28 -31.13 -37.38
CA PHE Y 191 4.83 -31.15 -37.51
C PHE Y 191 4.20 -31.52 -36.17
N PRO Y 192 2.91 -31.22 -36.00
CA PRO Y 192 2.24 -31.55 -34.73
C PRO Y 192 2.38 -33.03 -34.40
N THR Y 193 2.34 -33.32 -33.09
CA THR Y 193 2.32 -34.70 -32.65
C THR Y 193 0.88 -35.16 -32.46
N ALA Y 194 0.64 -36.44 -32.75
CA ALA Y 194 -0.70 -36.99 -32.66
C ALA Y 194 -0.63 -38.39 -32.09
N VAL Y 195 -1.66 -38.73 -31.32
CA VAL Y 195 -1.88 -40.06 -30.77
C VAL Y 195 -3.28 -40.47 -31.19
N ILE Y 196 -3.41 -41.72 -31.64
CA ILE Y 196 -4.72 -42.28 -31.95
C ILE Y 196 -4.94 -43.47 -31.03
N ILE Y 197 -6.17 -43.63 -30.54
CA ILE Y 197 -6.51 -44.66 -29.57
C ILE Y 197 -7.78 -45.38 -30.02
N ASP Y 198 -7.69 -46.70 -30.18
CA ASP Y 198 -8.88 -47.51 -30.45
C ASP Y 198 -8.82 -48.75 -29.58
N ALA Y 199 -9.60 -49.78 -29.95
CA ALA Y 199 -9.67 -50.99 -29.14
C ALA Y 199 -8.34 -51.70 -29.04
N ASP Y 200 -7.49 -51.55 -30.06
CA ASP Y 200 -6.17 -52.17 -30.05
C ASP Y 200 -5.14 -51.38 -29.24
N GLY Y 201 -5.55 -50.28 -28.64
CA GLY Y 201 -4.67 -49.49 -27.80
C GLY Y 201 -4.39 -48.12 -28.36
N ALA Y 202 -3.40 -47.48 -27.75
CA ALA Y 202 -2.98 -46.13 -28.11
C ALA Y 202 -1.64 -46.19 -28.83
N VAL Y 203 -1.58 -45.60 -30.02
CA VAL Y 203 -0.36 -45.58 -30.82
C VAL Y 203 -0.04 -44.14 -31.23
N ASP Y 204 1.26 -43.87 -31.31
CA ASP Y 204 1.77 -42.63 -31.87
C ASP Y 204 1.62 -42.65 -33.39
N VAL Y 205 1.07 -41.57 -33.94
CA VAL Y 205 1.01 -41.41 -35.39
C VAL Y 205 2.40 -41.06 -35.90
N PRO Y 206 2.92 -41.74 -36.92
CA PRO Y 206 4.24 -41.38 -37.45
C PRO Y 206 4.20 -39.97 -37.99
N GLU Y 207 5.31 -39.25 -37.79
CA GLU Y 207 5.34 -37.83 -38.16
C GLU Y 207 5.10 -37.63 -39.66
N SER Y 208 5.56 -38.56 -40.50
CA SER Y 208 5.39 -38.40 -41.94
C SER Y 208 3.93 -38.32 -42.35
N ARG Y 209 3.05 -39.07 -41.67
CA ARG Y 209 1.62 -38.98 -41.93
C ARG Y 209 1.10 -37.59 -41.62
N ILE Y 210 1.44 -37.06 -40.43
CA ILE Y 210 1.06 -35.70 -40.07
C ILE Y 210 1.58 -34.71 -41.10
N ALA Y 211 2.79 -34.96 -41.62
CA ALA Y 211 3.35 -34.11 -42.66
C ALA Y 211 2.49 -34.14 -43.93
N GLU Y 212 2.09 -35.34 -44.37
CA GLU Y 212 1.24 -35.46 -45.54
C GLU Y 212 -0.05 -34.67 -45.37
N LEU Y 213 -0.71 -34.81 -44.21
CA LEU Y 213 -1.94 -34.07 -43.95
C LEU Y 213 -1.69 -32.57 -43.93
N ALA Y 214 -0.57 -32.15 -43.34
CA ALA Y 214 -0.23 -30.74 -43.29
C ALA Y 214 -0.08 -30.15 -44.70
N ARG Y 215 0.66 -30.83 -45.57
CA ARG Y 215 0.80 -30.36 -46.94
C ARG Y 215 -0.55 -30.33 -47.66
N ALA Y 216 -1.40 -31.32 -47.39
CA ALA Y 216 -2.75 -31.31 -47.96
C ALA Y 216 -3.51 -30.05 -47.54
N ILE Y 217 -3.43 -29.70 -46.26
CA ILE Y 217 -4.13 -28.51 -45.77
C ILE Y 217 -3.56 -27.25 -46.42
N ILE Y 218 -2.23 -27.16 -46.48
CA ILE Y 218 -1.56 -25.98 -47.02
C ILE Y 218 -1.96 -25.75 -48.47
N GLU Y 219 -1.77 -26.76 -49.32
CA GLU Y 219 -2.16 -26.60 -50.72
C GLU Y 219 -3.66 -26.35 -50.83
N SER Y 220 -4.45 -26.92 -49.92
CA SER Y 220 -5.88 -26.61 -49.90
C SER Y 220 -6.14 -25.13 -49.66
N ARG Y 221 -5.26 -24.46 -48.93
CA ARG Y 221 -5.42 -23.04 -48.65
C ARG Y 221 -4.77 -22.15 -49.70
N SER Y 222 -3.88 -22.72 -50.52
CA SER Y 222 -3.24 -21.97 -51.59
C SER Y 222 -4.02 -22.04 -52.91
N GLY Y 223 -4.25 -23.25 -53.40
CA GLY Y 223 -4.90 -23.47 -54.68
C GLY Y 223 -4.26 -24.57 -55.49
N THR Z 1 27.45 -16.23 -17.29
CA THR Z 1 26.91 -14.99 -17.88
C THR Z 1 26.73 -15.16 -19.39
N THR Z 2 27.62 -15.91 -20.03
CA THR Z 2 27.28 -16.50 -21.32
C THR Z 2 27.96 -17.86 -21.38
N ILE Z 3 27.15 -18.90 -21.55
CA ILE Z 3 27.61 -20.27 -21.70
C ILE Z 3 27.06 -20.81 -23.03
N VAL Z 4 27.93 -21.39 -23.82
CA VAL Z 4 27.56 -21.97 -25.10
C VAL Z 4 27.87 -23.46 -25.08
N ALA Z 5 27.08 -24.22 -25.82
CA ALA Z 5 27.35 -25.64 -26.03
C ALA Z 5 26.88 -26.00 -27.42
N LEU Z 6 27.68 -26.79 -28.13
CA LEU Z 6 27.31 -27.24 -29.47
C LEU Z 6 27.80 -28.65 -29.68
N LYS Z 7 27.03 -29.40 -30.46
CA LYS Z 7 27.38 -30.77 -30.85
C LYS Z 7 28.24 -30.76 -32.10
N TYR Z 8 29.21 -31.64 -32.15
CA TYR Z 8 29.99 -31.92 -33.35
C TYR Z 8 30.01 -33.43 -33.58
N PRO Z 9 30.33 -33.88 -34.81
CA PRO Z 9 30.34 -35.34 -35.08
C PRO Z 9 31.23 -36.09 -34.10
N GLY Z 10 30.60 -36.84 -33.20
CA GLY Z 10 31.32 -37.64 -32.23
C GLY Z 10 31.46 -37.03 -30.86
N GLY Z 11 30.93 -35.83 -30.63
CA GLY Z 11 31.07 -35.26 -29.31
C GLY Z 11 30.31 -33.96 -29.16
N VAL Z 12 30.60 -33.29 -28.05
CA VAL Z 12 29.98 -32.02 -27.71
C VAL Z 12 31.04 -31.13 -27.08
N VAL Z 13 30.87 -29.82 -27.22
CA VAL Z 13 31.78 -28.85 -26.63
C VAL Z 13 30.96 -27.81 -25.88
N MET Z 14 31.47 -27.36 -24.73
CA MET Z 14 30.85 -26.31 -23.94
C MET Z 14 31.90 -25.31 -23.52
N ALA Z 15 31.61 -24.03 -23.67
CA ALA Z 15 32.55 -22.98 -23.32
C ALA Z 15 31.81 -21.86 -22.59
N GLY Z 16 32.54 -21.17 -21.72
CA GLY Z 16 31.96 -20.08 -20.94
C GLY Z 16 32.97 -18.99 -20.70
N ASP Z 17 32.46 -17.76 -20.55
CA ASP Z 17 33.29 -16.59 -20.30
C ASP Z 17 33.77 -16.56 -18.85
N ARG Z 18 34.55 -15.53 -18.52
CA ARG Z 18 35.29 -15.48 -17.26
C ARG Z 18 34.94 -14.28 -16.39
N ARG Z 19 33.89 -13.52 -16.73
CA ARG Z 19 33.60 -12.25 -16.07
C ARG Z 19 32.61 -12.41 -14.93
N SER Z 20 32.94 -11.80 -13.79
CA SER Z 20 32.05 -11.71 -12.64
C SER Z 20 31.79 -10.24 -12.36
N THR Z 21 30.51 -9.90 -12.16
CA THR Z 21 30.08 -8.52 -11.97
C THR Z 21 29.21 -8.39 -10.73
N GLN Z 22 29.17 -7.17 -10.21
CA GLN Z 22 28.16 -6.73 -9.25
C GLN Z 22 27.56 -5.43 -9.80
N GLY Z 23 26.42 -5.54 -10.47
CA GLY Z 23 25.90 -4.41 -11.21
C GLY Z 23 26.78 -4.16 -12.40
N ASN Z 24 27.22 -2.91 -12.56
CA ASN Z 24 28.16 -2.60 -13.62
C ASN Z 24 29.63 -2.80 -13.20
N MET Z 25 29.92 -2.94 -11.90
CA MET Z 25 31.29 -3.09 -11.45
C MET Z 25 31.79 -4.51 -11.69
N ILE Z 26 33.00 -4.62 -12.25
CA ILE Z 26 33.63 -5.90 -12.50
C ILE Z 26 34.29 -6.41 -11.23
N SER Z 27 33.84 -7.56 -10.73
CA SER Z 27 34.34 -8.19 -9.52
C SER Z 27 35.17 -9.45 -9.79
N GLY Z 28 35.25 -9.89 -11.03
CA GLY Z 28 36.07 -11.04 -11.37
C GLY Z 28 36.44 -11.08 -12.83
N ARG Z 29 37.69 -11.50 -13.13
CA ARG Z 29 38.16 -11.65 -14.49
C ARG Z 29 38.57 -13.07 -14.85
N ASP Z 30 38.74 -13.94 -13.86
CA ASP Z 30 39.31 -15.27 -14.04
C ASP Z 30 38.31 -16.36 -13.66
N VAL Z 31 37.05 -15.99 -13.53
CA VAL Z 31 36.03 -16.86 -12.98
C VAL Z 31 35.81 -18.08 -13.88
N ARG Z 32 35.51 -19.23 -13.25
CA ARG Z 32 35.19 -20.46 -13.95
C ARG Z 32 33.70 -20.76 -13.81
N LYS Z 33 32.99 -20.86 -14.94
CA LYS Z 33 31.56 -21.12 -14.95
C LYS Z 33 31.18 -22.44 -15.58
N VAL Z 34 32.13 -23.18 -16.16
CA VAL Z 34 31.89 -24.47 -16.78
C VAL Z 34 32.66 -25.51 -15.98
N TYR Z 35 31.94 -26.51 -15.48
CA TYR Z 35 32.52 -27.53 -14.62
C TYR Z 35 32.26 -28.91 -15.19
N ILE Z 36 33.29 -29.74 -15.22
CA ILE Z 36 33.10 -31.14 -15.57
C ILE Z 36 32.44 -31.80 -14.37
N THR Z 37 31.16 -32.17 -14.52
CA THR Z 37 30.41 -32.77 -13.42
C THR Z 37 30.45 -34.29 -13.43
N ASP Z 38 30.87 -34.90 -14.54
CA ASP Z 38 30.92 -36.35 -14.63
C ASP Z 38 31.83 -36.71 -15.80
N ASP Z 39 32.31 -37.96 -15.81
CA ASP Z 39 33.22 -38.41 -16.86
C ASP Z 39 32.70 -38.10 -18.26
N TYR Z 40 31.38 -37.98 -18.41
CA TYR Z 40 30.80 -37.73 -19.72
C TYR Z 40 29.85 -36.53 -19.74
N THR Z 41 29.86 -35.68 -18.70
CA THR Z 41 29.01 -34.50 -18.71
C THR Z 41 29.71 -33.30 -18.10
N ALA Z 42 29.44 -32.14 -18.70
CA ALA Z 42 29.83 -30.84 -18.20
C ALA Z 42 28.59 -29.98 -17.99
N THR Z 43 28.68 -29.10 -16.99
CA THR Z 43 27.60 -28.18 -16.63
C THR Z 43 28.13 -26.76 -16.57
N GLY Z 44 27.48 -25.86 -17.31
CA GLY Z 44 27.79 -24.44 -17.23
C GLY Z 44 26.57 -23.71 -16.71
N ILE Z 45 26.78 -22.82 -15.75
CA ILE Z 45 25.68 -22.19 -15.04
C ILE Z 45 25.80 -20.67 -15.08
N ALA Z 46 24.66 -19.99 -15.27
CA ALA Z 46 24.57 -18.54 -15.29
C ALA Z 46 23.70 -18.07 -14.13
N GLY Z 47 24.04 -16.90 -13.58
CA GLY Z 47 23.25 -16.31 -12.51
C GLY Z 47 24.11 -16.02 -11.28
N THR Z 48 23.46 -16.09 -10.11
CA THR Z 48 24.17 -15.81 -8.86
C THR Z 48 25.29 -16.82 -8.65
N ALA Z 49 26.50 -16.30 -8.46
CA ALA Z 49 27.68 -17.17 -8.38
C ALA Z 49 27.53 -18.21 -7.28
N ALA Z 50 27.09 -17.79 -6.09
CA ALA Z 50 26.94 -18.73 -4.99
C ALA Z 50 26.03 -19.88 -5.40
N VAL Z 51 24.89 -19.56 -6.01
CA VAL Z 51 23.97 -20.59 -6.43
C VAL Z 51 24.55 -21.43 -7.56
N ALA Z 52 25.27 -20.80 -8.49
CA ALA Z 52 25.81 -21.55 -9.63
C ALA Z 52 26.85 -22.56 -9.18
N VAL Z 53 27.83 -22.11 -8.40
CA VAL Z 53 28.90 -23.01 -7.94
C VAL Z 53 28.31 -24.10 -7.05
N GLU Z 54 27.36 -23.72 -6.17
CA GLU Z 54 26.74 -24.76 -5.34
C GLU Z 54 26.01 -25.78 -6.20
N PHE Z 55 25.32 -25.32 -7.26
CA PHE Z 55 24.70 -26.24 -8.20
C PHE Z 55 25.71 -27.21 -8.78
N ALA Z 56 26.81 -26.69 -9.33
CA ALA Z 56 27.78 -27.58 -9.97
C ALA Z 56 28.34 -28.59 -8.97
N ARG Z 57 28.76 -28.13 -7.78
CA ARG Z 57 29.39 -29.03 -6.82
C ARG Z 57 28.41 -30.09 -6.33
N LEU Z 58 27.23 -29.65 -5.90
CA LEU Z 58 26.21 -30.56 -5.40
C LEU Z 58 25.80 -31.57 -6.46
N TYR Z 59 25.69 -31.11 -7.71
CA TYR Z 59 25.29 -32.00 -8.80
C TYR Z 59 26.34 -33.07 -9.06
N ALA Z 60 27.61 -32.68 -9.18
CA ALA Z 60 28.65 -33.69 -9.40
C ALA Z 60 28.66 -34.71 -8.27
N VAL Z 61 28.62 -34.22 -7.02
CA VAL Z 61 28.58 -35.13 -5.89
C VAL Z 61 27.38 -36.06 -5.99
N GLU Z 62 26.22 -35.55 -6.44
CA GLU Z 62 25.04 -36.40 -6.51
C GLU Z 62 25.23 -37.51 -7.54
N LEU Z 63 25.76 -37.17 -8.71
CA LEU Z 63 25.99 -38.20 -9.73
C LEU Z 63 26.94 -39.27 -9.22
N GLU Z 64 28.13 -38.88 -8.72
CA GLU Z 64 29.06 -39.91 -8.27
C GLU Z 64 28.53 -40.68 -7.05
N HIS Z 65 27.72 -40.04 -6.22
CA HIS Z 65 27.07 -40.74 -5.12
C HIS Z 65 26.20 -41.87 -5.63
N TYR Z 66 25.32 -41.58 -6.59
CA TYR Z 66 24.52 -42.66 -7.18
C TYR Z 66 25.42 -43.73 -7.77
N GLU Z 67 26.49 -43.32 -8.48
CA GLU Z 67 27.34 -44.28 -9.16
C GLU Z 67 28.03 -45.22 -8.19
N LYS Z 68 28.50 -44.70 -7.05
CA LYS Z 68 29.16 -45.55 -6.07
C LYS Z 68 28.16 -46.41 -5.30
N LEU Z 69 26.96 -45.89 -5.05
CA LEU Z 69 25.96 -46.67 -4.31
C LEU Z 69 25.46 -47.84 -5.13
N GLU Z 70 25.19 -47.63 -6.41
CA GLU Z 70 24.55 -48.64 -7.24
C GLU Z 70 25.50 -49.33 -8.21
N GLY Z 71 26.78 -48.95 -8.23
CA GLY Z 71 27.77 -49.59 -9.06
C GLY Z 71 27.73 -49.26 -10.53
N VAL Z 72 26.75 -48.46 -10.96
CA VAL Z 72 26.61 -48.12 -12.37
C VAL Z 72 26.18 -46.65 -12.41
N PRO Z 73 26.62 -45.86 -13.39
CA PRO Z 73 26.20 -44.47 -13.45
C PRO Z 73 24.75 -44.35 -13.89
N LEU Z 74 24.18 -43.17 -13.64
CA LEU Z 74 22.83 -42.89 -14.10
C LEU Z 74 22.78 -42.81 -15.62
N THR Z 75 21.65 -43.22 -16.19
CA THR Z 75 21.37 -42.93 -17.58
C THR Z 75 21.31 -41.41 -17.77
N PHE Z 76 21.53 -40.97 -19.01
CA PHE Z 76 21.53 -39.54 -19.24
C PHE Z 76 20.18 -38.94 -18.89
N ALA Z 77 19.09 -39.67 -19.16
CA ALA Z 77 17.78 -39.20 -18.76
C ALA Z 77 17.71 -38.94 -17.25
N GLY Z 78 18.25 -39.86 -16.45
CA GLY Z 78 18.26 -39.65 -15.01
C GLY Z 78 19.06 -38.42 -14.61
N LYS Z 79 20.21 -38.22 -15.26
CA LYS Z 79 21.02 -37.04 -15.00
C LYS Z 79 20.22 -35.76 -15.26
N ILE Z 80 19.54 -35.71 -16.42
CA ILE Z 80 18.67 -34.58 -16.74
C ILE Z 80 17.66 -34.36 -15.61
N ASN Z 81 16.96 -35.43 -15.23
CA ASN Z 81 15.89 -35.28 -14.25
C ASN Z 81 16.42 -34.78 -12.92
N ARG Z 82 17.61 -35.23 -12.51
CA ARG Z 82 18.14 -34.79 -11.22
C ARG Z 82 18.53 -33.32 -11.25
N LEU Z 83 19.18 -32.88 -12.34
CA LEU Z 83 19.50 -31.46 -12.45
C LEU Z 83 18.24 -30.61 -12.44
N ALA Z 84 17.20 -31.04 -13.18
CA ALA Z 84 15.94 -30.32 -13.20
C ALA Z 84 15.32 -30.25 -11.81
N ILE Z 85 15.32 -31.36 -11.08
CA ILE Z 85 14.74 -31.35 -9.73
C ILE Z 85 15.49 -30.38 -8.82
N MET Z 86 16.82 -30.30 -8.98
CA MET Z 86 17.60 -29.35 -8.18
C MET Z 86 17.20 -27.90 -8.49
N VAL Z 87 17.09 -27.57 -9.77
CA VAL Z 87 16.65 -26.23 -10.17
C VAL Z 87 15.29 -25.90 -9.57
N ARG Z 88 14.32 -26.80 -9.79
CA ARG Z 88 12.98 -26.61 -9.24
C ARG Z 88 13.02 -26.40 -7.74
N GLY Z 89 13.89 -27.14 -7.04
CA GLY Z 89 14.04 -26.92 -5.61
C GLY Z 89 14.49 -25.51 -5.29
N ASN Z 90 15.35 -24.94 -6.14
CA ASN Z 90 15.78 -23.57 -5.86
C ASN Z 90 14.80 -22.51 -6.33
N LEU Z 91 13.68 -22.88 -6.94
CA LEU Z 91 12.78 -21.86 -7.51
C LEU Z 91 12.39 -20.78 -6.49
N ALA Z 92 12.10 -21.16 -5.26
CA ALA Z 92 11.66 -20.16 -4.28
C ALA Z 92 12.73 -19.11 -4.03
N ALA Z 93 13.96 -19.54 -3.74
CA ALA Z 93 15.07 -18.60 -3.56
C ALA Z 93 15.34 -17.82 -4.84
N ALA Z 94 15.17 -18.46 -6.01
CA ALA Z 94 15.36 -17.75 -7.28
C ALA Z 94 14.39 -16.58 -7.41
N MET Z 95 13.14 -16.77 -6.99
CA MET Z 95 12.19 -15.68 -6.99
C MET Z 95 12.63 -14.53 -6.10
N GLN Z 96 13.53 -14.78 -5.15
CA GLN Z 96 14.06 -13.77 -4.25
C GLN Z 96 15.41 -13.21 -4.69
N GLY Z 97 15.90 -13.61 -5.86
CA GLY Z 97 17.12 -13.05 -6.42
C GLY Z 97 18.28 -14.02 -6.51
N LEU Z 98 18.21 -15.18 -5.87
CA LEU Z 98 19.28 -16.17 -5.97
C LEU Z 98 18.98 -17.12 -7.14
N LEU Z 99 18.99 -16.54 -8.34
CA LEU Z 99 18.60 -17.25 -9.56
C LEU Z 99 19.84 -17.81 -10.26
N ALA Z 100 19.76 -19.07 -10.67
CA ALA Z 100 20.82 -19.67 -11.48
C ALA Z 100 20.19 -20.68 -12.44
N LEU Z 101 20.53 -20.55 -13.72
CA LEU Z 101 20.10 -21.49 -14.73
C LEU Z 101 21.27 -22.29 -15.25
N PRO Z 102 21.13 -23.62 -15.36
CA PRO Z 102 22.20 -24.44 -15.94
C PRO Z 102 21.99 -24.77 -17.41
N LEU Z 103 23.09 -25.09 -18.07
CA LEU Z 103 23.14 -25.69 -19.39
C LEU Z 103 23.97 -26.96 -19.27
N LEU Z 104 23.40 -28.09 -19.69
CA LEU Z 104 24.01 -29.40 -19.54
C LEU Z 104 24.49 -29.87 -20.90
N ALA Z 105 25.72 -30.37 -20.95
CA ALA Z 105 26.25 -30.96 -22.18
C ALA Z 105 26.85 -32.32 -21.84
N GLY Z 106 26.50 -33.34 -22.62
CA GLY Z 106 26.97 -34.67 -22.31
C GLY Z 106 27.17 -35.53 -23.54
N TYR Z 107 27.78 -36.68 -23.32
CA TYR Z 107 27.93 -37.72 -24.33
C TYR Z 107 27.28 -38.98 -23.77
N ASP Z 108 26.21 -39.43 -24.42
CA ASP Z 108 25.43 -40.57 -23.94
C ASP Z 108 26.08 -41.86 -24.41
N ILE Z 109 26.74 -42.57 -23.48
CA ILE Z 109 27.46 -43.79 -23.82
C ILE Z 109 26.50 -44.90 -24.26
N HIS Z 110 25.22 -44.81 -23.91
CA HIS Z 110 24.23 -45.79 -24.29
C HIS Z 110 23.51 -45.45 -25.58
N ALA Z 111 23.90 -44.38 -26.27
CA ALA Z 111 23.23 -44.01 -27.49
C ALA Z 111 23.56 -45.01 -28.61
N SER Z 112 22.62 -45.18 -29.53
CA SER Z 112 22.81 -46.12 -30.63
C SER Z 112 23.92 -45.64 -31.56
N ASP Z 113 23.79 -44.41 -32.08
CA ASP Z 113 24.74 -43.86 -33.02
C ASP Z 113 25.76 -43.04 -32.25
N PRO Z 114 27.01 -43.49 -32.12
CA PRO Z 114 28.00 -42.72 -31.34
C PRO Z 114 28.37 -41.39 -31.97
N GLN Z 115 28.10 -41.19 -33.26
CA GLN Z 115 28.48 -39.94 -33.91
C GLN Z 115 27.56 -38.79 -33.50
N SER Z 116 26.30 -39.09 -33.17
CA SER Z 116 25.34 -38.10 -32.71
C SER Z 116 24.96 -38.32 -31.24
N ALA Z 117 25.82 -39.00 -30.48
CA ALA Z 117 25.55 -39.27 -29.07
C ALA Z 117 25.68 -38.03 -28.19
N GLY Z 118 26.12 -36.91 -28.73
CA GLY Z 118 26.17 -35.69 -27.94
C GLY Z 118 24.78 -35.20 -27.57
N ARG Z 119 24.70 -34.58 -26.39
CA ARG Z 119 23.44 -34.10 -25.85
C ARG Z 119 23.63 -32.71 -25.29
N ILE Z 120 22.65 -31.85 -25.54
CA ILE Z 120 22.62 -30.49 -25.01
C ILE Z 120 21.24 -30.23 -24.45
N VAL Z 121 21.16 -29.94 -23.16
CA VAL Z 121 19.90 -29.77 -22.44
C VAL Z 121 19.89 -28.39 -21.80
N SER Z 122 18.83 -27.63 -22.05
CA SER Z 122 18.63 -26.32 -21.43
C SER Z 122 17.52 -26.39 -20.40
N PHE Z 123 17.56 -25.44 -19.46
CA PHE Z 123 16.65 -25.44 -18.31
C PHE Z 123 16.09 -24.06 -18.08
N ASP Z 124 14.88 -24.00 -17.53
CA ASP Z 124 14.30 -22.77 -17.03
C ASP Z 124 14.23 -22.80 -15.50
N ALA Z 125 13.82 -21.68 -14.93
CA ALA Z 125 13.86 -21.54 -13.48
C ALA Z 125 12.92 -22.49 -12.75
N ALA Z 126 11.94 -23.08 -13.44
CA ALA Z 126 11.03 -24.04 -12.83
C ALA Z 126 11.48 -25.47 -12.98
N GLY Z 127 12.66 -25.69 -13.55
CA GLY Z 127 13.15 -27.04 -13.79
C GLY Z 127 12.71 -27.64 -15.11
N GLY Z 128 11.87 -26.96 -15.87
CA GLY Z 128 11.56 -27.43 -17.20
C GLY Z 128 12.83 -27.47 -18.04
N TRP Z 129 12.98 -28.53 -18.82
CA TRP Z 129 14.18 -28.75 -19.59
C TRP Z 129 13.81 -29.12 -21.02
N ASN Z 130 14.74 -28.86 -21.93
CA ASN Z 130 14.58 -29.25 -23.33
C ASN Z 130 15.89 -29.81 -23.85
N ILE Z 131 15.84 -30.99 -24.44
CA ILE Z 131 17.00 -31.57 -25.13
C ILE Z 131 17.08 -30.92 -26.51
N GLU Z 132 18.20 -30.26 -26.77
CA GLU Z 132 18.32 -29.42 -27.96
C GLU Z 132 18.66 -30.29 -29.16
N GLU Z 133 17.78 -30.27 -30.15
CA GLU Z 133 17.98 -31.09 -31.33
C GLU Z 133 18.60 -30.31 -32.48
N GLU Z 134 18.73 -28.99 -32.36
CA GLU Z 134 19.31 -28.19 -33.44
C GLU Z 134 20.80 -27.98 -33.29
N GLY Z 135 21.44 -28.60 -32.29
CA GLY Z 135 22.88 -28.74 -32.25
C GLY Z 135 23.61 -27.78 -31.34
N TYR Z 136 23.01 -26.64 -31.01
CA TYR Z 136 23.67 -25.63 -30.18
C TYR Z 136 22.66 -24.97 -29.27
N GLN Z 137 23.19 -24.32 -28.24
CA GLN Z 137 22.36 -23.64 -27.24
C GLN Z 137 23.27 -22.77 -26.38
N ALA Z 138 22.69 -21.75 -25.79
CA ALA Z 138 23.42 -20.84 -24.91
C ALA Z 138 22.51 -20.41 -23.77
N VAL Z 139 23.14 -19.91 -22.71
CA VAL Z 139 22.42 -19.40 -21.54
C VAL Z 139 23.19 -18.22 -20.96
N GLY Z 140 22.46 -17.27 -20.41
CA GLY Z 140 23.05 -16.10 -19.80
C GLY Z 140 22.63 -14.82 -20.50
N SER Z 141 23.16 -13.71 -19.98
CA SER Z 141 22.75 -12.39 -20.44
C SER Z 141 23.19 -12.10 -21.86
N GLY Z 142 24.19 -12.80 -22.38
CA GLY Z 142 24.57 -12.68 -23.77
C GLY Z 142 24.14 -13.84 -24.63
N SER Z 143 23.26 -14.70 -24.13
CA SER Z 143 22.95 -15.94 -24.84
C SER Z 143 22.24 -15.67 -26.17
N LEU Z 144 21.51 -14.58 -26.31
CA LEU Z 144 20.81 -14.34 -27.56
C LEU Z 144 21.80 -14.07 -28.69
N PHE Z 145 22.81 -13.24 -28.40
CA PHE Z 145 23.83 -12.94 -29.38
C PHE Z 145 24.61 -14.19 -29.76
N ALA Z 146 24.98 -14.99 -28.75
CA ALA Z 146 25.73 -16.22 -29.02
C ALA Z 146 24.90 -17.20 -29.82
N LYS Z 147 23.62 -17.35 -29.49
CA LYS Z 147 22.78 -18.25 -30.26
C LYS Z 147 22.67 -17.82 -31.71
N SER Z 148 22.49 -16.52 -31.96
CA SER Z 148 22.34 -16.10 -33.37
C SER Z 148 23.66 -16.21 -34.13
N SER Z 149 24.79 -15.97 -33.46
CA SER Z 149 26.08 -16.18 -34.08
C SER Z 149 26.25 -17.65 -34.46
N MET Z 150 25.95 -18.56 -33.53
CA MET Z 150 26.05 -19.97 -33.86
C MET Z 150 25.06 -20.35 -34.95
N LYS Z 151 23.91 -19.67 -35.01
CA LYS Z 151 22.97 -19.90 -36.09
C LYS Z 151 23.62 -19.64 -37.44
N LYS Z 152 24.47 -18.62 -37.53
CA LYS Z 152 25.12 -18.38 -38.82
C LYS Z 152 26.38 -19.22 -39.00
N LEU Z 153 27.06 -19.59 -37.93
CA LEU Z 153 28.35 -20.26 -38.00
C LEU Z 153 28.28 -21.78 -37.91
N TYR Z 154 27.10 -22.37 -37.68
CA TYR Z 154 27.06 -23.78 -37.31
C TYR Z 154 27.39 -24.69 -38.50
N SER Z 155 27.12 -24.23 -39.72
CA SER Z 155 27.43 -25.02 -40.90
C SER Z 155 28.92 -25.35 -41.02
N GLN Z 156 29.78 -24.63 -40.30
CA GLN Z 156 31.23 -24.86 -40.31
C GLN Z 156 31.68 -25.92 -39.33
N VAL Z 157 30.78 -26.49 -38.53
CA VAL Z 157 31.17 -27.47 -37.52
C VAL Z 157 31.23 -28.84 -38.18
N THR Z 158 32.45 -29.37 -38.34
CA THR Z 158 32.67 -30.68 -38.92
C THR Z 158 33.46 -31.61 -38.02
N ASP Z 159 34.11 -31.08 -36.99
CA ASP Z 159 34.88 -31.88 -36.04
C ASP Z 159 34.98 -31.11 -34.73
N GLY Z 160 35.77 -31.63 -33.79
CA GLY Z 160 35.92 -30.95 -32.52
C GLY Z 160 36.60 -29.61 -32.64
N ASP Z 161 37.52 -29.47 -33.58
CA ASP Z 161 38.29 -28.24 -33.70
C ASP Z 161 37.42 -27.11 -34.24
N SER Z 162 36.67 -27.37 -35.31
CA SER Z 162 35.80 -26.34 -35.86
C SER Z 162 34.68 -26.00 -34.89
N GLY Z 163 34.14 -27.01 -34.20
CA GLY Z 163 33.11 -26.74 -33.22
C GLY Z 163 33.62 -25.90 -32.05
N LEU Z 164 34.84 -26.18 -31.61
CA LEU Z 164 35.44 -25.36 -30.56
C LEU Z 164 35.66 -23.94 -31.06
N ARG Z 165 36.06 -23.78 -32.33
CA ARG Z 165 36.25 -22.44 -32.87
C ARG Z 165 34.92 -21.68 -32.90
N VAL Z 166 33.85 -22.33 -33.36
CA VAL Z 166 32.56 -21.66 -33.41
C VAL Z 166 32.09 -21.30 -32.01
N ALA Z 167 32.33 -22.20 -31.04
CA ALA Z 167 31.96 -21.89 -29.67
C ALA Z 167 32.68 -20.63 -29.18
N VAL Z 168 33.99 -20.57 -29.35
CA VAL Z 168 34.75 -19.42 -28.88
C VAL Z 168 34.32 -18.14 -29.60
N GLU Z 169 34.01 -18.24 -30.90
CA GLU Z 169 33.59 -17.06 -31.63
C GLU Z 169 32.20 -16.59 -31.19
N ALA Z 170 31.32 -17.53 -30.83
CA ALA Z 170 30.01 -17.16 -30.28
C ALA Z 170 30.16 -16.44 -28.95
N LEU Z 171 31.03 -16.95 -28.08
CA LEU Z 171 31.33 -16.20 -26.85
C LEU Z 171 31.90 -14.83 -27.18
N TYR Z 172 32.66 -14.72 -28.28
CA TYR Z 172 33.20 -13.42 -28.69
C TYR Z 172 32.09 -12.46 -29.06
N ASP Z 173 31.12 -12.90 -29.85
CA ASP Z 173 30.00 -12.03 -30.20
C ASP Z 173 29.19 -11.67 -28.97
N ALA Z 174 28.99 -12.62 -28.06
CA ALA Z 174 28.30 -12.33 -26.81
C ALA Z 174 29.00 -11.20 -26.05
N ALA Z 175 30.31 -11.33 -25.83
CA ALA Z 175 31.02 -10.27 -25.12
C ALA Z 175 31.02 -8.98 -25.92
N ASP Z 176 30.90 -9.08 -27.24
CA ASP Z 176 30.87 -7.88 -28.08
C ASP Z 176 29.61 -7.07 -27.84
N ASP Z 177 28.47 -7.74 -27.59
CA ASP Z 177 27.21 -7.02 -27.42
C ASP Z 177 26.69 -6.98 -25.98
N ASP Z 178 27.30 -7.71 -25.05
CA ASP Z 178 26.83 -7.76 -23.67
C ASP Z 178 27.97 -7.38 -22.74
N SER Z 179 27.80 -6.27 -22.01
CA SER Z 179 28.87 -5.79 -21.15
C SER Z 179 29.08 -6.69 -19.95
N ALA Z 180 28.11 -7.55 -19.62
CA ALA Z 180 28.26 -8.51 -18.54
C ALA Z 180 29.08 -9.72 -18.92
N THR Z 181 29.30 -9.96 -20.22
CA THR Z 181 30.08 -11.09 -20.69
C THR Z 181 31.49 -10.60 -21.06
N GLY Z 182 32.50 -11.29 -20.53
CA GLY Z 182 33.88 -10.89 -20.75
C GLY Z 182 34.47 -11.53 -21.99
N GLY Z 183 35.08 -10.69 -22.84
CA GLY Z 183 35.81 -11.18 -23.98
C GLY Z 183 37.23 -11.58 -23.63
N PRO Z 184 37.97 -12.00 -24.66
CA PRO Z 184 39.36 -12.40 -24.44
C PRO Z 184 40.20 -11.21 -24.01
N ASP Z 185 40.86 -11.35 -22.86
CA ASP Z 185 41.73 -10.31 -22.32
C ASP Z 185 43.16 -10.65 -22.73
N LEU Z 186 43.64 -10.01 -23.79
CA LEU Z 186 44.99 -10.31 -24.26
C LEU Z 186 46.06 -9.67 -23.40
N VAL Z 187 45.72 -8.63 -22.65
CA VAL Z 187 46.71 -7.98 -21.77
C VAL Z 187 47.00 -8.88 -20.56
N ARG Z 188 45.95 -9.43 -19.95
CA ARG Z 188 46.12 -10.35 -18.83
C ARG Z 188 46.25 -11.80 -19.26
N GLY Z 189 45.96 -12.11 -20.51
CA GLY Z 189 46.03 -13.50 -20.96
C GLY Z 189 44.98 -14.39 -20.37
N ILE Z 190 43.74 -13.90 -20.25
CA ILE Z 190 42.62 -14.65 -19.71
C ILE Z 190 41.62 -14.90 -20.84
N PHE Z 191 41.27 -16.16 -21.04
CA PHE Z 191 40.40 -16.57 -22.14
C PHE Z 191 39.29 -17.45 -21.62
N PRO Z 192 38.22 -17.64 -22.39
CA PRO Z 192 37.11 -18.49 -21.93
C PRO Z 192 37.59 -19.88 -21.57
N THR Z 193 36.85 -20.53 -20.67
CA THR Z 193 37.13 -21.93 -20.39
C THR Z 193 36.28 -22.80 -21.30
N ALA Z 194 36.82 -23.95 -21.66
CA ALA Z 194 36.12 -24.87 -22.53
C ALA Z 194 36.36 -26.30 -22.06
N VAL Z 195 35.32 -27.11 -22.23
CA VAL Z 195 35.33 -28.54 -21.97
C VAL Z 195 34.88 -29.22 -23.26
N ILE Z 196 35.59 -30.29 -23.64
CA ILE Z 196 35.20 -31.09 -24.79
C ILE Z 196 34.93 -32.51 -24.30
N ILE Z 197 33.89 -33.14 -24.85
CA ILE Z 197 33.43 -34.46 -24.43
C ILE Z 197 33.22 -35.32 -25.66
N ASP Z 198 33.89 -36.46 -25.72
CA ASP Z 198 33.65 -37.45 -26.77
C ASP Z 198 33.59 -38.83 -26.12
N ALA Z 199 33.79 -39.87 -26.93
CA ALA Z 199 33.70 -41.22 -26.40
C ALA Z 199 34.74 -41.48 -25.32
N ASP Z 200 35.86 -40.76 -25.36
CA ASP Z 200 36.90 -40.93 -24.35
C ASP Z 200 36.63 -40.15 -23.06
N GLY Z 201 35.52 -39.43 -22.98
CA GLY Z 201 35.17 -38.72 -21.76
C GLY Z 201 35.20 -37.21 -21.96
N ALA Z 202 35.17 -36.52 -20.82
CA ALA Z 202 35.17 -35.06 -20.77
C ALA Z 202 36.53 -34.57 -20.28
N VAL Z 203 37.16 -33.71 -21.07
CA VAL Z 203 38.46 -33.15 -20.73
C VAL Z 203 38.42 -31.64 -20.87
N ASP Z 204 39.18 -30.96 -20.01
CA ASP Z 204 39.36 -29.52 -20.11
C ASP Z 204 40.22 -29.17 -21.32
N VAL Z 205 39.75 -28.21 -22.12
CA VAL Z 205 40.55 -27.73 -23.24
C VAL Z 205 41.66 -26.84 -22.69
N PRO Z 206 42.92 -27.06 -23.07
CA PRO Z 206 44.01 -26.22 -22.56
C PRO Z 206 43.80 -24.76 -22.97
N GLU Z 207 44.18 -23.85 -22.07
CA GLU Z 207 43.94 -22.43 -22.31
C GLU Z 207 44.66 -21.94 -23.55
N SER Z 208 45.83 -22.52 -23.84
CA SER Z 208 46.62 -22.08 -24.99
C SER Z 208 45.85 -22.21 -26.29
N ARG Z 209 45.08 -23.30 -26.43
CA ARG Z 209 44.32 -23.54 -27.64
C ARG Z 209 43.20 -22.52 -27.80
N ILE Z 210 42.45 -22.29 -26.71
CA ILE Z 210 41.42 -21.26 -26.74
C ILE Z 210 42.03 -19.92 -27.11
N ALA Z 211 43.24 -19.65 -26.59
CA ALA Z 211 43.93 -18.41 -26.88
C ALA Z 211 44.22 -18.25 -28.36
N GLU Z 212 44.81 -19.29 -28.99
CA GLU Z 212 45.09 -19.19 -30.41
C GLU Z 212 43.81 -19.00 -31.21
N LEU Z 213 42.75 -19.71 -30.85
CA LEU Z 213 41.47 -19.48 -31.52
C LEU Z 213 41.00 -18.03 -31.35
N ALA Z 214 41.19 -17.48 -30.16
CA ALA Z 214 40.81 -16.10 -29.91
C ALA Z 214 41.56 -15.15 -30.82
N ARG Z 215 42.88 -15.31 -30.92
CA ARG Z 215 43.64 -14.41 -31.78
C ARG Z 215 43.23 -14.56 -33.23
N ALA Z 216 42.96 -15.79 -33.67
CA ALA Z 216 42.45 -16.00 -35.03
C ALA Z 216 41.17 -15.22 -35.27
N ILE Z 217 40.24 -15.25 -34.30
CA ILE Z 217 38.99 -14.53 -34.42
C ILE Z 217 39.23 -13.02 -34.46
N ILE Z 218 40.09 -12.53 -33.55
CA ILE Z 218 40.33 -11.10 -33.43
C ILE Z 218 40.90 -10.52 -34.72
N GLU Z 219 42.02 -11.08 -35.21
CA GLU Z 219 42.54 -10.54 -36.47
C GLU Z 219 41.65 -10.90 -37.66
N SER Z 220 40.82 -11.93 -37.52
CA SER Z 220 39.78 -12.16 -38.53
C SER Z 220 38.79 -11.00 -38.58
N ARG Z 221 38.60 -10.30 -37.45
CA ARG Z 221 37.65 -9.19 -37.40
C ARG Z 221 38.27 -7.83 -37.75
N SER Z 222 39.59 -7.72 -37.81
CA SER Z 222 40.21 -6.46 -38.20
C SER Z 222 40.43 -6.39 -39.70
N THR AA 1 35.06 1.70 7.10
CA THR AA 1 35.83 0.47 7.25
C THR AA 1 36.62 0.19 5.98
N THR AA 2 37.89 -0.17 6.11
CA THR AA 2 38.62 -0.73 4.99
C THR AA 2 39.56 -1.80 5.50
N ILE AA 3 39.50 -2.97 4.86
CA ILE AA 3 40.41 -4.08 5.10
C ILE AA 3 41.15 -4.33 3.79
N VAL AA 4 42.46 -4.43 3.87
CA VAL AA 4 43.29 -4.72 2.72
C VAL AA 4 44.03 -6.02 2.99
N ALA AA 5 44.33 -6.74 1.91
CA ALA AA 5 45.17 -7.92 1.98
C ALA AA 5 45.91 -8.03 0.65
N LEU AA 6 47.21 -8.32 0.72
CA LEU AA 6 47.98 -8.47 -0.49
C LEU AA 6 49.03 -9.56 -0.30
N LYS AA 7 49.34 -10.25 -1.40
CA LYS AA 7 50.36 -11.29 -1.47
C LYS AA 7 51.73 -10.66 -1.73
N TYR AA 8 52.74 -11.19 -1.06
CA TYR AA 8 54.12 -10.83 -1.32
C TYR AA 8 54.93 -12.11 -1.48
N PRO AA 9 56.13 -12.02 -2.07
CA PRO AA 9 56.95 -13.23 -2.21
C PRO AA 9 57.17 -13.93 -0.87
N GLY AA 10 56.52 -15.07 -0.69
CA GLY AA 10 56.70 -15.85 0.52
C GLY AA 10 55.63 -15.67 1.59
N GLY AA 11 54.63 -14.84 1.36
CA GLY AA 11 53.60 -14.68 2.37
C GLY AA 11 52.46 -13.79 1.92
N VAL AA 12 51.64 -13.42 2.89
CA VAL AA 12 50.48 -12.55 2.70
C VAL AA 12 50.41 -11.58 3.88
N VAL AA 13 49.83 -10.41 3.64
CA VAL AA 13 49.62 -9.41 4.69
C VAL AA 13 48.19 -8.91 4.62
N MET AA 14 47.58 -8.68 5.78
CA MET AA 14 46.23 -8.12 5.89
C MET AA 14 46.22 -7.03 6.95
N ALA AA 15 45.64 -5.87 6.62
CA ALA AA 15 45.60 -4.75 7.55
C ALA AA 15 44.23 -4.09 7.49
N GLY AA 16 43.83 -3.49 8.60
CA GLY AA 16 42.52 -2.86 8.69
C GLY AA 16 42.58 -1.64 9.57
N ASP AA 17 41.69 -0.69 9.28
CA ASP AA 17 41.62 0.54 10.05
C ASP AA 17 40.93 0.30 11.39
N ARG AA 18 40.82 1.36 12.19
CA ARG AA 18 40.43 1.25 13.59
C ARG AA 18 39.16 2.00 13.92
N ARG AA 19 38.44 2.52 12.93
CA ARG AA 19 37.33 3.42 13.19
C ARG AA 19 36.01 2.65 13.26
N SER AA 20 35.21 2.98 14.26
CA SER AA 20 33.85 2.48 14.40
C SER AA 20 32.90 3.66 14.37
N THR AA 21 31.85 3.55 13.55
CA THR AA 21 30.92 4.64 13.35
C THR AA 21 29.48 4.18 13.58
N GLN AA 22 28.64 5.15 13.89
CA GLN AA 22 27.18 5.01 13.81
C GLN AA 22 26.67 6.19 13.00
N GLY AA 23 26.50 5.98 11.70
CA GLY AA 23 26.18 7.10 10.83
C GLY AA 23 27.39 8.00 10.70
N ASN AA 24 27.19 9.28 10.97
CA ASN AA 24 28.31 10.21 10.94
C ASN AA 24 29.08 10.22 12.25
N MET AA 25 28.49 9.68 13.31
CA MET AA 25 29.10 9.73 14.62
C MET AA 25 30.19 8.67 14.75
N ILE AA 26 31.34 9.08 15.27
CA ILE AA 26 32.42 8.14 15.57
C ILE AA 26 32.18 7.53 16.94
N SER AA 27 32.00 6.22 16.99
CA SER AA 27 31.79 5.51 18.25
C SER AA 27 33.00 4.71 18.69
N GLY AA 28 34.05 4.66 17.88
CA GLY AA 28 35.24 3.95 18.27
C GLY AA 28 36.46 4.39 17.49
N ARG AA 29 37.61 4.46 18.16
CA ARG AA 29 38.87 4.83 17.51
C ARG AA 29 39.93 3.75 17.56
N ASP AA 30 39.75 2.72 18.40
CA ASP AA 30 40.78 1.71 18.61
C ASP AA 30 40.28 0.30 18.28
N VAL AA 31 39.18 0.18 17.55
CA VAL AA 31 38.58 -1.14 17.33
C VAL AA 31 39.50 -1.97 16.46
N ARG AA 32 39.42 -3.29 16.61
CA ARG AA 32 40.24 -4.23 15.86
C ARG AA 32 39.36 -5.02 14.91
N LYS AA 33 39.66 -4.95 13.62
CA LYS AA 33 38.84 -5.58 12.59
C LYS AA 33 39.50 -6.74 11.88
N VAL AA 34 40.78 -7.01 12.14
CA VAL AA 34 41.51 -8.11 11.52
C VAL AA 34 41.91 -9.08 12.61
N TYR AA 35 41.51 -10.35 12.47
CA TYR AA 35 41.72 -11.37 13.48
C TYR AA 35 42.50 -12.53 12.90
N ILE AA 36 43.48 -13.02 13.66
CA ILE AA 36 44.19 -14.25 13.33
C ILE AA 36 43.26 -15.41 13.70
N THR AA 37 42.75 -16.13 12.70
CA THR AA 37 41.80 -17.19 13.00
C THR AA 37 42.44 -18.57 13.14
N ASP AA 38 43.66 -18.77 12.64
CA ASP AA 38 44.39 -20.00 12.90
C ASP AA 38 45.84 -19.75 12.52
N ASP AA 39 46.71 -20.70 12.89
CA ASP AA 39 48.15 -20.53 12.69
C ASP AA 39 48.51 -20.06 11.28
N TYR AA 40 47.65 -20.31 10.28
CA TYR AA 40 47.96 -19.91 8.91
C TYR AA 40 46.86 -19.12 8.23
N THR AA 41 45.87 -18.60 8.97
CA THR AA 41 44.86 -17.75 8.34
C THR AA 41 44.49 -16.60 9.26
N ALA AA 42 44.29 -15.43 8.66
CA ALA AA 42 43.75 -14.24 9.29
C ALA AA 42 42.50 -13.81 8.54
N THR AA 43 41.53 -13.26 9.29
CA THR AA 43 40.26 -12.85 8.72
C THR AA 43 39.99 -11.41 9.11
N GLY AA 44 39.72 -10.56 8.12
CA GLY AA 44 39.28 -9.22 8.41
C GLY AA 44 37.87 -9.02 7.90
N ILE AA 45 36.99 -8.46 8.70
CA ILE AA 45 35.58 -8.40 8.34
C ILE AA 45 35.11 -6.95 8.38
N ALA AA 46 34.26 -6.60 7.42
CA ALA AA 46 33.65 -5.28 7.33
C ALA AA 46 32.15 -5.39 7.52
N GLY AA 47 31.56 -4.36 8.13
CA GLY AA 47 30.12 -4.33 8.30
C GLY AA 47 29.72 -4.17 9.76
N THR AA 48 28.58 -4.74 10.11
CA THR AA 48 28.05 -4.64 11.47
C THR AA 48 29.01 -5.27 12.47
N ALA AA 49 29.38 -4.49 13.49
CA ALA AA 49 30.41 -4.91 14.43
C ALA AA 49 30.06 -6.25 15.08
N ALA AA 50 28.83 -6.38 15.57
CA ALA AA 50 28.41 -7.61 16.23
C ALA AA 50 28.61 -8.81 15.32
N VAL AA 51 28.11 -8.71 14.09
CA VAL AA 51 28.22 -9.82 13.15
C VAL AA 51 29.67 -10.08 12.79
N ALA AA 52 30.46 -9.02 12.59
CA ALA AA 52 31.85 -9.21 12.19
C ALA AA 52 32.64 -9.95 13.26
N VAL AA 53 32.54 -9.50 14.51
CA VAL AA 53 33.28 -10.15 15.59
C VAL AA 53 32.80 -11.58 15.79
N GLU AA 54 31.49 -11.81 15.71
CA GLU AA 54 31.02 -13.18 15.85
C GLU AA 54 31.53 -14.07 14.71
N PHE AA 55 31.57 -13.53 13.49
CA PHE AA 55 32.16 -14.28 12.39
C PHE AA 55 33.58 -14.72 12.75
N ALA AA 56 34.42 -13.76 13.13
CA ALA AA 56 35.81 -14.09 13.42
C ALA AA 56 35.91 -15.15 14.51
N ARG AA 57 35.18 -14.94 15.61
CA ARG AA 57 35.29 -15.82 16.78
C ARG AA 57 34.77 -17.22 16.48
N LEU AA 58 33.55 -17.32 15.94
CA LEU AA 58 32.96 -18.61 15.62
C LEU AA 58 33.79 -19.36 14.59
N TYR AA 59 34.34 -18.63 13.60
CA TYR AA 59 35.17 -19.26 12.58
C TYR AA 59 36.44 -19.87 13.18
N ALA AA 60 37.15 -19.09 14.00
CA ALA AA 60 38.35 -19.63 14.64
C ALA AA 60 38.01 -20.89 15.46
N VAL AA 61 36.93 -20.81 16.24
CA VAL AA 61 36.50 -21.97 17.02
C VAL AA 61 36.22 -23.15 16.10
N GLU AA 62 35.60 -22.91 14.94
CA GLU AA 62 35.26 -24.01 14.04
C GLU AA 62 36.50 -24.70 13.49
N LEU AA 63 37.47 -23.90 13.05
CA LEU AA 63 38.71 -24.47 12.50
C LEU AA 63 39.43 -25.30 13.56
N GLU AA 64 39.67 -24.71 14.73
CA GLU AA 64 40.40 -25.45 15.77
C GLU AA 64 39.59 -26.66 16.25
N HIS AA 65 38.26 -26.56 16.18
CA HIS AA 65 37.40 -27.68 16.52
C HIS AA 65 37.65 -28.86 15.59
N TYR AA 66 37.62 -28.62 14.27
CA TYR AA 66 37.95 -29.70 13.34
C TYR AA 66 39.34 -30.24 13.61
N GLU AA 67 40.30 -29.36 13.86
CA GLU AA 67 41.68 -29.84 14.00
C GLU AA 67 41.80 -30.76 15.20
N LYS AA 68 41.14 -30.42 16.32
CA LYS AA 68 41.21 -31.27 17.51
C LYS AA 68 40.41 -32.55 17.33
N LEU AA 69 39.29 -32.49 16.60
CA LEU AA 69 38.50 -33.71 16.41
C LEU AA 69 39.23 -34.71 15.53
N GLU AA 70 39.84 -34.26 14.44
CA GLU AA 70 40.41 -35.17 13.45
C GLU AA 70 41.93 -35.23 13.51
N GLY AA 71 42.58 -34.48 14.39
CA GLY AA 71 44.02 -34.53 14.53
C GLY AA 71 44.79 -33.84 13.43
N VAL AA 72 44.11 -33.28 12.44
CA VAL AA 72 44.76 -32.64 11.31
C VAL AA 72 43.94 -31.40 10.96
N PRO AA 73 44.57 -30.29 10.55
CA PRO AA 73 43.79 -29.12 10.16
C PRO AA 73 43.09 -29.32 8.82
N LEU AA 74 42.10 -28.48 8.58
CA LEU AA 74 41.40 -28.51 7.30
C LEU AA 74 42.33 -28.07 6.17
N THR AA 75 42.08 -28.64 4.99
CA THR AA 75 42.69 -28.09 3.79
C THR AA 75 42.21 -26.65 3.60
N PHE AA 76 43.00 -25.84 2.90
CA PHE AA 76 42.62 -24.45 2.74
C PHE AA 76 41.28 -24.32 2.05
N ALA AA 77 41.03 -25.18 1.05
CA ALA AA 77 39.73 -25.20 0.40
C ALA AA 77 38.62 -25.44 1.41
N GLY AA 78 38.81 -26.38 2.32
CA GLY AA 78 37.81 -26.61 3.34
C GLY AA 78 37.55 -25.39 4.21
N LYS AA 79 38.62 -24.69 4.59
CA LYS AA 79 38.48 -23.46 5.37
C LYS AA 79 37.63 -22.44 4.62
N ILE AA 80 37.94 -22.24 3.33
CA ILE AA 80 37.16 -21.33 2.49
C ILE AA 80 35.69 -21.74 2.50
N ASN AA 81 35.41 -23.03 2.28
CA ASN AA 81 34.03 -23.48 2.20
C ASN AA 81 33.28 -23.24 3.50
N ARG AA 82 33.96 -23.45 4.63
CA ARG AA 82 33.32 -23.23 5.92
C ARG AA 82 32.99 -21.77 6.15
N LEU AA 83 33.94 -20.87 5.84
CA LEU AA 83 33.67 -19.44 5.95
C LEU AA 83 32.50 -19.02 5.03
N ALA AA 84 32.50 -19.51 3.79
CA ALA AA 84 31.43 -19.19 2.86
C ALA AA 84 30.08 -19.66 3.38
N ILE AA 85 30.03 -20.89 3.90
CA ILE AA 85 28.78 -21.44 4.40
C ILE AA 85 28.29 -20.61 5.59
N MET AA 86 29.22 -20.11 6.41
CA MET AA 86 28.85 -19.25 7.54
C MET AA 86 28.18 -17.96 7.04
N VAL AA 87 28.81 -17.33 6.04
CA VAL AA 87 28.24 -16.10 5.48
C VAL AA 87 26.83 -16.35 4.94
N ARG AA 88 26.70 -17.35 4.07
CA ARG AA 88 25.38 -17.68 3.54
C ARG AA 88 24.39 -17.91 4.68
N GLY AA 89 24.84 -18.53 5.77
CA GLY AA 89 23.99 -18.68 6.93
C GLY AA 89 23.50 -17.36 7.45
N ASN AA 90 24.33 -16.32 7.38
CA ASN AA 90 23.88 -15.02 7.85
C ASN AA 90 23.10 -14.24 6.80
N LEU AA 91 22.89 -14.78 5.59
CA LEU AA 91 22.28 -13.99 4.52
C LEU AA 91 20.96 -13.32 4.92
N ALA AA 92 20.07 -14.04 5.61
CA ALA AA 92 18.76 -13.46 5.95
C ALA AA 92 18.90 -12.25 6.86
N ALA AA 93 19.66 -12.41 7.95
CA ALA AA 93 19.92 -11.28 8.84
C ALA AA 93 20.60 -10.14 8.10
N ALA AA 94 21.46 -10.47 7.12
CA ALA AA 94 22.07 -9.41 6.32
C ALA AA 94 21.00 -8.65 5.54
N MET AA 95 20.03 -9.37 4.99
CA MET AA 95 18.92 -8.71 4.29
C MET AA 95 18.12 -7.84 5.25
N GLN AA 96 18.13 -8.15 6.54
CA GLN AA 96 17.47 -7.30 7.52
C GLN AA 96 18.36 -6.19 8.07
N GLY AA 97 19.61 -6.11 7.64
CA GLY AA 97 20.52 -5.05 8.08
C GLY AA 97 21.75 -5.52 8.85
N LEU AA 98 21.81 -6.77 9.28
CA LEU AA 98 22.99 -7.29 9.99
C LEU AA 98 23.96 -7.92 8.98
N LEU AA 99 24.49 -7.07 8.13
CA LEU AA 99 25.37 -7.48 7.04
C LEU AA 99 26.83 -7.37 7.45
N ALA AA 100 27.61 -8.41 7.16
CA ALA AA 100 29.05 -8.37 7.35
C ALA AA 100 29.70 -9.22 6.26
N LEU AA 101 30.70 -8.66 5.58
CA LEU AA 101 31.46 -9.41 4.58
C LEU AA 101 32.88 -9.64 5.06
N PRO AA 102 33.38 -10.86 4.96
CA PRO AA 102 34.77 -11.12 5.34
C PRO AA 102 35.72 -11.11 4.16
N LEU AA 103 36.99 -10.87 4.47
CA LEU AA 103 38.11 -11.02 3.56
C LEU AA 103 39.07 -11.98 4.25
N LEU AA 104 39.45 -13.04 3.56
CA LEU AA 104 40.26 -14.10 4.11
C LEU AA 104 41.67 -14.02 3.54
N ALA AA 105 42.67 -14.11 4.41
CA ALA AA 105 44.06 -14.18 3.99
C ALA AA 105 44.67 -15.42 4.63
N GLY AA 106 45.39 -16.21 3.84
CA GLY AA 106 45.95 -17.44 4.37
C GLY AA 106 47.25 -17.79 3.70
N TYR AA 107 47.93 -18.78 4.27
CA TYR AA 107 49.13 -19.38 3.70
C TYR AA 107 48.86 -20.88 3.59
N ASP AA 108 48.82 -21.40 2.37
CA ASP AA 108 48.49 -22.80 2.15
C ASP AA 108 49.77 -23.62 2.34
N ILE AA 109 49.88 -24.31 3.47
CA ILE AA 109 51.07 -25.10 3.73
C ILE AA 109 51.21 -26.25 2.75
N HIS AA 110 50.11 -26.69 2.13
CA HIS AA 110 50.11 -27.79 1.18
C HIS AA 110 50.31 -27.33 -0.26
N ALA AA 111 50.55 -26.04 -0.47
CA ALA AA 111 50.76 -25.53 -1.82
C ALA AA 111 52.11 -26.00 -2.36
N SER AA 112 52.18 -26.14 -3.68
CA SER AA 112 53.41 -26.61 -4.32
C SER AA 112 54.53 -25.58 -4.18
N ASP AA 113 54.27 -24.33 -4.60
CA ASP AA 113 55.28 -23.29 -4.59
C ASP AA 113 55.19 -22.50 -3.29
N PRO AA 114 56.15 -22.61 -2.37
CA PRO AA 114 56.06 -21.89 -1.09
C PRO AA 114 56.18 -20.37 -1.21
N GLN AA 115 56.57 -19.85 -2.37
CA GLN AA 115 56.68 -18.39 -2.53
C GLN AA 115 55.35 -17.76 -2.92
N SER AA 116 54.53 -18.47 -3.69
CA SER AA 116 53.19 -18.02 -4.06
C SER AA 116 52.11 -18.74 -3.26
N ALA AA 117 52.45 -19.29 -2.10
CA ALA AA 117 51.49 -20.01 -1.27
C ALA AA 117 50.48 -19.09 -0.59
N GLY AA 118 50.64 -17.78 -0.71
CA GLY AA 118 49.66 -16.87 -0.15
C GLY AA 118 48.34 -16.96 -0.87
N ARG AA 119 47.26 -16.76 -0.11
CA ARG AA 119 45.91 -16.86 -0.65
C ARG AA 119 45.07 -15.70 -0.13
N ILE AA 120 44.29 -15.10 -1.02
CA ILE AA 120 43.40 -14.01 -0.68
C ILE AA 120 42.03 -14.34 -1.26
N VAL AA 121 41.03 -14.45 -0.40
CA VAL AA 121 39.69 -14.89 -0.78
C VAL AA 121 38.70 -13.81 -0.37
N SER AA 122 37.86 -13.39 -1.32
CA SER AA 122 36.80 -12.43 -1.06
C SER AA 122 35.46 -13.14 -1.10
N PHE AA 123 34.47 -12.55 -0.42
CA PHE AA 123 33.16 -13.17 -0.28
C PHE AA 123 32.07 -12.15 -0.54
N ASP AA 124 30.95 -12.61 -1.06
CA ASP AA 124 29.75 -11.79 -1.17
C ASP AA 124 28.70 -12.28 -0.18
N ALA AA 125 27.60 -11.54 -0.09
CA ALA AA 125 26.60 -11.78 0.94
C ALA AA 125 25.93 -13.13 0.82
N ALA AA 126 26.02 -13.79 -0.33
CA ALA AA 126 25.43 -15.11 -0.49
C ALA AA 126 26.43 -16.23 -0.24
N GLY AA 127 27.63 -15.91 0.21
CA GLY AA 127 28.65 -16.91 0.39
C GLY AA 127 29.48 -17.20 -0.85
N GLY AA 128 29.15 -16.59 -1.97
CA GLY AA 128 30.02 -16.71 -3.14
C GLY AA 128 31.39 -16.16 -2.84
N TRP AA 129 32.42 -16.85 -3.32
CA TRP AA 129 33.78 -16.48 -3.00
C TRP AA 129 34.64 -16.47 -4.26
N ASN AA 130 35.71 -15.70 -4.19
CA ASN AA 130 36.71 -15.67 -5.26
C ASN AA 130 38.11 -15.64 -4.65
N ILE AA 131 38.98 -16.54 -5.10
CA ILE AA 131 40.39 -16.49 -4.75
C ILE AA 131 41.07 -15.49 -5.67
N GLU AA 132 41.67 -14.46 -5.10
CA GLU AA 132 42.12 -13.30 -5.88
C GLU AA 132 43.49 -13.59 -6.47
N GLU AA 133 43.53 -13.85 -7.78
CA GLU AA 133 44.80 -14.18 -8.40
C GLU AA 133 45.68 -12.96 -8.64
N GLU AA 134 45.10 -11.76 -8.71
CA GLU AA 134 45.89 -10.58 -9.06
C GLU AA 134 46.64 -9.98 -7.86
N GLY AA 135 46.61 -10.63 -6.69
CA GLY AA 135 47.57 -10.37 -5.65
C GLY AA 135 47.09 -9.54 -4.48
N TYR AA 136 46.05 -8.73 -4.66
CA TYR AA 136 45.58 -7.87 -3.58
C TYR AA 136 44.06 -7.78 -3.64
N GLN AA 137 43.48 -7.30 -2.55
CA GLN AA 137 42.04 -7.14 -2.44
C GLN AA 137 41.72 -6.29 -1.22
N ALA AA 138 40.54 -5.68 -1.25
CA ALA AA 138 40.07 -4.86 -0.15
C ALA AA 138 38.57 -5.07 0.02
N VAL AA 139 38.09 -4.73 1.22
CA VAL AA 139 36.67 -4.84 1.54
C VAL AA 139 36.30 -3.69 2.47
N GLY AA 140 35.06 -3.21 2.32
CA GLY AA 140 34.57 -2.11 3.15
C GLY AA 140 34.24 -0.87 2.33
N SER AA 141 33.83 0.18 3.05
CA SER AA 141 33.36 1.41 2.40
C SER AA 141 34.48 2.17 1.71
N GLY AA 142 35.74 1.90 2.07
CA GLY AA 142 36.87 2.46 1.37
C GLY AA 142 37.59 1.49 0.47
N SER AA 143 37.00 0.33 0.18
CA SER AA 143 37.73 -0.71 -0.55
C SER AA 143 38.01 -0.32 -1.98
N LEU AA 144 37.14 0.48 -2.60
CA LEU AA 144 37.42 0.94 -3.96
C LEU AA 144 38.68 1.80 -3.98
N PHE AA 145 38.78 2.77 -3.08
CA PHE AA 145 39.94 3.64 -3.08
C PHE AA 145 41.20 2.84 -2.78
N ALA AA 146 41.16 1.97 -1.77
CA ALA AA 146 42.32 1.18 -1.40
C ALA AA 146 42.74 0.27 -2.54
N LYS AA 147 41.78 -0.37 -3.21
CA LYS AA 147 42.08 -1.23 -4.34
C LYS AA 147 42.75 -0.47 -5.47
N SER AA 148 42.24 0.73 -5.79
CA SER AA 148 42.83 1.51 -6.87
C SER AA 148 44.23 1.99 -6.51
N SER AA 149 44.47 2.28 -5.23
CA SER AA 149 45.81 2.61 -4.78
C SER AA 149 46.75 1.41 -4.92
N MET AA 150 46.31 0.24 -4.44
CA MET AA 150 47.14 -0.96 -4.54
C MET AA 150 47.39 -1.34 -6.01
N LYS AA 151 46.44 -1.01 -6.89
CA LYS AA 151 46.65 -1.25 -8.32
C LYS AA 151 47.90 -0.54 -8.81
N LYS AA 152 48.17 0.66 -8.30
CA LYS AA 152 49.32 1.43 -8.71
C LYS AA 152 50.57 1.12 -7.90
N LEU AA 153 50.41 0.73 -6.63
CA LEU AA 153 51.55 0.53 -5.73
C LEU AA 153 52.03 -0.91 -5.65
N TYR AA 154 51.35 -1.86 -6.30
CA TYR AA 154 51.66 -3.27 -6.06
C TYR AA 154 52.99 -3.68 -6.66
N SER AA 155 53.43 -3.04 -7.75
CA SER AA 155 54.72 -3.38 -8.35
C SER AA 155 55.89 -3.13 -7.39
N GLN AA 156 55.67 -2.35 -6.34
CA GLN AA 156 56.73 -2.09 -5.36
C GLN AA 156 56.83 -3.18 -4.31
N VAL AA 157 55.98 -4.20 -4.36
CA VAL AA 157 55.98 -5.24 -3.34
C VAL AA 157 57.01 -6.28 -3.75
N THR AA 158 58.11 -6.34 -2.99
CA THR AA 158 59.18 -7.29 -3.27
C THR AA 158 59.49 -8.19 -2.09
N ASP AA 159 59.01 -7.85 -0.90
CA ASP AA 159 59.18 -8.69 0.29
C ASP AA 159 58.06 -8.36 1.25
N GLY AA 160 58.14 -8.91 2.46
CA GLY AA 160 57.08 -8.66 3.41
C GLY AA 160 56.98 -7.22 3.84
N ASP AA 161 58.11 -6.53 3.99
CA ASP AA 161 58.07 -5.17 4.51
C ASP AA 161 57.50 -4.20 3.48
N SER AA 162 57.94 -4.33 2.22
CA SER AA 162 57.40 -3.47 1.17
C SER AA 162 55.90 -3.72 0.98
N GLY AA 163 55.48 -4.99 1.08
CA GLY AA 163 54.06 -5.29 1.02
C GLY AA 163 53.29 -4.69 2.19
N LEU AA 164 53.90 -4.69 3.37
CA LEU AA 164 53.27 -4.09 4.54
C LEU AA 164 53.08 -2.59 4.35
N ARG AA 165 54.12 -1.90 3.87
CA ARG AA 165 53.99 -0.46 3.64
C ARG AA 165 52.98 -0.16 2.54
N VAL AA 166 52.87 -1.03 1.53
CA VAL AA 166 51.85 -0.81 0.50
C VAL AA 166 50.46 -0.99 1.09
N ALA AA 167 50.29 -1.98 1.97
CA ALA AA 167 49.01 -2.16 2.64
C ALA AA 167 48.63 -0.93 3.45
N VAL AA 168 49.56 -0.44 4.29
CA VAL AA 168 49.29 0.73 5.13
C VAL AA 168 49.01 1.96 4.29
N GLU AA 169 49.72 2.11 3.17
CA GLU AA 169 49.48 3.27 2.32
C GLU AA 169 48.12 3.17 1.63
N ALA AA 170 47.70 1.97 1.25
CA ALA AA 170 46.36 1.79 0.69
C ALA AA 170 45.29 2.14 1.71
N LEU AA 171 45.47 1.69 2.96
CA LEU AA 171 44.54 2.11 4.01
C LEU AA 171 44.56 3.62 4.17
N TYR AA 172 45.73 4.24 3.97
CA TYR AA 172 45.81 5.69 4.09
C TYR AA 172 44.96 6.36 3.03
N ASP AA 173 45.09 5.92 1.77
CA ASP AA 173 44.27 6.51 0.71
C ASP AA 173 42.80 6.27 0.96
N ALA AA 174 42.44 5.07 1.45
CA ALA AA 174 41.06 4.79 1.80
C ALA AA 174 40.53 5.82 2.80
N ALA AA 175 41.26 6.02 3.90
CA ALA AA 175 40.81 7.01 4.88
C ALA AA 175 40.82 8.42 4.31
N ASP AA 176 41.67 8.68 3.32
CA ASP AA 176 41.75 10.00 2.71
C ASP AA 176 40.47 10.33 1.95
N ASP AA 177 39.86 9.33 1.29
CA ASP AA 177 38.66 9.59 0.50
C ASP AA 177 37.37 9.07 1.11
N ASP AA 178 37.43 8.30 2.19
CA ASP AA 178 36.25 7.71 2.81
C ASP AA 178 36.22 8.06 4.29
N SER AA 179 35.19 8.79 4.73
CA SER AA 179 35.15 9.24 6.12
C SER AA 179 34.86 8.12 7.10
N ALA AA 180 34.32 6.99 6.63
CA ALA AA 180 34.07 5.89 7.54
C ALA AA 180 35.33 5.09 7.86
N THR AA 181 36.41 5.32 7.13
CA THR AA 181 37.68 4.67 7.35
C THR AA 181 38.60 5.62 8.12
N GLY AA 182 39.19 5.12 9.21
CA GLY AA 182 40.04 5.94 10.05
C GLY AA 182 41.48 5.92 9.58
N GLY AA 183 42.07 7.10 9.48
CA GLY AA 183 43.47 7.21 9.18
C GLY AA 183 44.34 7.11 10.41
N PRO AA 184 45.66 7.23 10.24
CA PRO AA 184 46.55 7.22 11.41
C PRO AA 184 46.31 8.45 12.28
N ASP AA 185 46.09 8.21 13.57
CA ASP AA 185 45.88 9.28 14.58
C ASP AA 185 47.21 9.53 15.26
N LEU AA 186 47.92 10.58 14.86
CA LEU AA 186 49.21 10.85 15.48
C LEU AA 186 49.09 11.46 16.86
N VAL AA 187 47.95 12.09 17.19
CA VAL AA 187 47.78 12.65 18.52
C VAL AA 187 47.56 11.55 19.55
N ARG AA 188 46.68 10.61 19.24
CA ARG AA 188 46.41 9.50 20.15
C ARG AA 188 47.33 8.31 19.95
N GLY AA 189 48.10 8.27 18.86
CA GLY AA 189 48.97 7.13 18.60
C GLY AA 189 48.24 5.85 18.25
N ILE AA 190 47.18 5.96 17.44
CA ILE AA 190 46.39 4.81 16.99
C ILE AA 190 46.63 4.64 15.50
N PHE AA 191 47.02 3.45 15.10
CA PHE AA 191 47.37 3.14 13.72
C PHE AA 191 46.65 1.87 13.29
N PRO AA 192 46.56 1.60 11.98
CA PRO AA 192 45.89 0.37 11.53
C PRO AA 192 46.51 -0.88 12.16
N THR AA 193 45.71 -1.92 12.29
CA THR AA 193 46.25 -3.21 12.72
C THR AA 193 46.64 -4.03 11.49
N ALA AA 194 47.69 -4.82 11.64
CA ALA AA 194 48.17 -5.64 10.53
C ALA AA 194 48.58 -7.01 11.05
N VAL AA 195 48.34 -8.01 10.21
CA VAL AA 195 48.74 -9.39 10.43
C VAL AA 195 49.56 -9.80 9.21
N ILE AA 196 50.68 -10.48 9.45
CA ILE AA 196 51.50 -11.00 8.38
C ILE AA 196 51.56 -12.51 8.55
N ILE AA 197 51.53 -13.24 7.42
CA ILE AA 197 51.49 -14.71 7.44
C ILE AA 197 52.53 -15.23 6.45
N ASP AA 198 53.43 -16.08 6.93
CA ASP AA 198 54.36 -16.80 6.03
C ASP AA 198 54.43 -18.25 6.51
N ALA AA 199 55.45 -18.98 6.06
CA ALA AA 199 55.55 -20.40 6.42
C ALA AA 199 55.70 -20.61 7.93
N ASP AA 200 56.27 -19.64 8.63
CA ASP AA 200 56.42 -19.74 10.08
C ASP AA 200 55.14 -19.41 10.84
N GLY AA 201 54.07 -19.09 10.14
CA GLY AA 201 52.78 -18.84 10.74
C GLY AA 201 52.32 -17.41 10.56
N ALA AA 202 51.26 -17.08 11.29
CA ALA AA 202 50.64 -15.77 11.25
C ALA AA 202 50.96 -15.04 12.54
N VAL AA 203 51.53 -13.84 12.41
CA VAL AA 203 51.91 -13.03 13.56
C VAL AA 203 51.33 -11.64 13.39
N ASP AA 204 51.00 -11.03 14.52
CA ASP AA 204 50.59 -9.64 14.54
C ASP AA 204 51.79 -8.74 14.23
N VAL AA 205 51.58 -7.79 13.34
CA VAL AA 205 52.64 -6.79 13.08
C VAL AA 205 52.71 -5.84 14.28
N PRO AA 206 53.90 -5.62 14.86
CA PRO AA 206 53.98 -4.71 16.01
C PRO AA 206 53.61 -3.28 15.62
N GLU AA 207 52.93 -2.59 16.54
CA GLU AA 207 52.43 -1.26 16.27
C GLU AA 207 53.54 -0.28 15.91
N SER AA 208 54.72 -0.44 16.51
CA SER AA 208 55.81 0.49 16.24
C SER AA 208 56.16 0.50 14.76
N ARG AA 209 56.19 -0.68 14.13
CA ARG AA 209 56.50 -0.75 12.70
C ARG AA 209 55.46 0.00 11.88
N ILE AA 210 54.18 -0.24 12.18
CA ILE AA 210 53.12 0.42 11.42
C ILE AA 210 53.17 1.93 11.63
N ALA AA 211 53.46 2.37 12.85
CA ALA AA 211 53.57 3.81 13.11
C ALA AA 211 54.72 4.43 12.31
N GLU AA 212 55.87 3.75 12.25
CA GLU AA 212 56.97 4.25 11.43
C GLU AA 212 56.54 4.38 9.96
N LEU AA 213 55.89 3.34 9.44
CA LEU AA 213 55.43 3.39 8.04
C LEU AA 213 54.44 4.52 7.82
N ALA AA 214 53.51 4.70 8.76
CA ALA AA 214 52.52 5.76 8.66
C ALA AA 214 53.19 7.13 8.62
N ARG AA 215 54.09 7.39 9.57
CA ARG AA 215 54.77 8.68 9.61
C ARG AA 215 55.58 8.92 8.34
N ALA AA 216 56.25 7.89 7.83
CA ALA AA 216 56.95 8.02 6.55
C ALA AA 216 55.99 8.43 5.44
N ILE AA 217 54.80 7.83 5.40
CA ILE AA 217 53.82 8.17 4.37
C ILE AA 217 53.37 9.62 4.51
N ILE AA 218 53.04 10.03 5.74
CA ILE AA 218 52.58 11.39 5.98
C ILE AA 218 53.64 12.40 5.56
N GLU AA 219 54.90 12.17 5.97
CA GLU AA 219 55.99 13.05 5.56
C GLU AA 219 56.14 13.08 4.05
N SER AA 220 55.98 11.93 3.40
CA SER AA 220 56.07 11.87 1.95
C SER AA 220 54.96 12.67 1.29
N ARG AA 221 53.80 12.80 1.94
CA ARG AA 221 52.70 13.54 1.36
C ARG AA 221 52.73 15.03 1.69
N SER AA 222 53.56 15.44 2.67
CA SER AA 222 53.72 16.84 3.03
C SER AA 222 54.83 17.53 2.25
N GLY AA 223 55.89 16.80 1.92
CA GLY AA 223 57.06 17.38 1.29
C GLY AA 223 58.30 17.22 2.13
N THR BA 1 17.12 9.78 29.75
CA THR BA 1 17.99 8.90 30.51
C THR BA 1 19.43 9.23 30.19
N THR BA 2 20.29 9.26 31.21
CA THR BA 2 21.72 9.28 30.97
C THR BA 2 22.42 8.46 32.03
N ILE BA 3 23.29 7.56 31.58
CA ILE BA 3 24.16 6.77 32.43
C ILE BA 3 25.58 7.14 32.07
N VAL BA 4 26.39 7.45 33.08
CA VAL BA 4 27.81 7.75 32.87
C VAL BA 4 28.63 6.72 33.62
N ALA BA 5 29.83 6.47 33.10
CA ALA BA 5 30.82 5.63 33.76
C ALA BA 5 32.20 6.13 33.39
N LEU BA 6 33.09 6.18 34.37
CA LEU BA 6 34.46 6.61 34.10
C LEU BA 6 35.42 5.82 34.98
N LYS BA 7 36.62 5.61 34.44
CA LYS BA 7 37.70 4.97 35.18
C LYS BA 7 38.42 6.04 36.00
N TYR BA 8 38.79 5.69 37.22
CA TYR BA 8 39.67 6.50 38.03
C TYR BA 8 40.78 5.60 38.54
N PRO BA 9 41.91 6.17 39.02
CA PRO BA 9 43.02 5.32 39.50
C PRO BA 9 42.60 4.31 40.56
N GLY BA 10 42.52 3.04 40.19
CA GLY BA 10 42.16 1.98 41.11
C GLY BA 10 40.70 1.53 41.07
N GLY BA 11 39.88 2.11 40.21
CA GLY BA 11 38.49 1.67 40.17
C GLY BA 11 37.73 2.32 39.05
N VAL BA 12 36.41 2.14 39.11
CA VAL BA 12 35.48 2.67 38.12
C VAL BA 12 34.26 3.18 38.86
N VAL BA 13 33.59 4.19 38.29
CA VAL BA 13 32.38 4.74 38.88
C VAL BA 13 31.29 4.84 37.80
N MET BA 14 30.05 4.58 38.20
CA MET BA 14 28.90 4.69 37.30
C MET BA 14 27.78 5.43 38.01
N ALA BA 15 27.16 6.37 37.30
CA ALA BA 15 26.08 7.17 37.88
C ALA BA 15 24.97 7.32 36.84
N GLY BA 16 23.75 7.47 37.31
CA GLY BA 16 22.60 7.59 36.43
C GLY BA 16 21.54 8.48 37.02
N ASP BA 17 20.78 9.12 36.14
CA ASP BA 17 19.71 10.02 36.56
C ASP BA 17 18.50 9.20 37.03
N ARG BA 18 17.46 9.91 37.46
CA ARG BA 18 16.32 9.30 38.15
C ARG BA 18 15.00 9.51 37.43
N ARG BA 19 15.02 10.03 36.22
CA ARG BA 19 13.79 10.45 35.56
C ARG BA 19 13.22 9.33 34.70
N SER BA 20 11.92 9.10 34.84
CA SER BA 20 11.18 8.17 34.00
C SER BA 20 10.10 8.95 33.24
N THR BA 21 10.02 8.73 31.94
CA THR BA 21 9.11 9.49 31.10
C THR BA 21 8.25 8.56 30.25
N GLN BA 22 7.10 9.08 29.84
CA GLN BA 22 6.28 8.49 28.77
C GLN BA 22 6.01 9.62 27.78
N GLY BA 23 6.81 9.69 26.72
CA GLY BA 23 6.74 10.84 25.85
C GLY BA 23 7.28 12.04 26.59
N ASN BA 24 6.52 13.13 26.58
CA ASN BA 24 6.93 14.32 27.32
C ASN BA 24 6.52 14.26 28.78
N MET BA 25 5.60 13.36 29.11
CA MET BA 25 5.07 13.29 30.46
C MET BA 25 6.06 12.60 31.38
N ILE BA 26 6.29 13.21 32.55
CA ILE BA 26 7.15 12.64 33.56
C ILE BA 26 6.34 11.63 34.37
N SER BA 27 6.75 10.37 34.32
CA SER BA 27 6.07 9.31 35.06
C SER BA 27 6.88 8.82 36.26
N GLY BA 28 8.10 9.33 36.45
CA GLY BA 28 8.88 8.92 37.61
C GLY BA 28 9.99 9.87 37.95
N ARG BA 29 10.21 10.08 39.26
CA ARG BA 29 11.29 10.95 39.73
C ARG BA 29 12.34 10.23 40.56
N ASP BA 30 12.08 9.01 41.01
CA ASP BA 30 12.98 8.30 41.92
C ASP BA 30 13.48 6.97 41.39
N VAL BA 31 13.29 6.68 40.10
CA VAL BA 31 13.64 5.36 39.58
C VAL BA 31 15.15 5.18 39.65
N ARG BA 32 15.60 3.94 39.78
CA ARG BA 32 17.03 3.64 39.76
C ARG BA 32 17.37 2.87 38.48
N LYS BA 33 18.39 3.35 37.78
CA LYS BA 33 18.79 2.81 36.49
C LYS BA 33 20.17 2.17 36.53
N VAL BA 34 20.87 2.24 37.66
CA VAL BA 34 22.19 1.64 37.82
C VAL BA 34 22.08 0.55 38.86
N TYR BA 35 22.47 -0.67 38.49
CA TYR BA 35 22.31 -1.82 39.35
C TYR BA 35 23.63 -2.53 39.57
N ILE BA 36 23.91 -2.90 40.81
CA ILE BA 36 25.05 -3.77 41.10
C ILE BA 36 24.66 -5.18 40.67
N THR BA 37 25.32 -5.68 39.62
CA THR BA 37 24.96 -7.00 39.11
C THR BA 37 25.80 -8.12 39.69
N ASP BA 38 26.98 -7.81 40.24
CA ASP BA 38 27.75 -8.79 40.98
C ASP BA 38 28.79 -8.02 41.77
N ASP BA 39 29.49 -8.74 42.65
CA ASP BA 39 30.44 -8.11 43.55
C ASP BA 39 31.40 -7.16 42.85
N TYR BA 40 31.65 -7.38 41.55
CA TYR BA 40 32.59 -6.53 40.83
C TYR BA 40 32.03 -5.95 39.53
N THR BA 41 30.71 -5.98 39.33
CA THR BA 41 30.17 -5.34 38.15
C THR BA 41 28.86 -4.64 38.47
N ALA BA 42 28.69 -3.47 37.86
CA ALA BA 42 27.45 -2.71 37.84
C ALA BA 42 27.00 -2.51 36.40
N THR BA 43 25.69 -2.44 36.21
CA THR BA 43 25.08 -2.25 34.90
C THR BA 43 24.12 -1.06 34.97
N GLY BA 44 24.30 -0.10 34.08
CA GLY BA 44 23.31 0.97 33.98
C GLY BA 44 22.62 0.86 32.64
N ILE BA 45 21.29 0.94 32.56
CA ILE BA 45 20.60 0.65 31.31
C ILE BA 45 19.68 1.80 30.92
N ALA BA 46 19.64 2.11 29.63
CA ALA BA 46 18.74 3.14 29.11
C ALA BA 46 17.72 2.53 28.16
N GLY BA 47 16.51 3.10 28.14
CA GLY BA 47 15.47 2.65 27.23
C GLY BA 47 14.20 2.24 27.97
N THR BA 48 13.49 1.27 27.39
CA THR BA 48 12.25 0.78 27.97
C THR BA 48 12.48 0.19 29.35
N ALA BA 49 11.73 0.70 30.33
CA ALA BA 49 11.95 0.33 31.72
C ALA BA 49 11.82 -1.18 31.91
N ALA BA 50 10.76 -1.77 31.38
CA ALA BA 50 10.54 -3.20 31.55
C ALA BA 50 11.74 -4.00 31.06
N VAL BA 51 12.21 -3.68 29.87
CA VAL BA 51 13.35 -4.41 29.30
C VAL BA 51 14.62 -4.14 30.11
N ALA BA 52 14.83 -2.89 30.55
CA ALA BA 52 16.04 -2.56 31.30
C ALA BA 52 16.12 -3.31 32.61
N VAL BA 53 15.05 -3.24 33.42
CA VAL BA 53 15.05 -3.93 34.71
C VAL BA 53 15.16 -5.44 34.49
N GLU BA 54 14.49 -5.96 33.45
CA GLU BA 54 14.62 -7.38 33.15
C GLU BA 54 16.07 -7.74 32.83
N PHE BA 55 16.75 -6.89 32.07
CA PHE BA 55 18.16 -7.10 31.77
C PHE BA 55 18.98 -7.20 33.05
N ALA BA 56 18.85 -6.20 33.93
CA ALA BA 56 19.65 -6.19 35.14
C ALA BA 56 19.39 -7.43 35.99
N ARG BA 57 18.11 -7.75 36.21
CA ARG BA 57 17.76 -8.85 37.10
C ARG BA 57 18.21 -10.20 36.54
N LEU BA 58 17.85 -10.47 35.28
CA LEU BA 58 18.22 -11.72 34.64
C LEU BA 58 19.72 -11.88 34.57
N TYR BA 59 20.44 -10.80 34.27
CA TYR BA 59 21.91 -10.84 34.18
C TYR BA 59 22.54 -11.20 35.51
N ALA BA 60 22.12 -10.52 36.58
CA ALA BA 60 22.66 -10.86 37.90
C ALA BA 60 22.41 -12.32 38.22
N VAL BA 61 21.17 -12.78 37.99
CA VAL BA 61 20.85 -14.19 38.25
C VAL BA 61 21.74 -15.11 37.42
N GLU BA 62 22.02 -14.77 36.16
CA GLU BA 62 22.85 -15.63 35.32
C GLU BA 62 24.27 -15.73 35.86
N LEU BA 63 24.87 -14.59 36.20
CA LEU BA 63 26.23 -14.62 36.71
C LEU BA 63 26.33 -15.44 37.99
N GLU BA 64 25.43 -15.19 38.94
CA GLU BA 64 25.50 -15.94 40.19
C GLU BA 64 25.18 -17.42 39.97
N HIS BA 65 24.33 -17.71 39.01
CA HIS BA 65 24.05 -19.09 38.62
C HIS BA 65 25.33 -19.79 38.19
N TYR BA 66 26.09 -19.18 37.27
CA TYR BA 66 27.35 -19.78 36.86
C TYR BA 66 28.29 -19.95 38.03
N GLU BA 67 28.38 -18.95 38.91
CA GLU BA 67 29.34 -19.04 40.01
C GLU BA 67 28.98 -20.20 40.94
N LYS BA 68 27.68 -20.38 41.23
CA LYS BA 68 27.29 -21.45 42.16
C LYS BA 68 27.43 -22.82 41.50
N LEU BA 69 27.14 -22.91 40.20
CA LEU BA 69 27.27 -24.20 39.53
C LEU BA 69 28.72 -24.62 39.42
N GLU BA 70 29.61 -23.69 39.08
CA GLU BA 70 30.99 -24.01 38.77
C GLU BA 70 31.97 -23.64 39.88
N GLY BA 71 31.49 -23.07 40.98
CA GLY BA 71 32.35 -22.75 42.12
C GLY BA 71 33.26 -21.55 41.94
N VAL BA 72 33.28 -20.95 40.76
CA VAL BA 72 34.17 -19.84 40.46
C VAL BA 72 33.39 -18.84 39.60
N PRO BA 73 33.59 -17.53 39.75
CA PRO BA 73 32.89 -16.58 38.90
C PRO BA 73 33.42 -16.59 37.48
N LEU BA 74 32.61 -16.04 36.58
CA LEU BA 74 33.04 -15.89 35.20
C LEU BA 74 34.18 -14.89 35.11
N THR BA 75 35.05 -15.10 34.12
CA THR BA 75 35.99 -14.06 33.73
C THR BA 75 35.22 -12.84 33.25
N PHE BA 76 35.88 -11.68 33.30
CA PHE BA 76 35.21 -10.46 32.86
C PHE BA 76 34.83 -10.57 31.38
N ALA BA 77 35.71 -11.18 30.58
CA ALA BA 77 35.37 -11.43 29.19
C ALA BA 77 34.08 -12.24 29.08
N GLY BA 78 33.95 -13.28 29.89
CA GLY BA 78 32.73 -14.07 29.87
C GLY BA 78 31.50 -13.27 30.25
N LYS BA 79 31.62 -12.43 31.28
CA LYS BA 79 30.51 -11.58 31.67
C LYS BA 79 30.07 -10.69 30.52
N ILE BA 80 31.04 -10.05 29.86
CA ILE BA 80 30.73 -9.24 28.68
C ILE BA 80 29.96 -10.07 27.67
N ASN BA 81 30.48 -11.25 27.34
CA ASN BA 81 29.87 -12.05 26.29
C ASN BA 81 28.45 -12.44 26.64
N ARG BA 82 28.18 -12.73 27.91
CA ARG BA 82 26.81 -13.12 28.27
C ARG BA 82 25.87 -11.92 28.16
N LEU BA 83 26.30 -10.75 28.62
CA LEU BA 83 25.46 -9.56 28.48
C LEU BA 83 25.17 -9.26 27.01
N ALA BA 84 26.20 -9.35 26.17
CA ALA BA 84 26.02 -9.14 24.73
C ALA BA 84 25.03 -10.14 24.14
N ILE BA 85 25.15 -11.40 24.55
CA ILE BA 85 24.23 -12.43 24.04
C ILE BA 85 22.80 -12.10 24.45
N MET BA 86 22.62 -11.57 25.66
CA MET BA 86 21.27 -11.20 26.11
C MET BA 86 20.70 -10.07 25.25
N VAL BA 87 21.49 -9.02 25.01
CA VAL BA 87 21.05 -7.90 24.18
C VAL BA 87 20.67 -8.37 22.78
N ARG BA 88 21.61 -9.06 22.13
CA ARG BA 88 21.34 -9.62 20.80
C ARG BA 88 20.05 -10.43 20.82
N GLY BA 89 19.82 -11.18 21.90
CA GLY BA 89 18.58 -11.90 22.04
C GLY BA 89 17.36 -11.01 22.05
N ASN BA 90 17.48 -9.81 22.63
CA ASN BA 90 16.31 -8.93 22.62
C ASN BA 90 16.17 -8.13 21.33
N LEU BA 91 17.08 -8.28 20.35
CA LEU BA 91 17.03 -7.44 19.15
C LEU BA 91 15.65 -7.43 18.47
N ALA BA 92 14.97 -8.59 18.39
CA ALA BA 92 13.68 -8.64 17.70
C ALA BA 92 12.66 -7.73 18.36
N ALA BA 93 12.48 -7.86 19.68
CA ALA BA 93 11.60 -6.97 20.41
C ALA BA 93 12.06 -5.53 20.33
N ALA BA 94 13.38 -5.30 20.26
CA ALA BA 94 13.91 -3.95 20.17
C ALA BA 94 13.45 -3.27 18.89
N MET BA 95 13.47 -3.99 17.76
CA MET BA 95 13.02 -3.38 16.51
C MET BA 95 11.56 -2.97 16.54
N GLN BA 96 10.76 -3.59 17.40
CA GLN BA 96 9.35 -3.23 17.55
C GLN BA 96 9.12 -2.26 18.71
N GLY BA 97 10.18 -1.69 19.28
CA GLY BA 97 10.05 -0.60 20.23
C GLY BA 97 10.47 -0.89 21.66
N LEU BA 98 10.71 -2.15 22.01
CA LEU BA 98 11.16 -2.49 23.36
C LEU BA 98 12.69 -2.53 23.41
N LEU BA 99 13.29 -1.37 23.20
CA LEU BA 99 14.74 -1.20 23.11
C LEU BA 99 15.33 -0.81 24.46
N ALA BA 100 16.42 -1.47 24.85
CA ALA BA 100 17.17 -1.10 26.04
C ALA BA 100 18.63 -1.42 25.80
N LEU BA 101 19.51 -0.43 26.02
CA LEU BA 101 20.95 -0.64 25.87
C LEU BA 101 21.63 -0.56 27.22
N PRO BA 102 22.52 -1.47 27.52
CA PRO BA 102 23.26 -1.39 28.78
C PRO BA 102 24.62 -0.75 28.63
N LEU BA 103 25.14 -0.25 29.75
CA LEU BA 103 26.51 0.20 29.91
C LEU BA 103 27.07 -0.58 31.09
N LEU BA 104 28.20 -1.25 30.86
CA LEU BA 104 28.77 -2.16 31.85
C LEU BA 104 30.00 -1.52 32.45
N ALA BA 105 30.09 -1.53 33.78
CA ALA BA 105 31.27 -1.05 34.47
C ALA BA 105 31.70 -2.14 35.44
N GLY BA 106 33.00 -2.45 35.43
CA GLY BA 106 33.46 -3.54 36.26
C GLY BA 106 34.88 -3.33 36.74
N TYR BA 107 35.28 -4.19 37.65
CA TYR BA 107 36.65 -4.27 38.14
C TYR BA 107 37.14 -5.69 37.90
N ASP BA 108 38.13 -5.85 37.03
CA ASP BA 108 38.63 -7.17 36.68
C ASP BA 108 39.64 -7.63 37.71
N ILE BA 109 39.24 -8.56 38.58
CA ILE BA 109 40.13 -9.02 39.63
C ILE BA 109 41.35 -9.75 39.10
N HIS BA 110 41.28 -10.26 37.87
CA HIS BA 110 42.38 -10.99 37.27
C HIS BA 110 43.29 -10.10 36.44
N ALA BA 111 43.06 -8.79 36.43
CA ALA BA 111 43.90 -7.90 35.64
C ALA BA 111 45.29 -7.80 36.26
N SER BA 112 46.28 -7.53 35.41
CA SER BA 112 47.65 -7.47 35.91
C SER BA 112 47.84 -6.26 36.84
N ASP BA 113 47.53 -5.06 36.36
CA ASP BA 113 47.73 -3.86 37.15
C ASP BA 113 46.42 -3.52 37.85
N PRO BA 114 46.33 -3.65 39.18
CA PRO BA 114 45.06 -3.36 39.86
C PRO BA 114 44.64 -1.88 39.81
N GLN BA 115 45.50 -0.99 39.30
CA GLN BA 115 45.12 0.41 39.14
C GLN BA 115 44.41 0.68 37.81
N SER BA 116 44.73 -0.10 36.77
CA SER BA 116 44.02 -0.05 35.50
C SER BA 116 43.04 -1.21 35.36
N ALA BA 117 42.66 -1.85 36.47
CA ALA BA 117 41.75 -2.97 36.43
C ALA BA 117 40.30 -2.57 36.18
N GLY BA 118 39.99 -1.28 36.16
CA GLY BA 118 38.66 -0.85 35.82
C GLY BA 118 38.35 -1.10 34.35
N ARG BA 119 37.08 -1.42 34.07
CA ARG BA 119 36.62 -1.74 32.73
C ARG BA 119 35.29 -1.06 32.47
N ILE BA 120 35.14 -0.48 31.29
CA ILE BA 120 33.88 0.13 30.86
C ILE BA 120 33.58 -0.37 29.46
N VAL BA 121 32.44 -1.04 29.32
CA VAL BA 121 32.05 -1.69 28.07
C VAL BA 121 30.69 -1.13 27.65
N SER BA 122 30.61 -0.66 26.42
CA SER BA 122 29.35 -0.19 25.86
C SER BA 122 28.82 -1.20 24.83
N PHE BA 123 27.50 -1.16 24.63
CA PHE BA 123 26.80 -2.13 23.79
C PHE BA 123 25.85 -1.42 22.84
N ASP BA 124 25.64 -2.02 21.67
CA ASP BA 124 24.60 -1.59 20.74
C ASP BA 124 23.48 -2.62 20.67
N ALA BA 125 22.42 -2.29 19.92
CA ALA BA 125 21.22 -3.10 19.92
C ALA BA 125 21.43 -4.49 19.34
N ALA BA 126 22.53 -4.71 18.63
CA ALA BA 126 22.86 -6.01 18.08
C ALA BA 126 23.80 -6.80 18.98
N GLY BA 127 24.11 -6.28 20.15
CA GLY BA 127 25.02 -6.96 21.05
C GLY BA 127 26.48 -6.70 20.80
N GLY BA 128 26.83 -5.95 19.76
CA GLY BA 128 28.22 -5.55 19.59
C GLY BA 128 28.68 -4.70 20.76
N TRP BA 129 29.92 -4.94 21.20
CA TRP BA 129 30.42 -4.27 22.39
C TRP BA 129 31.79 -3.69 22.14
N ASN BA 130 32.13 -2.67 22.92
CA ASN BA 130 33.44 -2.04 22.88
C ASN BA 130 33.92 -1.77 24.29
N ILE BA 131 35.12 -2.24 24.60
CA ILE BA 131 35.77 -1.90 25.87
C ILE BA 131 36.42 -0.53 25.72
N GLU BA 132 36.01 0.42 26.56
CA GLU BA 132 36.38 1.81 26.37
C GLU BA 132 37.75 2.07 26.95
N GLU BA 133 38.71 2.36 26.08
CA GLU BA 133 40.07 2.60 26.52
C GLU BA 133 40.34 4.06 26.82
N GLU BA 134 39.43 4.96 26.44
CA GLU BA 134 39.67 6.39 26.63
C GLU BA 134 39.14 6.90 27.97
N GLY BA 135 38.65 6.00 28.82
CA GLY BA 135 38.46 6.28 30.22
C GLY BA 135 37.03 6.55 30.66
N TYR BA 136 36.16 6.99 29.77
CA TYR BA 136 34.79 7.33 30.15
C TYR BA 136 33.84 6.95 29.02
N GLN BA 137 32.56 6.90 29.36
CA GLN BA 137 31.52 6.54 28.39
C GLN BA 137 30.16 6.84 29.01
N ALA BA 138 29.17 7.07 28.15
CA ALA BA 138 27.82 7.34 28.59
C ALA BA 138 26.84 6.71 27.62
N VAL BA 139 25.60 6.53 28.07
CA VAL BA 139 24.55 5.96 27.25
C VAL BA 139 23.23 6.64 27.63
N GLY BA 140 22.36 6.77 26.65
CA GLY BA 140 21.06 7.38 26.85
C GLY BA 140 20.88 8.64 26.03
N SER BA 141 19.69 9.23 26.16
CA SER BA 141 19.31 10.37 25.33
C SER BA 141 20.14 11.61 25.66
N GLY BA 142 20.80 11.65 26.80
CA GLY BA 142 21.73 12.72 27.12
C GLY BA 142 23.19 12.33 27.04
N SER BA 143 23.51 11.18 26.42
CA SER BA 143 24.86 10.65 26.48
C SER BA 143 25.87 11.52 25.73
N LEU BA 144 25.47 12.21 24.66
CA LEU BA 144 26.45 13.03 23.93
C LEU BA 144 26.89 14.23 24.75
N PHE BA 145 25.93 14.88 25.42
CA PHE BA 145 26.28 16.01 26.28
C PHE BA 145 27.18 15.56 27.43
N ALA BA 146 26.85 14.43 28.05
CA ALA BA 146 27.65 13.92 29.17
C ALA BA 146 29.05 13.53 28.71
N LYS BA 147 29.15 12.85 27.57
CA LYS BA 147 30.46 12.46 27.05
C LYS BA 147 31.31 13.68 26.70
N SER BA 148 30.71 14.68 26.04
CA SER BA 148 31.49 15.85 25.67
C SER BA 148 31.90 16.66 26.90
N SER BA 149 31.07 16.68 27.94
CA SER BA 149 31.46 17.31 29.20
C SER BA 149 32.61 16.57 29.86
N MET BA 150 32.52 15.24 29.94
CA MET BA 150 33.61 14.45 30.52
C MET BA 150 34.88 14.60 29.71
N LYS BA 151 34.75 14.84 28.40
CA LYS BA 151 35.93 15.08 27.58
C LYS BA 151 36.76 16.24 28.12
N LYS BA 152 36.07 17.26 28.64
CA LYS BA 152 36.75 18.43 29.20
C LYS BA 152 37.11 18.25 30.67
N LEU BA 153 36.34 17.48 31.43
CA LEU BA 153 36.55 17.39 32.87
C LEU BA 153 37.40 16.22 33.30
N TYR BA 154 37.77 15.32 32.38
CA TYR BA 154 38.37 14.06 32.79
C TYR BA 154 39.76 14.25 33.36
N SER BA 155 40.48 15.28 32.91
CA SER BA 155 41.81 15.56 33.43
C SER BA 155 41.81 15.85 34.92
N GLN BA 156 40.65 16.18 35.49
CA GLN BA 156 40.52 16.46 36.91
C GLN BA 156 40.32 15.22 37.74
N VAL BA 157 40.26 14.04 37.12
CA VAL BA 157 40.00 12.79 37.83
C VAL BA 157 41.34 12.26 38.32
N THR BA 158 41.52 12.27 39.64
CA THR BA 158 42.73 11.74 40.25
C THR BA 158 42.46 10.64 41.27
N ASP BA 159 41.23 10.48 41.74
CA ASP BA 159 40.88 9.44 42.69
C ASP BA 159 39.38 9.15 42.56
N GLY BA 160 38.85 8.37 43.49
CA GLY BA 160 37.43 8.04 43.44
C GLY BA 160 36.52 9.23 43.66
N ASP BA 161 36.92 10.14 44.55
CA ASP BA 161 36.02 11.25 44.87
C ASP BA 161 35.95 12.25 43.71
N SER BA 162 37.10 12.60 43.13
CA SER BA 162 37.08 13.49 41.98
C SER BA 162 36.37 12.85 40.80
N GLY BA 163 36.57 11.55 40.60
CA GLY BA 163 35.87 10.86 39.53
C GLY BA 163 34.37 10.87 39.73
N LEU BA 164 33.93 10.71 40.97
CA LEU BA 164 32.50 10.80 41.25
C LEU BA 164 31.97 12.20 40.98
N ARG BA 165 32.75 13.24 41.32
CA ARG BA 165 32.32 14.59 41.01
C ARG BA 165 32.17 14.78 39.50
N VAL BA 166 33.15 14.31 38.73
CA VAL BA 166 33.06 14.46 37.28
C VAL BA 166 31.84 13.72 36.75
N ALA BA 167 31.55 12.53 37.31
CA ALA BA 167 30.37 11.80 36.89
C ALA BA 167 29.09 12.59 37.15
N VAL BA 168 28.93 13.11 38.38
CA VAL BA 168 27.71 13.84 38.73
C VAL BA 168 27.57 15.10 37.88
N GLU BA 169 28.69 15.76 37.57
CA GLU BA 169 28.64 16.97 36.74
C GLU BA 169 28.30 16.65 35.30
N ALA BA 170 28.79 15.50 34.78
CA ALA BA 170 28.38 15.09 33.44
C ALA BA 170 26.89 14.83 33.39
N LEU BA 171 26.35 14.15 34.41
CA LEU BA 171 24.91 14.01 34.48
C LEU BA 171 24.21 15.36 34.58
N TYR BA 172 24.84 16.34 35.23
CA TYR BA 172 24.23 17.66 35.33
C TYR BA 172 24.12 18.31 33.96
N ASP BA 173 25.20 18.27 33.17
CA ASP BA 173 25.16 18.84 31.83
C ASP BA 173 24.16 18.10 30.94
N ALA BA 174 24.12 16.77 31.05
CA ALA BA 174 23.14 15.97 30.32
C ALA BA 174 21.72 16.46 30.63
N ALA BA 175 21.39 16.59 31.91
CA ALA BA 175 20.08 17.09 32.26
C ALA BA 175 19.88 18.52 31.81
N ASP BA 176 20.98 19.28 31.68
CA ASP BA 176 20.87 20.67 31.24
C ASP BA 176 20.40 20.76 29.80
N ASP BA 177 20.86 19.84 28.95
CA ASP BA 177 20.52 19.91 27.53
C ASP BA 177 19.51 18.86 27.07
N ASP BA 178 19.16 17.89 27.90
CA ASP BA 178 18.26 16.81 27.50
C ASP BA 178 17.11 16.74 28.49
N SER BA 179 15.89 17.00 28.00
CA SER BA 179 14.73 17.03 28.89
C SER BA 179 14.34 15.65 29.38
N ALA BA 180 14.78 14.59 28.71
CA ALA BA 180 14.52 13.24 29.17
C ALA BA 180 15.43 12.82 30.30
N THR BA 181 16.48 13.59 30.56
CA THR BA 181 17.40 13.32 31.66
C THR BA 181 17.06 14.28 32.80
N GLY BA 182 16.89 13.73 34.00
CA GLY BA 182 16.51 14.53 35.16
C GLY BA 182 17.72 15.09 35.89
N GLY BA 183 17.65 16.38 36.21
CA GLY BA 183 18.66 17.00 37.03
C GLY BA 183 18.37 16.83 38.50
N PRO BA 184 19.25 17.35 39.37
CA PRO BA 184 19.03 17.23 40.81
C PRO BA 184 17.82 18.02 41.28
N ASP BA 185 16.91 17.34 41.99
CA ASP BA 185 15.67 17.95 42.50
C ASP BA 185 15.95 18.38 43.93
N LEU BA 186 16.27 19.66 44.11
CA LEU BA 186 16.57 20.12 45.46
C LEU BA 186 15.33 20.27 46.31
N VAL BA 187 14.16 20.40 45.69
CA VAL BA 187 12.93 20.53 46.47
C VAL BA 187 12.56 19.19 47.10
N ARG BA 188 12.62 18.12 46.30
CA ARG BA 188 12.29 16.78 46.77
C ARG BA 188 13.50 16.02 47.30
N GLY BA 189 14.70 16.52 47.05
CA GLY BA 189 15.89 15.83 47.50
C GLY BA 189 16.20 14.53 46.79
N ILE BA 190 16.01 14.49 45.47
CA ILE BA 190 16.31 13.31 44.67
C ILE BA 190 17.50 13.65 43.78
N PHE BA 191 18.52 12.81 43.84
CA PHE BA 191 19.78 13.02 43.13
C PHE BA 191 20.14 11.75 42.37
N PRO BA 192 21.06 11.85 41.40
CA PRO BA 192 21.44 10.64 40.66
C PRO BA 192 21.97 9.56 41.59
N THR BA 193 21.79 8.30 41.18
CA THR BA 193 22.36 7.19 41.93
C THR BA 193 23.71 6.81 41.35
N ALA BA 194 24.61 6.35 42.21
CA ALA BA 194 25.95 6.02 41.75
C ALA BA 194 26.44 4.76 42.47
N VAL BA 195 27.25 4.00 41.74
CA VAL BA 195 27.96 2.85 42.27
C VAL BA 195 29.44 3.05 41.98
N ILE BA 196 30.28 2.75 42.96
CA ILE BA 196 31.73 2.79 42.78
C ILE BA 196 32.29 1.39 42.99
N ILE BA 197 33.29 1.02 42.19
CA ILE BA 197 33.86 -0.33 42.21
C ILE BA 197 35.38 -0.22 42.24
N ASP BA 198 36.00 -0.83 43.26
CA ASP BA 198 37.45 -0.97 43.32
C ASP BA 198 37.77 -2.39 43.77
N ALA BA 199 39.01 -2.61 44.22
CA ALA BA 199 39.43 -3.96 44.59
C ALA BA 199 38.62 -4.52 45.76
N ASP BA 200 38.06 -3.66 46.61
CA ASP BA 200 37.24 -4.10 47.72
C ASP BA 200 35.80 -4.41 47.30
N GLY BA 201 35.47 -4.28 46.02
CA GLY BA 201 34.16 -4.63 45.51
C GLY BA 201 33.40 -3.41 44.99
N ALA BA 202 32.12 -3.63 44.75
CA ALA BA 202 31.20 -2.62 44.24
C ALA BA 202 30.24 -2.21 45.35
N VAL BA 203 30.17 -0.91 45.63
CA VAL BA 203 29.34 -0.39 46.70
C VAL BA 203 28.46 0.74 46.17
N ASP BA 204 27.26 0.83 46.75
CA ASP BA 204 26.38 1.97 46.49
C ASP BA 204 26.95 3.22 47.15
N VAL BA 205 27.06 4.29 46.37
CA VAL BA 205 27.51 5.56 46.93
C VAL BA 205 26.37 6.17 47.74
N PRO BA 206 26.63 6.61 48.97
CA PRO BA 206 25.56 7.21 49.78
C PRO BA 206 25.01 8.48 49.13
N GLU BA 207 23.70 8.68 49.28
CA GLU BA 207 23.05 9.82 48.63
C GLU BA 207 23.60 11.15 49.12
N SER BA 208 23.99 11.25 50.39
CA SER BA 208 24.45 12.53 50.93
C SER BA 208 25.67 13.05 50.18
N ARG BA 209 26.56 12.15 49.76
CA ARG BA 209 27.75 12.56 49.02
C ARG BA 209 27.37 13.13 47.65
N ILE BA 210 26.42 12.47 46.97
CA ILE BA 210 25.96 12.94 45.67
C ILE BA 210 25.27 14.30 45.83
N ALA BA 211 24.49 14.47 46.89
CA ALA BA 211 23.86 15.76 47.16
C ALA BA 211 24.90 16.86 47.38
N GLU BA 212 25.94 16.57 48.15
CA GLU BA 212 27.00 17.56 48.38
C GLU BA 212 27.64 17.97 47.06
N LEU BA 213 28.02 16.99 46.23
CA LEU BA 213 28.63 17.31 44.94
C LEU BA 213 27.68 18.11 44.05
N ALA BA 214 26.39 17.74 44.06
CA ALA BA 214 25.40 18.44 43.27
C ALA BA 214 25.30 19.91 43.67
N ARG BA 215 25.15 20.16 44.98
CA ARG BA 215 25.10 21.55 45.44
C ARG BA 215 26.37 22.30 45.08
N ALA BA 216 27.53 21.65 45.18
CA ALA BA 216 28.78 22.29 44.77
C ALA BA 216 28.74 22.70 43.30
N ILE BA 217 28.23 21.82 42.44
CA ILE BA 217 28.15 22.14 41.01
C ILE BA 217 27.17 23.30 40.77
N ILE BA 218 25.99 23.23 41.40
CA ILE BA 218 24.96 24.25 41.21
C ILE BA 218 25.48 25.62 41.64
N GLU BA 219 26.00 25.71 42.87
CA GLU BA 219 26.57 26.97 43.34
C GLU BA 219 27.69 27.43 42.43
N SER BA 220 28.50 26.50 41.93
CA SER BA 220 29.57 26.88 41.02
C SER BA 220 29.04 27.46 39.71
N ARG BA 221 27.85 27.04 39.27
CA ARG BA 221 27.32 27.54 38.01
C ARG BA 221 26.51 28.81 38.17
N SER BA 222 26.05 29.13 39.37
CA SER BA 222 25.31 30.35 39.62
C SER BA 222 26.19 31.51 40.06
N GLY BA 223 27.43 31.23 40.47
CA GLY BA 223 28.34 32.28 40.92
C GLY BA 223 27.94 32.96 42.21
#